data_6ERI
#
_entry.id   6ERI
#
_cell.length_a   1
_cell.length_b   1
_cell.length_c   1
_cell.angle_alpha   90
_cell.angle_beta   90
_cell.angle_gamma   90
#
_symmetry.space_group_name_H-M   'P 1'
#
loop_
_entity.id
_entity.type
_entity.pdbx_description
1 polymer '23S ribosomal RNA'
2 polymer '4.5S ribosomal RNA'
3 polymer '50S ribosomal protein L2, chloroplastic'
4 polymer '50S ribosomal protein L3, chloroplastic'
5 polymer '50S ribosomal protein L4, chloroplastic'
6 polymer '50S ribosomal protein L5, chloroplastic'
7 polymer '50S ribosomal protein L6, chloroplastic'
8 polymer '50S ribosomal protein L9, chloroplastic'
9 polymer '50S ribosomal protein L13, chloroplastic'
10 polymer '50S ribosomal protein L14, chloroplastic'
11 polymer '50S ribosomal protein L15, chloroplastic'
12 polymer '50S ribosomal protein L16, chloroplastic'
13 polymer '50S ribosomal protein L17, chloroplastic'
14 polymer '50S ribosomal protein L18, chloroplastic'
15 polymer '50S ribosomal protein L19, chloroplastic'
16 polymer '50S ribosomal protein L20, chloroplastic'
17 polymer '50S ribosomal protein L21, chloroplastic'
18 polymer '50S ribosomal protein L22, chloroplastic'
19 polymer '50S ribosomal protein L23, chloroplastic'
20 polymer '50S ribosomal protein L24, chloroplastic'
21 polymer '50S ribosomal protein L27, chloroplastic'
22 polymer '50S ribosomal protein L28, chloroplastic'
23 polymer '50S ribosomal protein L29, chloroplastic'
24 polymer '50S ribosomal protein L31, chloroplastic'
25 polymer '50S ribosomal protein L32, chloroplastic'
26 polymer '50S ribosomal protein L33, chloroplastic'
27 polymer '50S ribosomal protein L34, chloroplastic'
28 polymer '50S ribosomal protein L35, chloroplastic'
29 polymer '50S ribosomal protein L36, chloroplastic'
30 polymer '50S ribosomal protein 6, chloroplastic'
31 polymer '50S ribosomal protein 5 alpha, chloroplastic'
32 polymer '5S ribosomal RNA'
33 polymer 'Ribosome-recycling factor, chloroplastic'
34 polymer '16S ribosomal RNA'
35 polymer '30S ribosomal protein S2, chloroplastic'
36 polymer '30S ribosomal protein S3, chloroplastic'
37 polymer '30S ribosomal protein S4, chloroplastic'
38 polymer '30S ribosomal protein S5, chloroplastic'
39 polymer '30S ribosomal protein S6 alpha, chloroplastic'
40 polymer '30S ribosomal protein S7, chloroplastic'
41 polymer '30S ribosomal protein S8, chloroplastic'
42 polymer '30S ribosomal protein S9, chloroplastic'
43 polymer '30S ribosomal protein S10 alpha, chloroplastic'
44 polymer '30S ribosomal protein S11, chloroplastic'
45 polymer '30S ribosomal protein S12, chloroplastic'
46 polymer '30S ribosomal protein S13, chloroplastic'
47 polymer '30S ribosomal protein S14, chloroplastic'
48 polymer '30S ribosomal protein S15, chloroplastic'
49 polymer '30S ribosomal protein S16, chloroplastic'
50 polymer '30S ribosomal protein S17, chloroplastic'
51 polymer '30S ribosomal protein S18, chloroplastic'
52 polymer '30S ribosomal protein S19, chloroplastic'
53 polymer '30S ribosomal protein S20, chloroplastic'
54 polymer '30S ribosomal protein S21, chloroplastic'
55 polymer 'Ribosome-binding factor PSRP1, chloroplastic'
56 polymer '30S ribosomal protein S31, chloroplastic'
57 polymer bS1c
58 non-polymer 'MAGNESIUM ION'
59 non-polymer 'ZINC ION'
#
loop_
_entity_poly.entity_id
_entity_poly.type
_entity_poly.pdbx_seq_one_letter_code
_entity_poly.pdbx_strand_id
1 'polyribonucleotide'
;UUCAAACGAGGAAAGGCUUACGGUGGAUACCUAGGCACCCAGAGACGAGGAAGGGCGUAUUAAUCGACGAAAUGCUUCGG
GGAGUUGAAAAUAAGCAGAGAUCCGGAGAUUCCCGAAUAGGUCAACCUUUCGAACUUCUGCUGAAUCCAUGGGCAGGCAA
GAGACAACCUGGCGAACUGAAACAUCUUAGUAGCCAGAGGAAAAGAAAGCAAAAGCGAUUCCCGUAGUAGCGGCGAGCGA
AAUGGGAGCAGCCUAAACCGUGAAAACGGGGUUGUGGGAGAGCAAUACAAGCGUCGUGCUGCUAGGCGAAUCAGUGGAGU
GCGGAACCCUAGAUGGUGAAAGUCCAGUAGCCGAAAGCAUCACUAGCUUAUGCUCUGACCCGAGUAGCAUGGGGCACGUG
GAAUCCCGUGUGAAUCAGCAAGGACCACCUUGCAAGGCUAAAUACUCCUGGGUGACCGAUAGCGAAGUAGUACCGUGAGG
GAAGGGUGAAAAGAACCCCCAUCGGGGAGUGAAAUAGAACAUGAAACCGUAAGCUCUCAAGCAGUGGGAGGGGGACCAGA
CCCUGACCGCGUGCCUGUUGAAGAAUGAGCCGGCGACUCAUAGGCAGUGGCUUGGUUAAGGGAACCCACCGGAGCCGUAG
CGAAAGCGAGUCUUCAUAGGGCAAUUGUCACUGCUUAUGGACCCGAACCUGGGUGAUCUAUCCAUGACCAGGAUGAAGCU
UGGGUGAAACUAAGUGGAGGUCCGAACCGACUGAUGUUGAAGAAUCAGCGGAUGAGUUGUGGUUAGGGGUGAAAUGCCAC
UCGAACCCAGAGCUAGCUGGUUCUCCCCGAAAUGCGUUGAGGCGCAGCAGUUGACUGGACAUCUAGGGGUAAAGCACUGU
UUCGGUGCGGGCCGCGAGAGCGGUACCAAAUCGAGGCAAACUCUGAAUACUAGAUAUGACCUCCAAAUAACAGGGGUCAA
GGUCGGCCAGUGAGACGAUGGGGGAUAAGCUUCAUCGUCGAGAGGGAAACAGCCCGGAUCACCAGCUAAGGCCCCUAAAU
GACCGCUCAGUGAUAAAGGAGGUAGGGGUGCAGAGACAGCCAGGAGGUUUGCCUAGAAGCAGCCACCCUUGAAAGAGUGC
GUAAUAGCUCACUGAUCGAGCGCUCUUGCGCCGAAGAUGAACGGGGCUAAGCGGUCUGCCGAAGCUGUGGGAUGUAAAAA
AACAUCGGUAGGGGAGCGUUCCGUGUUAGGGAGAAACGCGUGCGUGAGCCGCGUUGGACGAAGCGGAAGCGAGAAUGUCG
GCUUGAGUAACGCAAACAUUGGUGAGAAUCCAAUGCCCCGAAAACCUAAGGGUUCCUCCGCAAGGUUCGUCCACGGAGGG
UGAGUCAGGGCCUAAGAUCAGGCCGAAAGGCGUAGUCGAUGGACAACAGGUGAAUAUUCCUGUACUACCCCUUGUUGGUC
CCGAGGGACGGAGGAGGCUAGGUUAGCCGAAAGAUGGUUAUCGGUUCAAGGACGCAAGGUGACCCUGUUUUUCAGGGUAA
GAAGGGGUAGAGAAAAUGCCUCGAGCCAAUGUUCGAGUACCAGGCGCUACGGCGCUGAAGUAACCGAUGCCAUACUCCCA
GGAAAAGCUCGAACGACCUUCAACAAAAGGGUACCUGUACCCGAAACCGACACAGGUAGGUAGGUAGAGAAUACCUAGGG
GCGCGAGACAACUCUCUCUAAGGAACUCGGCAAAAUAGCCCCGUAACUUCGGGAGAAGGGGUGCCCCCUCACAAAGGGGG
UCGAAGUGACCAGGCCCGGGCGACUGUUUACCAAAAACACAGGUCUCCGCAAAGUCGUAAGACCAUGUAUGGGGGCUGAC
GCCUGCCCAGUGCCGGAAGGUCAAGGAAGUUGGUGACCUGAUGACAGGGGAGCCGGCGACCGAAGCCCCGGUGAACGGCG
GCCGUAACUAUAACGGUCCUAAGGUAGCGAAAUUCCUUGUCGGGUAAGUUCCGACCCGCACGAAAGGCGUAACGAUCUGG
GCACUGUCUCGGAGAGAGGCUCGGUGAAAUAGACAUGUCUGUGAAGAUGCGGACUACCUGCACCUGGACAGAAAGACCCU
AUGAAGCUUUACUGUUCCCUGGGAUUGGCUUUGGGCUUUUCCUGCGCAGCUUAGGUGGAAGGCGAAGAAGGCCCCCUUCC
GGGGGGGCCCGAGCCAUCAGUGAGAUACCACUCUGGAAGAGCUAGAAUUCUAACCUUGUGUCAGGACCUACGGGCCAAGG
GACAUUCUCAGGUAGACAGUUUCUAUGGGGCGUAGGCCUCCCAAAAGGUAACGGAGGCGUGCAAAGGUUUCCUCGGGCCG
GACGGAGAUUGGCCCUCGAGUGCAAAGGCAGAAGGGAGCUUGACUGCAAGACCCACCCGUCGAGCAGGGACGAAAGUCGG
CCUUAGUGAUCCGACGGUGCCGAGUGGAAGGGCCGUCGCUCAACGGAUAAAAGUUACUCUAGGGAUAACAGGCUGAUCUU
CCCCAAGAGUUCACAUCGACGGGAAGGUUUGGCACCUCGAUGUCGGCUCUUCGCCACCUGGGGCUGUAGUAUGUUCCAAG
GGUUGGGCUGUUCGCCCAUUAAAGCGGUACGUGAGCUGGGUUCAGAACGUCGUGAGACAGUUCGGUCCAUAUCCGGUGUG
GGCGUUAGAGCAUUGAGAGGACCUUUCCCUAGUACGAGAGGACCGGGAAGGACGCACCUCUGGUGUACCAGUUAUCGUGC
CCACGGUAAACGCUGGGUAGCCAAGUGCGGAGCGGAUAACUGCUGAAAGCAUCUAAGUAGUAAGCCCACCCCAAGAUGAG
UGCUCUCCUA
;
AA
2 'polyribonucleotide'
;AGAGAAGGUCACGGCGAGACGAGCCGUUUAUCAUUACGAUAGGUGUCAAGUGGAAGUGCAGUGAUGUAUGCAGCUGAGGC
AUCCUAACAGACCCACAGACUUGAAC
;
AB
3 'polypeptide(L)'
;NNLISGQRRCGKGRNARGIITARHRGGGHKRLYRKIDFRRNEKDIYGKIVTIEYDPNRNAYICLIHYGDGEKRYILHPRG
AIIGDTIVSGTEVPIKMGNALPLTDMPLGTAIHNIEITLGRGGQLARAAGAVAKLIAKEGKSATLKLPSGEVRLISKNCS
ATVGQVGNVGVNQKRLGRAGSKRWLGKRPVVRGVVMNPVDHPHGGGEGRAPIGRKSPTTPWGYPALGRRSRKRNKYSDNF
IIRRRS
;
AC
4 'polypeptide(L)'
;SVDAGIGVMGTKLGMMSFFEEDGTVVPVTVIGFKEGNIVTQVKTESTDGYNAVQVGYERLRDRKLTMPERGHLNKAGVIP
MRHLQEFRLVSVDDFTPSQKLLFEELFKEGDMVDISGTTIGKGFQGGIKRHNFKRGLMTHGSKSHRALGSIGAGTTPGHV
YKGKKMPGRMGGTKTKIRKLKIMKIDTDLRVVMIKGAVPGKPGNLLRLAPAKIVGKNIPKN
;
AD
5 'polypeptide(L)'
;ELIPLPILNFSGEKVGETFLNLKTAPSETARAVVHRGLITHLQNKRRGTASTLTRAEVRGGGRKPYPQKKTGRARRGSQR
SPLRPGGGVIFGPKPRDWTIKMNKKERRLALSTAIASAVGNSFVVEEFAENFEKPKTKDFIAAMQRWGLDPAEKSLFFLM
DLVENVEKSGRNIRTLKLLTPRSLNLFDVLNAEKLVFTEGTIQYLNQRYGVD
;
AE
6 'polypeptide(L)'
;ETINRLKTNYIEKMVPLLKEEFSYSNILEVPKVVKIVVNCGIGDASQNAKGLDAAINELALITGQRPVKTKAKTSIAGFK
VREGMTLGIAVTLRGNLMYSFLDRLINLALPRTRDFQGVNPNSFDGHGNYSVGFREQSVFPEIKPEIVGKARGMDVCITT
TAKTDKEAYKLLSLMGMPFREGSGPSTLVRKKKLKSHHFDAKKGRRY
;
AF
7 'polypeptide(L)'
;GKQPITVPANVAIAMEGQDLKVKGPLGELSITYPREVLVEKQESGFLRVRKAVETRRANQMHGLFRTLTDNMVVGVSKGF
EKKLQLVGVGYRATVEGKDLILSLGFSHPVRMAIPDELQVKVEENTKVTVSGRDKSVVGQFAATIRSWRPPEPYKGKGVR
YVDEVVRRKEGK
;
AG
8 'polypeptide(L)' KKVKKIRKIILKEDIPDLGKKGQLLDVRAGFLRNFLLPLGKAEVVT AH
9 'polypeptide(L)'
;KSTSASTKCTEEWRQLKEAVKKEFAIPHVPLDQRWMFTLEEATGPDIWNTTWYPKSADHVPTDKKWYVVDATDLILGRMA
STIAIHIRGKNLASYTPSVDMGAFVIVVNADKVAVSGKKRTQKLYRRHSGRPGGLKEETFDQLQKRIPERIIEHAVRGML
PKGRLGRYLFNHLKVYKGAEHPHQAQQPIDLPLRDKRIRV
;
AJ
10 'polypeptide(L)'
;MIQPQTHLNVADNSGARELMCIRIIGASNRRYARIGDVIVAVIKEAIPNTPLERSEVIRAVVVRTCKELKRDNGMIIRYD
DNAAVIIDQEGNPKGTRIFGAIARELRQKFAKIVSLAPEVL
;
AK
11 'polypeptide(L)'
;TRFRLDNLGPQPGSRKKGKRKGRGHAAGQGGSCGFGMRGQKSRSGPGIMRGFEGGQMPLYRRIPKLRGIAGGMRAGLPKY
VPINLRDIEVAGFKEGEEVSLESLKAKGIINPSGRERRLPLKILGEGELSTKLQIKARAFSGSAKEKLEAAGCSVTVLPG
RKKYIKESVRKNLARADEYFAKKR
;
AL
12 'polypeptide(L)'
;MLSPKRTRFRKQHRGRMKGISYRGNRICFGRYALQALEPAWITSRQIEAGRRAMTRNARRGGKIWVRIFPDKPVTVRPAE
TRMGSGKGSPEYWVAVVKPGRILYEISGVAENIARRAVAIAASKMPIRTQFIIS
;
AM
13 'polypeptide(L)'
;MKHGRKIHRLSRPADQRRALLRGLTTQLLKHGRIKTTRAKASAMRKYVDKMITLAKEGSLHKRRQALGFIYEKQIVHALF
AEVPERYGDRNGGYTRIIRTLPRRGDNAPMAYIELV
;
AN
14 'polypeptide(L)'
;AHTRREDRTARHVRIRKKVEGTPERPRLCVFRSNKHLYVQVIDDTKMHTLAAASTMQKAISENIDYSAGPTVEVAQKIGE
MIAKSCLEKGITKVAFDRGGYPYHGRVKALADAAREHGLVF
;
AO
15 'polypeptide(L)'
;QRVKLGDIMGILNKKAVHAAEELRPVPGIRTGDIVQIRLEVPENKRRLSVYKGIVISRQNAGIHTTIRIRRIIAGVGVEI
VFPLYSPNIKEIKVVSHRKVRKARLYYLRDKLPRLSTF
;
AP
16 'polypeptide(L)'
;TRVKRGYIARRRRKKIRFFASSFRGAHSRLTRTIAQQKIRALVSAHRDRDRQKRDFRRLWITRINAAIRERGVYYNYSKF
IHDLYKRQLLLNRKILAQIAILNPNCIYMIYNEII
;
AQ
17 'polypeptide(L)'
;FEEFQRPPNQKPQLSDVLPDDFQAPEPGTPEYNDIINQFLPKKGPPPPREEIFAVVVIGSRQYIVIPGRWIYTQRLKGAT
VNDKIVLNKVLLVGTKASTYIGTPIVTNAAVHAVVEEQLLDDKVIVFKYKKKKNYRRNIGHRQPITRIKITGITGYEDYP
ASTLE
;
AR
18 'polypeptide(L)'
;EPGKCDEITTRGYSISMSVDKARRVIDQIRGRSYAETLMILELMPYRACYPIFKLIYSAAANASHNKQFNKANLIISKAE
VNKGITLKKVKPRARGRSYMIKRPTCHITIVLRDITHFDSYDKFLESLTPKKLIALLGLMSTGRRRELLCGRFRENHKIK
SFLYKIALFKR
;
AS
19 'polypeptide(L)'
;KYPRRILDVYQILQSPIITEAAIKNIADENSLLFTVDVRADKKMIREAISNFFGVKVRKVNTLIRPDGTKKAYIMLNKEY
NASELAKKIGIF
;
AT
20 'polypeptide(L)'
;IKRWERKDCKPNSLPKLHKMHVKVGDTVKVISGGEKGKIGEISKIHKHNSTVIIKDLNLKTKHVKSKEEGEQGQIIKIEA
AIHSSNVMLYSKEQEVASRVGHKILEDGRKVRYLIKTGEIVDTPDRW
;
AU
21 'polypeptide(L)'
;KKGAGSTKNGRDSKGQRLGVKIYGDQVAKPGAIIIRQRGTKFHPGKNVGIGKDHTIFALIDGLVKFEKYGPDKKKVSVYP
REIQPENPNSYRARKRENFRLQREKKKARREGYS
;
AW
22 'polypeptide(L)' RRICPFTGKKSNKANRVSHSNHKTKRLQFVNLQYKRVWWEAGKRFVKLRLSTKALKTIEKNGLDAVAKKAGIDLRK AX
23 'polypeptide(L)'
;VKKEDELKELRTKTNEQLNEEILQLKGELFMLRLQRSARENFKPSDFGRMRKRVARMLTVKREREIEQGVGKRLSRKLDK
AWKRSIVVRPPPSLKKLQE
;
AY
24 'polypeptide(L)' RKSDIHPEFREDAKVYCNGELVMTTGGTQKDYTVEVWSGNHPFYLGNRSALLLDADQVEKFRKKYG AZ
25 'polypeptide(L)' AVPKKRTSIYKKRIRKNIWKKKGYWAALKAFSLAKSLSTGNSKSFFVR Aa
26 'polypeptide(L)' DVRVKVILECTGCVRKSVNKGSRGVSRYITQKNRHNTPSRLELRKFCPYCYKHTIHGEIK Ab
27 'polypeptide(L)' GKAALCLTKRSRSRKSLARTHGFRLRMSTTSGRALLKRRRAKGRKILCTKTNPSSGKRASP Ac
28 'polypeptide(L)' KGYKMKTHKASAKRFRVTGKGKIVRRRAGKQHLLAKKNTKRKNRLSKLIQVDRSDYDNVIGALPYLKVNRKV Ad
29 'polypeptide(L)' MKIRASVRPICEKCRLIRRRGRIIVICSNPKHKQRQG Ae
30 'polypeptide(L)' SSRPQKKGTAHHMKTRPKKTARWDIKRGPAVYPPLPPLPAEWTIVSS Af
31 'polypeptide(L)' SKLQLKLEQKIKMKMAKKIRLRRNRLMRKRKLRKRGAWPPSKMKKLKNV Aw
32 'polyribonucleotide'
;UUCUGGUGUCCUAGGCGUAGAGGAACCACACCAAUCCAUCCCGAACUUGGUGGUUAAACUCUACUGCGGUGACGAUACUG
UAGGGGAGGUCCUGCGGAAAAAUAGCUCGACGCCAGGA
;
Ax
33 'polypeptide(L)'
;ATMEEVEAEKSLIETNTKQRMEKTIETIRSNFNSVRTNRASPTMLDRIEVEYYGTPVSLKSIAQISTPDASSLLISPYDK
SSLKAIEKAIVTSQLGVSPNNDGEVIRLSLPPLTSDRRKELAKVVSKLAEEGKVAVRNIRRDALKSYEKLEKEKKLSEDN
VKDLSADLQKLTDEYMKKVESIYKQKEQELM
;
Az
34 'polyribonucleotide'
;UCUCAUGGAGAGUUCGAUCCUGGCUCAGGAUGAACGCUGGCGGCAUGCUUAACACAUGCAAGUCGGACGGGAAGUGGUGU
UUCCAGUGGCGGACGGGUGAGUAACGCGUAAGAACCUGCCCUUGGGAGGGGAACAACAGCUGGAAACGGCUGCUAAUACC
CCGUAGGCUGAGAAGCAAAAGGAGGAAUCCGCCCGAGGAGGGGCUCGCGUCUGAUUAGCUAGUUGGUGAGGUAAUAGCUU
ACCAAGGCGAUGAUCAGUAGCUGGUCCGAGAGGAUGAUCAGCCACACUGGGACUGAGACACGGCCCAGACUCCUACGGGA
GGCAGCAGUGGGGAAUUUUCCGCAAUGGGCGAAAGCCUGACGGAGCAAUGCCGCGUGGAGGCAGAAGGCCCACGGGUCGU
GAACUUCUUUUCCCGGAGAAGAAGCAAUGACGGUAUCCGGGGAAUAAGCAUCGGCUAACUCUGUGCCAGCAGCCGCGGUA
AGACAGAGGAUGCAAGCGUUAUCCGGAAUGAUUGGGCGUAAAGCGUCUGUAGGUGGCUUUUUAAGUCCGCCGUCAAAUCC
CAGGGCUCAACCCUGGACAGGCGGUGGAAACUACCAAGCUGGAGUACGGUAGGGGCAGAGGGAAUUUCCGGUGGAGCGGU
GAAAUGCGUAGAGAUCGGAAAGAACACCAACGGCGAAAGCACUCUGCUGGGCCGACACUGACACUGAGAGACGAAAGCUA
GGGGAGCGAAUGGGAUUAGAUACCCCAGUAGUCCUAGCCGUAAACGAUGGAUACUAGGCGCUGUGCGUAUCGACCCGUGC
AGUGUUGUAGCUAACGCGUUAAGUAUCCCGCCUGGGGAGUACGUUCGCAAGAAUGAAACUCAAAGGAAUUGACGGGGGCC
CGCACAAGCGGUGGAGCAUGUGGUUUAAUUCGAUGCAAAGCGAAGAACCUUACCAGGGCUUGACAUGCCGCGAAUCCUCU
UGAAAGAGAGGGGUGCCUUCGGGAACGCGGACACAGGUGGUGCAUGGCUGUCGUCAGCUCGUGCCGUAAGGUGUUGGGUU
AAGUCCCGCAACGAGCGCAACCCUCGUGUUUAGUUGCCAACGUUGAGUUUGGAACCCUGAACAGACUGCCGGUGAUAAGC
CGGAGGAAGGUGAGGAUGACGUCAAGUCAUCAUGCCCCUUAUGCCCUGGGCGACACACGUGCUACAAUGGCCGGGACAAA
GGGUCGCGAUCCCGCGAGGGUGAGCUAACCCCAAAAACCCGUCCUCAGUUCGGAUUGCAGGCUGCAACUCGCCUGCAUGA
AGCCGGAAUCGCUAGUAAUCGCCGGUCAGCCAUACGGCGGUGAAUUCGUUCCCGGGCCUUGUACACACCGCCCGUCACAC
UAUGGGAGCUGGCCAUGCCCGAAGUCGUUACCUUAACCGCAAGGAGGGGGAUGCCGAAGGCAGGGCUAGUGACUGGAGUG
AAGUCGUAACAAGGUAGCCGUACUGGAAGGUGCGGCUGGAU
;
BA
35 'polypeptide(L)'
;HGTRKWNPRMSPYISAKCKGIHIINLTRTARFLSEACDLVFDASSRGKQFLIVGTKNKAADSVARAAIRARCHYVNKKWL
GGMLTNWSTTETRLHKFRDLRMEQTAGRLARLPKRDAAVVKRQLSHLQTYLGGIKYMTGLPDIVIIVDQQEEYTALRECI
TLGIPTICLIDTNCNPDLADISIPANDDAIASIRLILTKLVFAICEGRSSYIRNP
;
BB
36 'polypeptide(L)'
;GQKINPLGFRLGTTQSHYSLWFSQPKNYAEGLQEDQKIRDCIKNYVQKNTKTSSGVEGIARIEIQKRIDLIQVIIHMGFP
KLLIENRPQGVEDLKINVQKELNCVNRKLNIAITRIAKPYGDPNILAEFIAGQLKSRVSFRKAMKKAIELTEQADTKGIQ
IQIAGRIDGKEIARIEWIREGRVPLQTIRAKIDYCAYTVRTIYGVLGIKIWIFMGEE
;
BC
37 'polypeptide(L)'
;SRYRGPRFKKIRRLGALPGLTNKRPRAGSDLRNQSRSGKRSQYRIRLEEKQKLRFHYGITERQLLKYVRIARKAKGSTGQ
VLLQLLEMRLDNILFRLGMAPTIPGARQLVNHRHILVNGRIVDIPSYRCKPQDTIMARDEQKSIALIQNSLDLSPREELP
KHLTLNPFPYKGLVNQIIDSKWVGLKINELLVVEYYSRQT
;
BD
38 'polypeptide(L)'
;GFEENVVQVRRVTKVVKGGKHMRFRAIVVVGDKKGQVGVGVGKAKEVVSAVQKAAVDARRNIITVPMTKYLTFPHRNEAD
YGAARVMLRPAAPGTGVIAGGAVRTVLEMAGVENALGKQLGSNNALNNARATIVAVQTMRQFSDVARDRGIPMEELWK
;
BE
39 'polypeptide(L)'
;PQCPPGLRQYETMAVLRPDMTEDERLTLTQKYEELLVAGGAMYVEVFNRGVIPLAYSIKRKNKAGETNNYLDGIYLLFTY
FTKPESISPLEAALVTDDDVIRSSSFKIRKRKY
;
BF
40 'polypeptide(L)'
;SRRGTVEEKTAKSDPIYRNRLVNMLVNRILKHGKKSLAYQILYRAVKKIQQKTETNPLSVLRQAIRGVTPDIAVKARRVG
GSTHQVPIEIGSTQGKALAIRWLLGAARKRPGRNMAFKLSSELVDAAKGSGDAVRKKEETHRMAEANRAFA
;
BG
41 'polypeptide(L)'
;MGKDTIADIITCIRNADMNRKGTVRIVSTNITENIVKILLREGFIENARKHQERNKYFLVLTLRHRRNKKGPYLNTFHLK
RVSRPGLRIYSNYQRIPRILGGMGIAILSTSRGIMTDREARLEGIGGEILCYIW
;
BH
42 'polypeptide(L)'
;EKFVKSRLPGGFAAQTVIGTGRRKCAIARVVLQEGTGKFIINYRDAKEYLQGNPLWLQYVKTPLATLGYETNYDVFVKAH
GGGLSGQAQAISLGVARALLKVSASHRAPLKQEGLLTRDSRIVERKKPGLKKARKAPQFSK
;
BI
43 'polypeptide(L)'
;KIRIKLRSYWVPLIEDSCKQIMDAARTTNAKIMGPVPLPTKKRIYCVLKSPHVHKDARFHFEIRTHQRLIDILYPTAQTI
DSLMQLDLPAGVDVEVKL
;
BJ
44 'polypeptide(L)'
;VIHVQASFNNTIVTVTDVRGRVVSWASAGTCGFRGTKRGTPFAAQTAAGNAIRTVVEQGMQRAEVMIKGPGLGRDAALRA
IRRSGILLSFVRDVTPMPHNGCRPPKKRRV
;
BK
45 'polypeptide(L)'
;PTIKQLIRNTRQPIRNVTKSPALRGCPQRRGTCTRVYTITPKKPNSALRKVARVRLTSGFEITAYIPGIGHNLQEHSVVL
VRGGRVKDLPGVRYHIVRGTLDAVGVKDRQQGRSKYGVKKPK
;
BL
46 'polypeptide(L)'
;VRVGNVEIPNNKRVEYSLQYIHGIGRSRARQILCDLTLENKLTKELSEDELLQVRDEVTKYMIEGDLRRFNAIAIRRLKE
IQCYRGVRHIQGLPCRGQRTKNNCRTLKRGK
;
BM
47 'polypeptide(L)'
;ARKSLIQREKKRRNLEQKYHLIRRSSKQEIRKVTSLSDKWEIHGKLQSPPRNSAPARLHRRCFLTGRPRANYRDFGLSGH
ILREMVHTCLLPGATRSSW
;
BN
48 'polypeptide(L)' NKGSVEFQVFCFTNKIRRLTLHLELHKKDYSSQRGLRKTLGKRQRLLAYLLKINGVRYKELISKLNIRELKT BO
49 'polypeptide(L)'
;MVKLRLKRCGRKQRAVYRIVAIDVRSRREGRDLQKVGFYDPIKSQTYLNVPAILDFLEKGAQPTETVYDILKRAEVFKEF
R
;
BP
50 'polypeptide(L)'
;MRSMQGKVICATNDKTVNVEVVRLAPHPKYKRRVRKKKKYQAHDPDNQFKVGDWVQLDKCRPISKTKTFLAVAPEGRQSS
ATRP
;
BQ
51 'polypeptide(L)' RIDYRNMSLISRFISEQGKILSRRVNRLTLKQQRLITSAIKQARILSLLPFLN BR
52 'polypeptide(L)'
;LKKNPFVANHLLRKIEKLNKKAEKEIIVTWSRASTIIPTMIGHTIAIHNGREHLPIYITDRMVGHKLGEFAPTLNFRGHA
K
;
BS
53 'polypeptide(L)'
;LKKADSAAKRTRQAETRRLRNKARKSEVKTRMRKVFEALDALKKKSGASTEELVPIDNLIAEAYSAIDKAVVKGTLHRNT
AARRKSRLARNKKVVEIHHGWY
;
BT
54 'polypeptide(L)' AYNVQVLVDDNENEERLLNRFRREVMRAGVIQECKRRRYFENKQEEKKRKHREAAKRNS BU
55 'polypeptide(L)'
;SSVKLILQGRNLEVSDNVRSHVEDKVGKSVAKHSHLVREVDVRLSARGGDLSKGPKLRRCEVTLFTKRHGVIRAEEDAES
LYSSIDLVSSIIQRKLRKIKDKVSDH
;
BV
56 'polypeptide(L)' GRGDRKTAKGKRFNHSFGNARPKNKNKGRGPPKAPIF BW
57 'polypeptide(L)'
;(UNK)(UNK)(UNK)(UNK)(UNK)(UNK)(UNK)(UNK)(UNK)(UNK)(UNK)(UNK)(UNK)(UNK)(UNK)(UNK)
(UNK)(UNK)(UNK)(UNK)(UNK)(UNK)(UNK)(UNK)(UNK)(UNK)(UNK)(UNK)(UNK)(UNK)(UNK)(UNK)
(UNK)(UNK)(UNK)(UNK)(UNK)(UNK)(UNK)(UNK)(UNK)(UNK)(UNK)(UNK)(UNK)(UNK)(UNK)(UNK)
(UNK)(UNK)(UNK)(UNK)(UNK)(UNK)(UNK)(UNK)(UNK)(UNK)(UNK)(UNK)(UNK)(UNK)(UNK)(UNK)
(UNK)(UNK)(UNK)(UNK)(UNK)(UNK)(UNK)(UNK)(UNK)(UNK)(UNK)(UNK)(UNK)(UNK)(UNK)(UNK)
(UNK)(UNK)(UNK)(UNK)(UNK)(UNK)(UNK)(UNK)(UNK)(UNK)(UNK)(UNK)(UNK)(UNK)(UNK)(UNK)
(UNK)(UNK)(UNK)(UNK)(UNK)(UNK)(UNK)(UNK)(UNK)(UNK)(UNK)(UNK)(UNK)(UNK)(UNK)(UNK)
(UNK)(UNK)(UNK)(UNK)(UNK)(UNK)(UNK)(UNK)(UNK)(UNK)(UNK)(UNK)(UNK)(UNK)(UNK)(UNK)
(UNK)(UNK)(UNK)(UNK)(UNK)(UNK)(UNK)(UNK)(UNK)(UNK)(UNK)(UNK)(UNK)(UNK)(UNK)(UNK)
(UNK)(UNK)(UNK)(UNK)(UNK)(UNK)(UNK)(UNK)(UNK)(UNK)(UNK)(UNK)(UNK)(UNK)(UNK)(UNK)
(UNK)(UNK)(UNK)(UNK)(UNK)(UNK)(UNK)(UNK)(UNK)(UNK)
;
BY
#
loop_
_chem_comp.id
_chem_comp.type
_chem_comp.name
_chem_comp.formula
A RNA linking ADENOSINE-5'-MONOPHOSPHATE 'C10 H14 N5 O7 P'
C RNA linking CYTIDINE-5'-MONOPHOSPHATE 'C9 H14 N3 O8 P'
G RNA linking GUANOSINE-5'-MONOPHOSPHATE 'C10 H14 N5 O8 P'
MG non-polymer 'MAGNESIUM ION' 'Mg 2'
U RNA linking URIDINE-5'-MONOPHOSPHATE 'C9 H13 N2 O9 P'
ZN non-polymer 'ZINC ION' 'Zn 2'
#
# COMPACT_ATOMS: atom_id res chain seq x y z
N ASN C 1 -67.96 25.17 13.42
CA ASN C 1 -67.65 25.34 12.00
C ASN C 1 -67.26 26.79 11.70
N ASN C 2 -67.93 27.73 12.39
CA ASN C 2 -67.65 29.14 12.19
C ASN C 2 -66.27 29.55 12.69
N LEU C 3 -65.61 28.73 13.51
CA LEU C 3 -64.27 29.03 13.99
C LEU C 3 -63.20 28.81 12.95
N ILE C 4 -63.53 28.25 11.79
CA ILE C 4 -62.59 27.99 10.71
C ILE C 4 -62.67 29.14 9.73
N SER C 5 -61.52 29.57 9.21
CA SER C 5 -61.46 30.66 8.26
C SER C 5 -60.24 30.48 7.37
N GLY C 6 -60.29 31.13 6.21
CA GLY C 6 -59.22 31.10 5.23
C GLY C 6 -58.33 32.33 5.23
N GLN C 7 -58.48 33.23 6.19
CA GLN C 7 -57.64 34.43 6.28
C GLN C 7 -56.36 34.05 7.02
N ARG C 8 -55.31 33.76 6.26
CA ARG C 8 -54.02 33.40 6.81
C ARG C 8 -52.93 34.20 6.11
N ARG C 9 -51.74 34.17 6.69
CA ARG C 9 -50.57 34.85 6.14
C ARG C 9 -50.03 34.01 4.99
N CYS C 10 -50.54 34.28 3.79
CA CYS C 10 -50.00 33.62 2.61
C CYS C 10 -48.59 34.12 2.33
N GLY C 11 -47.85 33.32 1.56
CA GLY C 11 -46.47 33.65 1.27
C GLY C 11 -45.56 33.29 2.43
N LYS C 12 -45.50 32.00 2.76
CA LYS C 12 -44.69 31.54 3.87
C LYS C 12 -43.21 31.71 3.56
N GLY C 13 -42.45 32.12 4.58
CA GLY C 13 -41.03 32.36 4.45
C GLY C 13 -40.66 33.76 4.01
N ARG C 14 -41.54 34.40 3.24
CA ARG C 14 -41.28 35.75 2.74
C ARG C 14 -41.73 36.78 3.77
N ASN C 15 -40.89 37.80 3.96
CA ASN C 15 -41.21 38.90 4.86
C ASN C 15 -41.91 40.02 4.07
N ALA C 16 -42.05 41.19 4.69
CA ALA C 16 -42.66 42.33 4.00
C ALA C 16 -41.85 42.74 2.79
N ARG C 17 -40.53 42.64 2.86
CA ARG C 17 -39.69 42.93 1.70
C ARG C 17 -39.93 41.94 0.58
N GLY C 18 -40.31 40.71 0.91
CA GLY C 18 -40.50 39.66 -0.07
C GLY C 18 -39.31 38.77 -0.28
N ILE C 19 -38.31 38.81 0.61
CA ILE C 19 -37.12 37.97 0.53
C ILE C 19 -37.30 36.80 1.47
N ILE C 20 -36.60 35.72 1.16
CA ILE C 20 -36.71 34.48 1.93
C ILE C 20 -35.88 34.61 3.20
N THR C 21 -36.54 34.61 4.36
CA THR C 21 -35.87 34.59 5.65
C THR C 21 -35.82 33.18 6.22
N ALA C 22 -36.98 32.55 6.38
CA ALA C 22 -37.08 31.16 6.80
C ALA C 22 -37.10 30.30 5.54
N ARG C 23 -35.96 29.69 5.23
CA ARG C 23 -35.82 28.95 3.99
C ARG C 23 -36.61 27.65 4.04
N HIS C 24 -36.73 27.03 2.87
CA HIS C 24 -37.30 25.69 2.72
C HIS C 24 -38.77 25.66 3.13
N ARG C 25 -39.48 26.74 2.80
CA ARG C 25 -40.92 26.84 3.00
C ARG C 25 -41.58 27.20 1.68
N GLY C 26 -42.57 26.39 1.29
CA GLY C 26 -43.26 26.60 0.04
C GLY C 26 -43.95 25.35 -0.45
N GLY C 27 -44.87 25.51 -1.40
CA GLY C 27 -45.64 24.37 -1.86
C GLY C 27 -46.60 23.91 -0.79
N GLY C 28 -46.77 22.59 -0.70
CA GLY C 28 -47.62 22.02 0.31
C GLY C 28 -49.09 22.21 0.02
N HIS C 29 -49.93 21.41 0.65
CA HIS C 29 -51.37 21.47 0.43
C HIS C 29 -51.96 22.65 1.19
N LYS C 30 -53.05 23.19 0.67
CA LYS C 30 -53.72 24.31 1.30
C LYS C 30 -54.36 23.85 2.61
N ARG C 31 -54.47 24.79 3.56
CA ARG C 31 -55.01 24.49 4.87
C ARG C 31 -55.68 25.72 5.44
N LEU C 32 -56.87 25.53 6.02
CA LEU C 32 -57.56 26.59 6.72
C LEU C 32 -57.09 26.67 8.16
N TYR C 33 -57.33 27.83 8.77
CA TYR C 33 -56.92 28.10 10.14
C TYR C 33 -58.06 27.86 11.11
N ARG C 34 -57.75 27.17 12.21
CA ARG C 34 -58.69 26.91 13.29
C ARG C 34 -58.42 27.87 14.43
N LYS C 35 -59.48 28.31 15.09
CA LYS C 35 -59.39 29.23 16.22
C LYS C 35 -59.46 28.43 17.51
N ILE C 36 -58.29 28.15 18.09
CA ILE C 36 -58.18 27.42 19.34
C ILE C 36 -58.15 28.42 20.48
N ASP C 37 -58.84 28.09 21.57
CA ASP C 37 -58.91 28.93 22.75
C ASP C 37 -57.85 28.47 23.74
N PHE C 38 -56.81 29.29 23.93
CA PHE C 38 -55.74 29.00 24.87
C PHE C 38 -55.93 29.71 26.21
N ARG C 39 -56.65 30.83 26.23
CA ARG C 39 -56.88 31.54 27.48
C ARG C 39 -57.79 30.75 28.41
N ARG C 40 -58.75 30.00 27.86
CA ARG C 40 -59.72 29.24 28.65
C ARG C 40 -60.50 30.16 29.58
N ASN C 41 -61.04 31.24 29.01
CA ASN C 41 -61.92 32.14 29.73
C ASN C 41 -63.33 31.51 29.73
N GLU C 42 -64.34 32.29 30.09
CA GLU C 42 -65.71 31.80 30.23
C GLU C 42 -65.76 30.65 31.25
N LYS C 43 -65.44 31.00 32.49
CA LYS C 43 -65.24 30.03 33.55
C LYS C 43 -66.56 29.62 34.18
N ASP C 44 -66.52 28.53 34.95
CA ASP C 44 -67.64 28.07 35.76
C ASP C 44 -68.83 27.67 34.89
N ILE C 45 -68.55 26.96 33.80
CA ILE C 45 -69.58 26.40 32.94
C ILE C 45 -69.08 25.08 32.39
N TYR C 46 -69.97 24.09 32.34
CA TYR C 46 -69.62 22.77 31.81
C TYR C 46 -69.68 22.79 30.29
N GLY C 47 -68.82 21.99 29.67
CA GLY C 47 -68.83 21.79 28.24
C GLY C 47 -68.35 20.40 27.89
N LYS C 48 -69.08 19.70 27.03
CA LYS C 48 -68.79 18.32 26.67
C LYS C 48 -68.13 18.27 25.31
N ILE C 49 -67.41 17.17 25.08
CA ILE C 49 -66.70 16.91 23.84
C ILE C 49 -67.61 16.11 22.92
N VAL C 50 -67.59 16.43 21.63
CA VAL C 50 -68.38 15.74 20.62
C VAL C 50 -67.53 15.20 19.49
N THR C 51 -66.60 16.00 18.97
CA THR C 51 -65.75 15.63 17.86
C THR C 51 -64.28 15.69 18.26
N ILE C 52 -63.47 14.93 17.52
CA ILE C 52 -62.01 14.95 17.66
C ILE C 52 -61.47 15.18 16.25
N GLU C 53 -61.23 16.43 15.90
CA GLU C 53 -60.96 16.82 14.53
C GLU C 53 -59.46 16.85 14.25
N TYR C 54 -59.14 17.02 12.97
CA TYR C 54 -57.76 17.08 12.49
C TYR C 54 -57.38 18.53 12.26
N ASP C 55 -56.28 18.96 12.88
CA ASP C 55 -55.78 20.32 12.76
C ASP C 55 -54.51 20.29 11.92
N PRO C 56 -54.52 20.75 10.67
CA PRO C 56 -53.28 20.75 9.88
C PRO C 56 -52.22 21.69 10.41
N ASN C 57 -52.59 22.68 11.21
CA ASN C 57 -51.67 23.72 11.66
C ASN C 57 -50.88 23.32 12.89
N ARG C 58 -50.80 22.03 13.22
CA ARG C 58 -50.10 21.59 14.42
C ARG C 58 -49.93 20.08 14.34
N ASN C 59 -49.32 19.52 15.38
CA ASN C 59 -49.06 18.10 15.48
C ASN C 59 -50.17 17.33 16.18
N ALA C 60 -50.96 18.00 17.00
CA ALA C 60 -51.97 17.37 17.84
C ALA C 60 -53.36 17.53 17.25
N TYR C 61 -54.28 16.72 17.76
CA TYR C 61 -55.69 16.84 17.42
C TYR C 61 -56.32 17.95 18.25
N ILE C 62 -57.61 18.21 18.00
CA ILE C 62 -58.39 19.17 18.76
C ILE C 62 -59.68 18.50 19.20
N CYS C 63 -60.49 19.26 19.95
CA CYS C 63 -61.77 18.79 20.46
C CYS C 63 -62.78 19.93 20.42
N LEU C 64 -63.94 19.67 19.84
CA LEU C 64 -65.02 20.64 19.83
C LEU C 64 -65.75 20.60 21.16
N ILE C 65 -66.08 21.79 21.67
CA ILE C 65 -66.75 21.96 22.96
C ILE C 65 -68.09 22.63 22.72
N HIS C 66 -69.11 22.19 23.44
CA HIS C 66 -70.45 22.74 23.37
C HIS C 66 -70.91 23.11 24.77
N TYR C 67 -71.07 24.39 25.02
CA TYR C 67 -71.51 24.89 26.32
C TYR C 67 -73.02 25.06 26.35
N GLY C 68 -73.55 25.19 27.56
CA GLY C 68 -74.99 25.32 27.73
C GLY C 68 -75.54 26.60 27.11
N ASP C 69 -74.73 27.65 27.07
CA ASP C 69 -75.16 28.91 26.47
C ASP C 69 -75.12 28.91 24.95
N GLY C 70 -74.77 27.78 24.32
CA GLY C 70 -74.73 27.68 22.88
C GLY C 70 -73.39 28.01 22.26
N GLU C 71 -72.45 28.54 23.02
CA GLU C 71 -71.14 28.86 22.49
C GLU C 71 -70.42 27.58 22.07
N LYS C 72 -69.43 27.75 21.19
CA LYS C 72 -68.64 26.64 20.68
C LYS C 72 -67.19 27.07 20.64
N ARG C 73 -66.30 26.15 21.02
CA ARG C 73 -64.88 26.44 21.13
C ARG C 73 -64.08 25.23 20.66
N TYR C 74 -62.80 25.46 20.42
CA TYR C 74 -61.82 24.42 20.15
C TYR C 74 -60.80 24.40 21.27
N ILE C 75 -60.32 23.20 21.59
CA ILE C 75 -59.22 23.01 22.54
C ILE C 75 -58.34 21.89 22.02
N LEU C 76 -57.19 21.74 22.65
CA LEU C 76 -56.32 20.61 22.34
C LEU C 76 -56.97 19.31 22.80
N HIS C 77 -56.42 18.20 22.32
CA HIS C 77 -56.95 16.87 22.63
C HIS C 77 -56.06 16.21 23.67
N PRO C 78 -56.52 16.00 24.91
CA PRO C 78 -55.71 15.25 25.87
C PRO C 78 -55.53 13.79 25.47
N ARG C 79 -54.81 13.02 26.28
CA ARG C 79 -54.42 11.68 25.88
C ARG C 79 -55.58 10.70 25.97
N GLY C 80 -56.11 10.49 27.17
CA GLY C 80 -57.12 9.47 27.39
C GLY C 80 -58.55 9.98 27.27
N ALA C 81 -58.75 11.04 26.50
CA ALA C 81 -60.06 11.63 26.37
C ALA C 81 -60.98 10.74 25.54
N ILE C 82 -62.29 10.87 25.78
CA ILE C 82 -63.31 10.14 25.04
C ILE C 82 -64.52 11.05 24.91
N ILE C 83 -65.33 10.78 23.88
CA ILE C 83 -66.48 11.61 23.59
C ILE C 83 -67.46 11.54 24.75
N GLY C 84 -67.93 12.71 25.20
CA GLY C 84 -68.83 12.82 26.33
C GLY C 84 -68.18 13.38 27.59
N ASP C 85 -66.85 13.39 27.65
CA ASP C 85 -66.16 13.95 28.80
C ASP C 85 -66.43 15.44 28.91
N THR C 86 -66.53 15.92 30.15
CA THR C 86 -66.73 17.32 30.44
C THR C 86 -65.40 17.98 30.78
N ILE C 87 -65.38 19.31 30.66
CA ILE C 87 -64.21 20.11 30.98
C ILE C 87 -64.68 21.42 31.58
N VAL C 88 -63.89 21.95 32.52
CA VAL C 88 -64.22 23.17 33.23
C VAL C 88 -62.95 23.99 33.41
N SER C 89 -63.11 25.30 33.37
CA SER C 89 -62.05 26.26 33.67
C SER C 89 -62.47 27.06 34.88
N GLY C 90 -61.67 27.04 35.94
CA GLY C 90 -62.02 27.75 37.15
C GLY C 90 -60.92 27.64 38.18
N THR C 91 -61.30 27.89 39.43
CA THR C 91 -60.39 27.88 40.58
C THR C 91 -60.58 26.65 41.46
N GLU C 92 -61.82 26.39 41.90
CA GLU C 92 -62.13 25.23 42.72
C GLU C 92 -62.48 24.00 41.88
N VAL C 93 -62.02 23.95 40.65
CA VAL C 93 -62.35 22.83 39.76
C VAL C 93 -61.62 21.58 40.26
N PRO C 94 -62.22 20.38 40.21
CA PRO C 94 -61.47 19.19 40.60
C PRO C 94 -60.31 18.93 39.66
N ILE C 95 -59.25 18.34 40.22
CA ILE C 95 -58.00 18.13 39.50
C ILE C 95 -58.14 16.82 38.74
N LYS C 96 -58.62 16.93 37.49
CA LYS C 96 -58.61 15.83 36.56
C LYS C 96 -58.26 16.37 35.18
N MET C 97 -58.13 15.45 34.22
CA MET C 97 -57.71 15.83 32.88
C MET C 97 -58.75 16.69 32.19
N GLY C 98 -58.28 17.55 31.28
CA GLY C 98 -59.15 18.40 30.50
C GLY C 98 -59.51 19.72 31.14
N ASN C 99 -59.43 19.83 32.46
CA ASN C 99 -59.80 21.04 33.16
C ASN C 99 -58.65 22.02 33.21
N ALA C 100 -58.98 23.27 33.47
CA ALA C 100 -58.01 24.37 33.54
C ALA C 100 -58.17 25.10 34.87
N LEU C 101 -57.05 25.49 35.46
CA LEU C 101 -57.05 26.24 36.70
C LEU C 101 -55.64 26.80 36.94
N PRO C 102 -55.50 27.79 37.82
CA PRO C 102 -54.15 28.30 38.13
C PRO C 102 -53.30 27.23 38.79
N LEU C 103 -52.02 27.57 38.95
CA LEU C 103 -51.06 26.67 39.54
C LEU C 103 -51.12 26.67 41.07
N THR C 104 -51.73 27.69 41.67
CA THR C 104 -51.84 27.73 43.12
C THR C 104 -52.66 26.58 43.66
N ASP C 105 -53.77 26.27 43.01
CA ASP C 105 -54.72 25.27 43.50
C ASP C 105 -54.36 23.85 43.09
N MET C 106 -53.22 23.65 42.38
CA MET C 106 -52.83 22.32 41.96
C MET C 106 -51.99 21.62 43.03
N PRO C 107 -52.05 20.30 43.16
CA PRO C 107 -51.10 19.60 44.04
C PRO C 107 -49.77 19.45 43.33
N LEU C 108 -48.82 18.81 44.02
CA LEU C 108 -47.49 18.59 43.47
C LEU C 108 -47.45 17.31 42.66
N GLY C 109 -46.71 17.35 41.56
CA GLY C 109 -46.54 16.17 40.72
C GLY C 109 -47.72 15.92 39.81
N THR C 110 -48.14 16.96 39.10
CA THR C 110 -49.28 16.89 38.19
C THR C 110 -48.82 16.96 36.74
N ALA C 111 -49.48 16.20 35.89
CA ALA C 111 -49.24 16.26 34.45
C ALA C 111 -49.98 17.45 33.87
N ILE C 112 -49.23 18.45 33.38
CA ILE C 112 -49.76 19.75 33.01
C ILE C 112 -49.32 20.09 31.60
N HIS C 113 -50.20 20.77 30.87
CA HIS C 113 -49.88 21.29 29.54
C HIS C 113 -50.67 22.55 29.30
N ASN C 114 -50.37 23.21 28.18
CA ASN C 114 -51.04 24.45 27.79
C ASN C 114 -50.80 25.55 28.83
N ILE C 115 -49.53 25.72 29.18
CA ILE C 115 -49.14 26.66 30.22
C ILE C 115 -48.96 28.03 29.61
N GLU C 116 -49.35 29.07 30.35
CA GLU C 116 -49.14 30.45 29.97
C GLU C 116 -48.07 31.07 30.87
N ILE C 117 -47.25 31.93 30.28
CA ILE C 117 -46.19 32.61 31.03
C ILE C 117 -46.69 33.89 31.66
N THR C 118 -47.68 34.54 31.05
CA THR C 118 -48.24 35.79 31.55
C THR C 118 -49.75 35.73 31.46
N LEU C 119 -50.41 36.52 32.31
CA LEU C 119 -51.87 36.54 32.34
C LEU C 119 -52.41 37.31 31.16
N GLY C 120 -53.36 36.70 30.44
CA GLY C 120 -54.03 37.32 29.31
C GLY C 120 -53.52 36.84 27.96
N ARG C 121 -52.23 36.58 27.84
CA ARG C 121 -51.69 36.12 26.55
C ARG C 121 -52.16 34.72 26.19
N GLY C 122 -52.55 33.91 27.17
CA GLY C 122 -52.96 32.54 26.93
C GLY C 122 -51.78 31.59 26.99
N GLY C 123 -52.13 30.30 26.94
CA GLY C 123 -51.10 29.28 27.03
C GLY C 123 -50.22 29.26 25.79
N GLN C 124 -48.92 29.09 26.03
CA GLN C 124 -47.91 29.10 24.97
C GLN C 124 -47.03 27.86 25.02
N LEU C 125 -46.82 27.33 26.22
CA LEU C 125 -45.91 26.22 26.44
C LEU C 125 -46.67 24.90 26.46
N ALA C 126 -45.99 23.83 26.03
CA ALA C 126 -46.54 22.48 26.04
C ALA C 126 -47.82 22.39 25.21
N ARG C 127 -47.67 22.67 23.92
CA ARG C 127 -48.75 22.57 22.95
C ARG C 127 -48.64 21.35 22.05
N ALA C 128 -47.43 20.86 21.81
CA ALA C 128 -47.20 19.84 20.81
C ALA C 128 -47.82 18.50 21.24
N ALA C 129 -47.74 17.54 20.34
CA ALA C 129 -48.30 16.21 20.60
C ALA C 129 -47.48 15.50 21.67
N GLY C 130 -48.18 14.86 22.61
CA GLY C 130 -47.51 14.14 23.67
C GLY C 130 -46.73 15.01 24.62
N ALA C 131 -47.00 16.30 24.65
CA ALA C 131 -46.28 17.21 25.52
C ALA C 131 -46.89 17.18 26.93
N VAL C 132 -46.03 17.41 27.92
CA VAL C 132 -46.45 17.42 29.31
C VAL C 132 -45.40 18.16 30.12
N ALA C 133 -45.87 18.84 31.16
CA ALA C 133 -45.00 19.58 32.08
C ALA C 133 -45.32 19.15 33.50
N LYS C 134 -44.30 18.69 34.22
CA LYS C 134 -44.46 18.19 35.57
C LYS C 134 -44.17 19.32 36.56
N LEU C 135 -45.10 19.53 37.49
CA LEU C 135 -44.93 20.55 38.52
C LEU C 135 -44.08 19.98 39.64
N ILE C 136 -42.92 20.58 39.86
CA ILE C 136 -42.00 20.10 40.89
C ILE C 136 -42.38 20.65 42.26
N ALA C 137 -42.39 21.97 42.39
CA ALA C 137 -42.63 22.60 43.68
C ALA C 137 -43.13 24.02 43.46
N LYS C 138 -43.50 24.66 44.56
CA LYS C 138 -43.92 26.05 44.57
C LYS C 138 -43.45 26.70 45.85
N GLU C 139 -43.14 27.99 45.78
CA GLU C 139 -42.58 28.71 46.93
C GLU C 139 -42.97 30.17 46.81
N GLY C 140 -44.00 30.58 47.56
CA GLY C 140 -44.35 31.98 47.67
C GLY C 140 -44.87 32.60 46.39
N LYS C 141 -44.07 33.46 45.78
CA LYS C 141 -44.53 34.26 44.65
C LYS C 141 -44.76 33.40 43.41
N SER C 142 -43.81 32.53 43.07
CA SER C 142 -43.80 31.80 41.81
C SER C 142 -43.77 30.30 42.09
N ALA C 143 -43.81 29.53 41.00
CA ALA C 143 -43.86 28.07 41.07
C ALA C 143 -42.97 27.50 39.98
N THR C 144 -42.05 26.62 40.38
CA THR C 144 -41.15 25.96 39.45
C THR C 144 -41.77 24.68 38.92
N LEU C 145 -41.40 24.33 37.69
CA LEU C 145 -41.89 23.11 37.05
C LEU C 145 -40.90 22.69 35.98
N LYS C 146 -41.12 21.48 35.45
CA LYS C 146 -40.29 20.90 34.42
C LYS C 146 -41.02 20.95 33.09
N LEU C 147 -40.27 21.15 32.02
CA LEU C 147 -40.77 21.26 30.66
C LEU C 147 -40.40 20.02 29.86
N PRO C 148 -40.98 19.84 28.67
CA PRO C 148 -40.62 18.66 27.87
C PRO C 148 -39.15 18.62 27.48
N SER C 149 -38.49 19.77 27.41
CA SER C 149 -37.06 19.80 27.11
C SER C 149 -36.20 19.34 28.27
N GLY C 150 -36.79 19.11 29.45
CA GLY C 150 -36.03 18.76 30.63
C GLY C 150 -35.55 19.93 31.43
N GLU C 151 -35.87 21.15 31.04
CA GLU C 151 -35.42 22.35 31.74
C GLU C 151 -36.40 22.69 32.87
N VAL C 152 -35.86 23.26 33.93
CA VAL C 152 -36.63 23.63 35.11
C VAL C 152 -36.77 25.15 35.09
N ARG C 153 -37.95 25.63 34.72
CA ARG C 153 -38.24 27.05 34.64
C ARG C 153 -39.12 27.46 35.81
N LEU C 154 -39.03 28.74 36.17
CA LEU C 154 -39.76 29.30 37.31
C LEU C 154 -40.87 30.19 36.77
N ILE C 155 -42.10 29.68 36.84
CA ILE C 155 -43.28 30.38 36.33
C ILE C 155 -44.08 30.93 37.51
N SER C 156 -44.74 32.06 37.29
CA SER C 156 -45.59 32.65 38.31
C SER C 156 -46.71 31.68 38.70
N LYS C 157 -47.28 31.93 39.87
CA LYS C 157 -48.27 31.02 40.43
C LYS C 157 -49.66 31.26 39.85
N ASN C 158 -49.99 32.50 39.51
CA ASN C 158 -51.31 32.87 39.05
C ASN C 158 -51.57 32.53 37.58
N CYS C 159 -50.64 31.85 36.92
CA CYS C 159 -50.82 31.49 35.52
C CYS C 159 -51.66 30.24 35.39
N SER C 160 -52.54 30.23 34.38
CA SER C 160 -53.43 29.11 34.15
C SER C 160 -52.73 28.03 33.35
N ALA C 161 -53.29 26.82 33.40
CA ALA C 161 -52.74 25.69 32.68
C ALA C 161 -53.76 24.56 32.69
N THR C 162 -53.59 23.63 31.76
CA THR C 162 -54.50 22.51 31.58
C THR C 162 -53.83 21.23 32.05
N VAL C 163 -54.63 20.32 32.59
CA VAL C 163 -54.15 19.07 33.16
C VAL C 163 -54.15 17.99 32.10
N GLY C 164 -53.17 17.11 32.15
CA GLY C 164 -53.08 15.95 31.29
C GLY C 164 -52.00 16.11 30.23
N GLN C 165 -51.85 15.04 29.45
CA GLN C 165 -50.90 14.97 28.36
C GLN C 165 -51.63 15.09 27.02
N VAL C 166 -50.95 15.69 26.04
CA VAL C 166 -51.57 15.96 24.75
C VAL C 166 -51.74 14.64 23.98
N GLY C 167 -52.76 14.61 23.13
CA GLY C 167 -53.14 13.40 22.43
C GLY C 167 -52.10 12.94 21.42
N ASN C 168 -52.53 11.94 20.64
CA ASN C 168 -51.80 11.25 19.56
C ASN C 168 -50.31 11.15 19.81
N VAL C 169 -49.95 10.51 20.93
CA VAL C 169 -48.55 10.33 21.30
C VAL C 169 -47.81 9.54 20.22
N GLY C 170 -48.47 8.56 19.63
CA GLY C 170 -47.86 7.73 18.60
C GLY C 170 -47.93 8.35 17.22
N VAL C 171 -47.10 9.36 16.98
CA VAL C 171 -47.05 10.05 15.69
C VAL C 171 -45.64 9.99 15.13
N ASN C 172 -44.64 9.86 16.01
CA ASN C 172 -43.27 9.64 15.54
C ASN C 172 -43.07 8.24 14.99
N GLN C 173 -43.93 7.28 15.38
CA GLN C 173 -43.71 5.89 15.01
C GLN C 173 -43.80 5.68 13.50
N LYS C 174 -44.61 6.49 12.82
CA LYS C 174 -44.73 6.40 11.37
C LYS C 174 -43.59 7.18 10.73
N ARG C 175 -42.90 6.55 9.77
CA ARG C 175 -41.83 7.19 9.02
C ARG C 175 -42.36 7.60 7.65
N LEU C 176 -42.01 8.82 7.25
CA LEU C 176 -42.43 9.30 5.94
C LEU C 176 -41.79 8.45 4.85
N GLY C 177 -42.63 7.67 4.16
CA GLY C 177 -42.14 6.65 3.26
C GLY C 177 -41.36 7.18 2.08
N ARG C 178 -41.55 8.44 1.71
CA ARG C 178 -40.94 8.96 0.49
C ARG C 178 -40.89 10.48 0.58
N ALA C 179 -40.28 11.09 -0.45
CA ALA C 179 -40.06 12.53 -0.45
C ALA C 179 -41.34 13.30 -0.72
N GLY C 180 -42.26 12.72 -1.51
CA GLY C 180 -43.48 13.42 -1.83
C GLY C 180 -44.31 13.76 -0.60
N SER C 181 -44.26 12.90 0.43
CA SER C 181 -44.97 13.19 1.66
C SER C 181 -44.37 14.40 2.38
N LYS C 182 -43.09 14.68 2.16
CA LYS C 182 -42.47 15.84 2.77
C LYS C 182 -42.89 17.13 2.07
N ARG C 183 -42.97 17.10 0.74
CA ARG C 183 -43.39 18.27 -0.01
C ARG C 183 -44.86 18.60 0.22
N TRP C 184 -45.68 17.61 0.58
CA TRP C 184 -47.08 17.86 0.87
C TRP C 184 -47.24 18.75 2.10
N LEU C 185 -46.27 18.71 3.01
CA LEU C 185 -46.32 19.53 4.22
C LEU C 185 -45.81 20.94 3.99
N GLY C 186 -45.07 21.18 2.91
CA GLY C 186 -44.51 22.48 2.63
C GLY C 186 -43.09 22.62 3.12
N LYS C 187 -42.25 21.64 2.78
CA LYS C 187 -40.84 21.65 3.17
C LYS C 187 -40.02 21.25 1.94
N ARG C 188 -39.26 22.20 1.41
CA ARG C 188 -38.55 22.01 0.16
C ARG C 188 -37.23 21.31 0.41
N PRO C 189 -36.57 20.80 -0.64
CA PRO C 189 -35.35 20.01 -0.44
C PRO C 189 -34.23 20.81 0.20
N VAL C 190 -33.53 20.17 1.12
CA VAL C 190 -32.42 20.78 1.84
C VAL C 190 -31.12 20.44 1.13
N VAL C 191 -30.38 21.47 0.72
CA VAL C 191 -29.11 21.31 0.02
C VAL C 191 -27.97 21.49 1.02
N ARG C 192 -26.93 20.69 0.85
CA ARG C 192 -25.79 20.72 1.74
C ARG C 192 -24.78 21.77 1.27
N GLY C 193 -24.20 22.50 2.23
CA GLY C 193 -23.31 23.59 1.89
C GLY C 193 -21.99 23.13 1.31
N VAL C 194 -21.55 21.92 1.68
CA VAL C 194 -20.28 21.41 1.18
C VAL C 194 -20.30 21.18 -0.33
N VAL C 195 -21.49 21.04 -0.91
CA VAL C 195 -21.62 20.86 -2.35
C VAL C 195 -21.63 22.19 -3.10
N MET C 196 -21.96 23.29 -2.43
CA MET C 196 -22.12 24.57 -3.10
C MET C 196 -20.77 25.10 -3.56
N ASN C 197 -20.78 26.30 -4.11
CA ASN C 197 -19.56 27.03 -4.45
C ASN C 197 -19.14 27.89 -3.27
N PRO C 198 -17.88 28.37 -3.25
CA PRO C 198 -17.43 29.15 -2.09
C PRO C 198 -18.20 30.43 -1.87
N VAL C 199 -18.68 31.07 -2.94
CA VAL C 199 -19.43 32.31 -2.80
C VAL C 199 -20.75 32.10 -2.07
N ASP C 200 -21.29 30.88 -2.11
CA ASP C 200 -22.59 30.59 -1.53
C ASP C 200 -22.54 30.07 -0.11
N HIS C 201 -21.49 29.32 0.24
CA HIS C 201 -21.37 28.72 1.56
C HIS C 201 -19.89 28.53 1.85
N PRO C 202 -19.44 28.66 3.11
CA PRO C 202 -18.00 28.56 3.38
C PRO C 202 -17.39 27.19 3.09
N HIS C 203 -18.20 26.15 2.89
CA HIS C 203 -17.73 24.79 2.68
C HIS C 203 -17.68 24.40 1.21
N GLY C 204 -17.88 25.36 0.31
CA GLY C 204 -18.21 25.05 -1.07
C GLY C 204 -17.13 24.37 -1.89
N GLY C 205 -16.05 25.10 -2.17
CA GLY C 205 -15.10 24.68 -3.17
C GLY C 205 -14.38 23.38 -2.88
N GLY C 206 -13.56 22.94 -3.83
CA GLY C 206 -12.77 21.73 -3.70
C GLY C 206 -13.24 20.63 -4.63
N GLU C 207 -12.31 20.05 -5.38
CA GLU C 207 -12.65 18.94 -6.26
C GLU C 207 -13.00 17.71 -5.44
N GLY C 208 -13.83 16.86 -6.02
CA GLY C 208 -14.31 15.70 -5.30
C GLY C 208 -15.19 16.10 -4.13
N ARG C 209 -15.55 15.09 -3.35
CA ARG C 209 -16.33 15.33 -2.13
C ARG C 209 -15.41 16.00 -1.12
N ALA C 210 -15.51 17.30 -1.01
CA ALA C 210 -14.56 18.04 -0.20
C ALA C 210 -14.87 17.88 1.28
N PRO C 211 -13.85 17.81 2.16
CA PRO C 211 -14.13 17.84 3.60
C PRO C 211 -14.48 19.25 4.05
N ILE C 212 -14.61 19.44 5.37
CA ILE C 212 -14.94 20.78 5.88
C ILE C 212 -13.83 21.76 5.54
N GLY C 213 -12.58 21.36 5.75
CA GLY C 213 -11.44 22.22 5.42
C GLY C 213 -11.42 23.51 6.18
N ARG C 214 -11.93 23.50 7.42
CA ARG C 214 -12.04 24.71 8.22
C ARG C 214 -11.91 24.32 9.68
N LYS C 215 -11.54 25.30 10.51
CA LYS C 215 -11.34 25.04 11.94
C LYS C 215 -12.59 24.49 12.60
N SER C 216 -13.76 24.85 12.10
CA SER C 216 -15.02 24.34 12.63
C SER C 216 -16.06 24.41 11.53
N PRO C 217 -17.12 23.60 11.61
CA PRO C 217 -18.25 23.80 10.71
C PRO C 217 -18.89 25.16 10.96
N THR C 218 -19.35 25.78 9.87
CA THR C 218 -19.89 27.14 9.92
C THR C 218 -21.24 27.18 9.22
N THR C 219 -22.06 28.13 9.67
CA THR C 219 -23.34 28.40 9.06
C THR C 219 -23.12 29.03 7.69
N PRO C 220 -24.19 29.22 6.90
CA PRO C 220 -24.04 29.97 5.65
C PRO C 220 -23.65 31.42 5.85
N TRP C 221 -23.79 31.96 7.06
CA TRP C 221 -23.47 33.34 7.36
C TRP C 221 -22.21 33.49 8.20
N GLY C 222 -21.39 32.45 8.30
CA GLY C 222 -20.06 32.53 8.85
C GLY C 222 -19.92 31.98 10.26
N TYR C 223 -20.95 32.13 11.09
CA TYR C 223 -20.84 31.73 12.48
C TYR C 223 -20.73 30.20 12.59
N PRO C 224 -20.16 29.69 13.69
CA PRO C 224 -20.10 28.24 13.85
C PRO C 224 -21.48 27.62 13.95
N ALA C 225 -21.52 26.31 13.76
CA ALA C 225 -22.77 25.54 13.74
C ALA C 225 -22.92 24.57 14.90
N LEU C 226 -21.90 24.43 15.75
CA LEU C 226 -21.92 23.45 16.83
C LEU C 226 -21.33 24.06 18.08
N GLY C 227 -22.03 23.89 19.20
CA GLY C 227 -21.52 24.25 20.52
C GLY C 227 -21.80 25.64 20.99
N ARG C 228 -21.74 26.62 20.09
CA ARG C 228 -21.92 28.03 20.48
C ARG C 228 -23.34 28.24 20.95
N ARG C 229 -23.50 28.55 22.24
CA ARG C 229 -24.82 28.80 22.80
C ARG C 229 -25.34 30.14 22.33
N SER C 230 -26.57 30.15 21.84
CA SER C 230 -27.16 31.33 21.22
C SER C 230 -28.02 32.15 22.15
N ARG C 231 -28.14 31.75 23.42
CA ARG C 231 -28.95 32.52 24.36
C ARG C 231 -28.31 33.87 24.62
N LYS C 232 -29.14 34.91 24.62
CA LYS C 232 -28.65 36.25 24.89
C LYS C 232 -28.26 36.38 26.35
N ARG C 233 -27.03 36.82 26.59
CA ARG C 233 -26.56 37.04 27.95
C ARG C 233 -27.30 38.20 28.58
N ASN C 234 -27.53 38.10 29.89
CA ASN C 234 -28.24 39.12 30.66
C ASN C 234 -29.63 39.37 30.09
N LYS C 235 -30.37 38.28 29.89
CA LYS C 235 -31.73 38.36 29.40
C LYS C 235 -32.70 38.64 30.56
N TYR C 236 -33.85 39.21 30.22
CA TYR C 236 -34.84 39.57 31.23
C TYR C 236 -35.32 38.34 32.01
N SER C 237 -35.41 37.19 31.36
CA SER C 237 -35.88 35.96 31.98
C SER C 237 -34.74 35.10 32.47
N ASP C 238 -33.61 35.71 32.85
CA ASP C 238 -32.44 34.95 33.27
C ASP C 238 -32.56 34.47 34.70
N ASN C 239 -33.27 35.21 35.56
CA ASN C 239 -33.43 34.81 36.95
C ASN C 239 -34.48 33.72 37.12
N PHE C 240 -35.41 33.58 36.18
CA PHE C 240 -36.45 32.56 36.26
C PHE C 240 -35.95 31.17 35.87
N ILE C 241 -34.69 31.03 35.48
CA ILE C 241 -34.13 29.75 35.06
C ILE C 241 -33.43 29.10 36.24
N ILE C 242 -33.79 27.85 36.52
CA ILE C 242 -33.17 27.10 37.60
C ILE C 242 -31.96 26.33 37.11
N ARG C 243 -32.05 25.72 35.93
CA ARG C 243 -30.94 24.98 35.35
C ARG C 243 -31.11 24.96 33.84
N ARG C 244 -30.18 24.30 33.17
CA ARG C 244 -30.20 24.11 31.74
C ARG C 244 -30.79 22.74 31.39
N ARG C 245 -31.34 22.64 30.19
CA ARG C 245 -31.88 21.38 29.72
C ARG C 245 -30.77 20.33 29.60
N SER C 246 -31.20 19.10 29.33
CA SER C 246 -30.25 18.00 29.14
C SER C 246 -30.96 16.81 28.50
N SER D 1 0.42 -0.47 -85.88
CA SER D 1 1.27 -1.61 -85.59
C SER D 1 1.26 -2.60 -86.74
N VAL D 2 2.15 -3.58 -86.67
CA VAL D 2 2.28 -4.60 -87.70
C VAL D 2 1.41 -5.79 -87.32
N ASP D 3 0.54 -6.21 -88.24
CA ASP D 3 -0.29 -7.38 -88.03
C ASP D 3 0.39 -8.64 -88.54
N ALA D 4 0.01 -9.77 -87.95
CA ALA D 4 0.61 -11.04 -88.36
C ALA D 4 0.11 -11.48 -89.72
N GLY D 5 -1.15 -11.19 -90.03
CA GLY D 5 -1.73 -11.57 -91.30
C GLY D 5 -2.79 -10.57 -91.70
N ILE D 6 -3.75 -11.03 -92.51
CA ILE D 6 -4.82 -10.19 -93.03
C ILE D 6 -6.12 -10.60 -92.35
N GLY D 7 -6.90 -9.61 -91.95
CA GLY D 7 -8.18 -9.82 -91.32
C GLY D 7 -9.31 -9.22 -92.13
N VAL D 8 -10.51 -9.30 -91.55
CA VAL D 8 -11.73 -8.77 -92.13
C VAL D 8 -12.50 -8.05 -91.03
N MET D 9 -13.69 -7.57 -91.38
CA MET D 9 -14.58 -6.89 -90.45
C MET D 9 -15.96 -7.52 -90.51
N GLY D 10 -16.60 -7.62 -89.34
CA GLY D 10 -17.93 -8.17 -89.23
C GLY D 10 -18.69 -7.43 -88.16
N THR D 11 -19.94 -7.85 -87.96
CA THR D 11 -20.85 -7.25 -86.99
C THR D 11 -21.26 -8.29 -85.96
N LYS D 12 -21.22 -7.89 -84.69
CA LYS D 12 -21.74 -8.72 -83.63
C LYS D 12 -23.26 -8.85 -83.78
N LEU D 13 -23.76 -10.07 -83.67
CA LEU D 13 -25.18 -10.36 -83.78
C LEU D 13 -25.81 -10.77 -82.46
N GLY D 14 -25.05 -11.42 -81.59
CA GLY D 14 -25.58 -11.85 -80.31
C GLY D 14 -24.60 -12.78 -79.63
N MET D 15 -25.15 -13.66 -78.80
CA MET D 15 -24.34 -14.61 -78.06
C MET D 15 -25.23 -15.77 -77.65
N MET D 16 -24.65 -16.97 -77.64
CA MET D 16 -25.41 -18.18 -77.37
C MET D 16 -24.44 -19.24 -76.89
N SER D 17 -24.90 -20.48 -76.84
CA SER D 17 -24.11 -21.63 -76.41
C SER D 17 -23.85 -22.56 -77.58
N PHE D 18 -23.02 -23.57 -77.33
CA PHE D 18 -22.63 -24.53 -78.36
C PHE D 18 -22.30 -25.84 -77.66
N PHE D 19 -23.16 -26.83 -77.84
CA PHE D 19 -22.98 -28.13 -77.21
C PHE D 19 -22.06 -29.00 -78.05
N GLU D 20 -21.01 -29.52 -77.44
CA GLU D 20 -20.09 -30.42 -78.11
C GLU D 20 -20.68 -31.82 -78.18
N GLU D 21 -19.99 -32.71 -78.89
CA GLU D 21 -20.47 -34.09 -79.02
C GLU D 21 -20.37 -34.82 -77.70
N ASP D 22 -19.28 -34.63 -76.97
CA ASP D 22 -19.14 -35.26 -75.66
C ASP D 22 -20.15 -34.70 -74.66
N GLY D 23 -20.55 -33.44 -74.83
CA GLY D 23 -21.51 -32.78 -73.97
C GLY D 23 -21.02 -31.52 -73.31
N THR D 24 -19.75 -31.15 -73.47
CA THR D 24 -19.25 -29.93 -72.87
C THR D 24 -19.92 -28.71 -73.48
N VAL D 25 -20.14 -27.70 -72.64
CA VAL D 25 -20.76 -26.45 -73.05
C VAL D 25 -19.66 -25.44 -73.35
N VAL D 26 -19.93 -24.57 -74.33
CA VAL D 26 -18.98 -23.56 -74.76
C VAL D 26 -19.72 -22.24 -74.95
N PRO D 27 -19.54 -21.22 -74.10
CA PRO D 27 -20.18 -19.94 -74.38
C PRO D 27 -19.58 -19.29 -75.62
N VAL D 28 -20.39 -19.23 -76.68
CA VAL D 28 -19.92 -18.84 -78.00
C VAL D 28 -20.56 -17.50 -78.37
N THR D 29 -19.82 -16.70 -79.12
CA THR D 29 -20.28 -15.42 -79.63
C THR D 29 -20.39 -15.50 -81.15
N VAL D 30 -21.44 -14.91 -81.70
CA VAL D 30 -21.76 -14.99 -83.12
C VAL D 30 -21.40 -13.66 -83.78
N ILE D 31 -20.87 -13.74 -84.99
CA ILE D 31 -20.48 -12.58 -85.78
C ILE D 31 -20.97 -12.79 -87.20
N GLY D 32 -21.83 -11.89 -87.67
CA GLY D 32 -22.29 -11.92 -89.04
C GLY D 32 -21.35 -11.18 -89.96
N PHE D 33 -21.74 -11.13 -91.24
CA PHE D 33 -20.98 -10.43 -92.26
C PHE D 33 -21.93 -9.79 -93.24
N LYS D 34 -21.70 -8.52 -93.53
CA LYS D 34 -22.48 -7.78 -94.53
C LYS D 34 -21.98 -8.16 -95.91
N GLU D 35 -22.43 -7.43 -96.93
CA GLU D 35 -22.10 -7.77 -98.31
C GLU D 35 -20.63 -7.49 -98.60
N GLY D 36 -20.20 -6.24 -98.40
CA GLY D 36 -18.90 -5.79 -98.88
C GLY D 36 -17.77 -6.23 -97.97
N ASN D 37 -16.78 -6.89 -98.57
CA ASN D 37 -15.51 -7.18 -97.90
C ASN D 37 -14.36 -7.02 -98.89
N ILE D 38 -14.47 -6.05 -99.79
CA ILE D 38 -13.56 -5.93 -100.93
C ILE D 38 -12.44 -4.96 -100.59
N VAL D 39 -11.28 -5.20 -101.18
CA VAL D 39 -10.12 -4.32 -101.00
C VAL D 39 -10.32 -3.05 -101.80
N THR D 40 -9.89 -1.93 -101.22
CA THR D 40 -10.06 -0.60 -101.81
C THR D 40 -8.77 0.06 -102.24
N GLN D 41 -7.69 -0.14 -101.49
CA GLN D 41 -6.43 0.52 -101.77
C GLN D 41 -5.28 -0.35 -101.30
N VAL D 42 -4.16 -0.26 -102.02
CA VAL D 42 -2.93 -0.99 -101.70
C VAL D 42 -1.82 0.03 -101.54
N LYS D 43 -1.19 0.05 -100.37
CA LYS D 43 -0.11 0.97 -100.06
C LYS D 43 1.21 0.22 -100.09
N THR D 44 2.28 0.95 -100.41
CA THR D 44 3.62 0.39 -100.52
C THR D 44 4.62 1.35 -99.89
N GLU D 45 5.86 0.89 -99.77
CA GLU D 45 6.92 1.71 -99.19
C GLU D 45 7.39 2.78 -100.16
N SER D 46 7.31 2.51 -101.47
CA SER D 46 7.77 3.49 -102.46
C SER D 46 6.92 4.75 -102.43
N THR D 47 5.64 4.62 -102.09
CA THR D 47 4.70 5.73 -102.07
C THR D 47 4.47 6.30 -100.68
N ASP D 48 4.12 5.43 -99.72
CA ASP D 48 3.76 5.84 -98.38
C ASP D 48 4.83 5.54 -97.32
N GLY D 49 5.86 4.78 -97.67
CA GLY D 49 6.88 4.43 -96.70
C GLY D 49 6.55 3.23 -95.84
N TYR D 50 5.39 2.61 -96.02
CA TYR D 50 5.04 1.41 -95.28
C TYR D 50 4.08 0.58 -96.13
N ASN D 51 4.01 -0.70 -95.80
CA ASN D 51 3.23 -1.68 -96.55
C ASN D 51 1.92 -1.96 -95.81
N ALA D 52 0.80 -1.79 -96.49
CA ALA D 52 -0.50 -2.04 -95.90
C ALA D 52 -1.54 -2.13 -97.00
N VAL D 53 -2.79 -2.37 -96.60
CA VAL D 53 -3.88 -2.55 -97.55
C VAL D 53 -5.18 -2.17 -96.85
N GLN D 54 -6.01 -1.37 -97.52
CA GLN D 54 -7.30 -0.97 -96.98
C GLN D 54 -8.35 -2.05 -97.23
N VAL D 55 -9.40 -2.01 -96.43
CA VAL D 55 -10.54 -2.92 -96.59
C VAL D 55 -11.80 -2.15 -96.20
N GLY D 56 -12.82 -2.23 -97.06
CA GLY D 56 -14.10 -1.61 -96.80
C GLY D 56 -15.15 -2.62 -96.39
N TYR D 57 -16.30 -2.10 -95.97
CA TYR D 57 -17.33 -2.94 -95.37
C TYR D 57 -18.63 -2.14 -95.29
N GLU D 58 -19.75 -2.86 -95.15
CA GLU D 58 -21.06 -2.28 -94.92
C GLU D 58 -21.47 -1.37 -96.08
N ARG D 59 -21.74 -2.01 -97.21
CA ARG D 59 -22.34 -1.35 -98.36
C ARG D 59 -23.56 -0.53 -97.93
N LEU D 60 -23.78 0.57 -98.64
CA LEU D 60 -24.90 1.45 -98.35
C LEU D 60 -25.32 2.17 -99.63
N ARG D 61 -26.35 3.00 -99.52
CA ARG D 61 -26.81 3.77 -100.65
C ARG D 61 -25.77 4.80 -101.06
N ASP D 62 -25.66 5.03 -102.37
CA ASP D 62 -24.63 5.92 -102.90
C ASP D 62 -24.88 7.37 -102.51
N ARG D 63 -26.14 7.78 -102.39
CA ARG D 63 -26.46 9.15 -102.06
C ARG D 63 -25.90 9.55 -100.70
N LYS D 64 -25.74 8.61 -99.79
CA LYS D 64 -25.29 8.92 -98.44
C LYS D 64 -23.82 9.28 -98.38
N LEU D 65 -23.02 8.84 -99.34
CA LEU D 65 -21.59 9.10 -99.32
C LEU D 65 -21.29 10.53 -99.76
N THR D 66 -20.23 11.09 -99.17
CA THR D 66 -19.70 12.35 -99.65
C THR D 66 -18.97 12.12 -100.97
N MET D 67 -19.06 13.10 -101.86
CA MET D 67 -18.51 12.94 -103.19
C MET D 67 -17.00 12.69 -103.23
N PRO D 68 -16.18 13.20 -102.31
CA PRO D 68 -14.77 12.74 -102.27
C PRO D 68 -14.65 11.25 -102.05
N GLU D 69 -15.44 10.68 -101.15
CA GLU D 69 -15.35 9.26 -100.86
C GLU D 69 -15.74 8.41 -102.07
N ARG D 70 -16.62 8.94 -102.93
CA ARG D 70 -17.01 8.21 -104.12
C ARG D 70 -15.82 8.00 -105.05
N GLY D 71 -15.08 9.08 -105.33
CA GLY D 71 -13.95 8.98 -106.23
C GLY D 71 -12.86 8.05 -105.72
N HIS D 72 -12.75 7.90 -104.40
CA HIS D 72 -11.77 6.99 -103.84
C HIS D 72 -12.15 5.55 -104.13
N LEU D 73 -13.44 5.23 -104.08
CA LEU D 73 -13.91 3.87 -104.35
C LEU D 73 -14.11 3.65 -105.84
N ASN D 74 -14.52 4.68 -106.59
CA ASN D 74 -14.75 4.53 -108.01
C ASN D 74 -13.46 4.34 -108.80
N LYS D 75 -12.30 4.64 -108.20
CA LYS D 75 -11.04 4.41 -108.90
C LYS D 75 -10.85 2.93 -109.19
N ALA D 76 -11.01 2.09 -108.18
CA ALA D 76 -10.89 0.65 -108.34
C ALA D 76 -12.19 -0.02 -108.79
N GLY D 77 -13.17 0.76 -109.25
CA GLY D 77 -14.44 0.19 -109.68
C GLY D 77 -15.17 -0.53 -108.58
N VAL D 78 -15.12 0.02 -107.36
CA VAL D 78 -15.62 -0.64 -106.16
C VAL D 78 -16.95 -0.02 -105.78
N ILE D 79 -17.86 -0.86 -105.28
CA ILE D 79 -19.18 -0.45 -104.80
C ILE D 79 -19.04 0.60 -103.71
N PRO D 80 -20.11 1.34 -103.39
CA PRO D 80 -20.04 2.24 -102.23
C PRO D 80 -19.98 1.46 -100.92
N MET D 81 -19.23 2.01 -99.96
CA MET D 81 -19.05 1.37 -98.66
C MET D 81 -18.90 2.45 -97.61
N ARG D 82 -19.27 2.11 -96.37
CA ARG D 82 -19.27 3.04 -95.26
C ARG D 82 -17.92 3.11 -94.56
N HIS D 83 -17.43 1.98 -94.06
CA HIS D 83 -16.23 1.94 -93.24
C HIS D 83 -14.99 1.63 -94.08
N LEU D 84 -13.84 1.94 -93.50
CA LEU D 84 -12.55 1.66 -94.11
C LEU D 84 -11.52 1.46 -93.02
N GLN D 85 -10.76 0.38 -93.11
CA GLN D 85 -9.68 0.11 -92.17
C GLN D 85 -8.53 -0.57 -92.91
N GLU D 86 -7.34 -0.43 -92.36
CA GLU D 86 -6.13 -0.96 -92.97
C GLU D 86 -5.69 -2.24 -92.26
N PHE D 87 -4.71 -2.91 -92.88
CA PHE D 87 -4.09 -4.11 -92.32
C PHE D 87 -2.61 -4.03 -92.70
N ARG D 88 -1.78 -3.54 -91.78
CA ARG D 88 -0.36 -3.41 -92.05
C ARG D 88 0.29 -4.78 -92.11
N LEU D 89 1.25 -4.93 -93.02
CA LEU D 89 1.85 -6.22 -93.32
C LEU D 89 3.34 -6.01 -93.59
N VAL D 90 4.02 -7.11 -93.89
CA VAL D 90 5.42 -7.06 -94.31
C VAL D 90 5.53 -7.06 -95.83
N SER D 91 4.67 -7.81 -96.50
CA SER D 91 4.66 -7.91 -97.96
C SER D 91 3.22 -7.91 -98.44
N VAL D 92 2.96 -7.15 -99.51
CA VAL D 92 1.62 -7.01 -100.08
C VAL D 92 1.71 -7.39 -101.55
N ASP D 93 2.58 -8.34 -101.87
CA ASP D 93 2.80 -8.73 -103.26
C ASP D 93 1.61 -9.44 -103.88
N ASP D 94 0.67 -9.96 -103.07
CA ASP D 94 -0.42 -10.78 -103.56
C ASP D 94 -1.77 -10.16 -103.22
N PHE D 95 -1.92 -8.86 -103.45
CA PHE D 95 -3.18 -8.18 -103.22
C PHE D 95 -3.37 -7.10 -104.26
N THR D 96 -4.62 -6.89 -104.67
CA THR D 96 -4.99 -5.84 -105.61
C THR D 96 -6.35 -5.30 -105.21
N PRO D 97 -6.72 -4.11 -105.68
CA PRO D 97 -8.08 -3.62 -105.46
C PRO D 97 -9.10 -4.50 -106.17
N SER D 98 -10.36 -4.28 -105.82
CA SER D 98 -11.48 -5.05 -106.39
C SER D 98 -11.32 -6.54 -106.11
N GLN D 99 -10.75 -6.85 -104.94
CA GLN D 99 -10.46 -8.23 -104.53
C GLN D 99 -11.26 -8.55 -103.30
N LYS D 100 -12.04 -9.63 -103.36
CA LYS D 100 -12.80 -10.07 -102.21
C LYS D 100 -11.92 -10.82 -101.23
N LEU D 101 -12.35 -10.85 -99.98
CA LEU D 101 -11.61 -11.48 -98.88
C LEU D 101 -12.58 -12.41 -98.14
N LEU D 102 -12.59 -13.67 -98.54
CA LEU D 102 -13.43 -14.66 -97.89
C LEU D 102 -12.76 -15.13 -96.60
N PHE D 103 -13.52 -15.11 -95.50
CA PHE D 103 -12.95 -15.43 -94.21
C PHE D 103 -12.66 -16.92 -94.07
N GLU D 104 -13.48 -17.77 -94.69
CA GLU D 104 -13.25 -19.21 -94.60
C GLU D 104 -11.92 -19.60 -95.23
N GLU D 105 -11.44 -18.82 -96.21
CA GLU D 105 -10.12 -19.05 -96.78
C GLU D 105 -9.00 -18.65 -95.84
N LEU D 106 -9.30 -17.82 -94.83
CA LEU D 106 -8.30 -17.31 -93.90
C LEU D 106 -8.43 -17.88 -92.50
N PHE D 107 -9.62 -18.26 -92.08
CA PHE D 107 -9.88 -18.80 -90.74
C PHE D 107 -10.65 -20.11 -90.91
N LYS D 108 -9.95 -21.23 -90.85
CA LYS D 108 -10.60 -22.52 -91.11
C LYS D 108 -11.33 -23.05 -89.89
N GLU D 109 -10.58 -23.41 -88.85
CA GLU D 109 -11.12 -24.04 -87.65
C GLU D 109 -10.11 -23.94 -86.53
N GLY D 110 -10.59 -23.67 -85.32
CA GLY D 110 -9.76 -23.69 -84.13
C GLY D 110 -8.59 -22.72 -84.16
N ASP D 111 -8.66 -21.71 -85.01
CA ASP D 111 -7.57 -20.75 -85.15
C ASP D 111 -7.76 -19.60 -84.17
N MET D 112 -6.67 -19.22 -83.53
CA MET D 112 -6.68 -18.09 -82.62
C MET D 112 -6.79 -16.80 -83.43
N VAL D 113 -7.56 -15.85 -82.91
CA VAL D 113 -7.92 -14.64 -83.63
C VAL D 113 -8.01 -13.49 -82.64
N ASP D 114 -7.58 -12.31 -83.07
CA ASP D 114 -7.59 -11.10 -82.25
C ASP D 114 -8.78 -10.25 -82.66
N ILE D 115 -9.78 -10.18 -81.79
CA ILE D 115 -10.95 -9.36 -82.02
C ILE D 115 -10.68 -7.97 -81.48
N SER D 116 -11.24 -6.95 -82.14
CA SER D 116 -11.06 -5.57 -81.72
C SER D 116 -12.28 -4.77 -82.15
N GLY D 117 -12.81 -3.97 -81.23
CA GLY D 117 -13.96 -3.14 -81.51
C GLY D 117 -14.14 -2.08 -80.45
N THR D 118 -15.28 -1.40 -80.52
CA THR D 118 -15.61 -0.34 -79.57
C THR D 118 -16.37 -0.93 -78.38
N THR D 119 -16.01 -0.47 -77.20
CA THR D 119 -16.62 -0.96 -75.97
C THR D 119 -17.91 -0.19 -75.68
N ILE D 120 -18.62 -0.66 -74.65
CA ILE D 120 -19.84 0.00 -74.20
C ILE D 120 -19.46 1.27 -73.46
N GLY D 121 -20.14 2.37 -73.80
CA GLY D 121 -19.85 3.65 -73.18
C GLY D 121 -20.56 3.86 -71.87
N LYS D 122 -19.81 3.92 -70.79
CA LYS D 122 -20.39 4.08 -69.46
C LYS D 122 -20.67 5.53 -69.08
N GLY D 123 -19.95 6.47 -69.67
CA GLY D 123 -20.12 7.87 -69.35
C GLY D 123 -19.19 8.31 -68.24
N PHE D 124 -19.52 9.47 -67.69
CA PHE D 124 -18.71 10.08 -66.63
C PHE D 124 -18.92 9.27 -65.34
N GLN D 125 -18.05 8.29 -65.11
CA GLN D 125 -18.12 7.43 -63.94
C GLN D 125 -17.10 7.86 -62.91
N GLY D 126 -17.29 7.38 -61.69
CA GLY D 126 -16.42 7.71 -60.58
C GLY D 126 -15.19 6.85 -60.53
N GLY D 127 -14.59 6.79 -59.34
CA GLY D 127 -13.36 6.06 -59.15
C GLY D 127 -13.56 4.61 -58.76
N ILE D 128 -14.67 4.32 -58.08
CA ILE D 128 -14.92 2.97 -57.61
C ILE D 128 -15.19 2.03 -58.78
N LYS D 129 -15.87 2.52 -59.81
CA LYS D 129 -16.16 1.71 -60.98
C LYS D 129 -15.05 1.76 -62.01
N ARG D 130 -14.45 2.94 -62.21
CA ARG D 130 -13.42 3.09 -63.22
C ARG D 130 -12.11 2.47 -62.77
N HIS D 131 -11.57 2.94 -61.65
CA HIS D 131 -10.25 2.54 -61.18
C HIS D 131 -10.31 1.53 -60.03
N ASN D 132 -11.50 1.00 -59.72
CA ASN D 132 -11.66 -0.06 -58.72
C ASN D 132 -11.15 0.37 -57.35
N PHE D 133 -11.33 1.65 -57.00
CA PHE D 133 -10.98 2.10 -55.67
C PHE D 133 -11.91 1.48 -54.64
N LYS D 134 -11.44 1.49 -53.39
CA LYS D 134 -12.22 0.98 -52.28
C LYS D 134 -13.14 2.06 -51.74
N ARG D 135 -14.13 1.63 -50.97
CA ARG D 135 -15.17 2.49 -50.45
C ARG D 135 -14.92 2.76 -48.97
N GLY D 136 -15.33 3.95 -48.52
CA GLY D 136 -15.25 4.28 -47.12
C GLY D 136 -16.34 3.62 -46.33
N LEU D 137 -16.27 3.80 -45.01
CA LEU D 137 -17.27 3.25 -44.12
C LEU D 137 -18.63 3.88 -44.39
N MET D 138 -19.67 3.07 -44.30
CA MET D 138 -21.04 3.56 -44.46
C MET D 138 -21.69 3.97 -43.15
N THR D 139 -21.08 3.60 -42.01
CA THR D 139 -21.56 4.00 -40.70
C THR D 139 -20.39 4.55 -39.88
N HIS D 140 -20.58 4.71 -38.57
CA HIS D 140 -19.55 5.24 -37.68
C HIS D 140 -19.23 6.70 -38.02
N GLY D 141 -20.25 7.47 -38.37
CA GLY D 141 -20.12 8.90 -38.52
C GLY D 141 -19.36 9.37 -39.74
N SER D 142 -18.92 8.46 -40.61
CA SER D 142 -18.12 8.86 -41.75
C SER D 142 -18.95 9.68 -42.74
N LYS D 143 -18.40 10.80 -43.17
CA LYS D 143 -19.04 11.65 -44.17
C LYS D 143 -18.65 11.24 -45.58
N SER D 144 -17.43 10.74 -45.77
CA SER D 144 -16.95 10.34 -47.09
C SER D 144 -17.24 8.87 -47.29
N HIS D 145 -18.10 8.57 -48.27
CA HIS D 145 -18.49 7.19 -48.57
C HIS D 145 -17.90 6.71 -49.88
N ARG D 146 -18.15 7.42 -50.98
CA ARG D 146 -17.64 7.06 -52.30
C ARG D 146 -16.66 8.09 -52.84
N ALA D 147 -16.10 8.94 -51.98
CA ALA D 147 -15.17 9.96 -52.41
C ALA D 147 -13.78 9.37 -52.58
N LEU D 148 -12.90 10.16 -53.19
CA LEU D 148 -11.54 9.70 -53.45
C LEU D 148 -10.71 9.71 -52.17
N GLY D 149 -10.86 10.74 -51.35
CA GLY D 149 -10.00 10.93 -50.19
C GLY D 149 -8.95 11.99 -50.48
N SER D 150 -7.70 11.67 -50.17
CA SER D 150 -6.59 12.57 -50.46
C SER D 150 -6.15 12.41 -51.90
N ILE D 151 -5.71 13.52 -52.48
CA ILE D 151 -5.22 13.55 -53.86
C ILE D 151 -3.80 14.09 -53.90
N GLY D 152 -3.04 13.87 -52.83
CA GLY D 152 -1.68 14.36 -52.77
C GLY D 152 -1.15 14.31 -51.35
N ALA D 153 0.14 14.62 -51.24
CA ALA D 153 0.82 14.53 -49.96
C ALA D 153 0.59 15.80 -49.13
N GLY D 154 1.03 16.95 -49.64
CA GLY D 154 0.90 18.19 -48.89
C GLY D 154 1.71 19.31 -49.48
N THR D 155 2.44 20.03 -48.63
CA THR D 155 3.27 21.13 -49.12
C THR D 155 4.35 20.62 -50.06
N THR D 156 4.90 19.44 -49.76
CA THR D 156 5.77 18.73 -50.67
C THR D 156 4.98 17.57 -51.28
N PRO D 157 4.80 17.49 -52.60
CA PRO D 157 5.30 18.34 -53.70
C PRO D 157 4.67 19.72 -53.75
N GLY D 158 3.45 19.85 -53.24
CA GLY D 158 2.70 21.08 -53.35
C GLY D 158 1.76 21.15 -54.52
N HIS D 159 1.62 20.07 -55.28
CA HIS D 159 0.69 20.03 -56.40
C HIS D 159 0.22 18.60 -56.57
N VAL D 160 -0.85 18.43 -57.34
CA VAL D 160 -1.40 17.11 -57.62
C VAL D 160 -0.58 16.48 -58.73
N TYR D 161 -0.24 15.20 -58.55
CA TYR D 161 0.57 14.51 -59.52
C TYR D 161 -0.19 14.34 -60.84
N LYS D 162 0.55 14.35 -61.93
CA LYS D 162 -0.05 14.16 -63.24
C LYS D 162 -0.46 12.70 -63.44
N GLY D 163 -1.54 12.50 -64.17
CA GLY D 163 -2.05 11.16 -64.36
C GLY D 163 -2.68 10.54 -63.14
N LYS D 164 -3.10 11.38 -62.18
CA LYS D 164 -3.77 10.88 -60.99
C LYS D 164 -5.06 10.18 -61.38
N LYS D 165 -5.26 8.97 -60.84
CA LYS D 165 -6.46 8.20 -61.13
C LYS D 165 -7.67 8.93 -60.56
N MET D 166 -8.49 9.50 -61.44
CA MET D 166 -9.59 10.37 -61.06
C MET D 166 -10.80 10.06 -61.95
N PRO D 167 -11.99 10.59 -61.64
CA PRO D 167 -13.15 10.30 -62.47
C PRO D 167 -13.00 10.84 -63.89
N GLY D 168 -13.99 10.51 -64.70
CA GLY D 168 -13.98 10.88 -66.10
C GLY D 168 -14.81 9.90 -66.90
N ARG D 169 -14.74 10.04 -68.22
CA ARG D 169 -15.48 9.16 -69.10
C ARG D 169 -14.90 7.75 -69.02
N MET D 170 -15.78 6.76 -69.12
CA MET D 170 -15.43 5.36 -69.03
C MET D 170 -16.08 4.61 -70.19
N GLY D 171 -15.29 3.75 -70.83
CA GLY D 171 -15.79 2.98 -71.95
C GLY D 171 -15.92 3.80 -73.21
N GLY D 172 -16.46 3.16 -74.24
CA GLY D 172 -16.64 3.80 -75.53
C GLY D 172 -15.38 3.94 -76.35
N THR D 173 -14.30 3.26 -75.96
CA THR D 173 -13.01 3.33 -76.64
C THR D 173 -12.72 1.99 -77.33
N LYS D 174 -11.56 1.94 -77.98
CA LYS D 174 -11.14 0.75 -78.70
C LYS D 174 -10.36 -0.18 -77.78
N THR D 175 -10.63 -1.47 -77.90
CA THR D 175 -9.92 -2.50 -77.16
C THR D 175 -9.63 -3.66 -78.11
N LYS D 176 -8.90 -4.65 -77.61
CA LYS D 176 -8.58 -5.84 -78.39
C LYS D 176 -8.54 -7.04 -77.45
N ILE D 177 -9.29 -8.08 -77.81
CA ILE D 177 -9.30 -9.34 -77.08
C ILE D 177 -8.44 -10.33 -77.85
N ARG D 178 -7.45 -10.91 -77.16
CA ARG D 178 -6.41 -11.70 -77.81
C ARG D 178 -6.65 -13.19 -77.59
N LYS D 179 -6.31 -13.98 -78.61
CA LYS D 179 -6.28 -15.44 -78.53
C LYS D 179 -7.66 -16.00 -78.15
N LEU D 180 -8.62 -15.79 -79.05
CA LEU D 180 -9.94 -16.40 -78.97
C LEU D 180 -10.04 -17.53 -79.97
N LYS D 181 -10.54 -18.67 -79.52
CA LYS D 181 -10.61 -19.87 -80.34
C LYS D 181 -11.88 -19.86 -81.17
N ILE D 182 -11.74 -20.17 -82.46
CA ILE D 182 -12.89 -20.32 -83.35
C ILE D 182 -13.44 -21.72 -83.18
N MET D 183 -14.78 -21.81 -83.11
CA MET D 183 -15.45 -23.08 -82.86
C MET D 183 -15.97 -23.72 -84.14
N LYS D 184 -16.66 -22.96 -84.97
CA LYS D 184 -17.39 -23.52 -86.09
C LYS D 184 -17.55 -22.49 -87.19
N ILE D 185 -17.64 -22.98 -88.42
CA ILE D 185 -17.91 -22.17 -89.60
C ILE D 185 -19.25 -22.61 -90.17
N ASP D 186 -19.97 -21.66 -90.78
CA ASP D 186 -21.22 -21.96 -91.45
C ASP D 186 -21.31 -21.05 -92.68
N THR D 187 -20.92 -21.59 -93.83
CA THR D 187 -20.95 -20.84 -95.08
C THR D 187 -22.35 -20.70 -95.64
N ASP D 188 -23.30 -21.52 -95.20
CA ASP D 188 -24.67 -21.41 -95.69
C ASP D 188 -25.28 -20.09 -95.25
N LEU D 189 -25.18 -19.77 -93.97
CA LEU D 189 -25.73 -18.53 -93.43
C LEU D 189 -24.75 -17.37 -93.48
N ARG D 190 -23.50 -17.59 -93.90
CA ARG D 190 -22.48 -16.56 -93.94
C ARG D 190 -22.30 -15.95 -92.54
N VAL D 191 -21.81 -16.81 -91.65
CA VAL D 191 -21.67 -16.48 -90.23
C VAL D 191 -20.52 -17.30 -89.66
N VAL D 192 -19.93 -16.79 -88.59
CA VAL D 192 -18.79 -17.40 -87.92
C VAL D 192 -19.04 -17.40 -86.42
N MET D 193 -18.56 -18.45 -85.75
CA MET D 193 -18.77 -18.68 -84.34
C MET D 193 -17.44 -18.70 -83.61
N ILE D 194 -17.30 -17.85 -82.60
CA ILE D 194 -16.06 -17.70 -81.85
C ILE D 194 -16.35 -17.85 -80.37
N LYS D 195 -15.47 -18.57 -79.68
CA LYS D 195 -15.59 -18.74 -78.24
C LYS D 195 -15.26 -17.43 -77.53
N GLY D 196 -15.89 -17.24 -76.37
CA GLY D 196 -15.62 -16.10 -75.52
C GLY D 196 -16.48 -14.90 -75.87
N ALA D 197 -16.18 -13.80 -75.17
CA ALA D 197 -16.92 -12.56 -75.31
C ALA D 197 -16.31 -11.69 -76.39
N VAL D 198 -17.02 -10.63 -76.74
CA VAL D 198 -16.62 -9.69 -77.79
C VAL D 198 -17.00 -8.30 -77.30
N PRO D 199 -16.16 -7.26 -77.48
CA PRO D 199 -16.55 -5.93 -77.01
C PRO D 199 -17.72 -5.36 -77.79
N GLY D 200 -18.71 -4.87 -77.07
CA GLY D 200 -19.82 -4.13 -77.64
C GLY D 200 -21.10 -4.94 -77.67
N LYS D 201 -22.16 -4.26 -78.08
CA LYS D 201 -23.48 -4.83 -78.24
C LYS D 201 -23.67 -5.31 -79.68
N PRO D 202 -24.75 -6.05 -79.96
CA PRO D 202 -25.00 -6.45 -81.34
C PRO D 202 -25.15 -5.26 -82.27
N GLY D 203 -24.70 -5.43 -83.51
CA GLY D 203 -24.66 -4.37 -84.48
C GLY D 203 -23.39 -3.56 -84.49
N ASN D 204 -22.47 -3.82 -83.57
CA ASN D 204 -21.23 -3.05 -83.51
C ASN D 204 -20.21 -3.61 -84.48
N LEU D 205 -19.39 -2.72 -85.03
CA LEU D 205 -18.33 -3.10 -85.94
C LEU D 205 -17.14 -3.64 -85.16
N LEU D 206 -16.37 -4.51 -85.82
CA LEU D 206 -15.15 -5.04 -85.24
C LEU D 206 -14.25 -5.52 -86.37
N ARG D 207 -12.99 -5.78 -86.02
CA ARG D 207 -12.01 -6.35 -86.92
C ARG D 207 -11.43 -7.60 -86.29
N LEU D 208 -11.34 -8.67 -87.07
CA LEU D 208 -10.76 -9.93 -86.63
C LEU D 208 -9.64 -10.31 -87.59
N ALA D 209 -8.46 -10.54 -87.05
CA ALA D 209 -7.27 -10.85 -87.81
C ALA D 209 -6.53 -12.00 -87.12
N PRO D 210 -5.61 -12.66 -87.81
CA PRO D 210 -4.89 -13.77 -87.18
C PRO D 210 -4.12 -13.32 -85.95
N ALA D 211 -4.09 -14.20 -84.94
CA ALA D 211 -3.47 -13.87 -83.68
C ALA D 211 -1.97 -13.63 -83.86
N LYS D 212 -1.50 -12.48 -83.39
CA LYS D 212 -0.10 -12.10 -83.48
C LYS D 212 0.60 -12.44 -82.18
N ILE D 213 1.73 -13.14 -82.29
CA ILE D 213 2.55 -13.52 -81.14
C ILE D 213 3.92 -12.90 -81.34
N VAL D 214 4.59 -12.60 -80.22
CA VAL D 214 5.77 -11.73 -80.24
C VAL D 214 6.89 -12.35 -81.06
N GLY D 215 7.37 -13.52 -80.63
CA GLY D 215 8.53 -14.12 -81.26
C GLY D 215 8.25 -15.04 -82.42
N LYS D 216 6.99 -15.38 -82.67
CA LYS D 216 6.65 -16.38 -83.69
C LYS D 216 6.31 -15.73 -85.03
N ASN D 217 5.32 -14.84 -85.04
CA ASN D 217 4.77 -14.32 -86.29
C ASN D 217 5.46 -13.02 -86.72
N ILE D 218 5.38 -12.00 -85.87
CA ILE D 218 5.80 -10.65 -86.24
C ILE D 218 7.32 -10.52 -86.13
N PRO D 219 7.94 -9.54 -86.78
CA PRO D 219 9.39 -9.37 -86.64
C PRO D 219 9.74 -8.74 -85.30
N LYS D 220 10.58 -9.44 -84.54
CA LYS D 220 11.07 -8.92 -83.26
C LYS D 220 11.86 -7.64 -83.49
N ASN D 221 12.09 -6.92 -82.40
CA ASN D 221 12.86 -5.68 -82.42
C ASN D 221 13.71 -5.55 -81.16
N GLU E 1 11.17 120.58 -41.05
CA GLU E 1 12.55 121.00 -41.19
C GLU E 1 12.97 121.00 -42.66
N LEU E 2 12.92 119.82 -43.27
CA LEU E 2 13.34 119.66 -44.66
C LEU E 2 12.24 120.06 -45.63
N ILE E 3 10.99 119.74 -45.29
CA ILE E 3 9.84 120.01 -46.15
C ILE E 3 8.84 120.82 -45.35
N PRO E 4 8.93 122.16 -45.34
CA PRO E 4 7.93 122.94 -44.59
C PRO E 4 6.57 122.89 -45.28
N LEU E 5 5.55 122.63 -44.50
CA LEU E 5 4.21 122.49 -45.03
C LEU E 5 3.61 123.87 -45.29
N PRO E 6 2.93 124.09 -46.41
CA PRO E 6 2.22 125.37 -46.60
C PRO E 6 0.88 125.37 -45.90
N ILE E 7 0.45 126.56 -45.50
CA ILE E 7 -0.86 126.79 -44.90
C ILE E 7 -1.78 127.32 -45.98
N LEU E 8 -3.04 126.89 -45.95
CA LEU E 8 -4.09 127.44 -46.79
C LEU E 8 -5.19 128.03 -45.92
N ASN E 9 -5.97 128.92 -46.52
CA ASN E 9 -7.11 129.54 -45.88
C ASN E 9 -8.38 128.82 -46.31
N PHE E 10 -9.54 129.37 -45.92
CA PHE E 10 -10.81 128.77 -46.34
C PHE E 10 -10.97 128.84 -47.86
N SER E 11 -10.33 129.83 -48.49
CA SER E 11 -10.27 129.89 -49.95
C SER E 11 -9.12 129.00 -50.42
N GLY E 12 -8.78 129.09 -51.70
CA GLY E 12 -7.73 128.27 -52.28
C GLY E 12 -6.34 128.87 -52.25
N GLU E 13 -6.16 130.04 -51.65
CA GLU E 13 -4.88 130.73 -51.67
C GLU E 13 -4.01 130.33 -50.47
N LYS E 14 -2.73 130.67 -50.59
CA LYS E 14 -1.76 130.43 -49.52
C LYS E 14 -1.69 131.64 -48.60
N VAL E 15 -1.32 131.39 -47.35
CA VAL E 15 -1.08 132.45 -46.38
C VAL E 15 0.25 132.31 -45.66
N GLY E 16 0.87 131.15 -45.64
CA GLY E 16 2.14 131.00 -44.96
C GLY E 16 2.66 129.58 -45.10
N GLU E 17 3.55 129.20 -44.19
CA GLU E 17 4.11 127.86 -44.19
C GLU E 17 4.72 127.56 -42.83
N THR E 18 4.60 126.31 -42.41
CA THR E 18 5.20 125.82 -41.19
C THR E 18 5.78 124.44 -41.45
N PHE E 19 6.34 123.85 -40.39
CA PHE E 19 6.94 122.53 -40.46
C PHE E 19 6.66 121.79 -39.17
N LEU E 20 7.10 120.53 -39.12
CA LEU E 20 6.93 119.67 -37.96
C LEU E 20 8.12 118.72 -37.88
N ASN E 21 8.79 118.72 -36.73
CA ASN E 21 10.01 117.94 -36.50
C ASN E 21 9.70 116.88 -35.47
N LEU E 22 9.38 115.68 -35.94
CA LEU E 22 8.94 114.58 -35.09
C LEU E 22 10.03 113.53 -34.96
N LYS E 23 9.92 112.72 -33.92
CA LYS E 23 10.84 111.62 -33.70
C LYS E 23 10.57 110.52 -34.71
N THR E 24 11.61 110.11 -35.43
CA THR E 24 11.51 109.09 -36.46
C THR E 24 12.52 107.99 -36.18
N ALA E 25 12.07 106.74 -36.29
CA ALA E 25 12.97 105.62 -36.18
C ALA E 25 13.98 105.65 -37.33
N PRO E 26 15.16 105.05 -37.16
CA PRO E 26 16.14 105.06 -38.24
C PRO E 26 15.65 104.25 -39.44
N SER E 27 16.24 104.56 -40.59
CA SER E 27 15.86 103.90 -41.84
C SER E 27 16.14 102.41 -41.82
N GLU E 28 17.04 101.95 -40.95
CA GLU E 28 17.37 100.53 -40.90
C GLU E 28 16.23 99.70 -40.33
N THR E 29 15.35 100.32 -39.51
CA THR E 29 14.30 99.59 -38.82
C THR E 29 12.94 100.27 -38.85
N ALA E 30 12.82 101.46 -39.45
CA ALA E 30 11.53 102.14 -39.48
C ALA E 30 10.48 101.34 -40.24
N ARG E 31 10.91 100.57 -41.25
CA ARG E 31 9.99 99.73 -41.99
C ARG E 31 9.41 98.61 -41.14
N ALA E 32 10.09 98.23 -40.06
CA ALA E 32 9.65 97.13 -39.20
C ALA E 32 8.87 97.62 -37.99
N VAL E 33 9.27 98.75 -37.41
CA VAL E 33 8.59 99.27 -36.22
C VAL E 33 7.15 99.63 -36.56
N VAL E 34 6.92 100.19 -37.75
CA VAL E 34 5.57 100.51 -38.17
C VAL E 34 4.77 99.23 -38.42
N HIS E 35 5.43 98.19 -38.93
CA HIS E 35 4.76 96.95 -39.25
C HIS E 35 4.38 96.17 -37.99
N ARG E 36 5.17 96.33 -36.91
CA ARG E 36 4.80 95.70 -35.66
C ARG E 36 3.58 96.36 -35.04
N GLY E 37 3.51 97.69 -35.11
CA GLY E 37 2.36 98.41 -34.59
C GLY E 37 1.09 98.21 -35.39
N LEU E 38 1.22 97.78 -36.64
CA LEU E 38 0.05 97.57 -37.48
C LEU E 38 -0.62 96.23 -37.20
N ILE E 39 0.17 95.21 -36.90
CA ILE E 39 -0.40 93.90 -36.58
C ILE E 39 -1.24 93.99 -35.31
N THR E 40 -0.64 94.49 -34.24
CA THR E 40 -1.31 94.53 -32.95
C THR E 40 -2.59 95.36 -33.00
N HIS E 41 -2.63 96.38 -33.85
CA HIS E 41 -3.86 97.14 -34.03
C HIS E 41 -4.98 96.27 -34.57
N LEU E 42 -4.63 95.30 -35.41
CA LEU E 42 -5.61 94.40 -36.02
C LEU E 42 -5.77 93.12 -35.21
N GLN E 43 -4.69 92.59 -34.66
CA GLN E 43 -4.78 91.38 -33.87
C GLN E 43 -5.52 91.63 -32.57
N ASN E 44 -5.47 92.86 -32.05
CA ASN E 44 -6.33 93.24 -30.93
C ASN E 44 -7.77 93.50 -31.37
N LYS E 45 -7.98 93.85 -32.64
CA LYS E 45 -9.31 94.18 -33.13
C LYS E 45 -10.14 92.93 -33.40
N ARG E 46 -9.51 91.85 -33.84
CA ARG E 46 -10.27 90.66 -34.22
C ARG E 46 -10.94 90.04 -33.01
N ARG E 47 -12.02 89.32 -33.28
CA ARG E 47 -12.91 88.79 -32.25
C ARG E 47 -12.91 87.27 -32.34
N GLY E 48 -12.65 86.62 -31.21
CA GLY E 48 -12.57 85.17 -31.17
C GLY E 48 -13.93 84.52 -31.12
N THR E 49 -14.63 84.51 -32.25
CA THR E 49 -15.98 83.97 -32.35
C THR E 49 -16.02 82.56 -32.90
N ALA E 50 -14.91 82.04 -33.44
CA ALA E 50 -14.90 80.69 -33.97
C ALA E 50 -14.95 79.68 -32.84
N SER E 51 -15.82 78.68 -32.97
CA SER E 51 -15.96 77.66 -31.96
C SER E 51 -16.46 76.37 -32.60
N THR E 52 -16.06 75.26 -32.01
CA THR E 52 -16.49 73.93 -32.44
C THR E 52 -16.78 73.11 -31.19
N LEU E 53 -16.99 71.81 -31.37
CA LEU E 53 -17.33 70.90 -30.29
C LEU E 53 -16.41 69.69 -30.34
N THR E 54 -15.90 69.31 -29.18
CA THR E 54 -15.09 68.11 -29.03
C THR E 54 -15.98 66.91 -28.76
N ARG E 55 -15.36 65.73 -28.79
CA ARG E 55 -16.11 64.48 -28.64
C ARG E 55 -16.85 64.39 -27.31
N ALA E 56 -16.41 65.14 -26.30
CA ALA E 56 -17.13 65.19 -25.04
C ALA E 56 -18.31 66.14 -25.07
N GLU E 57 -18.24 67.20 -25.86
CA GLU E 57 -19.30 68.19 -25.95
C GLU E 57 -20.37 67.84 -26.98
N VAL E 58 -20.02 67.05 -28.00
CA VAL E 58 -20.99 66.61 -28.99
C VAL E 58 -22.01 65.71 -28.32
N ARG E 59 -23.26 65.80 -28.76
CA ARG E 59 -24.33 65.04 -28.16
C ARG E 59 -24.22 63.57 -28.55
N GLY E 60 -24.54 62.70 -27.60
CA GLY E 60 -24.53 61.27 -27.82
C GLY E 60 -23.26 60.60 -27.34
N GLY E 61 -22.90 59.50 -27.98
CA GLY E 61 -21.71 58.77 -27.59
C GLY E 61 -21.87 58.12 -26.23
N GLY E 62 -20.74 57.89 -25.58
CA GLY E 62 -20.72 57.28 -24.26
C GLY E 62 -20.74 55.78 -24.27
N ARG E 63 -21.66 55.19 -25.04
CA ARG E 63 -21.80 53.75 -25.11
C ARG E 63 -20.80 53.15 -26.08
N LYS E 64 -20.31 51.97 -25.75
CA LYS E 64 -19.48 51.20 -26.67
C LYS E 64 -20.40 50.48 -27.66
N PRO E 65 -20.34 50.78 -28.96
CA PRO E 65 -21.38 50.22 -29.87
C PRO E 65 -21.36 48.70 -29.95
N TYR E 66 -20.19 48.10 -30.07
CA TYR E 66 -20.05 46.66 -30.25
C TYR E 66 -18.77 46.23 -29.56
N PRO E 67 -18.66 44.98 -29.13
CA PRO E 67 -17.54 44.59 -28.26
C PRO E 67 -16.20 44.70 -28.95
N GLN E 68 -15.16 44.53 -28.14
CA GLN E 68 -13.80 44.78 -28.59
C GLN E 68 -13.31 43.70 -29.56
N LYS E 69 -13.88 42.50 -29.50
CA LYS E 69 -13.36 41.35 -30.23
C LYS E 69 -14.53 40.53 -30.78
N LYS E 70 -14.17 39.44 -31.49
CA LYS E 70 -15.14 38.55 -32.12
C LYS E 70 -16.02 39.29 -33.12
N THR E 71 -15.43 40.30 -33.78
CA THR E 71 -16.10 41.04 -34.84
C THR E 71 -15.05 41.41 -35.87
N GLY E 72 -15.29 41.04 -37.12
CA GLY E 72 -14.35 41.33 -38.19
C GLY E 72 -14.40 42.77 -38.65
N ARG E 73 -14.05 43.70 -37.76
CA ARG E 73 -14.07 45.11 -38.09
C ARG E 73 -13.17 45.86 -37.12
N ALA E 74 -12.80 47.07 -37.51
CA ALA E 74 -11.90 47.88 -36.70
C ALA E 74 -12.58 48.26 -35.39
N ARG E 75 -11.80 48.28 -34.32
CA ARG E 75 -12.30 48.60 -33.00
C ARG E 75 -12.95 49.99 -32.98
N ARG E 76 -13.81 50.22 -31.99
CA ARG E 76 -14.51 51.47 -31.86
C ARG E 76 -14.86 51.69 -30.40
N GLY E 77 -14.90 52.95 -29.98
CA GLY E 77 -15.19 53.33 -28.61
C GLY E 77 -16.45 54.15 -28.48
N SER E 78 -16.79 54.91 -29.51
CA SER E 78 -17.99 55.73 -29.49
C SER E 78 -18.32 56.17 -30.91
N GLN E 79 -19.61 56.22 -31.22
CA GLN E 79 -20.04 56.68 -32.53
C GLN E 79 -19.64 58.13 -32.77
N ARG E 80 -19.60 58.94 -31.72
CA ARG E 80 -19.26 60.35 -31.84
C ARG E 80 -17.76 60.57 -31.69
N SER E 81 -16.99 59.83 -32.46
CA SER E 81 -15.54 59.94 -32.54
C SER E 81 -15.16 60.86 -33.70
N PRO E 82 -13.99 61.49 -33.67
CA PRO E 82 -13.61 62.35 -34.81
C PRO E 82 -13.45 61.61 -36.11
N LEU E 83 -13.24 60.29 -36.07
CA LEU E 83 -13.04 59.49 -37.27
C LEU E 83 -14.35 58.99 -37.86
N ARG E 84 -15.47 59.62 -37.53
CA ARG E 84 -16.77 59.30 -38.10
C ARG E 84 -17.50 60.62 -38.32
N PRO E 85 -18.33 60.73 -39.35
CA PRO E 85 -19.09 61.98 -39.54
C PRO E 85 -20.02 62.26 -38.36
N GLY E 86 -20.31 63.54 -38.16
CA GLY E 86 -21.13 63.94 -37.04
C GLY E 86 -20.48 63.78 -35.69
N GLY E 87 -19.15 63.62 -35.66
CA GLY E 87 -18.43 63.39 -34.44
C GLY E 87 -17.69 64.63 -33.96
N GLY E 88 -16.80 64.41 -33.00
CA GLY E 88 -16.02 65.49 -32.43
C GLY E 88 -15.06 66.09 -33.43
N VAL E 89 -14.30 67.06 -32.94
CA VAL E 89 -13.30 67.78 -33.72
C VAL E 89 -12.00 67.77 -32.95
N ILE E 90 -10.91 67.42 -33.62
CA ILE E 90 -9.61 67.31 -33.00
C ILE E 90 -8.91 68.66 -33.15
N PHE E 91 -8.69 69.34 -32.03
CA PHE E 91 -7.90 70.57 -32.00
C PHE E 91 -8.54 71.65 -32.86
N GLY E 92 -9.86 71.75 -32.79
CA GLY E 92 -10.57 72.76 -33.51
C GLY E 92 -10.52 74.09 -32.79
N PRO E 93 -11.03 75.13 -33.45
CA PRO E 93 -10.98 76.47 -32.86
C PRO E 93 -11.97 76.61 -31.71
N LYS E 94 -11.61 77.48 -30.78
CA LYS E 94 -12.44 77.85 -29.65
C LYS E 94 -12.41 79.36 -29.52
N PRO E 95 -13.31 79.94 -28.71
CA PRO E 95 -13.24 81.39 -28.47
C PRO E 95 -11.93 81.81 -27.85
N ARG E 96 -11.15 82.59 -28.57
CA ARG E 96 -9.80 82.96 -28.19
C ARG E 96 -9.72 84.45 -27.88
N ASP E 97 -8.82 84.80 -26.96
CA ASP E 97 -8.46 86.19 -26.68
C ASP E 97 -7.17 86.46 -27.45
N TRP E 98 -7.30 87.09 -28.61
CA TRP E 98 -6.17 87.38 -29.48
C TRP E 98 -5.31 88.53 -29.00
N THR E 99 -5.66 89.18 -27.89
CA THR E 99 -4.99 90.40 -27.50
C THR E 99 -3.54 90.13 -27.10
N ILE E 100 -2.63 90.97 -27.60
CA ILE E 100 -1.22 90.93 -27.24
C ILE E 100 -0.85 92.28 -26.63
N LYS E 101 0.42 92.42 -26.25
CA LYS E 101 0.92 93.64 -25.63
C LYS E 101 2.09 94.18 -26.45
N MET E 102 2.17 95.51 -26.49
CA MET E 102 3.25 96.21 -27.17
C MET E 102 3.58 97.46 -26.35
N ASN E 103 4.86 97.74 -26.21
CA ASN E 103 5.30 98.85 -25.38
C ASN E 103 4.78 100.17 -25.95
N LYS E 104 4.54 101.12 -25.05
CA LYS E 104 3.98 102.41 -25.46
C LYS E 104 4.92 103.15 -26.38
N LYS E 105 6.19 103.24 -26.01
CA LYS E 105 7.15 104.02 -26.79
C LYS E 105 7.35 103.43 -28.18
N GLU E 106 7.15 102.12 -28.33
CA GLU E 106 7.18 101.53 -29.67
C GLU E 106 5.95 101.94 -30.47
N ARG E 107 4.77 101.84 -29.85
CA ARG E 107 3.55 102.25 -30.52
C ARG E 107 3.53 103.75 -30.79
N ARG E 108 4.11 104.54 -29.89
CA ARG E 108 4.19 105.98 -30.11
C ARG E 108 5.23 106.30 -31.18
N LEU E 109 6.35 105.60 -31.19
CA LEU E 109 7.36 105.81 -32.21
C LEU E 109 6.83 105.40 -33.58
N ALA E 110 6.09 104.30 -33.64
CA ALA E 110 5.52 103.86 -34.91
C ALA E 110 4.53 104.88 -35.45
N LEU E 111 3.84 105.59 -34.55
CA LEU E 111 2.89 106.60 -34.97
C LEU E 111 3.59 107.88 -35.43
N SER E 112 4.70 108.24 -34.79
CA SER E 112 5.40 109.47 -35.15
C SER E 112 6.04 109.35 -36.53
N THR E 113 6.83 108.29 -36.74
CA THR E 113 7.54 108.12 -38.00
C THR E 113 6.59 107.95 -39.18
N ALA E 114 5.37 107.47 -38.94
CA ALA E 114 4.39 107.37 -40.01
C ALA E 114 3.97 108.75 -40.48
N ILE E 115 3.65 109.65 -39.55
CA ILE E 115 3.25 111.00 -39.92
C ILE E 115 4.41 111.77 -40.50
N ALA E 116 5.63 111.53 -40.00
CA ALA E 116 6.81 112.19 -40.55
C ALA E 116 7.12 111.77 -41.98
N SER E 117 6.53 110.66 -42.45
CA SER E 117 6.70 110.22 -43.82
C SER E 117 5.68 110.82 -44.77
N ALA E 118 4.52 111.23 -44.27
CA ALA E 118 3.46 111.80 -45.09
C ALA E 118 3.59 113.31 -45.25
N VAL E 119 4.77 113.87 -44.99
CA VAL E 119 4.94 115.31 -45.07
C VAL E 119 4.84 115.78 -46.52
N GLY E 120 5.39 115.00 -47.46
CA GLY E 120 5.35 115.37 -48.86
C GLY E 120 3.96 115.36 -49.46
N ASN E 121 3.01 114.66 -48.82
CA ASN E 121 1.64 114.57 -49.31
C ASN E 121 0.68 115.08 -48.24
N SER E 122 1.02 116.22 -47.63
CA SER E 122 0.18 116.80 -46.61
C SER E 122 0.38 118.31 -46.62
N PHE E 123 -0.44 119.00 -45.83
CA PHE E 123 -0.36 120.45 -45.71
C PHE E 123 -1.22 120.87 -44.52
N VAL E 124 -1.37 122.18 -44.35
CA VAL E 124 -2.05 122.78 -43.21
C VAL E 124 -3.15 123.70 -43.72
N VAL E 125 -4.20 123.84 -42.92
CA VAL E 125 -5.29 124.76 -43.21
C VAL E 125 -5.62 125.57 -41.96
N GLU E 126 -6.35 126.66 -42.17
CA GLU E 126 -6.83 127.48 -41.09
C GLU E 126 -8.17 126.94 -40.58
N GLU E 127 -8.65 127.53 -39.49
CA GLU E 127 -9.92 127.13 -38.93
C GLU E 127 -11.06 127.54 -39.87
N PHE E 128 -12.12 126.73 -39.87
CA PHE E 128 -13.29 126.99 -40.70
C PHE E 128 -14.59 126.66 -39.98
N ALA E 129 -14.58 126.56 -38.64
CA ALA E 129 -15.77 126.16 -37.91
C ALA E 129 -16.88 127.21 -38.03
N GLU E 130 -16.52 128.48 -38.15
CA GLU E 130 -17.52 129.53 -38.26
C GLU E 130 -18.12 129.64 -39.65
N ASN E 131 -17.44 129.12 -40.67
CA ASN E 131 -17.94 129.18 -42.03
C ASN E 131 -19.10 128.23 -42.29
N PHE E 132 -19.40 127.31 -41.36
CA PHE E 132 -20.52 126.38 -41.47
C PHE E 132 -21.48 126.69 -40.33
N GLU E 133 -22.45 127.55 -40.61
CA GLU E 133 -23.51 127.82 -39.64
C GLU E 133 -24.48 126.66 -39.51
N LYS E 134 -24.55 125.79 -40.51
CA LYS E 134 -25.42 124.62 -40.48
C LYS E 134 -24.73 123.50 -41.25
N PRO E 135 -25.06 122.25 -40.96
CA PRO E 135 -24.39 121.14 -41.68
C PRO E 135 -24.84 121.10 -43.14
N LYS E 136 -23.87 120.97 -44.03
CA LYS E 136 -24.15 120.89 -45.46
C LYS E 136 -22.98 120.19 -46.14
N THR E 137 -23.20 118.97 -46.61
CA THR E 137 -22.14 118.21 -47.25
C THR E 137 -21.72 118.84 -48.57
N LYS E 138 -22.63 119.56 -49.23
CA LYS E 138 -22.31 120.14 -50.53
C LYS E 138 -21.25 121.21 -50.41
N ASP E 139 -21.35 122.08 -49.41
CA ASP E 139 -20.34 123.11 -49.20
C ASP E 139 -19.04 122.51 -48.70
N PHE E 140 -19.12 121.44 -47.90
CA PHE E 140 -17.91 120.80 -47.39
C PHE E 140 -17.10 120.20 -48.54
N ILE E 141 -17.77 119.65 -49.55
CA ILE E 141 -17.07 119.08 -50.68
C ILE E 141 -16.44 120.18 -51.52
N ALA E 142 -17.15 121.31 -51.68
CA ALA E 142 -16.60 122.41 -52.44
C ALA E 142 -15.34 122.97 -51.80
N ALA E 143 -15.26 122.94 -50.47
CA ALA E 143 -14.07 123.42 -49.78
C ALA E 143 -12.87 122.52 -50.07
N MET E 144 -13.10 121.21 -50.13
CA MET E 144 -12.02 120.29 -50.44
C MET E 144 -11.55 120.47 -51.87
N GLN E 145 -12.46 120.75 -52.79
CA GLN E 145 -12.08 120.99 -54.18
C GLN E 145 -11.26 122.27 -54.30
N ARG E 146 -11.63 123.31 -53.54
CA ARG E 146 -10.88 124.56 -53.58
C ARG E 146 -9.54 124.45 -52.87
N TRP E 147 -9.40 123.51 -51.94
CA TRP E 147 -8.12 123.26 -51.28
C TRP E 147 -7.23 122.31 -52.05
N GLY E 148 -7.73 121.69 -53.12
CA GLY E 148 -6.93 120.83 -53.97
C GLY E 148 -7.08 119.36 -53.72
N LEU E 149 -8.22 118.91 -53.18
CA LEU E 149 -8.47 117.51 -52.89
C LEU E 149 -9.44 116.92 -53.90
N ASP E 150 -9.54 115.59 -53.86
CA ASP E 150 -10.51 114.83 -54.66
C ASP E 150 -11.33 113.98 -53.71
N PRO E 151 -12.66 114.10 -53.65
CA PRO E 151 -13.43 113.22 -52.76
C PRO E 151 -13.36 111.75 -53.15
N ALA E 152 -12.96 111.43 -54.37
CA ALA E 152 -12.87 110.05 -54.78
C ALA E 152 -11.80 109.28 -54.01
N GLU E 153 -10.68 109.93 -53.72
CA GLU E 153 -9.58 109.30 -53.02
C GLU E 153 -9.72 109.50 -51.51
N LYS E 154 -8.89 108.78 -50.76
CA LYS E 154 -8.91 108.86 -49.31
C LYS E 154 -8.21 110.13 -48.83
N SER E 155 -8.57 110.56 -47.64
CA SER E 155 -8.00 111.78 -47.06
C SER E 155 -8.19 111.73 -45.55
N LEU E 156 -7.66 112.75 -44.87
CA LEU E 156 -7.65 112.78 -43.41
C LEU E 156 -7.59 114.22 -42.94
N PHE E 157 -8.50 114.58 -42.04
CA PHE E 157 -8.48 115.86 -41.35
C PHE E 157 -8.28 115.60 -39.86
N PHE E 158 -7.20 116.14 -39.31
CA PHE E 158 -6.89 116.04 -37.89
C PHE E 158 -6.99 117.42 -37.29
N LEU E 159 -7.81 117.56 -36.23
CA LEU E 159 -8.11 118.84 -35.63
C LEU E 159 -8.27 118.66 -34.13
N MET E 160 -8.37 119.79 -33.42
CA MET E 160 -8.54 119.76 -31.97
C MET E 160 -9.91 119.19 -31.60
N ASP E 161 -10.98 119.84 -32.05
CA ASP E 161 -12.34 119.49 -31.67
C ASP E 161 -13.23 119.57 -32.89
N LEU E 162 -14.06 118.54 -33.08
CA LEU E 162 -14.99 118.46 -34.21
C LEU E 162 -16.35 118.97 -33.73
N VAL E 163 -16.66 120.22 -34.08
CA VAL E 163 -17.95 120.81 -33.72
C VAL E 163 -19.06 120.08 -34.43
N GLU E 164 -20.30 120.31 -33.97
CA GLU E 164 -21.44 119.54 -34.48
C GLU E 164 -21.71 119.84 -35.95
N ASN E 165 -21.68 121.11 -36.35
CA ASN E 165 -22.01 121.47 -37.72
C ASN E 165 -20.99 120.90 -38.71
N VAL E 166 -19.74 120.74 -38.29
CA VAL E 166 -18.70 120.28 -39.20
C VAL E 166 -18.68 118.76 -39.28
N GLU E 167 -18.82 118.08 -38.15
CA GLU E 167 -18.73 116.62 -38.16
C GLU E 167 -19.90 115.98 -38.89
N LYS E 168 -21.07 116.63 -38.88
CA LYS E 168 -22.20 116.13 -39.66
C LYS E 168 -22.01 116.35 -41.16
N SER E 169 -21.17 117.31 -41.54
CA SER E 169 -20.95 117.60 -42.96
C SER E 169 -19.97 116.63 -43.62
N GLY E 170 -19.30 115.78 -42.84
CA GLY E 170 -18.43 114.74 -43.38
C GLY E 170 -18.75 113.36 -42.85
N ARG E 171 -19.84 113.24 -42.08
CA ARG E 171 -20.22 111.94 -41.54
C ARG E 171 -20.71 110.99 -42.64
N ASN E 172 -21.29 111.54 -43.70
CA ASN E 172 -21.87 110.72 -44.75
C ASN E 172 -20.83 110.23 -45.75
N ILE E 173 -19.77 111.00 -45.97
CA ILE E 173 -18.73 110.62 -46.93
C ILE E 173 -17.99 109.40 -46.40
N ARG E 174 -17.62 108.51 -47.32
CA ARG E 174 -16.92 107.28 -46.95
C ARG E 174 -15.41 107.48 -46.92
N THR E 175 -14.87 108.16 -47.93
CA THR E 175 -13.42 108.33 -48.03
C THR E 175 -12.91 109.25 -46.94
N LEU E 176 -13.38 110.49 -46.92
CA LEU E 176 -13.01 111.45 -45.90
C LEU E 176 -13.29 110.90 -44.51
N LYS E 177 -12.32 111.06 -43.61
CA LYS E 177 -12.46 110.65 -42.22
C LYS E 177 -11.92 111.76 -41.33
N LEU E 178 -12.73 112.18 -40.36
CA LEU E 178 -12.37 113.24 -39.43
C LEU E 178 -11.81 112.59 -38.18
N LEU E 179 -10.88 113.29 -37.52
CA LEU E 179 -10.20 112.74 -36.36
C LEU E 179 -9.99 113.82 -35.31
N THR E 180 -9.66 113.35 -34.10
CA THR E 180 -9.36 114.18 -32.95
C THR E 180 -8.15 113.55 -32.26
N PRO E 181 -7.55 114.21 -31.27
CA PRO E 181 -6.43 113.57 -30.55
C PRO E 181 -6.82 112.28 -29.85
N ARG E 182 -8.10 112.12 -29.51
CA ARG E 182 -8.56 110.88 -28.89
C ARG E 182 -8.79 109.77 -29.90
N SER E 183 -9.29 110.12 -31.09
CA SER E 183 -9.59 109.15 -32.13
C SER E 183 -8.42 108.92 -33.08
N LEU E 184 -7.24 109.46 -32.77
CA LEU E 184 -6.11 109.33 -33.66
C LEU E 184 -5.51 107.93 -33.54
N ASN E 185 -5.34 107.27 -34.68
CA ASN E 185 -4.87 105.90 -34.73
C ASN E 185 -3.81 105.76 -35.82
N LEU E 186 -3.17 104.59 -35.83
CA LEU E 186 -2.14 104.30 -36.83
C LEU E 186 -2.75 103.84 -38.14
N PHE E 187 -3.90 103.16 -38.08
CA PHE E 187 -4.49 102.57 -39.28
C PHE E 187 -4.89 103.64 -40.29
N ASP E 188 -5.45 104.75 -39.81
CA ASP E 188 -5.96 105.78 -40.71
C ASP E 188 -4.83 106.56 -41.38
N VAL E 189 -3.71 106.73 -40.68
CA VAL E 189 -2.63 107.56 -41.22
C VAL E 189 -2.03 106.92 -42.46
N LEU E 190 -1.77 105.62 -42.42
CA LEU E 190 -1.15 104.93 -43.54
C LEU E 190 -2.12 104.69 -44.69
N ASN E 191 -3.43 104.63 -44.40
CA ASN E 191 -4.41 104.37 -45.45
C ASN E 191 -4.71 105.63 -46.25
N ALA E 192 -4.70 106.80 -45.60
CA ALA E 192 -5.06 108.03 -46.27
C ALA E 192 -4.03 108.43 -47.31
N GLU E 193 -4.51 109.02 -48.40
CA GLU E 193 -3.64 109.48 -49.47
C GLU E 193 -3.06 110.85 -49.18
N LYS E 194 -3.83 111.71 -48.54
CA LYS E 194 -3.38 113.07 -48.21
C LYS E 194 -3.91 113.45 -46.84
N LEU E 195 -3.03 114.08 -46.06
CA LEU E 195 -3.35 114.53 -44.71
C LEU E 195 -3.50 116.04 -44.67
N VAL E 196 -4.20 116.51 -43.64
CA VAL E 196 -4.42 117.93 -43.42
C VAL E 196 -4.30 118.21 -41.94
N PHE E 197 -3.78 119.37 -41.58
CA PHE E 197 -3.57 119.78 -40.21
C PHE E 197 -3.98 121.23 -40.04
N THR E 198 -3.94 121.68 -38.79
CA THR E 198 -4.17 123.07 -38.43
C THR E 198 -3.06 123.53 -37.49
N GLU E 199 -3.01 124.85 -37.27
CA GLU E 199 -1.95 125.43 -36.45
C GLU E 199 -1.98 124.90 -35.02
N GLY E 200 -3.14 124.46 -34.52
CA GLY E 200 -3.21 123.90 -33.19
C GLY E 200 -2.67 122.49 -33.10
N THR E 201 -2.84 121.70 -34.16
CA THR E 201 -2.36 120.33 -34.14
C THR E 201 -0.85 120.25 -34.32
N ILE E 202 -0.27 121.13 -35.15
CA ILE E 202 1.17 121.14 -35.31
C ILE E 202 1.85 121.48 -33.99
N GLN E 203 1.21 122.32 -33.18
CA GLN E 203 1.74 122.62 -31.85
C GLN E 203 1.55 121.44 -30.92
N TYR E 204 0.36 120.83 -30.94
CA TYR E 204 0.10 119.68 -30.08
C TYR E 204 0.91 118.47 -30.51
N LEU E 205 1.15 118.32 -31.81
CA LEU E 205 1.83 117.13 -32.31
C LEU E 205 3.34 117.21 -32.07
N ASN E 206 3.91 118.41 -32.10
CA ASN E 206 5.35 118.55 -31.91
C ASN E 206 5.74 118.34 -30.45
N GLN E 207 4.90 118.80 -29.52
CA GLN E 207 5.24 118.68 -28.10
C GLN E 207 5.07 117.26 -27.60
N ARG E 208 4.07 116.53 -28.10
CA ARG E 208 3.88 115.14 -27.68
C ARG E 208 4.88 114.20 -28.34
N TYR E 209 5.40 114.57 -29.52
CA TYR E 209 6.32 113.74 -30.29
C TYR E 209 7.54 114.56 -30.69
N GLY E 210 8.10 115.31 -29.76
CA GLY E 210 9.27 116.11 -30.04
C GLY E 210 10.49 115.26 -30.32
N VAL E 211 11.61 115.95 -30.54
CA VAL E 211 12.89 115.34 -30.86
C VAL E 211 13.97 115.73 -29.86
N ASP E 212 13.59 116.34 -28.74
CA ASP E 212 14.58 116.74 -27.73
C ASP E 212 15.09 115.55 -26.93
N GLU F 1 92.92 21.39 48.83
CA GLU F 1 92.99 22.32 49.96
C GLU F 1 92.94 23.76 49.47
N THR F 2 93.52 24.00 48.29
CA THR F 2 93.53 25.33 47.71
C THR F 2 92.11 25.80 47.41
N ILE F 3 92.00 27.08 47.04
CA ILE F 3 90.68 27.69 46.83
C ILE F 3 90.05 27.14 45.57
N ASN F 4 90.69 27.37 44.42
CA ASN F 4 90.20 26.95 43.11
C ASN F 4 91.20 25.97 42.53
N ARG F 5 90.80 24.70 42.43
CA ARG F 5 91.69 23.66 41.93
C ARG F 5 91.72 23.64 40.41
N LEU F 6 90.54 23.53 39.79
CA LEU F 6 90.48 23.37 38.34
C LEU F 6 91.01 24.60 37.62
N LYS F 7 90.67 25.80 38.11
CA LYS F 7 91.13 27.02 37.45
C LYS F 7 92.64 27.14 37.52
N THR F 8 93.23 26.79 38.65
CA THR F 8 94.68 26.84 38.79
C THR F 8 95.35 25.63 38.14
N ASN F 9 94.78 24.44 38.32
CA ASN F 9 95.35 23.24 37.73
C ASN F 9 95.29 23.28 36.21
N TYR F 10 94.27 23.94 35.65
CA TYR F 10 94.14 24.00 34.20
C TYR F 10 95.22 24.86 33.57
N ILE F 11 95.31 26.12 34.01
CA ILE F 11 96.20 27.07 33.35
C ILE F 11 97.65 26.70 33.52
N GLU F 12 98.01 26.08 34.64
CA GLU F 12 99.41 25.80 34.96
C GLU F 12 99.86 24.45 34.42
N LYS F 13 99.08 23.40 34.65
CA LYS F 13 99.49 22.03 34.35
C LYS F 13 98.90 21.51 33.05
N MET F 14 97.61 21.74 32.80
CA MET F 14 96.94 21.09 31.68
C MET F 14 97.31 21.71 30.35
N VAL F 15 97.38 23.05 30.26
CA VAL F 15 97.63 23.70 28.98
C VAL F 15 99.00 23.34 28.43
N PRO F 16 100.09 23.33 29.22
CA PRO F 16 101.34 22.77 28.69
C PRO F 16 101.24 21.30 28.36
N LEU F 17 100.37 20.56 29.06
CA LEU F 17 100.27 19.12 28.85
C LEU F 17 99.43 18.80 27.62
N LEU F 18 98.29 19.46 27.46
CA LEU F 18 97.43 19.19 26.32
C LEU F 18 98.00 19.74 25.02
N LYS F 19 98.77 20.83 25.10
CA LYS F 19 99.42 21.35 23.91
C LYS F 19 100.43 20.36 23.35
N GLU F 20 101.18 19.71 24.24
CA GLU F 20 102.15 18.70 23.80
C GLU F 20 101.47 17.47 23.22
N GLU F 21 100.21 17.22 23.57
CA GLU F 21 99.52 16.03 23.07
C GLU F 21 99.27 16.14 21.57
N PHE F 22 98.72 17.28 21.13
CA PHE F 22 98.34 17.48 19.74
C PHE F 22 99.30 18.41 18.99
N SER F 23 100.22 19.07 19.68
CA SER F 23 101.23 19.92 19.06
C SER F 23 100.58 21.05 18.25
N TYR F 24 99.84 21.90 18.96
CA TYR F 24 99.23 23.08 18.34
C TYR F 24 100.28 24.14 18.12
N SER F 25 100.18 24.83 16.97
CA SER F 25 101.13 25.88 16.64
C SER F 25 100.94 27.14 17.47
N ASN F 26 99.84 27.26 18.19
CA ASN F 26 99.57 28.42 19.02
C ASN F 26 98.89 27.97 20.31
N ILE F 27 99.05 28.78 21.36
CA ILE F 27 98.47 28.45 22.64
C ILE F 27 96.97 28.70 22.64
N LEU F 28 96.51 29.66 21.84
CA LEU F 28 95.08 29.97 21.77
C LEU F 28 94.27 28.89 21.07
N GLU F 29 94.91 27.98 20.33
CA GLU F 29 94.20 26.88 19.70
C GLU F 29 93.75 25.82 20.70
N VAL F 30 94.15 25.92 21.96
CA VAL F 30 93.76 24.92 22.96
C VAL F 30 92.26 25.02 23.20
N PRO F 31 91.55 23.91 23.44
CA PRO F 31 90.15 24.01 23.81
C PRO F 31 89.98 24.33 25.30
N LYS F 32 88.78 24.79 25.62
CA LYS F 32 88.45 25.11 27.01
C LYS F 32 86.94 25.06 27.18
N VAL F 33 86.52 24.89 28.43
CA VAL F 33 85.11 24.78 28.74
C VAL F 33 84.48 26.18 28.68
N VAL F 34 83.43 26.32 27.89
CA VAL F 34 82.72 27.58 27.76
C VAL F 34 81.63 27.71 28.81
N LYS F 35 80.78 26.70 28.92
CA LYS F 35 79.64 26.77 29.83
C LYS F 35 79.17 25.35 30.14
N ILE F 36 78.24 25.27 31.10
CA ILE F 36 77.59 24.02 31.46
C ILE F 36 76.11 24.34 31.61
N VAL F 37 75.29 23.85 30.69
CA VAL F 37 73.86 24.08 30.70
C VAL F 37 73.19 22.88 31.35
N VAL F 38 72.48 23.12 32.45
CA VAL F 38 71.82 22.07 33.22
C VAL F 38 70.33 22.18 32.99
N ASN F 39 69.77 21.23 32.26
CA ASN F 39 68.35 21.21 31.93
C ASN F 39 67.61 20.23 32.83
N CYS F 40 66.32 20.49 33.03
CA CYS F 40 65.46 19.59 33.79
C CYS F 40 64.04 19.79 33.28
N GLY F 41 63.58 18.86 32.44
CA GLY F 41 62.28 18.99 31.79
C GLY F 41 61.19 18.28 32.58
N ILE F 42 60.07 18.96 32.77
CA ILE F 42 58.90 18.41 33.44
C ILE F 42 57.68 18.80 32.61
N GLY F 43 57.01 17.80 32.04
CA GLY F 43 55.82 18.07 31.24
C GLY F 43 54.63 18.50 32.07
N ASP F 44 54.53 18.00 33.30
CA ASP F 44 53.42 18.30 34.20
C ASP F 44 53.70 19.51 35.08
N ALA F 45 54.61 20.39 34.66
CA ALA F 45 54.91 21.58 35.45
C ALA F 45 53.75 22.57 35.44
N SER F 46 52.93 22.54 34.39
CA SER F 46 51.80 23.47 34.30
C SER F 46 50.71 23.16 35.32
N GLN F 47 50.69 21.94 35.88
CA GLN F 47 49.62 21.56 36.80
C GLN F 47 49.82 22.19 38.17
N ASN F 48 50.93 21.85 38.82
CA ASN F 48 51.19 22.26 40.20
C ASN F 48 52.18 23.42 40.26
N ALA F 49 52.09 24.17 41.35
CA ALA F 49 53.04 25.24 41.65
C ALA F 49 54.02 24.88 42.75
N LYS F 50 53.61 24.03 43.70
CA LYS F 50 54.52 23.62 44.76
C LYS F 50 55.65 22.76 44.20
N GLY F 51 55.31 21.78 43.38
CA GLY F 51 56.34 20.97 42.75
C GLY F 51 57.24 21.78 41.82
N LEU F 52 56.70 22.85 41.25
CA LEU F 52 57.50 23.76 40.42
C LEU F 52 58.37 24.66 41.29
N ASP F 53 57.75 25.39 42.22
CA ASP F 53 58.49 26.34 43.05
C ASP F 53 59.51 25.64 43.93
N ALA F 54 59.27 24.36 44.26
CA ALA F 54 60.21 23.64 45.12
C ALA F 54 61.41 23.14 44.32
N ALA F 55 61.16 22.49 43.17
CA ALA F 55 62.24 21.96 42.36
C ALA F 55 63.17 23.05 41.85
N ILE F 56 62.63 24.26 41.64
CA ILE F 56 63.47 25.38 41.22
C ILE F 56 64.47 25.73 42.31
N ASN F 57 64.10 25.55 43.58
CA ASN F 57 65.02 25.79 44.68
C ASN F 57 65.98 24.63 44.88
N GLU F 58 65.57 23.41 44.53
CA GLU F 58 66.44 22.26 44.70
C GLU F 58 67.68 22.38 43.83
N LEU F 59 67.50 22.75 42.57
CA LEU F 59 68.65 22.90 41.67
C LEU F 59 69.49 24.11 42.04
N ALA F 60 68.85 25.17 42.57
CA ALA F 60 69.57 26.38 42.91
C ALA F 60 70.64 26.12 43.96
N LEU F 61 70.31 25.32 44.97
CA LEU F 61 71.30 24.97 45.98
C LEU F 61 72.41 24.11 45.40
N ILE F 62 72.08 23.27 44.43
CA ILE F 62 73.09 22.44 43.79
C ILE F 62 74.05 23.29 42.97
N THR F 63 73.57 24.39 42.40
CA THR F 63 74.34 25.23 41.50
C THR F 63 74.71 26.59 42.08
N GLY F 64 74.03 27.04 43.12
CA GLY F 64 74.24 28.40 43.61
C GLY F 64 73.77 29.46 42.64
N GLN F 65 72.67 29.23 41.94
CA GLN F 65 72.19 30.13 40.90
C GLN F 65 70.77 29.72 40.54
N ARG F 66 69.89 30.72 40.37
CA ARG F 66 68.50 30.41 40.12
C ARG F 66 68.32 29.70 38.78
N PRO F 67 67.43 28.71 38.68
CA PRO F 67 67.02 28.22 37.36
C PRO F 67 66.19 29.24 36.61
N VAL F 68 65.70 28.84 35.44
CA VAL F 68 64.86 29.70 34.59
C VAL F 68 63.68 28.86 34.10
N LYS F 69 62.49 29.44 34.17
CA LYS F 69 61.28 28.78 33.68
C LYS F 69 61.28 28.81 32.16
N THR F 70 61.72 27.73 31.53
CA THR F 70 61.82 27.66 30.08
C THR F 70 60.46 27.38 29.47
N LYS F 71 60.09 28.17 28.48
CA LYS F 71 58.77 28.12 27.88
C LYS F 71 58.78 27.31 26.58
N ALA F 72 57.59 26.97 26.12
CA ALA F 72 57.44 26.17 24.92
C ALA F 72 57.61 27.03 23.67
N LYS F 73 58.24 26.47 22.65
CA LYS F 73 58.42 27.16 21.39
C LYS F 73 57.18 27.10 20.50
N THR F 74 56.26 26.19 20.77
CA THR F 74 55.05 26.05 19.96
C THR F 74 54.10 25.13 20.70
N SER F 75 52.81 25.30 20.41
CA SER F 75 51.76 24.50 21.03
C SER F 75 51.54 23.22 20.26
N ILE F 76 51.13 22.18 20.97
CA ILE F 76 50.86 20.88 20.37
C ILE F 76 49.95 20.10 21.31
N ALA F 77 48.97 19.41 20.72
CA ALA F 77 47.95 18.72 21.50
C ALA F 77 48.32 17.27 21.82
N GLY F 78 49.34 16.72 21.15
CA GLY F 78 49.74 15.35 21.43
C GLY F 78 50.16 15.14 22.87
N PHE F 79 50.77 16.15 23.49
CA PHE F 79 51.18 16.10 24.88
C PHE F 79 50.41 17.11 25.73
N LYS F 80 49.26 17.60 25.24
CA LYS F 80 48.35 18.50 25.95
C LYS F 80 49.09 19.67 26.61
N VAL F 81 49.76 20.46 25.77
CA VAL F 81 50.49 21.64 26.19
C VAL F 81 49.96 22.84 25.41
N ARG F 82 50.46 24.02 25.76
CA ARG F 82 50.11 25.26 25.10
C ARG F 82 51.36 26.12 24.96
N GLU F 83 51.31 27.05 24.01
CA GLU F 83 52.44 27.92 23.77
C GLU F 83 52.55 28.96 24.89
N GLY F 84 53.79 29.33 25.21
CA GLY F 84 54.05 30.30 26.25
C GLY F 84 54.03 29.73 27.66
N MET F 85 53.64 28.48 27.84
CA MET F 85 53.64 27.86 29.16
C MET F 85 55.02 27.26 29.44
N THR F 86 55.37 27.22 30.73
CA THR F 86 56.66 26.68 31.13
C THR F 86 56.65 25.16 31.05
N LEU F 87 57.70 24.60 30.44
CA LEU F 87 57.90 23.16 30.33
C LEU F 87 59.23 22.70 30.89
N GLY F 88 60.29 23.50 30.77
CA GLY F 88 61.62 23.09 31.16
C GLY F 88 62.20 24.03 32.20
N ILE F 89 63.22 23.52 32.90
CA ILE F 89 63.93 24.25 33.93
C ILE F 89 65.41 24.20 33.57
N ALA F 90 66.01 25.38 33.35
CA ALA F 90 67.35 25.48 32.82
C ALA F 90 68.15 26.53 33.59
N VAL F 91 69.45 26.53 33.35
CA VAL F 91 70.36 27.48 33.99
C VAL F 91 71.68 27.43 33.23
N THR F 92 72.43 28.52 33.31
CA THR F 92 73.72 28.64 32.64
C THR F 92 74.82 28.82 33.70
N LEU F 93 75.89 28.06 33.54
CA LEU F 93 77.04 28.10 34.45
C LEU F 93 78.27 28.50 33.65
N ARG F 94 78.92 29.59 34.08
CA ARG F 94 80.08 30.12 33.39
C ARG F 94 81.05 30.69 34.40
N GLY F 95 82.33 30.71 34.03
CA GLY F 95 83.36 31.30 34.86
C GLY F 95 83.87 30.36 35.93
N ASN F 96 83.66 30.73 37.20
CA ASN F 96 84.09 29.92 38.33
C ASN F 96 83.02 28.92 38.76
N LEU F 97 81.75 29.21 38.48
CA LEU F 97 80.68 28.30 38.87
C LEU F 97 80.78 26.97 38.14
N MET F 98 81.15 27.01 36.85
CA MET F 98 81.25 25.78 36.08
C MET F 98 82.37 24.88 36.59
N TYR F 99 83.46 25.48 37.08
CA TYR F 99 84.51 24.68 37.70
C TYR F 99 84.09 24.19 39.08
N SER F 100 83.51 25.09 39.89
CA SER F 100 83.02 24.67 41.20
C SER F 100 81.91 23.65 41.07
N PHE F 101 81.08 23.78 40.02
CA PHE F 101 80.05 22.78 39.78
C PHE F 101 80.67 21.46 39.34
N LEU F 102 81.72 21.51 38.53
CA LEU F 102 82.36 20.29 38.09
C LEU F 102 83.04 19.56 39.25
N ASP F 103 83.58 20.31 40.20
CA ASP F 103 84.12 19.69 41.41
C ASP F 103 83.04 18.96 42.19
N ARG F 104 81.84 19.55 42.24
CA ARG F 104 80.71 18.88 42.89
C ARG F 104 80.11 17.79 42.02
N LEU F 105 80.59 17.61 40.79
CA LEU F 105 80.05 16.60 39.89
C LEU F 105 80.85 15.31 39.96
N ILE F 106 82.15 15.40 39.67
CA ILE F 106 82.96 14.18 39.57
C ILE F 106 83.23 13.56 40.93
N ASN F 107 83.23 14.36 41.99
CA ASN F 107 83.67 13.91 43.31
C ASN F 107 82.55 13.69 44.31
N LEU F 108 81.39 14.34 44.14
CA LEU F 108 80.29 14.24 45.08
C LEU F 108 79.09 13.50 44.51
N ALA F 109 78.55 13.94 43.36
CA ALA F 109 77.33 13.38 42.82
C ALA F 109 77.57 12.15 41.97
N LEU F 110 78.52 12.24 41.04
CA LEU F 110 78.78 11.12 40.14
C LEU F 110 79.23 9.85 40.87
N PRO F 111 80.06 9.91 41.91
CA PRO F 111 80.39 8.65 42.61
C PRO F 111 79.20 8.05 43.34
N ARG F 112 78.32 8.89 43.90
CA ARG F 112 77.22 8.42 44.71
C ARG F 112 76.07 7.81 43.92
N THR F 113 76.16 7.77 42.59
CA THR F 113 75.13 7.12 41.79
C THR F 113 75.18 5.62 42.02
N ARG F 114 74.00 5.01 42.11
CA ARG F 114 73.92 3.59 42.41
C ARG F 114 74.43 2.76 41.23
N ASP F 115 75.26 1.76 41.53
CA ASP F 115 75.79 0.83 40.53
C ASP F 115 76.58 1.59 39.47
N PHE F 116 77.54 2.40 39.91
CA PHE F 116 78.32 3.24 39.01
C PHE F 116 79.46 2.45 38.41
N GLN F 117 79.60 2.53 37.09
CA GLN F 117 80.69 1.87 36.36
C GLN F 117 81.25 2.77 35.26
N GLY F 118 81.26 4.07 35.49
CA GLY F 118 81.78 5.01 34.52
C GLY F 118 80.72 5.49 33.54
N VAL F 119 80.93 6.68 33.02
CA VAL F 119 80.00 7.31 32.08
C VAL F 119 80.37 6.91 30.67
N ASN F 120 79.38 6.94 29.78
CA ASN F 120 79.57 6.54 28.40
C ASN F 120 80.52 7.53 27.70
N PRO F 121 81.64 7.09 27.11
CA PRO F 121 82.45 8.02 26.31
C PRO F 121 81.91 8.30 24.93
N ASN F 122 80.84 7.63 24.51
CA ASN F 122 80.25 7.84 23.19
C ASN F 122 79.17 8.92 23.20
N SER F 123 79.04 9.68 24.28
CA SER F 123 78.02 10.72 24.37
C SER F 123 78.40 12.01 23.64
N PHE F 124 79.58 12.06 23.02
CA PHE F 124 79.96 13.25 22.29
C PHE F 124 79.12 13.40 21.03
N ASP F 125 78.83 14.65 20.66
CA ASP F 125 77.98 14.94 19.52
C ASP F 125 78.73 14.94 18.19
N GLY F 126 80.06 15.04 18.21
CA GLY F 126 80.86 15.13 17.01
C GLY F 126 81.51 16.48 16.77
N HIS F 127 81.39 17.42 17.72
CA HIS F 127 82.01 18.73 17.59
C HIS F 127 82.62 19.18 18.92
N GLY F 128 83.12 18.22 19.72
CA GLY F 128 83.79 18.54 20.95
C GLY F 128 82.90 18.66 22.17
N ASN F 129 81.59 18.73 21.99
CA ASN F 129 80.67 18.91 23.10
C ASN F 129 80.27 17.57 23.71
N TYR F 130 79.76 17.63 24.93
CA TYR F 130 79.52 16.45 25.74
C TYR F 130 78.26 16.66 26.57
N SER F 131 77.58 15.55 26.89
CA SER F 131 76.32 15.59 27.61
C SER F 131 76.27 14.46 28.61
N VAL F 132 75.41 14.61 29.61
CA VAL F 132 75.24 13.64 30.69
C VAL F 132 73.76 13.60 31.06
N GLY F 133 73.30 12.41 31.46
CA GLY F 133 71.93 12.21 31.90
C GLY F 133 71.87 11.63 33.30
N PHE F 134 70.94 12.14 34.10
CA PHE F 134 70.71 11.68 35.47
C PHE F 134 69.26 11.27 35.64
N ARG F 135 69.02 10.36 36.59
CA ARG F 135 67.68 10.02 37.03
C ARG F 135 67.33 10.68 38.35
N GLU F 136 68.32 10.94 39.20
CA GLU F 136 68.13 11.55 40.51
C GLU F 136 69.06 12.74 40.66
N GLN F 137 68.76 13.60 41.63
CA GLN F 137 69.62 14.72 41.99
C GLN F 137 70.03 14.69 43.46
N SER F 138 69.49 13.77 44.27
CA SER F 138 69.90 13.65 45.66
C SER F 138 71.34 13.21 45.81
N VAL F 139 71.97 12.69 44.75
CA VAL F 139 73.40 12.40 44.79
C VAL F 139 74.20 13.65 45.14
N PHE F 140 73.75 14.82 44.71
CA PHE F 140 74.35 16.06 45.16
C PHE F 140 74.04 16.24 46.65
N PRO F 141 75.04 16.50 47.51
CA PRO F 141 74.76 16.48 48.95
C PRO F 141 73.94 17.67 49.43
N GLU F 142 72.64 17.63 49.14
CA GLU F 142 71.69 18.61 49.69
C GLU F 142 70.38 17.94 50.01
N ARG F 152 62.78 14.85 37.96
CA ARG F 152 63.79 14.83 39.02
C ARG F 152 65.19 14.81 38.42
N GLY F 153 65.36 14.03 37.36
CA GLY F 153 66.64 13.95 36.67
C GLY F 153 67.04 15.23 35.99
N MET F 154 68.14 15.21 35.24
CA MET F 154 68.61 16.41 34.57
C MET F 154 69.49 16.00 33.39
N ASP F 155 69.63 16.93 32.45
CA ASP F 155 70.46 16.76 31.27
C ASP F 155 71.55 17.83 31.30
N VAL F 156 72.73 17.46 31.78
CA VAL F 156 73.84 18.39 31.89
C VAL F 156 74.55 18.43 30.54
N CYS F 157 74.62 19.62 29.95
CA CYS F 157 75.20 19.83 28.63
C CYS F 157 76.45 20.69 28.77
N ILE F 158 77.61 20.08 28.55
CA ILE F 158 78.89 20.78 28.65
C ILE F 158 79.28 21.26 27.26
N THR F 159 79.73 22.51 27.18
CA THR F 159 80.16 23.13 25.94
C THR F 159 81.68 23.27 25.95
N THR F 160 82.28 23.18 24.77
CA THR F 160 83.72 23.27 24.62
C THR F 160 84.04 23.80 23.23
N THR F 161 85.17 24.49 23.12
CA THR F 161 85.62 25.08 21.87
C THR F 161 86.42 24.12 21.01
N ALA F 162 86.31 22.82 21.24
CA ALA F 162 87.08 21.84 20.49
C ALA F 162 86.39 21.51 19.17
N LYS F 163 87.20 21.26 18.14
CA LYS F 163 86.66 20.90 16.85
C LYS F 163 86.30 19.43 16.79
N THR F 164 87.26 18.55 17.11
CA THR F 164 87.02 17.12 17.17
C THR F 164 86.80 16.68 18.61
N ASP F 165 86.33 15.44 18.76
CA ASP F 165 86.02 14.91 20.08
C ASP F 165 87.23 14.34 20.80
N LYS F 166 88.32 14.07 20.09
CA LYS F 166 89.47 13.42 20.71
C LYS F 166 90.12 14.32 21.75
N GLU F 167 90.41 15.57 21.39
CA GLU F 167 90.98 16.49 22.35
C GLU F 167 90.00 16.80 23.48
N ALA F 168 88.70 16.75 23.18
CA ALA F 168 87.70 16.91 24.24
C ALA F 168 87.74 15.74 25.20
N TYR F 169 87.74 14.51 24.68
CA TYR F 169 87.88 13.33 25.52
C TYR F 169 89.18 13.37 26.28
N LYS F 170 90.25 13.87 25.66
CA LYS F 170 91.51 14.06 26.37
C LYS F 170 91.37 15.18 27.40
N LEU F 171 90.61 16.22 27.07
CA LEU F 171 90.43 17.33 27.99
C LEU F 171 89.61 16.92 29.21
N LEU F 172 88.44 16.32 28.97
CA LEU F 172 87.55 15.97 30.07
C LEU F 172 88.16 14.90 30.97
N SER F 173 88.92 13.97 30.39
CA SER F 173 89.46 12.86 31.16
C SER F 173 90.46 13.34 32.21
N LEU F 174 91.15 14.45 31.95
CA LEU F 174 92.11 14.96 32.92
C LEU F 174 91.41 15.50 34.16
N MET F 175 90.28 16.18 33.99
CA MET F 175 89.50 16.69 35.11
C MET F 175 88.53 15.61 35.62
N GLY F 176 89.12 14.50 36.06
CA GLY F 176 88.34 13.36 36.48
C GLY F 176 87.56 12.77 35.32
N MET F 177 86.22 12.83 35.41
CA MET F 177 85.33 12.31 34.38
C MET F 177 85.66 10.84 34.12
N PRO F 178 85.34 9.94 35.03
CA PRO F 178 85.71 8.54 34.83
C PRO F 178 84.95 7.89 33.68
N PHE F 179 85.67 7.57 32.61
CA PHE F 179 85.11 6.87 31.47
C PHE F 179 85.47 5.39 31.56
N ARG F 180 84.54 4.54 31.12
CA ARG F 180 84.78 3.11 31.09
C ARG F 180 85.91 2.79 30.11
N GLY G 1 60.39 -7.21 -75.31
CA GLY G 1 60.28 -8.66 -75.41
C GLY G 1 59.73 -9.11 -76.74
N LYS G 2 60.18 -8.45 -77.81
CA LYS G 2 59.76 -8.77 -79.17
C LYS G 2 60.65 -9.85 -79.77
N GLN G 3 60.18 -10.42 -80.88
CA GLN G 3 60.95 -11.37 -81.66
C GLN G 3 60.51 -11.26 -83.11
N PRO G 4 61.40 -11.46 -84.08
CA PRO G 4 60.94 -11.55 -85.47
C PRO G 4 60.06 -12.78 -85.67
N ILE G 5 59.09 -12.64 -86.56
CA ILE G 5 58.10 -13.69 -86.80
C ILE G 5 58.63 -14.61 -87.90
N THR G 6 58.65 -15.91 -87.61
CA THR G 6 59.14 -16.89 -88.57
C THR G 6 58.06 -17.18 -89.61
N VAL G 7 58.33 -16.83 -90.87
CA VAL G 7 57.40 -17.10 -91.97
C VAL G 7 58.07 -17.66 -93.23
N PRO G 8 59.02 -18.66 -93.14
CA PRO G 8 59.21 -19.60 -94.26
C PRO G 8 58.25 -20.79 -94.22
N ALA G 9 56.98 -20.51 -93.97
CA ALA G 9 55.96 -21.55 -93.83
C ALA G 9 55.25 -21.86 -95.13
N ASN G 10 55.79 -21.43 -96.27
CA ASN G 10 55.13 -21.61 -97.57
C ASN G 10 53.74 -20.98 -97.57
N VAL G 11 53.63 -19.80 -96.97
CA VAL G 11 52.38 -19.07 -96.84
C VAL G 11 52.52 -17.74 -97.57
N ALA G 12 51.42 -17.30 -98.18
CA ALA G 12 51.38 -16.03 -98.87
C ALA G 12 51.00 -14.90 -97.90
N ILE G 13 51.61 -13.74 -98.10
CA ILE G 13 51.38 -12.57 -97.27
C ILE G 13 51.14 -11.38 -98.19
N ALA G 14 50.20 -10.51 -97.81
CA ALA G 14 49.88 -9.32 -98.59
C ALA G 14 49.31 -8.27 -97.65
N MET G 15 49.55 -7.00 -98.00
CA MET G 15 49.10 -5.89 -97.18
C MET G 15 48.77 -4.71 -98.07
N GLU G 16 48.01 -3.77 -97.51
CA GLU G 16 47.72 -2.48 -98.14
C GLU G 16 47.98 -1.34 -97.15
N GLY G 17 49.00 -1.50 -96.31
CA GLY G 17 49.37 -0.49 -95.34
C GLY G 17 48.68 -0.67 -94.00
N GLN G 18 47.38 -0.40 -93.95
CA GLN G 18 46.63 -0.47 -92.70
C GLN G 18 46.06 -1.85 -92.41
N ASP G 19 46.29 -2.83 -93.27
CA ASP G 19 45.79 -4.19 -93.09
C ASP G 19 46.91 -5.18 -93.38
N LEU G 20 46.59 -6.47 -93.22
CA LEU G 20 47.55 -7.53 -93.50
C LEU G 20 46.76 -8.82 -93.70
N LYS G 21 46.77 -9.32 -94.93
CA LYS G 21 46.07 -10.55 -95.28
C LYS G 21 47.07 -11.68 -95.47
N VAL G 22 46.70 -12.87 -95.02
CA VAL G 22 47.55 -14.06 -95.07
C VAL G 22 46.75 -15.16 -95.74
N LYS G 23 47.40 -15.87 -96.68
CA LYS G 23 46.78 -16.96 -97.41
C LYS G 23 47.78 -18.11 -97.49
N GLY G 24 47.35 -19.28 -97.02
CA GLY G 24 48.23 -20.42 -96.88
C GLY G 24 47.58 -21.72 -97.31
N PRO G 25 48.14 -22.86 -96.88
CA PRO G 25 47.69 -24.14 -97.43
C PRO G 25 46.30 -24.56 -97.00
N LEU G 26 45.79 -24.07 -95.85
CA LEU G 26 44.56 -24.58 -95.28
C LEU G 26 43.65 -23.48 -94.72
N GLY G 27 43.82 -22.23 -95.13
CA GLY G 27 42.93 -21.19 -94.66
C GLY G 27 43.40 -19.81 -95.08
N GLU G 28 42.56 -18.84 -94.77
CA GLU G 28 42.82 -17.43 -95.06
C GLU G 28 42.34 -16.60 -93.88
N LEU G 29 43.13 -15.59 -93.51
CA LEU G 29 42.81 -14.72 -92.39
C LEU G 29 43.19 -13.30 -92.75
N SER G 30 42.72 -12.36 -91.93
CA SER G 30 42.96 -10.95 -92.13
C SER G 30 43.06 -10.25 -90.78
N ILE G 31 43.64 -9.06 -90.80
CA ILE G 31 43.81 -8.27 -89.58
C ILE G 31 44.14 -6.83 -89.97
N THR G 32 43.72 -5.88 -89.13
CA THR G 32 43.99 -4.46 -89.34
C THR G 32 44.68 -3.90 -88.10
N TYR G 33 45.77 -3.16 -88.32
CA TYR G 33 46.55 -2.58 -87.24
C TYR G 33 46.19 -1.12 -87.02
N PRO G 34 46.12 -0.59 -85.78
CA PRO G 34 45.95 0.85 -85.63
C PRO G 34 47.20 1.62 -86.05
N ARG G 35 47.16 2.95 -85.89
CA ARG G 35 48.20 3.82 -86.43
C ARG G 35 49.48 3.83 -85.59
N GLU G 36 49.52 3.15 -84.44
CA GLU G 36 50.74 3.12 -83.64
C GLU G 36 51.78 2.21 -84.27
N VAL G 37 51.43 0.95 -84.52
CA VAL G 37 52.39 -0.03 -85.02
C VAL G 37 52.47 0.05 -86.53
N LEU G 38 53.51 -0.56 -87.10
CA LEU G 38 53.66 -0.69 -88.54
C LEU G 38 54.51 -1.91 -88.83
N VAL G 39 54.20 -2.58 -89.92
CA VAL G 39 54.88 -3.81 -90.32
C VAL G 39 55.30 -3.69 -91.78
N GLU G 40 56.40 -4.36 -92.12
CA GLU G 40 56.94 -4.40 -93.47
C GLU G 40 57.16 -5.84 -93.88
N LYS G 41 57.53 -6.02 -95.15
CA LYS G 41 57.84 -7.34 -95.70
C LYS G 41 59.35 -7.47 -95.77
N GLN G 42 59.95 -7.91 -94.65
CA GLN G 42 61.39 -8.12 -94.60
C GLN G 42 61.76 -9.28 -95.51
N GLU G 43 62.57 -9.01 -96.53
CA GLU G 43 62.88 -10.01 -97.55
C GLU G 43 63.76 -11.15 -97.01
N SER G 44 64.35 -10.99 -95.82
CA SER G 44 65.23 -12.03 -95.29
C SER G 44 64.50 -13.34 -95.08
N GLY G 45 63.23 -13.28 -94.68
CA GLY G 45 62.44 -14.48 -94.43
C GLY G 45 61.53 -14.34 -93.22
N PHE G 46 61.90 -13.47 -92.29
CA PHE G 46 61.13 -13.20 -91.08
C PHE G 46 60.35 -11.90 -91.27
N LEU G 47 59.71 -11.44 -90.20
CA LEU G 47 58.96 -10.19 -90.20
C LEU G 47 59.18 -9.49 -88.87
N ARG G 48 59.56 -8.21 -88.93
CA ARG G 48 59.75 -7.37 -87.76
C ARG G 48 58.71 -6.26 -87.75
N VAL G 49 58.27 -5.89 -86.56
CA VAL G 49 57.24 -4.87 -86.36
C VAL G 49 57.87 -3.71 -85.60
N ARG G 50 57.86 -2.53 -86.22
CA ARG G 50 58.30 -1.30 -85.58
C ARG G 50 57.08 -0.63 -84.95
N LYS G 51 57.25 0.59 -84.44
CA LYS G 51 56.17 1.29 -83.76
C LYS G 51 56.33 2.79 -83.99
N ALA G 52 55.34 3.54 -83.51
CA ALA G 52 55.34 4.99 -83.60
C ALA G 52 56.22 5.55 -82.48
N VAL G 53 56.09 6.85 -82.21
CA VAL G 53 56.85 7.54 -81.18
C VAL G 53 56.67 6.83 -79.84
N GLU G 54 57.73 6.83 -79.03
CA GLU G 54 57.71 6.13 -77.75
C GLU G 54 56.60 6.66 -76.85
N THR G 55 55.75 5.75 -76.37
CA THR G 55 54.66 6.12 -75.47
C THR G 55 54.21 4.88 -74.71
N ARG G 56 53.36 5.10 -73.72
CA ARG G 56 52.87 4.00 -72.90
C ARG G 56 52.00 3.05 -73.72
N ARG G 57 51.20 3.58 -74.62
CA ARG G 57 50.30 2.75 -75.42
C ARG G 57 51.07 1.87 -76.39
N ALA G 58 52.21 2.34 -76.89
CA ALA G 58 52.94 1.59 -77.92
C ALA G 58 53.73 0.44 -77.31
N ASN G 59 54.40 0.67 -76.18
CA ASN G 59 55.16 -0.39 -75.53
C ASN G 59 54.26 -1.54 -75.10
N GLN G 60 53.00 -1.25 -74.78
CA GLN G 60 52.03 -2.31 -74.54
C GLN G 60 51.67 -3.03 -75.83
N MET G 61 51.55 -2.28 -76.93
CA MET G 61 51.08 -2.82 -78.18
C MET G 61 52.20 -3.42 -79.01
N HIS G 62 53.46 -3.04 -78.75
CA HIS G 62 54.58 -3.57 -79.51
C HIS G 62 54.67 -5.08 -79.39
N GLY G 63 54.61 -5.59 -78.16
CA GLY G 63 54.60 -7.03 -77.94
C GLY G 63 53.24 -7.67 -78.12
N LEU G 64 52.22 -6.90 -78.48
CA LEU G 64 50.87 -7.44 -78.59
C LEU G 64 50.66 -8.13 -79.93
N PHE G 65 50.81 -7.39 -81.04
CA PHE G 65 50.65 -7.99 -82.35
C PHE G 65 51.76 -8.98 -82.68
N ARG G 66 52.88 -8.93 -81.95
CA ARG G 66 53.93 -9.92 -82.14
C ARG G 66 53.41 -11.33 -81.93
N THR G 67 52.57 -11.53 -80.91
CA THR G 67 52.03 -12.86 -80.64
C THR G 67 50.81 -13.15 -81.50
N LEU G 68 50.00 -12.14 -81.83
CA LEU G 68 48.90 -12.34 -82.75
C LEU G 68 49.40 -12.71 -84.13
N THR G 69 50.36 -11.94 -84.65
CA THR G 69 50.94 -12.24 -85.95
C THR G 69 51.62 -13.60 -85.95
N ASP G 70 52.20 -13.99 -84.81
CA ASP G 70 52.76 -15.34 -84.69
C ASP G 70 51.66 -16.39 -84.81
N ASN G 71 50.62 -16.25 -83.99
CA ASN G 71 49.48 -17.15 -84.09
C ASN G 71 48.72 -16.99 -85.40
N MET G 72 48.84 -15.82 -86.04
CA MET G 72 48.17 -15.62 -87.32
C MET G 72 48.72 -16.55 -88.40
N VAL G 73 50.01 -16.87 -88.34
CA VAL G 73 50.65 -17.70 -89.34
C VAL G 73 50.64 -19.17 -88.94
N VAL G 74 50.90 -19.46 -87.66
CA VAL G 74 50.92 -20.84 -87.21
C VAL G 74 49.54 -21.46 -87.32
N GLY G 75 48.48 -20.66 -87.16
CA GLY G 75 47.13 -21.16 -87.34
C GLY G 75 46.75 -21.41 -88.78
N VAL G 76 47.47 -20.80 -89.72
CA VAL G 76 47.20 -20.98 -91.15
C VAL G 76 48.14 -22.04 -91.71
N SER G 77 49.29 -22.24 -91.07
CA SER G 77 50.23 -23.27 -91.51
C SER G 77 49.87 -24.64 -90.92
N LYS G 78 49.55 -24.67 -89.62
CA LYS G 78 49.30 -25.93 -88.91
C LYS G 78 47.92 -25.94 -88.26
N GLY G 79 47.41 -24.77 -87.88
CA GLY G 79 46.20 -24.70 -87.10
C GLY G 79 46.49 -24.81 -85.61
N PHE G 80 45.42 -25.02 -84.86
CA PHE G 80 45.52 -25.21 -83.41
C PHE G 80 44.47 -26.21 -82.98
N GLU G 81 44.79 -26.96 -81.92
CA GLU G 81 43.95 -28.03 -81.42
C GLU G 81 43.84 -27.92 -79.91
N LYS G 82 42.61 -27.80 -79.42
CA LYS G 82 42.32 -27.81 -77.99
C LYS G 82 41.72 -29.15 -77.59
N LYS G 83 41.99 -29.53 -76.35
CA LYS G 83 41.61 -30.83 -75.81
C LYS G 83 40.61 -30.66 -74.69
N LEU G 84 39.74 -31.65 -74.53
CA LEU G 84 38.74 -31.68 -73.48
C LEU G 84 38.66 -33.08 -72.91
N GLN G 85 38.13 -33.17 -71.69
CA GLN G 85 37.95 -34.45 -71.01
C GLN G 85 36.68 -34.38 -70.19
N LEU G 86 35.79 -35.35 -70.41
CA LEU G 86 34.51 -35.42 -69.71
C LEU G 86 34.62 -36.40 -68.55
N VAL G 87 34.27 -35.96 -67.36
CA VAL G 87 34.33 -36.76 -66.15
C VAL G 87 32.93 -36.83 -65.56
N GLY G 88 32.46 -38.05 -65.32
CA GLY G 88 31.14 -38.26 -64.74
C GLY G 88 30.41 -39.41 -65.39
N VAL G 89 29.77 -40.24 -64.58
CA VAL G 89 29.01 -41.38 -65.11
C VAL G 89 27.84 -40.86 -65.92
N GLY G 90 27.62 -41.46 -67.09
CA GLY G 90 26.52 -41.08 -67.95
C GLY G 90 26.82 -39.94 -68.91
N TYR G 91 27.96 -39.28 -68.77
CA TYR G 91 28.32 -38.16 -69.65
C TYR G 91 28.90 -38.72 -70.94
N ARG G 92 28.35 -38.26 -72.07
CA ARG G 92 28.75 -38.73 -73.39
C ARG G 92 28.91 -37.54 -74.32
N ALA G 93 29.38 -37.83 -75.53
CA ALA G 93 29.56 -36.80 -76.54
C ALA G 93 29.56 -37.46 -77.92
N THR G 94 28.78 -36.90 -78.84
CA THR G 94 28.66 -37.43 -80.18
C THR G 94 28.56 -36.28 -81.17
N VAL G 95 28.78 -36.59 -82.43
CA VAL G 95 28.68 -35.63 -83.53
C VAL G 95 27.66 -36.20 -84.51
N GLU G 96 26.40 -35.82 -84.34
CA GLU G 96 25.31 -36.25 -85.21
C GLU G 96 25.19 -35.25 -86.35
N GLY G 97 25.64 -35.65 -87.53
CA GLY G 97 25.61 -34.76 -88.67
C GLY G 97 26.69 -33.71 -88.56
N LYS G 98 26.29 -32.43 -88.69
CA LYS G 98 27.24 -31.33 -88.60
C LYS G 98 27.53 -30.98 -87.16
N ASP G 99 26.52 -30.56 -86.42
CA ASP G 99 26.70 -30.10 -85.05
C ASP G 99 26.98 -31.30 -84.13
N LEU G 100 27.18 -31.00 -82.85
CA LEU G 100 27.43 -31.99 -81.82
C LEU G 100 26.33 -31.93 -80.74
N ILE G 101 26.26 -32.99 -79.95
CA ILE G 101 25.29 -33.12 -78.88
C ILE G 101 25.99 -33.64 -77.64
N LEU G 102 25.58 -33.16 -76.48
CA LEU G 102 26.14 -33.55 -75.19
C LEU G 102 25.02 -33.87 -74.22
N SER G 103 25.29 -34.80 -73.31
CA SER G 103 24.36 -35.20 -72.25
C SER G 103 25.12 -35.07 -70.93
N LEU G 104 24.89 -33.96 -70.22
CA LEU G 104 25.66 -33.59 -69.05
C LEU G 104 24.77 -33.54 -67.80
N GLY G 105 23.91 -34.55 -67.65
CA GLY G 105 23.05 -34.66 -66.49
C GLY G 105 21.75 -33.88 -66.58
N PHE G 106 21.62 -32.96 -67.55
CA PHE G 106 20.38 -32.24 -67.73
C PHE G 106 19.27 -33.20 -68.15
N SER G 107 18.03 -32.72 -68.03
CA SER G 107 16.88 -33.45 -68.52
C SER G 107 16.66 -33.29 -70.01
N HIS G 108 17.57 -32.62 -70.72
CA HIS G 108 17.48 -32.40 -72.15
C HIS G 108 18.90 -32.50 -72.73
N PRO G 109 19.07 -33.07 -73.93
CA PRO G 109 20.41 -33.08 -74.54
C PRO G 109 20.73 -31.73 -75.18
N VAL G 110 21.72 -31.04 -74.61
CA VAL G 110 22.13 -29.75 -75.16
C VAL G 110 22.70 -29.94 -76.55
N ARG G 111 22.40 -29.00 -77.44
CA ARG G 111 22.84 -29.06 -78.83
C ARG G 111 23.31 -27.68 -79.25
N MET G 112 24.59 -27.58 -79.61
CA MET G 112 25.18 -26.34 -80.09
C MET G 112 25.84 -26.60 -81.44
N ALA G 113 25.81 -25.58 -82.30
CA ALA G 113 26.27 -25.72 -83.67
C ALA G 113 27.77 -25.53 -83.78
N ILE G 114 28.36 -26.23 -84.74
CA ILE G 114 29.78 -26.08 -85.09
C ILE G 114 29.85 -25.23 -86.35
N PRO G 115 30.44 -24.03 -86.30
CA PRO G 115 30.62 -23.28 -87.56
C PRO G 115 31.53 -24.02 -88.52
N ASP G 116 31.41 -23.64 -89.79
CA ASP G 116 32.20 -24.30 -90.84
C ASP G 116 33.69 -24.04 -90.71
N GLU G 117 34.09 -22.98 -89.97
CA GLU G 117 35.50 -22.65 -89.85
C GLU G 117 36.26 -23.66 -89.01
N LEU G 118 35.60 -24.31 -88.05
CA LEU G 118 36.24 -25.20 -87.10
C LEU G 118 36.10 -26.65 -87.54
N GLN G 119 36.82 -27.53 -86.84
CA GLN G 119 36.80 -28.96 -87.08
C GLN G 119 36.82 -29.66 -85.73
N VAL G 120 35.95 -30.66 -85.57
CA VAL G 120 35.76 -31.34 -84.30
C VAL G 120 35.79 -32.85 -84.54
N LYS G 121 36.29 -33.57 -83.55
CA LYS G 121 36.31 -35.03 -83.59
C LYS G 121 36.32 -35.56 -82.17
N VAL G 122 35.93 -36.83 -82.04
CA VAL G 122 35.91 -37.53 -80.76
C VAL G 122 36.46 -38.93 -80.97
N GLU G 123 37.41 -39.33 -80.13
CA GLU G 123 37.97 -40.68 -80.17
C GLU G 123 37.18 -41.63 -79.28
N GLU G 124 37.08 -41.30 -78.01
CA GLU G 124 36.37 -42.10 -77.02
C GLU G 124 35.05 -41.43 -76.67
N ASN G 125 34.15 -42.21 -76.08
CA ASN G 125 32.85 -41.71 -75.65
C ASN G 125 32.98 -40.51 -74.71
N THR G 126 34.07 -40.42 -73.95
CA THR G 126 34.20 -39.44 -72.88
C THR G 126 35.39 -38.50 -73.07
N LYS G 127 35.57 -37.98 -74.29
CA LYS G 127 36.52 -36.89 -74.51
C LYS G 127 36.22 -36.24 -75.84
N VAL G 128 36.69 -35.00 -75.98
CA VAL G 128 36.42 -34.17 -77.15
C VAL G 128 37.69 -33.39 -77.49
N THR G 129 37.89 -33.17 -78.79
CA THR G 129 39.04 -32.42 -79.29
C THR G 129 38.57 -31.47 -80.38
N VAL G 130 38.95 -30.21 -80.26
CA VAL G 130 38.61 -29.18 -81.24
C VAL G 130 39.83 -28.97 -82.13
N SER G 131 39.58 -28.54 -83.36
CA SER G 131 40.65 -28.23 -84.30
C SER G 131 40.22 -27.06 -85.17
N GLY G 132 41.06 -26.04 -85.24
CA GLY G 132 40.77 -24.87 -86.02
C GLY G 132 42.02 -24.09 -86.36
N ARG G 133 41.82 -22.82 -86.71
CA ARG G 133 42.90 -21.95 -87.16
C ARG G 133 43.15 -20.77 -86.23
N ASP G 134 42.12 -20.01 -85.88
CA ASP G 134 42.26 -18.87 -85.00
C ASP G 134 42.05 -19.29 -83.55
N LYS G 135 42.92 -18.79 -82.66
CA LYS G 135 42.79 -19.11 -81.24
C LYS G 135 41.50 -18.55 -80.66
N SER G 136 41.01 -17.44 -81.20
CA SER G 136 39.84 -16.77 -80.64
C SER G 136 38.61 -17.66 -80.73
N VAL G 137 38.23 -18.04 -81.94
CA VAL G 137 37.04 -18.87 -82.13
C VAL G 137 37.24 -20.24 -81.49
N VAL G 138 38.46 -20.79 -81.59
CA VAL G 138 38.72 -22.12 -81.06
C VAL G 138 38.68 -22.09 -79.54
N GLY G 139 39.42 -21.17 -78.92
CA GLY G 139 39.39 -21.07 -77.47
C GLY G 139 38.01 -20.70 -76.95
N GLN G 140 37.32 -19.80 -77.66
CA GLN G 140 35.98 -19.43 -77.26
C GLN G 140 35.01 -20.60 -77.42
N PHE G 141 35.24 -21.43 -78.43
CA PHE G 141 34.37 -22.59 -78.65
C PHE G 141 34.54 -23.59 -77.51
N ALA G 142 35.78 -23.97 -77.20
CA ALA G 142 36.01 -24.94 -76.14
C ALA G 142 35.56 -24.41 -74.79
N ALA G 143 35.67 -23.10 -74.57
CA ALA G 143 35.19 -22.51 -73.33
C ALA G 143 33.68 -22.64 -73.20
N THR G 144 32.96 -22.67 -74.33
CA THR G 144 31.52 -22.77 -74.27
C THR G 144 31.08 -24.13 -73.73
N ILE G 145 31.72 -25.20 -74.16
CA ILE G 145 31.40 -26.53 -73.65
C ILE G 145 31.74 -26.63 -72.17
N ARG G 146 32.78 -25.92 -71.73
CA ARG G 146 33.12 -25.92 -70.31
C ARG G 146 32.06 -25.25 -69.46
N SER G 147 31.29 -24.32 -70.03
CA SER G 147 30.33 -23.55 -69.25
C SER G 147 29.08 -24.33 -68.92
N TRP G 148 28.69 -25.31 -69.74
CA TRP G 148 27.46 -26.05 -69.49
C TRP G 148 27.55 -26.89 -68.22
N ARG G 149 28.75 -27.37 -67.88
CA ARG G 149 28.94 -28.17 -66.67
C ARG G 149 30.42 -28.11 -66.30
N PRO G 150 30.84 -27.04 -65.63
CA PRO G 150 32.24 -26.96 -65.18
C PRO G 150 32.56 -28.04 -64.17
N PRO G 151 33.84 -28.25 -63.85
CA PRO G 151 34.21 -29.34 -62.94
C PRO G 151 33.92 -28.97 -61.49
N GLU G 152 33.18 -29.84 -60.80
CA GLU G 152 32.87 -29.59 -59.41
C GLU G 152 34.08 -29.93 -58.53
N PRO G 153 34.20 -29.32 -57.34
CA PRO G 153 35.34 -29.65 -56.46
C PRO G 153 35.29 -31.07 -55.91
N TYR G 154 34.12 -31.47 -55.41
CA TYR G 154 34.04 -32.65 -54.55
C TYR G 154 34.38 -33.94 -55.29
N LYS G 155 34.07 -34.00 -56.59
CA LYS G 155 34.34 -35.20 -57.39
C LYS G 155 34.95 -34.92 -58.76
N GLY G 156 35.07 -33.66 -59.17
CA GLY G 156 35.62 -33.38 -60.48
C GLY G 156 34.72 -33.69 -61.64
N LYS G 157 33.44 -34.00 -61.38
CA LYS G 157 32.51 -34.32 -62.46
C LYS G 157 32.26 -33.09 -63.32
N GLY G 158 32.50 -33.21 -64.61
CA GLY G 158 32.27 -32.15 -65.56
C GLY G 158 33.34 -32.17 -66.63
N VAL G 159 33.39 -31.06 -67.38
CA VAL G 159 34.35 -30.89 -68.46
C VAL G 159 35.59 -30.19 -67.89
N ARG G 160 36.75 -30.53 -68.45
CA ARG G 160 38.00 -29.92 -68.02
C ARG G 160 38.98 -29.88 -69.19
N TYR G 161 39.77 -28.82 -69.25
CA TYR G 161 40.87 -28.76 -70.19
C TYR G 161 41.96 -29.74 -69.75
N VAL G 162 42.91 -29.97 -70.66
CA VAL G 162 44.05 -30.83 -70.38
C VAL G 162 45.14 -29.98 -69.74
N ASP G 163 45.92 -30.61 -68.87
CA ASP G 163 47.08 -29.98 -68.24
C ASP G 163 46.67 -28.78 -67.40
N GLU G 164 45.64 -28.96 -66.59
CA GLU G 164 45.20 -27.97 -65.61
C GLU G 164 45.04 -28.66 -64.26
N VAL G 165 44.62 -27.89 -63.27
CA VAL G 165 44.43 -28.36 -61.90
C VAL G 165 42.94 -28.28 -61.56
N VAL G 166 42.57 -28.98 -60.50
CA VAL G 166 41.19 -29.01 -60.01
C VAL G 166 41.25 -28.90 -58.49
N ARG G 167 40.64 -27.85 -57.95
CA ARG G 167 40.57 -27.65 -56.52
C ARG G 167 39.61 -28.70 -55.94
N ARG G 168 40.17 -29.78 -55.40
CA ARG G 168 39.38 -30.87 -54.87
C ARG G 168 39.11 -30.67 -53.38
N LYS G 169 38.03 -31.29 -52.91
CA LYS G 169 37.64 -31.21 -51.52
C LYS G 169 36.95 -32.52 -51.13
N GLU G 170 36.73 -32.68 -49.82
CA GLU G 170 36.00 -33.81 -49.28
C GLU G 170 34.58 -33.38 -48.93
N GLY G 171 33.60 -34.17 -49.34
CA GLY G 171 32.21 -33.86 -49.09
C GLY G 171 31.72 -34.33 -47.74
N LYS G 172 32.32 -35.41 -47.22
CA LYS G 172 31.90 -35.99 -45.96
C LYS G 172 33.04 -36.76 -45.31
N LYS H 1 -14.81 61.22 38.17
CA LYS H 1 -15.55 61.71 37.02
C LYS H 1 -17.02 61.88 37.37
N LYS H 2 -17.56 60.94 38.14
CA LYS H 2 -18.96 61.03 38.56
C LYS H 2 -19.15 62.24 39.45
N VAL H 3 -20.20 63.01 39.17
CA VAL H 3 -20.38 64.29 39.84
C VAL H 3 -21.20 64.18 41.12
N LYS H 4 -22.15 63.25 41.17
CA LYS H 4 -23.08 63.14 42.29
C LYS H 4 -23.84 64.45 42.50
N LYS H 5 -24.63 64.80 41.49
CA LYS H 5 -25.39 66.04 41.53
C LYS H 5 -26.47 65.97 42.59
N ILE H 6 -26.80 67.14 43.16
CA ILE H 6 -27.81 67.26 44.20
C ILE H 6 -28.69 68.46 43.89
N ARG H 7 -29.80 68.56 44.62
CA ARG H 7 -30.73 69.67 44.49
C ARG H 7 -31.36 69.95 45.84
N LYS H 8 -31.55 71.23 46.12
CA LYS H 8 -32.19 71.68 47.35
C LYS H 8 -33.69 71.78 47.15
N ILE H 9 -34.45 71.47 48.20
CA ILE H 9 -35.89 71.31 48.10
C ILE H 9 -36.57 71.91 49.32
N ILE H 10 -37.88 72.11 49.20
CA ILE H 10 -38.76 72.48 50.30
C ILE H 10 -39.97 71.56 50.24
N LEU H 11 -40.29 70.94 51.38
CA LEU H 11 -41.30 69.89 51.42
C LEU H 11 -42.68 70.48 51.68
N LYS H 12 -43.68 69.90 51.02
CA LYS H 12 -45.07 70.33 51.18
C LYS H 12 -45.83 69.51 52.21
N GLU H 13 -45.35 68.32 52.56
CA GLU H 13 -46.02 67.47 53.53
C GLU H 13 -44.98 66.61 54.23
N ASP H 14 -45.42 65.94 55.30
CA ASP H 14 -44.55 65.04 56.03
C ASP H 14 -44.48 63.69 55.31
N ILE H 15 -43.29 63.12 55.26
CA ILE H 15 -43.04 61.82 54.65
C ILE H 15 -42.23 60.99 55.64
N PRO H 16 -42.58 59.71 55.87
CA PRO H 16 -41.74 58.90 56.77
C PRO H 16 -40.35 58.69 56.20
N ASP H 17 -39.36 58.67 57.10
CA ASP H 17 -37.95 58.40 56.82
C ASP H 17 -37.25 59.56 56.10
N LEU H 18 -37.97 60.61 55.73
CA LEU H 18 -37.42 61.69 54.91
C LEU H 18 -37.29 62.99 55.67
N GLY H 19 -38.37 63.48 56.27
CA GLY H 19 -38.31 64.73 57.01
C GLY H 19 -39.67 65.32 57.21
N LYS H 20 -39.70 66.37 58.02
CA LYS H 20 -40.95 67.07 58.34
C LYS H 20 -41.33 68.01 57.21
N LYS H 21 -42.59 68.43 57.22
CA LYS H 21 -43.08 69.38 56.24
C LYS H 21 -42.34 70.71 56.39
N GLY H 22 -41.99 71.30 55.25
CA GLY H 22 -41.24 72.54 55.26
C GLY H 22 -39.76 72.40 55.52
N GLN H 23 -39.27 71.19 55.75
CA GLN H 23 -37.85 70.97 56.02
C GLN H 23 -37.05 71.05 54.72
N LEU H 24 -35.86 71.63 54.82
CA LEU H 24 -34.95 71.78 53.69
C LEU H 24 -33.81 70.79 53.81
N LEU H 25 -33.42 70.20 52.68
CA LEU H 25 -32.34 69.22 52.65
C LEU H 25 -31.96 69.01 51.18
N ASP H 26 -31.00 68.12 50.95
CA ASP H 26 -30.45 67.84 49.63
C ASP H 26 -30.98 66.52 49.12
N VAL H 27 -31.20 66.44 47.80
CA VAL H 27 -31.64 65.22 47.13
C VAL H 27 -31.05 65.18 45.73
N ARG H 28 -30.88 63.97 45.21
CA ARG H 28 -30.49 63.79 43.82
C ARG H 28 -31.66 64.12 42.91
N ALA H 29 -31.34 64.56 41.69
CA ALA H 29 -32.38 65.04 40.78
C ALA H 29 -33.32 63.92 40.36
N GLY H 30 -32.83 62.68 40.31
CA GLY H 30 -33.70 61.57 39.92
C GLY H 30 -34.77 61.29 40.95
N PHE H 31 -34.44 61.46 42.23
CA PHE H 31 -35.43 61.26 43.28
C PHE H 31 -36.48 62.36 43.29
N LEU H 32 -36.09 63.58 42.93
CA LEU H 32 -37.03 64.69 42.90
C LEU H 32 -37.88 64.67 41.63
N ARG H 33 -37.26 64.43 40.49
CA ARG H 33 -37.95 64.56 39.22
C ARG H 33 -39.00 63.48 39.03
N ASN H 34 -38.72 62.26 39.48
CA ASN H 34 -39.57 61.12 39.19
C ASN H 34 -40.61 60.86 40.26
N PHE H 35 -40.29 61.13 41.53
CA PHE H 35 -41.12 60.71 42.67
C PHE H 35 -41.82 61.89 43.34
N LEU H 36 -41.07 62.90 43.79
CA LEU H 36 -41.64 63.96 44.61
C LEU H 36 -42.35 65.01 43.75
N LEU H 37 -41.71 65.41 42.65
CA LEU H 37 -42.22 66.54 41.87
C LEU H 37 -43.61 66.29 41.28
N PRO H 38 -43.87 65.20 40.53
CA PRO H 38 -45.19 65.07 39.92
C PRO H 38 -46.31 64.87 40.92
N LEU H 39 -46.01 64.35 42.10
CA LEU H 39 -46.99 64.15 43.15
C LEU H 39 -47.20 65.40 44.02
N GLY H 40 -46.53 66.51 43.70
CA GLY H 40 -46.72 67.72 44.47
C GLY H 40 -46.19 67.67 45.89
N LYS H 41 -45.29 66.73 46.19
CA LYS H 41 -44.79 66.55 47.54
C LYS H 41 -43.64 67.50 47.89
N ALA H 42 -43.14 68.28 46.93
CA ALA H 42 -42.02 69.16 47.20
C ALA H 42 -41.90 70.18 46.09
N GLU H 43 -41.00 71.13 46.29
CA GLU H 43 -40.73 72.18 45.30
C GLU H 43 -39.24 72.46 45.23
N VAL H 44 -38.85 73.49 44.48
CA VAL H 44 -37.46 73.81 44.22
C VAL H 44 -37.10 75.09 44.97
N VAL H 45 -35.88 75.14 45.50
CA VAL H 45 -35.38 76.32 46.19
C VAL H 45 -34.94 77.36 45.17
N THR H 46 -35.21 78.63 45.46
CA THR H 46 -34.82 79.73 44.58
C THR H 46 -34.90 81.06 45.30
N LYS I 1 -11.72 39.00 -103.80
CA LYS I 1 -12.92 38.21 -103.60
C LYS I 1 -14.09 38.83 -104.35
N SER I 2 -14.69 39.87 -103.78
CA SER I 2 -15.83 40.55 -104.37
C SER I 2 -15.35 41.62 -105.33
N THR I 3 -15.92 41.62 -106.54
CA THR I 3 -15.59 42.60 -107.57
C THR I 3 -16.81 43.50 -107.75
N SER I 4 -16.88 44.53 -106.91
CA SER I 4 -17.91 45.55 -106.96
C SER I 4 -17.23 46.91 -107.05
N ALA I 5 -17.93 47.87 -107.66
CA ALA I 5 -17.36 49.20 -107.83
C ALA I 5 -17.05 49.86 -106.49
N SER I 6 -17.81 49.52 -105.45
CA SER I 6 -17.53 50.06 -104.12
C SER I 6 -16.22 49.51 -103.57
N THR I 7 -16.12 48.18 -103.43
CA THR I 7 -14.93 47.58 -102.87
C THR I 7 -13.73 47.73 -103.82
N LYS I 8 -13.98 47.75 -105.13
CA LYS I 8 -12.87 47.95 -106.07
C LYS I 8 -12.26 49.32 -105.90
N CYS I 9 -13.08 50.32 -105.56
CA CYS I 9 -12.55 51.66 -105.34
C CYS I 9 -11.59 51.68 -104.16
N THR I 10 -11.94 50.96 -103.08
CA THR I 10 -11.11 50.95 -101.88
C THR I 10 -9.70 50.44 -102.18
N GLU I 11 -9.58 49.48 -103.10
CA GLU I 11 -8.28 48.95 -103.46
C GLU I 11 -7.49 49.93 -104.32
N GLU I 12 -8.16 50.85 -105.02
CA GLU I 12 -7.46 51.80 -105.87
C GLU I 12 -6.85 52.93 -105.05
N TRP I 13 -7.52 53.36 -103.99
CA TRP I 13 -6.98 54.44 -103.17
C TRP I 13 -5.69 54.02 -102.48
N ARG I 14 -5.68 52.82 -101.90
CA ARG I 14 -4.51 52.36 -101.16
C ARG I 14 -3.30 52.21 -102.07
N GLN I 15 -3.51 51.81 -103.32
CA GLN I 15 -2.43 51.84 -104.30
C GLN I 15 -1.92 53.25 -104.51
N LEU I 16 -2.81 54.24 -104.44
CA LEU I 16 -2.41 55.63 -104.56
C LEU I 16 -1.77 56.14 -103.28
N LYS I 17 -2.29 55.72 -102.12
CA LYS I 17 -1.71 56.14 -100.86
C LYS I 17 -0.30 55.58 -100.69
N GLU I 18 -0.10 54.31 -101.05
CA GLU I 18 1.23 53.72 -101.00
C GLU I 18 2.17 54.38 -102.01
N ALA I 19 1.64 54.81 -103.16
CA ALA I 19 2.48 55.43 -104.17
C ALA I 19 2.98 56.79 -103.69
N VAL I 20 2.09 57.62 -103.17
CA VAL I 20 2.50 58.91 -102.63
C VAL I 20 3.44 58.72 -101.44
N LYS I 21 3.19 57.69 -100.64
CA LYS I 21 4.09 57.36 -99.54
C LYS I 21 5.46 56.94 -100.04
N LYS I 22 5.53 56.34 -101.23
CA LYS I 22 6.79 55.86 -101.76
C LYS I 22 7.64 56.99 -102.32
N GLU I 23 7.01 58.04 -102.85
CA GLU I 23 7.77 59.10 -103.50
C GLU I 23 8.57 59.91 -102.49
N PHE I 24 7.89 60.52 -101.53
CA PHE I 24 8.55 61.35 -100.53
C PHE I 24 9.32 60.54 -99.50
N ALA I 25 9.23 59.21 -99.53
CA ALA I 25 10.04 58.38 -98.66
C ALA I 25 11.46 58.28 -99.20
N ILE I 26 12.38 57.90 -98.32
CA ILE I 26 13.78 57.76 -98.67
C ILE I 26 14.00 56.36 -99.24
N PRO I 27 14.62 56.19 -100.41
CA PRO I 27 14.86 54.82 -100.89
C PRO I 27 15.82 54.06 -99.99
N HIS I 28 15.57 52.76 -99.85
CA HIS I 28 16.45 51.89 -99.08
C HIS I 28 17.67 51.51 -99.91
N VAL I 29 18.82 51.48 -99.26
CA VAL I 29 20.10 51.21 -99.91
C VAL I 29 20.59 49.85 -99.44
N PRO I 30 21.07 48.98 -100.33
CA PRO I 30 21.68 47.74 -99.84
C PRO I 30 23.06 47.96 -99.25
N LEU I 31 23.39 47.12 -98.27
CA LEU I 31 24.61 47.32 -97.49
C LEU I 31 25.87 46.99 -98.29
N ASP I 32 25.75 46.16 -99.33
CA ASP I 32 26.93 45.69 -100.04
C ASP I 32 27.66 46.82 -100.77
N GLN I 33 28.80 47.22 -100.22
CA GLN I 33 29.69 48.20 -100.84
C GLN I 33 28.97 49.53 -101.10
N ARG I 34 28.55 50.16 -100.01
CA ARG I 34 27.91 51.47 -100.05
C ARG I 34 28.76 52.51 -99.35
N TRP I 35 28.74 53.72 -99.90
CA TRP I 35 29.40 54.85 -99.28
C TRP I 35 28.57 55.33 -98.09
N MET I 36 29.13 56.26 -97.32
CA MET I 36 28.54 56.71 -96.06
C MET I 36 27.08 57.12 -96.23
N PHE I 37 26.80 57.99 -97.20
CA PHE I 37 25.47 58.56 -97.34
C PHE I 37 25.18 58.84 -98.80
N THR I 38 24.02 59.45 -99.05
CA THR I 38 23.59 59.87 -100.36
C THR I 38 22.88 61.21 -100.24
N LEU I 39 22.53 61.79 -101.40
CA LEU I 39 21.78 63.03 -101.42
C LEU I 39 20.37 62.85 -100.88
N GLU I 40 19.82 61.63 -100.93
CA GLU I 40 18.46 61.40 -100.47
C GLU I 40 18.38 61.39 -98.95
N GLU I 41 19.14 60.50 -98.30
CA GLU I 41 19.06 60.34 -96.86
C GLU I 41 19.81 61.42 -96.09
N ALA I 42 20.57 62.28 -96.77
CA ALA I 42 21.22 63.38 -96.08
C ALA I 42 20.20 64.34 -95.48
N THR I 43 19.03 64.46 -96.10
CA THR I 43 17.94 65.25 -95.56
C THR I 43 17.13 64.50 -94.50
N GLY I 44 17.51 63.27 -94.16
CA GLY I 44 16.76 62.47 -93.23
C GLY I 44 17.29 62.56 -91.83
N PRO I 45 16.81 61.68 -90.94
CA PRO I 45 17.32 61.66 -89.56
C PRO I 45 18.80 61.31 -89.51
N ASP I 46 19.36 61.43 -88.31
CA ASP I 46 20.79 61.24 -88.09
C ASP I 46 21.04 59.76 -87.82
N ILE I 47 21.24 59.00 -88.91
CA ILE I 47 21.62 57.60 -88.81
C ILE I 47 23.11 57.41 -88.61
N TRP I 48 23.88 58.50 -88.50
CA TRP I 48 25.33 58.44 -88.45
C TRP I 48 25.88 58.56 -87.03
N ASN I 49 25.43 59.58 -86.31
CA ASN I 49 25.77 59.73 -84.90
C ASN I 49 24.83 58.94 -83.99
N THR I 50 23.96 58.13 -84.55
CA THR I 50 23.13 57.18 -83.81
C THR I 50 23.42 55.78 -84.32
N THR I 51 23.24 54.80 -83.45
CA THR I 51 23.54 53.43 -83.81
C THR I 51 22.62 52.96 -84.92
N TRP I 52 23.18 52.19 -85.85
CA TRP I 52 22.41 51.68 -86.97
C TRP I 52 21.54 50.51 -86.51
N TYR I 53 20.25 50.74 -86.41
CA TYR I 53 19.29 49.69 -86.16
C TYR I 53 18.70 49.22 -87.49
N PRO I 54 18.66 47.93 -87.80
CA PRO I 54 18.26 47.52 -89.15
C PRO I 54 16.78 47.70 -89.39
N LYS I 55 16.44 47.89 -90.66
CA LYS I 55 15.06 47.93 -91.12
C LYS I 55 14.59 46.53 -91.49
N SER I 56 13.29 46.42 -91.77
CA SER I 56 12.75 45.13 -92.19
C SER I 56 13.24 44.74 -93.58
N ALA I 57 13.67 45.70 -94.39
CA ALA I 57 14.19 45.42 -95.72
C ALA I 57 15.61 44.89 -95.73
N ASP I 58 16.25 44.76 -94.56
CA ASP I 58 17.61 44.25 -94.47
C ASP I 58 17.62 42.73 -94.38
N HIS I 59 16.93 42.18 -93.38
CA HIS I 59 16.89 40.73 -93.17
C HIS I 59 15.71 40.10 -93.92
N VAL I 60 15.64 40.38 -95.22
CA VAL I 60 14.63 39.78 -96.08
C VAL I 60 14.89 38.28 -96.10
N PRO I 61 14.03 37.43 -95.51
CA PRO I 61 14.40 36.03 -95.32
C PRO I 61 14.63 35.25 -96.61
N THR I 62 14.10 35.73 -97.74
CA THR I 62 14.30 35.00 -99.00
C THR I 62 15.77 34.96 -99.39
N ASP I 63 16.41 36.13 -99.45
CA ASP I 63 17.80 36.24 -99.91
C ASP I 63 18.76 36.22 -98.73
N LYS I 64 18.66 35.18 -97.91
CA LYS I 64 19.63 34.89 -96.87
C LYS I 64 20.63 33.86 -97.36
N LYS I 65 21.73 33.74 -96.63
CA LYS I 65 22.80 32.82 -97.00
C LYS I 65 22.47 31.41 -96.54
N TRP I 66 23.21 30.46 -97.10
CA TRP I 66 23.03 29.04 -96.81
C TRP I 66 24.40 28.39 -96.77
N TYR I 67 24.59 27.48 -95.81
CA TYR I 67 25.87 26.84 -95.58
C TYR I 67 25.67 25.32 -95.48
N VAL I 68 26.79 24.60 -95.50
CA VAL I 68 26.80 23.16 -95.35
C VAL I 68 27.93 22.79 -94.39
N VAL I 69 27.68 21.75 -93.60
CA VAL I 69 28.67 21.26 -92.65
C VAL I 69 28.68 19.74 -92.68
N ASP I 70 29.68 19.16 -93.33
CA ASP I 70 29.87 17.72 -93.32
C ASP I 70 30.41 17.32 -91.95
N ALA I 71 29.63 16.54 -91.21
CA ALA I 71 29.98 16.13 -89.85
C ALA I 71 30.75 14.82 -89.82
N THR I 72 31.48 14.49 -90.88
CA THR I 72 32.27 13.26 -90.92
C THR I 72 33.56 13.49 -90.15
N ASP I 73 33.64 12.94 -88.94
CA ASP I 73 34.79 13.11 -88.06
C ASP I 73 34.99 14.58 -87.69
N LEU I 74 33.92 15.18 -87.18
CA LEU I 74 33.92 16.54 -86.68
C LEU I 74 33.49 16.51 -85.22
N ILE I 75 34.18 17.29 -84.37
CA ILE I 75 33.84 17.34 -82.95
C ILE I 75 32.45 17.95 -82.80
N LEU I 76 31.70 17.43 -81.82
CA LEU I 76 30.31 17.85 -81.64
C LEU I 76 30.22 19.29 -81.17
N GLY I 77 30.76 19.57 -79.98
CA GLY I 77 30.54 20.87 -79.36
C GLY I 77 31.20 22.00 -80.13
N ARG I 78 32.44 21.78 -80.58
CA ARG I 78 33.15 22.83 -81.31
C ARG I 78 32.46 23.13 -82.63
N MET I 79 31.91 22.10 -83.28
CA MET I 79 31.12 22.33 -84.49
C MET I 79 29.81 23.04 -84.16
N ALA I 80 29.24 22.78 -82.98
CA ALA I 80 28.00 23.45 -82.61
C ALA I 80 28.25 24.90 -82.24
N SER I 81 29.43 25.22 -81.69
CA SER I 81 29.71 26.59 -81.28
C SER I 81 29.73 27.53 -82.47
N THR I 82 30.44 27.15 -83.53
CA THR I 82 30.51 28.01 -84.70
C THR I 82 29.16 28.13 -85.38
N ILE I 83 28.38 27.04 -85.41
CA ILE I 83 27.06 27.08 -86.05
C ILE I 83 26.16 28.10 -85.37
N ALA I 84 26.30 28.27 -84.05
CA ALA I 84 25.56 29.31 -83.37
C ALA I 84 26.07 30.69 -83.74
N ILE I 85 27.37 30.83 -83.97
CA ILE I 85 27.95 32.11 -84.36
C ILE I 85 27.41 32.54 -85.72
N HIS I 86 27.15 31.57 -86.61
CA HIS I 86 26.69 31.89 -87.96
C HIS I 86 25.18 32.06 -88.03
N ILE I 87 24.43 31.32 -87.22
CA ILE I 87 22.97 31.46 -87.22
C ILE I 87 22.56 32.74 -86.52
N ARG I 88 23.24 33.10 -85.43
CA ARG I 88 22.89 34.29 -84.69
C ARG I 88 23.34 35.56 -85.41
N GLY I 89 24.28 35.46 -86.36
CA GLY I 89 24.78 36.62 -87.06
C GLY I 89 25.90 37.34 -86.34
N LYS I 90 26.57 36.67 -85.41
CA LYS I 90 27.61 37.30 -84.62
C LYS I 90 28.86 37.60 -85.44
N ASN I 91 29.04 36.94 -86.59
CA ASN I 91 30.19 37.19 -87.44
C ASN I 91 30.01 38.39 -88.36
N LEU I 92 28.79 38.92 -88.49
CA LEU I 92 28.52 40.03 -89.39
C LEU I 92 28.70 41.37 -88.69
N ALA I 93 29.12 42.37 -89.46
CA ALA I 93 29.21 43.74 -88.96
C ALA I 93 27.84 44.30 -88.62
N SER I 94 26.77 43.76 -89.21
CA SER I 94 25.42 44.23 -89.02
C SER I 94 24.71 43.53 -87.86
N TYR I 95 25.47 43.07 -86.86
CA TYR I 95 24.90 42.31 -85.77
C TYR I 95 23.89 43.14 -84.98
N THR I 96 22.83 42.46 -84.54
CA THR I 96 21.81 43.06 -83.71
C THR I 96 21.17 41.94 -82.88
N PRO I 97 21.22 41.99 -81.53
CA PRO I 97 20.66 40.87 -80.75
C PRO I 97 19.17 40.67 -80.95
N SER I 98 18.43 41.71 -81.33
CA SER I 98 16.99 41.65 -81.42
C SER I 98 16.49 41.39 -82.83
N VAL I 99 17.37 41.00 -83.76
CA VAL I 99 17.00 40.80 -85.15
C VAL I 99 17.76 39.60 -85.70
N ASP I 100 17.11 38.87 -86.60
CA ASP I 100 17.70 37.71 -87.25
C ASP I 100 18.48 38.18 -88.47
N MET I 101 19.66 38.74 -88.22
CA MET I 101 20.58 39.13 -89.29
C MET I 101 21.51 38.00 -89.72
N GLY I 102 21.36 36.81 -89.16
CA GLY I 102 22.29 35.73 -89.41
C GLY I 102 22.05 35.00 -90.71
N ALA I 103 22.11 33.68 -90.70
CA ALA I 103 22.00 32.90 -91.92
C ALA I 103 21.54 31.50 -91.57
N PHE I 104 21.30 30.71 -92.61
CA PHE I 104 20.92 29.31 -92.48
C PHE I 104 22.16 28.44 -92.38
N VAL I 105 21.97 27.23 -91.87
CA VAL I 105 23.03 26.22 -91.80
C VAL I 105 22.41 24.86 -92.07
N ILE I 106 23.11 24.04 -92.86
CA ILE I 106 22.70 22.67 -93.16
C ILE I 106 23.78 21.75 -92.64
N VAL I 107 23.37 20.65 -92.03
CA VAL I 107 24.27 19.65 -91.49
C VAL I 107 23.98 18.32 -92.18
N VAL I 108 25.05 17.58 -92.50
CA VAL I 108 24.95 16.31 -93.20
C VAL I 108 25.92 15.33 -92.56
N ASN I 109 25.65 14.04 -92.77
CA ASN I 109 26.43 12.96 -92.17
C ASN I 109 26.48 13.10 -90.65
N ALA I 110 25.30 13.35 -90.07
CA ALA I 110 25.21 13.57 -88.62
C ALA I 110 25.65 12.34 -87.85
N ASP I 111 25.39 11.15 -88.37
CA ASP I 111 25.77 9.93 -87.68
C ASP I 111 27.27 9.69 -87.65
N LYS I 112 28.05 10.40 -88.49
CA LYS I 112 29.50 10.30 -88.50
C LYS I 112 30.16 11.35 -87.62
N VAL I 113 29.41 11.95 -86.71
CA VAL I 113 29.97 12.99 -85.84
C VAL I 113 30.98 12.38 -84.88
N ALA I 114 32.06 13.11 -84.64
CA ALA I 114 33.08 12.66 -83.72
C ALA I 114 32.70 12.98 -82.29
N VAL I 115 33.32 12.27 -81.36
CA VAL I 115 33.09 12.48 -79.93
C VAL I 115 34.33 12.00 -79.18
N SER I 116 34.81 12.83 -78.26
CA SER I 116 36.04 12.55 -77.55
C SER I 116 35.76 11.74 -76.28
N GLY I 117 36.83 11.13 -75.76
CA GLY I 117 36.75 10.35 -74.55
C GLY I 117 35.80 9.18 -74.70
N LYS I 118 35.25 8.78 -73.55
CA LYS I 118 34.27 7.71 -73.46
C LYS I 118 32.84 8.25 -73.33
N LYS I 119 32.58 9.43 -73.89
CA LYS I 119 31.24 9.99 -73.88
C LYS I 119 30.26 9.20 -74.72
N ARG I 120 30.75 8.36 -75.63
CA ARG I 120 29.87 7.55 -76.46
C ARG I 120 29.04 6.58 -75.62
N THR I 121 29.55 6.20 -74.43
CA THR I 121 28.84 5.32 -73.52
C THR I 121 28.52 5.97 -72.17
N GLN I 122 28.97 7.20 -71.93
CA GLN I 122 28.80 7.87 -70.65
C GLN I 122 27.87 9.07 -70.70
N LYS I 123 27.86 9.82 -71.82
CA LYS I 123 27.00 10.98 -71.92
C LYS I 123 25.54 10.53 -72.00
N LEU I 124 24.72 11.06 -71.09
CA LEU I 124 23.35 10.61 -70.92
C LEU I 124 22.41 11.71 -71.40
N TYR I 125 21.84 11.53 -72.59
CA TYR I 125 20.70 12.30 -73.02
C TYR I 125 19.47 11.79 -72.30
N ARG I 126 18.66 12.70 -71.77
CA ARG I 126 17.51 12.31 -70.97
C ARG I 126 16.39 13.32 -71.14
N ARG I 127 15.22 12.95 -70.62
CA ARG I 127 14.02 13.75 -70.74
C ARG I 127 13.06 13.32 -69.64
N HIS I 128 11.99 14.08 -69.50
CA HIS I 128 11.03 13.86 -68.43
C HIS I 128 9.62 14.20 -68.92
N SER I 129 8.63 13.49 -68.37
CA SER I 129 7.24 13.64 -68.76
C SER I 129 6.46 14.53 -67.81
N GLY I 130 6.58 14.29 -66.51
CA GLY I 130 5.80 14.99 -65.50
C GLY I 130 5.42 14.08 -64.35
N ARG I 131 5.44 12.77 -64.59
CA ARG I 131 5.16 11.80 -63.54
C ARG I 131 6.32 11.75 -62.56
N PRO I 132 6.14 11.11 -61.40
CA PRO I 132 7.29 10.82 -60.54
C PRO I 132 8.19 9.69 -61.01
N GLY I 133 7.91 9.09 -62.17
CA GLY I 133 8.76 8.06 -62.73
C GLY I 133 8.91 8.21 -64.22
N GLY I 134 8.78 9.43 -64.73
CA GLY I 134 8.83 9.69 -66.15
C GLY I 134 10.22 10.03 -66.66
N LEU I 135 11.25 9.74 -65.87
CA LEU I 135 12.63 10.00 -66.27
C LEU I 135 13.12 8.87 -67.16
N LYS I 136 13.62 9.22 -68.34
CA LYS I 136 14.10 8.27 -69.33
C LYS I 136 15.53 8.64 -69.70
N GLU I 137 16.50 7.93 -69.15
CA GLU I 137 17.89 8.15 -69.51
C GLU I 137 18.24 7.40 -70.80
N GLU I 138 19.17 7.97 -71.55
CA GLU I 138 19.55 7.41 -72.83
C GLU I 138 20.98 7.85 -73.15
N THR I 139 21.79 6.91 -73.60
CA THR I 139 23.20 7.17 -73.87
C THR I 139 23.36 7.80 -75.27
N PHE I 140 24.60 8.21 -75.54
CA PHE I 140 24.93 8.74 -76.86
C PHE I 140 24.70 7.70 -77.95
N ASP I 141 25.19 6.48 -77.73
CA ASP I 141 25.14 5.45 -78.76
C ASP I 141 23.72 4.96 -78.97
N GLN I 142 22.94 4.82 -77.90
CA GLN I 142 21.55 4.41 -78.05
C GLN I 142 20.75 5.46 -78.81
N LEU I 143 20.97 6.73 -78.49
CA LEU I 143 20.34 7.80 -79.26
C LEU I 143 20.92 7.88 -80.67
N GLN I 144 22.17 7.45 -80.84
CA GLN I 144 22.80 7.50 -82.16
C GLN I 144 22.13 6.55 -83.13
N LYS I 145 21.49 5.50 -82.63
CA LYS I 145 20.78 4.55 -83.49
C LYS I 145 19.31 4.93 -83.67
N ARG I 146 18.68 5.46 -82.62
CA ARG I 146 17.25 5.74 -82.68
C ARG I 146 16.97 6.99 -83.50
N ILE I 147 17.54 8.13 -83.09
CA ILE I 147 17.41 9.39 -83.82
C ILE I 147 18.77 10.08 -83.80
N PRO I 148 19.58 10.02 -84.87
CA PRO I 148 20.87 10.73 -84.84
C PRO I 148 20.74 12.23 -84.77
N GLU I 149 19.59 12.80 -85.15
CA GLU I 149 19.49 14.23 -85.37
C GLU I 149 19.30 15.00 -84.06
N ARG I 150 18.74 14.40 -83.03
CA ARG I 150 18.58 15.08 -81.76
C ARG I 150 19.91 15.43 -81.12
N ILE I 151 20.98 14.70 -81.47
CA ILE I 151 22.30 15.00 -80.94
C ILE I 151 22.72 16.40 -81.36
N ILE I 152 22.67 16.69 -82.66
CA ILE I 152 23.06 18.00 -83.15
C ILE I 152 22.08 19.06 -82.64
N GLU I 153 20.79 18.76 -82.69
CA GLU I 153 19.79 19.74 -82.29
C GLU I 153 19.90 20.08 -80.81
N HIS I 154 20.09 19.07 -79.96
CA HIS I 154 20.14 19.31 -78.52
C HIS I 154 21.35 20.13 -78.13
N ALA I 155 22.44 20.03 -78.89
CA ALA I 155 23.65 20.79 -78.58
C ALA I 155 23.52 22.25 -79.01
N VAL I 156 23.06 22.48 -80.24
CA VAL I 156 22.95 23.84 -80.75
C VAL I 156 21.88 24.61 -79.98
N ARG I 157 20.83 23.93 -79.55
CA ARG I 157 19.75 24.61 -78.83
C ARG I 157 20.26 25.21 -77.53
N GLY I 158 21.14 24.49 -76.83
CA GLY I 158 21.72 25.02 -75.61
C GLY I 158 22.64 26.20 -75.83
N MET I 159 23.13 26.39 -77.05
CA MET I 159 24.02 27.49 -77.39
C MET I 159 23.27 28.68 -77.96
N LEU I 160 22.13 28.47 -78.58
CA LEU I 160 21.30 29.56 -79.04
C LEU I 160 20.67 30.27 -77.84
N PRO I 161 20.21 31.51 -78.01
CA PRO I 161 19.50 32.17 -76.91
C PRO I 161 18.20 31.46 -76.57
N LYS I 162 17.66 31.82 -75.41
CA LYS I 162 16.43 31.25 -74.88
C LYS I 162 15.37 32.33 -74.85
N GLY I 163 14.29 32.13 -75.58
CA GLY I 163 13.21 33.10 -75.62
C GLY I 163 12.43 32.96 -76.91
N ARG I 164 11.73 34.05 -77.25
CA ARG I 164 10.97 34.09 -78.49
C ARG I 164 11.87 33.87 -79.69
N LEU I 165 12.98 34.60 -79.76
CA LEU I 165 13.82 34.57 -80.94
C LEU I 165 14.57 33.24 -81.04
N GLY I 166 15.07 32.73 -79.91
CA GLY I 166 15.81 31.48 -79.95
C GLY I 166 14.99 30.32 -80.46
N ARG I 167 13.71 30.28 -80.10
CA ARG I 167 12.81 29.29 -80.68
C ARG I 167 12.63 29.52 -82.16
N TYR I 168 12.74 30.77 -82.60
CA TYR I 168 12.66 31.10 -84.02
C TYR I 168 14.00 30.86 -84.73
N LEU I 169 15.11 30.93 -83.99
CA LEU I 169 16.41 30.65 -84.58
C LEU I 169 16.63 29.17 -84.85
N PHE I 170 15.91 28.29 -84.13
CA PHE I 170 16.16 26.86 -84.26
C PHE I 170 15.75 26.34 -85.63
N ASN I 171 14.64 26.86 -86.18
CA ASN I 171 14.16 26.39 -87.46
C ASN I 171 15.12 26.70 -88.60
N HIS I 172 16.00 27.69 -88.42
CA HIS I 172 17.03 27.99 -89.40
C HIS I 172 18.07 26.89 -89.54
N LEU I 173 18.14 25.97 -88.58
CA LEU I 173 19.05 24.84 -88.63
C LEU I 173 18.37 23.65 -89.29
N LYS I 174 19.03 23.06 -90.27
CA LYS I 174 18.58 21.83 -90.91
C LYS I 174 19.65 20.76 -90.72
N VAL I 175 19.23 19.56 -90.32
CA VAL I 175 20.13 18.46 -90.03
C VAL I 175 19.63 17.23 -90.76
N TYR I 176 20.58 16.40 -91.21
CA TYR I 176 20.26 15.23 -92.00
C TYR I 176 21.24 14.11 -91.69
N LYS I 177 20.75 12.88 -91.75
CA LYS I 177 21.57 11.72 -91.44
C LYS I 177 22.50 11.37 -92.59
N GLY I 178 21.97 11.34 -93.81
CA GLY I 178 22.74 10.93 -94.96
C GLY I 178 23.70 12.01 -95.43
N ALA I 179 24.39 11.69 -96.52
CA ALA I 179 25.37 12.59 -97.14
C ALA I 179 24.75 13.49 -98.21
N GLU I 180 23.43 13.63 -98.22
CA GLU I 180 22.73 14.44 -99.22
C GLU I 180 21.59 15.18 -98.55
N HIS I 181 21.12 16.23 -99.23
CA HIS I 181 20.02 17.04 -98.75
C HIS I 181 19.23 17.57 -99.94
N PRO I 182 17.93 17.83 -99.77
CA PRO I 182 17.13 18.32 -100.91
C PRO I 182 17.29 19.81 -101.17
N HIS I 183 18.05 20.53 -100.36
CA HIS I 183 18.16 21.98 -100.46
C HIS I 183 19.24 22.38 -101.47
N GLN I 184 19.07 21.88 -102.70
CA GLN I 184 20.03 22.16 -103.76
C GLN I 184 19.74 23.49 -104.46
N ALA I 185 18.46 23.87 -104.56
CA ALA I 185 18.11 25.07 -105.31
C ALA I 185 18.63 26.33 -104.63
N GLN I 186 18.83 26.30 -103.31
CA GLN I 186 19.28 27.48 -102.60
C GLN I 186 20.75 27.81 -102.85
N GLN I 187 21.51 26.91 -103.47
CA GLN I 187 22.91 27.13 -103.80
C GLN I 187 23.73 27.47 -102.56
N PRO I 188 23.88 26.54 -101.62
CA PRO I 188 24.69 26.81 -100.44
C PRO I 188 26.18 26.71 -100.75
N ILE I 189 26.98 26.98 -99.72
CA ILE I 189 28.43 26.94 -99.83
C ILE I 189 29.00 26.20 -98.61
N ASP I 190 30.30 25.95 -98.66
CA ASP I 190 31.00 25.31 -97.56
C ASP I 190 31.26 26.30 -96.45
N LEU I 191 31.08 25.86 -95.22
CA LEU I 191 31.20 26.73 -94.07
C LEU I 191 32.66 26.75 -93.60
N PRO I 192 33.24 27.92 -93.28
CA PRO I 192 34.60 27.94 -92.77
C PRO I 192 34.66 27.52 -91.31
N LEU I 193 35.87 27.19 -90.87
CA LEU I 193 36.11 26.70 -89.51
C LEU I 193 37.45 27.29 -89.04
N ARG I 194 37.37 28.35 -88.24
CA ARG I 194 38.58 29.00 -87.74
C ARG I 194 39.34 28.08 -86.80
N ASP I 195 38.62 27.31 -85.98
CA ASP I 195 39.26 26.44 -85.01
C ASP I 195 40.04 25.33 -85.73
N LYS I 196 41.06 24.81 -85.04
CA LYS I 196 41.93 23.78 -85.57
C LYS I 196 41.91 22.49 -84.74
N ARG I 197 41.01 22.39 -83.76
CA ARG I 197 40.89 21.21 -82.91
C ARG I 197 39.73 20.32 -83.33
N ILE I 198 39.01 20.66 -84.40
CA ILE I 198 37.79 19.94 -84.72
C ILE I 198 38.10 18.69 -85.55
N ARG I 199 39.15 18.73 -86.37
CA ARG I 199 39.51 17.59 -87.21
C ARG I 199 40.49 16.71 -86.45
N VAL I 200 40.04 15.51 -86.09
CA VAL I 200 40.88 14.56 -85.36
C VAL I 200 42.12 14.19 -86.18
N MET J 1 -17.92 -21.16 -51.29
CA MET J 1 -17.92 -19.74 -50.84
C MET J 1 -17.88 -19.70 -49.33
N ILE J 2 -16.77 -20.16 -48.77
CA ILE J 2 -16.61 -20.31 -47.32
C ILE J 2 -15.62 -19.24 -46.86
N GLN J 3 -16.15 -18.23 -46.20
CA GLN J 3 -15.39 -17.18 -45.56
C GLN J 3 -15.06 -17.59 -44.13
N PRO J 4 -14.00 -17.03 -43.53
CA PRO J 4 -13.80 -17.26 -42.10
C PRO J 4 -14.98 -16.76 -41.28
N GLN J 5 -15.04 -17.26 -40.04
CA GLN J 5 -16.18 -17.11 -39.14
C GLN J 5 -17.46 -17.73 -39.70
N THR J 6 -17.33 -18.70 -40.60
CA THR J 6 -18.47 -19.39 -41.19
C THR J 6 -18.73 -20.68 -40.44
N HIS J 7 -19.96 -20.87 -39.99
CA HIS J 7 -20.33 -22.05 -39.21
C HIS J 7 -20.73 -23.17 -40.15
N LEU J 8 -19.97 -24.26 -40.12
CA LEU J 8 -20.16 -25.41 -40.99
C LEU J 8 -20.68 -26.59 -40.19
N ASN J 9 -21.38 -27.49 -40.88
CA ASN J 9 -21.82 -28.74 -40.30
C ASN J 9 -20.74 -29.81 -40.46
N VAL J 10 -20.98 -30.98 -39.89
CA VAL J 10 -20.05 -32.10 -39.95
C VAL J 10 -20.78 -33.28 -40.60
N ALA J 11 -20.10 -33.95 -41.53
CA ALA J 11 -20.68 -35.04 -42.30
C ALA J 11 -20.17 -36.42 -41.90
N ASP J 12 -18.98 -36.51 -41.29
CA ASP J 12 -18.34 -37.77 -41.02
C ASP J 12 -18.65 -38.25 -39.60
N ASN J 13 -18.07 -39.39 -39.25
CA ASN J 13 -18.21 -39.98 -37.92
C ASN J 13 -17.11 -39.51 -36.97
N SER J 14 -16.52 -38.34 -37.23
CA SER J 14 -15.42 -37.85 -36.42
C SER J 14 -15.83 -37.57 -34.98
N GLY J 15 -17.11 -37.33 -34.73
CA GLY J 15 -17.58 -36.99 -33.40
C GLY J 15 -17.70 -35.51 -33.13
N ALA J 16 -17.89 -34.70 -34.17
CA ALA J 16 -18.11 -33.26 -34.04
C ALA J 16 -19.43 -32.90 -34.69
N ARG J 17 -19.94 -31.73 -34.31
CA ARG J 17 -21.23 -31.22 -34.79
C ARG J 17 -21.11 -29.94 -35.58
N GLU J 18 -20.20 -29.05 -35.21
CA GLU J 18 -20.04 -27.76 -35.86
C GLU J 18 -18.58 -27.38 -35.93
N LEU J 19 -18.25 -26.56 -36.92
CA LEU J 19 -16.91 -26.05 -37.14
C LEU J 19 -16.99 -24.57 -37.45
N MET J 20 -15.82 -23.93 -37.44
CA MET J 20 -15.71 -22.51 -37.77
C MET J 20 -14.40 -22.30 -38.51
N CYS J 21 -14.47 -22.05 -39.81
CA CYS J 21 -13.28 -21.80 -40.60
C CYS J 21 -12.60 -20.51 -40.15
N ILE J 22 -11.27 -20.52 -40.18
CA ILE J 22 -10.47 -19.36 -39.81
C ILE J 22 -9.50 -18.98 -40.92
N ARG J 23 -9.07 -19.96 -41.72
CA ARG J 23 -8.16 -19.71 -42.82
C ARG J 23 -8.44 -20.69 -43.96
N ILE J 24 -7.83 -20.42 -45.10
CA ILE J 24 -7.93 -21.25 -46.29
C ILE J 24 -6.55 -21.78 -46.62
N ILE J 25 -6.51 -22.98 -47.22
CA ILE J 25 -5.26 -23.66 -47.55
C ILE J 25 -5.26 -23.99 -49.03
N GLY J 26 -4.09 -23.88 -49.66
CA GLY J 26 -3.92 -24.24 -51.05
C GLY J 26 -4.01 -23.04 -51.98
N ALA J 27 -4.95 -22.14 -51.70
CA ALA J 27 -5.13 -20.93 -52.48
C ALA J 27 -4.35 -19.80 -51.81
N SER J 28 -3.34 -19.30 -52.51
CA SER J 28 -2.44 -18.31 -51.93
C SER J 28 -3.19 -17.00 -51.68
N ASN J 29 -3.31 -16.63 -50.40
CA ASN J 29 -3.90 -15.36 -50.00
C ASN J 29 -5.35 -15.23 -50.48
N ARG J 30 -6.06 -16.34 -50.56
CA ARG J 30 -7.48 -16.33 -50.87
C ARG J 30 -8.29 -16.37 -49.57
N ARG J 31 -9.50 -15.82 -49.63
CA ARG J 31 -10.40 -15.75 -48.48
C ARG J 31 -11.62 -16.65 -48.59
N TYR J 32 -12.06 -16.98 -49.80
CA TYR J 32 -13.19 -17.88 -50.01
C TYR J 32 -12.71 -19.26 -50.42
N ALA J 33 -13.64 -20.19 -50.50
CA ALA J 33 -13.34 -21.58 -50.80
C ALA J 33 -14.58 -22.29 -51.33
N ARG J 34 -14.36 -23.24 -52.23
CA ARG J 34 -15.41 -24.06 -52.80
C ARG J 34 -15.26 -25.49 -52.31
N ILE J 35 -16.13 -26.37 -52.81
CA ILE J 35 -16.01 -27.80 -52.52
C ILE J 35 -14.67 -28.31 -53.05
N GLY J 36 -14.03 -29.17 -52.26
CA GLY J 36 -12.74 -29.71 -52.61
C GLY J 36 -11.57 -28.94 -52.05
N ASP J 37 -11.78 -27.73 -51.54
CA ASP J 37 -10.73 -26.92 -50.97
C ASP J 37 -10.50 -27.25 -49.51
N VAL J 38 -9.25 -27.28 -49.10
CA VAL J 38 -8.89 -27.55 -47.72
C VAL J 38 -8.98 -26.26 -46.93
N ILE J 39 -9.34 -26.38 -45.65
CA ILE J 39 -9.46 -25.24 -44.75
C ILE J 39 -8.91 -25.60 -43.38
N VAL J 40 -8.57 -24.57 -42.63
CA VAL J 40 -8.32 -24.66 -41.19
C VAL J 40 -9.61 -24.28 -40.50
N ALA J 41 -9.98 -25.04 -39.46
CA ALA J 41 -11.25 -24.86 -38.80
C ALA J 41 -11.08 -24.99 -37.29
N VAL J 42 -12.08 -24.50 -36.58
CA VAL J 42 -12.13 -24.55 -35.12
C VAL J 42 -13.44 -25.20 -34.71
N ILE J 43 -13.36 -26.19 -33.84
CA ILE J 43 -14.56 -26.84 -33.34
C ILE J 43 -15.29 -25.90 -32.39
N LYS J 44 -16.62 -25.95 -32.41
CA LYS J 44 -17.44 -25.15 -31.52
C LYS J 44 -18.43 -26.03 -30.76
N GLU J 45 -18.83 -27.15 -31.35
CA GLU J 45 -19.71 -28.12 -30.72
C GLU J 45 -19.21 -29.51 -31.05
N ALA J 46 -19.07 -30.35 -30.03
CA ALA J 46 -18.57 -31.70 -30.19
C ALA J 46 -19.47 -32.68 -29.44
N ILE J 47 -19.26 -33.96 -29.72
CA ILE J 47 -20.02 -35.02 -29.06
C ILE J 47 -19.35 -35.31 -27.71
N PRO J 48 -20.08 -35.55 -26.63
CA PRO J 48 -19.41 -35.93 -25.37
C PRO J 48 -18.69 -37.27 -25.50
N ASN J 49 -17.57 -37.36 -24.78
CA ASN J 49 -16.80 -38.60 -24.68
C ASN J 49 -16.36 -39.09 -26.06
N THR J 50 -15.54 -38.27 -26.70
CA THR J 50 -15.00 -38.54 -28.02
C THR J 50 -13.58 -38.01 -28.06
N PRO J 51 -12.73 -38.51 -28.98
CA PRO J 51 -11.35 -38.01 -29.00
C PRO J 51 -11.23 -36.53 -29.29
N LEU J 52 -12.17 -35.95 -30.03
CA LEU J 52 -12.13 -34.54 -30.38
C LEU J 52 -12.74 -33.71 -29.26
N GLU J 53 -12.02 -32.68 -28.84
CA GLU J 53 -12.46 -31.78 -27.79
C GLU J 53 -13.22 -30.60 -28.42
N ARG J 54 -13.57 -29.61 -27.61
CA ARG J 54 -14.41 -28.52 -28.08
C ARG J 54 -13.65 -27.45 -28.82
N SER J 55 -12.39 -27.18 -28.45
CA SER J 55 -11.64 -26.02 -28.91
C SER J 55 -10.32 -26.43 -29.53
N GLU J 56 -10.37 -27.43 -30.41
CA GLU J 56 -9.19 -27.88 -31.15
C GLU J 56 -9.13 -27.21 -32.51
N VAL J 57 -7.92 -27.06 -33.03
CA VAL J 57 -7.67 -26.56 -34.37
C VAL J 57 -7.29 -27.74 -35.26
N ILE J 58 -7.95 -27.85 -36.42
CA ILE J 58 -7.84 -29.02 -37.28
C ILE J 58 -7.85 -28.58 -38.74
N ARG J 59 -7.57 -29.55 -39.61
CA ARG J 59 -7.69 -29.39 -41.05
C ARG J 59 -8.92 -30.13 -41.54
N ALA J 60 -9.54 -29.59 -42.58
CA ALA J 60 -10.76 -30.18 -43.11
C ALA J 60 -10.94 -29.72 -44.55
N VAL J 61 -11.84 -30.41 -45.26
CA VAL J 61 -12.14 -30.14 -46.66
C VAL J 61 -13.64 -29.96 -46.80
N VAL J 62 -14.04 -29.05 -47.67
CA VAL J 62 -15.45 -28.75 -47.88
C VAL J 62 -16.03 -29.76 -48.85
N VAL J 63 -17.21 -30.28 -48.49
CA VAL J 63 -17.89 -31.31 -49.28
C VAL J 63 -19.23 -30.79 -49.78
N ARG J 64 -19.86 -29.90 -49.00
CA ARG J 64 -21.14 -29.32 -49.35
C ARG J 64 -21.10 -27.81 -49.17
N THR J 65 -21.72 -27.10 -50.10
CA THR J 65 -21.82 -25.65 -50.05
C THR J 65 -23.20 -25.22 -50.54
N CYS J 66 -23.76 -24.22 -49.87
CA CYS J 66 -25.00 -23.63 -50.37
C CYS J 66 -24.77 -22.84 -51.64
N LYS J 67 -23.55 -22.38 -51.88
CA LYS J 67 -23.20 -21.78 -53.16
C LYS J 67 -23.15 -22.86 -54.23
N GLU J 68 -23.42 -22.43 -55.46
CA GLU J 68 -23.60 -23.35 -56.57
C GLU J 68 -22.27 -23.73 -57.20
N LEU J 69 -22.14 -25.02 -57.53
CA LEU J 69 -20.95 -25.58 -58.16
C LEU J 69 -21.27 -25.88 -59.62
N LYS J 70 -20.57 -25.20 -60.53
CA LYS J 70 -20.79 -25.37 -61.95
C LYS J 70 -19.91 -26.49 -62.49
N ARG J 71 -20.44 -27.22 -63.47
CA ARG J 71 -19.71 -28.27 -64.18
C ARG J 71 -19.49 -27.83 -65.63
N ASP J 72 -18.79 -28.67 -66.39
CA ASP J 72 -18.48 -28.36 -67.77
C ASP J 72 -19.66 -28.65 -68.70
N ASN J 73 -20.47 -29.65 -68.37
CA ASN J 73 -21.59 -30.05 -69.21
C ASN J 73 -22.86 -29.23 -68.95
N GLY J 74 -22.74 -28.06 -68.32
CA GLY J 74 -23.88 -27.23 -68.03
C GLY J 74 -24.59 -27.56 -66.74
N MET J 75 -24.39 -28.76 -66.20
CA MET J 75 -25.00 -29.13 -64.93
C MET J 75 -24.44 -28.28 -63.80
N ILE J 76 -25.27 -28.05 -62.79
CA ILE J 76 -24.90 -27.27 -61.62
C ILE J 76 -25.45 -27.99 -60.40
N ILE J 77 -24.68 -27.96 -59.31
CA ILE J 77 -25.05 -28.60 -58.06
C ILE J 77 -25.29 -27.52 -57.02
N ARG J 78 -26.27 -27.77 -56.15
CA ARG J 78 -26.56 -26.87 -55.04
C ARG J 78 -27.00 -27.70 -53.86
N TYR J 79 -26.51 -27.34 -52.68
CA TYR J 79 -26.92 -27.94 -51.42
C TYR J 79 -27.67 -26.92 -50.58
N ASP J 80 -28.30 -27.40 -49.51
CA ASP J 80 -29.05 -26.57 -48.58
C ASP J 80 -28.32 -26.40 -47.25
N ASP J 81 -27.00 -26.57 -47.24
CA ASP J 81 -26.22 -26.40 -46.02
C ASP J 81 -24.75 -26.30 -46.39
N ASN J 82 -23.94 -25.96 -45.39
CA ASN J 82 -22.49 -25.90 -45.51
C ASN J 82 -21.89 -26.93 -44.56
N ALA J 83 -21.03 -27.78 -45.09
CA ALA J 83 -20.47 -28.88 -44.30
C ALA J 83 -19.04 -29.14 -44.75
N ALA J 84 -18.36 -29.98 -43.98
CA ALA J 84 -16.96 -30.31 -44.26
C ALA J 84 -16.65 -31.66 -43.61
N VAL J 85 -15.43 -32.13 -43.85
CA VAL J 85 -14.94 -33.39 -43.32
C VAL J 85 -13.50 -33.19 -42.89
N ILE J 86 -13.18 -33.57 -41.66
CA ILE J 86 -11.81 -33.42 -41.19
C ILE J 86 -10.91 -34.40 -41.93
N ILE J 87 -9.62 -34.08 -41.93
CA ILE J 87 -8.62 -34.87 -42.67
C ILE J 87 -7.30 -34.83 -41.91
N ASP J 88 -6.37 -35.66 -42.35
CA ASP J 88 -4.99 -35.66 -41.90
C ASP J 88 -4.13 -34.98 -42.96
N GLN J 89 -2.81 -35.00 -42.77
CA GLN J 89 -1.91 -34.42 -43.75
C GLN J 89 -1.98 -35.19 -45.07
N GLU J 90 -2.09 -36.52 -44.99
CA GLU J 90 -2.22 -37.32 -46.20
C GLU J 90 -3.53 -37.02 -46.91
N GLY J 91 -4.57 -36.65 -46.15
CA GLY J 91 -5.88 -36.34 -46.70
C GLY J 91 -6.95 -37.37 -46.42
N ASN J 92 -6.65 -38.41 -45.63
CA ASN J 92 -7.64 -39.43 -45.33
C ASN J 92 -8.51 -38.97 -44.16
N PRO J 93 -9.80 -39.30 -44.12
CA PRO J 93 -10.62 -38.82 -43.00
C PRO J 93 -10.42 -39.66 -41.75
N LYS J 94 -10.61 -39.02 -40.59
CA LYS J 94 -10.55 -39.75 -39.33
C LYS J 94 -11.81 -40.56 -39.11
N GLY J 95 -12.96 -40.01 -39.45
CA GLY J 95 -14.21 -40.72 -39.25
C GLY J 95 -14.31 -41.92 -40.16
N THR J 96 -14.95 -42.98 -39.67
CA THR J 96 -15.06 -44.21 -40.45
C THR J 96 -16.20 -44.13 -41.45
N ARG J 97 -17.27 -43.40 -41.12
CA ARG J 97 -18.47 -43.32 -41.94
C ARG J 97 -18.72 -41.89 -42.37
N ILE J 98 -19.48 -41.74 -43.46
CA ILE J 98 -19.75 -40.45 -44.07
C ILE J 98 -21.26 -40.31 -44.26
N PHE J 99 -21.77 -39.10 -44.07
CA PHE J 99 -23.16 -38.77 -44.32
C PHE J 99 -23.23 -37.77 -45.47
N GLY J 100 -24.40 -37.75 -46.12
CA GLY J 100 -24.62 -36.85 -47.23
C GLY J 100 -23.96 -37.32 -48.51
N ALA J 101 -24.42 -36.78 -49.64
CA ALA J 101 -23.86 -37.14 -50.93
C ALA J 101 -22.60 -36.32 -51.20
N ILE J 102 -21.73 -36.88 -52.04
CA ILE J 102 -20.47 -36.26 -52.42
C ILE J 102 -20.44 -36.13 -53.93
N ALA J 103 -19.79 -35.07 -54.43
CA ALA J 103 -19.65 -34.88 -55.86
C ALA J 103 -18.50 -35.71 -56.40
N ARG J 104 -18.58 -36.04 -57.69
CA ARG J 104 -17.56 -36.86 -58.33
C ARG J 104 -16.26 -36.12 -58.56
N GLU J 105 -16.20 -34.81 -58.31
CA GLU J 105 -14.99 -34.04 -58.52
C GLU J 105 -13.91 -34.31 -57.49
N LEU J 106 -14.25 -34.94 -56.36
CA LEU J 106 -13.29 -35.18 -55.29
C LEU J 106 -12.45 -36.43 -55.48
N ARG J 107 -12.75 -37.25 -56.49
CA ARG J 107 -12.00 -38.48 -56.69
C ARG J 107 -10.55 -38.22 -57.03
N GLN J 108 -10.26 -37.10 -57.68
CA GLN J 108 -8.89 -36.80 -58.09
C GLN J 108 -8.00 -36.45 -56.91
N LYS J 109 -8.57 -35.98 -55.80
CA LYS J 109 -7.83 -35.63 -54.59
C LYS J 109 -8.18 -36.49 -53.39
N PHE J 110 -9.47 -36.77 -53.19
CA PHE J 110 -9.96 -37.50 -52.02
C PHE J 110 -10.84 -38.63 -52.51
N ALA J 111 -10.23 -39.78 -52.80
CA ALA J 111 -10.98 -40.93 -53.28
C ALA J 111 -11.58 -41.73 -52.13
N LYS J 112 -10.96 -41.69 -50.95
CA LYS J 112 -11.47 -42.44 -49.81
C LYS J 112 -12.84 -41.92 -49.39
N ILE J 113 -13.03 -40.60 -49.45
CA ILE J 113 -14.31 -40.02 -49.08
C ILE J 113 -15.39 -40.42 -50.08
N VAL J 114 -15.03 -40.54 -51.35
CA VAL J 114 -15.99 -40.94 -52.36
C VAL J 114 -16.47 -42.36 -52.13
N SER J 115 -15.58 -43.24 -51.67
CA SER J 115 -15.93 -44.64 -51.46
C SER J 115 -16.89 -44.80 -50.28
N LEU J 116 -16.58 -44.13 -49.17
CA LEU J 116 -17.36 -44.28 -47.95
C LEU J 116 -18.73 -43.62 -48.02
N ALA J 117 -19.00 -42.82 -49.04
CA ALA J 117 -20.25 -42.08 -49.07
C ALA J 117 -21.41 -43.01 -49.40
N PRO J 118 -22.63 -42.68 -48.95
CA PRO J 118 -23.77 -43.52 -49.33
C PRO J 118 -24.19 -43.33 -50.77
N GLU J 119 -24.07 -42.12 -51.29
CA GLU J 119 -24.44 -41.81 -52.66
C GLU J 119 -23.44 -40.81 -53.24
N VAL J 120 -23.57 -40.58 -54.54
CA VAL J 120 -22.67 -39.70 -55.26
C VAL J 120 -23.47 -38.83 -56.23
N THR K 1 1.63 108.93 -49.15
CA THR K 1 2.56 108.70 -48.06
C THR K 1 3.59 107.65 -48.47
N ARG K 2 4.82 107.78 -47.97
CA ARG K 2 5.86 106.80 -48.26
C ARG K 2 5.46 105.43 -47.70
N PHE K 3 5.25 105.37 -46.38
CA PHE K 3 4.77 104.14 -45.77
C PHE K 3 3.28 103.97 -46.07
N ARG K 4 2.87 102.72 -46.24
CA ARG K 4 1.52 102.40 -46.69
C ARG K 4 1.22 100.98 -46.28
N LEU K 5 -0.06 100.63 -46.30
CA LEU K 5 -0.48 99.29 -45.88
C LEU K 5 0.08 98.19 -46.76
N ASP K 6 0.52 98.52 -47.98
CA ASP K 6 0.99 97.53 -48.95
C ASP K 6 2.46 97.69 -49.32
N ASN K 7 3.27 98.24 -48.40
CA ASN K 7 4.72 98.27 -48.60
C ASN K 7 5.50 97.99 -47.33
N LEU K 8 4.85 97.42 -46.31
CA LEU K 8 5.48 97.11 -45.04
C LEU K 8 5.84 95.62 -44.98
N GLY K 9 6.44 95.23 -43.87
CA GLY K 9 6.81 93.84 -43.65
C GLY K 9 7.76 93.73 -42.48
N PRO K 10 7.96 92.52 -41.98
CA PRO K 10 8.78 92.34 -40.78
C PRO K 10 10.27 92.36 -41.09
N GLN K 11 11.05 92.56 -40.03
CA GLN K 11 12.49 92.44 -40.14
C GLN K 11 12.85 90.97 -40.36
N PRO K 12 13.81 90.66 -41.24
CA PRO K 12 14.20 89.25 -41.39
C PRO K 12 14.77 88.67 -40.11
N GLY K 13 14.46 87.40 -39.88
CA GLY K 13 14.92 86.70 -38.69
C GLY K 13 14.11 86.96 -37.45
N SER K 14 13.04 87.74 -37.54
CA SER K 14 12.22 88.10 -36.38
C SER K 14 10.99 87.24 -36.22
N ARG K 15 10.47 86.68 -37.31
CA ARG K 15 9.22 85.91 -37.29
C ARG K 15 9.44 84.63 -38.09
N LYS K 16 9.87 83.58 -37.41
CA LYS K 16 10.00 82.28 -38.04
C LYS K 16 8.61 81.68 -38.29
N LYS K 17 8.58 80.60 -39.08
CA LYS K 17 7.32 80.00 -39.46
C LYS K 17 6.77 79.11 -38.36
N GLY K 18 7.53 78.09 -37.97
CA GLY K 18 7.10 77.13 -36.98
C GLY K 18 6.93 75.74 -37.56
N LYS K 19 7.50 74.74 -36.91
CA LYS K 19 7.48 73.38 -37.43
C LYS K 19 6.07 72.81 -37.34
N ARG K 20 5.54 72.39 -38.48
CA ARG K 20 4.25 71.69 -38.56
C ARG K 20 4.55 70.21 -38.74
N LYS K 21 4.77 69.53 -37.62
CA LYS K 21 5.15 68.13 -37.65
C LYS K 21 4.01 67.26 -38.19
N GLY K 22 4.38 66.15 -38.80
CA GLY K 22 3.40 65.23 -39.34
C GLY K 22 2.82 65.67 -40.67
N ARG K 23 3.64 66.27 -41.53
CA ARG K 23 3.22 66.75 -42.84
C ARG K 23 4.23 66.34 -43.90
N GLY K 24 4.61 65.07 -43.88
CA GLY K 24 5.54 64.51 -44.84
C GLY K 24 6.94 64.38 -44.28
N HIS K 25 7.78 63.70 -45.07
CA HIS K 25 9.16 63.43 -44.69
C HIS K 25 10.13 64.48 -45.21
N ALA K 26 9.85 65.05 -46.37
CA ALA K 26 10.71 66.10 -46.90
C ALA K 26 10.69 67.35 -46.04
N ALA K 27 9.61 67.57 -45.29
CA ALA K 27 9.56 68.73 -44.40
C ALA K 27 10.65 68.66 -43.34
N GLY K 28 11.02 67.46 -42.91
CA GLY K 28 12.16 67.26 -42.03
C GLY K 28 11.87 66.39 -40.83
N GLN K 29 10.67 66.49 -40.27
CA GLN K 29 10.33 65.84 -39.02
C GLN K 29 9.54 64.55 -39.22
N GLY K 30 9.39 64.09 -40.45
CA GLY K 30 8.88 62.75 -40.68
C GLY K 30 7.44 62.53 -40.24
N GLY K 31 7.04 61.26 -40.34
CA GLY K 31 5.72 60.84 -39.91
C GLY K 31 5.69 60.55 -38.42
N SER K 32 6.79 60.05 -37.88
CA SER K 32 6.90 59.84 -36.44
C SER K 32 7.10 61.14 -35.67
N CYS K 33 7.21 62.28 -36.35
CA CYS K 33 7.26 63.60 -35.71
C CYS K 33 8.51 63.75 -34.83
N GLY K 34 9.57 63.02 -35.16
CA GLY K 34 10.83 63.20 -34.47
C GLY K 34 10.87 62.65 -33.06
N PHE K 35 10.33 61.45 -32.84
CA PHE K 35 10.34 60.80 -31.54
C PHE K 35 10.81 59.35 -31.62
N GLY K 36 11.32 58.91 -32.76
CA GLY K 36 11.84 57.56 -32.87
C GLY K 36 10.73 56.52 -32.90
N MET K 37 11.12 55.29 -32.62
CA MET K 37 10.19 54.19 -32.61
C MET K 37 9.37 54.20 -31.32
N ARG K 38 8.53 53.18 -31.17
CA ARG K 38 7.64 53.09 -30.03
C ARG K 38 8.41 53.09 -28.72
N GLY K 39 7.87 53.81 -27.74
CA GLY K 39 8.46 53.91 -26.42
C GLY K 39 7.54 54.63 -25.46
N GLN K 40 8.11 55.21 -24.41
CA GLN K 40 7.34 55.98 -23.44
C GLN K 40 7.36 57.47 -23.71
N LYS K 41 8.45 57.99 -24.26
CA LYS K 41 8.54 59.41 -24.61
C LYS K 41 7.69 59.75 -25.83
N SER K 42 7.29 58.75 -26.62
CA SER K 42 6.57 58.98 -27.86
C SER K 42 5.05 58.89 -27.69
N ARG K 43 4.56 58.72 -26.47
CA ARG K 43 3.14 58.51 -26.24
C ARG K 43 2.42 59.83 -25.99
N SER K 44 1.12 59.84 -26.25
CA SER K 44 0.29 61.02 -26.11
C SER K 44 -0.16 61.12 -24.65
N GLY K 45 0.56 61.90 -23.87
CA GLY K 45 0.20 62.13 -22.49
C GLY K 45 1.34 62.69 -21.68
N PRO K 46 1.11 62.91 -20.38
CA PRO K 46 2.19 63.38 -19.51
C PRO K 46 3.31 62.36 -19.43
N GLY K 47 4.54 62.85 -19.41
CA GLY K 47 5.72 62.01 -19.37
C GLY K 47 6.21 61.77 -17.96
N ILE K 48 7.47 61.34 -17.88
CA ILE K 48 8.09 61.10 -16.59
C ILE K 48 8.25 62.42 -15.84
N MET K 49 8.20 62.34 -14.52
CA MET K 49 8.39 63.51 -13.68
C MET K 49 9.85 63.95 -13.72
N ARG K 50 10.06 65.25 -13.88
CA ARG K 50 11.41 65.79 -14.00
C ARG K 50 12.17 65.57 -12.70
N GLY K 51 13.25 64.81 -12.77
CA GLY K 51 13.95 64.30 -11.61
C GLY K 51 13.85 62.80 -11.46
N PHE K 52 12.86 62.19 -12.10
CA PHE K 52 12.69 60.74 -12.02
C PHE K 52 13.84 60.04 -12.75
N GLU K 53 14.32 58.94 -12.15
CA GLU K 53 15.50 58.23 -12.62
C GLU K 53 15.23 56.74 -12.73
N GLY K 54 14.03 56.37 -13.14
CA GLY K 54 13.71 54.97 -13.39
C GLY K 54 13.69 54.11 -12.15
N GLY K 55 13.15 54.60 -11.04
CA GLY K 55 13.14 53.88 -9.79
C GLY K 55 14.39 54.06 -8.95
N GLN K 56 15.51 54.39 -9.57
CA GLN K 56 16.70 54.78 -8.84
C GLN K 56 16.37 55.96 -7.92
N MET K 57 17.02 55.99 -6.77
CA MET K 57 16.76 57.04 -5.81
C MET K 57 17.23 58.37 -6.40
N PRO K 58 16.34 59.32 -6.72
CA PRO K 58 16.79 60.53 -7.39
C PRO K 58 17.68 61.39 -6.49
N LEU K 59 18.28 62.40 -7.10
CA LEU K 59 19.24 63.25 -6.41
C LEU K 59 18.57 64.11 -5.36
N TYR K 60 17.28 64.39 -5.49
CA TYR K 60 16.56 65.17 -4.48
C TYR K 60 16.09 64.33 -3.30
N ARG K 61 16.57 63.10 -3.15
CA ARG K 61 16.30 62.27 -1.98
C ARG K 61 17.55 61.71 -1.32
N ARG K 62 18.60 61.40 -2.08
CA ARG K 62 19.84 60.91 -1.52
C ARG K 62 20.81 62.03 -1.16
N ILE K 63 20.30 63.23 -0.92
CA ILE K 63 21.09 64.40 -0.53
C ILE K 63 20.42 65.00 0.70
N PRO K 64 21.14 65.31 1.78
CA PRO K 64 20.49 65.90 2.94
C PRO K 64 20.02 67.32 2.66
N LYS K 65 19.05 67.74 3.44
CA LYS K 65 18.53 69.09 3.33
C LYS K 65 19.56 70.11 3.80
N LEU K 66 19.41 71.35 3.32
CA LEU K 66 20.26 72.43 3.77
C LEU K 66 20.13 72.63 5.28
N ARG K 67 21.17 73.20 5.87
CA ARG K 67 21.16 73.49 7.29
C ARG K 67 20.07 74.50 7.61
N GLY K 68 19.39 74.30 8.73
CA GLY K 68 18.30 75.19 9.12
C GLY K 68 16.98 74.95 8.43
N ILE K 69 16.99 74.83 7.10
CA ILE K 69 15.77 74.61 6.34
C ILE K 69 15.14 73.26 6.67
N ALA K 70 15.92 72.30 7.17
CA ALA K 70 15.42 70.95 7.37
C ALA K 70 14.29 70.92 8.39
N GLY K 71 14.45 71.60 9.51
CA GLY K 71 13.47 71.56 10.57
C GLY K 71 12.37 72.60 10.44
N GLY K 72 12.71 73.75 9.85
CA GLY K 72 11.76 74.83 9.66
C GLY K 72 12.27 76.20 10.06
N MET K 73 13.57 76.34 10.30
CA MET K 73 14.14 77.64 10.59
C MET K 73 13.94 78.58 9.41
N ARG K 74 13.44 79.78 9.69
CA ARG K 74 13.18 80.74 8.64
C ARG K 74 14.47 81.30 8.08
N ALA K 75 14.53 81.42 6.76
CA ALA K 75 15.72 81.95 6.10
C ALA K 75 15.86 83.44 6.37
N GLY K 76 17.10 83.90 6.49
CA GLY K 76 17.36 85.29 6.79
C GLY K 76 17.28 86.15 5.55
N LEU K 77 16.40 87.15 5.61
CA LEU K 77 16.21 88.11 4.53
C LEU K 77 16.98 89.38 4.82
N PRO K 78 17.11 90.28 3.85
CA PRO K 78 17.75 91.58 4.13
C PRO K 78 16.96 92.39 5.14
N LYS K 79 17.69 93.01 6.07
CA LYS K 79 17.09 93.88 7.07
C LYS K 79 17.06 95.34 6.65
N TYR K 80 17.89 95.74 5.69
CA TYR K 80 18.02 97.13 5.28
C TYR K 80 18.07 97.19 3.75
N VAL K 81 18.14 98.41 3.24
CA VAL K 81 18.30 98.67 1.81
C VAL K 81 19.75 99.03 1.56
N PRO K 82 20.63 98.07 1.25
CA PRO K 82 22.06 98.40 1.15
C PRO K 82 22.37 99.25 -0.08
N ILE K 83 23.13 100.33 0.14
CA ILE K 83 23.66 101.16 -0.92
C ILE K 83 25.11 101.49 -0.56
N ASN K 84 26.01 101.34 -1.53
CA ASN K 84 27.42 101.60 -1.32
C ASN K 84 27.69 103.09 -1.47
N LEU K 85 28.95 103.47 -1.22
CA LEU K 85 29.32 104.88 -1.23
C LEU K 85 29.54 105.41 -2.64
N ARG K 86 29.96 104.55 -3.57
CA ARG K 86 30.25 105.01 -4.93
C ARG K 86 28.98 105.47 -5.63
N ASP K 87 27.85 104.83 -5.36
CA ASP K 87 26.61 105.19 -6.02
C ASP K 87 26.18 106.61 -5.66
N ILE K 88 26.49 107.06 -4.46
CA ILE K 88 26.14 108.43 -4.07
C ILE K 88 26.97 109.43 -4.86
N GLU K 89 28.22 109.10 -5.14
CA GLU K 89 29.07 109.98 -5.94
C GLU K 89 28.54 110.13 -7.36
N VAL K 90 27.91 109.07 -7.90
CA VAL K 90 27.36 109.12 -9.24
C VAL K 90 26.04 109.87 -9.28
N ALA K 91 25.32 109.96 -8.15
CA ALA K 91 24.03 110.63 -8.13
C ALA K 91 24.15 112.10 -8.53
N GLY K 92 25.24 112.76 -8.14
CA GLY K 92 25.45 114.15 -8.51
C GLY K 92 24.81 115.13 -7.55
N PHE K 93 25.14 115.02 -6.27
CA PHE K 93 24.68 115.94 -5.24
C PHE K 93 25.74 116.99 -4.96
N LYS K 94 25.31 118.06 -4.32
CA LYS K 94 26.15 119.21 -3.97
C LYS K 94 26.29 119.28 -2.44
N GLU K 95 26.93 120.36 -1.98
CA GLU K 95 27.26 120.50 -0.56
C GLU K 95 26.02 120.42 0.33
N GLY K 96 24.90 120.97 -0.12
CA GLY K 96 23.77 121.19 0.76
C GLY K 96 22.77 120.06 0.86
N GLU K 97 22.70 119.20 -0.16
CA GLU K 97 21.67 118.19 -0.20
C GLU K 97 21.91 117.13 0.88
N GLU K 98 20.82 116.46 1.25
CA GLU K 98 20.87 115.34 2.18
C GLU K 98 20.82 114.03 1.41
N VAL K 99 20.76 112.92 2.14
CA VAL K 99 20.68 111.59 1.56
C VAL K 99 19.70 110.81 2.41
N SER K 100 18.51 110.55 1.86
CA SER K 100 17.49 109.73 2.50
C SER K 100 16.83 108.87 1.43
N LEU K 101 15.86 108.06 1.86
CA LEU K 101 15.12 107.24 0.92
C LEU K 101 14.36 108.10 -0.08
N GLU K 102 13.76 109.20 0.40
CA GLU K 102 12.96 110.04 -0.47
C GLU K 102 13.82 110.76 -1.51
N SER K 103 15.07 111.05 -1.18
CA SER K 103 15.94 111.75 -2.12
C SER K 103 16.41 110.83 -3.24
N LEU K 104 16.77 109.59 -2.89
CA LEU K 104 17.33 108.68 -3.89
C LEU K 104 16.26 108.18 -4.85
N LYS K 105 15.03 107.99 -4.36
CA LYS K 105 13.94 107.61 -5.25
C LYS K 105 13.67 108.68 -6.29
N ALA K 106 13.91 109.95 -5.95
CA ALA K 106 13.73 111.02 -6.92
C ALA K 106 14.74 110.91 -8.05
N LYS K 107 15.99 110.60 -7.71
CA LYS K 107 17.03 110.46 -8.73
C LYS K 107 16.82 109.22 -9.59
N GLY K 108 16.32 108.14 -9.01
CA GLY K 108 16.07 106.90 -9.71
C GLY K 108 17.02 105.77 -9.37
N ILE K 109 17.95 105.97 -8.44
CA ILE K 109 18.86 104.89 -8.05
C ILE K 109 18.08 103.83 -7.27
N ILE K 110 17.52 104.22 -6.14
CA ILE K 110 16.74 103.32 -5.30
C ILE K 110 15.30 103.30 -5.80
N ASN K 111 14.79 102.09 -6.06
CA ASN K 111 13.42 101.91 -6.53
C ASN K 111 12.85 100.65 -5.87
N PRO K 112 12.53 100.73 -4.58
CA PRO K 112 12.01 99.54 -3.89
C PRO K 112 10.57 99.27 -4.29
N SER K 113 10.04 98.16 -3.79
CA SER K 113 8.64 97.82 -4.01
C SER K 113 8.28 96.66 -3.10
N GLY K 114 7.11 96.72 -2.50
CA GLY K 114 6.61 95.65 -1.66
C GLY K 114 7.29 95.58 -0.31
N ARG K 115 7.96 94.46 -0.03
CA ARG K 115 8.63 94.30 1.25
C ARG K 115 9.73 95.33 1.44
N GLU K 116 10.42 95.70 0.37
CA GLU K 116 11.55 96.60 0.49
C GLU K 116 11.14 98.03 0.83
N ARG K 117 9.85 98.37 0.70
CA ARG K 117 9.41 99.73 1.03
C ARG K 117 9.57 100.01 2.51
N ARG K 118 9.19 99.07 3.37
CA ARG K 118 9.20 99.29 4.82
C ARG K 118 10.52 98.87 5.45
N LEU K 119 11.62 99.35 4.89
CA LEU K 119 12.96 99.09 5.39
C LEU K 119 13.70 100.41 5.57
N PRO K 120 14.58 100.53 6.59
CA PRO K 120 15.44 101.71 6.66
C PRO K 120 16.55 101.66 5.62
N LEU K 121 17.45 102.65 5.68
CA LEU K 121 18.56 102.78 4.75
C LEU K 121 19.86 102.60 5.52
N LYS K 122 20.76 101.79 4.96
CA LYS K 122 22.08 101.55 5.54
C LYS K 122 23.15 101.91 4.53
N ILE K 123 24.26 102.43 5.03
CA ILE K 123 25.43 102.78 4.21
C ILE K 123 26.49 101.71 4.41
N LEU K 124 27.19 101.36 3.35
CA LEU K 124 28.17 100.28 3.36
C LEU K 124 29.59 100.82 3.36
N GLY K 125 29.95 101.65 2.38
CA GLY K 125 31.26 102.27 2.36
C GLY K 125 32.25 101.60 1.43
N GLU K 126 31.83 101.32 0.19
CA GLU K 126 32.72 100.79 -0.84
C GLU K 126 32.81 101.85 -1.94
N GLY K 127 33.79 102.73 -1.81
CA GLY K 127 33.99 103.80 -2.76
C GLY K 127 34.71 104.96 -2.08
N GLU K 128 34.45 106.16 -2.61
CA GLU K 128 35.06 107.38 -2.10
C GLU K 128 34.09 108.52 -2.33
N LEU K 129 34.14 109.50 -1.42
CA LEU K 129 33.23 110.64 -1.45
C LEU K 129 34.03 111.92 -1.23
N SER K 130 33.88 112.87 -2.15
CA SER K 130 34.61 114.13 -2.11
C SER K 130 33.67 115.28 -2.45
N THR K 131 32.50 115.30 -1.80
CA THR K 131 31.50 116.36 -2.00
C THR K 131 31.03 117.01 -0.71
N LYS K 132 31.21 116.39 0.45
CA LYS K 132 30.95 117.01 1.75
C LYS K 132 29.50 117.44 1.89
N LEU K 133 28.63 116.43 1.92
CA LEU K 133 27.20 116.61 2.15
C LEU K 133 26.80 115.89 3.44
N GLN K 134 25.51 115.98 3.79
CA GLN K 134 24.95 115.43 5.01
C GLN K 134 24.12 114.19 4.71
N ILE K 135 23.97 113.34 5.74
CA ILE K 135 23.30 112.06 5.62
C ILE K 135 22.19 112.01 6.67
N LYS K 136 21.11 111.31 6.32
CA LYS K 136 19.94 111.13 7.18
C LYS K 136 19.51 109.67 7.19
N ALA K 137 20.47 108.77 7.38
CA ALA K 137 20.23 107.34 7.30
C ALA K 137 19.99 106.75 8.69
N ARG K 138 19.75 105.44 8.71
CA ARG K 138 19.47 104.71 9.95
C ARG K 138 20.75 104.15 10.56
N ALA K 139 21.45 103.29 9.81
CA ALA K 139 22.62 102.59 10.29
C ALA K 139 23.83 102.93 9.42
N PHE K 140 24.99 102.53 9.91
CA PHE K 140 26.26 102.78 9.21
C PHE K 140 27.22 101.64 9.54
N SER K 141 28.05 101.30 8.57
CA SER K 141 29.11 100.33 8.78
C SER K 141 30.35 101.01 9.36
N GLY K 142 31.32 100.20 9.77
CA GLY K 142 32.52 100.75 10.37
C GLY K 142 33.34 101.57 9.39
N SER K 143 33.50 101.08 8.17
CA SER K 143 34.30 101.80 7.17
C SER K 143 33.62 103.09 6.74
N ALA K 144 32.28 103.12 6.75
CA ALA K 144 31.57 104.32 6.30
C ALA K 144 31.79 105.48 7.26
N LYS K 145 31.80 105.22 8.56
CA LYS K 145 32.02 106.29 9.53
C LYS K 145 33.40 106.88 9.38
N GLU K 146 34.41 106.05 9.11
CA GLU K 146 35.77 106.56 8.95
C GLU K 146 35.90 107.44 7.72
N LYS K 147 35.20 107.09 6.65
CA LYS K 147 35.32 107.85 5.40
C LYS K 147 34.48 109.13 5.45
N LEU K 148 33.24 109.03 5.94
CA LEU K 148 32.36 110.19 5.97
C LEU K 148 32.89 111.25 6.94
N GLU K 149 33.28 110.82 8.15
CA GLU K 149 33.81 111.76 9.12
C GLU K 149 35.10 112.39 8.63
N ALA K 150 35.87 111.66 7.82
CA ALA K 150 37.09 112.23 7.26
C ALA K 150 36.79 113.23 6.15
N ALA K 151 35.68 113.05 5.44
CA ALA K 151 35.30 113.94 4.35
C ALA K 151 34.49 115.15 4.83
N GLY K 152 34.34 115.33 6.14
CA GLY K 152 33.62 116.48 6.65
C GLY K 152 32.12 116.40 6.50
N CYS K 153 31.56 115.21 6.35
CA CYS K 153 30.13 115.05 6.20
C CYS K 153 29.44 115.15 7.56
N SER K 154 28.11 115.19 7.52
CA SER K 154 27.26 115.33 8.70
C SER K 154 26.32 114.13 8.76
N VAL K 155 26.73 113.08 9.45
CA VAL K 155 25.89 111.90 9.59
C VAL K 155 24.76 112.18 10.57
N THR K 156 23.71 111.37 10.48
CA THR K 156 22.57 111.48 11.39
C THR K 156 21.88 110.13 11.45
N VAL K 157 22.15 109.37 12.50
CA VAL K 157 21.47 108.09 12.71
C VAL K 157 20.05 108.36 13.19
N LEU K 158 19.09 107.70 12.55
CA LEU K 158 17.69 107.85 12.94
C LEU K 158 17.38 106.97 14.14
N PRO K 159 16.37 107.33 14.95
CA PRO K 159 16.08 106.53 16.14
C PRO K 159 15.48 105.17 15.84
N GLY K 160 14.91 104.98 14.66
CA GLY K 160 14.28 103.72 14.33
C GLY K 160 12.95 103.55 15.04
N ARG K 161 12.46 102.32 15.00
CA ARG K 161 11.21 101.95 15.62
C ARG K 161 11.44 101.48 17.05
N LYS K 162 10.45 101.74 17.90
CA LYS K 162 10.53 101.40 19.31
C LYS K 162 9.99 100.00 19.56
N LYS K 163 10.54 99.34 20.57
CA LYS K 163 10.10 98.02 21.01
C LYS K 163 9.41 98.15 22.37
N TYR K 164 8.22 97.59 22.47
CA TYR K 164 7.48 97.63 23.74
C TYR K 164 8.18 96.75 24.77
N ILE K 165 8.21 97.24 26.01
CA ILE K 165 8.91 96.58 27.10
C ILE K 165 7.95 96.45 28.28
N LYS K 166 7.97 95.28 28.91
CA LYS K 166 7.17 95.06 30.11
C LYS K 166 7.74 95.88 31.27
N GLU K 167 6.87 96.20 32.23
CA GLU K 167 7.24 97.13 33.29
C GLU K 167 8.39 96.60 34.14
N SER K 168 8.27 95.37 34.63
CA SER K 168 9.30 94.82 35.50
C SER K 168 10.63 94.67 34.78
N VAL K 169 10.61 94.50 33.45
CA VAL K 169 11.84 94.36 32.70
C VAL K 169 12.65 95.65 32.75
N ARG K 170 11.97 96.80 32.77
CA ARG K 170 12.66 98.07 32.90
C ARG K 170 13.40 98.17 34.23
N LYS K 171 12.85 97.58 35.28
CA LYS K 171 13.45 97.69 36.61
C LYS K 171 14.76 96.91 36.69
N ASN K 172 14.80 95.72 36.07
CA ASN K 172 16.04 94.96 36.04
C ASN K 172 17.12 95.70 35.27
N LEU K 173 16.74 96.33 34.16
CA LEU K 173 17.70 97.14 33.41
C LEU K 173 18.07 98.40 34.20
N ALA K 174 17.09 99.05 34.81
CA ALA K 174 17.37 100.21 35.65
C ALA K 174 18.21 99.82 36.87
N ARG K 175 18.03 98.60 37.36
CA ARG K 175 18.86 98.10 38.46
C ARG K 175 20.32 98.02 38.03
N ALA K 176 20.57 97.50 36.83
CA ALA K 176 21.93 97.40 36.34
C ALA K 176 22.47 98.76 35.90
N ASP K 177 21.62 99.57 35.29
CA ASP K 177 22.04 100.92 34.88
C ASP K 177 22.45 101.75 36.08
N GLU K 178 21.68 101.66 37.17
CA GLU K 178 22.06 102.36 38.40
C GLU K 178 23.33 101.75 39.00
N TYR K 179 23.56 100.46 38.78
CA TYR K 179 24.73 99.81 39.35
C TYR K 179 26.00 100.28 38.65
N PHE K 180 26.04 100.19 37.32
CA PHE K 180 27.22 100.64 36.58
C PHE K 180 27.40 102.15 36.72
N ALA K 181 26.30 102.90 36.72
CA ALA K 181 26.40 104.36 36.73
C ALA K 181 26.98 104.86 38.04
N LYS K 182 26.51 104.34 39.17
CA LYS K 182 27.00 104.80 40.47
C LYS K 182 28.47 104.43 40.68
N LYS K 183 28.92 103.33 40.07
CA LYS K 183 30.31 102.92 40.22
C LYS K 183 31.22 103.68 39.27
N ARG K 184 30.86 103.72 37.98
CA ARG K 184 31.68 104.39 36.98
C ARG K 184 31.42 105.89 37.01
N MET L 1 43.57 2.77 -17.05
CA MET L 1 43.41 4.22 -17.33
C MET L 1 44.35 5.04 -16.47
N LEU L 2 45.35 5.64 -17.13
CA LEU L 2 46.31 6.48 -16.43
C LEU L 2 45.69 7.83 -16.11
N SER L 3 45.87 8.29 -14.88
CA SER L 3 45.37 9.59 -14.46
C SER L 3 46.02 9.93 -13.11
N PRO L 4 46.09 11.22 -12.76
CA PRO L 4 46.58 11.57 -11.43
C PRO L 4 45.64 11.10 -10.34
N LYS L 5 46.22 10.62 -9.24
CA LYS L 5 45.46 10.38 -8.02
C LYS L 5 45.20 11.67 -7.24
N ARG L 6 45.66 12.83 -7.72
CA ARG L 6 45.41 14.09 -7.06
C ARG L 6 45.60 15.21 -8.07
N THR L 7 44.77 16.25 -7.97
CA THR L 7 44.88 17.42 -8.81
C THR L 7 44.53 18.66 -7.98
N ARG L 8 45.31 19.72 -8.18
CA ARG L 8 45.01 20.98 -7.49
C ARG L 8 43.66 21.53 -7.93
N PHE L 9 43.31 21.34 -9.20
CA PHE L 9 42.04 21.79 -9.76
C PHE L 9 41.41 20.66 -10.56
N ARG L 10 40.10 20.55 -10.45
CA ARG L 10 39.36 19.48 -11.10
C ARG L 10 38.91 19.82 -12.51
N LYS L 11 39.07 21.07 -12.95
CA LYS L 11 38.56 21.51 -14.23
C LYS L 11 39.54 22.50 -14.85
N GLN L 12 39.68 22.44 -16.17
CA GLN L 12 40.57 23.31 -16.92
C GLN L 12 39.89 23.72 -18.22
N HIS L 13 40.54 24.61 -18.95
CA HIS L 13 40.02 25.05 -20.24
C HIS L 13 40.34 24.01 -21.31
N ARG L 14 39.84 24.25 -22.52
CA ARG L 14 40.10 23.35 -23.63
C ARG L 14 41.57 23.40 -24.03
N GLY L 15 42.08 24.59 -24.32
CA GLY L 15 43.45 24.79 -24.72
C GLY L 15 43.57 25.19 -26.18
N ARG L 16 44.76 24.98 -26.71
CA ARG L 16 45.06 25.39 -28.09
C ARG L 16 46.31 24.67 -28.56
N MET L 17 46.16 23.81 -29.57
CA MET L 17 47.24 22.92 -30.02
C MET L 17 47.93 23.51 -31.24
N LYS L 18 48.70 24.57 -31.00
CA LYS L 18 49.54 25.18 -32.02
C LYS L 18 50.99 24.79 -31.83
N GLY L 19 51.77 24.99 -32.89
CA GLY L 19 53.19 24.72 -32.85
C GLY L 19 53.52 23.24 -32.87
N ILE L 20 54.82 22.96 -32.76
CA ILE L 20 55.34 21.61 -32.75
C ILE L 20 56.34 21.48 -31.61
N SER L 21 56.39 20.29 -31.03
CA SER L 21 57.20 20.05 -29.84
C SER L 21 58.67 19.96 -30.21
N TYR L 22 59.47 20.90 -29.71
CA TYR L 22 60.91 20.89 -29.86
C TYR L 22 61.63 20.28 -28.66
N ARG L 23 60.89 19.76 -27.67
CA ARG L 23 61.46 19.19 -26.47
C ARG L 23 61.30 17.68 -26.43
N GLY L 24 60.06 17.19 -26.50
CA GLY L 24 59.80 15.76 -26.36
C GLY L 24 59.86 14.99 -27.65
N ASN L 25 60.87 15.27 -28.49
CA ASN L 25 61.05 14.61 -29.78
C ASN L 25 62.45 14.04 -29.93
N ARG L 26 63.06 13.62 -28.81
CA ARG L 26 64.35 12.94 -28.81
C ARG L 26 64.17 11.54 -28.25
N ILE L 27 64.91 10.58 -28.82
CA ILE L 27 64.83 9.18 -28.40
C ILE L 27 65.91 8.96 -27.35
N CYS L 28 65.54 9.13 -26.08
CA CYS L 28 66.44 8.84 -24.96
C CYS L 28 66.35 7.37 -24.57
N PHE L 29 65.15 6.91 -24.22
CA PHE L 29 64.90 5.50 -23.95
C PHE L 29 64.58 4.77 -25.25
N GLY L 30 64.95 3.50 -25.29
CA GLY L 30 64.57 2.64 -26.39
C GLY L 30 65.35 2.90 -27.66
N ARG L 31 65.27 1.93 -28.58
CA ARG L 31 65.92 2.00 -29.88
C ARG L 31 64.97 2.58 -30.94
N TYR L 32 63.84 1.93 -31.15
CA TYR L 32 62.85 2.34 -32.14
C TYR L 32 61.67 2.99 -31.43
N ALA L 33 61.04 3.94 -32.12
CA ALA L 33 60.03 4.79 -31.50
C ALA L 33 58.88 5.01 -32.47
N LEU L 34 57.86 5.72 -31.99
CA LEU L 34 56.71 6.14 -32.78
C LEU L 34 56.54 7.64 -32.63
N GLN L 35 56.71 8.36 -33.74
CA GLN L 35 56.68 9.81 -33.76
C GLN L 35 55.41 10.29 -34.43
N ALA L 36 54.76 11.27 -33.81
CA ALA L 36 53.51 11.80 -34.34
C ALA L 36 53.77 12.83 -35.41
N LEU L 37 52.71 13.15 -36.16
CA LEU L 37 52.80 14.10 -37.27
C LEU L 37 51.63 15.06 -37.36
N GLU L 38 50.70 15.02 -36.40
CA GLU L 38 49.54 15.91 -36.40
C GLU L 38 49.19 16.27 -34.96
N PRO L 39 48.62 17.45 -34.72
CA PRO L 39 48.15 17.76 -33.36
C PRO L 39 46.78 17.18 -33.12
N ALA L 40 46.60 16.59 -31.93
CA ALA L 40 45.33 15.98 -31.59
C ALA L 40 45.33 15.63 -30.11
N TRP L 41 44.15 15.26 -29.62
CA TRP L 41 43.98 14.76 -28.27
C TRP L 41 44.16 13.26 -28.23
N ILE L 42 44.77 12.78 -27.15
CA ILE L 42 45.00 11.35 -26.93
C ILE L 42 44.49 11.02 -25.52
N THR L 43 43.57 10.07 -25.44
CA THR L 43 42.98 9.69 -24.17
C THR L 43 43.73 8.53 -23.54
N SER L 44 43.35 8.20 -22.31
CA SER L 44 43.98 7.09 -21.61
C SER L 44 43.59 5.74 -22.21
N ARG L 45 42.35 5.63 -22.69
CA ARG L 45 41.92 4.39 -23.32
C ARG L 45 42.74 4.10 -24.57
N GLN L 46 43.04 5.13 -25.35
CA GLN L 46 43.82 4.95 -26.57
C GLN L 46 45.23 4.47 -26.23
N ILE L 47 45.84 5.08 -25.21
CA ILE L 47 47.18 4.67 -24.79
C ILE L 47 47.16 3.26 -24.24
N GLU L 48 46.08 2.89 -23.55
CA GLU L 48 45.95 1.54 -23.02
C GLU L 48 45.90 0.52 -24.15
N ALA L 49 45.16 0.82 -25.21
CA ALA L 49 45.09 -0.11 -26.34
C ALA L 49 46.41 -0.18 -27.08
N GLY L 50 47.05 0.97 -27.30
CA GLY L 50 48.33 0.97 -27.98
C GLY L 50 49.42 0.28 -27.20
N ARG L 51 49.33 0.30 -25.87
CA ARG L 51 50.32 -0.39 -25.05
C ARG L 51 50.11 -1.90 -25.11
N ARG L 52 48.87 -2.34 -24.91
CA ARG L 52 48.58 -3.77 -24.93
C ARG L 52 48.82 -4.36 -26.30
N ALA L 53 48.38 -3.67 -27.35
CA ALA L 53 48.63 -4.15 -28.71
C ALA L 53 50.12 -4.20 -29.02
N MET L 54 50.90 -3.26 -28.48
CA MET L 54 52.33 -3.27 -28.67
C MET L 54 53.03 -4.27 -27.76
N THR L 55 52.48 -4.48 -26.56
CA THR L 55 53.10 -5.41 -25.61
C THR L 55 52.68 -6.85 -25.87
N ARG L 56 51.42 -7.06 -26.27
CA ARG L 56 50.92 -8.40 -26.54
C ARG L 56 51.63 -9.02 -27.74
N ASN L 57 52.11 -8.19 -28.68
CA ASN L 57 52.76 -8.70 -29.87
C ASN L 57 54.22 -9.06 -29.60
N ALA L 58 54.96 -8.13 -28.99
CA ALA L 58 56.39 -8.35 -28.70
C ALA L 58 56.52 -9.18 -27.43
N ARG L 59 56.26 -10.47 -27.57
CA ARG L 59 56.40 -11.39 -26.45
C ARG L 59 57.84 -11.46 -25.98
N ARG L 60 58.77 -11.67 -26.91
CA ARG L 60 60.16 -12.02 -26.58
C ARG L 60 60.90 -10.79 -26.11
N GLY L 61 60.82 -10.52 -24.81
CA GLY L 61 61.64 -9.49 -24.18
C GLY L 61 61.40 -8.10 -24.71
N GLY L 62 60.22 -7.81 -25.23
CA GLY L 62 59.93 -6.48 -25.73
C GLY L 62 59.63 -5.50 -24.61
N LYS L 63 60.57 -4.61 -24.34
CA LYS L 63 60.42 -3.59 -23.31
C LYS L 63 59.78 -2.35 -23.92
N ILE L 64 58.86 -1.74 -23.17
CA ILE L 64 58.03 -0.64 -23.65
C ILE L 64 58.16 0.52 -22.68
N TRP L 65 58.11 1.74 -23.23
CA TRP L 65 58.04 2.95 -22.43
C TRP L 65 57.00 3.88 -23.05
N VAL L 66 56.18 4.49 -22.18
CA VAL L 66 55.18 5.45 -22.58
C VAL L 66 55.68 6.82 -22.17
N ARG L 67 55.98 7.66 -23.16
CA ARG L 67 56.57 8.98 -22.92
C ARG L 67 55.53 10.07 -22.72
N ILE L 68 54.26 9.72 -22.52
CA ILE L 68 53.17 10.67 -22.42
C ILE L 68 52.32 10.34 -21.21
N PHE L 69 51.82 11.37 -20.53
CA PHE L 69 50.87 11.23 -19.45
C PHE L 69 49.76 12.27 -19.65
N PRO L 70 48.47 11.92 -19.41
CA PRO L 70 47.38 12.86 -19.73
C PRO L 70 47.45 14.22 -19.05
N ASP L 71 47.48 14.22 -17.70
CA ASP L 71 47.46 15.39 -16.81
C ASP L 71 46.63 16.55 -17.35
N LYS L 72 45.43 16.26 -17.83
CA LYS L 72 44.50 17.28 -18.31
C LYS L 72 43.09 16.71 -18.26
N PRO L 73 42.14 17.35 -17.56
CA PRO L 73 40.78 16.81 -17.53
C PRO L 73 39.97 17.23 -18.74
N VAL L 74 38.86 16.51 -18.94
CA VAL L 74 37.90 16.82 -19.99
C VAL L 74 36.50 16.67 -19.39
N THR L 75 35.71 17.72 -19.46
CA THR L 75 34.39 17.76 -18.85
C THR L 75 33.31 17.49 -19.89
N VAL L 76 32.24 16.84 -19.44
CA VAL L 76 31.05 16.61 -20.25
C VAL L 76 29.84 16.82 -19.37
N ARG L 77 28.91 17.65 -19.84
CA ARG L 77 27.70 17.94 -19.09
C ARG L 77 26.84 16.68 -19.02
N PRO L 78 25.83 16.66 -18.13
CA PRO L 78 24.86 15.56 -18.17
C PRO L 78 24.13 15.52 -19.49
N ALA L 79 23.75 14.31 -19.89
CA ALA L 79 23.16 14.12 -21.21
C ALA L 79 21.78 14.76 -21.29
N GLU L 80 21.52 15.40 -22.43
CA GLU L 80 20.20 15.94 -22.75
C GLU L 80 19.76 17.01 -21.75
N THR L 81 20.72 17.81 -21.29
CA THR L 81 20.46 19.00 -20.50
C THR L 81 20.77 20.24 -21.33
N ARG L 82 20.05 21.32 -21.04
CA ARG L 82 20.23 22.56 -21.78
C ARG L 82 21.57 23.19 -21.44
N MET L 83 21.91 24.23 -22.21
CA MET L 83 23.15 24.96 -21.97
C MET L 83 23.06 25.70 -20.64
N GLY L 84 24.22 26.16 -20.19
CA GLY L 84 24.30 26.93 -18.97
C GLY L 84 24.26 26.07 -17.73
N SER L 85 24.00 26.73 -16.59
CA SER L 85 23.92 26.07 -15.30
C SER L 85 25.24 25.41 -14.93
N GLY L 86 26.33 26.12 -15.18
CA GLY L 86 27.63 25.68 -14.76
C GLY L 86 28.38 24.85 -15.78
N LYS L 87 29.51 24.33 -15.33
CA LYS L 87 30.41 23.55 -16.15
C LYS L 87 30.29 22.08 -15.78
N GLY L 88 30.33 21.22 -16.79
CA GLY L 88 30.17 19.80 -16.55
C GLY L 88 31.32 19.23 -15.73
N SER L 89 31.08 18.02 -15.23
CA SER L 89 32.06 17.34 -14.39
C SER L 89 33.06 16.57 -15.27
N PRO L 90 34.26 16.28 -14.76
CA PRO L 90 35.20 15.48 -15.55
C PRO L 90 34.70 14.05 -15.72
N GLU L 91 34.90 13.51 -16.92
CA GLU L 91 34.58 12.12 -17.24
C GLU L 91 35.83 11.28 -17.45
N TYR L 92 36.75 11.75 -18.28
CA TYR L 92 37.97 11.04 -18.61
C TYR L 92 39.12 12.03 -18.61
N TRP L 93 40.28 11.56 -19.06
CA TRP L 93 41.51 12.35 -19.08
C TRP L 93 42.10 12.32 -20.48
N VAL L 94 42.83 13.39 -20.81
CA VAL L 94 43.33 13.60 -22.15
C VAL L 94 44.81 14.00 -22.07
N ALA L 95 45.54 13.67 -23.14
CA ALA L 95 46.93 14.07 -23.31
C ALA L 95 47.03 14.97 -24.52
N VAL L 96 47.69 16.12 -24.35
CA VAL L 96 47.91 17.07 -25.43
C VAL L 96 49.14 16.63 -26.20
N VAL L 97 48.96 16.38 -27.50
CA VAL L 97 50.02 15.85 -28.35
C VAL L 97 50.11 16.74 -29.59
N LYS L 98 51.33 17.14 -29.93
CA LYS L 98 51.64 17.94 -31.09
C LYS L 98 52.54 17.17 -32.03
N PRO L 99 52.73 17.65 -33.27
CA PRO L 99 53.68 16.99 -34.17
C PRO L 99 55.08 17.03 -33.61
N GLY L 100 55.73 15.86 -33.59
CA GLY L 100 57.06 15.69 -33.06
C GLY L 100 57.11 14.89 -31.77
N ARG L 101 56.06 14.98 -30.96
CA ARG L 101 56.06 14.31 -29.67
C ARG L 101 56.05 12.79 -29.88
N ILE L 102 56.95 12.11 -29.18
CA ILE L 102 57.11 10.67 -29.32
C ILE L 102 56.03 9.97 -28.50
N LEU L 103 55.39 8.97 -29.09
CA LEU L 103 54.31 8.26 -28.44
C LEU L 103 54.81 7.06 -27.63
N TYR L 104 55.75 6.29 -28.18
CA TYR L 104 56.18 5.05 -27.56
C TYR L 104 57.65 4.82 -27.84
N GLU L 105 58.22 3.84 -27.14
CA GLU L 105 59.59 3.39 -27.36
C GLU L 105 59.63 1.88 -27.21
N ILE L 106 60.51 1.24 -27.98
CA ILE L 106 60.65 -0.21 -27.99
C ILE L 106 62.13 -0.56 -27.95
N SER L 107 62.44 -1.66 -27.25
CA SER L 107 63.80 -2.18 -27.22
C SER L 107 63.74 -3.69 -27.00
N GLY L 108 64.88 -4.33 -27.20
CA GLY L 108 64.98 -5.77 -26.98
C GLY L 108 64.36 -6.63 -28.06
N VAL L 109 64.15 -6.08 -29.26
CA VAL L 109 63.57 -6.82 -30.37
C VAL L 109 64.19 -6.31 -31.67
N ALA L 110 63.89 -7.01 -32.75
CA ALA L 110 64.40 -6.65 -34.06
C ALA L 110 63.57 -5.54 -34.68
N GLU L 111 64.06 -5.02 -35.81
CA GLU L 111 63.35 -3.98 -36.53
C GLU L 111 62.09 -4.52 -37.21
N ASN L 112 62.13 -5.77 -37.68
CA ASN L 112 60.96 -6.35 -38.31
C ASN L 112 59.82 -6.48 -37.30
N ILE L 113 60.14 -6.89 -36.08
CA ILE L 113 59.11 -6.99 -35.03
C ILE L 113 58.61 -5.60 -34.67
N ALA L 114 59.45 -4.58 -34.79
CA ALA L 114 59.05 -3.23 -34.44
C ALA L 114 58.04 -2.68 -35.44
N ARG L 115 58.38 -2.72 -36.72
CA ARG L 115 57.48 -2.20 -37.76
C ARG L 115 56.17 -2.96 -37.78
N ARG L 116 56.18 -4.24 -37.38
CA ARG L 116 54.96 -5.03 -37.38
C ARG L 116 54.07 -4.67 -36.20
N ALA L 117 54.68 -4.36 -35.04
CA ALA L 117 53.92 -4.04 -33.85
C ALA L 117 53.62 -2.55 -33.75
N VAL L 118 54.57 -1.70 -34.16
CA VAL L 118 54.36 -0.27 -34.14
C VAL L 118 53.21 0.11 -35.07
N ALA L 119 53.09 -0.59 -36.20
CA ALA L 119 52.02 -0.28 -37.15
C ALA L 119 50.66 -0.62 -36.55
N ILE L 120 50.59 -1.69 -35.75
CA ILE L 120 49.32 -2.10 -35.16
C ILE L 120 48.83 -1.05 -34.17
N ALA L 121 49.72 -0.55 -33.33
CA ALA L 121 49.34 0.48 -32.36
C ALA L 121 48.95 1.78 -33.04
N ALA L 122 49.62 2.10 -34.16
CA ALA L 122 49.26 3.31 -34.89
C ALA L 122 47.85 3.21 -35.45
N SER L 123 47.39 1.99 -35.74
CA SER L 123 46.00 1.80 -36.15
C SER L 123 45.02 2.20 -35.06
N LYS L 124 45.44 2.14 -33.79
CA LYS L 124 44.58 2.51 -32.68
C LYS L 124 44.54 4.01 -32.45
N MET L 125 45.54 4.75 -32.91
CA MET L 125 45.59 6.18 -32.68
C MET L 125 44.66 6.92 -33.63
N PRO L 126 44.25 8.15 -33.30
CA PRO L 126 43.41 8.94 -34.20
C PRO L 126 44.15 9.81 -35.20
N ILE L 127 45.47 9.64 -35.36
CA ILE L 127 46.30 10.53 -36.15
C ILE L 127 47.24 9.71 -37.03
N ARG L 128 47.91 10.43 -37.93
CA ARG L 128 48.96 9.85 -38.75
C ARG L 128 50.29 9.92 -38.01
N THR L 129 51.09 8.88 -38.15
CA THR L 129 52.35 8.73 -37.43
C THR L 129 53.41 8.22 -38.40
N GLN L 130 54.60 7.95 -37.86
CA GLN L 130 55.68 7.41 -38.66
C GLN L 130 56.62 6.59 -37.78
N PHE L 131 57.40 5.74 -38.43
CA PHE L 131 58.38 4.89 -37.75
C PHE L 131 59.75 5.52 -37.82
N ILE L 132 60.48 5.46 -36.71
CA ILE L 132 61.75 6.16 -36.55
C ILE L 132 62.82 5.16 -36.14
N ILE L 133 64.05 5.44 -36.58
CA ILE L 133 65.21 4.60 -36.30
C ILE L 133 66.23 5.45 -35.55
N SER L 134 66.89 4.86 -34.56
CA SER L 134 67.93 5.54 -33.81
C SER L 134 68.72 4.57 -32.95
N MET M 1 -26.64 5.52 -66.29
CA MET M 1 -26.99 5.37 -67.70
C MET M 1 -28.24 4.54 -67.87
N LYS M 2 -28.94 4.76 -68.99
CA LYS M 2 -30.28 4.24 -69.21
C LYS M 2 -30.34 3.26 -70.38
N HIS M 3 -29.22 2.59 -70.67
CA HIS M 3 -29.12 1.72 -71.83
C HIS M 3 -30.21 0.66 -71.85
N GLY M 4 -31.04 0.70 -72.89
CA GLY M 4 -32.13 -0.25 -73.03
C GLY M 4 -33.38 0.11 -72.26
N ARG M 5 -33.48 1.35 -71.77
CA ARG M 5 -34.61 1.80 -70.95
C ARG M 5 -35.47 2.71 -71.81
N LYS M 6 -36.67 2.23 -72.16
CA LYS M 6 -37.63 3.00 -72.95
C LYS M 6 -38.80 3.35 -72.03
N ILE M 7 -38.72 4.55 -71.45
CA ILE M 7 -39.75 5.01 -70.53
C ILE M 7 -39.66 6.52 -70.45
N HIS M 8 -40.83 7.17 -70.39
CA HIS M 8 -40.92 8.62 -70.28
C HIS M 8 -41.16 8.97 -68.82
N ARG M 9 -40.18 9.66 -68.23
CA ARG M 9 -40.19 9.92 -66.80
C ARG M 9 -40.96 11.18 -66.44
N LEU M 10 -40.85 12.23 -67.27
CA LEU M 10 -41.61 13.46 -67.13
C LEU M 10 -41.35 14.17 -65.81
N SER M 11 -40.24 13.86 -65.13
CA SER M 11 -39.88 14.48 -63.86
C SER M 11 -40.99 14.31 -62.83
N ARG M 12 -41.52 13.09 -62.72
CA ARG M 12 -42.60 12.78 -61.80
C ARG M 12 -42.44 11.33 -61.35
N PRO M 13 -42.87 10.99 -60.12
CA PRO M 13 -42.85 9.58 -59.73
C PRO M 13 -43.89 8.75 -60.46
N ALA M 14 -43.94 7.45 -60.17
CA ALA M 14 -44.82 6.56 -60.91
C ALA M 14 -46.28 6.86 -60.63
N ASP M 15 -46.63 7.16 -59.37
CA ASP M 15 -48.02 7.46 -59.03
C ASP M 15 -48.54 8.68 -59.78
N GLN M 16 -47.66 9.63 -60.09
CA GLN M 16 -48.05 10.82 -60.82
C GLN M 16 -47.99 10.63 -62.32
N ARG M 17 -47.04 9.82 -62.81
CA ARG M 17 -47.04 9.46 -64.23
C ARG M 17 -48.31 8.71 -64.60
N ARG M 18 -48.67 7.71 -63.78
CA ARG M 18 -49.83 6.87 -64.06
C ARG M 18 -51.12 7.68 -63.99
N ALA M 19 -51.11 8.82 -63.29
CA ALA M 19 -52.27 9.68 -63.20
C ALA M 19 -52.24 10.79 -64.25
N LEU M 20 -51.05 11.32 -64.56
CA LEU M 20 -50.97 12.44 -65.49
C LEU M 20 -51.35 12.02 -66.90
N LEU M 21 -50.70 10.97 -67.42
CA LEU M 21 -51.04 10.48 -68.75
C LEU M 21 -52.46 9.94 -68.79
N ARG M 22 -52.88 9.28 -67.71
CA ARG M 22 -54.23 8.74 -67.65
C ARG M 22 -55.27 9.85 -67.70
N GLY M 23 -54.93 11.03 -67.18
CA GLY M 23 -55.88 12.13 -67.17
C GLY M 23 -55.96 12.88 -68.47
N LEU M 24 -54.87 12.91 -69.24
CA LEU M 24 -54.88 13.66 -70.50
C LEU M 24 -55.69 12.95 -71.56
N THR M 25 -55.66 11.61 -71.57
CA THR M 25 -56.46 10.86 -72.53
C THR M 25 -57.95 11.12 -72.35
N THR M 26 -58.37 11.39 -71.11
CA THR M 26 -59.77 11.73 -70.87
C THR M 26 -60.16 13.01 -71.58
N GLN M 27 -59.21 13.95 -71.70
CA GLN M 27 -59.50 15.24 -72.31
C GLN M 27 -59.36 15.20 -73.82
N LEU M 28 -58.38 14.43 -74.32
CA LEU M 28 -58.17 14.35 -75.77
C LEU M 28 -59.34 13.64 -76.44
N LEU M 29 -59.81 12.54 -75.86
CA LEU M 29 -60.85 11.75 -76.50
C LEU M 29 -62.19 12.46 -76.54
N LYS M 30 -62.41 13.46 -75.68
CA LYS M 30 -63.63 14.26 -75.71
C LYS M 30 -63.47 15.57 -76.47
N HIS M 31 -62.30 16.20 -76.41
CA HIS M 31 -62.02 17.43 -77.15
C HIS M 31 -61.44 17.18 -78.53
N GLY M 32 -60.58 16.16 -78.66
CA GLY M 32 -59.95 15.85 -79.93
C GLY M 32 -58.71 16.67 -80.24
N ARG M 33 -58.43 17.72 -79.47
CA ARG M 33 -57.28 18.58 -79.73
C ARG M 33 -56.98 19.35 -78.47
N ILE M 34 -55.74 19.27 -77.98
CA ILE M 34 -55.32 19.93 -76.75
C ILE M 34 -53.95 20.55 -76.96
N LYS M 35 -53.56 21.38 -76.00
CA LYS M 35 -52.29 22.10 -76.00
C LYS M 35 -51.48 21.66 -74.78
N THR M 36 -50.40 20.93 -75.03
CA THR M 36 -49.53 20.44 -73.96
C THR M 36 -48.08 20.54 -74.41
N THR M 37 -47.18 20.14 -73.53
CA THR M 37 -45.77 20.09 -73.86
C THR M 37 -45.49 18.96 -74.85
N ARG M 38 -44.25 18.91 -75.32
CA ARG M 38 -43.85 17.89 -76.28
C ARG M 38 -43.49 16.58 -75.60
N ALA M 39 -42.93 16.65 -74.40
CA ALA M 39 -42.60 15.43 -73.66
C ALA M 39 -43.86 14.68 -73.26
N LYS M 40 -44.89 15.42 -72.83
CA LYS M 40 -46.15 14.78 -72.46
C LYS M 40 -46.84 14.20 -73.69
N ALA M 41 -46.72 14.88 -74.83
CA ALA M 41 -47.37 14.41 -76.05
C ALA M 41 -46.70 13.15 -76.58
N SER M 42 -45.37 13.08 -76.48
CA SER M 42 -44.65 11.90 -76.97
C SER M 42 -45.03 10.66 -76.17
N ALA M 43 -45.14 10.81 -74.85
CA ALA M 43 -45.54 9.69 -74.00
C ALA M 43 -47.00 9.32 -74.17
N MET M 44 -47.81 10.21 -74.75
CA MET M 44 -49.24 9.97 -74.89
C MET M 44 -49.58 8.99 -76.01
N ARG M 45 -48.70 8.85 -77.00
CA ARG M 45 -49.02 8.02 -78.16
C ARG M 45 -49.16 6.55 -77.78
N LYS M 46 -48.43 6.10 -76.76
CA LYS M 46 -48.46 4.69 -76.39
C LYS M 46 -49.81 4.29 -75.80
N TYR M 47 -50.44 5.20 -75.05
CA TYR M 47 -51.65 4.87 -74.32
C TYR M 47 -52.92 5.16 -75.11
N VAL M 48 -52.92 6.22 -75.91
CA VAL M 48 -54.09 6.51 -76.73
C VAL M 48 -54.29 5.42 -77.77
N ASP M 49 -53.20 4.93 -78.36
CA ASP M 49 -53.30 3.84 -79.31
C ASP M 49 -53.77 2.56 -78.63
N LYS M 50 -53.52 2.41 -77.33
CA LYS M 50 -53.99 1.24 -76.62
C LYS M 50 -55.51 1.26 -76.47
N MET M 51 -56.07 2.38 -75.99
CA MET M 51 -57.51 2.47 -75.81
C MET M 51 -58.23 2.33 -77.14
N ILE M 52 -57.68 2.90 -78.21
CA ILE M 52 -58.27 2.75 -79.53
C ILE M 52 -58.17 1.31 -79.99
N THR M 53 -57.11 0.60 -79.60
CA THR M 53 -56.99 -0.80 -79.94
C THR M 53 -58.04 -1.64 -79.22
N LEU M 54 -58.48 -1.20 -78.04
CA LEU M 54 -59.54 -1.91 -77.33
C LEU M 54 -60.88 -1.78 -78.04
N ALA M 55 -61.11 -0.66 -78.74
CA ALA M 55 -62.38 -0.45 -79.39
C ALA M 55 -62.56 -1.33 -80.62
N LYS M 56 -61.47 -1.62 -81.33
CA LYS M 56 -61.53 -2.53 -82.47
C LYS M 56 -62.05 -3.89 -82.02
N GLU M 57 -61.50 -4.42 -80.93
CA GLU M 57 -62.03 -5.61 -80.28
C GLU M 57 -62.94 -5.19 -79.13
N GLY M 58 -64.08 -4.60 -79.51
CA GLY M 58 -64.99 -4.03 -78.54
C GLY M 58 -65.78 -5.06 -77.76
N SER M 59 -65.08 -5.87 -76.98
CA SER M 59 -65.70 -6.90 -76.16
C SER M 59 -65.91 -6.37 -74.74
N LEU M 60 -66.40 -7.24 -73.87
CA LEU M 60 -66.66 -6.86 -72.49
C LEU M 60 -65.40 -6.86 -71.65
N HIS M 61 -64.52 -7.85 -71.86
CA HIS M 61 -63.25 -7.87 -71.16
C HIS M 61 -62.39 -6.68 -71.54
N LYS M 62 -62.43 -6.27 -72.80
CA LYS M 62 -61.65 -5.13 -73.24
C LYS M 62 -62.23 -3.81 -72.74
N ARG M 63 -63.54 -3.79 -72.44
CA ARG M 63 -64.15 -2.56 -71.97
C ARG M 63 -63.78 -2.27 -70.52
N ARG M 64 -63.73 -3.32 -69.70
CA ARG M 64 -63.42 -3.13 -68.28
C ARG M 64 -62.03 -2.55 -68.09
N GLN M 65 -61.10 -2.82 -69.01
CA GLN M 65 -59.77 -2.25 -68.92
C GLN M 65 -59.82 -0.74 -69.12
N ALA M 66 -60.58 -0.29 -70.11
CA ALA M 66 -60.67 1.15 -70.37
C ALA M 66 -61.35 1.86 -69.21
N LEU M 67 -62.33 1.22 -68.57
CA LEU M 67 -63.00 1.84 -67.44
C LEU M 67 -62.04 2.05 -66.28
N GLY M 68 -61.15 1.08 -66.06
CA GLY M 68 -60.13 1.25 -65.04
C GLY M 68 -59.10 2.30 -65.42
N PHE M 69 -58.79 2.41 -66.70
CA PHE M 69 -57.84 3.41 -67.17
C PHE M 69 -58.53 4.78 -67.32
N ILE M 70 -59.52 4.86 -68.20
CA ILE M 70 -60.24 6.11 -68.40
C ILE M 70 -61.00 6.46 -67.13
N TYR M 71 -60.81 7.69 -66.65
CA TYR M 71 -61.49 8.14 -65.45
C TYR M 71 -62.99 8.15 -65.64
N GLU M 72 -63.48 8.96 -66.56
CA GLU M 72 -64.90 9.17 -66.73
C GLU M 72 -65.54 7.99 -67.47
N LYS M 73 -66.84 7.81 -67.22
CA LYS M 73 -67.55 6.61 -67.64
C LYS M 73 -68.21 6.76 -69.00
N GLN M 74 -68.64 7.97 -69.36
CA GLN M 74 -69.44 8.14 -70.57
C GLN M 74 -68.59 8.09 -71.83
N ILE M 75 -67.32 8.51 -71.74
CA ILE M 75 -66.49 8.56 -72.95
C ILE M 75 -66.20 7.16 -73.45
N VAL M 76 -65.93 6.23 -72.53
CA VAL M 76 -65.62 4.86 -72.93
C VAL M 76 -66.80 4.24 -73.66
N HIS M 77 -68.02 4.48 -73.16
CA HIS M 77 -69.21 3.98 -73.82
C HIS M 77 -69.43 4.69 -75.16
N ALA M 78 -69.05 5.96 -75.24
CA ALA M 78 -69.15 6.70 -76.50
C ALA M 78 -67.97 6.40 -77.42
N LEU M 79 -66.83 5.99 -76.87
CA LEU M 79 -65.65 5.73 -77.69
C LEU M 79 -65.86 4.51 -78.58
N PHE M 80 -66.39 3.43 -78.01
CA PHE M 80 -66.60 2.21 -78.78
C PHE M 80 -67.71 2.36 -79.82
N ALA M 81 -68.55 3.39 -79.71
CA ALA M 81 -69.65 3.55 -80.63
C ALA M 81 -69.18 4.12 -81.97
N GLU M 82 -68.14 4.95 -81.97
CA GLU M 82 -67.72 5.70 -83.15
C GLU M 82 -66.43 5.19 -83.78
N VAL M 83 -65.54 4.57 -83.00
CA VAL M 83 -64.24 4.17 -83.54
C VAL M 83 -64.35 3.11 -84.62
N PRO M 84 -65.16 2.06 -84.48
CA PRO M 84 -65.24 1.07 -85.58
C PRO M 84 -65.68 1.66 -86.91
N GLU M 85 -66.52 2.70 -86.88
CA GLU M 85 -66.90 3.38 -88.11
C GLU M 85 -65.85 4.39 -88.55
N ARG M 86 -65.12 4.99 -87.59
CA ARG M 86 -64.15 6.02 -87.92
C ARG M 86 -62.79 5.43 -88.28
N TYR M 87 -62.33 4.43 -87.53
CA TYR M 87 -61.06 3.75 -87.77
C TYR M 87 -61.29 2.28 -88.11
N GLY M 88 -62.26 2.01 -88.99
CA GLY M 88 -62.51 0.64 -89.41
C GLY M 88 -61.48 0.08 -90.36
N ASP M 89 -60.51 0.91 -90.79
CA ASP M 89 -59.49 0.48 -91.75
C ASP M 89 -58.07 0.83 -91.33
N ARG M 90 -57.88 1.84 -90.48
CA ARG M 90 -56.54 2.26 -90.11
C ARG M 90 -55.90 1.23 -89.17
N ASN M 91 -54.58 1.10 -89.27
CA ASN M 91 -53.80 0.17 -88.47
C ASN M 91 -52.66 0.97 -87.82
N GLY M 92 -52.93 1.52 -86.65
CA GLY M 92 -51.95 2.29 -85.92
C GLY M 92 -51.87 3.74 -86.40
N GLY M 93 -51.10 4.52 -85.67
CA GLY M 93 -50.93 5.93 -85.98
C GLY M 93 -52.22 6.69 -85.91
N TYR M 94 -52.86 6.66 -84.74
CA TYR M 94 -54.17 7.27 -84.55
C TYR M 94 -54.09 8.72 -84.09
N THR M 95 -52.94 9.38 -84.27
CA THR M 95 -52.79 10.75 -83.78
C THR M 95 -51.51 11.34 -84.36
N ARG M 96 -51.49 12.67 -84.44
CA ARG M 96 -50.34 13.42 -84.91
C ARG M 96 -50.02 14.52 -83.89
N ILE M 97 -48.83 15.09 -84.03
CA ILE M 97 -48.35 16.14 -83.14
C ILE M 97 -47.93 17.33 -83.98
N ILE M 98 -48.46 18.51 -83.65
CA ILE M 98 -48.13 19.75 -84.33
C ILE M 98 -47.39 20.64 -83.33
N ARG M 99 -46.19 21.07 -83.71
CA ARG M 99 -45.38 21.88 -82.82
C ARG M 99 -45.97 23.27 -82.67
N THR M 100 -45.47 24.00 -81.68
CA THR M 100 -45.98 25.32 -81.35
C THR M 100 -44.88 26.09 -80.61
N LEU M 101 -45.00 27.41 -80.63
CA LEU M 101 -44.09 28.25 -79.88
C LEU M 101 -44.16 27.89 -78.38
N PRO M 102 -43.12 28.17 -77.62
CA PRO M 102 -43.13 27.82 -76.20
C PRO M 102 -43.93 28.85 -75.40
N ARG M 103 -43.99 28.62 -74.09
CA ARG M 103 -44.71 29.50 -73.19
C ARG M 103 -43.84 30.70 -72.81
N ARG M 104 -44.49 31.68 -72.18
CA ARG M 104 -43.80 32.90 -71.74
C ARG M 104 -43.10 32.71 -70.41
N GLY M 105 -43.64 31.85 -69.54
CA GLY M 105 -43.16 31.74 -68.18
C GLY M 105 -41.89 30.92 -68.02
N ASP M 106 -41.76 29.85 -68.80
CA ASP M 106 -40.67 28.90 -68.62
C ASP M 106 -40.04 28.41 -69.93
N ASN M 107 -40.47 28.91 -71.09
CA ASN M 107 -39.88 28.53 -72.37
C ASN M 107 -40.06 27.04 -72.63
N ALA M 108 -41.13 26.45 -72.11
CA ALA M 108 -41.37 25.03 -72.32
C ALA M 108 -41.80 24.80 -73.77
N PRO M 109 -41.15 23.91 -74.51
CA PRO M 109 -41.63 23.63 -75.88
C PRO M 109 -43.02 23.02 -75.87
N MET M 110 -43.97 23.76 -76.44
CA MET M 110 -45.36 23.34 -76.50
C MET M 110 -45.69 22.77 -77.87
N ALA M 111 -46.80 22.05 -77.94
CA ALA M 111 -47.22 21.41 -79.17
C ALA M 111 -48.63 20.89 -79.00
N TYR M 112 -49.39 20.91 -80.10
CA TYR M 112 -50.72 20.34 -80.12
C TYR M 112 -50.65 18.87 -80.45
N ILE M 113 -51.67 18.13 -80.01
CA ILE M 113 -51.84 16.73 -80.36
C ILE M 113 -53.32 16.51 -80.67
N GLU M 114 -53.60 15.79 -81.75
CA GLU M 114 -54.96 15.61 -82.23
C GLU M 114 -55.12 14.21 -82.82
N LEU M 115 -56.37 13.79 -82.94
CA LEU M 115 -56.71 12.51 -83.53
C LEU M 115 -56.96 12.68 -85.03
N VAL M 116 -56.25 11.89 -85.82
CA VAL M 116 -56.44 11.90 -87.26
C VAL M 116 -57.84 11.41 -87.60
N ALA N 1 77.89 31.38 15.86
CA ALA N 1 77.03 32.50 16.21
C ALA N 1 77.67 33.81 15.75
N HIS N 2 76.98 34.92 16.03
CA HIS N 2 77.47 36.24 15.63
C HIS N 2 78.46 36.77 16.66
N THR N 3 79.43 37.52 16.17
CA THR N 3 80.47 38.12 17.00
C THR N 3 80.16 39.58 17.27
N ARG N 4 81.00 40.20 18.10
CA ARG N 4 80.78 41.59 18.49
C ARG N 4 80.89 42.53 17.30
N ARG N 5 81.85 42.28 16.40
CA ARG N 5 82.03 43.15 15.24
C ARG N 5 80.85 43.04 14.29
N GLU N 6 80.31 41.84 14.12
CA GLU N 6 79.18 41.67 13.21
C GLU N 6 77.94 42.36 13.75
N ASP N 7 77.62 42.10 15.03
CA ASP N 7 76.45 42.72 15.63
C ASP N 7 76.60 44.24 15.71
N ARG N 8 77.85 44.73 15.82
CA ARG N 8 78.07 46.17 15.83
C ARG N 8 77.66 46.78 14.50
N THR N 9 78.07 46.16 13.40
CA THR N 9 77.76 46.71 12.09
C THR N 9 76.26 46.71 11.81
N ALA N 10 75.54 45.73 12.35
CA ALA N 10 74.09 45.70 12.18
C ALA N 10 73.43 46.84 12.93
N ARG N 11 73.90 47.12 14.16
CA ARG N 11 73.34 48.21 14.94
C ARG N 11 73.63 49.58 14.33
N HIS N 12 74.66 49.68 13.49
CA HIS N 12 75.00 50.96 12.87
C HIS N 12 74.16 51.22 11.63
N VAL N 13 73.73 50.17 10.93
CA VAL N 13 72.93 50.36 9.72
C VAL N 13 71.50 50.69 10.07
N ARG N 14 70.94 50.07 11.11
CA ARG N 14 69.58 50.38 11.52
C ARG N 14 69.46 51.82 11.98
N ILE N 15 70.55 52.39 12.49
CA ILE N 15 70.55 53.80 12.87
C ILE N 15 70.68 54.69 11.65
N ARG N 16 71.53 54.29 10.70
CA ARG N 16 71.87 55.16 9.57
C ARG N 16 70.70 55.38 8.63
N LYS N 17 69.74 54.45 8.58
CA LYS N 17 68.57 54.64 7.72
C LYS N 17 67.60 55.69 8.23
N LYS N 18 67.84 56.28 9.41
CA LYS N 18 67.06 57.40 9.91
C LYS N 18 67.87 58.69 9.91
N VAL N 19 69.02 58.70 10.56
CA VAL N 19 69.89 59.87 10.53
C VAL N 19 70.51 60.02 9.15
N GLU N 20 70.65 61.26 8.71
CA GLU N 20 71.22 61.55 7.40
C GLU N 20 71.93 62.89 7.46
N GLY N 21 73.19 62.92 7.04
CA GLY N 21 73.95 64.15 7.04
C GLY N 21 73.53 65.05 5.90
N THR N 22 73.44 66.35 6.19
CA THR N 22 73.06 67.36 5.23
C THR N 22 73.95 68.58 5.41
N PRO N 23 73.94 69.51 4.46
CA PRO N 23 74.71 70.75 4.66
C PRO N 23 74.26 71.55 5.86
N GLU N 24 72.97 71.47 6.22
CA GLU N 24 72.43 72.20 7.35
C GLU N 24 72.51 71.44 8.66
N ARG N 25 72.56 70.12 8.61
CA ARG N 25 72.66 69.28 9.81
C ARG N 25 73.51 68.08 9.46
N PRO N 26 74.85 68.23 9.47
CA PRO N 26 75.71 67.09 9.13
C PRO N 26 75.57 65.93 10.10
N ARG N 27 76.27 64.83 9.81
CA ARG N 27 76.19 63.60 10.57
C ARG N 27 77.45 63.43 11.39
N LEU N 28 77.30 63.34 12.72
CA LEU N 28 78.40 63.11 13.63
C LEU N 28 78.37 61.66 14.07
N CYS N 29 79.34 60.88 13.59
CA CYS N 29 79.48 59.48 13.94
C CYS N 29 80.74 59.26 14.75
N VAL N 30 80.71 58.25 15.60
CA VAL N 30 81.78 57.92 16.53
C VAL N 30 82.19 56.48 16.31
N PHE N 31 83.49 56.22 16.46
CA PHE N 31 84.04 54.87 16.38
C PHE N 31 85.00 54.70 17.55
N ARG N 32 84.66 53.80 18.47
CA ARG N 32 85.51 53.48 19.60
C ARG N 32 86.16 52.12 19.34
N SER N 33 87.47 52.07 19.44
CA SER N 33 88.23 50.84 19.34
C SER N 33 88.55 50.34 20.75
N ASN N 34 89.31 49.25 20.84
CA ASN N 34 89.76 48.76 22.12
C ASN N 34 90.82 49.66 22.75
N LYS N 35 91.40 50.60 21.99
CA LYS N 35 92.43 51.48 22.50
C LYS N 35 92.31 52.93 22.04
N HIS N 36 91.34 53.27 21.19
CA HIS N 36 91.24 54.62 20.65
C HIS N 36 89.78 54.97 20.39
N LEU N 37 89.51 56.27 20.38
CA LEU N 37 88.27 56.84 19.91
C LEU N 37 88.51 57.51 18.56
N TYR N 38 87.42 57.84 17.88
CA TYR N 38 87.52 58.48 16.57
C TYR N 38 86.17 59.05 16.20
N VAL N 39 86.18 60.24 15.59
CA VAL N 39 84.98 61.00 15.30
C VAL N 39 85.09 61.60 13.91
N GLN N 40 83.96 61.71 13.23
CA GLN N 40 83.86 62.32 11.91
C GLN N 40 82.62 63.19 11.86
N VAL N 41 82.66 64.21 11.00
CA VAL N 41 81.51 65.05 10.70
C VAL N 41 81.36 65.09 9.19
N ILE N 42 80.25 64.56 8.68
CA ILE N 42 80.09 64.27 7.27
C ILE N 42 78.82 64.90 6.75
N ASP N 43 78.88 65.45 5.54
CA ASP N 43 77.72 65.83 4.75
C ASP N 43 77.47 64.69 3.77
N ASP N 44 76.46 63.87 4.07
CA ASP N 44 76.23 62.66 3.29
C ASP N 44 75.84 62.98 1.85
N THR N 45 75.23 64.14 1.60
CA THR N 45 74.87 64.52 0.24
C THR N 45 76.12 64.71 -0.61
N LYS N 46 77.17 65.28 -0.03
CA LYS N 46 78.43 65.50 -0.72
C LYS N 46 79.44 64.37 -0.53
N MET N 47 79.20 63.47 0.42
CA MET N 47 80.12 62.37 0.72
C MET N 47 81.50 62.91 1.09
N HIS N 48 81.51 63.98 1.87
CA HIS N 48 82.74 64.65 2.29
C HIS N 48 82.72 64.83 3.80
N THR N 49 83.90 64.72 4.41
CA THR N 49 84.08 64.88 5.84
C THR N 49 84.54 66.30 6.11
N LEU N 50 83.81 67.01 6.97
CA LEU N 50 84.11 68.41 7.25
C LEU N 50 85.13 68.55 8.36
N ALA N 51 84.95 67.81 9.46
CA ALA N 51 85.84 67.89 10.61
C ALA N 51 86.01 66.50 11.21
N ALA N 52 86.93 66.39 12.15
CA ALA N 52 87.24 65.12 12.78
C ALA N 52 88.07 65.39 14.03
N ALA N 53 88.05 64.44 14.95
CA ALA N 53 88.80 64.54 16.19
C ALA N 53 89.10 63.12 16.66
N SER N 54 90.38 62.77 16.69
CA SER N 54 90.82 61.41 17.01
C SER N 54 91.62 61.42 18.31
N THR N 55 91.87 60.22 18.83
CA THR N 55 92.76 60.05 19.97
C THR N 55 94.21 60.24 19.58
N MET N 56 94.56 60.09 18.30
CA MET N 56 95.93 60.15 17.83
C MET N 56 96.35 61.56 17.43
N GLN N 57 95.56 62.58 17.74
CA GLN N 57 95.93 63.95 17.42
C GLN N 57 96.97 64.48 18.41
N LYS N 58 97.86 65.32 17.91
CA LYS N 58 98.99 65.79 18.73
C LYS N 58 98.53 66.80 19.78
N ALA N 59 97.50 67.60 19.45
CA ALA N 59 97.03 68.62 20.37
C ALA N 59 96.42 68.04 21.64
N ILE N 60 96.07 66.75 21.64
CA ILE N 60 95.44 66.12 22.80
C ILE N 60 96.19 64.88 23.26
N SER N 61 96.97 64.22 22.40
CA SER N 61 97.73 63.05 22.83
C SER N 61 98.75 63.41 23.91
N GLU N 62 99.34 64.60 23.80
CA GLU N 62 100.27 65.05 24.84
C GLU N 62 99.56 65.34 26.15
N ASN N 63 98.28 65.69 26.10
CA ASN N 63 97.55 66.07 27.31
C ASN N 63 97.09 64.83 28.08
N ILE N 64 96.29 63.98 27.46
CA ILE N 64 95.75 62.80 28.13
C ILE N 64 96.77 61.68 28.10
N ASP N 65 96.56 60.70 28.99
CA ASP N 65 97.45 59.53 29.06
C ASP N 65 96.66 58.40 29.71
N TYR N 66 96.29 57.41 28.91
CA TYR N 66 95.58 56.23 29.38
C TYR N 66 96.43 54.99 29.14
N SER N 67 96.33 54.03 30.04
CA SER N 67 97.11 52.80 29.97
C SER N 67 96.39 51.71 29.19
N ALA N 68 95.15 51.41 29.57
CA ALA N 68 94.39 50.31 28.98
C ALA N 68 93.54 50.79 27.80
N GLY N 69 92.62 51.72 28.05
CA GLY N 69 91.76 52.25 27.02
C GLY N 69 91.26 53.64 27.36
N PRO N 70 90.65 54.31 26.39
CA PRO N 70 90.17 55.68 26.64
C PRO N 70 89.04 55.69 27.65
N THR N 71 89.16 56.57 28.64
CA THR N 71 88.22 56.66 29.74
C THR N 71 87.13 57.69 29.42
N VAL N 72 86.20 57.84 30.35
CA VAL N 72 85.15 58.86 30.21
C VAL N 72 85.74 60.25 30.14
N GLU N 73 86.84 60.49 30.86
CA GLU N 73 87.50 61.79 30.79
C GLU N 73 88.06 62.06 29.39
N VAL N 74 88.48 61.00 28.69
CA VAL N 74 89.00 61.19 27.34
C VAL N 74 87.88 61.65 26.42
N ALA N 75 86.69 61.04 26.55
CA ALA N 75 85.56 61.39 25.69
C ALA N 75 85.14 62.84 25.89
N GLN N 76 85.24 63.34 27.11
CA GLN N 76 84.93 64.74 27.37
C GLN N 76 85.88 65.67 26.63
N LYS N 77 87.11 65.23 26.39
CA LYS N 77 88.08 66.05 25.66
C LYS N 77 87.82 65.99 24.17
N ILE N 78 87.42 64.82 23.66
CA ILE N 78 87.13 64.70 22.23
C ILE N 78 85.93 65.56 21.86
N GLY N 79 84.90 65.56 22.70
CA GLY N 79 83.75 66.40 22.43
C GLY N 79 84.05 67.88 22.52
N GLU N 80 85.08 68.26 23.27
CA GLU N 80 85.44 69.66 23.40
C GLU N 80 86.19 70.15 22.17
N MET N 81 87.19 69.39 21.73
CA MET N 81 88.02 69.83 20.61
C MET N 81 87.23 69.83 19.30
N ILE N 82 86.36 68.83 19.13
CA ILE N 82 85.57 68.75 17.90
C ILE N 82 84.60 69.92 17.82
N ALA N 83 84.07 70.37 18.95
CA ALA N 83 83.16 71.51 18.96
C ALA N 83 83.89 72.77 18.47
N LYS N 84 85.05 73.06 19.06
CA LYS N 84 85.84 74.20 18.62
C LYS N 84 86.27 74.03 17.17
N SER N 85 86.44 72.80 16.71
CA SER N 85 86.76 72.56 15.31
C SER N 85 85.54 72.72 14.41
N CYS N 86 84.33 72.67 14.96
CA CYS N 86 83.12 72.84 14.16
C CYS N 86 82.72 74.30 14.04
N LEU N 87 82.79 75.05 15.14
CA LEU N 87 82.36 76.45 15.11
C LEU N 87 83.22 77.29 14.19
N GLU N 88 84.51 76.98 14.10
CA GLU N 88 85.38 77.71 13.17
C GLU N 88 84.96 77.48 11.73
N LYS N 89 84.38 76.32 11.42
CA LYS N 89 83.90 76.04 10.08
C LYS N 89 82.60 76.77 9.75
N GLY N 90 81.82 77.14 10.78
CA GLY N 90 80.59 77.87 10.57
C GLY N 90 79.37 76.97 10.50
N ILE N 91 79.28 76.01 11.42
CA ILE N 91 78.15 75.10 11.51
C ILE N 91 77.86 74.84 12.98
N THR N 92 76.58 74.78 13.32
CA THR N 92 76.12 74.54 14.69
C THR N 92 75.23 73.31 14.80
N LYS N 93 74.24 73.18 13.92
CA LYS N 93 73.34 72.04 13.96
C LYS N 93 74.07 70.78 13.49
N VAL N 94 73.65 69.64 14.03
CA VAL N 94 74.29 68.37 13.71
C VAL N 94 73.41 67.22 14.16
N ALA N 95 73.46 66.10 13.45
CA ALA N 95 72.77 64.88 13.80
C ALA N 95 73.77 63.91 14.43
N PHE N 96 73.39 63.33 15.56
CA PHE N 96 74.28 62.48 16.34
C PHE N 96 74.06 61.03 15.95
N ASP N 97 75.07 60.42 15.35
CA ASP N 97 75.09 58.99 15.07
C ASP N 97 75.93 58.33 16.16
N ARG N 98 75.30 57.45 16.95
CA ARG N 98 75.96 56.80 18.07
C ARG N 98 76.76 55.56 17.66
N GLY N 99 77.02 55.38 16.37
CA GLY N 99 77.91 54.33 15.90
C GLY N 99 77.48 52.92 16.25
N GLY N 100 76.19 52.71 16.52
CA GLY N 100 75.70 51.40 16.88
C GLY N 100 75.84 51.04 18.34
N TYR N 101 76.70 51.73 19.08
CA TYR N 101 76.88 51.43 20.49
C TYR N 101 75.80 52.09 21.31
N PRO N 102 75.55 51.62 22.55
CA PRO N 102 74.52 52.27 23.37
C PRO N 102 74.88 53.70 23.72
N TYR N 103 73.86 54.51 23.93
CA TYR N 103 74.08 55.90 24.31
C TYR N 103 74.71 56.01 25.69
N HIS N 104 74.34 55.11 26.60
CA HIS N 104 74.86 55.15 27.95
C HIS N 104 76.37 54.95 27.97
N GLY N 105 77.04 55.66 28.87
CA GLY N 105 78.47 55.49 29.08
C GLY N 105 79.30 56.60 28.47
N ARG N 106 80.44 56.23 27.91
CA ARG N 106 81.36 57.21 27.33
C ARG N 106 80.73 57.93 26.16
N VAL N 107 79.80 57.28 25.45
CA VAL N 107 79.12 57.94 24.34
C VAL N 107 78.28 59.10 24.85
N LYS N 108 77.69 58.94 26.05
CA LYS N 108 76.93 60.03 26.64
C LYS N 108 77.82 61.20 27.01
N ALA N 109 79.00 60.91 27.56
CA ALA N 109 79.92 61.97 27.94
C ALA N 109 80.43 62.73 26.72
N LEU N 110 80.64 62.02 25.60
CA LEU N 110 81.07 62.68 24.37
C LEU N 110 79.99 63.61 23.84
N ALA N 111 78.72 63.18 23.93
CA ALA N 111 77.63 64.00 23.44
C ALA N 111 77.38 65.19 24.36
N ASP N 112 77.38 64.94 25.67
CA ASP N 112 77.11 66.02 26.62
C ASP N 112 78.21 67.07 26.59
N ALA N 113 79.47 66.62 26.58
CA ALA N 113 80.59 67.57 26.51
C ALA N 113 80.56 68.36 25.20
N ALA N 114 80.19 67.71 24.10
CA ALA N 114 80.03 68.41 22.84
C ALA N 114 78.76 69.26 22.85
N ARG N 115 77.70 68.78 23.50
CA ARG N 115 76.49 69.56 23.69
C ARG N 115 76.66 70.64 24.74
N GLU N 116 77.70 70.56 25.57
CA GLU N 116 77.90 71.51 26.64
C GLU N 116 78.10 72.93 26.12
N HIS N 117 78.62 73.07 24.90
CA HIS N 117 78.92 74.39 24.36
C HIS N 117 79.01 74.31 22.85
N GLY N 118 78.44 75.30 22.18
CA GLY N 118 78.64 75.48 20.74
C GLY N 118 77.62 74.79 19.86
N LEU N 119 77.46 73.48 20.03
CA LEU N 119 76.66 72.67 19.13
C LEU N 119 75.21 72.59 19.61
N VAL N 120 74.34 72.21 18.69
CA VAL N 120 72.90 72.15 18.93
C VAL N 120 72.43 70.78 18.49
N PHE N 121 72.24 69.88 19.46
CA PHE N 121 71.75 68.54 19.16
C PHE N 121 71.31 67.84 20.45
N GLN O 1 -33.88 -16.35 -101.69
CA GLN O 1 -33.26 -15.20 -101.05
C GLN O 1 -32.40 -15.65 -99.87
N ARG O 2 -31.54 -14.74 -99.40
CA ARG O 2 -30.66 -15.02 -98.28
C ARG O 2 -31.41 -14.83 -96.96
N VAL O 3 -30.66 -14.91 -95.86
CA VAL O 3 -31.22 -14.75 -94.52
C VAL O 3 -30.80 -13.39 -93.99
N LYS O 4 -31.75 -12.68 -93.39
CA LYS O 4 -31.46 -11.38 -92.79
C LYS O 4 -30.68 -11.57 -91.50
N LEU O 5 -29.88 -10.55 -91.16
CA LEU O 5 -28.96 -10.68 -90.05
C LEU O 5 -29.64 -10.59 -88.70
N GLY O 6 -30.75 -9.87 -88.59
CA GLY O 6 -31.47 -9.79 -87.33
C GLY O 6 -32.18 -11.06 -86.92
N ASP O 7 -32.24 -12.06 -87.80
CA ASP O 7 -32.95 -13.31 -87.53
C ASP O 7 -32.03 -14.50 -87.33
N ILE O 8 -30.72 -14.35 -87.50
CA ILE O 8 -29.81 -15.49 -87.44
C ILE O 8 -29.81 -16.12 -86.06
N MET O 9 -30.10 -15.34 -85.01
CA MET O 9 -30.23 -15.89 -83.67
C MET O 9 -31.32 -16.95 -83.63
N GLY O 10 -32.48 -16.64 -84.19
CA GLY O 10 -33.58 -17.59 -84.16
C GLY O 10 -33.32 -18.82 -85.00
N ILE O 11 -32.63 -18.66 -86.12
CA ILE O 11 -32.36 -19.79 -87.00
C ILE O 11 -31.43 -20.79 -86.33
N LEU O 12 -30.29 -20.31 -85.84
CA LEU O 12 -29.35 -21.19 -85.14
C LEU O 12 -29.98 -21.76 -83.88
N ASN O 13 -30.74 -20.95 -83.16
CA ASN O 13 -31.45 -21.43 -81.98
C ASN O 13 -32.50 -22.46 -82.35
N LYS O 14 -33.18 -22.28 -83.49
CA LYS O 14 -34.20 -23.22 -83.92
C LYS O 14 -33.57 -24.45 -84.55
N LYS O 15 -32.46 -24.28 -85.26
CA LYS O 15 -31.86 -25.40 -85.98
C LYS O 15 -31.32 -26.45 -85.02
N ALA O 16 -30.62 -26.03 -83.97
CA ALA O 16 -30.02 -26.97 -83.04
C ALA O 16 -31.10 -27.74 -82.26
N VAL O 17 -32.18 -27.06 -81.90
CA VAL O 17 -33.25 -27.72 -81.16
C VAL O 17 -33.93 -28.76 -82.03
N HIS O 18 -34.07 -28.48 -83.32
CA HIS O 18 -34.68 -29.45 -84.23
C HIS O 18 -33.80 -30.67 -84.39
N ALA O 19 -32.48 -30.47 -84.49
CA ALA O 19 -31.58 -31.61 -84.62
C ALA O 19 -31.54 -32.44 -83.36
N ALA O 20 -31.56 -31.80 -82.20
CA ALA O 20 -31.55 -32.54 -80.94
C ALA O 20 -32.89 -33.24 -80.68
N GLU O 21 -33.99 -32.67 -81.19
CA GLU O 21 -35.29 -33.27 -80.97
C GLU O 21 -35.44 -34.57 -81.76
N GLU O 22 -35.03 -34.56 -83.03
CA GLU O 22 -35.10 -35.79 -83.83
C GLU O 22 -34.10 -36.82 -83.32
N LEU O 23 -32.92 -36.36 -82.89
CA LEU O 23 -31.93 -37.28 -82.33
C LEU O 23 -32.44 -37.87 -81.02
N ARG O 24 -33.12 -37.08 -80.22
CA ARG O 24 -33.62 -37.52 -78.91
C ARG O 24 -34.83 -36.65 -78.57
N PRO O 25 -36.05 -37.12 -78.86
CA PRO O 25 -37.22 -36.33 -78.49
C PRO O 25 -37.33 -36.14 -76.99
N VAL O 26 -38.13 -35.15 -76.61
CA VAL O 26 -38.30 -34.75 -75.22
C VAL O 26 -39.77 -34.39 -75.00
N PRO O 27 -40.41 -34.77 -73.90
CA PRO O 27 -41.81 -34.37 -73.68
C PRO O 27 -41.91 -32.94 -73.19
N GLY O 28 -43.14 -32.48 -73.04
CA GLY O 28 -43.41 -31.15 -72.51
C GLY O 28 -43.39 -31.13 -71.00
N ILE O 29 -42.47 -30.36 -70.44
CA ILE O 29 -42.26 -30.28 -69.00
C ILE O 29 -42.68 -28.90 -68.52
N ARG O 30 -43.31 -28.85 -67.35
CA ARG O 30 -43.72 -27.62 -66.71
C ARG O 30 -43.30 -27.66 -65.25
N THR O 31 -43.48 -26.53 -64.56
CA THR O 31 -43.16 -26.46 -63.15
C THR O 31 -44.12 -27.34 -62.35
N GLY O 32 -43.55 -28.19 -61.50
CA GLY O 32 -44.32 -29.12 -60.70
C GLY O 32 -44.24 -30.56 -61.15
N ASP O 33 -43.68 -30.82 -62.33
CA ASP O 33 -43.55 -32.19 -62.79
C ASP O 33 -42.53 -32.94 -61.95
N ILE O 34 -42.75 -34.24 -61.79
CA ILE O 34 -41.81 -35.14 -61.13
C ILE O 34 -41.25 -36.05 -62.21
N VAL O 35 -39.95 -35.92 -62.46
CA VAL O 35 -39.30 -36.55 -63.59
C VAL O 35 -38.24 -37.53 -63.09
N GLN O 36 -37.70 -38.31 -64.02
CA GLN O 36 -36.62 -39.25 -63.74
C GLN O 36 -35.64 -39.18 -64.90
N ILE O 37 -34.44 -38.69 -64.62
CA ILE O 37 -33.45 -38.38 -65.66
C ILE O 37 -32.38 -39.45 -65.65
N ARG O 38 -31.96 -39.85 -66.86
CA ARG O 38 -30.87 -40.79 -67.08
C ARG O 38 -29.87 -40.12 -68.00
N LEU O 39 -28.63 -39.95 -67.52
CA LEU O 39 -27.59 -39.25 -68.26
C LEU O 39 -26.30 -40.04 -68.25
N GLU O 40 -25.63 -40.07 -69.39
CA GLU O 40 -24.34 -40.73 -69.49
C GLU O 40 -23.29 -39.96 -68.70
N VAL O 41 -22.32 -40.69 -68.16
CA VAL O 41 -21.23 -40.13 -67.38
C VAL O 41 -19.92 -40.57 -68.03
N PRO O 42 -19.22 -39.72 -68.77
CA PRO O 42 -17.97 -40.16 -69.42
C PRO O 42 -16.87 -40.59 -68.46
N GLU O 43 -16.99 -40.31 -67.16
CA GLU O 43 -15.99 -40.78 -66.21
C GLU O 43 -15.94 -42.30 -66.19
N ASN O 44 -17.09 -42.95 -65.97
CA ASN O 44 -17.22 -44.38 -66.13
C ASN O 44 -17.73 -44.70 -67.53
N LYS O 45 -17.97 -45.97 -67.80
CA LYS O 45 -18.48 -46.42 -69.10
C LYS O 45 -19.63 -47.41 -68.96
N ARG O 46 -19.69 -48.13 -67.85
CA ARG O 46 -20.59 -49.28 -67.74
C ARG O 46 -22.03 -48.84 -67.55
N ARG O 47 -22.32 -48.16 -66.45
CA ARG O 47 -23.67 -47.75 -66.09
C ARG O 47 -23.80 -46.23 -66.19
N LEU O 48 -24.98 -45.74 -65.81
CA LEU O 48 -25.30 -44.32 -65.85
C LEU O 48 -26.03 -43.94 -64.58
N SER O 49 -25.90 -42.67 -64.20
CA SER O 49 -26.55 -42.18 -63.00
C SER O 49 -28.06 -42.03 -63.23
N VAL O 50 -28.80 -41.94 -62.13
CA VAL O 50 -30.25 -41.81 -62.16
C VAL O 50 -30.64 -40.77 -61.12
N TYR O 51 -31.09 -39.60 -61.59
CA TYR O 51 -31.49 -38.50 -60.74
C TYR O 51 -32.96 -38.20 -60.99
N LYS O 52 -33.73 -38.04 -59.92
CA LYS O 52 -35.14 -37.72 -60.00
C LYS O 52 -35.48 -36.64 -58.99
N GLY O 53 -36.63 -36.02 -59.20
CA GLY O 53 -37.09 -34.97 -58.31
C GLY O 53 -38.14 -34.12 -58.99
N ILE O 54 -38.65 -33.17 -58.23
CA ILE O 54 -39.71 -32.28 -58.68
C ILE O 54 -39.09 -31.09 -59.40
N VAL O 55 -39.77 -30.62 -60.43
CA VAL O 55 -39.31 -29.47 -61.22
C VAL O 55 -39.75 -28.20 -60.48
N ILE O 56 -38.79 -27.35 -60.15
CA ILE O 56 -39.06 -26.09 -59.46
C ILE O 56 -38.85 -24.87 -60.33
N SER O 57 -38.51 -25.04 -61.60
CA SER O 57 -38.33 -23.91 -62.51
C SER O 57 -38.18 -24.46 -63.92
N ARG O 58 -38.32 -23.55 -64.89
CA ARG O 58 -38.06 -23.88 -66.29
C ARG O 58 -37.73 -22.57 -67.00
N GLN O 59 -36.44 -22.34 -67.22
CA GLN O 59 -35.98 -21.13 -67.91
C GLN O 59 -35.88 -21.43 -69.40
N ASN O 60 -36.68 -20.72 -70.20
CA ASN O 60 -36.68 -20.87 -71.64
C ASN O 60 -35.59 -19.99 -72.22
N ALA O 61 -34.53 -20.63 -72.75
CA ALA O 61 -33.40 -19.91 -73.32
C ALA O 61 -32.96 -20.57 -74.62
N GLY O 62 -33.89 -21.14 -75.37
CA GLY O 62 -33.57 -21.78 -76.62
C GLY O 62 -32.95 -23.16 -76.44
N ILE O 63 -31.77 -23.35 -77.03
CA ILE O 63 -31.12 -24.65 -76.95
C ILE O 63 -30.70 -24.95 -75.52
N HIS O 64 -30.33 -23.94 -74.75
CA HIS O 64 -29.95 -24.13 -73.35
C HIS O 64 -31.15 -23.94 -72.43
N THR O 65 -32.23 -24.64 -72.74
CA THR O 65 -33.43 -24.60 -71.92
C THR O 65 -33.23 -25.53 -70.73
N THR O 66 -33.43 -25.00 -69.53
CA THR O 66 -33.04 -25.66 -68.29
C THR O 66 -34.25 -26.02 -67.45
N ILE O 67 -34.02 -26.92 -66.50
CA ILE O 67 -35.00 -27.26 -65.47
C ILE O 67 -34.23 -27.55 -64.19
N ARG O 68 -34.71 -27.01 -63.07
CA ARG O 68 -34.14 -27.26 -61.76
C ARG O 68 -34.89 -28.39 -61.09
N ILE O 69 -34.15 -29.30 -60.46
CA ILE O 69 -34.70 -30.51 -59.87
C ILE O 69 -34.32 -30.53 -58.40
N ARG O 70 -35.30 -30.34 -57.53
CA ARG O 70 -35.10 -30.43 -56.09
C ARG O 70 -35.46 -31.84 -55.62
N ARG O 71 -34.62 -32.38 -54.75
CA ARG O 71 -34.84 -33.69 -54.17
C ARG O 71 -33.89 -33.86 -53.00
N ILE O 72 -34.34 -34.58 -51.98
CA ILE O 72 -33.59 -34.74 -50.74
C ILE O 72 -32.93 -36.10 -50.76
N ILE O 73 -31.59 -36.11 -50.70
CA ILE O 73 -30.79 -37.32 -50.66
C ILE O 73 -29.99 -37.32 -49.37
N ALA O 74 -30.01 -38.45 -48.67
CA ALA O 74 -29.26 -38.63 -47.42
C ALA O 74 -29.64 -37.57 -46.38
N GLY O 75 -30.91 -37.18 -46.37
CA GLY O 75 -31.41 -36.24 -45.40
C GLY O 75 -31.18 -34.77 -45.72
N VAL O 76 -30.34 -34.45 -46.70
CA VAL O 76 -30.02 -33.07 -47.06
C VAL O 76 -30.67 -32.75 -48.40
N GLY O 77 -31.14 -31.52 -48.53
CA GLY O 77 -31.78 -31.10 -49.77
C GLY O 77 -30.75 -30.76 -50.83
N VAL O 78 -31.08 -31.09 -52.07
CA VAL O 78 -30.17 -30.92 -53.20
C VAL O 78 -30.96 -30.43 -54.40
N GLU O 79 -30.54 -29.32 -54.98
CA GLU O 79 -31.12 -28.76 -56.19
C GLU O 79 -30.11 -28.86 -57.32
N ILE O 80 -30.52 -29.44 -58.44
CA ILE O 80 -29.67 -29.64 -59.60
C ILE O 80 -30.40 -29.10 -60.82
N VAL O 81 -29.65 -28.46 -61.71
CA VAL O 81 -30.18 -27.95 -62.97
C VAL O 81 -29.74 -28.88 -64.08
N PHE O 82 -30.60 -29.02 -65.08
CA PHE O 82 -30.37 -29.93 -66.20
C PHE O 82 -30.69 -29.19 -67.50
N PRO O 83 -29.74 -29.00 -68.41
CA PRO O 83 -30.11 -28.53 -69.75
C PRO O 83 -30.78 -29.65 -70.54
N LEU O 84 -31.97 -29.35 -71.06
CA LEU O 84 -32.80 -30.39 -71.67
C LEU O 84 -32.13 -31.00 -72.89
N TYR O 85 -31.62 -30.16 -73.78
CA TYR O 85 -31.13 -30.60 -75.08
C TYR O 85 -29.65 -30.95 -75.08
N SER O 86 -29.11 -31.38 -73.95
CA SER O 86 -27.74 -31.84 -73.89
C SER O 86 -27.63 -33.26 -74.43
N PRO O 87 -26.50 -33.64 -75.05
CA PRO O 87 -26.38 -35.02 -75.54
C PRO O 87 -26.10 -36.03 -74.45
N ASN O 88 -25.65 -35.60 -73.27
CA ASN O 88 -25.37 -36.54 -72.20
C ASN O 88 -26.66 -37.17 -71.66
N ILE O 89 -27.76 -36.41 -71.63
CA ILE O 89 -29.02 -36.94 -71.16
C ILE O 89 -29.52 -37.96 -72.16
N LYS O 90 -29.65 -39.21 -71.73
CA LYS O 90 -30.09 -40.30 -72.61
C LYS O 90 -31.58 -40.52 -72.57
N GLU O 91 -32.24 -40.23 -71.46
CA GLU O 91 -33.65 -40.55 -71.32
C GLU O 91 -34.26 -39.70 -70.21
N ILE O 92 -35.52 -39.31 -70.39
CA ILE O 92 -36.28 -38.55 -69.42
C ILE O 92 -37.67 -39.17 -69.31
N LYS O 93 -38.21 -39.20 -68.09
CA LYS O 93 -39.57 -39.62 -67.82
C LYS O 93 -40.33 -38.52 -67.10
N VAL O 94 -41.65 -38.68 -67.06
CA VAL O 94 -42.54 -37.79 -66.31
C VAL O 94 -43.41 -38.70 -65.46
N VAL O 95 -42.98 -38.91 -64.21
CA VAL O 95 -43.70 -39.82 -63.33
C VAL O 95 -45.09 -39.29 -63.02
N SER O 96 -45.17 -38.10 -62.46
CA SER O 96 -46.44 -37.49 -62.10
C SER O 96 -46.26 -35.98 -62.10
N HIS O 97 -47.33 -35.27 -61.73
CA HIS O 97 -47.35 -33.81 -61.72
C HIS O 97 -48.11 -33.32 -60.51
N ARG O 98 -47.49 -32.42 -59.76
CA ARG O 98 -48.11 -31.84 -58.57
C ARG O 98 -48.88 -30.58 -58.95
N LYS O 99 -49.95 -30.32 -58.21
CA LYS O 99 -50.77 -29.14 -58.43
C LYS O 99 -50.08 -27.93 -57.80
N VAL O 100 -49.86 -26.89 -58.60
CA VAL O 100 -49.15 -25.69 -58.18
C VAL O 100 -49.88 -24.47 -58.72
N ARG O 101 -49.41 -23.29 -58.28
CA ARG O 101 -50.01 -22.01 -58.66
C ARG O 101 -48.95 -20.97 -58.99
N LYS O 102 -47.72 -21.39 -59.29
CA LYS O 102 -46.63 -20.46 -59.56
C LYS O 102 -45.68 -21.05 -60.59
N ALA O 103 -44.79 -20.20 -61.08
CA ALA O 103 -43.83 -20.58 -62.10
C ALA O 103 -42.54 -21.14 -61.53
N ARG O 104 -42.17 -20.74 -60.32
CA ARG O 104 -40.92 -21.17 -59.70
C ARG O 104 -41.16 -21.49 -58.23
N LEU O 105 -40.78 -22.70 -57.83
CA LEU O 105 -41.07 -23.21 -56.50
C LEU O 105 -39.86 -23.02 -55.58
N TYR O 106 -39.55 -21.75 -55.33
CA TYR O 106 -38.46 -21.39 -54.44
C TYR O 106 -38.84 -21.45 -52.96
N TYR O 107 -40.14 -21.50 -52.64
CA TYR O 107 -40.55 -21.55 -51.24
C TYR O 107 -40.22 -22.89 -50.59
N LEU O 108 -40.04 -23.95 -51.38
CA LEU O 108 -39.78 -25.26 -50.81
C LEU O 108 -38.45 -25.34 -50.08
N ARG O 109 -37.54 -24.39 -50.34
CA ARG O 109 -36.27 -24.37 -49.62
C ARG O 109 -36.45 -24.10 -48.13
N ASP O 110 -37.60 -23.52 -47.73
CA ASP O 110 -37.91 -23.26 -46.34
C ASP O 110 -38.97 -24.21 -45.77
N LYS O 111 -39.71 -24.92 -46.61
CA LYS O 111 -40.74 -25.82 -46.14
C LYS O 111 -40.11 -27.10 -45.58
N LEU O 112 -40.97 -28.03 -45.17
CA LEU O 112 -40.51 -29.24 -44.52
C LEU O 112 -39.82 -30.15 -45.52
N PRO O 113 -39.10 -31.18 -45.05
CA PRO O 113 -38.46 -32.11 -45.99
C PRO O 113 -39.43 -32.95 -46.79
N ARG O 114 -40.57 -33.34 -46.22
CA ARG O 114 -41.44 -34.29 -46.89
C ARG O 114 -42.03 -33.76 -48.19
N LEU O 115 -42.06 -32.43 -48.37
CA LEU O 115 -42.56 -31.85 -49.61
C LEU O 115 -41.63 -32.11 -50.79
N SER O 116 -40.40 -32.58 -50.56
CA SER O 116 -39.44 -32.83 -51.62
C SER O 116 -38.80 -34.21 -51.56
N THR O 117 -39.21 -35.07 -50.64
CA THR O 117 -38.66 -36.42 -50.57
C THR O 117 -39.34 -37.31 -51.60
N PHE O 118 -38.54 -38.19 -52.21
CA PHE O 118 -39.04 -39.10 -53.24
C PHE O 118 -38.31 -40.44 -53.18
N THR P 1 -10.99 78.98 -38.88
CA THR P 1 -11.37 78.94 -40.28
C THR P 1 -11.19 77.54 -40.86
N ARG P 2 -12.28 76.97 -41.35
CA ARG P 2 -12.25 75.64 -41.90
C ARG P 2 -11.69 75.66 -43.32
N VAL P 3 -10.96 74.61 -43.67
CA VAL P 3 -10.26 74.51 -44.94
C VAL P 3 -10.46 73.10 -45.48
N LYS P 4 -11.28 72.97 -46.52
CA LYS P 4 -11.44 71.69 -47.18
C LYS P 4 -10.15 71.28 -47.87
N ARG P 5 -10.06 70.01 -48.25
CA ARG P 5 -8.94 69.57 -49.06
C ARG P 5 -8.96 70.24 -50.43
N GLY P 6 -10.15 70.49 -50.97
CA GLY P 6 -10.28 71.20 -52.22
C GLY P 6 -9.93 70.37 -53.42
N TYR P 7 -8.95 70.84 -54.20
CA TYR P 7 -8.58 70.23 -55.46
C TYR P 7 -7.10 69.89 -55.55
N ILE P 8 -6.31 70.13 -54.50
CA ILE P 8 -4.87 69.91 -54.60
C ILE P 8 -4.55 68.43 -54.75
N ALA P 9 -5.39 67.56 -54.18
CA ALA P 9 -5.19 66.14 -54.38
C ALA P 9 -5.56 65.71 -55.79
N ARG P 10 -6.49 66.41 -56.42
CA ARG P 10 -6.91 66.06 -57.77
C ARG P 10 -5.86 66.48 -58.80
N ARG P 11 -5.42 67.73 -58.75
CA ARG P 11 -4.47 68.21 -59.74
C ARG P 11 -3.11 67.54 -59.58
N ARG P 12 -2.77 67.12 -58.36
CA ARG P 12 -1.56 66.33 -58.16
C ARG P 12 -1.66 65.00 -58.89
N ARG P 13 -2.76 64.29 -58.68
CA ARG P 13 -2.89 62.93 -59.19
C ARG P 13 -3.04 62.88 -60.70
N LYS P 14 -3.54 63.97 -61.31
CA LYS P 14 -3.60 64.01 -62.77
C LYS P 14 -2.19 64.02 -63.37
N LYS P 15 -1.28 64.80 -62.79
CA LYS P 15 0.11 64.75 -63.22
C LYS P 15 0.69 63.35 -63.01
N ILE P 16 0.35 62.72 -61.89
CA ILE P 16 0.78 61.35 -61.64
C ILE P 16 0.08 60.41 -62.60
N ARG P 17 -1.13 60.73 -63.02
CA ARG P 17 -1.88 59.85 -63.92
C ARG P 17 -1.41 60.00 -65.36
N PHE P 18 -1.15 61.25 -65.79
CA PHE P 18 -0.77 61.48 -67.17
C PHE P 18 0.54 60.81 -67.52
N PHE P 19 1.44 60.66 -66.55
CA PHE P 19 2.66 59.89 -66.78
C PHE P 19 2.34 58.44 -67.08
N ALA P 20 1.27 57.91 -66.49
CA ALA P 20 0.87 56.52 -66.67
C ALA P 20 -0.15 56.39 -67.81
N SER P 21 0.32 56.69 -69.01
CA SER P 21 -0.55 56.68 -70.19
C SER P 21 -0.72 55.27 -70.74
N SER P 22 0.39 54.63 -71.12
CA SER P 22 0.35 53.36 -71.82
C SER P 22 0.49 52.15 -70.90
N PHE P 23 0.21 52.31 -69.61
CA PHE P 23 0.32 51.18 -68.70
C PHE P 23 -0.92 50.30 -68.80
N ARG P 24 -0.70 49.00 -68.65
CA ARG P 24 -1.75 48.01 -68.84
C ARG P 24 -2.52 47.76 -67.54
N GLY P 25 -3.81 47.48 -67.69
CA GLY P 25 -4.62 47.08 -66.57
C GLY P 25 -4.88 48.21 -65.59
N ALA P 26 -4.94 47.85 -64.32
CA ALA P 26 -5.20 48.80 -63.25
C ALA P 26 -4.02 49.69 -62.93
N HIS P 27 -2.88 49.50 -63.59
CA HIS P 27 -1.74 50.39 -63.40
C HIS P 27 -1.90 51.72 -64.12
N SER P 28 -3.02 51.95 -64.80
CA SER P 28 -3.32 53.21 -65.46
C SER P 28 -4.66 53.79 -65.03
N ARG P 29 -5.28 53.24 -63.99
CA ARG P 29 -6.66 53.58 -63.64
C ARG P 29 -6.83 53.89 -62.15
N LEU P 30 -5.99 53.30 -61.31
CA LEU P 30 -6.12 53.41 -59.85
C LEU P 30 -4.99 54.26 -59.30
N THR P 31 -5.35 55.27 -58.49
CA THR P 31 -4.36 56.23 -58.02
C THR P 31 -3.34 55.58 -57.09
N ARG P 32 -3.80 54.68 -56.21
CA ARG P 32 -2.89 54.05 -55.26
C ARG P 32 -1.93 53.08 -55.91
N THR P 33 -2.11 52.73 -57.18
CA THR P 33 -1.18 51.91 -57.93
C THR P 33 -0.31 52.71 -58.87
N ILE P 34 -0.84 53.77 -59.48
CA ILE P 34 -0.05 54.60 -60.39
C ILE P 34 1.08 55.28 -59.64
N ALA P 35 0.80 55.78 -58.44
CA ALA P 35 1.86 56.32 -57.58
C ALA P 35 2.87 55.25 -57.23
N GLN P 36 2.43 54.00 -57.13
CA GLN P 36 3.32 52.90 -56.79
C GLN P 36 4.17 52.48 -57.98
N GLN P 37 3.69 52.71 -59.21
CA GLN P 37 4.41 52.35 -60.42
C GLN P 37 5.16 53.51 -61.03
N LYS P 38 4.64 54.73 -60.92
CA LYS P 38 5.36 55.91 -61.40
C LYS P 38 6.71 56.03 -60.70
N ILE P 39 6.76 55.66 -59.42
CA ILE P 39 8.03 55.59 -58.72
C ILE P 39 8.96 54.58 -59.40
N ARG P 40 8.42 53.41 -59.73
CA ARG P 40 9.25 52.35 -60.28
C ARG P 40 9.74 52.67 -61.68
N ALA P 41 8.97 53.43 -62.46
CA ALA P 41 9.36 53.72 -63.83
C ALA P 41 10.58 54.63 -63.87
N LEU P 42 10.61 55.66 -63.03
CA LEU P 42 11.72 56.60 -63.06
C LEU P 42 12.99 55.96 -62.51
N VAL P 43 12.86 55.10 -61.50
CA VAL P 43 14.02 54.37 -61.01
C VAL P 43 14.58 53.47 -62.10
N SER P 44 13.69 52.83 -62.85
CA SER P 44 14.14 52.00 -63.98
C SER P 44 14.69 52.87 -65.10
N ALA P 45 14.15 54.06 -65.28
CA ALA P 45 14.68 54.97 -66.30
C ALA P 45 16.04 55.51 -65.88
N HIS P 46 16.18 55.92 -64.62
CA HIS P 46 17.47 56.39 -64.12
C HIS P 46 18.50 55.28 -64.11
N ARG P 47 18.07 54.03 -63.95
CA ARG P 47 18.99 52.90 -63.97
C ARG P 47 19.39 52.54 -65.39
N ASP P 48 18.46 52.65 -66.34
CA ASP P 48 18.77 52.29 -67.72
C ASP P 48 19.70 53.31 -68.37
N ARG P 49 19.54 54.59 -68.04
CA ARG P 49 20.41 55.61 -68.62
C ARG P 49 21.85 55.43 -68.18
N ASP P 50 22.07 54.85 -67.01
CA ASP P 50 23.42 54.46 -66.61
C ASP P 50 23.87 53.21 -67.36
N ARG P 51 22.98 52.24 -67.50
CA ARG P 51 23.25 51.06 -68.33
C ARG P 51 23.22 51.37 -69.82
N GLN P 52 22.64 52.52 -70.21
CA GLN P 52 22.58 52.86 -71.62
C GLN P 52 23.97 53.04 -72.21
N LYS P 53 24.93 53.49 -71.41
CA LYS P 53 26.26 53.79 -71.93
C LYS P 53 27.07 52.52 -72.13
N ARG P 54 27.04 51.61 -71.18
CA ARG P 54 27.75 50.34 -71.33
C ARG P 54 27.12 49.44 -72.39
N ASP P 55 25.83 49.63 -72.68
CA ASP P 55 25.13 48.73 -73.58
C ASP P 55 25.51 48.98 -75.03
N PHE P 56 25.43 50.23 -75.48
CA PHE P 56 25.82 50.55 -76.85
C PHE P 56 27.30 50.27 -77.08
N ARG P 57 28.13 50.52 -76.06
CA ARG P 57 29.54 50.13 -76.14
C ARG P 57 29.66 48.63 -76.36
N ARG P 58 28.95 47.84 -75.56
CA ARG P 58 28.96 46.39 -75.68
C ARG P 58 28.54 45.95 -77.08
N LEU P 59 27.65 46.70 -77.73
CA LEU P 59 27.24 46.37 -79.08
C LEU P 59 28.30 46.76 -80.09
N TRP P 60 29.04 47.84 -79.82
CA TRP P 60 30.05 48.32 -80.77
C TRP P 60 31.25 47.40 -80.80
N ILE P 61 31.59 46.77 -79.68
CA ILE P 61 32.70 45.82 -79.66
C ILE P 61 32.39 44.64 -80.56
N THR P 62 31.18 44.12 -80.48
CA THR P 62 30.78 42.99 -81.32
C THR P 62 30.83 43.36 -82.79
N ARG P 63 30.24 44.50 -83.15
CA ARG P 63 30.22 44.93 -84.54
C ARG P 63 31.62 45.16 -85.08
N ILE P 64 32.48 45.80 -84.29
CA ILE P 64 33.86 46.02 -84.73
C ILE P 64 34.60 44.69 -84.78
N ASN P 65 34.42 43.86 -83.75
CA ASN P 65 35.04 42.54 -83.75
C ASN P 65 34.50 41.69 -84.89
N ALA P 66 33.19 41.81 -85.17
CA ALA P 66 32.59 41.00 -86.22
C ALA P 66 33.03 41.44 -87.60
N ALA P 67 33.40 42.72 -87.76
CA ALA P 67 33.69 43.29 -89.06
C ALA P 67 35.15 43.20 -89.45
N ILE P 68 35.99 42.52 -88.65
CA ILE P 68 37.43 42.56 -88.84
C ILE P 68 38.04 41.16 -88.85
N ARG P 69 37.30 40.15 -88.40
CA ARG P 69 37.79 38.78 -88.51
C ARG P 69 37.95 38.32 -89.94
N GLU P 70 37.27 38.96 -90.89
CA GLU P 70 37.35 38.55 -92.29
C GLU P 70 38.67 38.95 -92.93
N ARG P 71 39.36 39.96 -92.40
CA ARG P 71 40.56 40.47 -93.05
C ARG P 71 41.71 39.48 -92.93
N GLY P 72 42.13 39.18 -91.71
CA GLY P 72 43.29 38.33 -91.47
C GLY P 72 42.94 37.14 -90.60
N VAL P 73 43.57 36.02 -90.90
CA VAL P 73 43.43 34.82 -90.06
C VAL P 73 44.28 34.99 -88.81
N TYR P 74 43.83 34.39 -87.71
CA TYR P 74 44.47 34.53 -86.41
C TYR P 74 44.58 36.00 -86.03
N TYR P 75 43.55 36.76 -86.36
CA TYR P 75 43.47 38.19 -86.08
C TYR P 75 42.11 38.48 -85.48
N ASN P 76 42.03 39.54 -84.67
CA ASN P 76 40.90 39.70 -83.78
C ASN P 76 40.81 41.15 -83.31
N TYR P 77 39.80 41.42 -82.48
CA TYR P 77 39.57 42.77 -81.96
C TYR P 77 40.71 43.24 -81.08
N SER P 78 41.16 42.38 -80.17
CA SER P 78 42.17 42.79 -79.19
C SER P 78 43.46 43.23 -79.86
N LYS P 79 43.84 42.58 -80.96
CA LYS P 79 45.04 42.98 -81.68
C LYS P 79 44.83 44.26 -82.47
N PHE P 80 43.58 44.56 -82.83
CA PHE P 80 43.31 45.78 -83.58
C PHE P 80 43.45 47.01 -82.70
N ILE P 81 43.02 46.93 -81.44
CA ILE P 81 43.11 48.08 -80.55
C ILE P 81 44.55 48.34 -80.16
N HIS P 82 45.34 47.28 -79.98
CA HIS P 82 46.73 47.46 -79.56
C HIS P 82 47.55 48.17 -80.62
N ASP P 83 47.16 48.05 -81.89
CA ASP P 83 47.92 48.67 -82.95
C ASP P 83 47.53 50.13 -83.15
N LEU P 84 46.29 50.50 -82.84
CA LEU P 84 45.87 51.89 -82.97
C LEU P 84 46.67 52.78 -82.04
N TYR P 85 46.74 52.43 -80.76
CA TYR P 85 47.54 53.20 -79.82
C TYR P 85 49.02 53.18 -80.20
N LYS P 86 49.49 52.08 -80.80
CA LYS P 86 50.84 52.04 -81.32
C LYS P 86 51.00 53.03 -82.47
N ARG P 87 50.06 52.99 -83.41
CA ARG P 87 50.04 53.93 -84.53
C ARG P 87 49.56 55.32 -84.11
N GLN P 88 49.13 55.48 -82.86
CA GLN P 88 48.68 56.77 -82.32
C GLN P 88 47.43 57.28 -83.04
N LEU P 89 46.41 56.43 -83.09
CA LEU P 89 45.07 56.83 -83.50
C LEU P 89 44.25 57.23 -82.27
N LEU P 90 43.07 57.79 -82.53
CA LEU P 90 42.19 58.30 -81.48
C LEU P 90 40.74 57.89 -81.65
N LEU P 91 40.38 57.25 -82.75
CA LEU P 91 38.98 56.90 -83.02
C LEU P 91 38.43 56.01 -81.91
N ASN P 92 37.16 56.23 -81.58
CA ASN P 92 36.48 55.51 -80.51
C ASN P 92 35.66 54.37 -81.11
N ARG P 93 34.89 53.70 -80.25
CA ARG P 93 34.09 52.56 -80.71
C ARG P 93 32.90 53.00 -81.54
N LYS P 94 32.37 54.19 -81.29
CA LYS P 94 31.18 54.65 -82.02
C LYS P 94 31.49 54.82 -83.50
N ILE P 95 32.58 55.52 -83.83
CA ILE P 95 32.89 55.80 -85.23
C ILE P 95 33.28 54.54 -85.96
N LEU P 96 34.10 53.69 -85.34
CA LEU P 96 34.55 52.46 -85.98
C LEU P 96 33.38 51.52 -86.24
N ALA P 97 32.44 51.43 -85.30
CA ALA P 97 31.32 50.52 -85.46
C ALA P 97 30.38 50.98 -86.57
N GLN P 98 30.21 52.29 -86.73
CA GLN P 98 29.28 52.80 -87.73
C GLN P 98 29.91 52.80 -89.12
N ILE P 99 31.22 53.05 -89.20
CA ILE P 99 31.91 52.96 -90.48
C ILE P 99 31.92 51.52 -90.98
N ALA P 100 31.94 50.55 -90.07
CA ALA P 100 31.94 49.15 -90.48
C ALA P 100 30.68 48.79 -91.24
N ILE P 101 29.59 49.50 -90.98
CA ILE P 101 28.31 49.25 -91.64
C ILE P 101 28.05 50.23 -92.77
N LEU P 102 28.48 51.48 -92.60
CA LEU P 102 28.12 52.55 -93.52
C LEU P 102 29.16 52.75 -94.63
N ASN P 103 30.44 52.54 -94.33
CA ASN P 103 31.50 52.66 -95.34
C ASN P 103 32.54 51.58 -95.05
N PRO P 104 32.21 50.30 -95.33
CA PRO P 104 33.14 49.22 -94.98
C PRO P 104 34.48 49.30 -95.68
N ASN P 105 34.56 50.00 -96.81
CA ASN P 105 35.82 50.10 -97.53
C ASN P 105 36.88 50.89 -96.75
N CYS P 106 36.46 51.70 -95.79
CA CYS P 106 37.43 52.50 -95.03
C CYS P 106 38.25 51.64 -94.08
N ILE P 107 37.59 50.70 -93.38
CA ILE P 107 38.31 49.86 -92.42
C ILE P 107 39.31 48.97 -93.15
N TYR P 108 39.01 48.57 -94.38
CA TYR P 108 39.96 47.82 -95.16
C TYR P 108 41.21 48.65 -95.44
N MET P 109 41.05 49.97 -95.55
CA MET P 109 42.20 50.86 -95.73
C MET P 109 42.88 51.15 -94.41
N ILE P 110 42.10 51.28 -93.33
CA ILE P 110 42.69 51.48 -92.00
C ILE P 110 43.54 50.28 -91.62
N TYR P 111 43.06 49.08 -91.93
CA TYR P 111 43.85 47.88 -91.68
C TYR P 111 45.16 47.90 -92.46
N ASN P 112 45.12 48.47 -93.67
CA ASN P 112 46.32 48.51 -94.50
C ASN P 112 47.30 49.57 -94.00
N GLU P 113 46.78 50.72 -93.55
CA GLU P 113 47.65 51.77 -93.04
C GLU P 113 48.41 51.30 -91.80
N ILE P 114 47.75 50.51 -90.96
CA ILE P 114 48.39 49.97 -89.76
C ILE P 114 49.54 49.07 -90.16
N ILE P 115 49.30 48.11 -91.05
CA ILE P 115 50.32 47.16 -91.46
C ILE P 115 51.32 47.86 -92.37
N PHE Q 1 -26.09 73.32 -98.34
CA PHE Q 1 -26.22 74.05 -99.60
C PHE Q 1 -27.52 74.87 -99.61
N GLU Q 2 -27.82 75.48 -100.76
CA GLU Q 2 -28.89 76.47 -100.82
C GLU Q 2 -30.25 75.83 -100.57
N GLU Q 3 -30.64 74.86 -101.40
CA GLU Q 3 -31.95 74.24 -101.26
C GLU Q 3 -32.08 73.44 -99.97
N PHE Q 4 -30.96 73.07 -99.34
CA PHE Q 4 -31.01 72.44 -98.03
C PHE Q 4 -31.61 73.37 -96.98
N GLN Q 5 -31.54 74.67 -97.18
CA GLN Q 5 -32.17 75.59 -96.24
C GLN Q 5 -33.69 75.48 -96.28
N ARG Q 6 -34.24 75.22 -97.47
CA ARG Q 6 -35.70 75.26 -97.64
C ARG Q 6 -36.34 74.05 -96.94
N PRO Q 7 -36.16 72.80 -97.38
CA PRO Q 7 -36.21 71.68 -96.42
C PRO Q 7 -34.83 71.36 -95.89
N PRO Q 8 -34.64 71.34 -94.57
CA PRO Q 8 -33.43 70.72 -94.00
C PRO Q 8 -33.50 69.21 -93.87
N ASN Q 9 -34.49 68.56 -94.51
CA ASN Q 9 -34.63 67.10 -94.45
C ASN Q 9 -34.78 66.45 -95.80
N GLN Q 10 -34.87 67.21 -96.89
CA GLN Q 10 -35.00 66.62 -98.22
C GLN Q 10 -33.68 66.02 -98.66
N LYS Q 11 -33.77 64.97 -99.48
CA LYS Q 11 -32.59 64.26 -99.91
C LYS Q 11 -31.73 65.15 -100.82
N PRO Q 12 -30.41 65.04 -100.77
CA PRO Q 12 -29.59 65.76 -101.75
C PRO Q 12 -29.57 65.06 -103.09
N GLN Q 13 -29.24 65.82 -104.13
CA GLN Q 13 -29.19 65.33 -105.49
C GLN Q 13 -27.91 65.82 -106.17
N LEU Q 14 -27.53 65.12 -107.24
CA LEU Q 14 -26.28 65.42 -107.93
C LEU Q 14 -26.40 66.68 -108.77
N SER Q 15 -27.56 66.90 -109.39
CA SER Q 15 -27.73 68.05 -110.27
C SER Q 15 -27.64 69.38 -109.52
N ASP Q 16 -28.02 69.40 -108.25
CA ASP Q 16 -27.95 70.64 -107.48
C ASP Q 16 -26.51 71.09 -107.28
N VAL Q 17 -25.57 70.15 -107.25
CA VAL Q 17 -24.16 70.49 -107.03
C VAL Q 17 -23.61 71.22 -108.26
N LEU Q 18 -23.64 70.55 -109.40
CA LEU Q 18 -23.08 71.04 -110.65
C LEU Q 18 -24.02 70.73 -111.79
N PRO Q 19 -23.88 71.40 -112.94
CA PRO Q 19 -24.64 71.00 -114.12
C PRO Q 19 -24.24 69.61 -114.58
N ASP Q 20 -25.08 69.02 -115.42
CA ASP Q 20 -24.89 67.67 -115.89
C ASP Q 20 -24.03 67.59 -117.15
N ASP Q 21 -23.27 68.64 -117.46
CA ASP Q 21 -22.46 68.66 -118.69
C ASP Q 21 -21.03 68.16 -118.45
N PHE Q 22 -20.28 68.82 -117.57
CA PHE Q 22 -18.87 68.52 -117.32
C PHE Q 22 -18.11 68.37 -118.63
N GLN Q 23 -17.91 69.53 -119.29
CA GLN Q 23 -17.41 69.67 -120.65
C GLN Q 23 -16.36 68.64 -121.07
N ALA Q 24 -15.36 68.38 -120.20
CA ALA Q 24 -14.38 67.35 -120.53
C ALA Q 24 -13.50 67.01 -119.32
N PRO Q 25 -13.11 65.75 -119.13
CA PRO Q 25 -11.99 65.48 -118.21
C PRO Q 25 -10.67 65.99 -118.74
N GLU Q 26 -10.51 66.04 -120.07
CA GLU Q 26 -9.29 66.47 -120.75
C GLU Q 26 -8.10 65.62 -120.30
N PRO Q 27 -8.21 64.28 -120.36
CA PRO Q 27 -7.15 63.44 -119.75
C PRO Q 27 -5.79 63.56 -120.44
N GLY Q 28 -5.74 64.08 -121.66
CA GLY Q 28 -4.50 64.24 -122.39
C GLY Q 28 -3.94 65.64 -122.31
N THR Q 29 -4.81 66.63 -122.11
CA THR Q 29 -4.37 68.01 -122.07
C THR Q 29 -3.49 68.24 -120.83
N PRO Q 30 -2.52 69.16 -120.90
CA PRO Q 30 -1.71 69.41 -119.69
C PRO Q 30 -2.49 69.95 -118.50
N GLU Q 31 -3.69 70.50 -118.72
CA GLU Q 31 -4.51 70.97 -117.61
C GLU Q 31 -4.82 69.82 -116.65
N TYR Q 32 -5.17 68.65 -117.19
CA TYR Q 32 -5.36 67.47 -116.36
C TYR Q 32 -4.06 67.05 -115.67
N ASN Q 33 -2.92 67.34 -116.30
CA ASN Q 33 -1.63 67.08 -115.67
C ASN Q 33 -1.24 68.18 -114.70
N ASP Q 34 -1.64 69.42 -114.99
CA ASP Q 34 -1.29 70.53 -114.10
C ASP Q 34 -1.98 70.41 -112.75
N ILE Q 35 -3.28 70.07 -112.76
CA ILE Q 35 -4.01 69.93 -111.50
C ILE Q 35 -3.45 68.77 -110.69
N ILE Q 36 -2.90 67.75 -111.36
CA ILE Q 36 -2.24 66.67 -110.64
C ILE Q 36 -0.99 67.19 -109.94
N ASN Q 37 -0.21 68.02 -110.63
CA ASN Q 37 0.94 68.65 -110.00
C ASN Q 37 0.54 69.64 -108.92
N GLN Q 38 -0.70 70.13 -108.93
CA GLN Q 38 -1.15 71.05 -107.90
C GLN Q 38 -1.36 70.32 -106.58
N PHE Q 39 -2.03 69.16 -106.62
CA PHE Q 39 -2.34 68.40 -105.42
C PHE Q 39 -1.41 67.20 -105.21
N LEU Q 40 -0.76 66.70 -106.26
CA LEU Q 40 0.18 65.59 -106.17
C LEU Q 40 1.50 66.00 -106.82
N PRO Q 41 2.39 66.68 -106.07
CA PRO Q 41 3.74 66.94 -106.61
C PRO Q 41 4.60 65.69 -106.65
N LYS Q 42 5.86 65.86 -107.01
CA LYS Q 42 6.85 64.78 -107.06
C LYS Q 42 7.99 65.10 -106.11
N LYS Q 43 8.91 64.15 -105.98
CA LYS Q 43 10.06 64.33 -105.10
C LYS Q 43 10.98 65.43 -105.63
N GLY Q 44 11.37 65.33 -106.89
CA GLY Q 44 12.29 66.27 -107.48
C GLY Q 44 13.72 66.02 -107.04
N PRO Q 45 14.67 66.76 -107.59
CA PRO Q 45 16.06 66.60 -107.16
C PRO Q 45 16.23 66.95 -105.70
N PRO Q 46 16.98 66.18 -104.91
CA PRO Q 46 17.27 66.59 -103.54
C PRO Q 46 18.17 67.80 -103.52
N PRO Q 47 18.36 68.44 -102.36
CA PRO Q 47 19.32 69.55 -102.27
C PRO Q 47 20.72 69.07 -102.55
N PRO Q 48 21.43 69.64 -103.54
CA PRO Q 48 22.82 69.25 -103.76
C PRO Q 48 23.71 69.63 -102.58
N ARG Q 49 24.83 68.93 -102.47
CA ARG Q 49 25.82 69.20 -101.44
C ARG Q 49 27.14 68.58 -101.89
N GLU Q 50 28.18 68.83 -101.10
CA GLU Q 50 29.48 68.25 -101.40
C GLU Q 50 29.53 66.80 -100.91
N GLU Q 51 30.09 65.93 -101.75
CA GLU Q 51 30.16 64.51 -101.45
C GLU Q 51 31.39 64.25 -100.60
N ILE Q 52 31.23 64.45 -99.29
CA ILE Q 52 32.35 64.37 -98.36
C ILE Q 52 31.81 64.25 -96.95
N PHE Q 53 32.60 63.64 -96.07
CA PHE Q 53 32.30 63.58 -94.65
C PHE Q 53 33.61 63.63 -93.89
N ALA Q 54 33.50 63.84 -92.58
CA ALA Q 54 34.68 63.92 -91.73
C ALA Q 54 34.30 63.63 -90.29
N VAL Q 55 35.32 63.34 -89.50
CA VAL Q 55 35.17 63.06 -88.07
C VAL Q 55 35.78 64.22 -87.30
N VAL Q 56 35.16 64.56 -86.18
CA VAL Q 56 35.56 65.73 -85.40
C VAL Q 56 35.24 65.48 -83.94
N VAL Q 57 35.97 66.17 -83.06
CA VAL Q 57 35.84 66.03 -81.61
C VAL Q 57 35.27 67.31 -81.05
N ILE Q 58 34.27 67.18 -80.18
CA ILE Q 58 33.73 68.30 -79.41
C ILE Q 58 33.54 67.80 -77.98
N GLY Q 59 34.18 68.49 -77.03
CA GLY Q 59 34.15 68.04 -75.66
C GLY Q 59 35.09 66.87 -75.45
N SER Q 60 34.51 65.67 -75.34
CA SER Q 60 35.28 64.44 -75.35
C SER Q 60 34.65 63.37 -76.24
N ARG Q 61 33.48 63.64 -76.83
CA ARG Q 61 32.78 62.70 -77.69
C ARG Q 61 32.95 63.11 -79.14
N GLN Q 62 32.74 62.15 -80.04
CA GLN Q 62 33.03 62.30 -81.45
C GLN Q 62 31.73 62.38 -82.24
N TYR Q 63 31.83 62.96 -83.45
CA TYR Q 63 30.68 63.13 -84.32
C TYR Q 63 31.12 62.94 -85.77
N ILE Q 64 30.17 62.49 -86.59
CA ILE Q 64 30.38 62.37 -88.03
C ILE Q 64 29.81 63.61 -88.71
N VAL Q 65 30.61 64.25 -89.54
CA VAL Q 65 30.29 65.54 -90.12
C VAL Q 65 29.82 65.35 -91.57
N ILE Q 66 28.77 66.07 -91.93
CA ILE Q 66 28.28 66.14 -93.30
C ILE Q 66 28.04 67.62 -93.61
N PRO Q 67 28.49 68.15 -94.76
CA PRO Q 67 28.22 69.57 -95.03
C PRO Q 67 26.73 69.85 -95.20
N GLY Q 68 26.36 71.09 -94.93
CA GLY Q 68 24.97 71.50 -95.04
C GLY Q 68 24.04 70.80 -94.08
N ARG Q 69 24.56 70.29 -92.97
CA ARG Q 69 23.79 69.54 -91.99
C ARG Q 69 24.16 69.99 -90.60
N TRP Q 70 23.19 69.98 -89.70
CA TRP Q 70 23.37 70.45 -88.33
C TRP Q 70 23.38 69.27 -87.36
N ILE Q 71 23.80 69.56 -86.14
CA ILE Q 71 23.91 68.54 -85.09
C ILE Q 71 24.05 69.23 -83.74
N TYR Q 72 23.47 68.62 -82.71
CA TYR Q 72 23.62 69.12 -81.34
C TYR Q 72 24.98 68.75 -80.79
N THR Q 73 25.51 69.61 -79.93
CA THR Q 73 26.80 69.40 -79.28
C THR Q 73 26.74 69.96 -77.88
N GLN Q 74 27.73 69.58 -77.07
CA GLN Q 74 27.85 70.11 -75.72
C GLN Q 74 28.00 71.62 -75.75
N ARG Q 75 27.53 72.27 -74.69
CA ARG Q 75 27.58 73.72 -74.60
C ARG Q 75 29.03 74.22 -74.70
N LEU Q 76 29.17 75.38 -75.32
CA LEU Q 76 30.45 76.03 -75.54
C LEU Q 76 30.44 77.39 -74.83
N LYS Q 77 31.47 77.64 -74.03
CA LYS Q 77 31.58 78.92 -73.34
C LYS Q 77 31.70 80.04 -74.37
N GLY Q 78 30.91 81.09 -74.19
CA GLY Q 78 30.81 82.11 -75.21
C GLY Q 78 30.04 81.56 -76.39
N ALA Q 79 30.57 81.75 -77.59
CA ALA Q 79 29.99 81.19 -78.81
C ALA Q 79 28.55 81.66 -79.01
N THR Q 80 28.42 82.96 -79.21
CA THR Q 80 27.10 83.57 -79.38
C THR Q 80 26.43 83.05 -80.64
N VAL Q 81 25.13 83.35 -80.76
CA VAL Q 81 24.37 82.92 -81.92
C VAL Q 81 24.90 83.59 -83.18
N ASN Q 82 24.76 82.89 -84.31
CA ASN Q 82 25.20 83.38 -85.61
C ASN Q 82 26.69 83.71 -85.63
N ASP Q 83 27.47 82.96 -84.86
CA ASP Q 83 28.91 83.13 -84.78
C ASP Q 83 29.60 82.11 -85.68
N LYS Q 84 30.62 82.56 -86.41
CA LYS Q 84 31.37 81.70 -87.31
C LYS Q 84 32.42 80.96 -86.50
N ILE Q 85 32.30 79.63 -86.44
CA ILE Q 85 33.13 78.79 -85.60
C ILE Q 85 33.93 77.86 -86.48
N VAL Q 86 35.14 77.53 -86.02
CA VAL Q 86 36.07 76.68 -86.74
C VAL Q 86 36.52 75.58 -85.79
N LEU Q 87 36.30 74.33 -86.20
CA LEU Q 87 36.73 73.16 -85.44
C LEU Q 87 38.04 72.64 -86.03
N ASN Q 88 39.06 72.54 -85.19
CA ASN Q 88 40.42 72.32 -85.68
C ASN Q 88 40.74 70.84 -85.83
N LYS Q 89 40.66 70.08 -84.74
CA LYS Q 89 41.10 68.69 -84.75
C LYS Q 89 40.06 67.83 -85.44
N VAL Q 90 40.50 67.08 -86.45
CA VAL Q 90 39.65 66.15 -87.18
C VAL Q 90 40.44 64.86 -87.36
N LEU Q 91 39.75 63.72 -87.23
CA LEU Q 91 40.39 62.43 -87.17
C LEU Q 91 40.47 61.73 -88.53
N LEU Q 92 39.61 62.08 -89.47
CA LEU Q 92 39.71 61.55 -90.82
C LEU Q 92 38.78 62.33 -91.73
N VAL Q 93 39.03 62.21 -93.03
CA VAL Q 93 38.17 62.78 -94.07
C VAL Q 93 37.96 61.70 -95.13
N GLY Q 94 36.74 61.62 -95.62
CA GLY Q 94 36.37 60.55 -96.55
C GLY Q 94 35.66 61.08 -97.77
N THR Q 95 36.00 60.49 -98.92
CA THR Q 95 35.40 60.82 -100.20
C THR Q 95 35.23 59.53 -101.00
N LYS Q 96 34.61 59.67 -102.19
CA LYS Q 96 34.46 58.53 -103.07
C LYS Q 96 35.80 58.09 -103.63
N ALA Q 97 36.68 59.04 -103.95
CA ALA Q 97 37.95 58.74 -104.59
C ALA Q 97 39.05 58.41 -103.61
N SER Q 98 39.01 58.98 -102.40
CA SER Q 98 40.08 58.80 -101.43
C SER Q 98 39.48 58.89 -100.04
N THR Q 99 40.32 58.59 -99.04
CA THR Q 99 39.91 58.66 -97.64
C THR Q 99 41.14 59.01 -96.82
N TYR Q 100 41.17 60.22 -96.26
CA TYR Q 100 42.31 60.72 -95.53
C TYR Q 100 42.15 60.36 -94.06
N ILE Q 101 43.13 59.65 -93.52
CA ILE Q 101 43.06 59.07 -92.17
C ILE Q 101 44.00 59.88 -91.29
N GLY Q 102 43.42 60.68 -90.39
CA GLY Q 102 44.21 61.47 -89.45
C GLY Q 102 45.16 60.63 -88.64
N THR Q 103 46.43 61.02 -88.61
CA THR Q 103 47.48 60.22 -87.98
C THR Q 103 47.19 60.04 -86.50
N PRO Q 104 47.31 61.06 -85.64
CA PRO Q 104 46.26 61.28 -84.64
C PRO Q 104 45.22 62.26 -85.13
N ILE Q 105 45.61 63.12 -86.08
CA ILE Q 105 44.73 64.09 -86.70
C ILE Q 105 45.20 64.32 -88.13
N VAL Q 106 44.40 65.06 -88.89
CA VAL Q 106 44.79 65.52 -90.21
C VAL Q 106 45.42 66.91 -90.07
N THR Q 107 46.62 67.07 -90.61
CA THR Q 107 47.34 68.32 -90.44
C THR Q 107 46.67 69.44 -91.23
N ASN Q 108 46.49 70.59 -90.57
CA ASN Q 108 46.00 71.83 -91.15
C ASN Q 108 44.56 71.73 -91.66
N ALA Q 109 43.83 70.69 -91.28
CA ALA Q 109 42.42 70.56 -91.66
C ALA Q 109 41.57 71.36 -90.70
N ALA Q 110 40.40 71.79 -91.18
CA ALA Q 110 39.49 72.60 -90.39
C ALA Q 110 38.08 72.41 -90.91
N VAL Q 111 37.10 72.67 -90.04
CA VAL Q 111 35.69 72.51 -90.34
C VAL Q 111 34.98 73.82 -90.00
N HIS Q 112 34.63 74.58 -91.03
CA HIS Q 112 33.88 75.81 -90.83
C HIS Q 112 32.43 75.48 -90.53
N ALA Q 113 31.83 76.25 -89.64
CA ALA Q 113 30.49 75.95 -89.15
C ALA Q 113 29.85 77.24 -88.64
N VAL Q 114 28.59 77.13 -88.23
CA VAL Q 114 27.82 78.26 -87.74
C VAL Q 114 27.00 77.80 -86.54
N VAL Q 115 26.82 78.68 -85.58
CA VAL Q 115 26.04 78.41 -84.38
C VAL Q 115 24.58 78.77 -84.67
N GLU Q 116 23.72 77.76 -84.76
CA GLU Q 116 22.32 78.03 -85.02
C GLU Q 116 21.62 78.59 -83.79
N GLU Q 117 21.69 77.86 -82.68
CA GLU Q 117 20.98 78.22 -81.46
C GLU Q 117 21.83 77.84 -80.24
N GLN Q 118 21.37 78.29 -79.08
CA GLN Q 118 22.01 78.00 -77.80
C GLN Q 118 20.87 77.71 -76.82
N LEU Q 119 20.51 76.44 -76.71
CA LEU Q 119 19.27 76.00 -76.07
C LEU Q 119 19.59 75.09 -74.89
N LEU Q 120 18.53 74.48 -74.33
CA LEU Q 120 18.63 73.54 -73.23
C LEU Q 120 18.04 72.20 -73.67
N ASP Q 121 18.66 71.12 -73.21
CA ASP Q 121 18.19 69.78 -73.56
C ASP Q 121 16.82 69.52 -72.94
N ASP Q 122 16.12 68.53 -73.48
CA ASP Q 122 14.87 68.11 -72.91
C ASP Q 122 15.10 67.56 -71.50
N LYS Q 123 14.11 67.77 -70.63
CA LYS Q 123 14.27 67.40 -69.23
C LYS Q 123 14.36 65.89 -69.08
N VAL Q 124 15.30 65.47 -68.22
CA VAL Q 124 15.43 64.08 -67.80
C VAL Q 124 15.33 64.06 -66.29
N ILE Q 125 14.51 63.15 -65.76
CA ILE Q 125 14.18 63.14 -64.34
C ILE Q 125 15.22 62.29 -63.61
N VAL Q 126 16.03 62.94 -62.78
CA VAL Q 126 16.98 62.25 -61.91
C VAL Q 126 16.21 61.87 -60.65
N PHE Q 127 15.75 60.63 -60.58
CA PHE Q 127 14.89 60.15 -59.51
C PHE Q 127 15.66 59.12 -58.69
N LYS Q 128 15.64 59.29 -57.37
CA LYS Q 128 16.33 58.41 -56.44
C LYS Q 128 15.33 57.86 -55.44
N TYR Q 129 15.49 56.60 -55.07
CA TYR Q 129 14.50 55.90 -54.28
C TYR Q 129 15.14 54.79 -53.47
N LYS Q 130 14.63 54.60 -52.26
CA LYS Q 130 15.02 53.47 -51.41
C LYS Q 130 13.78 53.01 -50.66
N LYS Q 131 13.36 51.77 -50.92
CA LYS Q 131 12.12 51.27 -50.37
C LYS Q 131 12.24 51.06 -48.86
N LYS Q 132 11.10 51.21 -48.18
CA LYS Q 132 10.95 51.01 -46.75
C LYS Q 132 11.80 51.98 -45.92
N LYS Q 133 12.20 53.11 -46.51
CA LYS Q 133 13.01 54.10 -45.83
C LYS Q 133 12.50 55.52 -45.98
N ASN Q 134 11.38 55.72 -46.68
CA ASN Q 134 10.78 57.05 -46.83
C ASN Q 134 11.74 58.03 -47.47
N TYR Q 135 12.53 57.54 -48.43
CA TYR Q 135 13.52 58.34 -49.15
C TYR Q 135 13.07 58.45 -50.60
N ARG Q 136 12.70 59.66 -51.00
CA ARG Q 136 12.25 59.94 -52.35
C ARG Q 136 12.77 61.29 -52.77
N ARG Q 137 13.36 61.35 -53.97
CA ARG Q 137 13.95 62.57 -54.50
C ARG Q 137 13.57 62.69 -55.97
N ASN Q 138 13.06 63.86 -56.35
CA ASN Q 138 12.66 64.15 -57.73
C ASN Q 138 13.41 65.40 -58.17
N ILE Q 139 14.43 65.21 -59.01
CA ILE Q 139 15.24 66.30 -59.54
C ILE Q 139 15.31 66.16 -61.05
N GLY Q 140 14.93 67.22 -61.75
CA GLY Q 140 15.14 67.30 -63.18
C GLY Q 140 16.51 67.88 -63.52
N HIS Q 141 16.83 67.86 -64.80
CA HIS Q 141 18.11 68.36 -65.26
C HIS Q 141 18.00 68.76 -66.72
N ARG Q 142 18.09 70.07 -66.98
CA ARG Q 142 18.12 70.60 -68.35
C ARG Q 142 19.57 70.86 -68.71
N GLN Q 143 20.13 70.02 -69.56
CA GLN Q 143 21.54 70.13 -69.88
C GLN Q 143 21.76 71.29 -70.84
N PRO Q 144 22.77 72.13 -70.63
CA PRO Q 144 23.10 73.14 -71.65
C PRO Q 144 23.60 72.49 -72.94
N ILE Q 145 23.02 72.91 -74.06
CA ILE Q 145 23.29 72.34 -75.37
C ILE Q 145 23.36 73.47 -76.39
N THR Q 146 24.17 73.27 -77.42
CA THR Q 146 24.25 74.15 -78.58
C THR Q 146 23.80 73.40 -79.82
N ARG Q 147 23.56 74.17 -80.88
CA ARG Q 147 23.13 73.63 -82.17
C ARG Q 147 24.01 74.24 -83.24
N ILE Q 148 24.82 73.40 -83.88
CA ILE Q 148 25.82 73.83 -84.84
C ILE Q 148 25.36 73.44 -86.23
N LYS Q 149 25.61 74.32 -87.22
CA LYS Q 149 25.44 74.00 -88.62
C LYS Q 149 26.81 73.95 -89.29
N ILE Q 150 26.99 72.99 -90.16
CA ILE Q 150 28.24 72.81 -90.90
C ILE Q 150 28.11 73.56 -92.22
N THR Q 151 29.24 74.11 -92.67
CA THR Q 151 29.32 74.82 -93.96
C THR Q 151 30.20 74.10 -94.96
N GLY Q 152 31.44 73.78 -94.58
CA GLY Q 152 32.34 73.12 -95.49
C GLY Q 152 33.57 72.62 -94.77
N ILE Q 153 34.42 71.93 -95.52
CA ILE Q 153 35.65 71.33 -95.00
C ILE Q 153 36.79 71.71 -95.93
N THR Q 154 37.91 72.15 -95.34
CA THR Q 154 39.05 72.64 -96.11
C THR Q 154 40.34 72.26 -95.39
N GLY Q 155 41.46 72.53 -96.05
CA GLY Q 155 42.77 72.34 -95.44
C GLY Q 155 43.20 70.91 -95.29
N TYR Q 156 42.74 70.02 -96.18
CA TYR Q 156 43.02 68.59 -96.09
C TYR Q 156 43.70 68.02 -97.32
N GLU Q 157 43.87 68.80 -98.39
CA GLU Q 157 44.34 68.25 -99.65
C GLU Q 157 45.81 67.85 -99.62
N ASP Q 158 46.62 68.50 -98.80
CA ASP Q 158 48.05 68.21 -98.74
C ASP Q 158 48.37 66.90 -98.03
N TYR Q 159 47.38 66.26 -97.42
CA TYR Q 159 47.56 64.98 -96.76
C TYR Q 159 47.70 63.87 -97.79
N PRO Q 160 48.41 62.76 -97.52
CA PRO Q 160 48.49 61.70 -98.53
C PRO Q 160 47.14 61.06 -98.83
N ALA Q 161 47.16 60.11 -99.77
CA ALA Q 161 45.93 59.54 -100.27
C ALA Q 161 45.38 58.45 -99.36
N SER Q 162 46.15 57.38 -99.18
CA SER Q 162 45.68 56.17 -98.48
C SER Q 162 44.38 55.66 -99.11
N THR Q 163 44.37 55.63 -100.44
CA THR Q 163 43.17 55.25 -101.18
C THR Q 163 43.07 53.73 -101.28
N LEU Q 164 42.14 53.26 -102.11
CA LEU Q 164 41.86 51.84 -102.29
C LEU Q 164 42.07 51.47 -103.75
N GLU Q 165 42.75 50.35 -103.97
CA GLU Q 165 43.06 49.87 -105.31
C GLU Q 165 42.21 48.65 -105.67
N GLU R 1 -21.74 67.85 -91.19
CA GLU R 1 -21.56 66.52 -90.63
C GLU R 1 -22.73 65.62 -91.07
N PRO R 2 -22.46 64.44 -91.66
CA PRO R 2 -23.58 63.62 -92.15
C PRO R 2 -24.46 63.05 -91.05
N GLY R 3 -23.96 62.93 -89.82
CA GLY R 3 -24.74 62.32 -88.76
C GLY R 3 -25.99 63.09 -88.37
N LYS R 4 -26.02 64.40 -88.64
CA LYS R 4 -27.15 65.22 -88.23
C LYS R 4 -28.32 65.18 -89.22
N CYS R 5 -28.21 64.41 -90.30
CA CYS R 5 -29.25 64.34 -91.31
C CYS R 5 -29.69 62.90 -91.60
N ASP R 6 -28.78 61.94 -91.40
CA ASP R 6 -29.08 60.56 -91.76
C ASP R 6 -29.92 59.87 -90.70
N GLU R 7 -29.43 59.80 -89.47
CA GLU R 7 -29.97 58.91 -88.46
C GLU R 7 -30.86 59.65 -87.46
N ILE R 8 -31.47 58.85 -86.58
CA ILE R 8 -32.35 59.32 -85.52
C ILE R 8 -31.96 58.64 -84.23
N THR R 9 -31.97 59.39 -83.13
CA THR R 9 -31.72 58.83 -81.82
C THR R 9 -33.04 58.50 -81.14
N THR R 10 -33.08 57.35 -80.47
CA THR R 10 -34.26 56.92 -79.74
C THR R 10 -33.80 56.16 -78.50
N ARG R 11 -34.30 56.57 -77.35
CA ARG R 11 -33.84 56.06 -76.06
C ARG R 11 -35.00 55.44 -75.29
N GLY R 12 -34.68 54.43 -74.50
CA GLY R 12 -35.61 53.82 -73.58
C GLY R 12 -35.20 54.11 -72.14
N TYR R 13 -35.96 54.96 -71.47
CA TYR R 13 -35.57 55.50 -70.18
C TYR R 13 -36.17 54.66 -69.06
N SER R 14 -35.32 54.17 -68.17
CA SER R 14 -35.74 53.49 -66.94
C SER R 14 -36.55 52.23 -67.25
N ILE R 15 -35.93 51.33 -68.02
CA ILE R 15 -36.50 50.03 -68.31
C ILE R 15 -36.02 49.05 -67.25
N SER R 16 -36.96 48.51 -66.48
CA SER R 16 -36.63 47.66 -65.33
C SER R 16 -36.17 46.29 -65.84
N MET R 17 -34.85 46.14 -65.95
CA MET R 17 -34.23 44.89 -66.35
C MET R 17 -32.74 45.00 -66.05
N SER R 18 -31.99 43.98 -66.45
CA SER R 18 -30.55 43.92 -66.23
C SER R 18 -29.79 44.36 -67.48
N VAL R 19 -28.56 44.80 -67.26
CA VAL R 19 -27.74 45.31 -68.36
C VAL R 19 -27.23 44.16 -69.22
N ASP R 20 -26.56 43.20 -68.59
CA ASP R 20 -25.93 42.11 -69.34
C ASP R 20 -26.98 41.26 -70.06
N LYS R 21 -28.13 41.04 -69.41
CA LYS R 21 -29.19 40.26 -70.04
C LYS R 21 -29.73 40.95 -71.28
N ALA R 22 -29.77 42.29 -71.27
CA ALA R 22 -30.21 43.03 -72.45
C ALA R 22 -29.24 42.85 -73.60
N ARG R 23 -27.93 42.85 -73.31
CA ARG R 23 -26.92 42.83 -74.35
C ARG R 23 -26.85 41.53 -75.12
N ARG R 24 -27.46 40.46 -74.60
CA ARG R 24 -27.59 39.25 -75.40
C ARG R 24 -28.39 39.52 -76.67
N VAL R 25 -29.37 40.41 -76.59
CA VAL R 25 -30.21 40.75 -77.73
C VAL R 25 -29.62 41.91 -78.52
N ILE R 26 -29.09 42.91 -77.83
CA ILE R 26 -28.64 44.13 -78.49
C ILE R 26 -27.37 43.88 -79.30
N ASP R 27 -26.50 42.98 -78.83
CA ASP R 27 -25.27 42.71 -79.55
C ASP R 27 -25.51 42.01 -80.89
N GLN R 28 -26.66 41.37 -81.06
CA GLN R 28 -26.96 40.64 -82.29
C GLN R 28 -27.69 41.50 -83.31
N ILE R 29 -28.67 42.29 -82.86
CA ILE R 29 -29.39 43.18 -83.75
C ILE R 29 -28.50 44.28 -84.33
N ARG R 30 -27.36 44.55 -83.69
CA ARG R 30 -26.44 45.55 -84.21
C ARG R 30 -25.95 45.14 -85.60
N GLY R 31 -26.19 46.01 -86.58
CA GLY R 31 -25.86 45.72 -87.96
C GLY R 31 -26.92 44.97 -88.74
N ARG R 32 -28.04 44.64 -88.12
CA ARG R 32 -29.14 43.96 -88.78
C ARG R 32 -30.17 44.97 -89.26
N SER R 33 -30.81 44.66 -90.37
CA SER R 33 -31.80 45.55 -90.96
C SER R 33 -33.06 45.58 -90.09
N TYR R 34 -33.95 46.52 -90.42
CA TYR R 34 -35.17 46.71 -89.66
C TYR R 34 -36.07 45.48 -89.74
N ALA R 35 -36.35 45.03 -90.97
CA ALA R 35 -37.23 43.88 -91.15
C ALA R 35 -36.62 42.61 -90.59
N GLU R 36 -35.29 42.52 -90.56
CA GLU R 36 -34.62 41.32 -90.06
C GLU R 36 -34.86 41.13 -88.57
N THR R 37 -34.70 42.20 -87.79
CA THR R 37 -34.81 42.09 -86.34
C THR R 37 -36.23 41.75 -85.92
N LEU R 38 -37.23 42.30 -86.61
CA LEU R 38 -38.61 42.06 -86.22
C LEU R 38 -38.97 40.60 -86.37
N MET R 39 -38.41 39.93 -87.38
CA MET R 39 -38.62 38.50 -87.53
C MET R 39 -37.95 37.72 -86.42
N ILE R 40 -36.88 38.25 -85.85
CA ILE R 40 -36.10 37.53 -84.84
C ILE R 40 -36.62 37.81 -83.44
N LEU R 41 -36.86 39.10 -83.13
CA LEU R 41 -37.26 39.47 -81.78
C LEU R 41 -38.61 38.87 -81.40
N GLU R 42 -39.46 38.60 -82.39
CA GLU R 42 -40.74 37.95 -82.12
C GLU R 42 -40.61 36.45 -81.90
N LEU R 43 -39.39 35.89 -81.96
CA LEU R 43 -39.20 34.45 -81.89
C LEU R 43 -38.04 34.01 -81.00
N MET R 44 -37.29 34.93 -80.40
CA MET R 44 -36.24 34.51 -79.48
C MET R 44 -36.87 33.91 -78.22
N PRO R 45 -36.09 33.18 -77.44
CA PRO R 45 -36.59 32.70 -76.14
C PRO R 45 -36.48 33.70 -75.00
N TYR R 46 -36.01 34.92 -75.28
CA TYR R 46 -35.65 35.85 -74.23
C TYR R 46 -36.81 36.75 -73.85
N ARG R 47 -36.74 37.29 -72.64
CA ARG R 47 -37.74 38.22 -72.13
C ARG R 47 -37.42 39.66 -72.46
N ALA R 48 -36.17 39.95 -72.81
CA ALA R 48 -35.75 41.32 -73.09
C ALA R 48 -36.21 41.84 -74.44
N CYS R 49 -36.85 41.00 -75.26
CA CYS R 49 -37.20 41.42 -76.61
C CYS R 49 -38.48 42.24 -76.65
N TYR R 50 -39.44 41.96 -75.78
CA TYR R 50 -40.71 42.68 -75.84
C TYR R 50 -40.55 44.17 -75.55
N PRO R 51 -39.72 44.60 -74.59
CA PRO R 51 -39.43 46.05 -74.52
C PRO R 51 -38.72 46.56 -75.76
N ILE R 52 -37.78 45.78 -76.29
CA ILE R 52 -37.03 46.20 -77.46
C ILE R 52 -37.93 46.24 -78.69
N PHE R 53 -38.85 45.28 -78.80
CA PHE R 53 -39.75 45.24 -79.94
C PHE R 53 -40.62 46.50 -79.98
N LYS R 54 -41.07 46.97 -78.82
CA LYS R 54 -41.78 48.24 -78.75
C LYS R 54 -40.87 49.40 -79.09
N LEU R 55 -39.57 49.26 -78.82
CA LEU R 55 -38.63 50.37 -78.98
C LEU R 55 -38.13 50.45 -80.42
N ILE R 56 -37.86 49.31 -81.05
CA ILE R 56 -37.46 49.32 -82.46
C ILE R 56 -38.61 49.79 -83.33
N TYR R 57 -39.83 49.33 -83.03
CA TYR R 57 -40.98 49.72 -83.83
C TYR R 57 -41.31 51.19 -83.67
N SER R 58 -41.13 51.73 -82.46
CA SER R 58 -41.43 53.13 -82.23
C SER R 58 -40.43 54.05 -82.93
N ALA R 59 -39.17 53.62 -83.04
CA ALA R 59 -38.16 54.47 -83.66
C ALA R 59 -38.41 54.63 -85.15
N ALA R 60 -38.74 53.53 -85.85
CA ALA R 60 -39.00 53.62 -87.27
C ALA R 60 -40.26 54.42 -87.55
N ALA R 61 -41.24 54.38 -86.65
CA ALA R 61 -42.43 55.20 -86.81
C ALA R 61 -42.07 56.68 -86.81
N ASN R 62 -41.06 57.07 -86.03
CA ASN R 62 -40.62 58.46 -86.02
C ASN R 62 -39.93 58.84 -87.32
N ALA R 63 -39.27 57.88 -87.97
CA ALA R 63 -38.53 58.19 -89.19
C ALA R 63 -39.48 58.59 -90.31
N SER R 64 -40.46 57.75 -90.62
CA SER R 64 -41.41 58.08 -91.67
C SER R 64 -42.26 59.30 -91.33
N HIS R 65 -42.38 59.64 -90.05
CA HIS R 65 -43.22 60.76 -89.62
C HIS R 65 -42.44 62.06 -89.51
N ASN R 66 -41.23 62.02 -88.94
CA ASN R 66 -40.45 63.21 -88.69
C ASN R 66 -39.34 63.45 -89.71
N LYS R 67 -38.95 62.42 -90.47
CA LYS R 67 -37.93 62.57 -91.50
C LYS R 67 -38.25 61.86 -92.81
N GLN R 68 -39.37 61.14 -92.89
CA GLN R 68 -39.88 60.59 -94.15
C GLN R 68 -38.87 59.64 -94.80
N PHE R 69 -38.60 58.54 -94.10
CA PHE R 69 -37.75 57.47 -94.59
C PHE R 69 -38.60 56.24 -94.91
N ASN R 70 -38.12 55.44 -95.86
CA ASN R 70 -38.75 54.19 -96.23
C ASN R 70 -38.25 53.09 -95.31
N LYS R 71 -39.17 52.31 -94.75
CA LYS R 71 -38.82 51.29 -93.76
C LYS R 71 -37.81 50.29 -94.29
N ALA R 72 -37.86 50.00 -95.59
CA ALA R 72 -37.00 48.96 -96.16
C ALA R 72 -35.54 49.38 -96.29
N ASN R 73 -35.19 50.63 -95.98
CA ASN R 73 -33.84 51.16 -96.17
C ASN R 73 -33.24 51.62 -94.85
N LEU R 74 -33.54 50.90 -93.77
CA LEU R 74 -33.00 51.19 -92.45
C LEU R 74 -32.00 50.12 -92.05
N ILE R 75 -30.98 50.51 -91.30
CA ILE R 75 -29.97 49.61 -90.77
C ILE R 75 -29.57 50.13 -89.40
N ILE R 76 -29.49 49.23 -88.43
CA ILE R 76 -29.18 49.62 -87.06
C ILE R 76 -27.68 49.89 -86.98
N SER R 77 -27.32 51.16 -86.87
CA SER R 77 -25.91 51.53 -86.83
C SER R 77 -25.33 51.38 -85.43
N LYS R 78 -25.93 52.06 -84.46
CA LYS R 78 -25.47 52.04 -83.08
C LYS R 78 -26.58 51.52 -82.18
N ALA R 79 -26.17 50.89 -81.09
CA ALA R 79 -27.11 50.40 -80.09
C ALA R 79 -26.35 50.20 -78.79
N GLU R 80 -26.75 50.92 -77.75
CA GLU R 80 -26.05 50.91 -76.47
C GLU R 80 -27.02 50.54 -75.36
N VAL R 81 -26.45 50.08 -74.25
CA VAL R 81 -27.20 49.75 -73.04
C VAL R 81 -26.40 50.29 -71.86
N ASN R 82 -26.89 51.38 -71.28
CA ASN R 82 -26.20 52.06 -70.19
C ASN R 82 -26.88 51.76 -68.86
N LYS R 83 -26.09 51.79 -67.80
CA LYS R 83 -26.59 51.50 -66.48
C LYS R 83 -27.59 52.55 -66.02
N GLY R 84 -28.56 52.11 -65.23
CA GLY R 84 -29.56 52.99 -64.64
C GLY R 84 -29.52 52.97 -63.14
N ILE R 85 -30.51 53.57 -62.51
CA ILE R 85 -30.56 53.67 -61.05
C ILE R 85 -31.03 52.33 -60.50
N THR R 86 -30.24 51.76 -59.59
CA THR R 86 -30.53 50.46 -59.01
C THR R 86 -31.16 50.62 -57.64
N LEU R 87 -32.33 50.01 -57.47
CA LEU R 87 -32.99 49.99 -56.18
C LEU R 87 -32.36 48.92 -55.30
N LYS R 88 -32.38 49.16 -53.99
CA LYS R 88 -31.74 48.28 -53.02
C LYS R 88 -32.77 47.70 -52.06
N LYS R 89 -32.46 46.52 -51.54
CA LYS R 89 -33.30 45.84 -50.57
C LYS R 89 -32.40 45.11 -49.58
N VAL R 90 -33.03 44.56 -48.55
CA VAL R 90 -32.33 43.82 -47.50
C VAL R 90 -33.15 42.57 -47.19
N LYS R 91 -32.54 41.40 -47.32
CA LYS R 91 -33.19 40.12 -47.09
C LYS R 91 -32.54 39.41 -45.92
N PRO R 92 -33.29 38.95 -44.91
CA PRO R 92 -32.67 38.19 -43.83
C PRO R 92 -32.11 36.86 -44.32
N ARG R 93 -31.12 36.37 -43.57
CA ARG R 93 -30.58 35.03 -43.77
C ARG R 93 -30.34 34.44 -42.39
N ALA R 94 -29.64 33.31 -42.34
CA ALA R 94 -29.39 32.63 -41.07
C ALA R 94 -28.47 33.44 -40.18
N ARG R 95 -28.52 33.14 -38.88
CA ARG R 95 -27.63 33.74 -37.88
C ARG R 95 -27.84 35.26 -37.81
N GLY R 96 -29.06 35.69 -38.13
CA GLY R 96 -29.35 37.12 -38.14
C GLY R 96 -28.49 37.93 -39.09
N ARG R 97 -27.94 37.31 -40.12
CA ARG R 97 -27.09 37.99 -41.09
C ARG R 97 -27.96 38.43 -42.26
N SER R 98 -27.74 39.66 -42.71
CA SER R 98 -28.56 40.30 -43.73
C SER R 98 -27.76 40.49 -45.00
N TYR R 99 -28.34 40.08 -46.13
CA TYR R 99 -27.75 40.25 -47.45
C TYR R 99 -28.68 41.09 -48.30
N MET R 100 -28.10 41.98 -49.09
CA MET R 100 -28.84 42.93 -49.92
C MET R 100 -28.88 42.46 -51.36
N ILE R 101 -30.07 42.58 -51.97
CA ILE R 101 -30.25 42.34 -53.40
C ILE R 101 -30.66 43.66 -54.04
N LYS R 102 -30.85 43.67 -55.35
CA LYS R 102 -31.14 44.89 -56.06
C LYS R 102 -31.91 44.61 -57.34
N ARG R 103 -32.74 45.57 -57.73
CA ARG R 103 -33.47 45.54 -58.99
C ARG R 103 -32.75 46.44 -59.98
N PRO R 104 -32.00 45.92 -60.96
CA PRO R 104 -31.25 46.82 -61.84
C PRO R 104 -32.14 47.64 -62.77
N THR R 105 -31.52 48.51 -63.55
CA THR R 105 -32.25 49.40 -64.45
C THR R 105 -31.33 49.77 -65.60
N CYS R 106 -31.92 49.96 -66.77
CA CYS R 106 -31.18 50.19 -68.01
C CYS R 106 -31.63 51.48 -68.67
N HIS R 107 -30.77 51.97 -69.57
CA HIS R 107 -31.09 53.10 -70.45
C HIS R 107 -30.58 52.72 -71.83
N ILE R 108 -31.45 52.11 -72.62
CA ILE R 108 -31.08 51.60 -73.94
C ILE R 108 -31.20 52.72 -74.95
N THR R 109 -30.11 52.97 -75.68
CA THR R 109 -30.05 54.00 -76.71
C THR R 109 -29.82 53.32 -78.05
N ILE R 110 -30.71 53.59 -79.02
CA ILE R 110 -30.71 52.93 -80.31
C ILE R 110 -30.70 53.99 -81.39
N VAL R 111 -30.02 53.68 -82.49
CA VAL R 111 -29.88 54.58 -83.63
C VAL R 111 -30.32 53.85 -84.89
N LEU R 112 -30.96 54.58 -85.80
CA LEU R 112 -31.43 54.04 -87.07
C LEU R 112 -31.08 55.03 -88.17
N ARG R 113 -30.19 54.62 -89.07
CA ARG R 113 -29.77 55.45 -90.19
C ARG R 113 -30.49 55.02 -91.47
N ASP R 114 -30.10 55.64 -92.57
CA ASP R 114 -30.65 55.35 -93.88
C ASP R 114 -29.51 55.30 -94.89
N ILE R 115 -29.43 54.21 -95.65
CA ILE R 115 -28.40 54.10 -96.69
C ILE R 115 -28.79 54.96 -97.88
N THR R 116 -30.08 55.02 -98.20
CA THR R 116 -30.58 55.80 -99.32
C THR R 116 -30.76 57.26 -98.90
N HIS R 117 -29.63 57.90 -98.63
CA HIS R 117 -29.61 59.34 -98.40
C HIS R 117 -28.52 60.03 -99.22
N PHE R 118 -27.41 59.32 -99.46
CA PHE R 118 -26.28 59.84 -100.22
C PHE R 118 -26.01 59.00 -101.48
N ASP R 119 -27.00 58.25 -101.96
CA ASP R 119 -26.80 57.47 -103.18
C ASP R 119 -26.61 58.37 -104.39
N SER R 120 -27.14 59.60 -104.34
CA SER R 120 -26.93 60.52 -105.45
C SER R 120 -25.46 60.91 -105.58
N TYR R 121 -24.77 61.03 -104.44
CA TYR R 121 -23.36 61.38 -104.41
C TYR R 121 -22.45 60.16 -104.35
N ASP R 122 -22.67 59.30 -103.36
CA ASP R 122 -21.72 58.23 -103.06
C ASP R 122 -21.58 57.27 -104.22
N LYS R 123 -22.70 56.87 -104.83
CA LYS R 123 -22.65 55.97 -105.97
C LYS R 123 -21.95 56.60 -107.17
N PHE R 124 -21.93 57.93 -107.25
CA PHE R 124 -21.21 58.59 -108.34
C PHE R 124 -19.73 58.71 -108.04
N LEU R 125 -19.38 59.15 -106.83
CA LEU R 125 -17.98 59.33 -106.46
C LEU R 125 -17.23 58.01 -106.49
N GLU R 126 -17.87 56.92 -106.12
CA GLU R 126 -17.23 55.61 -106.14
C GLU R 126 -17.06 55.08 -107.55
N SER R 127 -17.93 55.51 -108.48
CA SER R 127 -17.81 55.07 -109.86
C SER R 127 -16.53 55.56 -110.50
N LEU R 128 -16.06 56.74 -110.11
CA LEU R 128 -14.84 57.29 -110.66
C LEU R 128 -13.62 56.65 -110.01
N THR R 129 -12.50 56.73 -110.70
CA THR R 129 -11.23 56.27 -110.16
C THR R 129 -10.66 57.34 -109.23
N PRO R 130 -9.64 57.00 -108.44
CA PRO R 130 -9.03 58.05 -107.60
C PRO R 130 -8.41 59.17 -108.40
N LYS R 131 -7.62 58.84 -109.42
CA LYS R 131 -6.94 59.86 -110.20
C LYS R 131 -7.91 60.72 -110.98
N LYS R 132 -8.94 60.09 -111.56
CA LYS R 132 -9.96 60.84 -112.28
C LYS R 132 -10.76 61.75 -111.35
N LEU R 133 -10.83 61.40 -110.07
CA LEU R 133 -11.60 62.20 -109.11
C LEU R 133 -10.90 63.51 -108.80
N ILE R 134 -9.57 63.55 -108.88
CA ILE R 134 -8.83 64.75 -108.50
C ILE R 134 -9.14 65.89 -109.45
N ALA R 135 -9.13 65.63 -110.76
CA ALA R 135 -9.39 66.69 -111.74
C ALA R 135 -10.81 67.19 -111.64
N LEU R 136 -11.75 66.33 -111.22
CA LEU R 136 -13.13 66.78 -111.04
C LEU R 136 -13.22 67.82 -109.93
N LEU R 137 -12.74 67.48 -108.74
CA LEU R 137 -12.79 68.39 -107.61
C LEU R 137 -11.81 69.54 -107.74
N GLY R 138 -10.75 69.39 -108.54
CA GLY R 138 -9.76 70.44 -108.68
C GLY R 138 -10.23 71.62 -109.50
N LEU R 139 -11.21 71.41 -110.38
CA LEU R 139 -11.70 72.47 -111.25
C LEU R 139 -12.86 73.26 -110.63
N MET R 140 -13.67 72.63 -109.79
CA MET R 140 -14.83 73.28 -109.20
C MET R 140 -14.40 74.17 -108.03
N SER R 141 -15.36 74.96 -107.54
CA SER R 141 -15.12 75.87 -106.44
C SER R 141 -15.19 75.11 -105.11
N THR R 142 -15.12 75.86 -104.02
CA THR R 142 -15.15 75.23 -102.70
C THR R 142 -16.56 74.81 -102.32
N GLY R 143 -17.56 75.63 -102.64
CA GLY R 143 -18.93 75.28 -102.28
C GLY R 143 -19.38 73.98 -102.92
N ARG R 144 -19.00 73.74 -104.17
CA ARG R 144 -19.27 72.46 -104.80
C ARG R 144 -18.37 71.37 -104.24
N ARG R 145 -17.21 71.74 -103.71
CA ARG R 145 -16.26 70.75 -103.19
C ARG R 145 -16.70 70.23 -101.84
N ARG R 146 -17.12 71.12 -100.94
CA ARG R 146 -17.51 70.70 -99.60
C ARG R 146 -18.72 69.77 -99.62
N GLU R 147 -19.60 69.94 -100.61
CA GLU R 147 -20.88 69.22 -100.60
C GLU R 147 -20.72 67.78 -101.06
N LEU R 148 -19.85 67.53 -102.05
CA LEU R 148 -19.68 66.16 -102.53
C LEU R 148 -19.06 65.25 -101.49
N LEU R 149 -18.34 65.81 -100.51
CA LEU R 149 -17.65 65.03 -99.50
C LEU R 149 -18.32 65.08 -98.14
N CYS R 150 -19.54 65.62 -98.05
CA CYS R 150 -20.25 65.67 -96.79
C CYS R 150 -20.84 64.32 -96.39
N GLY R 151 -20.89 63.36 -97.31
CA GLY R 151 -21.42 62.05 -97.03
C GLY R 151 -20.39 61.12 -96.43
N ARG R 152 -20.68 59.82 -96.51
CA ARG R 152 -19.85 58.79 -95.92
C ARG R 152 -18.91 58.15 -96.94
N PHE R 153 -18.61 58.85 -98.04
CA PHE R 153 -17.69 58.31 -99.03
C PHE R 153 -16.29 58.16 -98.47
N ARG R 154 -15.87 59.09 -97.62
CA ARG R 154 -14.50 59.09 -97.12
C ARG R 154 -14.30 58.01 -96.08
N GLU R 155 -15.27 57.84 -95.17
CA GLU R 155 -15.17 56.84 -94.12
C GLU R 155 -15.13 55.43 -94.71
N ASN R 156 -15.99 55.17 -95.70
CA ASN R 156 -16.07 53.83 -96.27
C ASN R 156 -14.82 53.45 -97.06
N HIS R 157 -14.02 54.42 -97.47
CA HIS R 157 -12.83 54.19 -98.28
C HIS R 157 -11.53 54.53 -97.58
N LYS R 158 -11.59 55.05 -96.34
CA LYS R 158 -10.40 55.35 -95.55
C LYS R 158 -9.48 56.33 -96.28
N ILE R 159 -10.02 57.52 -96.53
CA ILE R 159 -9.28 58.60 -97.19
C ILE R 159 -9.45 59.91 -96.42
N LYS R 160 -9.91 59.83 -95.18
CA LYS R 160 -10.22 61.05 -94.42
C LYS R 160 -8.96 61.87 -94.17
N SER R 161 -7.90 61.21 -93.70
CA SER R 161 -6.65 61.91 -93.39
C SER R 161 -5.75 62.11 -94.60
N PHE R 162 -5.94 61.31 -95.65
CA PHE R 162 -5.03 61.40 -96.80
C PHE R 162 -5.29 62.67 -97.61
N LEU R 163 -6.55 63.10 -97.69
CA LEU R 163 -6.89 64.23 -98.54
C LEU R 163 -6.28 65.53 -98.02
N TYR R 164 -6.07 65.65 -96.71
CA TYR R 164 -5.41 66.82 -96.17
C TYR R 164 -3.98 66.94 -96.68
N LYS R 165 -3.32 65.81 -96.92
CA LYS R 165 -1.93 65.83 -97.35
C LYS R 165 -1.79 66.42 -98.75
N ILE R 166 -2.82 66.31 -99.58
CA ILE R 166 -2.78 66.79 -100.96
C ILE R 166 -3.47 68.15 -101.10
N ALA R 167 -3.59 68.92 -100.00
CA ALA R 167 -4.20 70.24 -100.02
C ALA R 167 -5.66 70.19 -100.49
N LEU R 168 -6.33 69.08 -100.19
CA LEU R 168 -7.74 68.89 -100.55
C LEU R 168 -8.54 68.79 -99.25
N PHE R 169 -9.66 69.48 -99.20
CA PHE R 169 -10.47 69.62 -97.98
C PHE R 169 -9.63 70.25 -96.86
N LYS R 170 -9.27 71.51 -97.10
CA LYS R 170 -8.53 72.28 -96.12
C LYS R 170 -9.47 72.87 -95.08
N ARG R 171 -9.05 72.82 -93.82
CA ARG R 171 -9.86 73.35 -92.73
C ARG R 171 -9.76 74.87 -92.67
N LYS S 1 -82.04 63.38 -11.54
CA LYS S 1 -82.30 64.64 -12.21
C LYS S 1 -81.13 65.07 -13.08
N TYR S 2 -79.91 64.71 -12.65
CA TYR S 2 -78.72 65.10 -13.40
C TYR S 2 -78.59 64.27 -14.67
N PRO S 3 -78.08 64.84 -15.78
CA PRO S 3 -77.64 63.98 -16.89
C PRO S 3 -76.35 63.26 -16.54
N ARG S 4 -75.83 62.45 -17.47
CA ARG S 4 -74.54 61.80 -17.24
C ARG S 4 -73.41 62.81 -17.36
N ARG S 5 -73.45 63.63 -18.41
CA ARG S 5 -72.45 64.66 -18.66
C ARG S 5 -73.14 65.94 -19.07
N ILE S 6 -72.35 66.99 -19.23
CA ILE S 6 -72.85 68.34 -19.47
C ILE S 6 -72.16 68.90 -20.69
N LEU S 7 -72.93 69.23 -21.71
CA LEU S 7 -72.39 69.81 -22.94
C LEU S 7 -73.57 70.33 -23.76
N ASP S 8 -73.24 70.87 -24.93
CA ASP S 8 -74.25 71.49 -25.79
C ASP S 8 -75.19 70.42 -26.34
N VAL S 9 -76.47 70.52 -25.97
CA VAL S 9 -77.47 69.58 -26.46
C VAL S 9 -77.65 69.74 -27.97
N TYR S 10 -77.47 70.95 -28.49
CA TYR S 10 -77.62 71.19 -29.93
C TYR S 10 -76.42 70.69 -30.74
N GLN S 11 -75.37 70.22 -30.08
CA GLN S 11 -74.24 69.59 -30.75
C GLN S 11 -74.36 68.07 -30.80
N ILE S 12 -75.37 67.49 -30.15
CA ILE S 12 -75.53 66.04 -30.11
C ILE S 12 -75.74 65.48 -31.51
N LEU S 13 -76.28 66.28 -32.42
CA LEU S 13 -76.59 65.86 -33.79
C LEU S 13 -75.82 66.76 -34.75
N GLN S 14 -74.71 66.26 -35.29
CA GLN S 14 -73.94 67.03 -36.25
C GLN S 14 -74.64 67.06 -37.60
N SER S 15 -74.83 65.90 -38.22
CA SER S 15 -75.44 65.84 -39.54
C SER S 15 -75.87 64.40 -39.80
N PRO S 16 -76.79 64.18 -40.74
CA PRO S 16 -77.18 62.81 -41.09
C PRO S 16 -76.17 62.19 -42.05
N ILE S 17 -76.45 60.94 -42.41
CA ILE S 17 -75.62 60.17 -43.34
C ILE S 17 -76.42 59.94 -44.61
N ILE S 18 -75.75 60.02 -45.75
CA ILE S 18 -76.37 59.86 -47.06
C ILE S 18 -75.61 58.74 -47.77
N THR S 19 -76.16 57.53 -47.72
CA THR S 19 -75.60 56.38 -48.41
C THR S 19 -76.73 55.54 -48.98
N GLU S 20 -76.40 54.73 -49.97
CA GLU S 20 -77.41 53.85 -50.58
C GLU S 20 -77.94 52.84 -49.57
N ALA S 21 -77.11 52.45 -48.61
CA ALA S 21 -77.55 51.53 -47.56
C ALA S 21 -78.41 52.24 -46.52
N ALA S 22 -78.05 53.47 -46.16
CA ALA S 22 -78.82 54.22 -45.18
C ALA S 22 -80.21 54.54 -45.73
N ILE S 23 -80.28 55.00 -46.97
CA ILE S 23 -81.58 55.27 -47.58
C ILE S 23 -82.39 53.98 -47.70
N LYS S 24 -81.72 52.86 -47.95
CA LYS S 24 -82.41 51.58 -48.00
C LYS S 24 -82.96 51.19 -46.63
N ASN S 25 -82.29 51.63 -45.56
CA ASN S 25 -82.73 51.30 -44.21
C ASN S 25 -83.96 52.07 -43.79
N ILE S 26 -84.19 53.25 -44.38
CA ILE S 26 -85.32 54.08 -43.99
C ILE S 26 -86.64 53.39 -44.33
N ALA S 27 -86.73 52.80 -45.52
CA ALA S 27 -87.97 52.20 -45.97
C ALA S 27 -88.23 50.85 -45.31
N ASP S 28 -87.17 50.11 -44.99
CA ASP S 28 -87.34 48.76 -44.45
C ASP S 28 -87.62 48.79 -42.96
N GLU S 29 -86.84 49.57 -42.21
CA GLU S 29 -86.89 49.57 -40.75
C GLU S 29 -87.59 50.78 -40.17
N ASN S 30 -87.88 51.81 -40.96
CA ASN S 30 -88.38 53.09 -40.46
C ASN S 30 -87.39 53.68 -39.48
N SER S 31 -86.16 53.84 -39.95
CA SER S 31 -85.03 54.28 -39.15
C SER S 31 -84.40 55.53 -39.78
N LEU S 32 -83.43 56.08 -39.07
CA LEU S 32 -82.69 57.25 -39.53
C LEU S 32 -81.26 57.17 -39.03
N LEU S 33 -80.34 57.71 -39.84
CA LEU S 33 -78.92 57.71 -39.54
C LEU S 33 -78.47 59.10 -39.15
N PHE S 34 -77.67 59.19 -38.09
CA PHE S 34 -77.15 60.47 -37.63
C PHE S 34 -75.79 60.28 -37.00
N THR S 35 -74.84 61.12 -37.40
CA THR S 35 -73.56 61.20 -36.71
C THR S 35 -73.76 62.01 -35.43
N VAL S 36 -73.17 61.53 -34.34
CA VAL S 36 -73.40 62.09 -33.01
C VAL S 36 -72.07 62.31 -32.33
N ASP S 37 -72.11 63.07 -31.24
CA ASP S 37 -70.91 63.38 -30.49
C ASP S 37 -70.44 62.15 -29.72
N VAL S 38 -69.14 62.08 -29.46
CA VAL S 38 -68.57 60.94 -28.77
C VAL S 38 -69.07 60.89 -27.33
N ARG S 39 -69.36 62.04 -26.73
CA ARG S 39 -69.81 62.14 -25.35
C ARG S 39 -71.33 62.03 -25.23
N ALA S 40 -72.02 61.64 -26.30
CA ALA S 40 -73.47 61.57 -26.29
C ALA S 40 -73.96 60.26 -25.71
N ASP S 41 -75.28 60.17 -25.53
CA ASP S 41 -75.92 59.01 -24.93
C ASP S 41 -77.22 58.73 -25.66
N LYS S 42 -77.80 57.56 -25.35
CA LYS S 42 -79.07 57.18 -25.94
C LYS S 42 -80.22 57.99 -25.34
N LYS S 43 -80.06 58.44 -24.09
CA LYS S 43 -81.11 59.23 -23.45
C LYS S 43 -81.18 60.63 -24.05
N MET S 44 -80.02 61.28 -24.19
CA MET S 44 -80.00 62.63 -24.74
C MET S 44 -80.46 62.64 -26.19
N ILE S 45 -80.09 61.60 -26.95
CA ILE S 45 -80.52 61.52 -28.35
C ILE S 45 -82.00 61.22 -28.42
N ARG S 46 -82.51 60.37 -27.52
CA ARG S 46 -83.93 60.10 -27.46
C ARG S 46 -84.71 61.36 -27.12
N GLU S 47 -84.23 62.11 -26.14
CA GLU S 47 -84.87 63.38 -25.80
C GLU S 47 -84.70 64.40 -26.91
N ALA S 48 -83.58 64.33 -27.64
CA ALA S 48 -83.30 65.32 -28.68
C ALA S 48 -84.32 65.26 -29.80
N ILE S 49 -84.46 64.08 -30.42
CA ILE S 49 -85.37 63.94 -31.56
C ILE S 49 -86.81 64.20 -31.15
N SER S 50 -87.14 63.95 -29.88
CA SER S 50 -88.49 64.23 -29.40
C SER S 50 -88.79 65.72 -29.43
N ASN S 51 -87.77 66.57 -29.33
CA ASN S 51 -87.95 68.02 -29.29
C ASN S 51 -87.79 68.69 -30.64
N PHE S 52 -86.82 68.26 -31.46
CA PHE S 52 -86.62 68.91 -32.75
C PHE S 52 -87.82 68.72 -33.68
N PHE S 53 -88.12 67.46 -34.00
CA PHE S 53 -89.15 67.12 -34.97
C PHE S 53 -90.48 66.75 -34.33
N GLY S 54 -90.53 66.57 -33.01
CA GLY S 54 -91.78 66.22 -32.36
C GLY S 54 -92.28 64.84 -32.73
N VAL S 55 -91.42 63.83 -32.62
CA VAL S 55 -91.76 62.46 -32.99
C VAL S 55 -91.23 61.52 -31.91
N LYS S 56 -91.83 60.34 -31.86
CA LYS S 56 -91.49 59.33 -30.88
C LYS S 56 -90.37 58.45 -31.41
N VAL S 57 -89.52 57.99 -30.48
CA VAL S 57 -88.36 57.17 -30.80
C VAL S 57 -88.60 55.79 -30.19
N ARG S 58 -88.71 54.78 -31.05
CA ARG S 58 -88.91 53.42 -30.57
C ARG S 58 -87.66 52.89 -29.87
N LYS S 59 -86.49 53.15 -30.44
CA LYS S 59 -85.25 52.58 -29.93
C LYS S 59 -84.09 53.32 -30.54
N VAL S 60 -82.95 53.31 -29.84
CA VAL S 60 -81.72 53.94 -30.29
C VAL S 60 -80.58 52.95 -30.12
N ASN S 61 -79.75 52.82 -31.15
CA ASN S 61 -78.54 52.01 -31.10
C ASN S 61 -77.39 52.83 -31.64
N THR S 62 -76.21 52.65 -31.05
CA THR S 62 -75.06 53.50 -31.33
C THR S 62 -73.81 52.63 -31.47
N LEU S 63 -72.75 53.27 -31.95
CA LEU S 63 -71.46 52.62 -32.10
C LEU S 63 -70.42 53.68 -32.35
N ILE S 64 -69.17 53.36 -32.02
CA ILE S 64 -68.04 54.26 -32.21
C ILE S 64 -67.19 53.72 -33.36
N ARG S 65 -66.90 54.59 -34.33
CA ARG S 65 -66.11 54.20 -35.47
C ARG S 65 -64.65 54.04 -35.06
N PRO S 66 -63.82 53.46 -35.94
CA PRO S 66 -62.38 53.45 -35.66
C PRO S 66 -61.77 54.84 -35.60
N ASP S 67 -62.35 55.81 -36.31
CA ASP S 67 -61.84 57.16 -36.34
C ASP S 67 -62.26 57.99 -35.12
N GLY S 68 -62.88 57.38 -34.12
CA GLY S 68 -63.31 58.11 -32.95
C GLY S 68 -64.55 58.95 -33.16
N THR S 69 -65.39 58.59 -34.13
CA THR S 69 -66.63 59.29 -34.42
C THR S 69 -67.79 58.34 -34.17
N LYS S 70 -68.76 58.80 -33.38
CA LYS S 70 -69.88 57.96 -32.97
C LYS S 70 -71.03 58.09 -33.96
N LYS S 71 -71.68 56.96 -34.23
CA LYS S 71 -72.83 56.88 -35.11
C LYS S 71 -74.03 56.43 -34.30
N ALA S 72 -75.23 56.76 -34.77
CA ALA S 72 -76.46 56.53 -34.01
C ALA S 72 -77.56 56.04 -34.95
N TYR S 73 -77.98 54.79 -34.76
CA TYR S 73 -79.19 54.30 -35.38
C TYR S 73 -80.39 54.70 -34.53
N ILE S 74 -81.39 55.29 -35.17
CA ILE S 74 -82.59 55.78 -34.49
C ILE S 74 -83.80 55.20 -35.21
N MET S 75 -84.49 54.27 -34.55
CA MET S 75 -85.69 53.66 -35.09
C MET S 75 -86.91 54.37 -34.50
N LEU S 76 -87.73 54.95 -35.36
CA LEU S 76 -88.92 55.64 -34.94
C LEU S 76 -90.06 54.64 -34.75
N ASN S 77 -91.09 55.08 -34.02
CA ASN S 77 -92.28 54.28 -33.84
C ASN S 77 -93.01 54.14 -35.17
N LYS S 78 -93.76 53.05 -35.31
CA LYS S 78 -94.47 52.78 -36.55
C LYS S 78 -95.56 53.80 -36.84
N GLU S 79 -96.03 54.52 -35.82
CA GLU S 79 -97.07 55.53 -36.03
C GLU S 79 -96.56 56.62 -36.97
N TYR S 80 -95.35 57.11 -36.75
CA TYR S 80 -94.75 58.11 -37.61
C TYR S 80 -94.12 57.41 -38.81
N ASN S 81 -93.44 58.17 -39.66
CA ASN S 81 -92.77 57.62 -40.85
C ASN S 81 -91.48 58.39 -41.07
N ALA S 82 -90.37 57.66 -41.11
CA ALA S 82 -89.08 58.30 -41.33
C ALA S 82 -88.95 58.85 -42.74
N SER S 83 -89.59 58.20 -43.72
CA SER S 83 -89.54 58.70 -45.10
C SER S 83 -90.22 60.05 -45.22
N GLU S 84 -91.35 60.23 -44.53
CA GLU S 84 -92.01 61.52 -44.54
C GLU S 84 -91.16 62.59 -43.87
N LEU S 85 -90.51 62.23 -42.76
CA LEU S 85 -89.62 63.17 -42.10
C LEU S 85 -88.39 63.45 -42.95
N ALA S 86 -87.94 62.47 -43.72
CA ALA S 86 -86.77 62.67 -44.58
C ALA S 86 -87.03 63.74 -45.62
N LYS S 87 -88.21 63.71 -46.25
CA LYS S 87 -88.53 64.72 -47.26
C LYS S 87 -88.62 66.12 -46.66
N LYS S 88 -89.00 66.21 -45.38
CA LYS S 88 -89.05 67.52 -44.72
C LYS S 88 -87.66 68.13 -44.61
N ILE S 89 -86.64 67.29 -44.43
CA ILE S 89 -85.28 67.79 -44.35
C ILE S 89 -84.77 68.17 -45.74
N GLY S 90 -84.95 67.27 -46.70
CA GLY S 90 -84.50 67.49 -48.07
C GLY S 90 -83.90 66.23 -48.67
N ILE S 91 -83.35 65.36 -47.83
CA ILE S 91 -82.75 64.11 -48.28
C ILE S 91 -83.85 63.07 -48.46
N PHE S 92 -83.64 62.17 -49.40
CA PHE S 92 -84.56 61.07 -49.68
C PHE S 92 -83.98 59.76 -49.15
N ILE T 1 -43.97 73.66 -56.80
CA ILE T 1 -43.47 74.76 -56.00
C ILE T 1 -42.34 74.30 -55.09
N LYS T 2 -41.42 75.22 -54.82
CA LYS T 2 -40.24 74.92 -54.01
C LYS T 2 -40.55 75.19 -52.54
N ARG T 3 -40.18 74.23 -51.68
CA ARG T 3 -40.66 74.23 -50.31
C ARG T 3 -40.17 75.43 -49.51
N TRP T 4 -38.98 75.94 -49.81
CA TRP T 4 -38.40 77.02 -49.03
C TRP T 4 -38.83 78.41 -49.50
N GLU T 5 -39.38 78.53 -50.70
CA GLU T 5 -39.86 79.80 -51.22
C GLU T 5 -41.26 80.14 -50.73
N ARG T 6 -41.81 79.39 -49.79
CA ARG T 6 -43.11 79.75 -49.24
C ARG T 6 -42.99 81.06 -48.47
N LYS T 7 -44.09 81.81 -48.46
CA LYS T 7 -44.09 83.09 -47.77
C LYS T 7 -43.90 82.91 -46.28
N ASP T 8 -42.97 83.69 -45.72
CA ASP T 8 -42.64 83.55 -44.30
C ASP T 8 -43.83 83.97 -43.44
N CYS T 9 -44.03 83.24 -42.34
CA CYS T 9 -45.20 83.41 -41.49
C CYS T 9 -44.81 83.98 -40.14
N LYS T 10 -45.69 84.80 -39.60
CA LYS T 10 -45.54 85.36 -38.26
C LYS T 10 -45.87 84.29 -37.23
N PRO T 11 -45.62 84.57 -35.95
CA PRO T 11 -45.97 83.59 -34.91
C PRO T 11 -47.47 83.29 -34.83
N ASN T 12 -48.32 84.20 -35.32
CA ASN T 12 -49.76 83.99 -35.30
C ASN T 12 -50.26 83.24 -36.54
N SER T 13 -49.37 82.54 -37.25
CA SER T 13 -49.69 81.71 -38.41
C SER T 13 -50.08 82.52 -39.64
N LEU T 14 -49.95 83.86 -39.60
CA LEU T 14 -50.26 84.72 -40.73
C LEU T 14 -48.98 85.09 -41.48
N PRO T 15 -49.08 85.47 -42.75
CA PRO T 15 -47.87 85.82 -43.51
C PRO T 15 -47.36 87.21 -43.15
N LYS T 16 -46.08 87.41 -43.45
CA LYS T 16 -45.45 88.71 -43.27
C LYS T 16 -45.66 89.54 -44.53
N LEU T 17 -46.22 90.73 -44.35
CA LEU T 17 -46.67 91.57 -45.45
C LEU T 17 -45.68 92.70 -45.71
N HIS T 18 -45.62 93.11 -46.97
CA HIS T 18 -44.79 94.23 -47.40
C HIS T 18 -45.63 95.49 -47.52
N LYS T 19 -44.94 96.62 -47.57
CA LYS T 19 -45.57 97.92 -47.80
C LYS T 19 -45.35 98.29 -49.26
N MET T 20 -46.42 98.75 -49.91
CA MET T 20 -46.42 99.06 -51.33
C MET T 20 -46.54 100.56 -51.55
N HIS T 21 -46.45 100.96 -52.82
CA HIS T 21 -46.63 102.34 -53.24
C HIS T 21 -47.55 102.42 -54.46
N VAL T 22 -48.47 101.46 -54.60
CA VAL T 22 -49.35 101.36 -55.74
C VAL T 22 -50.70 100.84 -55.27
N LYS T 23 -51.67 100.85 -56.19
CA LYS T 23 -53.01 100.35 -55.94
C LYS T 23 -53.54 99.71 -57.21
N VAL T 24 -54.75 99.17 -57.12
CA VAL T 24 -55.40 98.58 -58.28
C VAL T 24 -55.95 99.71 -59.15
N GLY T 25 -55.65 99.67 -60.44
CA GLY T 25 -56.16 100.62 -61.40
C GLY T 25 -55.27 101.80 -61.69
N ASP T 26 -54.25 102.03 -60.86
CA ASP T 26 -53.35 103.15 -61.09
C ASP T 26 -52.56 102.95 -62.38
N THR T 27 -52.47 104.00 -63.19
CA THR T 27 -51.66 103.97 -64.40
C THR T 27 -50.20 104.17 -64.01
N VAL T 28 -49.32 103.36 -64.61
CA VAL T 28 -47.92 103.31 -64.25
C VAL T 28 -47.09 103.23 -65.53
N LYS T 29 -45.77 103.19 -65.36
CA LYS T 29 -44.84 103.03 -66.46
C LYS T 29 -43.71 102.13 -66.01
N VAL T 30 -43.32 101.19 -66.85
CA VAL T 30 -42.29 100.22 -66.50
C VAL T 30 -40.94 100.89 -66.58
N ILE T 31 -40.14 100.75 -65.52
CA ILE T 31 -38.79 101.32 -65.51
C ILE T 31 -37.85 100.44 -66.31
N SER T 32 -37.73 99.17 -65.91
CA SER T 32 -36.83 98.23 -66.56
C SER T 32 -37.52 96.87 -66.65
N GLY T 33 -36.95 96.01 -67.49
CA GLY T 33 -37.50 94.70 -67.76
C GLY T 33 -37.77 94.49 -69.23
N GLY T 34 -38.51 93.44 -69.57
CA GLY T 34 -38.82 93.17 -70.97
C GLY T 34 -39.90 94.07 -71.52
N GLU T 35 -40.78 94.56 -70.66
CA GLU T 35 -41.88 95.46 -71.05
C GLU T 35 -41.53 96.91 -70.75
N LYS T 36 -40.26 97.26 -70.92
CA LYS T 36 -39.78 98.58 -70.54
C LYS T 36 -40.36 99.63 -71.48
N GLY T 37 -40.96 100.67 -70.90
CA GLY T 37 -41.49 101.78 -71.67
C GLY T 37 -42.90 101.54 -72.14
N LYS T 38 -43.77 101.09 -71.23
CA LYS T 38 -45.16 100.80 -71.55
C LYS T 38 -46.03 101.16 -70.36
N ILE T 39 -47.30 101.45 -70.65
CA ILE T 39 -48.25 101.96 -69.67
C ILE T 39 -49.43 101.02 -69.61
N GLY T 40 -49.98 100.86 -68.40
CA GLY T 40 -51.16 100.02 -68.21
C GLY T 40 -51.67 100.16 -66.80
N GLU T 41 -52.92 99.73 -66.62
CA GLU T 41 -53.58 99.78 -65.32
C GLU T 41 -53.35 98.48 -64.57
N ILE T 42 -53.09 98.60 -63.27
CA ILE T 42 -52.83 97.44 -62.43
C ILE T 42 -54.15 96.73 -62.15
N SER T 43 -54.14 95.40 -62.30
CA SER T 43 -55.34 94.59 -62.09
C SER T 43 -55.37 93.96 -60.70
N LYS T 44 -54.24 93.44 -60.22
CA LYS T 44 -54.18 92.74 -58.94
C LYS T 44 -52.85 93.03 -58.27
N ILE T 45 -52.82 92.77 -56.97
CA ILE T 45 -51.65 93.02 -56.12
C ILE T 45 -51.32 91.74 -55.38
N HIS T 46 -50.03 91.48 -55.20
CA HIS T 46 -49.52 90.35 -54.42
C HIS T 46 -48.56 90.93 -53.38
N LYS T 47 -49.11 91.21 -52.20
CA LYS T 47 -48.33 91.90 -51.17
C LYS T 47 -47.20 91.03 -50.63
N HIS T 48 -47.39 89.71 -50.61
CA HIS T 48 -46.41 88.83 -49.99
C HIS T 48 -45.08 88.80 -50.73
N ASN T 49 -45.05 89.26 -51.99
CA ASN T 49 -43.82 89.30 -52.78
C ASN T 49 -43.63 90.63 -53.50
N SER T 50 -44.49 91.62 -53.27
CA SER T 50 -44.37 92.95 -53.86
C SER T 50 -44.40 92.89 -55.38
N THR T 51 -45.19 91.97 -55.94
CA THR T 51 -45.38 91.83 -57.37
C THR T 51 -46.79 92.25 -57.75
N VAL T 52 -46.92 92.73 -58.98
CA VAL T 52 -48.19 93.25 -59.48
C VAL T 52 -48.39 92.78 -60.92
N ILE T 53 -49.65 92.68 -61.32
CA ILE T 53 -50.04 92.20 -62.63
C ILE T 53 -50.75 93.34 -63.35
N ILE T 54 -50.23 93.70 -64.53
CA ILE T 54 -50.81 94.74 -65.36
C ILE T 54 -51.40 94.09 -66.61
N LYS T 55 -52.50 94.64 -67.10
CA LYS T 55 -53.18 94.05 -68.23
C LYS T 55 -52.36 94.21 -69.50
N ASP T 56 -52.28 93.13 -70.28
CA ASP T 56 -51.63 93.13 -71.59
C ASP T 56 -50.16 93.52 -71.50
N LEU T 57 -49.48 93.05 -70.45
CA LEU T 57 -48.05 93.24 -70.32
C LEU T 57 -47.46 92.05 -69.56
N ASN T 58 -46.30 91.58 -70.04
CA ASN T 58 -45.64 90.41 -69.49
C ASN T 58 -46.55 89.19 -69.55
N LEU T 59 -46.89 88.82 -70.78
CA LEU T 59 -47.75 87.68 -71.06
C LEU T 59 -46.92 86.53 -71.61
N LYS T 60 -47.43 85.31 -71.44
CA LYS T 60 -46.74 84.11 -71.89
C LYS T 60 -47.75 83.09 -72.37
N THR T 61 -47.36 82.35 -73.41
CA THR T 61 -48.24 81.37 -74.03
C THR T 61 -48.29 80.11 -73.16
N LYS T 62 -49.48 79.78 -72.66
CA LYS T 62 -49.69 78.60 -71.84
C LYS T 62 -50.35 77.52 -72.68
N HIS T 63 -49.79 76.31 -72.62
CA HIS T 63 -50.33 75.16 -73.34
C HIS T 63 -51.33 74.47 -72.43
N VAL T 64 -52.60 74.85 -72.54
CA VAL T 64 -53.64 74.27 -71.71
C VAL T 64 -53.97 72.86 -72.22
N LYS T 65 -53.93 71.89 -71.30
CA LYS T 65 -54.23 70.52 -71.66
C LYS T 65 -55.74 70.30 -71.70
N SER T 66 -56.14 69.21 -72.35
CA SER T 66 -57.55 68.88 -72.55
C SER T 66 -58.04 68.08 -71.35
N LYS T 67 -58.56 68.78 -70.33
CA LYS T 67 -59.15 68.10 -69.19
C LYS T 67 -60.35 67.25 -69.60
N GLU T 68 -61.08 67.67 -70.62
CA GLU T 68 -62.21 66.92 -71.15
C GLU T 68 -61.76 66.02 -72.28
N GLU T 69 -62.43 64.87 -72.40
CA GLU T 69 -62.14 63.93 -73.49
C GLU T 69 -62.85 64.32 -74.78
N GLY T 70 -63.96 65.05 -74.68
CA GLY T 70 -64.74 65.38 -75.86
C GLY T 70 -64.02 66.31 -76.82
N GLU T 71 -63.03 67.06 -76.36
CA GLU T 71 -62.32 68.03 -77.19
C GLU T 71 -60.85 68.00 -76.82
N GLN T 72 -60.09 68.92 -77.44
CA GLN T 72 -58.67 69.09 -77.19
C GLN T 72 -58.44 70.40 -76.44
N GLY T 73 -57.17 70.71 -76.21
CA GLY T 73 -56.77 71.93 -75.53
C GLY T 73 -56.57 73.07 -76.50
N GLN T 74 -55.95 74.14 -75.98
CA GLN T 74 -55.65 75.31 -76.77
C GLN T 74 -54.40 75.97 -76.22
N ILE T 75 -53.98 77.05 -76.88
CA ILE T 75 -52.81 77.83 -76.47
C ILE T 75 -53.30 79.22 -76.06
N ILE T 76 -53.57 79.39 -74.78
CA ILE T 76 -54.06 80.66 -74.24
C ILE T 76 -52.86 81.52 -73.85
N LYS T 77 -53.02 82.83 -73.97
CA LYS T 77 -52.00 83.81 -73.62
C LYS T 77 -52.43 84.48 -72.33
N ILE T 78 -51.70 84.20 -71.25
CA ILE T 78 -52.06 84.62 -69.90
C ILE T 78 -51.07 85.67 -69.43
N GLU T 79 -51.55 86.58 -68.59
CA GLU T 79 -50.74 87.68 -68.08
C GLU T 79 -50.03 87.26 -66.80
N ALA T 80 -48.80 87.73 -66.65
CA ALA T 80 -47.96 87.41 -65.50
C ALA T 80 -47.73 88.67 -64.66
N ALA T 81 -46.90 88.52 -63.64
CA ALA T 81 -46.65 89.57 -62.66
C ALA T 81 -45.31 90.24 -62.89
N ILE T 82 -45.17 91.44 -62.33
CA ILE T 82 -43.93 92.21 -62.37
C ILE T 82 -43.68 92.76 -60.98
N HIS T 83 -42.40 92.85 -60.60
CA HIS T 83 -42.04 93.38 -59.29
C HIS T 83 -42.24 94.89 -59.29
N SER T 84 -42.86 95.39 -58.21
CA SER T 84 -43.33 96.77 -58.17
C SER T 84 -42.20 97.79 -58.21
N SER T 85 -40.97 97.38 -57.89
CA SER T 85 -39.82 98.28 -57.98
C SER T 85 -39.42 98.57 -59.42
N ASN T 86 -39.95 97.83 -60.39
CA ASN T 86 -39.63 98.04 -61.80
C ASN T 86 -40.70 98.86 -62.53
N VAL T 87 -41.64 99.46 -61.80
CA VAL T 87 -42.66 100.33 -62.37
C VAL T 87 -42.67 101.65 -61.61
N MET T 88 -43.33 102.64 -62.21
CA MET T 88 -43.41 103.97 -61.65
C MET T 88 -44.75 104.58 -62.04
N LEU T 89 -45.28 105.42 -61.15
CA LEU T 89 -46.53 106.10 -61.43
C LEU T 89 -46.39 106.98 -62.67
N TYR T 90 -47.50 107.21 -63.35
CA TYR T 90 -47.51 107.89 -64.63
C TYR T 90 -48.75 108.78 -64.73
N SER T 91 -48.59 109.94 -65.35
CA SER T 91 -49.66 110.90 -65.56
C SER T 91 -49.90 111.10 -67.04
N LYS T 92 -51.17 111.20 -67.41
CA LYS T 92 -51.54 111.30 -68.82
C LYS T 92 -51.49 112.75 -69.31
N GLU T 93 -51.89 113.70 -68.47
CA GLU T 93 -51.93 115.10 -68.86
C GLU T 93 -50.55 115.76 -68.88
N GLN T 94 -49.49 115.03 -68.55
CA GLN T 94 -48.12 115.52 -68.63
C GLN T 94 -47.16 114.58 -69.34
N GLU T 95 -47.47 113.29 -69.42
CA GLU T 95 -46.59 112.30 -70.05
C GLU T 95 -45.22 112.29 -69.38
N VAL T 96 -45.23 112.29 -68.04
CA VAL T 96 -44.00 112.23 -67.25
C VAL T 96 -44.25 111.35 -66.05
N ALA T 97 -43.43 110.32 -65.88
CA ALA T 97 -43.48 109.45 -64.72
C ALA T 97 -42.52 109.96 -63.65
N SER T 98 -42.97 109.89 -62.40
CA SER T 98 -42.15 110.34 -61.28
C SER T 98 -42.46 109.49 -60.06
N ARG T 99 -41.71 109.73 -59.00
CA ARG T 99 -41.86 108.98 -57.76
C ARG T 99 -43.08 109.51 -57.00
N VAL T 100 -43.26 109.04 -55.78
CA VAL T 100 -44.45 109.31 -54.98
C VAL T 100 -44.06 110.06 -53.72
N GLY T 101 -44.97 110.94 -53.28
CA GLY T 101 -44.82 111.66 -52.04
C GLY T 101 -46.08 111.57 -51.20
N HIS T 102 -46.18 112.39 -50.16
CA HIS T 102 -47.36 112.41 -49.30
C HIS T 102 -47.55 113.82 -48.79
N LYS T 103 -48.81 114.25 -48.72
CA LYS T 103 -49.15 115.57 -48.21
C LYS T 103 -50.55 115.53 -47.62
N ILE T 104 -50.71 116.21 -46.49
CA ILE T 104 -52.00 116.32 -45.82
C ILE T 104 -52.80 117.46 -46.45
N LEU T 105 -54.09 117.25 -46.60
CA LEU T 105 -54.99 118.23 -47.19
C LEU T 105 -55.67 119.04 -46.09
N GLU T 106 -56.50 120.00 -46.50
CA GLU T 106 -57.22 120.83 -45.53
C GLU T 106 -58.28 120.01 -44.81
N ASP T 107 -58.92 119.06 -45.51
CA ASP T 107 -59.94 118.24 -44.89
C ASP T 107 -59.38 117.31 -43.82
N GLY T 108 -58.07 117.04 -43.86
CA GLY T 108 -57.44 116.13 -42.92
C GLY T 108 -57.16 114.75 -43.45
N ARG T 109 -57.48 114.48 -44.72
CA ARG T 109 -57.21 113.19 -45.33
C ARG T 109 -55.82 113.20 -45.94
N LYS T 110 -55.02 112.19 -45.59
CA LYS T 110 -53.69 112.06 -46.16
C LYS T 110 -53.78 111.48 -47.56
N VAL T 111 -53.01 112.07 -48.49
CA VAL T 111 -52.99 111.64 -49.88
C VAL T 111 -51.57 111.71 -50.40
N ARG T 112 -51.36 111.07 -51.54
CA ARG T 112 -50.07 111.02 -52.22
C ARG T 112 -50.13 111.85 -53.49
N TYR T 113 -48.96 112.29 -53.95
CA TYR T 113 -48.86 113.15 -55.12
C TYR T 113 -47.61 112.81 -55.90
N LEU T 114 -47.56 113.29 -57.14
CA LEU T 114 -46.39 113.13 -57.98
C LEU T 114 -45.40 114.25 -57.67
N ILE T 115 -44.15 113.90 -57.43
CA ILE T 115 -43.17 114.88 -56.98
C ILE T 115 -42.84 115.86 -58.10
N LYS T 116 -42.54 115.34 -59.29
CA LYS T 116 -42.09 116.22 -60.37
C LYS T 116 -43.24 117.10 -60.87
N THR T 117 -44.37 116.49 -61.23
CA THR T 117 -45.46 117.26 -61.81
C THR T 117 -46.30 117.97 -60.74
N GLY T 118 -46.94 117.19 -59.86
CA GLY T 118 -47.66 117.75 -58.72
C GLY T 118 -49.13 117.39 -58.62
N GLU T 119 -49.58 116.40 -59.38
CA GLU T 119 -50.99 116.01 -59.32
C GLU T 119 -51.24 115.07 -58.15
N ILE T 120 -52.52 114.84 -57.87
CA ILE T 120 -52.97 113.88 -56.85
C ILE T 120 -53.34 112.59 -57.55
N VAL T 121 -53.03 111.46 -56.91
CA VAL T 121 -53.27 110.16 -57.50
C VAL T 121 -54.58 109.58 -56.97
N ASP T 122 -54.66 109.38 -55.65
CA ASP T 122 -55.79 108.70 -55.03
C ASP T 122 -56.94 109.69 -54.87
N THR T 123 -57.62 109.96 -55.98
CA THR T 123 -58.81 110.78 -55.94
C THR T 123 -59.93 110.02 -55.21
N PRO T 124 -60.86 110.71 -54.56
CA PRO T 124 -61.82 110.03 -53.70
C PRO T 124 -62.84 109.24 -54.47
N ASP T 125 -63.34 108.17 -53.84
CA ASP T 125 -64.42 107.34 -54.37
C ASP T 125 -64.03 106.74 -55.72
N ARG T 126 -62.99 105.89 -55.68
CA ARG T 126 -62.50 105.20 -56.88
C ARG T 126 -62.23 103.73 -56.50
N TRP T 127 -63.26 102.90 -56.62
CA TRP T 127 -63.12 101.46 -56.49
C TRP T 127 -64.39 100.76 -56.93
N LYS U 1 14.49 19.57 -21.10
CA LYS U 1 13.82 18.30 -20.89
C LYS U 1 14.19 17.72 -19.53
N LYS U 2 15.48 17.42 -19.35
CA LYS U 2 15.92 16.71 -18.16
C LYS U 2 16.01 17.64 -16.96
N GLY U 3 16.88 18.63 -17.04
CA GLY U 3 17.01 19.57 -15.93
C GLY U 3 18.31 20.35 -16.02
N ALA U 4 18.77 20.79 -14.86
CA ALA U 4 19.95 21.65 -14.75
C ALA U 4 20.34 21.72 -13.28
N GLY U 5 21.44 22.43 -13.00
CA GLY U 5 21.92 22.59 -11.65
C GLY U 5 22.82 23.80 -11.48
N SER U 6 22.55 24.59 -10.44
CA SER U 6 23.25 25.85 -10.26
C SER U 6 24.70 25.61 -9.83
N THR U 7 25.43 26.69 -9.63
CA THR U 7 26.83 26.69 -9.23
C THR U 7 27.01 27.39 -7.89
N LYS U 8 28.14 27.09 -7.26
CA LYS U 8 28.57 27.78 -6.04
C LYS U 8 29.56 28.90 -6.32
N ASN U 9 29.60 29.40 -7.55
CA ASN U 9 30.51 30.46 -7.98
C ASN U 9 29.70 31.60 -8.58
N GLY U 10 30.41 32.68 -8.91
CA GLY U 10 29.80 33.87 -9.50
C GLY U 10 30.30 35.17 -8.92
N ARG U 11 31.08 35.11 -7.84
CA ARG U 11 31.57 36.31 -7.18
C ARG U 11 32.87 36.78 -7.83
N ASP U 12 33.04 38.10 -7.87
CA ASP U 12 34.27 38.71 -8.33
C ASP U 12 34.20 40.19 -8.02
N SER U 13 35.34 40.77 -7.65
CA SER U 13 35.44 42.19 -7.36
C SER U 13 35.87 42.94 -8.60
N LYS U 14 35.45 44.20 -8.68
CA LYS U 14 35.78 45.02 -9.83
C LYS U 14 37.23 45.52 -9.73
N GLY U 15 37.73 46.00 -10.86
CA GLY U 15 39.11 46.47 -10.90
C GLY U 15 39.27 47.72 -10.06
N GLN U 16 40.21 47.68 -9.12
CA GLN U 16 40.45 48.80 -8.22
C GLN U 16 41.37 49.87 -8.82
N ARG U 17 41.70 49.76 -10.11
CA ARG U 17 42.51 50.75 -10.82
C ARG U 17 43.87 50.94 -10.15
N LEU U 18 44.64 49.86 -10.13
CA LEU U 18 46.00 49.88 -9.62
C LEU U 18 46.95 50.23 -10.77
N GLY U 19 48.25 50.16 -10.50
CA GLY U 19 49.26 50.29 -11.53
C GLY U 19 49.89 51.67 -11.55
N VAL U 20 50.77 51.85 -12.52
CA VAL U 20 51.52 53.09 -12.66
C VAL U 20 50.65 54.16 -13.26
N LYS U 21 50.73 55.37 -12.70
CA LYS U 21 50.01 56.53 -13.18
C LYS U 21 50.89 57.45 -14.01
N ILE U 22 52.13 57.64 -13.59
CA ILE U 22 53.12 58.45 -14.31
C ILE U 22 54.33 57.58 -14.57
N TYR U 23 54.83 57.63 -15.80
CA TYR U 23 55.94 56.80 -16.23
C TYR U 23 57.24 57.60 -16.16
N GLY U 24 58.34 56.93 -16.52
CA GLY U 24 59.63 57.58 -16.46
C GLY U 24 59.78 58.68 -17.50
N ASP U 25 60.62 59.67 -17.16
CA ASP U 25 60.87 60.82 -18.02
C ASP U 25 59.58 61.56 -18.35
N GLN U 26 58.72 61.70 -17.35
CA GLN U 26 57.46 62.42 -17.49
C GLN U 26 57.26 63.32 -16.27
N VAL U 27 56.61 64.46 -16.51
CA VAL U 27 56.46 65.46 -15.47
C VAL U 27 55.59 64.93 -14.34
N ALA U 28 55.86 65.41 -13.13
CA ALA U 28 55.10 65.03 -11.94
C ALA U 28 55.10 66.21 -10.98
N LYS U 29 53.93 66.64 -10.57
CA LYS U 29 53.78 67.79 -9.68
C LYS U 29 53.93 67.36 -8.23
N PRO U 30 54.07 68.30 -7.31
CA PRO U 30 54.04 67.95 -5.88
C PRO U 30 52.70 67.37 -5.49
N GLY U 31 52.73 66.29 -4.74
CA GLY U 31 51.52 65.58 -4.36
C GLY U 31 50.94 64.70 -5.45
N ALA U 32 51.54 64.67 -6.63
CA ALA U 32 51.03 63.85 -7.71
C ALA U 32 51.34 62.38 -7.46
N ILE U 33 50.41 61.52 -7.84
CA ILE U 33 50.52 60.09 -7.61
C ILE U 33 51.20 59.45 -8.80
N ILE U 34 52.27 58.71 -8.54
CA ILE U 34 52.97 57.95 -9.58
C ILE U 34 52.52 56.51 -9.61
N ILE U 35 52.37 55.88 -8.45
CA ILE U 35 52.05 54.47 -8.34
C ILE U 35 50.93 54.29 -7.33
N ARG U 36 49.97 53.42 -7.67
CA ARG U 36 48.90 52.98 -6.79
C ARG U 36 49.00 51.46 -6.73
N GLN U 37 49.58 50.94 -5.66
CA GLN U 37 49.95 49.53 -5.55
C GLN U 37 49.61 49.00 -4.17
N ARG U 38 49.64 47.67 -4.05
CA ARG U 38 49.34 47.02 -2.77
C ARG U 38 50.59 47.00 -1.89
N GLY U 39 51.63 46.29 -2.34
CA GLY U 39 52.88 46.20 -1.63
C GLY U 39 53.98 46.98 -2.31
N THR U 40 55.19 46.85 -1.77
CA THR U 40 56.34 47.57 -2.28
C THR U 40 56.97 46.82 -3.46
N LYS U 41 56.20 46.74 -4.55
CA LYS U 41 56.79 46.39 -5.82
C LYS U 41 57.83 47.41 -6.22
N PHE U 42 57.57 48.67 -5.91
CA PHE U 42 58.50 49.78 -6.09
C PHE U 42 58.66 50.48 -4.76
N HIS U 43 59.89 50.73 -4.37
CA HIS U 43 60.20 51.40 -3.12
C HIS U 43 60.34 52.90 -3.35
N PRO U 44 60.24 53.73 -2.30
CA PRO U 44 60.45 55.16 -2.47
C PRO U 44 61.93 55.53 -2.44
N GLY U 45 62.31 56.47 -3.29
CA GLY U 45 63.67 56.93 -3.38
C GLY U 45 63.84 58.37 -2.91
N LYS U 46 64.41 59.21 -3.77
CA LYS U 46 64.73 60.58 -3.41
C LYS U 46 63.62 61.53 -3.85
N ASN U 47 63.35 62.53 -3.00
CA ASN U 47 62.37 63.58 -3.31
C ASN U 47 61.00 62.98 -3.58
N VAL U 48 60.58 62.05 -2.72
CA VAL U 48 59.34 61.33 -2.91
C VAL U 48 58.95 60.70 -1.58
N GLY U 49 57.64 60.55 -1.38
CA GLY U 49 57.10 60.02 -0.15
C GLY U 49 56.33 58.73 -0.37
N ILE U 50 55.81 58.18 0.72
CA ILE U 50 55.06 56.93 0.72
C ILE U 50 53.87 57.09 1.67
N GLY U 51 52.75 56.48 1.31
CA GLY U 51 51.51 56.63 2.03
C GLY U 51 51.12 55.39 2.82
N LYS U 52 49.89 55.43 3.33
CA LYS U 52 49.38 54.32 4.14
C LYS U 52 49.21 53.07 3.30
N ASP U 53 48.70 53.22 2.08
CA ASP U 53 48.48 52.11 1.16
C ASP U 53 49.70 51.84 0.28
N HIS U 54 50.90 52.21 0.75
CA HIS U 54 52.12 52.12 -0.04
C HIS U 54 51.98 52.91 -1.34
N THR U 55 51.24 54.01 -1.29
CA THR U 55 51.06 54.88 -2.44
C THR U 55 52.21 55.86 -2.52
N ILE U 56 52.92 55.85 -3.64
CA ILE U 56 54.08 56.71 -3.83
C ILE U 56 53.63 58.00 -4.48
N PHE U 57 54.00 59.13 -3.89
CA PHE U 57 53.57 60.45 -4.33
C PHE U 57 54.75 61.39 -4.35
N ALA U 58 54.78 62.28 -5.32
CA ALA U 58 55.89 63.22 -5.47
C ALA U 58 55.77 64.36 -4.48
N LEU U 59 56.91 64.97 -4.18
CA LEU U 59 57.00 66.11 -3.28
C LEU U 59 57.44 67.39 -3.98
N ILE U 60 58.08 67.28 -5.15
CA ILE U 60 58.55 68.43 -5.91
C ILE U 60 58.07 68.32 -7.34
N ASP U 61 58.46 69.29 -8.17
CA ASP U 61 58.15 69.30 -9.59
C ASP U 61 59.38 68.83 -10.36
N GLY U 62 59.22 67.72 -11.09
CA GLY U 62 60.33 67.19 -11.85
C GLY U 62 59.91 66.01 -12.68
N LEU U 63 60.90 65.19 -13.04
CA LEU U 63 60.70 64.02 -13.88
C LEU U 63 60.94 62.75 -13.08
N VAL U 64 60.15 61.73 -13.38
CA VAL U 64 60.23 60.46 -12.68
C VAL U 64 61.41 59.65 -13.21
N LYS U 65 62.02 58.89 -12.31
CA LYS U 65 63.14 58.02 -12.66
C LYS U 65 63.01 56.72 -11.88
N PHE U 66 63.29 55.61 -12.57
CA PHE U 66 63.23 54.27 -12.00
C PHE U 66 64.64 53.73 -11.87
N GLU U 67 65.00 53.32 -10.66
CA GLU U 67 66.30 52.71 -10.37
C GLU U 67 66.08 51.30 -9.82
N LYS U 68 67.18 50.61 -9.58
CA LYS U 68 67.17 49.30 -8.93
C LYS U 68 67.68 49.47 -7.49
N TYR U 69 66.86 49.07 -6.53
CA TYR U 69 67.19 49.20 -5.11
C TYR U 69 67.80 47.90 -4.62
N GLY U 70 68.99 47.62 -5.15
CA GLY U 70 69.71 46.41 -4.84
C GLY U 70 69.72 45.46 -6.03
N PRO U 71 70.09 44.19 -5.79
CA PRO U 71 70.16 43.25 -6.92
C PRO U 71 68.82 42.99 -7.60
N ASP U 72 67.76 42.75 -6.82
CA ASP U 72 66.49 42.26 -7.35
C ASP U 72 65.32 43.05 -6.79
N LYS U 73 65.44 44.38 -6.82
CA LYS U 73 64.36 45.27 -6.40
C LYS U 73 64.43 46.55 -7.23
N LYS U 74 63.39 47.37 -7.10
CA LYS U 74 63.28 48.62 -7.84
C LYS U 74 62.68 49.69 -6.95
N LYS U 75 63.06 50.94 -7.22
CA LYS U 75 62.53 52.09 -6.49
C LYS U 75 62.19 53.19 -7.49
N VAL U 76 61.76 54.33 -6.96
CA VAL U 76 61.34 55.47 -7.77
C VAL U 76 61.94 56.73 -7.17
N SER U 77 62.29 57.67 -8.05
CA SER U 77 62.84 58.96 -7.64
C SER U 77 62.31 60.03 -8.56
N VAL U 78 62.39 61.28 -8.09
CA VAL U 78 61.92 62.44 -8.82
C VAL U 78 63.00 63.51 -8.72
N TYR U 79 63.82 63.63 -9.76
CA TYR U 79 64.88 64.60 -9.81
C TYR U 79 64.41 65.86 -10.53
N PRO U 80 64.90 67.05 -10.21
CA PRO U 80 64.52 68.23 -10.99
C PRO U 80 64.99 68.13 -12.43
N ARG U 81 64.33 68.88 -13.30
CA ARG U 81 64.61 68.89 -14.73
C ARG U 81 65.26 70.21 -15.12
N GLU U 82 65.54 70.35 -16.41
CA GLU U 82 66.10 71.57 -16.96
C GLU U 82 64.98 72.55 -17.30
N ILE U 83 65.36 73.72 -17.80
CA ILE U 83 64.43 74.80 -18.12
C ILE U 83 64.65 75.22 -19.57
N GLN U 84 65.05 74.29 -20.41
CA GLN U 84 65.33 74.57 -21.81
C GLN U 84 64.02 74.82 -22.57
N PRO U 85 63.78 76.01 -23.14
CA PRO U 85 62.55 76.21 -23.92
C PRO U 85 62.73 75.68 -25.34
N GLU U 86 61.69 75.88 -26.15
CA GLU U 86 61.71 75.51 -27.56
C GLU U 86 62.10 76.71 -28.41
N ASN U 87 62.83 76.46 -29.48
CA ASN U 87 63.18 77.53 -30.41
C ASN U 87 61.95 77.93 -31.22
N PRO U 88 61.87 79.18 -31.69
CA PRO U 88 60.78 79.54 -32.61
C PRO U 88 60.86 78.85 -33.96
N ASN U 89 62.01 78.27 -34.32
CA ASN U 89 62.21 77.69 -35.64
C ASN U 89 61.73 76.25 -35.75
N SER U 90 61.14 75.69 -34.70
CA SER U 90 60.67 74.31 -34.75
C SER U 90 59.46 74.19 -35.67
N TYR U 91 59.28 72.98 -36.21
CA TYR U 91 58.09 72.69 -36.99
C TYR U 91 56.83 72.85 -36.15
N ARG U 92 56.92 72.59 -34.84
CA ARG U 92 55.78 72.79 -33.95
C ARG U 92 55.56 74.27 -33.68
N ALA U 93 56.64 75.03 -33.48
CA ALA U 93 56.50 76.44 -33.17
C ALA U 93 56.01 77.23 -34.38
N ARG U 94 56.58 76.96 -35.56
CA ARG U 94 56.16 77.67 -36.75
C ARG U 94 54.71 77.36 -37.09
N LYS U 95 54.29 76.11 -36.88
CA LYS U 95 52.91 75.74 -37.17
C LYS U 95 51.96 76.31 -36.13
N ARG U 96 52.38 76.33 -34.86
CA ARG U 96 51.55 76.87 -33.80
C ARG U 96 51.25 78.34 -34.03
N GLU U 97 52.28 79.13 -34.35
CA GLU U 97 52.09 80.54 -34.64
C GLU U 97 51.32 80.76 -35.93
N ASN U 98 51.33 79.79 -36.84
CA ASN U 98 50.61 79.93 -38.09
C ASN U 98 49.11 80.01 -37.85
N PHE U 99 48.60 79.20 -36.92
CA PHE U 99 47.18 79.26 -36.59
C PHE U 99 46.81 80.61 -36.00
N ARG U 100 47.64 81.12 -35.08
CA ARG U 100 47.37 82.41 -34.47
C ARG U 100 47.35 83.52 -35.51
N LEU U 101 48.22 83.42 -36.51
CA LEU U 101 48.27 84.45 -37.55
C LEU U 101 47.08 84.34 -38.48
N GLN U 102 46.80 83.13 -38.98
CA GLN U 102 45.67 82.94 -39.87
C GLN U 102 44.35 83.21 -39.16
N ARG U 103 44.29 82.94 -37.86
CA ARG U 103 43.05 83.19 -37.12
C ARG U 103 42.78 84.68 -37.00
N GLU U 104 43.83 85.49 -36.88
CA GLU U 104 43.67 86.93 -36.77
C GLU U 104 43.52 87.58 -38.14
N LYS U 105 44.29 87.12 -39.13
CA LYS U 105 44.19 87.69 -40.46
C LYS U 105 42.85 87.35 -41.10
N LYS U 106 42.39 86.12 -40.94
CA LYS U 106 41.06 85.77 -41.43
C LYS U 106 39.99 86.57 -40.71
N LYS U 107 40.21 86.88 -39.43
CA LYS U 107 39.29 87.75 -38.71
C LYS U 107 39.32 89.17 -39.26
N ALA U 108 40.53 89.67 -39.55
CA ALA U 108 40.65 91.02 -40.08
C ALA U 108 39.95 91.18 -41.43
N ARG U 109 39.95 90.12 -42.24
CA ARG U 109 39.25 90.17 -43.52
C ARG U 109 37.74 90.09 -43.34
N ARG U 110 37.28 89.50 -42.24
CA ARG U 110 35.84 89.35 -42.03
C ARG U 110 35.17 90.71 -41.87
N GLU U 111 35.58 91.48 -40.86
CA GLU U 111 35.03 92.81 -40.65
C GLU U 111 35.60 93.84 -41.60
N GLY U 112 36.77 93.57 -42.20
CA GLY U 112 37.39 94.49 -43.13
C GLY U 112 36.95 94.36 -44.57
N TYR U 113 36.07 93.41 -44.89
CA TYR U 113 35.65 93.22 -46.27
C TYR U 113 34.67 94.32 -46.68
N SER U 114 33.54 94.42 -45.99
CA SER U 114 32.53 95.42 -46.31
C SER U 114 32.92 96.78 -45.74
N ARG V 1 -37.59 60.49 13.37
CA ARG V 1 -36.29 61.09 13.12
C ARG V 1 -35.47 61.16 14.40
N ARG V 2 -34.15 61.21 14.24
CA ARG V 2 -33.22 61.29 15.36
C ARG V 2 -32.90 62.74 15.75
N ILE V 3 -33.80 63.68 15.45
CA ILE V 3 -33.61 65.08 15.77
C ILE V 3 -34.24 65.36 17.13
N CYS V 4 -33.57 66.19 17.92
CA CYS V 4 -34.16 66.71 19.15
C CYS V 4 -35.08 67.88 18.81
N PRO V 5 -36.40 67.77 18.99
CA PRO V 5 -37.27 68.90 18.60
C PRO V 5 -37.00 70.17 19.38
N PHE V 6 -36.45 70.06 20.59
CA PHE V 6 -36.27 71.24 21.44
C PHE V 6 -35.03 72.03 21.04
N THR V 7 -33.86 71.41 21.13
CA THR V 7 -32.59 72.08 20.86
C THR V 7 -32.14 71.97 19.41
N GLY V 8 -32.86 71.21 18.58
CA GLY V 8 -32.39 70.97 17.22
C GLY V 8 -31.13 70.14 17.13
N LYS V 9 -30.76 69.45 18.20
CA LYS V 9 -29.54 68.64 18.20
C LYS V 9 -29.69 67.48 17.23
N LYS V 10 -28.58 67.09 16.62
CA LYS V 10 -28.58 66.00 15.65
C LYS V 10 -27.20 65.36 15.62
N SER V 11 -27.11 64.27 14.86
CA SER V 11 -25.85 63.58 14.67
C SER V 11 -24.97 64.37 13.70
N ASN V 12 -23.68 64.00 13.68
CA ASN V 12 -22.70 64.64 12.83
C ASN V 12 -21.84 63.59 12.15
N LYS V 13 -21.16 64.01 11.10
CA LYS V 13 -20.19 63.16 10.44
C LYS V 13 -18.99 62.96 11.33
N ALA V 14 -18.50 61.73 11.41
CA ALA V 14 -17.35 61.39 12.21
C ALA V 14 -16.63 60.21 11.58
N ASN V 15 -15.31 60.25 11.62
CA ASN V 15 -14.47 59.19 11.10
C ASN V 15 -13.84 58.40 12.24
N ARG V 16 -13.69 57.10 12.03
CA ARG V 16 -13.02 56.22 12.98
C ARG V 16 -11.56 56.09 12.56
N VAL V 17 -10.67 56.69 13.33
CA VAL V 17 -9.25 56.74 12.99
C VAL V 17 -8.56 55.52 13.59
N SER V 18 -7.88 54.76 12.74
CA SER V 18 -7.09 53.62 13.17
C SER V 18 -5.65 54.05 13.45
N HIS V 19 -4.84 53.10 13.91
CA HIS V 19 -3.43 53.39 14.15
C HIS V 19 -2.71 53.73 12.85
N SER V 20 -3.18 53.20 11.73
CA SER V 20 -2.65 53.52 10.41
C SER V 20 -3.33 54.72 9.78
N ASN V 21 -4.05 55.52 10.57
CA ASN V 21 -4.76 56.71 10.10
C ASN V 21 -5.78 56.39 9.01
N HIS V 22 -6.28 55.16 8.96
CA HIS V 22 -7.36 54.82 8.06
C HIS V 22 -8.68 55.30 8.64
N LYS V 23 -9.51 55.92 7.80
CA LYS V 23 -10.70 56.63 8.24
C LYS V 23 -11.93 56.06 7.54
N THR V 24 -12.82 55.46 8.32
CA THR V 24 -14.12 55.00 7.86
C THR V 24 -15.21 55.87 8.48
N LYS V 25 -16.24 56.17 7.70
CA LYS V 25 -17.29 57.06 8.16
C LYS V 25 -18.11 56.42 9.28
N ARG V 26 -18.63 57.26 10.16
CA ARG V 26 -19.60 56.84 11.16
C ARG V 26 -20.33 58.07 11.64
N LEU V 27 -21.37 57.84 12.44
CA LEU V 27 -22.26 58.89 12.94
C LEU V 27 -22.31 58.82 14.45
N GLN V 28 -21.96 59.92 15.11
CA GLN V 28 -22.08 60.05 16.56
C GLN V 28 -23.50 60.48 16.86
N PHE V 29 -24.36 59.50 17.18
CA PHE V 29 -25.76 59.78 17.39
C PHE V 29 -25.97 60.57 18.68
N VAL V 30 -27.22 60.97 18.90
CA VAL V 30 -27.61 61.76 20.06
C VAL V 30 -28.20 60.82 21.12
N ASN V 31 -28.00 61.18 22.38
CA ASN V 31 -28.47 60.36 23.50
C ASN V 31 -29.94 60.69 23.77
N LEU V 32 -30.78 60.32 22.81
CA LEU V 32 -32.22 60.52 22.93
C LEU V 32 -32.83 59.44 23.82
N GLN V 33 -33.92 59.81 24.48
CA GLN V 33 -34.62 58.90 25.37
C GLN V 33 -36.12 59.18 25.32
N TYR V 34 -36.91 58.11 25.32
CA TYR V 34 -38.35 58.22 25.49
C TYR V 34 -38.65 58.36 26.98
N LYS V 35 -39.41 59.40 27.34
CA LYS V 35 -39.69 59.69 28.73
C LYS V 35 -41.04 60.35 28.88
N ARG V 36 -41.59 60.24 30.08
CA ARG V 36 -42.77 60.99 30.50
C ARG V 36 -42.31 62.17 31.34
N VAL V 37 -42.64 63.39 30.90
CA VAL V 37 -42.20 64.61 31.55
C VAL V 37 -43.41 65.31 32.15
N TRP V 38 -43.28 65.78 33.38
CA TRP V 38 -44.37 66.41 34.09
C TRP V 38 -44.56 67.84 33.61
N TRP V 39 -45.82 68.28 33.58
CA TRP V 39 -46.20 69.61 33.15
C TRP V 39 -47.08 70.23 34.25
N GLU V 40 -46.51 71.21 34.96
CA GLU V 40 -47.12 71.70 36.19
C GLU V 40 -48.48 72.36 35.95
N ALA V 41 -48.64 73.05 34.82
CA ALA V 41 -49.87 73.80 34.58
C ALA V 41 -51.09 72.87 34.52
N GLY V 42 -51.13 71.99 33.52
CA GLY V 42 -52.19 71.00 33.46
C GLY V 42 -52.07 69.88 34.48
N LYS V 43 -50.93 69.79 35.17
CA LYS V 43 -50.68 68.74 36.17
C LYS V 43 -50.85 67.36 35.56
N ARG V 44 -50.00 67.07 34.57
CA ARG V 44 -50.04 65.77 33.90
C ARG V 44 -48.69 65.55 33.23
N PHE V 45 -48.44 64.28 32.91
CA PHE V 45 -47.24 63.92 32.16
C PHE V 45 -47.43 64.20 30.68
N VAL V 46 -46.33 64.15 29.95
CA VAL V 46 -46.33 64.30 28.50
C VAL V 46 -45.31 63.33 27.92
N LYS V 47 -45.73 62.56 26.92
CA LYS V 47 -44.87 61.60 26.25
C LYS V 47 -44.18 62.28 25.08
N LEU V 48 -42.87 62.12 24.99
CA LEU V 48 -42.08 62.78 23.95
C LEU V 48 -40.70 62.13 23.92
N ARG V 49 -39.82 62.70 23.11
CA ARG V 49 -38.45 62.22 22.94
C ARG V 49 -37.52 63.42 22.88
N LEU V 50 -36.54 63.45 23.78
CA LEU V 50 -35.54 64.51 23.82
C LEU V 50 -34.21 63.92 24.27
N SER V 51 -33.16 64.73 24.17
CA SER V 51 -31.82 64.34 24.56
C SER V 51 -31.55 64.68 26.02
N THR V 52 -30.55 64.01 26.57
CA THR V 52 -30.20 64.25 27.98
C THR V 52 -29.73 65.67 28.20
N LYS V 53 -29.12 66.30 27.19
CA LYS V 53 -28.70 67.68 27.31
C LYS V 53 -29.90 68.61 27.43
N ALA V 54 -31.04 68.24 26.85
CA ALA V 54 -32.24 69.05 26.94
C ALA V 54 -32.92 68.89 28.29
N LEU V 55 -32.75 67.74 28.95
CA LEU V 55 -33.30 67.55 30.28
C LEU V 55 -32.74 68.57 31.26
N LYS V 56 -31.43 68.82 31.19
CA LYS V 56 -30.81 69.79 32.07
C LYS V 56 -31.37 71.19 31.85
N THR V 57 -31.84 71.48 30.64
CA THR V 57 -32.43 72.78 30.36
C THR V 57 -33.77 72.95 31.07
N ILE V 58 -34.65 71.96 30.93
CA ILE V 58 -35.93 72.00 31.62
C ILE V 58 -35.71 71.98 33.13
N GLU V 59 -34.70 71.25 33.58
CA GLU V 59 -34.35 71.23 35.00
C GLU V 59 -33.89 72.60 35.49
N LYS V 60 -33.29 73.40 34.61
CA LYS V 60 -32.78 74.72 34.97
C LYS V 60 -33.81 75.81 34.69
N ASN V 61 -34.21 75.95 33.43
CA ASN V 61 -35.08 77.05 33.02
C ASN V 61 -36.56 76.75 33.18
N GLY V 62 -36.94 75.50 33.25
CA GLY V 62 -38.34 75.11 33.32
C GLY V 62 -38.88 74.75 31.95
N LEU V 63 -39.93 73.93 31.95
CA LEU V 63 -40.42 73.35 30.70
C LEU V 63 -41.06 74.40 29.80
N ASP V 64 -41.83 75.32 30.38
CA ASP V 64 -42.58 76.27 29.56
C ASP V 64 -41.66 77.19 28.78
N ALA V 65 -40.47 77.46 29.30
CA ALA V 65 -39.53 78.33 28.58
C ALA V 65 -38.86 77.59 27.44
N VAL V 66 -38.55 76.31 27.63
CA VAL V 66 -37.82 75.55 26.62
C VAL V 66 -38.72 75.28 25.42
N ALA V 67 -39.94 74.78 25.68
CA ALA V 67 -40.84 74.43 24.59
C ALA V 67 -41.26 75.65 23.77
N LYS V 68 -41.36 76.80 24.42
CA LYS V 68 -41.72 78.01 23.69
C LYS V 68 -40.61 78.44 22.74
N LYS V 69 -39.36 78.31 23.18
CA LYS V 69 -38.23 78.66 22.31
C LYS V 69 -38.19 77.77 21.08
N ALA V 70 -38.54 76.50 21.23
CA ALA V 70 -38.59 75.61 20.07
C ALA V 70 -39.77 75.94 19.17
N GLY V 71 -40.86 76.44 19.74
CA GLY V 71 -42.04 76.79 18.96
C GLY V 71 -43.01 75.64 18.83
N ILE V 72 -43.39 75.04 19.95
CA ILE V 72 -44.35 73.94 19.97
C ILE V 72 -45.29 74.11 21.16
N ASP V 73 -46.55 73.76 20.96
CA ASP V 73 -47.53 73.72 22.03
C ASP V 73 -47.56 72.33 22.65
N LEU V 74 -47.65 72.28 23.98
CA LEU V 74 -47.65 70.99 24.65
C LEU V 74 -48.94 70.23 24.39
N ARG V 75 -50.07 70.92 24.42
CA ARG V 75 -51.30 70.31 23.95
C ARG V 75 -51.18 69.98 22.47
N LYS V 76 -51.49 68.73 22.13
CA LYS V 76 -51.25 68.23 20.78
C LYS V 76 -52.51 68.26 19.93
N VAL W 1 -71.99 99.77 -39.25
CA VAL W 1 -72.86 98.89 -40.04
C VAL W 1 -72.83 97.49 -39.45
N LYS W 2 -73.87 97.16 -38.69
CA LYS W 2 -74.03 95.87 -38.03
C LYS W 2 -72.94 95.58 -36.98
N LYS W 3 -72.21 96.60 -36.55
CA LYS W 3 -71.25 96.50 -35.45
C LYS W 3 -71.60 97.44 -34.31
N GLU W 4 -71.87 98.71 -34.61
CA GLU W 4 -72.33 99.63 -33.58
C GLU W 4 -73.79 99.37 -33.21
N ASP W 5 -74.61 98.98 -34.17
CA ASP W 5 -76.02 98.73 -33.92
C ASP W 5 -76.28 97.35 -33.35
N GLU W 6 -75.48 96.35 -33.75
CA GLU W 6 -75.68 95.00 -33.25
C GLU W 6 -75.40 94.92 -31.76
N LEU W 7 -74.26 95.46 -31.33
CA LEU W 7 -73.91 95.41 -29.92
C LEU W 7 -74.82 96.30 -29.07
N LYS W 8 -75.24 97.45 -29.62
CA LYS W 8 -76.06 98.38 -28.85
C LYS W 8 -77.39 97.76 -28.47
N GLU W 9 -78.02 97.03 -29.39
CA GLU W 9 -79.31 96.42 -29.09
C GLU W 9 -79.18 95.36 -28.01
N LEU W 10 -78.09 94.58 -28.04
CA LEU W 10 -77.92 93.50 -27.08
C LEU W 10 -77.63 94.02 -25.69
N ARG W 11 -76.89 95.13 -25.59
CA ARG W 11 -76.57 95.71 -24.29
C ARG W 11 -77.79 96.29 -23.60
N THR W 12 -78.89 96.52 -24.32
CA THR W 12 -80.13 97.00 -23.73
C THR W 12 -81.05 95.86 -23.30
N LYS W 13 -80.97 94.70 -23.94
CA LYS W 13 -81.81 93.58 -23.58
C LYS W 13 -81.45 93.04 -22.20
N THR W 14 -82.42 92.40 -21.56
CA THR W 14 -82.18 91.74 -20.30
C THR W 14 -81.53 90.38 -20.54
N ASN W 15 -81.17 89.71 -19.43
CA ASN W 15 -80.48 88.44 -19.54
C ASN W 15 -81.39 87.36 -20.14
N GLU W 16 -82.66 87.38 -19.79
CA GLU W 16 -83.59 86.36 -20.29
C GLU W 16 -83.78 86.46 -21.80
N GLN W 17 -83.90 87.68 -22.31
CA GLN W 17 -84.01 87.86 -23.76
C GLN W 17 -82.74 87.40 -24.46
N LEU W 18 -81.58 87.64 -23.83
CA LEU W 18 -80.32 87.17 -24.40
C LEU W 18 -80.22 85.66 -24.32
N ASN W 19 -80.68 85.07 -23.21
CA ASN W 19 -80.60 83.63 -23.05
C ASN W 19 -81.43 82.91 -24.11
N GLU W 20 -82.72 83.20 -24.17
CA GLU W 20 -83.61 82.51 -25.10
C GLU W 20 -83.21 82.76 -26.54
N GLU W 21 -82.62 83.92 -26.84
CA GLU W 21 -82.20 84.19 -28.20
C GLU W 21 -81.05 83.30 -28.62
N ILE W 22 -80.19 82.90 -27.68
CA ILE W 22 -79.10 81.98 -27.98
C ILE W 22 -79.64 80.61 -28.31
N LEU W 23 -80.69 80.17 -27.60
CA LEU W 23 -81.29 78.87 -27.88
C LEU W 23 -81.84 78.80 -29.29
N GLN W 24 -82.31 79.93 -29.83
CA GLN W 24 -82.78 79.95 -31.21
C GLN W 24 -81.64 79.71 -32.18
N LEU W 25 -80.47 80.29 -31.90
CA LEU W 25 -79.34 80.14 -32.81
C LEU W 25 -78.79 78.73 -32.79
N LYS W 26 -78.60 78.15 -31.60
CA LYS W 26 -78.04 76.82 -31.50
C LYS W 26 -78.90 75.80 -32.24
N GLY W 27 -80.22 75.98 -32.20
CA GLY W 27 -81.10 75.14 -32.99
C GLY W 27 -81.16 75.56 -34.45
N GLU W 28 -80.93 76.85 -34.73
CA GLU W 28 -80.93 77.31 -36.10
C GLU W 28 -79.68 76.85 -36.85
N LEU W 29 -78.56 76.72 -36.13
CA LEU W 29 -77.36 76.16 -36.75
C LEU W 29 -77.59 74.73 -37.22
N PHE W 30 -78.44 73.98 -36.50
CA PHE W 30 -78.70 72.60 -36.87
C PHE W 30 -79.32 72.51 -38.25
N MET W 31 -80.25 73.41 -38.57
CA MET W 31 -80.86 73.42 -39.89
C MET W 31 -79.81 73.69 -40.97
N LEU W 32 -78.88 74.61 -40.69
CA LEU W 32 -77.78 74.85 -41.63
C LEU W 32 -76.90 73.61 -41.77
N ARG W 33 -76.72 72.86 -40.68
CA ARG W 33 -75.95 71.63 -40.77
C ARG W 33 -76.69 70.57 -41.58
N LEU W 34 -78.03 70.64 -41.62
CA LEU W 34 -78.79 69.72 -42.46
C LEU W 34 -78.67 70.10 -43.93
N GLN W 35 -78.82 71.39 -44.25
CA GLN W 35 -78.72 71.83 -45.63
C GLN W 35 -77.33 71.57 -46.20
N ARG W 36 -76.30 71.64 -45.36
CA ARG W 36 -74.96 71.31 -45.82
C ARG W 36 -74.86 69.86 -46.25
N SER W 37 -75.60 68.97 -45.57
CA SER W 37 -75.59 67.56 -45.93
C SER W 37 -76.42 67.30 -47.17
N ALA W 38 -77.52 68.03 -47.35
CA ALA W 38 -78.39 67.84 -48.50
C ALA W 38 -77.93 68.57 -49.76
N ARG W 39 -76.86 69.36 -49.67
CA ARG W 39 -76.34 70.13 -50.81
C ARG W 39 -77.43 71.06 -51.38
N GLU W 40 -78.25 71.62 -50.50
CA GLU W 40 -79.27 72.58 -50.90
C GLU W 40 -78.60 73.95 -51.06
N ASN W 41 -79.42 74.98 -51.30
CA ASN W 41 -78.92 76.34 -51.42
C ASN W 41 -78.77 76.91 -50.01
N PHE W 42 -77.54 76.94 -49.51
CA PHE W 42 -77.22 77.47 -48.19
C PHE W 42 -76.06 78.43 -48.32
N LYS W 43 -76.08 79.45 -47.46
CA LYS W 43 -75.03 80.46 -47.45
C LYS W 43 -73.93 80.04 -46.48
N PRO W 44 -72.69 79.81 -46.94
CA PRO W 44 -71.62 79.51 -45.96
C PRO W 44 -71.37 80.63 -44.97
N SER W 45 -71.70 81.88 -45.32
CA SER W 45 -71.50 82.98 -44.40
C SER W 45 -72.41 82.93 -43.18
N ASP W 46 -73.53 82.20 -43.28
CA ASP W 46 -74.45 82.12 -42.14
C ASP W 46 -73.82 81.36 -40.98
N PHE W 47 -72.91 80.43 -41.26
CA PHE W 47 -72.22 79.72 -40.19
C PHE W 47 -71.41 80.70 -39.34
N GLY W 48 -70.72 81.64 -39.99
CA GLY W 48 -69.99 82.66 -39.25
C GLY W 48 -70.87 83.77 -38.73
N ARG W 49 -71.97 84.08 -39.44
CA ARG W 49 -72.87 85.12 -38.97
C ARG W 49 -73.50 84.73 -37.65
N MET W 50 -73.92 83.47 -37.52
CA MET W 50 -74.61 83.03 -36.30
C MET W 50 -73.63 82.66 -35.21
N ARG W 51 -72.52 82.00 -35.56
CA ARG W 51 -71.56 81.58 -34.56
C ARG W 51 -70.94 82.77 -33.85
N LYS W 52 -70.71 83.86 -34.58
CA LYS W 52 -70.15 85.06 -33.96
C LYS W 52 -71.20 85.80 -33.13
N ARG W 53 -72.47 85.72 -33.54
CA ARG W 53 -73.52 86.40 -32.82
C ARG W 53 -73.78 85.76 -31.46
N VAL W 54 -73.38 84.50 -31.26
CA VAL W 54 -73.48 83.89 -29.95
C VAL W 54 -72.40 84.44 -29.02
N ALA W 55 -71.18 84.55 -29.53
CA ALA W 55 -70.07 85.01 -28.71
C ALA W 55 -70.28 86.43 -28.23
N ARG W 56 -70.93 87.27 -29.04
CA ARG W 56 -71.20 88.64 -28.62
C ARG W 56 -72.18 88.68 -27.46
N MET W 57 -73.09 87.71 -27.39
CA MET W 57 -74.06 87.68 -26.31
C MET W 57 -73.44 87.17 -25.02
N LEU W 58 -72.72 86.05 -25.10
CA LEU W 58 -72.03 85.54 -23.93
C LEU W 58 -70.95 86.50 -23.45
N THR W 59 -70.40 87.29 -24.37
CA THR W 59 -69.45 88.32 -23.97
C THR W 59 -70.12 89.35 -23.08
N VAL W 60 -71.25 89.90 -23.52
CA VAL W 60 -71.94 90.91 -22.74
C VAL W 60 -72.49 90.32 -21.46
N LYS W 61 -72.96 89.06 -21.50
CA LYS W 61 -73.48 88.43 -20.31
C LYS W 61 -72.40 88.29 -19.24
N ARG W 62 -71.16 88.03 -19.67
CA ARG W 62 -70.05 87.99 -18.74
C ARG W 62 -69.78 89.37 -18.16
N GLU W 63 -69.78 90.40 -19.01
CA GLU W 63 -69.44 91.74 -18.57
C GLU W 63 -70.45 92.27 -17.56
N ARG W 64 -71.73 91.92 -17.72
CA ARG W 64 -72.73 92.31 -16.74
C ARG W 64 -72.46 91.67 -15.39
N GLU W 65 -71.87 90.47 -15.38
CA GLU W 65 -71.53 89.81 -14.14
C GLU W 65 -70.28 90.39 -13.50
N ILE W 66 -69.41 91.01 -14.30
CA ILE W 66 -68.28 91.73 -13.73
C ILE W 66 -68.76 92.89 -12.88
N GLU W 67 -69.84 93.55 -13.32
CA GLU W 67 -70.42 94.64 -12.53
C GLU W 67 -70.96 94.13 -11.21
N GLN W 68 -71.49 92.90 -11.19
CA GLN W 68 -72.00 92.30 -9.96
C GLN W 68 -70.90 91.74 -9.08
N GLY W 69 -69.68 91.61 -9.59
CA GLY W 69 -68.59 91.09 -8.80
C GLY W 69 -68.46 89.59 -8.79
N VAL W 70 -68.80 88.93 -9.90
CA VAL W 70 -68.75 87.48 -9.98
C VAL W 70 -67.36 87.05 -10.41
N GLY W 71 -66.84 86.00 -9.76
CA GLY W 71 -65.54 85.47 -10.11
C GLY W 71 -65.62 84.45 -11.24
N LYS W 72 -64.44 83.95 -11.61
CA LYS W 72 -64.38 82.95 -12.68
C LYS W 72 -64.89 81.60 -12.20
N ARG W 73 -64.58 81.23 -10.95
CA ARG W 73 -64.98 79.93 -10.44
C ARG W 73 -66.51 79.85 -10.30
N LEU W 74 -67.13 80.92 -9.83
CA LEU W 74 -68.58 80.90 -9.61
C LEU W 74 -69.34 80.95 -10.93
N SER W 75 -68.85 81.73 -11.89
CA SER W 75 -69.56 81.89 -13.16
C SER W 75 -69.68 80.57 -13.91
N ARG W 76 -68.67 79.69 -13.76
CA ARG W 76 -68.75 78.40 -14.44
C ARG W 76 -69.81 77.50 -13.83
N LYS W 77 -70.05 77.62 -12.52
CA LYS W 77 -71.10 76.83 -11.89
C LYS W 77 -72.47 77.24 -12.42
N LEU W 78 -72.74 78.54 -12.47
CA LEU W 78 -74.01 79.01 -13.00
C LEU W 78 -74.15 78.66 -14.48
N ASP W 79 -73.04 78.64 -15.22
CA ASP W 79 -73.11 78.25 -16.63
C ASP W 79 -73.50 76.78 -16.77
N LYS W 80 -73.00 75.93 -15.89
CA LYS W 80 -73.36 74.51 -15.96
C LYS W 80 -74.80 74.29 -15.54
N ALA W 81 -75.22 74.92 -14.43
CA ALA W 81 -76.59 74.75 -13.96
C ALA W 81 -77.59 75.23 -15.00
N TRP W 82 -77.26 76.27 -15.74
CA TRP W 82 -78.10 76.71 -16.84
C TRP W 82 -78.18 75.65 -17.93
N LYS W 83 -77.11 74.87 -18.11
CA LYS W 83 -77.10 73.79 -19.08
C LYS W 83 -77.72 72.51 -18.51
N ARG W 84 -77.81 72.38 -17.19
CA ARG W 84 -78.49 71.23 -16.61
C ARG W 84 -80.00 71.34 -16.77
N SER W 85 -80.54 72.56 -16.66
CA SER W 85 -81.97 72.80 -16.81
C SER W 85 -82.34 73.23 -18.22
N ILE W 86 -81.56 72.82 -19.22
CA ILE W 86 -81.81 73.18 -20.61
C ILE W 86 -82.79 72.19 -21.20
N VAL W 87 -83.56 72.66 -22.18
CA VAL W 87 -84.52 71.81 -22.90
C VAL W 87 -84.52 72.23 -24.36
N VAL W 88 -84.46 71.23 -25.24
CA VAL W 88 -84.48 71.51 -26.67
C VAL W 88 -85.91 71.82 -27.11
N ARG W 89 -86.02 72.66 -28.13
CA ARG W 89 -87.29 72.95 -28.78
C ARG W 89 -87.04 73.12 -30.26
N PRO W 90 -88.10 73.09 -31.08
CA PRO W 90 -87.90 73.34 -32.51
C PRO W 90 -87.44 74.76 -32.73
N PRO W 91 -86.57 75.00 -33.73
CA PRO W 91 -86.25 76.38 -34.09
C PRO W 91 -87.42 77.05 -34.79
N PRO W 92 -87.37 78.37 -34.98
CA PRO W 92 -88.44 79.02 -35.76
C PRO W 92 -88.46 78.58 -37.21
N SER W 93 -87.29 78.32 -37.81
CA SER W 93 -87.24 77.94 -39.22
C SER W 93 -87.95 76.62 -39.48
N LEU W 94 -87.93 75.71 -38.51
CA LEU W 94 -88.67 74.46 -38.67
C LEU W 94 -90.17 74.69 -38.60
N LYS W 95 -90.60 75.62 -37.73
CA LYS W 95 -92.02 75.90 -37.59
C LYS W 95 -92.58 76.58 -38.84
N LYS W 96 -91.81 77.48 -39.44
CA LYS W 96 -92.24 78.13 -40.68
C LYS W 96 -92.22 77.17 -41.86
N LEU W 97 -91.50 76.06 -41.76
CA LEU W 97 -91.34 75.09 -42.85
C LEU W 97 -92.16 73.83 -42.66
N GLN W 98 -92.38 73.40 -41.41
CA GLN W 98 -93.03 72.13 -41.14
C GLN W 98 -94.48 72.08 -41.65
N GLU W 99 -95.12 73.24 -41.82
CA GLU W 99 -96.52 73.31 -42.24
C GLU W 99 -97.42 72.60 -41.23
N ARG X 1 76.08 39.72 38.60
CA ARG X 1 75.02 38.97 39.25
C ARG X 1 74.07 39.89 40.00
N LYS X 2 72.77 39.64 39.85
CA LYS X 2 71.78 40.40 40.58
C LYS X 2 71.84 40.04 42.07
N SER X 3 71.37 40.97 42.91
CA SER X 3 71.69 40.92 44.33
C SER X 3 70.81 39.93 45.09
N ASP X 4 69.51 40.18 45.12
CA ASP X 4 68.62 39.48 46.03
C ASP X 4 68.04 38.18 45.47
N ILE X 5 68.48 37.75 44.28
CA ILE X 5 67.88 36.62 43.59
C ILE X 5 68.89 35.50 43.35
N HIS X 6 69.79 35.29 44.31
CA HIS X 6 70.65 34.12 44.29
C HIS X 6 70.86 33.62 45.71
N PRO X 7 71.15 32.33 45.90
CA PRO X 7 71.52 31.86 47.23
C PRO X 7 72.84 32.48 47.68
N GLU X 8 73.21 32.15 48.92
CA GLU X 8 74.46 32.64 49.51
C GLU X 8 75.64 31.75 49.11
N PHE X 9 75.87 31.67 47.81
CA PHE X 9 77.00 30.93 47.30
C PHE X 9 78.30 31.63 47.67
N ARG X 10 79.33 30.83 47.92
CA ARG X 10 80.64 31.34 48.32
C ARG X 10 81.71 30.48 47.65
N GLU X 11 82.94 30.65 48.09
CA GLU X 11 84.07 29.82 47.70
C GLU X 11 84.54 29.02 48.91
N ASP X 12 85.58 28.20 48.68
CA ASP X 12 86.34 27.44 49.67
C ASP X 12 85.50 26.87 50.83
N ALA X 13 84.33 26.34 50.52
CA ALA X 13 83.54 25.61 51.50
C ALA X 13 84.22 24.28 51.77
N LYS X 14 84.61 24.06 53.02
CA LYS X 14 85.40 22.88 53.37
C LYS X 14 84.57 21.60 53.20
N VAL X 15 85.27 20.48 53.09
CA VAL X 15 84.65 19.17 52.92
C VAL X 15 85.38 18.17 53.79
N TYR X 16 84.78 17.82 54.94
CA TYR X 16 85.38 16.88 55.86
C TYR X 16 84.96 15.46 55.52
N CYS X 17 85.84 14.52 55.86
CA CYS X 17 85.57 13.08 55.76
C CYS X 17 85.90 12.50 57.14
N ASN X 18 84.92 12.56 58.04
CA ASN X 18 85.12 12.22 59.46
C ASN X 18 86.26 13.03 60.04
N GLY X 19 86.16 14.35 59.90
CA GLY X 19 87.16 15.27 60.39
C GLY X 19 88.38 15.41 59.51
N GLU X 20 88.47 14.66 58.41
CA GLU X 20 89.62 14.73 57.51
C GLU X 20 89.30 15.70 56.38
N LEU X 21 90.04 16.81 56.32
CA LEU X 21 89.86 17.82 55.28
C LEU X 21 90.66 17.38 54.06
N VAL X 22 90.01 16.62 53.18
CA VAL X 22 90.68 16.16 51.97
C VAL X 22 90.99 17.34 51.05
N MET X 23 90.04 18.23 50.86
CA MET X 23 90.24 19.47 50.11
C MET X 23 89.02 20.35 50.36
N THR X 24 88.91 21.45 49.62
CA THR X 24 87.85 22.42 49.80
C THR X 24 87.37 22.91 48.44
N THR X 25 86.08 23.21 48.35
CA THR X 25 85.46 23.68 47.12
C THR X 25 84.43 24.76 47.47
N GLY X 26 83.81 25.32 46.44
CA GLY X 26 82.80 26.35 46.61
C GLY X 26 81.41 25.74 46.58
N GLY X 27 80.57 26.19 47.51
CA GLY X 27 79.21 25.69 47.61
C GLY X 27 78.37 26.57 48.50
N THR X 28 77.08 26.26 48.53
CA THR X 28 76.14 27.02 49.35
C THR X 28 76.13 26.53 50.79
N GLN X 29 76.10 25.22 50.98
CA GLN X 29 76.07 24.64 52.32
C GLN X 29 77.37 24.96 53.06
N LYS X 30 77.30 24.93 54.39
CA LYS X 30 78.47 25.19 55.22
C LYS X 30 79.58 24.19 54.92
N ASP X 31 79.32 22.91 55.15
CA ASP X 31 80.31 21.86 54.99
C ASP X 31 79.64 20.62 54.41
N TYR X 32 80.47 19.63 54.07
CA TYR X 32 80.03 18.39 53.45
C TYR X 32 80.58 17.20 54.23
N THR X 33 80.00 16.04 53.97
CA THR X 33 80.46 14.77 54.54
C THR X 33 80.37 13.71 53.46
N VAL X 34 81.47 13.00 53.22
CA VAL X 34 81.60 12.12 52.07
C VAL X 34 82.28 10.83 52.50
N GLU X 35 81.92 9.74 51.83
CA GLU X 35 82.61 8.46 51.94
C GLU X 35 82.95 7.81 50.62
N VAL X 36 82.58 8.43 49.49
CA VAL X 36 82.81 7.88 48.16
C VAL X 36 83.59 8.92 47.38
N TRP X 37 84.49 9.63 48.07
CA TRP X 37 85.08 10.85 47.54
C TRP X 37 85.90 10.64 46.27
N SER X 38 87.07 10.01 46.39
CA SER X 38 87.91 9.75 45.23
C SER X 38 88.47 8.33 45.21
N GLY X 39 88.85 7.81 46.38
CA GLY X 39 89.60 6.58 46.48
C GLY X 39 88.81 5.47 47.14
N ASN X 40 87.85 5.84 47.99
CA ASN X 40 87.00 4.84 48.61
C ASN X 40 86.18 4.08 47.57
N HIS X 41 85.89 4.70 46.43
CA HIS X 41 85.12 4.06 45.37
C HIS X 41 86.07 3.21 44.52
N PRO X 42 85.69 1.96 44.17
CA PRO X 42 86.66 1.07 43.51
C PRO X 42 86.90 1.40 42.05
N PHE X 43 85.88 1.96 41.37
CA PHE X 43 85.98 2.18 39.93
C PHE X 43 87.10 3.14 39.58
N TYR X 44 87.36 4.13 40.42
CA TYR X 44 88.43 5.09 40.15
C TYR X 44 89.79 4.42 40.25
N LEU X 45 90.05 3.73 41.37
CA LEU X 45 91.34 3.08 41.56
C LEU X 45 91.53 1.89 40.62
N GLY X 46 90.44 1.24 40.22
CA GLY X 46 90.53 0.07 39.37
C GLY X 46 90.94 0.43 37.95
N ASN X 47 90.96 -0.61 37.11
CA ASN X 47 91.34 -0.46 35.71
C ASN X 47 90.25 0.21 34.88
N ARG X 48 89.04 0.38 35.43
CA ARG X 48 87.91 0.98 34.71
C ARG X 48 87.56 0.18 33.46
N SER X 49 87.74 -1.14 33.52
CA SER X 49 87.36 -1.98 32.38
C SER X 49 85.86 -2.15 32.28
N ALA X 50 85.17 -2.23 33.43
CA ALA X 50 83.71 -2.38 33.48
C ALA X 50 83.25 -3.65 32.75
N LEU X 51 84.03 -4.72 32.88
CA LEU X 51 83.72 -5.97 32.19
C LEU X 51 84.43 -7.11 32.90
N LEU X 52 83.67 -8.06 33.43
CA LEU X 52 84.20 -9.27 34.04
C LEU X 52 83.45 -10.46 33.46
N LEU X 53 84.15 -11.60 33.35
CA LEU X 53 83.64 -12.75 32.64
C LEU X 53 83.32 -13.94 33.53
N ASP X 54 83.66 -13.90 34.82
CA ASP X 54 83.57 -15.07 35.69
C ASP X 54 84.35 -16.24 35.08
N ALA X 55 85.68 -16.05 35.07
CA ALA X 55 86.64 -16.67 34.16
C ALA X 55 86.35 -18.12 33.78
N ASP X 56 86.14 -19.00 34.76
CA ASP X 56 85.99 -20.41 34.42
C ASP X 56 85.34 -21.15 35.58
N GLN X 57 84.54 -22.16 35.23
CA GLN X 57 83.92 -23.06 36.20
C GLN X 57 84.80 -24.26 36.52
N VAL X 58 85.82 -24.53 35.70
CA VAL X 58 86.73 -25.64 35.97
C VAL X 58 87.41 -25.45 37.31
N GLU X 59 87.69 -24.19 37.69
CA GLU X 59 88.29 -23.92 38.99
C GLU X 59 87.39 -24.40 40.12
N LYS X 60 86.08 -24.19 39.99
CA LYS X 60 85.14 -24.72 40.97
C LYS X 60 85.17 -26.24 40.99
N PHE X 61 85.44 -26.87 39.85
CA PHE X 61 85.42 -28.33 39.78
C PHE X 61 86.68 -28.93 40.38
N ARG X 62 87.83 -28.36 40.06
CA ARG X 62 89.11 -28.95 40.43
C ARG X 62 89.58 -28.54 41.82
N LYS X 63 89.39 -27.26 42.19
CA LYS X 63 89.87 -26.80 43.48
C LYS X 63 89.06 -27.41 44.62
N LYS X 64 87.76 -27.58 44.43
CA LYS X 64 86.91 -28.09 45.51
C LYS X 64 87.24 -29.54 45.82
N TYR X 65 87.55 -30.34 44.79
CA TYR X 65 87.92 -31.74 45.01
C TYR X 65 89.36 -31.83 45.49
N GLY X 66 90.28 -31.17 44.81
CA GLY X 66 91.68 -31.19 45.18
C GLY X 66 92.32 -32.56 45.00
N ALA Y 1 -15.35 27.45 -50.55
CA ALA Y 1 -14.06 28.13 -50.69
C ALA Y 1 -14.27 29.63 -50.80
N VAL Y 2 -13.19 30.34 -51.09
CA VAL Y 2 -13.20 31.80 -51.17
C VAL Y 2 -12.18 32.22 -52.22
N PRO Y 3 -12.42 33.25 -53.02
CA PRO Y 3 -11.39 33.67 -53.97
C PRO Y 3 -10.25 34.40 -53.30
N LYS Y 4 -9.03 34.10 -53.73
CA LYS Y 4 -7.85 34.74 -53.17
C LYS Y 4 -7.82 36.22 -53.53
N LYS Y 5 -7.96 36.53 -54.82
CA LYS Y 5 -7.98 37.90 -55.31
C LYS Y 5 -9.14 38.07 -56.28
N ARG Y 6 -9.32 39.31 -56.73
CA ARG Y 6 -10.41 39.65 -57.62
C ARG Y 6 -10.01 39.43 -59.08
N THR Y 7 -10.99 39.03 -59.89
CA THR Y 7 -10.77 38.91 -61.31
C THR Y 7 -10.56 40.29 -61.93
N SER Y 8 -9.74 40.34 -62.96
CA SER Y 8 -9.44 41.59 -63.63
C SER Y 8 -10.63 42.03 -64.48
N ILE Y 9 -10.43 43.13 -65.21
CA ILE Y 9 -11.51 43.71 -65.98
C ILE Y 9 -11.70 42.97 -67.30
N TYR Y 10 -10.61 42.65 -67.99
CA TYR Y 10 -10.73 42.02 -69.30
C TYR Y 10 -10.97 40.52 -69.19
N LYS Y 11 -10.42 39.87 -68.17
CA LYS Y 11 -10.74 38.47 -67.93
C LYS Y 11 -12.22 38.30 -67.59
N LYS Y 12 -12.81 39.30 -66.96
CA LYS Y 12 -14.25 39.30 -66.74
C LYS Y 12 -15.00 39.35 -68.06
N ARG Y 13 -14.60 40.28 -68.94
CA ARG Y 13 -15.31 40.47 -70.20
C ARG Y 13 -15.27 39.21 -71.06
N ILE Y 14 -14.12 38.54 -71.10
CA ILE Y 14 -13.98 37.35 -71.93
C ILE Y 14 -14.96 36.28 -71.47
N ARG Y 15 -15.25 36.22 -70.18
CA ARG Y 15 -16.21 35.25 -69.67
C ARG Y 15 -17.65 35.69 -69.90
N LYS Y 16 -17.89 37.01 -69.98
CA LYS Y 16 -19.24 37.49 -70.28
C LYS Y 16 -19.59 37.34 -71.75
N ASN Y 17 -18.62 37.57 -72.64
CA ASN Y 17 -18.89 37.45 -74.06
C ASN Y 17 -19.29 36.03 -74.43
N ILE Y 18 -18.76 35.03 -73.72
CA ILE Y 18 -19.16 33.65 -73.97
C ILE Y 18 -20.63 33.45 -73.59
N TRP Y 19 -21.05 34.03 -72.47
CA TRP Y 19 -22.45 33.99 -72.10
C TRP Y 19 -23.32 34.70 -73.12
N LYS Y 20 -22.83 35.84 -73.64
CA LYS Y 20 -23.56 36.57 -74.67
C LYS Y 20 -23.51 35.85 -76.01
N LYS Y 21 -22.43 35.09 -76.27
CA LYS Y 21 -22.28 34.40 -77.54
C LYS Y 21 -23.39 33.40 -77.79
N LYS Y 22 -24.05 32.91 -76.73
CA LYS Y 22 -25.16 31.98 -76.91
C LYS Y 22 -26.32 32.64 -77.66
N GLY Y 23 -26.44 33.97 -77.56
CA GLY Y 23 -27.46 34.67 -78.31
C GLY Y 23 -27.24 34.63 -79.81
N TYR Y 24 -25.99 34.46 -80.25
CA TYR Y 24 -25.72 34.32 -81.68
C TYR Y 24 -26.37 33.07 -82.24
N TRP Y 25 -26.30 31.97 -81.50
CA TRP Y 25 -26.88 30.72 -81.97
C TRP Y 25 -28.39 30.68 -81.79
N ALA Y 26 -28.93 31.48 -80.86
CA ALA Y 26 -30.37 31.55 -80.69
C ALA Y 26 -31.02 32.40 -81.76
N ALA Y 27 -30.29 33.38 -82.28
CA ALA Y 27 -30.85 34.25 -83.32
C ALA Y 27 -30.94 33.51 -84.65
N LEU Y 28 -29.95 32.66 -84.94
CA LEU Y 28 -29.99 31.89 -86.18
C LEU Y 28 -31.17 30.94 -86.21
N LYS Y 29 -31.49 30.33 -85.07
CA LYS Y 29 -32.63 29.43 -84.99
C LYS Y 29 -33.93 30.18 -85.23
N ALA Y 30 -34.02 31.42 -84.73
CA ALA Y 30 -35.23 32.21 -84.93
C ALA Y 30 -35.38 32.62 -86.39
N PHE Y 31 -34.29 33.05 -87.02
CA PHE Y 31 -34.34 33.41 -88.42
C PHE Y 31 -34.66 32.20 -89.29
N SER Y 32 -34.11 31.04 -88.95
CA SER Y 32 -34.47 29.81 -89.67
C SER Y 32 -35.93 29.45 -89.43
N LEU Y 33 -36.46 29.76 -88.26
CA LEU Y 33 -37.85 29.43 -87.96
C LEU Y 33 -38.82 30.36 -88.69
N ALA Y 34 -38.45 31.64 -88.82
CA ALA Y 34 -39.31 32.59 -89.51
C ALA Y 34 -39.38 32.29 -91.00
N LYS Y 35 -38.22 32.17 -91.65
CA LYS Y 35 -38.19 31.89 -93.07
C LYS Y 35 -38.81 30.54 -93.39
N SER Y 36 -38.75 29.60 -92.44
CA SER Y 36 -39.45 28.33 -92.55
C SER Y 36 -40.91 28.41 -92.12
N LEU Y 37 -41.43 29.62 -91.90
CA LEU Y 37 -42.80 29.83 -91.46
C LEU Y 37 -43.53 30.90 -92.24
N SER Y 38 -42.84 31.80 -92.93
CA SER Y 38 -43.47 32.83 -93.73
C SER Y 38 -43.92 32.34 -95.10
N THR Y 39 -43.77 31.04 -95.39
CA THR Y 39 -44.17 30.46 -96.67
C THR Y 39 -45.48 29.70 -96.61
N GLY Y 40 -45.97 29.37 -95.41
CA GLY Y 40 -47.24 28.67 -95.30
C GLY Y 40 -47.24 27.28 -95.89
N ASN Y 41 -46.13 26.57 -95.79
CA ASN Y 41 -45.99 25.23 -96.32
C ASN Y 41 -45.70 24.18 -95.25
N SER Y 42 -45.29 24.58 -94.05
CA SER Y 42 -44.99 23.63 -93.00
C SER Y 42 -46.28 23.19 -92.33
N LYS Y 43 -46.53 21.89 -92.31
CA LYS Y 43 -47.72 21.31 -91.70
C LYS Y 43 -47.45 20.75 -90.31
N SER Y 44 -46.31 21.07 -89.71
CA SER Y 44 -45.91 20.55 -88.41
C SER Y 44 -45.77 21.63 -87.34
N PHE Y 45 -46.08 22.89 -87.66
CA PHE Y 45 -45.89 23.99 -86.72
C PHE Y 45 -47.07 24.96 -86.90
N PHE Y 46 -47.94 25.01 -85.89
CA PHE Y 46 -49.08 25.91 -85.88
C PHE Y 46 -48.74 27.11 -85.00
N VAL Y 47 -48.70 28.29 -85.61
CA VAL Y 47 -48.23 29.50 -84.94
C VAL Y 47 -49.40 30.38 -84.51
N ARG Y 48 -50.47 30.38 -85.30
CA ARG Y 48 -51.59 31.30 -85.10
C ARG Y 48 -51.10 32.74 -85.13
N ASP Z 1 26.52 40.67 21.76
CA ASP Z 1 26.96 42.06 21.89
C ASP Z 1 28.16 42.17 22.84
N VAL Z 2 29.19 41.36 22.58
CA VAL Z 2 30.38 41.39 23.42
C VAL Z 2 31.08 42.74 23.27
N ARG Z 3 31.52 43.06 22.06
CA ARG Z 3 32.10 44.36 21.80
C ARG Z 3 31.01 45.42 21.78
N VAL Z 4 31.40 46.65 22.12
CA VAL Z 4 30.45 47.75 22.24
C VAL Z 4 31.20 49.06 22.06
N LYS Z 5 30.52 50.06 21.52
CA LYS Z 5 31.08 51.39 21.39
C LYS Z 5 30.87 52.16 22.69
N VAL Z 6 31.95 52.74 23.22
CA VAL Z 6 31.94 53.39 24.51
C VAL Z 6 32.14 54.89 24.30
N ILE Z 7 31.48 55.68 25.16
CA ILE Z 7 31.51 57.13 25.10
C ILE Z 7 32.41 57.64 26.22
N LEU Z 8 33.33 58.54 25.88
CA LEU Z 8 34.27 59.11 26.83
C LEU Z 8 33.96 60.59 27.03
N GLU Z 9 33.85 60.99 28.29
CA GLU Z 9 33.55 62.37 28.66
C GLU Z 9 34.73 62.96 29.42
N CYS Z 10 34.96 64.25 29.22
CA CYS Z 10 36.07 64.93 29.87
C CYS Z 10 35.79 65.08 31.35
N THR Z 11 36.78 64.76 32.19
CA THR Z 11 36.73 65.02 33.62
C THR Z 11 37.45 66.34 33.87
N GLY Z 12 36.67 67.39 34.07
CA GLY Z 12 37.20 68.73 34.27
C GLY Z 12 36.36 69.81 33.62
N CYS Z 13 35.63 69.45 32.57
CA CYS Z 13 34.70 70.37 31.94
C CYS Z 13 33.44 70.51 32.77
N VAL Z 14 32.87 71.72 32.77
CA VAL Z 14 31.70 72.04 33.57
C VAL Z 14 30.58 72.47 32.63
N ARG Z 15 29.34 72.31 33.10
CA ARG Z 15 28.17 72.62 32.31
C ARG Z 15 27.81 74.10 32.45
N LYS Z 16 27.40 74.70 31.33
CA LYS Z 16 27.00 76.10 31.28
C LYS Z 16 28.12 77.02 31.77
N SER Z 17 29.26 76.93 31.08
CA SER Z 17 30.39 77.78 31.40
C SER Z 17 30.10 79.21 30.94
N VAL Z 18 30.47 80.18 31.78
CA VAL Z 18 30.29 81.60 31.47
C VAL Z 18 31.59 82.23 30.98
N ASN Z 19 32.52 81.43 30.48
CA ASN Z 19 33.80 81.94 30.00
C ASN Z 19 33.64 82.55 28.61
N LYS Z 20 34.68 83.28 28.19
CA LYS Z 20 34.70 83.96 26.90
C LYS Z 20 35.36 83.10 25.82
N GLY Z 21 36.27 82.21 26.20
CA GLY Z 21 36.99 81.40 25.24
C GLY Z 21 36.09 80.49 24.42
N SER Z 22 35.48 79.50 25.06
CA SER Z 22 34.60 78.57 24.39
C SER Z 22 33.77 77.84 25.42
N ARG Z 23 32.51 77.58 25.08
CA ARG Z 23 31.54 76.94 25.98
C ARG Z 23 31.19 75.57 25.43
N GLY Z 24 31.25 74.57 26.28
CA GLY Z 24 30.90 73.22 25.88
C GLY Z 24 31.70 72.20 26.68
N VAL Z 25 31.63 70.96 26.22
CA VAL Z 25 32.32 69.85 26.84
C VAL Z 25 32.93 68.99 25.74
N SER Z 26 34.10 68.42 26.00
CA SER Z 26 34.74 67.51 25.07
C SER Z 26 34.20 66.10 25.27
N ARG Z 27 34.01 65.39 24.16
CA ARG Z 27 33.48 64.04 24.22
C ARG Z 27 33.94 63.27 22.99
N TYR Z 28 34.68 62.20 23.22
CA TYR Z 28 35.13 61.30 22.17
C TYR Z 28 34.26 60.04 22.18
N ILE Z 29 34.56 59.13 21.25
CA ILE Z 29 33.86 57.85 21.17
C ILE Z 29 34.80 56.84 20.52
N THR Z 30 34.90 55.65 21.12
CA THR Z 30 35.83 54.63 20.67
C THR Z 30 35.23 53.26 20.92
N GLN Z 31 35.94 52.22 20.49
CA GLN Z 31 35.56 50.84 20.73
C GLN Z 31 36.13 50.36 22.06
N LYS Z 32 35.48 49.37 22.64
CA LYS Z 32 35.92 48.79 23.90
C LYS Z 32 35.22 47.47 24.17
N ASN Z 33 35.99 46.43 24.47
CA ASN Z 33 35.45 45.13 24.80
C ASN Z 33 35.18 45.04 26.30
N ARG Z 34 34.17 44.26 26.66
CA ARG Z 34 33.78 44.14 28.06
C ARG Z 34 34.57 43.06 28.78
N HIS Z 35 34.60 41.84 28.21
CA HIS Z 35 35.26 40.72 28.88
C HIS Z 35 36.77 40.92 28.92
N ASN Z 36 37.36 41.39 27.82
CA ASN Z 36 38.79 41.67 27.80
C ASN Z 36 39.18 42.92 28.60
N THR Z 37 38.21 43.72 29.02
CA THR Z 37 38.48 44.95 29.77
C THR Z 37 37.28 45.26 30.64
N PRO Z 38 37.09 44.52 31.74
CA PRO Z 38 35.91 44.75 32.58
C PRO Z 38 35.93 46.09 33.30
N SER Z 39 37.09 46.71 33.45
CA SER Z 39 37.19 47.98 34.17
C SER Z 39 36.79 49.12 33.25
N ARG Z 40 36.86 50.35 33.77
CA ARG Z 40 36.58 51.53 32.97
C ARG Z 40 37.78 51.86 32.09
N LEU Z 41 37.59 52.85 31.22
CA LEU Z 41 38.59 53.25 30.23
C LEU Z 41 38.76 54.76 30.31
N GLU Z 42 39.79 55.20 31.03
CA GLU Z 42 40.14 56.60 31.16
C GLU Z 42 41.46 56.86 30.44
N LEU Z 43 41.51 57.94 29.66
CA LEU Z 43 42.67 58.25 28.84
C LEU Z 43 42.86 59.76 28.80
N ARG Z 44 44.13 60.17 28.75
CA ARG Z 44 44.49 61.59 28.69
C ARG Z 44 44.49 62.00 27.23
N LYS Z 45 43.42 62.67 26.80
CA LYS Z 45 43.24 63.11 25.43
C LYS Z 45 42.98 64.61 25.40
N PHE Z 46 43.05 65.17 24.19
CA PHE Z 46 42.95 66.61 24.02
C PHE Z 46 41.53 67.10 24.27
N CYS Z 47 41.42 68.29 24.86
CA CYS Z 47 40.15 68.96 25.09
C CYS Z 47 40.22 70.34 24.45
N PRO Z 48 39.48 70.64 23.38
CA PRO Z 48 39.57 71.98 22.78
C PRO Z 48 39.10 73.08 23.72
N TYR Z 49 38.16 72.79 24.61
CA TYR Z 49 37.62 73.83 25.48
C TYR Z 49 38.57 74.16 26.62
N CYS Z 50 39.26 73.15 27.16
CA CYS Z 50 40.16 73.35 28.29
C CYS Z 50 41.58 73.73 27.87
N TYR Z 51 41.88 73.78 26.56
CA TYR Z 51 43.18 74.23 26.08
C TYR Z 51 44.31 73.33 26.59
N LYS Z 52 44.02 72.04 26.77
CA LYS Z 52 45.03 71.11 27.25
C LYS Z 52 44.50 69.69 27.09
N HIS Z 53 45.36 68.73 27.41
CA HIS Z 53 44.98 67.32 27.44
C HIS Z 53 44.47 66.98 28.84
N THR Z 54 43.33 66.31 28.90
CA THR Z 54 42.68 65.96 30.15
C THR Z 54 42.20 64.51 30.09
N ILE Z 55 41.94 63.97 31.28
CA ILE Z 55 41.56 62.57 31.41
C ILE Z 55 40.10 62.44 31.02
N HIS Z 56 39.84 61.86 29.85
CA HIS Z 56 38.49 61.59 29.39
C HIS Z 56 38.08 60.19 29.86
N GLY Z 57 37.04 60.12 30.69
CA GLY Z 57 36.58 58.88 31.26
C GLY Z 57 35.22 58.48 30.72
N GLU Z 58 34.88 57.22 30.96
CA GLU Z 58 33.60 56.67 30.49
C GLU Z 58 32.45 57.36 31.21
N ILE Z 59 31.50 57.87 30.43
CA ILE Z 59 30.30 58.47 30.99
C ILE Z 59 29.38 57.42 31.59
N LYS Z 60 29.45 56.18 31.13
CA LYS Z 60 28.60 55.10 31.62
C LYS Z 60 29.41 53.81 31.73
N GLY AA 1 -42.09 21.14 -28.87
CA GLY AA 1 -43.04 22.05 -28.24
C GLY AA 1 -42.38 23.00 -27.27
N LYS AA 2 -41.17 23.46 -27.63
CA LYS AA 2 -40.40 24.37 -26.80
C LYS AA 2 -40.16 25.66 -27.58
N ALA AA 3 -40.44 26.79 -26.94
CA ALA AA 3 -40.20 28.08 -27.55
C ALA AA 3 -38.71 28.36 -27.64
N ALA AA 4 -38.32 29.09 -28.68
CA ALA AA 4 -36.92 29.41 -28.86
C ALA AA 4 -36.44 30.35 -27.77
N LEU AA 5 -35.12 30.55 -27.74
CA LEU AA 5 -34.51 31.31 -26.66
C LEU AA 5 -34.78 32.79 -26.77
N CYS AA 6 -35.05 33.30 -27.96
CA CYS AA 6 -35.19 34.74 -28.19
C CYS AA 6 -36.61 35.25 -27.97
N LEU AA 7 -37.57 34.40 -27.65
CA LEU AA 7 -38.96 34.84 -27.46
C LEU AA 7 -39.11 35.40 -26.05
N THR AA 8 -38.67 36.64 -25.89
CA THR AA 8 -38.84 37.38 -24.64
C THR AA 8 -40.14 38.16 -24.59
N LYS AA 9 -40.80 38.36 -25.73
CA LYS AA 9 -42.04 39.13 -25.81
C LYS AA 9 -43.15 38.16 -26.25
N ARG AA 10 -43.89 37.63 -25.27
CA ARG AA 10 -44.91 36.62 -25.51
C ARG AA 10 -46.31 37.21 -25.69
N SER AA 11 -46.40 38.48 -26.10
CA SER AA 11 -47.68 39.13 -26.35
C SER AA 11 -48.52 39.20 -25.08
N ARG AA 12 -47.92 39.74 -24.03
CA ARG AA 12 -48.64 39.93 -22.77
C ARG AA 12 -49.69 41.03 -22.93
N SER AA 13 -50.73 40.95 -22.13
CA SER AA 13 -51.82 41.92 -22.20
C SER AA 13 -51.33 43.31 -21.85
N ARG AA 14 -51.94 44.31 -22.49
CA ARG AA 14 -51.56 45.70 -22.23
C ARG AA 14 -52.04 46.19 -20.87
N LYS AA 15 -53.01 45.50 -20.26
CA LYS AA 15 -53.46 45.88 -18.93
C LYS AA 15 -52.35 45.73 -17.91
N SER AA 16 -51.62 44.62 -17.97
CA SER AA 16 -50.55 44.39 -17.01
C SER AA 16 -49.35 45.28 -17.29
N LEU AA 17 -49.08 45.54 -18.57
CA LEU AA 17 -47.93 46.37 -18.92
C LEU AA 17 -48.13 47.81 -18.47
N ALA AA 18 -49.37 48.30 -18.50
CA ALA AA 18 -49.64 49.64 -18.01
C ALA AA 18 -49.46 49.71 -16.50
N ARG AA 19 -49.79 48.63 -15.80
CA ARG AA 19 -49.57 48.56 -14.36
C ARG AA 19 -48.09 48.42 -14.00
N THR AA 20 -47.22 48.20 -14.98
CA THR AA 20 -45.79 48.07 -14.77
C THR AA 20 -44.97 49.17 -15.43
N HIS AA 21 -45.49 49.78 -16.50
CA HIS AA 21 -44.77 50.80 -17.25
C HIS AA 21 -45.65 51.99 -17.62
N GLY AA 22 -46.81 52.15 -16.98
CA GLY AA 22 -47.77 53.15 -17.39
C GLY AA 22 -47.49 54.52 -16.79
N PHE AA 23 -48.35 55.47 -17.17
CA PHE AA 23 -48.18 56.85 -16.72
C PHE AA 23 -48.39 56.97 -15.22
N ARG AA 24 -49.42 56.31 -14.69
CA ARG AA 24 -49.68 56.38 -13.26
C ARG AA 24 -48.56 55.77 -12.44
N LEU AA 25 -47.87 54.78 -13.00
CA LEU AA 25 -46.78 54.14 -12.28
C LEU AA 25 -45.58 55.06 -12.17
N ARG AA 26 -45.33 55.87 -13.19
CA ARG AA 26 -44.17 56.75 -13.16
C ARG AA 26 -44.39 57.91 -12.20
N MET AA 27 -45.60 58.46 -12.16
CA MET AA 27 -45.90 59.60 -11.32
C MET AA 27 -45.97 59.25 -9.84
N SER AA 28 -45.87 57.97 -9.47
CA SER AA 28 -45.89 57.58 -8.08
C SER AA 28 -44.53 57.80 -7.42
N THR AA 29 -43.48 57.25 -8.02
CA THR AA 29 -42.14 57.33 -7.46
C THR AA 29 -41.46 58.63 -7.89
N THR AA 30 -40.40 58.98 -7.16
CA THR AA 30 -39.65 60.18 -7.48
C THR AA 30 -38.84 60.01 -8.76
N SER AA 31 -38.33 58.80 -8.99
CA SER AA 31 -37.54 58.54 -10.19
C SER AA 31 -38.38 58.67 -11.45
N GLY AA 32 -39.61 58.17 -11.43
CA GLY AA 32 -40.47 58.29 -12.58
C GLY AA 32 -40.87 59.72 -12.87
N ARG AA 33 -41.01 60.54 -11.84
CA ARG AA 33 -41.27 61.96 -12.06
C ARG AA 33 -40.08 62.64 -12.71
N ALA AA 34 -38.87 62.18 -12.38
CA ALA AA 34 -37.67 62.65 -13.06
C ALA AA 34 -37.49 61.99 -14.42
N LEU AA 35 -38.02 60.79 -14.61
CA LEU AA 35 -37.95 60.13 -15.91
C LEU AA 35 -38.65 60.95 -16.97
N LEU AA 36 -39.87 61.41 -16.66
CA LEU AA 36 -40.62 62.23 -17.60
C LEU AA 36 -39.95 63.57 -17.83
N LYS AA 37 -39.27 64.10 -16.80
CA LYS AA 37 -38.52 65.34 -16.97
C LYS AA 37 -37.42 65.17 -18.01
N ARG AA 38 -36.83 63.98 -18.09
CA ARG AA 38 -35.79 63.75 -19.08
C ARG AA 38 -36.38 63.61 -20.48
N ARG AA 39 -37.54 62.99 -20.60
CA ARG AA 39 -38.16 62.76 -21.90
C ARG AA 39 -38.84 64.01 -22.45
N ARG AA 40 -39.24 64.94 -21.59
CA ARG AA 40 -39.80 66.20 -22.05
C ARG AA 40 -38.71 67.14 -22.54
N ALA AA 41 -37.61 67.25 -21.79
CA ALA AA 41 -36.46 68.00 -22.27
C ALA AA 41 -35.88 67.38 -23.53
N LYS AA 42 -35.91 66.06 -23.63
CA LYS AA 42 -35.51 65.38 -24.86
C LYS AA 42 -36.44 65.77 -26.00
N GLY AA 43 -37.71 66.04 -25.70
CA GLY AA 43 -38.68 66.39 -26.72
C GLY AA 43 -39.39 65.22 -27.34
N ARG AA 44 -39.44 64.07 -26.67
CA ARG AA 44 -40.08 62.90 -27.23
C ARG AA 44 -41.59 63.12 -27.36
N LYS AA 45 -42.15 62.58 -28.44
CA LYS AA 45 -43.59 62.73 -28.67
C LYS AA 45 -44.39 61.88 -27.70
N ILE AA 46 -44.17 60.56 -27.73
CA ILE AA 46 -44.85 59.63 -26.85
C ILE AA 46 -43.98 59.48 -25.61
N LEU AA 47 -44.47 59.96 -24.48
CA LEU AA 47 -43.66 59.94 -23.26
C LEU AA 47 -43.61 58.56 -22.64
N CYS AA 48 -44.72 57.83 -22.67
CA CYS AA 48 -44.79 56.48 -22.14
C CYS AA 48 -45.37 55.57 -23.22
N THR AA 49 -44.52 54.69 -23.76
CA THR AA 49 -44.97 53.82 -24.85
C THR AA 49 -45.95 52.78 -24.35
N LYS AA 50 -45.72 52.23 -23.16
CA LYS AA 50 -46.57 51.18 -22.60
C LYS AA 50 -47.62 51.81 -21.69
N THR AA 51 -48.71 52.24 -22.32
CA THR AA 51 -49.84 52.81 -21.63
C THR AA 51 -51.09 52.64 -22.49
N ASN AA 52 -52.23 52.50 -21.83
CA ASN AA 52 -53.50 52.35 -22.52
C ASN AA 52 -54.60 52.91 -21.63
N PRO AA 53 -55.73 53.32 -22.20
CA PRO AA 53 -56.84 53.81 -21.39
C PRO AA 53 -57.58 52.65 -20.73
N SER AA 54 -58.58 53.02 -19.92
CA SER AA 54 -59.46 52.06 -19.29
C SER AA 54 -60.65 51.69 -20.16
N SER AA 55 -60.86 52.36 -21.29
CA SER AA 55 -62.00 52.10 -22.15
C SER AA 55 -61.61 52.45 -23.58
N GLY AA 56 -62.51 52.12 -24.50
CA GLY AA 56 -62.33 52.40 -25.91
C GLY AA 56 -61.77 51.21 -26.66
N LYS AA 57 -61.38 51.49 -27.91
CA LYS AA 57 -60.83 50.45 -28.77
C LYS AA 57 -59.51 49.89 -28.24
N ARG AA 58 -58.79 50.67 -27.43
CA ARG AA 58 -57.53 50.23 -26.87
C ARG AA 58 -57.69 49.32 -25.67
N ALA AA 59 -58.88 49.25 -25.07
CA ALA AA 59 -59.07 48.50 -23.84
C ALA AA 59 -58.80 47.02 -24.06
N SER AA 60 -58.00 46.44 -23.18
CA SER AA 60 -57.65 45.03 -23.28
C SER AA 60 -58.86 44.14 -23.01
N PRO AA 61 -59.72 44.45 -22.02
CA PRO AA 61 -60.93 43.62 -21.93
C PRO AA 61 -61.85 43.78 -23.15
N LYS BA 1 -3.69 84.85 -14.15
CA LYS BA 1 -4.86 84.41 -14.89
C LYS BA 1 -5.21 82.97 -14.55
N GLY BA 2 -4.28 82.06 -14.84
CA GLY BA 2 -4.48 80.64 -14.69
C GLY BA 2 -3.30 79.93 -14.07
N TYR BA 3 -2.82 78.89 -14.75
CA TYR BA 3 -1.77 78.06 -14.17
C TYR BA 3 -0.46 78.82 -14.10
N LYS BA 4 0.29 78.56 -13.03
CA LYS BA 4 1.64 79.07 -12.84
C LYS BA 4 2.54 77.90 -12.48
N MET BA 5 3.79 77.98 -12.91
CA MET BA 5 4.76 76.95 -12.58
C MET BA 5 4.95 76.88 -11.07
N LYS BA 6 5.07 75.65 -10.57
CA LYS BA 6 5.20 75.39 -9.14
C LYS BA 6 6.62 74.94 -8.82
N THR BA 7 7.12 75.36 -7.68
CA THR BA 7 8.47 75.01 -7.26
C THR BA 7 8.47 73.62 -6.63
N HIS BA 8 9.45 72.82 -7.00
CA HIS BA 8 9.62 71.48 -6.44
C HIS BA 8 10.32 71.62 -5.11
N LYS BA 9 9.53 71.55 -4.03
CA LYS BA 9 10.04 71.95 -2.71
C LYS BA 9 11.09 70.98 -2.18
N ALA BA 10 10.95 69.69 -2.47
CA ALA BA 10 11.95 68.74 -2.01
C ALA BA 10 13.32 69.01 -2.64
N SER BA 11 13.32 69.61 -3.83
CA SER BA 11 14.58 70.01 -4.46
C SER BA 11 15.05 71.36 -3.94
N ALA BA 12 14.11 72.26 -3.63
CA ALA BA 12 14.47 73.56 -3.10
C ALA BA 12 15.11 73.45 -1.71
N LYS BA 13 14.70 72.44 -0.93
CA LYS BA 13 15.28 72.22 0.39
C LYS BA 13 16.66 71.56 0.32
N ARG BA 14 17.18 71.28 -0.87
CA ARG BA 14 18.46 70.60 -1.03
C ARG BA 14 19.40 71.29 -2.01
N PHE BA 15 18.98 72.39 -2.62
CA PHE BA 15 19.82 73.12 -3.57
C PHE BA 15 19.57 74.61 -3.41
N ARG BA 16 20.64 75.39 -3.44
CA ARG BA 16 20.56 76.85 -3.39
C ARG BA 16 21.60 77.41 -4.35
N VAL BA 17 21.71 78.74 -4.38
CA VAL BA 17 22.47 79.46 -5.40
C VAL BA 17 23.46 80.39 -4.72
N THR BA 18 24.63 80.53 -5.34
CA THR BA 18 25.66 81.43 -4.85
C THR BA 18 25.38 82.84 -5.37
N GLY BA 19 26.36 83.74 -5.24
CA GLY BA 19 26.18 85.08 -5.75
C GLY BA 19 26.22 85.14 -7.26
N LYS BA 20 27.07 84.34 -7.89
CA LYS BA 20 27.23 84.37 -9.33
C LYS BA 20 26.21 83.52 -10.07
N GLY BA 21 25.71 82.46 -9.45
CA GLY BA 21 24.72 81.59 -10.06
C GLY BA 21 25.08 80.11 -10.05
N LYS BA 22 26.02 79.72 -9.19
CA LYS BA 22 26.40 78.32 -9.07
C LYS BA 22 25.43 77.59 -8.15
N ILE BA 23 25.07 76.37 -8.52
CA ILE BA 23 24.23 75.52 -7.71
C ILE BA 23 25.13 74.73 -6.77
N VAL BA 24 24.63 74.46 -5.57
CA VAL BA 24 25.39 73.81 -4.51
C VAL BA 24 24.53 72.77 -3.82
N ARG BA 25 25.19 71.88 -3.09
CA ARG BA 25 24.51 70.83 -2.34
C ARG BA 25 25.34 70.52 -1.10
N ARG BA 26 24.78 69.65 -0.26
CA ARG BA 26 25.49 69.10 0.89
C ARG BA 26 25.83 67.64 0.60
N ARG BA 27 27.07 67.27 0.88
CA ARG BA 27 27.50 65.89 0.65
C ARG BA 27 26.90 64.97 1.69
N ALA BA 28 26.63 63.73 1.29
CA ALA BA 28 25.87 62.78 2.09
C ALA BA 28 26.77 61.93 2.97
N GLY BA 29 26.16 61.30 3.97
CA GLY BA 29 26.84 60.38 4.84
C GLY BA 29 27.31 60.95 6.16
N LYS BA 30 26.58 61.90 6.73
CA LYS BA 30 26.98 62.57 7.98
C LYS BA 30 25.77 62.73 8.89
N GLN BA 31 25.03 61.63 9.10
CA GLN BA 31 23.86 61.66 9.97
C GLN BA 31 23.89 60.51 10.99
N HIS BA 32 24.55 59.40 10.66
CA HIS BA 32 24.70 58.33 11.62
C HIS BA 32 25.89 57.47 11.21
N LEU BA 33 26.40 56.70 12.18
CA LEU BA 33 27.56 55.84 12.01
C LEU BA 33 28.79 56.68 11.61
N LEU BA 34 29.10 57.64 12.47
CA LEU BA 34 30.26 58.51 12.28
C LEU BA 34 31.51 58.02 12.98
N ALA BA 35 31.37 57.07 13.91
CA ALA BA 35 32.54 56.60 14.67
C ALA BA 35 33.53 55.87 13.78
N LYS BA 36 33.04 55.03 12.87
CA LYS BA 36 33.91 54.27 11.99
C LYS BA 36 34.56 55.13 10.91
N LYS BA 37 34.13 56.38 10.75
CA LYS BA 37 34.68 57.26 9.73
C LYS BA 37 35.80 58.11 10.32
N ASN BA 38 36.82 58.38 9.50
CA ASN BA 38 37.93 59.21 9.91
C ASN BA 38 37.55 60.69 9.84
N THR BA 39 38.27 61.50 10.62
CA THR BA 39 38.02 62.94 10.62
C THR BA 39 38.27 63.55 9.24
N LYS BA 40 39.23 63.00 8.50
CA LYS BA 40 39.48 63.47 7.13
C LYS BA 40 38.26 63.23 6.26
N ARG BA 41 37.63 62.07 6.40
CA ARG BA 41 36.43 61.75 5.62
C ARG BA 41 35.26 62.61 6.04
N LYS BA 42 35.07 62.78 7.36
CA LYS BA 42 33.94 63.57 7.84
C LYS BA 42 34.10 65.04 7.49
N ASN BA 43 35.33 65.53 7.44
CA ASN BA 43 35.57 66.91 7.02
C ASN BA 43 35.14 67.12 5.57
N ARG BA 44 35.44 66.14 4.71
CA ARG BA 44 35.11 66.27 3.30
C ARG BA 44 33.60 66.38 3.09
N LEU BA 45 32.83 65.66 3.90
CA LEU BA 45 31.39 65.63 3.74
C LEU BA 45 30.73 66.87 4.33
N SER BA 46 31.36 67.52 5.30
CA SER BA 46 30.75 68.69 5.94
C SER BA 46 30.72 69.88 4.99
N LYS BA 47 31.72 69.98 4.11
CA LYS BA 47 31.84 71.16 3.26
C LYS BA 47 30.82 71.14 2.15
N LEU BA 48 30.41 72.34 1.74
CA LEU BA 48 29.59 72.50 0.55
C LEU BA 48 30.42 72.17 -0.69
N ILE BA 49 29.73 72.04 -1.82
CA ILE BA 49 30.40 71.70 -3.08
C ILE BA 49 29.45 72.04 -4.22
N GLN BA 50 30.03 72.36 -5.38
CA GLN BA 50 29.24 72.62 -6.56
C GLN BA 50 28.63 71.33 -7.08
N VAL BA 51 27.46 71.45 -7.67
CA VAL BA 51 26.71 70.30 -8.18
C VAL BA 51 27.24 69.94 -9.57
N ASP BA 52 27.15 68.66 -9.91
CA ASP BA 52 27.68 68.15 -11.16
C ASP BA 52 27.00 68.82 -12.35
N ARG BA 53 27.76 68.97 -13.43
CA ARG BA 53 27.25 69.63 -14.62
C ARG BA 53 26.14 68.81 -15.30
N SER BA 54 26.17 67.49 -15.14
CA SER BA 54 25.24 66.64 -15.87
C SER BA 54 23.84 66.67 -15.25
N ASP BA 55 23.71 67.06 -13.99
CA ASP BA 55 22.45 66.98 -13.27
C ASP BA 55 21.63 68.26 -13.34
N TYR BA 56 22.15 69.33 -13.93
CA TYR BA 56 21.41 70.59 -13.98
C TYR BA 56 20.14 70.46 -14.81
N ASP BA 57 20.11 69.54 -15.78
CA ASP BA 57 18.92 69.38 -16.60
C ASP BA 57 17.73 68.94 -15.77
N ASN BA 58 17.96 68.19 -14.70
CA ASN BA 58 16.88 67.76 -13.81
C ASN BA 58 16.57 68.79 -12.75
N VAL BA 59 17.57 69.52 -12.28
CA VAL BA 59 17.34 70.50 -11.20
C VAL BA 59 16.60 71.70 -11.73
N ILE BA 60 17.07 72.25 -12.85
CA ILE BA 60 16.46 73.48 -13.39
C ILE BA 60 15.04 73.21 -13.85
N GLY BA 61 14.79 72.02 -14.39
CA GLY BA 61 13.42 71.68 -14.79
C GLY BA 61 12.47 71.61 -13.61
N ALA BA 62 12.99 71.30 -12.43
CA ALA BA 62 12.17 71.22 -11.22
C ALA BA 62 12.07 72.55 -10.49
N LEU BA 63 13.05 73.44 -10.67
CA LEU BA 63 13.13 74.73 -9.99
C LEU BA 63 13.14 75.84 -11.02
N PRO BA 64 11.97 76.19 -11.59
CA PRO BA 64 11.98 77.18 -12.68
C PRO BA 64 12.22 78.60 -12.20
N TYR BA 65 11.86 78.92 -10.96
CA TYR BA 65 12.04 80.26 -10.41
C TYR BA 65 13.36 80.40 -9.65
N LEU BA 66 14.37 79.65 -10.09
CA LEU BA 66 15.66 79.56 -9.39
C LEU BA 66 16.72 80.11 -10.35
N LYS BA 67 17.13 81.36 -10.10
CA LYS BA 67 18.03 82.05 -11.01
C LYS BA 67 19.43 81.45 -10.94
N VAL BA 68 20.01 81.20 -12.11
CA VAL BA 68 21.32 80.58 -12.23
C VAL BA 68 22.06 81.23 -13.39
N ASN BA 69 23.32 80.83 -13.56
CA ASN BA 69 24.15 81.26 -14.67
C ASN BA 69 24.99 80.06 -15.08
N ARG BA 70 24.64 79.42 -16.20
CA ARG BA 70 25.35 78.24 -16.64
C ARG BA 70 26.75 78.55 -17.14
N LYS BA 71 27.05 79.82 -17.43
CA LYS BA 71 28.36 80.22 -17.94
C LYS BA 71 29.39 80.42 -16.84
N VAL BA 72 29.15 79.92 -15.63
CA VAL BA 72 30.10 80.04 -14.55
C VAL BA 72 29.95 78.86 -13.60
N MET CA 1 32.97 -13.19 -54.20
CA MET CA 1 34.21 -12.77 -53.49
C MET CA 1 33.91 -11.74 -52.40
N LYS CA 2 34.69 -11.79 -51.32
CA LYS CA 2 34.55 -10.82 -50.25
C LYS CA 2 35.10 -9.47 -50.70
N ILE CA 3 34.40 -8.42 -50.33
CA ILE CA 3 34.74 -7.06 -50.71
C ILE CA 3 35.07 -6.25 -49.46
N ARG CA 4 36.00 -5.31 -49.62
CA ARG CA 4 36.41 -4.44 -48.53
C ARG CA 4 36.94 -3.16 -49.15
N ALA CA 5 37.34 -2.23 -48.28
CA ALA CA 5 38.01 -1.01 -48.71
C ALA CA 5 39.53 -1.15 -48.70
N SER CA 6 40.07 -1.94 -47.76
CA SER CA 6 41.50 -2.18 -47.64
C SER CA 6 41.78 -3.60 -48.11
N VAL CA 7 42.25 -3.72 -49.34
CA VAL CA 7 42.57 -5.01 -49.95
C VAL CA 7 44.09 -5.14 -50.02
N ARG CA 8 44.59 -6.31 -49.63
CA ARG CA 8 46.02 -6.60 -49.73
C ARG CA 8 46.19 -8.09 -49.86
N PRO CA 9 47.39 -8.55 -50.23
CA PRO CA 9 47.63 -10.00 -50.27
C PRO CA 9 47.55 -10.61 -48.88
N ILE CA 10 47.05 -11.84 -48.83
CA ILE CA 10 46.99 -12.61 -47.58
C ILE CA 10 48.15 -13.59 -47.49
N CYS CA 11 48.36 -14.37 -48.55
CA CYS CA 11 49.43 -15.35 -48.63
C CYS CA 11 50.38 -14.97 -49.76
N GLU CA 12 51.35 -15.85 -50.03
CA GLU CA 12 52.35 -15.55 -51.04
C GLU CA 12 51.75 -15.59 -52.45
N LYS CA 13 50.85 -16.54 -52.70
CA LYS CA 13 50.31 -16.73 -54.04
C LYS CA 13 49.27 -15.67 -54.42
N CYS CA 14 48.91 -14.76 -53.52
CA CYS CA 14 47.94 -13.73 -53.84
C CYS CA 14 48.58 -12.66 -54.71
N ARG CA 15 48.01 -12.43 -55.87
CA ARG CA 15 48.49 -11.42 -56.82
C ARG CA 15 47.47 -10.29 -56.91
N LEU CA 16 47.97 -9.07 -57.03
CA LEU CA 16 47.14 -7.87 -57.09
C LEU CA 16 47.17 -7.34 -58.51
N ILE CA 17 46.00 -7.27 -59.14
CA ILE CA 17 45.85 -6.85 -60.53
C ILE CA 17 44.70 -5.87 -60.62
N ARG CA 18 44.87 -4.84 -61.44
CA ARG CA 18 43.81 -3.87 -61.71
C ARG CA 18 43.02 -4.31 -62.93
N ARG CA 19 41.69 -4.33 -62.80
CA ARG CA 19 40.80 -4.67 -63.90
C ARG CA 19 39.61 -3.72 -63.86
N ARG CA 20 39.43 -2.96 -64.93
CA ARG CA 20 38.30 -2.03 -65.06
C ARG CA 20 38.30 -1.00 -63.93
N GLY CA 21 39.48 -0.46 -63.66
CA GLY CA 21 39.61 0.56 -62.63
C GLY CA 21 39.28 0.07 -61.24
N ARG CA 22 39.63 -1.16 -60.92
CA ARG CA 22 39.36 -1.76 -59.62
C ARG CA 22 40.52 -2.65 -59.22
N ILE CA 23 41.09 -2.40 -58.05
CA ILE CA 23 42.17 -3.24 -57.53
C ILE CA 23 41.55 -4.54 -57.04
N ILE CA 24 42.03 -5.66 -57.59
CA ILE CA 24 41.45 -6.97 -57.35
C ILE CA 24 42.56 -7.93 -56.98
N VAL CA 25 42.26 -8.84 -56.05
CA VAL CA 25 43.18 -9.89 -55.63
C VAL CA 25 42.80 -11.18 -56.34
N ILE CA 26 43.79 -11.90 -56.85
CA ILE CA 26 43.59 -13.16 -57.54
C ILE CA 26 44.57 -14.17 -56.95
N CYS CA 27 44.05 -15.29 -56.49
CA CYS CA 27 44.86 -16.35 -55.92
C CYS CA 27 44.27 -17.70 -56.30
N SER CA 28 45.03 -18.76 -55.99
CA SER CA 28 44.54 -20.11 -56.20
C SER CA 28 43.46 -20.48 -55.20
N ASN CA 29 43.54 -19.94 -53.98
CA ASN CA 29 42.52 -20.18 -52.97
C ASN CA 29 41.28 -19.35 -53.31
N PRO CA 30 40.10 -19.96 -53.47
CA PRO CA 30 38.90 -19.14 -53.74
C PRO CA 30 38.54 -18.19 -52.61
N LYS CA 31 39.05 -18.40 -51.40
CA LYS CA 31 38.73 -17.50 -50.30
C LYS CA 31 39.47 -16.17 -50.43
N HIS CA 32 40.72 -16.22 -50.91
CA HIS CA 32 41.60 -15.06 -50.83
C HIS CA 32 41.37 -14.04 -51.95
N LYS CA 33 40.45 -14.28 -52.88
CA LYS CA 33 40.16 -13.29 -53.91
C LYS CA 33 39.28 -12.19 -53.33
N GLN CA 34 39.54 -10.96 -53.76
CA GLN CA 34 38.99 -9.77 -53.13
C GLN CA 34 38.51 -8.81 -54.20
N ARG CA 35 37.98 -7.66 -53.75
CA ARG CA 35 37.69 -6.54 -54.63
C ARG CA 35 37.51 -5.28 -53.81
N GLN CA 36 38.16 -4.20 -54.21
CA GLN CA 36 38.10 -2.96 -53.47
C GLN CA 36 36.78 -2.25 -53.72
N GLY CA 37 36.10 -1.89 -52.64
CA GLY CA 37 34.82 -1.22 -52.74
C GLY CA 37 33.69 -2.13 -53.17
N SER DA 1 29.11 13.19 -40.85
CA SER DA 1 28.11 13.55 -39.87
C SER DA 1 28.60 14.69 -38.99
N SER DA 2 29.86 14.59 -38.56
CA SER DA 2 30.48 15.59 -37.70
C SER DA 2 31.20 16.68 -38.49
N ARG DA 3 30.82 16.90 -39.75
CA ARG DA 3 31.38 17.94 -40.60
C ARG DA 3 30.30 18.94 -40.95
N PRO DA 4 30.36 20.21 -40.51
CA PRO DA 4 29.33 21.18 -40.93
C PRO DA 4 29.33 21.45 -42.43
N GLN DA 5 28.39 22.28 -42.87
CA GLN DA 5 28.08 22.43 -44.29
C GLN DA 5 28.67 23.69 -44.92
N LYS DA 6 28.99 24.70 -44.12
CA LYS DA 6 29.54 25.96 -44.62
C LYS DA 6 28.56 26.62 -45.60
N LYS DA 7 27.42 27.01 -45.04
CA LYS DA 7 26.25 27.41 -45.82
C LYS DA 7 26.06 28.91 -45.93
N GLY DA 8 26.39 29.67 -44.89
CA GLY DA 8 26.08 31.09 -44.88
C GLY DA 8 27.09 31.95 -45.61
N THR DA 9 27.53 33.03 -44.97
CA THR DA 9 28.50 33.93 -45.57
C THR DA 9 29.83 33.24 -45.82
N ALA DA 10 30.14 32.18 -45.08
CA ALA DA 10 31.37 31.42 -45.33
C ALA DA 10 31.37 30.80 -46.72
N HIS DA 11 30.19 30.51 -47.28
CA HIS DA 11 30.11 30.01 -48.64
C HIS DA 11 30.68 31.02 -49.63
N HIS DA 12 30.58 32.31 -49.32
CA HIS DA 12 31.14 33.34 -50.19
C HIS DA 12 32.66 33.38 -50.08
N MET DA 13 33.17 33.34 -48.84
CA MET DA 13 34.62 33.40 -48.63
C MET DA 13 35.32 32.22 -49.27
N LYS DA 14 34.69 31.05 -49.24
CA LYS DA 14 35.31 29.84 -49.79
C LYS DA 14 35.19 29.79 -51.31
N THR DA 15 34.09 30.30 -51.86
CA THR DA 15 33.75 30.09 -53.25
C THR DA 15 33.87 31.33 -54.13
N ARG DA 16 34.32 32.45 -53.59
CA ARG DA 16 34.40 33.64 -54.41
C ARG DA 16 35.54 33.49 -55.42
N PRO DA 17 35.49 34.20 -56.55
CA PRO DA 17 36.57 34.09 -57.52
C PRO DA 17 37.89 34.61 -56.97
N LYS DA 18 38.95 33.87 -57.21
CA LYS DA 18 40.30 34.28 -56.88
C LYS DA 18 41.22 33.91 -58.04
N LYS DA 19 42.37 34.56 -58.08
CA LYS DA 19 43.37 34.30 -59.11
C LYS DA 19 44.45 33.34 -58.63
N THR DA 20 45.14 33.71 -57.54
CA THR DA 20 46.21 32.89 -56.98
C THR DA 20 47.27 32.58 -58.05
N ALA DA 21 47.86 33.65 -58.57
CA ALA DA 21 48.80 33.52 -59.68
C ALA DA 21 49.65 34.78 -59.76
N ARG DA 22 50.96 34.63 -59.60
CA ARG DA 22 51.85 35.77 -59.72
C ARG DA 22 51.85 36.34 -61.13
N TRP DA 23 51.65 35.50 -62.14
CA TRP DA 23 51.70 35.98 -63.52
C TRP DA 23 50.46 36.77 -63.89
N ASP DA 24 49.34 36.55 -63.19
CA ASP DA 24 48.09 37.24 -63.49
C ASP DA 24 47.87 38.44 -62.57
N ILE DA 25 48.31 38.34 -61.31
CA ILE DA 25 48.12 39.43 -60.37
C ILE DA 25 49.13 40.54 -60.62
N LYS DA 26 50.35 40.18 -61.02
CA LYS DA 26 51.39 41.17 -61.26
C LYS DA 26 51.08 42.09 -62.44
N ARG DA 27 50.14 41.71 -63.31
CA ARG DA 27 49.87 42.47 -64.52
C ARG DA 27 49.31 43.85 -64.18
N GLY DA 28 49.21 44.67 -65.22
CA GLY DA 28 48.67 46.00 -65.10
C GLY DA 28 48.29 46.55 -66.46
N PRO DA 29 47.87 47.82 -66.51
CA PRO DA 29 47.52 48.43 -67.79
C PRO DA 29 48.72 48.50 -68.72
N ALA DA 30 48.42 48.56 -70.02
CA ALA DA 30 49.45 48.68 -71.02
C ALA DA 30 49.91 50.13 -71.14
N VAL DA 31 51.20 50.30 -71.42
CA VAL DA 31 51.84 51.61 -71.47
C VAL DA 31 52.15 51.94 -72.92
N TYR DA 32 51.66 53.10 -73.37
CA TYR DA 32 51.97 53.65 -74.67
C TYR DA 32 52.60 55.03 -74.49
N PRO DA 33 53.33 55.53 -75.48
CA PRO DA 33 53.90 56.88 -75.35
C PRO DA 33 52.79 57.92 -75.34
N PRO DA 34 53.06 59.14 -74.85
CA PRO DA 34 52.06 60.19 -74.93
C PRO DA 34 51.98 60.79 -76.33
N LEU DA 35 50.79 61.27 -76.68
CA LEU DA 35 50.57 61.83 -77.99
C LEU DA 35 51.19 63.23 -78.05
N PRO DA 36 51.33 63.80 -79.25
CA PRO DA 36 51.85 65.16 -79.34
C PRO DA 36 50.87 66.16 -78.77
N PRO DA 37 51.28 67.43 -78.57
CA PRO DA 37 50.31 68.44 -78.16
C PRO DA 37 49.28 68.72 -79.25
N LEU DA 38 48.03 68.40 -78.98
CA LEU DA 38 46.97 68.58 -79.95
C LEU DA 38 46.47 70.02 -79.94
N PRO DA 39 45.81 70.47 -81.01
CA PRO DA 39 45.24 71.82 -81.02
C PRO DA 39 43.93 71.85 -80.21
N ALA DA 40 43.39 73.04 -80.08
CA ALA DA 40 42.12 73.20 -79.39
C ALA DA 40 40.99 72.59 -80.21
N GLU DA 41 39.81 72.51 -79.59
CA GLU DA 41 38.66 71.91 -80.23
C GLU DA 41 37.85 72.90 -81.05
N TRP DA 42 37.84 74.17 -80.66
CA TRP DA 42 37.06 75.18 -81.37
C TRP DA 42 37.77 76.52 -81.25
N THR DA 43 37.51 77.38 -82.24
CA THR DA 43 38.10 78.72 -82.29
C THR DA 43 37.16 79.63 -83.04
N ILE DA 44 36.96 80.82 -82.52
CA ILE DA 44 35.98 81.76 -83.07
C ILE DA 44 36.63 82.60 -84.15
N VAL DA 45 35.88 82.84 -85.22
CA VAL DA 45 36.24 83.78 -86.27
C VAL DA 45 35.42 85.04 -86.06
N SER DA 46 35.97 86.19 -86.48
CA SER DA 46 35.31 87.47 -86.29
C SER DA 46 33.93 87.50 -86.92
N SER DA 47 32.90 87.59 -86.09
CA SER DA 47 31.52 87.60 -86.56
C SER DA 47 30.57 88.08 -85.47
N SER EA 1 -107.73 20.11 10.83
CA SER EA 1 -106.68 20.80 11.57
C SER EA 1 -105.30 20.44 11.01
N LYS EA 2 -105.04 19.13 10.92
CA LYS EA 2 -103.75 18.66 10.43
C LYS EA 2 -103.65 18.76 8.91
N LEU EA 3 -104.80 18.72 8.21
CA LEU EA 3 -104.78 18.86 6.76
C LEU EA 3 -104.28 20.24 6.34
N GLN EA 4 -104.49 21.25 7.17
CA GLN EA 4 -103.98 22.59 6.87
C GLN EA 4 -102.46 22.58 6.80
N LEU EA 5 -101.81 21.90 7.74
CA LEU EA 5 -100.35 21.86 7.74
C LEU EA 5 -99.82 21.08 6.55
N LYS EA 6 -100.36 19.88 6.33
CA LYS EA 6 -99.90 19.05 5.23
C LYS EA 6 -100.15 19.72 3.88
N LEU EA 7 -101.29 20.40 3.74
CA LEU EA 7 -101.61 21.06 2.49
C LEU EA 7 -100.68 22.25 2.24
N GLU EA 8 -100.43 23.06 3.28
CA GLU EA 8 -99.55 24.21 3.13
C GLU EA 8 -98.09 23.78 3.04
N GLN EA 9 -97.73 22.65 3.63
CA GLN EA 9 -96.35 22.18 3.58
C GLN EA 9 -95.95 21.83 2.15
N LYS EA 10 -96.85 21.18 1.40
CA LYS EA 10 -96.53 20.80 0.03
C LYS EA 10 -96.42 22.01 -0.88
N ILE EA 11 -97.28 23.02 -0.67
CA ILE EA 11 -97.19 24.24 -1.44
C ILE EA 11 -95.91 24.99 -1.10
N LYS EA 12 -95.52 24.96 0.17
CA LYS EA 12 -94.27 25.59 0.57
C LYS EA 12 -93.07 24.93 -0.09
N MET EA 13 -93.12 23.61 -0.25
CA MET EA 13 -92.04 22.89 -0.93
C MET EA 13 -92.11 23.04 -2.44
N LYS EA 14 -93.32 23.16 -3.01
CA LYS EA 14 -93.44 23.28 -4.46
C LYS EA 14 -92.82 24.59 -4.94
N MET EA 15 -93.05 25.69 -4.21
CA MET EA 15 -92.50 26.97 -4.61
C MET EA 15 -90.98 26.96 -4.51
N ALA EA 16 -90.44 26.42 -3.42
CA ALA EA 16 -88.99 26.27 -3.30
C ALA EA 16 -88.45 25.31 -4.35
N LYS EA 17 -89.15 24.19 -4.55
CA LYS EA 17 -88.76 23.25 -5.60
C LYS EA 17 -88.82 23.91 -6.97
N LYS EA 18 -89.80 24.80 -7.17
CA LYS EA 18 -89.92 25.50 -8.44
C LYS EA 18 -88.76 26.45 -8.65
N ILE EA 19 -88.41 27.22 -7.61
CA ILE EA 19 -87.32 28.18 -7.71
C ILE EA 19 -85.97 27.47 -7.71
N ARG EA 20 -85.87 26.35 -6.98
CA ARG EA 20 -84.59 25.65 -6.88
C ARG EA 20 -84.17 25.08 -8.23
N LEU EA 21 -85.11 24.49 -8.98
CA LEU EA 21 -84.77 23.96 -10.29
C LEU EA 21 -84.47 25.07 -11.28
N ARG EA 22 -85.21 26.19 -11.18
CA ARG EA 22 -84.90 27.35 -12.01
C ARG EA 22 -83.50 27.88 -11.70
N ARG EA 23 -83.09 27.80 -10.44
CA ARG EA 23 -81.74 28.23 -10.07
C ARG EA 23 -80.70 27.33 -10.70
N ASN EA 24 -80.88 26.02 -10.60
CA ASN EA 24 -79.92 25.08 -11.17
C ASN EA 24 -79.92 25.14 -12.69
N ARG EA 25 -81.02 25.57 -13.31
CA ARG EA 25 -81.07 25.64 -14.76
C ARG EA 25 -80.27 26.82 -15.28
N LEU EA 26 -80.41 27.99 -14.65
CA LEU EA 26 -79.68 29.17 -15.10
C LEU EA 26 -78.18 29.02 -14.86
N MET EA 27 -77.79 28.42 -13.74
CA MET EA 27 -76.38 28.19 -13.48
C MET EA 27 -75.78 27.23 -14.50
N ARG EA 28 -76.60 26.30 -15.01
CA ARG EA 28 -76.14 25.44 -16.10
C ARG EA 28 -75.92 26.24 -17.38
N LYS EA 29 -76.74 27.27 -17.60
CA LYS EA 29 -76.53 28.14 -18.76
C LYS EA 29 -75.29 28.98 -18.58
N ARG EA 30 -75.10 29.56 -17.38
CA ARG EA 30 -73.91 30.35 -17.11
C ARG EA 30 -72.65 29.50 -17.16
N LYS EA 31 -72.77 28.21 -16.85
CA LYS EA 31 -71.60 27.33 -16.84
C LYS EA 31 -71.06 27.11 -18.23
N LEU EA 32 -71.89 26.54 -19.11
CA LEU EA 32 -71.44 26.23 -20.47
C LEU EA 32 -71.24 27.49 -21.32
N ARG EA 33 -71.88 28.60 -20.97
CA ARG EA 33 -71.64 29.83 -21.69
C ARG EA 33 -70.21 30.31 -21.48
N LYS EA 34 -69.68 30.13 -20.26
CA LYS EA 34 -68.27 30.42 -20.02
C LYS EA 34 -67.38 29.46 -20.80
N ARG EA 35 -67.80 28.20 -20.90
CA ARG EA 35 -67.05 27.24 -21.70
C ARG EA 35 -67.08 27.61 -23.18
N GLY EA 36 -68.13 28.31 -23.62
CA GLY EA 36 -68.24 28.74 -24.99
C GLY EA 36 -68.90 27.74 -25.91
N ALA EA 37 -69.88 26.97 -25.42
CA ALA EA 37 -70.51 25.94 -26.21
C ALA EA 37 -72.02 25.85 -25.96
N TRP EA 38 -72.65 26.91 -25.48
CA TRP EA 38 -74.07 26.84 -25.17
C TRP EA 38 -74.99 26.92 -26.38
N PRO EA 39 -74.86 27.92 -27.27
CA PRO EA 39 -75.91 28.17 -28.28
C PRO EA 39 -76.10 26.96 -29.18
N PRO EA 40 -77.27 26.29 -29.13
CA PRO EA 40 -77.45 25.09 -29.96
C PRO EA 40 -77.37 25.35 -31.45
N SER EA 41 -77.66 26.58 -31.89
CA SER EA 41 -77.48 26.91 -33.30
C SER EA 41 -76.03 26.78 -33.72
N LYS EA 42 -75.10 27.02 -32.78
CA LYS EA 42 -73.69 26.85 -33.05
C LYS EA 42 -73.24 25.41 -32.84
N MET EA 43 -73.94 24.65 -31.99
CA MET EA 43 -73.54 23.29 -31.68
C MET EA 43 -73.99 22.31 -32.76
N LYS EA 44 -75.21 22.46 -33.26
CA LYS EA 44 -75.69 21.56 -34.31
C LYS EA 44 -74.85 21.69 -35.58
N LYS EA 45 -74.27 22.85 -35.82
CA LYS EA 45 -73.32 22.99 -36.92
C LYS EA 45 -72.00 22.31 -36.62
N LEU EA 46 -71.68 22.09 -35.34
CA LEU EA 46 -70.45 21.43 -34.91
C LEU EA 46 -70.72 20.08 -34.26
N LYS EA 47 -71.82 19.44 -34.65
CA LYS EA 47 -72.16 18.13 -34.09
C LYS EA 47 -71.25 17.05 -34.65
N ASN EA 48 -70.86 17.17 -35.92
CA ASN EA 48 -70.01 16.19 -36.61
C ASN EA 48 -68.73 16.91 -37.01
N VAL EA 49 -67.76 16.92 -36.12
CA VAL EA 49 -66.52 17.63 -36.35
C VAL EA 49 -65.43 17.11 -35.41
N ALA GA 1 19.19 23.47 -2.83
CA ALA GA 1 19.52 22.19 -3.42
C ALA GA 1 20.74 22.30 -4.31
N THR GA 2 21.90 22.49 -3.69
CA THR GA 2 23.15 22.61 -4.42
C THR GA 2 23.57 21.24 -4.96
N MET GA 3 24.53 21.26 -5.89
CA MET GA 3 24.98 20.03 -6.53
C MET GA 3 25.65 19.10 -5.52
N GLU GA 4 26.36 19.67 -4.54
CA GLU GA 4 26.99 18.85 -3.52
C GLU GA 4 25.96 18.12 -2.67
N GLU GA 5 24.77 18.71 -2.51
CA GLU GA 5 23.71 18.05 -1.75
C GLU GA 5 23.06 16.95 -2.57
N VAL GA 6 22.90 17.17 -3.87
CA VAL GA 6 22.29 16.15 -4.74
C VAL GA 6 23.18 14.93 -4.82
N GLU GA 7 24.50 15.12 -4.91
CA GLU GA 7 25.43 14.00 -4.97
C GLU GA 7 25.39 13.19 -3.67
N ALA GA 8 25.36 13.88 -2.53
CA ALA GA 8 25.32 13.19 -1.25
C ALA GA 8 24.02 12.42 -1.09
N GLU GA 9 22.88 13.09 -1.30
CA GLU GA 9 21.59 12.41 -1.18
C GLU GA 9 21.45 11.31 -2.21
N LYS GA 10 22.09 11.45 -3.38
CA LYS GA 10 22.12 10.38 -4.36
C LYS GA 10 23.01 9.24 -3.86
N SER GA 11 24.17 9.57 -3.30
CA SER GA 11 25.12 8.53 -2.87
C SER GA 11 24.56 7.72 -1.71
N LEU GA 12 23.89 8.39 -0.76
CA LEU GA 12 23.33 7.67 0.38
C LEU GA 12 22.26 6.68 -0.07
N ILE GA 13 21.25 7.16 -0.78
CA ILE GA 13 20.11 6.33 -1.17
C ILE GA 13 20.53 5.26 -2.17
N GLU GA 14 21.43 5.59 -3.09
CA GLU GA 14 21.78 4.64 -4.14
C GLU GA 14 22.56 3.45 -3.60
N THR GA 15 23.47 3.70 -2.66
CA THR GA 15 24.27 2.61 -2.09
C THR GA 15 23.40 1.64 -1.29
N ASN GA 16 22.35 2.15 -0.64
CA ASN GA 16 21.41 1.26 0.03
C ASN GA 16 20.72 0.33 -0.97
N THR GA 17 20.48 0.80 -2.19
CA THR GA 17 19.89 -0.05 -3.21
C THR GA 17 20.87 -1.12 -3.65
N LYS GA 18 22.02 -0.71 -4.20
CA LYS GA 18 22.99 -1.65 -4.75
C LYS GA 18 23.43 -2.68 -3.72
N GLN GA 19 23.65 -2.24 -2.49
CA GLN GA 19 23.95 -3.19 -1.41
C GLN GA 19 22.75 -4.09 -1.10
N ARG GA 20 21.53 -3.63 -1.40
CA ARG GA 20 20.34 -4.44 -1.21
C ARG GA 20 20.00 -5.28 -2.43
N MET GA 21 20.35 -4.81 -3.63
CA MET GA 21 20.12 -5.61 -4.83
C MET GA 21 20.99 -6.86 -4.83
N GLU GA 22 22.25 -6.73 -4.40
CA GLU GA 22 23.15 -7.87 -4.38
C GLU GA 22 22.69 -8.92 -3.39
N LYS GA 23 22.05 -8.51 -2.29
CA LYS GA 23 21.51 -9.48 -1.34
C LYS GA 23 20.40 -10.31 -1.99
N THR GA 24 19.53 -9.66 -2.76
CA THR GA 24 18.43 -10.38 -3.41
C THR GA 24 18.96 -11.37 -4.44
N ILE GA 25 19.82 -10.90 -5.35
CA ILE GA 25 20.32 -11.77 -6.42
C ILE GA 25 21.10 -12.95 -5.84
N GLU GA 26 21.75 -12.76 -4.70
CA GLU GA 26 22.46 -13.86 -4.06
C GLU GA 26 21.49 -14.87 -3.48
N THR GA 27 20.45 -14.39 -2.79
CA THR GA 27 19.48 -15.29 -2.18
C THR GA 27 18.55 -15.90 -3.22
N ILE GA 28 18.26 -15.17 -4.30
CA ILE GA 28 17.40 -15.71 -5.34
C ILE GA 28 18.06 -16.90 -6.03
N ARG GA 29 19.38 -16.83 -6.24
CA ARG GA 29 20.10 -17.97 -6.79
C ARG GA 29 20.05 -19.18 -5.85
N SER GA 30 20.04 -18.94 -4.54
CA SER GA 30 19.93 -20.04 -3.59
C SER GA 30 18.55 -20.69 -3.68
N ASN GA 31 17.52 -19.93 -4.01
CA ASN GA 31 16.18 -20.50 -4.14
C ASN GA 31 16.10 -21.45 -5.32
N PHE GA 32 16.90 -21.22 -6.36
CA PHE GA 32 16.91 -22.13 -7.50
C PHE GA 32 17.61 -23.44 -7.17
N ASN GA 33 18.75 -23.37 -6.48
CA ASN GA 33 19.50 -24.57 -6.14
C ASN GA 33 18.73 -25.47 -5.18
N SER GA 34 17.83 -24.92 -4.38
CA SER GA 34 17.01 -25.71 -3.48
C SER GA 34 15.90 -26.48 -4.19
N VAL GA 35 15.69 -26.24 -5.49
CA VAL GA 35 14.67 -26.98 -6.21
C VAL GA 35 15.13 -28.41 -6.48
N ARG GA 36 16.44 -28.61 -6.69
CA ARG GA 36 17.05 -29.93 -6.78
C ARG GA 36 16.44 -30.74 -7.93
N THR GA 37 16.72 -30.25 -9.15
CA THR GA 37 16.21 -30.87 -10.37
C THR GA 37 17.17 -31.95 -10.89
N ASN GA 38 17.46 -32.91 -10.00
CA ASN GA 38 18.18 -34.16 -10.24
C ASN GA 38 19.31 -34.07 -11.27
N ARG GA 39 20.09 -33.00 -11.23
CA ARG GA 39 21.21 -32.84 -12.14
C ARG GA 39 22.44 -33.57 -11.62
N ALA GA 40 22.90 -33.18 -10.43
CA ALA GA 40 24.03 -33.83 -9.78
C ALA GA 40 23.99 -33.45 -8.31
N SER GA 41 24.35 -34.40 -7.45
CA SER GA 41 24.15 -34.26 -6.01
C SER GA 41 25.43 -34.58 -5.23
N PRO GA 42 26.45 -33.73 -5.32
CA PRO GA 42 27.43 -33.66 -4.22
C PRO GA 42 26.94 -32.85 -3.03
N THR GA 43 25.82 -32.15 -3.15
CA THR GA 43 25.36 -31.19 -2.16
C THR GA 43 24.20 -31.67 -1.32
N MET GA 44 23.32 -32.51 -1.87
CA MET GA 44 22.12 -32.94 -1.16
C MET GA 44 22.49 -33.76 0.09
N LEU GA 45 23.46 -34.66 -0.05
CA LEU GA 45 23.85 -35.54 1.05
C LEU GA 45 24.66 -34.83 2.13
N ASP GA 46 24.99 -33.55 1.96
CA ASP GA 46 25.83 -32.86 2.94
C ASP GA 46 25.07 -32.52 4.21
N ARG GA 47 23.81 -32.12 4.09
CA ARG GA 47 23.04 -31.67 5.24
C ARG GA 47 22.54 -32.81 6.12
N ILE GA 48 22.63 -34.06 5.66
CA ILE GA 48 22.15 -35.21 6.41
C ILE GA 48 23.25 -35.65 7.37
N GLU GA 49 22.91 -35.68 8.66
CA GLU GA 49 23.84 -36.09 9.71
C GLU GA 49 23.49 -37.50 10.19
N VAL GA 50 24.44 -38.12 10.89
CA VAL GA 50 24.28 -39.47 11.41
C VAL GA 50 24.91 -39.54 12.79
N GLU GA 51 24.52 -40.58 13.54
CA GLU GA 51 25.00 -40.80 14.90
C GLU GA 51 26.15 -41.79 14.86
N TYR GA 52 27.28 -41.42 15.45
CA TYR GA 52 28.49 -42.24 15.47
C TYR GA 52 29.09 -42.17 16.87
N TYR GA 53 28.84 -43.21 17.67
CA TYR GA 53 29.32 -43.27 19.05
C TYR GA 53 28.83 -42.07 19.85
N GLY GA 54 27.52 -41.83 19.80
CA GLY GA 54 26.93 -40.75 20.56
C GLY GA 54 27.33 -39.36 20.11
N THR GA 55 27.62 -39.19 18.83
CA THR GA 55 28.06 -37.90 18.30
C THR GA 55 27.35 -37.66 16.97
N PRO GA 56 26.41 -36.69 16.88
CA PRO GA 56 25.89 -36.33 15.56
C PRO GA 56 26.97 -35.75 14.66
N VAL GA 57 27.31 -36.47 13.59
CA VAL GA 57 28.37 -36.07 12.67
C VAL GA 57 27.82 -36.14 11.25
N SER GA 58 28.28 -35.22 10.41
CA SER GA 58 27.83 -35.18 9.03
C SER GA 58 28.31 -36.42 8.27
N LEU GA 59 27.63 -36.71 7.16
CA LEU GA 59 28.02 -37.85 6.33
C LEU GA 59 29.37 -37.60 5.67
N LYS GA 60 29.71 -36.34 5.41
CA LYS GA 60 30.96 -36.03 4.73
C LYS GA 60 32.17 -36.48 5.52
N SER GA 61 32.10 -36.40 6.85
CA SER GA 61 33.23 -36.82 7.69
C SER GA 61 33.29 -38.33 7.88
N ILE GA 62 32.18 -39.03 7.72
CA ILE GA 62 32.13 -40.47 7.97
C ILE GA 62 32.42 -41.25 6.70
N ALA GA 63 32.04 -40.73 5.54
CA ALA GA 63 32.19 -41.44 4.28
C ALA GA 63 32.45 -40.45 3.15
N GLN GA 64 32.77 -41.00 1.99
CA GLN GA 64 33.04 -40.23 0.79
C GLN GA 64 31.83 -40.25 -0.14
N ILE GA 65 31.67 -39.17 -0.89
CA ILE GA 65 30.58 -39.01 -1.85
C ILE GA 65 31.19 -38.95 -3.24
N SER GA 66 30.93 -39.96 -4.05
CA SER GA 66 31.40 -40.02 -5.43
C SER GA 66 30.22 -40.18 -6.37
N THR GA 67 30.23 -39.42 -7.46
CA THR GA 67 29.14 -39.39 -8.43
C THR GA 67 29.57 -40.09 -9.73
N PRO GA 68 29.46 -41.42 -9.80
CA PRO GA 68 29.83 -42.09 -11.07
C PRO GA 68 28.90 -41.75 -12.22
N ASP GA 69 27.68 -41.29 -11.94
CA ASP GA 69 26.75 -40.90 -12.99
C ASP GA 69 25.86 -39.79 -12.44
N ALA GA 70 25.34 -38.97 -13.35
CA ALA GA 70 24.51 -37.84 -12.95
C ALA GA 70 23.25 -38.30 -12.24
N SER GA 71 22.68 -39.44 -12.64
CA SER GA 71 21.44 -39.95 -12.09
C SER GA 71 21.66 -41.01 -11.02
N SER GA 72 22.77 -40.93 -10.30
CA SER GA 72 23.06 -41.91 -9.24
C SER GA 72 24.08 -41.29 -8.29
N LEU GA 73 24.49 -42.08 -7.30
CA LEU GA 73 25.42 -41.63 -6.28
C LEU GA 73 25.92 -42.85 -5.54
N LEU GA 74 27.19 -42.78 -5.12
CA LEU GA 74 27.86 -43.88 -4.43
C LEU GA 74 28.43 -43.37 -3.11
N ILE GA 75 28.19 -44.12 -2.04
CA ILE GA 75 28.69 -43.79 -0.70
C ILE GA 75 29.60 -44.93 -0.26
N SER GA 76 30.84 -44.60 0.08
CA SER GA 76 31.85 -45.57 0.50
C SER GA 76 32.10 -45.42 2.00
N PRO GA 77 31.30 -46.05 2.85
CA PRO GA 77 31.53 -45.89 4.30
C PRO GA 77 32.76 -46.66 4.75
N TYR GA 78 33.58 -45.99 5.56
CA TYR GA 78 34.79 -46.63 6.09
C TYR GA 78 34.45 -47.64 7.17
N ASP GA 79 33.34 -47.46 7.88
CA ASP GA 79 32.92 -48.34 8.96
C ASP GA 79 31.60 -48.99 8.59
N LYS GA 80 31.56 -50.33 8.68
CA LYS GA 80 30.33 -51.05 8.36
C LYS GA 80 29.25 -50.80 9.42
N SER GA 81 29.65 -50.57 10.67
CA SER GA 81 28.68 -50.25 11.71
C SER GA 81 27.96 -48.94 11.41
N SER GA 82 28.65 -48.00 10.75
CA SER GA 82 28.05 -46.74 10.38
C SER GA 82 27.23 -46.81 9.10
N LEU GA 83 27.26 -47.93 8.39
CA LEU GA 83 26.53 -48.04 7.12
C LEU GA 83 25.02 -48.00 7.36
N LYS GA 84 24.54 -48.73 8.37
CA LYS GA 84 23.10 -48.76 8.64
C LYS GA 84 22.60 -47.41 9.13
N ALA GA 85 23.43 -46.68 9.89
CA ALA GA 85 23.02 -45.36 10.36
C ALA GA 85 22.79 -44.41 9.21
N ILE GA 86 23.54 -44.59 8.11
CA ILE GA 86 23.34 -43.74 6.94
C ILE GA 86 22.00 -44.04 6.28
N GLU GA 87 21.62 -45.33 6.25
CA GLU GA 87 20.35 -45.70 5.63
C GLU GA 87 19.17 -45.16 6.42
N LYS GA 88 19.28 -45.11 7.75
CA LYS GA 88 18.21 -44.57 8.57
C LYS GA 88 18.01 -43.08 8.31
N ALA GA 89 19.11 -42.32 8.27
CA ALA GA 89 19.01 -40.87 8.16
C ALA GA 89 18.43 -40.45 6.82
N ILE GA 90 18.77 -41.16 5.75
CA ILE GA 90 18.28 -40.79 4.42
C ILE GA 90 16.78 -40.98 4.34
N VAL GA 91 16.26 -42.04 4.95
CA VAL GA 91 14.83 -42.31 4.90
C VAL GA 91 14.06 -41.36 5.81
N THR GA 92 14.57 -41.15 7.02
CA THR GA 92 13.92 -40.24 7.95
C THR GA 92 13.98 -38.80 7.46
N SER GA 93 15.01 -38.45 6.66
CA SER GA 93 15.07 -37.13 6.07
C SER GA 93 13.95 -36.88 5.09
N GLN GA 94 13.39 -37.94 4.49
CA GLN GA 94 12.27 -37.84 3.56
C GLN GA 94 12.64 -36.97 2.36
N LEU GA 95 13.75 -37.32 1.71
CA LEU GA 95 14.19 -36.58 0.52
C LEU GA 95 13.37 -36.99 -0.70
N GLY GA 96 13.03 -38.26 -0.82
CA GLY GA 96 12.24 -38.77 -1.94
C GLY GA 96 13.02 -39.75 -2.79
N VAL GA 97 13.93 -40.50 -2.17
CA VAL GA 97 14.77 -41.47 -2.87
C VAL GA 97 14.80 -42.75 -2.05
N SER GA 98 14.88 -43.88 -2.76
CA SER GA 98 14.88 -45.19 -2.12
C SER GA 98 16.30 -45.75 -2.14
N PRO GA 99 17.07 -45.61 -1.05
CA PRO GA 99 18.45 -46.14 -1.08
C PRO GA 99 18.49 -47.65 -1.07
N ASN GA 100 19.51 -48.19 -1.73
CA ASN GA 100 19.75 -49.63 -1.80
C ASN GA 100 21.09 -49.94 -1.15
N ASN GA 101 21.40 -51.23 -1.06
CA ASN GA 101 22.64 -51.69 -0.45
C ASN GA 101 23.14 -52.92 -1.18
N ASP GA 102 24.47 -53.00 -1.35
CA ASP GA 102 25.13 -54.14 -1.95
C ASP GA 102 26.02 -54.89 -0.96
N GLY GA 103 25.75 -54.74 0.34
CA GLY GA 103 26.54 -55.36 1.37
C GLY GA 103 27.78 -54.60 1.78
N GLU GA 104 28.26 -53.66 0.96
CA GLU GA 104 29.47 -52.91 1.24
C GLU GA 104 29.23 -51.40 1.15
N VAL GA 105 28.37 -50.98 0.21
CA VAL GA 105 28.17 -49.57 -0.10
C VAL GA 105 26.67 -49.31 -0.26
N ILE GA 106 26.34 -48.02 -0.35
CA ILE GA 106 24.97 -47.54 -0.52
C ILE GA 106 24.91 -46.80 -1.85
N ARG GA 107 23.95 -47.16 -2.69
CA ARG GA 107 23.78 -46.57 -4.01
C ARG GA 107 22.41 -45.92 -4.10
N LEU GA 108 22.39 -44.67 -4.55
CA LEU GA 108 21.16 -43.94 -4.83
C LEU GA 108 20.91 -43.93 -6.33
N SER GA 109 19.66 -43.67 -6.70
CA SER GA 109 19.25 -43.60 -8.10
C SER GA 109 18.18 -42.54 -8.24
N LEU GA 110 18.56 -41.36 -8.70
CA LEU GA 110 17.60 -40.29 -8.90
C LEU GA 110 16.61 -40.70 -9.99
N PRO GA 111 15.30 -40.48 -9.80
CA PRO GA 111 14.34 -40.98 -10.78
C PRO GA 111 14.38 -40.15 -12.05
N PRO GA 112 13.73 -40.61 -13.12
CA PRO GA 112 13.68 -39.80 -14.34
C PRO GA 112 12.67 -38.67 -14.23
N LEU GA 113 12.66 -37.83 -15.25
CA LEU GA 113 11.76 -36.69 -15.32
C LEU GA 113 10.47 -37.09 -16.02
N THR GA 114 9.36 -36.99 -15.31
CA THR GA 114 8.05 -37.28 -15.85
C THR GA 114 7.37 -36.00 -16.31
N SER GA 115 6.30 -36.17 -17.10
CA SER GA 115 5.56 -35.00 -17.61
C SER GA 115 4.79 -34.33 -16.49
N ASP GA 116 4.13 -35.10 -15.64
CA ASP GA 116 3.39 -34.53 -14.52
C ASP GA 116 4.31 -33.81 -13.55
N ARG GA 117 5.51 -34.36 -13.34
CA ARG GA 117 6.47 -33.70 -12.45
C ARG GA 117 7.01 -32.43 -13.07
N ARG GA 118 7.31 -32.46 -14.37
CA ARG GA 118 7.91 -31.32 -15.03
C ARG GA 118 7.00 -30.09 -14.99
N LYS GA 119 5.69 -30.29 -15.16
CA LYS GA 119 4.77 -29.17 -15.12
C LYS GA 119 4.60 -28.64 -13.69
N GLU GA 120 4.39 -29.54 -12.73
CA GLU GA 120 4.28 -29.12 -11.35
C GLU GA 120 5.59 -28.50 -10.86
N LEU GA 121 6.72 -29.00 -11.38
CA LEU GA 121 8.01 -28.43 -10.99
C LEU GA 121 8.27 -27.11 -11.71
N ALA GA 122 7.86 -27.00 -12.98
CA ALA GA 122 8.03 -25.75 -13.71
C ALA GA 122 7.22 -24.64 -13.07
N LYS GA 123 6.07 -24.97 -12.48
CA LYS GA 123 5.28 -23.96 -11.77
C LYS GA 123 6.06 -23.39 -10.59
N VAL GA 124 6.90 -24.21 -9.96
CA VAL GA 124 7.71 -23.71 -8.84
C VAL GA 124 8.81 -22.80 -9.36
N VAL GA 125 9.41 -23.15 -10.50
CA VAL GA 125 10.50 -22.34 -11.05
C VAL GA 125 10.00 -20.95 -11.43
N SER GA 126 8.83 -20.88 -12.07
CA SER GA 126 8.25 -19.59 -12.40
C SER GA 126 7.86 -18.81 -11.14
N LYS GA 127 7.39 -19.53 -10.12
CA LYS GA 127 6.96 -18.86 -8.89
C LYS GA 127 8.13 -18.18 -8.19
N LEU GA 128 9.31 -18.80 -8.22
CA LEU GA 128 10.48 -18.19 -7.60
C LEU GA 128 10.92 -16.94 -8.36
N ALA GA 129 10.77 -16.96 -9.69
CA ALA GA 129 11.09 -15.77 -10.48
C ALA GA 129 10.14 -14.63 -10.13
N GLU GA 130 8.87 -14.95 -9.88
CA GLU GA 130 7.91 -13.92 -9.46
C GLU GA 130 8.33 -13.32 -8.12
N GLU GA 131 8.75 -14.15 -7.18
CA GLU GA 131 9.22 -13.67 -5.89
C GLU GA 131 10.50 -12.84 -6.01
N GLY GA 132 11.25 -13.01 -7.10
CA GLY GA 132 12.45 -12.22 -7.33
C GLY GA 132 12.12 -10.86 -7.91
N LYS GA 133 11.16 -10.83 -8.86
CA LYS GA 133 10.78 -9.58 -9.47
C LYS GA 133 10.14 -8.65 -8.46
N VAL GA 134 9.25 -9.17 -7.62
CA VAL GA 134 8.61 -8.35 -6.60
C VAL GA 134 9.63 -7.85 -5.59
N ALA GA 135 10.70 -8.62 -5.36
CA ALA GA 135 11.76 -8.15 -4.47
C ALA GA 135 12.47 -6.94 -5.06
N VAL GA 136 12.64 -6.92 -6.38
CA VAL GA 136 13.27 -5.78 -7.03
C VAL GA 136 12.30 -4.60 -7.06
N ARG GA 137 11.04 -4.86 -7.40
CA ARG GA 137 10.06 -3.79 -7.48
C ARG GA 137 9.81 -3.15 -6.14
N ASN GA 138 9.95 -3.91 -5.05
CA ASN GA 138 9.88 -3.31 -3.73
C ASN GA 138 11.04 -2.37 -3.48
N ILE GA 139 12.20 -2.64 -4.08
CA ILE GA 139 13.36 -1.78 -3.92
C ILE GA 139 13.21 -0.52 -4.75
N ARG GA 140 12.72 -0.66 -5.98
CA ARG GA 140 12.31 0.51 -6.75
C ARG GA 140 11.22 1.29 -6.01
N ARG GA 141 10.33 0.57 -5.34
CA ARG GA 141 9.23 1.22 -4.63
C ARG GA 141 9.74 1.94 -3.38
N ASP GA 142 10.78 1.40 -2.74
CA ASP GA 142 11.31 2.05 -1.53
C ASP GA 142 12.21 3.21 -1.88
N ALA GA 143 12.97 3.12 -2.97
CA ALA GA 143 13.92 4.17 -3.31
C ALA GA 143 13.21 5.45 -3.73
N LEU GA 144 12.11 5.32 -4.47
CA LEU GA 144 11.43 6.50 -4.98
C LEU GA 144 10.71 7.28 -3.88
N LYS GA 145 10.28 6.58 -2.82
CA LYS GA 145 9.66 7.27 -1.69
C LYS GA 145 10.64 8.24 -1.05
N SER GA 146 11.89 7.80 -0.84
CA SER GA 146 12.88 8.62 -0.16
C SER GA 146 13.17 9.89 -0.95
N TYR GA 147 13.21 9.80 -2.28
CA TYR GA 147 13.34 10.99 -3.10
C TYR GA 147 12.15 11.92 -2.91
N GLU GA 148 10.95 11.35 -2.75
CA GLU GA 148 9.77 12.16 -2.52
C GLU GA 148 9.76 12.75 -1.10
N LYS GA 149 10.30 12.01 -0.13
CA LYS GA 149 10.36 12.53 1.24
C LYS GA 149 11.32 13.72 1.32
N LEU GA 150 12.44 13.64 0.62
CA LEU GA 150 13.35 14.79 0.54
C LEU GA 150 12.68 15.97 -0.15
N GLU GA 151 11.81 15.71 -1.12
CA GLU GA 151 11.14 16.78 -1.83
C GLU GA 151 10.16 17.52 -0.93
N LYS GA 152 9.35 16.77 -0.17
CA LYS GA 152 8.41 17.41 0.75
C LYS GA 152 9.14 18.21 1.82
N GLU GA 153 10.32 17.76 2.22
CA GLU GA 153 11.13 18.47 3.21
C GLU GA 153 11.91 19.63 2.63
N LYS GA 154 11.75 19.92 1.33
CA LYS GA 154 12.37 21.08 0.70
C LYS GA 154 13.89 21.03 0.78
N LYS GA 155 14.45 19.84 0.54
CA LYS GA 155 15.88 19.64 0.37
C LYS GA 155 16.27 19.28 -1.06
N LEU GA 156 15.29 19.02 -1.93
CA LEU GA 156 15.52 18.80 -3.35
C LEU GA 156 14.43 19.51 -4.13
N SER GA 157 14.66 19.65 -5.43
CA SER GA 157 13.71 20.30 -6.33
C SER GA 157 12.92 19.25 -7.11
N GLU GA 158 11.81 19.70 -7.69
CA GLU GA 158 11.05 18.86 -8.59
C GLU GA 158 11.89 18.39 -9.76
N ASP GA 159 12.82 19.24 -10.21
CA ASP GA 159 13.67 18.90 -11.34
C ASP GA 159 14.64 17.78 -10.98
N ASN GA 160 15.14 17.78 -9.75
CA ASN GA 160 16.12 16.78 -9.34
C ASN GA 160 15.49 15.41 -9.20
N VAL GA 161 14.27 15.34 -8.68
CA VAL GA 161 13.63 14.06 -8.43
C VAL GA 161 13.32 13.35 -9.74
N LYS GA 162 12.84 14.08 -10.74
CA LYS GA 162 12.53 13.47 -12.02
C LYS GA 162 13.77 12.92 -12.71
N ASP GA 163 14.93 13.52 -12.45
CA ASP GA 163 16.17 13.04 -13.04
C ASP GA 163 16.69 11.82 -12.33
N LEU GA 164 16.75 11.87 -11.00
CA LEU GA 164 17.21 10.72 -10.22
C LEU GA 164 16.28 9.53 -10.38
N SER GA 165 14.96 9.78 -10.36
CA SER GA 165 14.00 8.69 -10.47
C SER GA 165 14.10 8.02 -11.84
N ALA GA 166 14.18 8.82 -12.90
CA ALA GA 166 14.33 8.25 -14.24
C ALA GA 166 15.66 7.54 -14.40
N ASP GA 167 16.70 8.03 -13.72
CA ASP GA 167 18.01 7.38 -13.75
C ASP GA 167 18.06 6.17 -12.83
N LEU GA 168 17.21 6.12 -11.80
CA LEU GA 168 17.18 4.97 -10.91
C LEU GA 168 16.52 3.77 -11.57
N GLN GA 169 15.52 3.99 -12.42
CA GLN GA 169 14.88 2.88 -13.11
C GLN GA 169 15.86 2.17 -14.04
N LYS GA 170 16.80 2.90 -14.64
CA LYS GA 170 17.79 2.28 -15.50
C LYS GA 170 18.67 1.31 -14.71
N LEU GA 171 18.96 1.65 -13.44
CA LEU GA 171 19.77 0.77 -12.61
C LEU GA 171 19.02 -0.52 -12.30
N THR GA 172 17.77 -0.41 -11.84
CA THR GA 172 17.00 -1.59 -11.48
C THR GA 172 16.73 -2.48 -12.69
N ASP GA 173 16.40 -1.87 -13.84
CA ASP GA 173 16.12 -2.64 -15.03
C ASP GA 173 17.31 -3.49 -15.46
N GLU GA 174 18.53 -3.01 -15.18
CA GLU GA 174 19.71 -3.84 -15.42
C GLU GA 174 19.68 -5.09 -14.55
N TYR GA 175 19.34 -4.93 -13.27
CA TYR GA 175 19.25 -6.08 -12.38
C TYR GA 175 18.07 -6.98 -12.74
N MET GA 176 17.02 -6.41 -13.34
CA MET GA 176 15.90 -7.24 -13.79
C MET GA 176 16.35 -8.25 -14.83
N LYS GA 177 17.19 -7.80 -15.79
CA LYS GA 177 17.66 -8.70 -16.83
C LYS GA 177 18.44 -9.86 -16.26
N LYS GA 178 19.09 -9.67 -15.10
CA LYS GA 178 19.75 -10.78 -14.44
C LYS GA 178 18.74 -11.82 -13.95
N VAL GA 179 17.50 -11.41 -13.69
CA VAL GA 179 16.49 -12.37 -13.24
C VAL GA 179 16.07 -13.28 -14.38
N GLU GA 180 15.80 -12.71 -15.55
CA GLU GA 180 15.43 -13.55 -16.70
C GLU GA 180 16.61 -14.40 -17.15
N SER GA 181 17.82 -13.85 -17.13
CA SER GA 181 19.00 -14.60 -17.59
C SER GA 181 19.21 -15.85 -16.74
N ILE GA 182 19.02 -15.73 -15.42
CA ILE GA 182 19.07 -16.91 -14.57
C ILE GA 182 17.87 -17.80 -14.83
N TYR GA 183 16.75 -17.23 -15.26
CA TYR GA 183 15.55 -17.99 -15.57
C TYR GA 183 15.65 -18.68 -16.92
N LYS GA 184 16.29 -18.03 -17.90
CA LYS GA 184 16.45 -18.63 -19.22
C LYS GA 184 17.32 -19.87 -19.15
N GLN GA 185 18.49 -19.77 -18.51
CA GLN GA 185 19.38 -20.92 -18.41
C GLN GA 185 18.75 -22.04 -17.60
N LYS GA 186 17.87 -21.71 -16.65
CA LYS GA 186 17.22 -22.74 -15.86
C LYS GA 186 16.15 -23.48 -16.67
N GLU GA 187 15.37 -22.74 -17.46
CA GLU GA 187 14.34 -23.38 -18.28
C GLU GA 187 14.95 -24.35 -19.28
N GLN GA 188 16.19 -24.11 -19.69
CA GLN GA 188 16.88 -25.07 -20.55
C GLN GA 188 17.20 -26.36 -19.80
N GLU GA 189 17.39 -26.28 -18.47
CA GLU GA 189 17.72 -27.45 -17.69
C GLU GA 189 16.54 -28.40 -17.53
N LEU GA 190 15.30 -27.90 -17.70
CA LEU GA 190 14.13 -28.75 -17.56
C LEU GA 190 14.12 -29.86 -18.61
N MET GA 191 14.64 -29.59 -19.80
CA MET GA 191 14.69 -30.58 -20.86
C MET GA 191 15.90 -31.48 -20.71
N HIS IA 1 -38.21 -52.48 75.39
CA HIS IA 1 -37.60 -51.55 76.34
C HIS IA 1 -38.27 -50.18 76.27
N GLY IA 2 -38.65 -49.77 75.07
CA GLY IA 2 -39.27 -48.47 74.88
C GLY IA 2 -39.78 -48.32 73.47
N THR IA 3 -40.53 -47.22 73.27
CA THR IA 3 -41.09 -46.94 71.96
C THR IA 3 -39.99 -46.61 70.94
N ARG IA 4 -38.84 -46.13 71.41
CA ARG IA 4 -37.72 -45.79 70.55
C ARG IA 4 -36.64 -46.87 70.53
N LYS IA 5 -36.92 -48.05 71.13
CA LYS IA 5 -35.93 -49.12 71.22
C LYS IA 5 -36.48 -50.50 70.92
N TRP IA 6 -37.77 -50.64 70.63
CA TRP IA 6 -38.33 -51.96 70.36
C TRP IA 6 -37.95 -52.41 68.96
N ASN IA 7 -37.38 -53.59 68.88
CA ASN IA 7 -37.05 -54.20 67.59
C ASN IA 7 -38.31 -54.86 67.02
N PRO IA 8 -38.65 -54.66 65.74
CA PRO IA 8 -39.81 -55.37 65.19
C PRO IA 8 -39.63 -56.89 65.08
N ARG IA 9 -38.44 -57.41 65.37
CA ARG IA 9 -38.21 -58.84 65.31
C ARG IA 9 -39.03 -59.63 66.32
N MET IA 10 -39.18 -59.12 67.54
CA MET IA 10 -39.82 -59.85 68.62
C MET IA 10 -41.35 -59.80 68.56
N SER IA 11 -41.91 -59.20 67.51
CA SER IA 11 -43.37 -59.02 67.43
C SER IA 11 -44.19 -60.29 67.63
N PRO IA 12 -43.76 -61.48 67.20
CA PRO IA 12 -44.51 -62.68 67.59
C PRO IA 12 -44.50 -62.94 69.09
N TYR IA 13 -43.44 -62.53 69.79
CA TYR IA 13 -43.27 -62.79 71.21
C TYR IA 13 -43.54 -61.55 72.06
N ILE IA 14 -44.56 -60.77 71.70
CA ILE IA 14 -45.01 -59.63 72.48
C ILE IA 14 -46.50 -59.77 72.72
N SER IA 15 -46.93 -59.56 73.96
CA SER IA 15 -48.31 -59.72 74.37
C SER IA 15 -49.05 -58.39 74.54
N ALA IA 16 -48.46 -57.46 75.28
CA ALA IA 16 -49.07 -56.17 75.55
C ALA IA 16 -47.97 -55.16 75.82
N LYS IA 17 -48.35 -53.96 76.26
CA LYS IA 17 -47.39 -52.94 76.64
C LYS IA 17 -48.13 -51.79 77.32
N CYS IA 18 -47.31 -50.88 77.87
CA CYS IA 18 -47.68 -49.99 78.95
C CYS IA 18 -47.10 -48.61 78.66
N LYS IA 19 -47.08 -47.77 79.69
CA LYS IA 19 -46.63 -46.38 79.56
C LYS IA 19 -45.11 -46.35 79.40
N GLY IA 20 -44.64 -46.32 78.17
CA GLY IA 20 -43.21 -46.28 77.91
C GLY IA 20 -42.55 -47.64 78.00
N ILE IA 21 -42.61 -48.28 79.17
CA ILE IA 21 -41.96 -49.56 79.35
C ILE IA 21 -42.61 -50.62 78.45
N HIS IA 22 -41.87 -51.71 78.24
CA HIS IA 22 -42.28 -52.82 77.40
C HIS IA 22 -42.59 -54.04 78.26
N ILE IA 23 -43.54 -54.84 77.78
CA ILE IA 23 -43.99 -56.04 78.48
C ILE IA 23 -43.65 -57.25 77.61
N ILE IA 24 -42.82 -58.13 78.13
CA ILE IA 24 -42.43 -59.34 77.41
C ILE IA 24 -43.48 -60.42 77.65
N ASN IA 25 -43.48 -61.42 76.77
CA ASN IA 25 -44.39 -62.55 76.86
C ASN IA 25 -43.70 -63.69 77.62
N LEU IA 26 -44.39 -64.21 78.63
CA LEU IA 26 -43.89 -65.32 79.44
C LEU IA 26 -44.44 -66.67 78.99
N THR IA 27 -45.31 -66.72 77.99
CA THR IA 27 -45.91 -67.98 77.56
C THR IA 27 -45.00 -68.73 76.61
N ARG IA 28 -44.57 -68.08 75.53
CA ARG IA 28 -43.76 -68.75 74.52
C ARG IA 28 -42.40 -69.15 75.10
N THR IA 29 -41.83 -68.33 75.98
CA THR IA 29 -40.53 -68.65 76.55
C THR IA 29 -40.62 -69.88 77.45
N ALA IA 30 -41.76 -70.10 78.10
CA ALA IA 30 -41.90 -71.24 79.01
C ALA IA 30 -41.70 -72.56 78.26
N ARG IA 31 -42.16 -72.63 77.02
CA ARG IA 31 -41.88 -73.79 76.19
C ARG IA 31 -40.38 -73.93 75.95
N PHE IA 32 -39.70 -72.80 75.73
CA PHE IA 32 -38.26 -72.84 75.43
C PHE IA 32 -37.45 -73.09 76.70
N LEU IA 33 -37.95 -72.65 77.85
CA LEU IA 33 -37.33 -73.04 79.10
C LEU IA 33 -37.36 -74.55 79.29
N SER IA 34 -38.45 -75.19 78.84
CA SER IA 34 -38.53 -76.65 78.89
C SER IA 34 -37.61 -77.27 77.84
N GLU IA 35 -37.66 -76.77 76.60
CA GLU IA 35 -36.79 -77.26 75.55
C GLU IA 35 -35.33 -77.04 75.90
N ALA IA 36 -35.02 -75.93 76.56
CA ALA IA 36 -33.64 -75.66 76.96
C ALA IA 36 -33.19 -76.61 78.05
N CYS IA 37 -33.94 -76.68 79.14
CA CYS IA 37 -33.58 -77.55 80.25
C CYS IA 37 -33.61 -79.02 79.84
N ASP IA 38 -34.47 -79.37 78.87
CA ASP IA 38 -34.48 -80.75 78.38
C ASP IA 38 -33.23 -81.05 77.56
N LEU IA 39 -32.77 -80.09 76.76
CA LEU IA 39 -31.57 -80.29 75.97
C LEU IA 39 -30.32 -80.21 76.83
N VAL IA 40 -30.30 -79.31 77.82
CA VAL IA 40 -29.14 -79.19 78.70
C VAL IA 40 -29.05 -80.39 79.63
N PHE IA 41 -30.19 -80.85 80.14
CA PHE IA 41 -30.19 -82.01 81.02
C PHE IA 41 -29.77 -83.26 80.25
N ASP IA 42 -30.22 -83.40 79.01
CA ASP IA 42 -29.85 -84.56 78.20
C ASP IA 42 -28.39 -84.50 77.79
N ALA IA 43 -27.88 -83.30 77.50
CA ALA IA 43 -26.50 -83.17 77.05
C ALA IA 43 -25.52 -83.43 78.19
N SER IA 44 -25.85 -82.99 79.40
CA SER IA 44 -24.94 -83.14 80.52
C SER IA 44 -24.72 -84.60 80.90
N SER IA 45 -25.66 -85.48 80.58
CA SER IA 45 -25.50 -86.89 80.89
C SER IA 45 -24.43 -87.57 80.04
N ARG IA 46 -24.14 -87.04 78.86
CA ARG IA 46 -23.13 -87.62 77.99
C ARG IA 46 -21.71 -87.21 78.37
N GLY IA 47 -21.56 -86.18 79.21
CA GLY IA 47 -20.25 -85.76 79.66
C GLY IA 47 -19.61 -84.65 78.85
N LYS IA 48 -20.42 -83.76 78.29
CA LYS IA 48 -19.90 -82.63 77.54
C LYS IA 48 -19.46 -81.50 78.47
N GLN IA 49 -18.71 -80.56 77.91
CA GLN IA 49 -18.27 -79.36 78.61
C GLN IA 49 -18.95 -78.15 78.00
N PHE IA 50 -19.43 -77.25 78.87
CA PHE IA 50 -20.18 -76.07 78.47
C PHE IA 50 -19.40 -74.82 78.83
N LEU IA 51 -19.95 -73.68 78.42
CA LEU IA 51 -19.31 -72.38 78.63
C LEU IA 51 -20.40 -71.34 78.80
N ILE IA 52 -20.10 -70.33 79.61
CA ILE IA 52 -20.99 -69.20 79.84
C ILE IA 52 -20.22 -67.92 79.56
N VAL IA 53 -20.88 -66.97 78.91
CA VAL IA 53 -20.26 -65.72 78.47
C VAL IA 53 -21.00 -64.60 79.17
N GLY IA 54 -20.47 -64.15 80.31
CA GLY IA 54 -21.04 -63.04 81.06
C GLY IA 54 -20.01 -62.01 81.46
N THR IA 55 -20.16 -60.79 80.93
CA THR IA 55 -19.23 -59.70 81.20
C THR IA 55 -19.93 -58.42 81.64
N LYS IA 56 -21.24 -58.41 81.76
CA LYS IA 56 -21.94 -57.24 82.26
C LYS IA 56 -21.57 -57.00 83.71
N ASN IA 57 -21.33 -55.72 84.06
CA ASN IA 57 -20.87 -55.38 85.40
C ASN IA 57 -21.87 -55.78 86.47
N LYS IA 58 -23.16 -55.75 86.17
CA LYS IA 58 -24.17 -56.10 87.16
C LYS IA 58 -24.15 -57.59 87.50
N ALA IA 59 -23.71 -58.44 86.58
CA ALA IA 59 -23.68 -59.89 86.75
C ALA IA 59 -22.29 -60.44 86.46
N ALA IA 60 -21.25 -59.74 86.92
CA ALA IA 60 -19.89 -60.22 86.73
C ALA IA 60 -19.57 -61.35 87.71
N ASP IA 61 -19.91 -61.17 88.99
CA ASP IA 61 -19.62 -62.17 90.00
C ASP IA 61 -20.68 -63.27 90.04
N SER IA 62 -21.91 -62.97 89.64
CA SER IA 62 -22.96 -63.98 89.63
C SER IA 62 -22.61 -65.11 88.67
N VAL IA 63 -22.11 -64.76 87.49
CA VAL IA 63 -21.71 -65.78 86.52
C VAL IA 63 -20.49 -66.54 87.01
N ALA IA 64 -19.62 -65.87 87.77
CA ALA IA 64 -18.44 -66.55 88.32
C ALA IA 64 -18.87 -67.63 89.31
N ARG IA 65 -19.73 -67.29 90.26
CA ARG IA 65 -20.24 -68.28 91.20
C ARG IA 65 -21.10 -69.32 90.49
N ALA IA 66 -21.73 -68.94 89.37
CA ALA IA 66 -22.57 -69.87 88.64
C ALA IA 66 -21.78 -71.04 88.09
N ALA IA 67 -20.51 -70.83 87.76
CA ALA IA 67 -19.67 -71.88 87.19
C ALA IA 67 -19.07 -72.80 88.24
N ILE IA 68 -19.02 -72.39 89.50
CA ILE IA 68 -18.43 -73.25 90.52
C ILE IA 68 -19.37 -74.41 90.88
N ARG IA 69 -20.67 -74.22 90.71
CA ARG IA 69 -21.63 -75.27 91.06
C ARG IA 69 -21.48 -76.48 90.14
N ALA IA 70 -21.11 -76.25 88.89
CA ALA IA 70 -20.93 -77.31 87.90
C ALA IA 70 -19.48 -77.35 87.42
N ARG IA 71 -19.20 -78.21 86.44
CA ARG IA 71 -17.86 -78.33 85.87
C ARG IA 71 -17.78 -77.60 84.54
N CYS IA 72 -18.53 -76.52 84.39
CA CYS IA 72 -18.54 -75.71 83.18
C CYS IA 72 -17.49 -74.61 83.32
N HIS IA 73 -17.53 -73.65 82.40
CA HIS IA 73 -16.54 -72.57 82.33
C HIS IA 73 -17.25 -71.24 82.15
N TYR IA 74 -16.57 -70.17 82.58
CA TYR IA 74 -17.11 -68.82 82.54
C TYR IA 74 -16.12 -67.90 81.86
N VAL IA 75 -16.62 -66.74 81.42
CA VAL IA 75 -15.80 -65.70 80.81
C VAL IA 75 -16.22 -64.39 81.49
N ASN IA 76 -15.47 -64.00 82.53
CA ASN IA 76 -15.87 -62.85 83.34
C ASN IA 76 -15.56 -61.53 82.64
N LYS IA 77 -14.39 -61.42 82.01
CA LYS IA 77 -13.97 -60.21 81.32
C LYS IA 77 -14.15 -60.39 79.81
N LYS IA 78 -13.67 -59.42 79.03
CA LYS IA 78 -14.02 -59.32 77.63
C LYS IA 78 -13.50 -60.52 76.84
N TRP IA 79 -13.95 -60.58 75.58
CA TRP IA 79 -13.75 -61.73 74.71
C TRP IA 79 -12.39 -61.75 74.03
N LEU IA 80 -11.77 -60.58 73.84
CA LEU IA 80 -10.43 -60.41 73.26
C LEU IA 80 -10.22 -61.17 71.94
N GLY IA 81 -11.29 -61.53 71.22
CA GLY IA 81 -11.14 -62.08 69.89
C GLY IA 81 -10.58 -63.49 69.83
N GLY IA 82 -11.09 -64.28 68.88
CA GLY IA 82 -10.49 -65.56 68.52
C GLY IA 82 -10.30 -66.53 69.67
N MET IA 83 -11.15 -66.47 70.69
CA MET IA 83 -11.02 -67.41 71.80
C MET IA 83 -11.25 -68.84 71.34
N LEU IA 84 -12.35 -69.08 70.63
CA LEU IA 84 -12.69 -70.39 70.11
C LEU IA 84 -12.23 -70.60 68.68
N THR IA 85 -12.34 -69.57 67.83
CA THR IA 85 -11.98 -69.72 66.42
C THR IA 85 -10.47 -69.85 66.27
N ASN IA 86 -9.71 -68.92 66.84
CA ASN IA 86 -8.25 -68.99 66.84
C ASN IA 86 -7.76 -69.77 68.06
N TRP IA 87 -8.21 -71.02 68.14
CA TRP IA 87 -7.92 -71.85 69.29
C TRP IA 87 -6.44 -72.22 69.36
N SER IA 88 -5.76 -72.26 68.22
CA SER IA 88 -4.33 -72.58 68.22
C SER IA 88 -3.54 -71.55 69.01
N THR IA 89 -3.89 -70.27 68.87
CA THR IA 89 -3.26 -69.23 69.67
C THR IA 89 -3.71 -69.30 71.12
N THR IA 90 -4.93 -69.74 71.37
CA THR IA 90 -5.42 -69.84 72.74
C THR IA 90 -4.67 -70.92 73.51
N GLU IA 91 -4.41 -72.07 72.86
CA GLU IA 91 -3.63 -73.11 73.52
C GLU IA 91 -2.22 -72.64 73.82
N THR IA 92 -1.66 -71.79 72.97
CA THR IA 92 -0.33 -71.24 73.24
C THR IA 92 -0.35 -70.36 74.49
N ARG IA 93 -1.39 -69.54 74.64
CA ARG IA 93 -1.49 -68.67 75.80
C ARG IA 93 -1.87 -69.44 77.05
N LEU IA 94 -2.67 -70.51 76.90
CA LEU IA 94 -3.03 -71.33 78.06
C LEU IA 94 -1.88 -72.23 78.47
N HIS IA 95 -1.21 -72.87 77.50
CA HIS IA 95 0.02 -73.59 77.81
C HIS IA 95 1.05 -72.65 78.42
N LYS IA 96 1.13 -71.42 77.91
CA LYS IA 96 1.94 -70.40 78.55
C LYS IA 96 1.44 -70.08 79.94
N PHE IA 97 0.16 -69.75 80.06
CA PHE IA 97 -0.41 -69.35 81.36
C PHE IA 97 -0.34 -70.50 82.36
N ARG IA 98 -0.50 -71.74 81.90
CA ARG IA 98 -0.41 -72.88 82.80
C ARG IA 98 1.00 -73.03 83.36
N ASP IA 99 2.01 -72.69 82.54
CA ASP IA 99 3.40 -72.86 82.97
C ASP IA 99 3.80 -71.79 83.98
N LEU IA 100 3.33 -70.55 83.79
CA LEU IA 100 3.78 -69.45 84.64
C LEU IA 100 3.41 -69.66 86.10
N ARG IA 101 2.28 -70.34 86.36
CA ARG IA 101 1.93 -70.64 87.74
C ARG IA 101 2.93 -71.62 88.36
N MET IA 102 3.53 -72.48 87.54
CA MET IA 102 4.64 -73.31 88.00
C MET IA 102 5.94 -72.51 88.06
N GLU IA 103 6.08 -71.49 87.23
CA GLU IA 103 7.29 -70.66 87.27
C GLU IA 103 7.38 -69.90 88.59
N GLN IA 104 6.26 -69.41 89.10
CA GLN IA 104 6.25 -68.66 90.34
C GLN IA 104 6.65 -69.52 91.54
N THR IA 105 6.45 -70.85 91.46
CA THR IA 105 6.78 -71.70 92.58
C THR IA 105 8.30 -71.77 92.80
N ALA IA 106 9.07 -71.74 91.72
CA ALA IA 106 10.52 -71.83 91.83
C ALA IA 106 11.08 -70.56 92.46
N GLY IA 107 12.34 -70.66 92.89
CA GLY IA 107 13.03 -69.54 93.49
C GLY IA 107 13.84 -68.73 92.52
N ARG IA 108 13.41 -68.72 91.25
CA ARG IA 108 14.09 -67.95 90.21
C ARG IA 108 13.76 -66.46 90.26
N LEU IA 109 12.74 -66.06 91.02
CA LEU IA 109 12.42 -64.64 91.16
C LEU IA 109 13.54 -63.88 91.84
N ALA IA 110 14.33 -64.55 92.67
CA ALA IA 110 15.40 -63.87 93.39
C ALA IA 110 16.48 -63.38 92.44
N ARG IA 111 16.89 -64.21 91.48
CA ARG IA 111 17.96 -63.86 90.57
C ARG IA 111 17.52 -62.95 89.43
N LEU IA 112 16.23 -62.59 89.35
CA LEU IA 112 15.76 -61.63 88.37
C LEU IA 112 15.86 -60.21 88.94
N PRO IA 113 16.16 -59.16 88.13
CA PRO IA 113 16.14 -57.80 88.69
C PRO IA 113 14.76 -57.34 89.12
N LYS IA 114 14.69 -56.10 89.63
CA LYS IA 114 13.43 -55.57 90.11
C LYS IA 114 12.44 -55.39 88.96
N ARG IA 115 12.85 -54.69 87.90
CA ARG IA 115 11.92 -54.38 86.81
C ARG IA 115 11.49 -55.63 86.06
N ASP IA 116 12.41 -56.59 85.89
CA ASP IA 116 12.07 -57.81 85.16
C ASP IA 116 11.03 -58.63 85.90
N ALA IA 117 11.14 -58.71 87.23
CA ALA IA 117 10.13 -59.41 88.02
C ALA IA 117 8.78 -58.71 87.94
N ALA IA 118 8.77 -57.39 87.75
CA ALA IA 118 7.52 -56.66 87.64
C ALA IA 118 6.82 -56.98 86.32
N VAL IA 119 7.59 -57.12 85.23
CA VAL IA 119 6.99 -57.45 83.94
C VAL IA 119 6.36 -58.85 84.00
N VAL IA 120 7.07 -59.81 84.58
CA VAL IA 120 6.53 -61.16 84.72
C VAL IA 120 5.31 -61.13 85.65
N LYS IA 121 5.33 -60.25 86.65
CA LYS IA 121 4.18 -60.11 87.53
C LYS IA 121 2.99 -59.54 86.76
N ARG IA 122 3.19 -58.43 86.05
CA ARG IA 122 2.12 -57.82 85.28
C ARG IA 122 1.73 -58.66 84.07
N GLN IA 123 2.65 -59.49 83.57
CA GLN IA 123 2.30 -60.41 82.48
C GLN IA 123 1.30 -61.45 82.96
N LEU IA 124 1.61 -62.12 84.07
CA LEU IA 124 0.69 -63.12 84.61
C LEU IA 124 -0.61 -62.49 85.09
N SER IA 125 -0.54 -61.26 85.61
CA SER IA 125 -1.74 -60.58 86.06
C SER IA 125 -2.67 -60.26 84.92
N HIS IA 126 -2.13 -59.97 83.73
CA HIS IA 126 -2.96 -59.65 82.58
C HIS IA 126 -3.68 -60.90 82.07
N LEU IA 127 -3.01 -62.05 82.10
CA LEU IA 127 -3.63 -63.27 81.61
C LEU IA 127 -4.69 -63.79 82.58
N GLN IA 128 -4.47 -63.59 83.88
CA GLN IA 128 -5.48 -63.96 84.87
C GLN IA 128 -6.78 -63.19 84.66
N THR IA 129 -6.68 -61.97 84.13
CA THR IA 129 -7.87 -61.15 83.94
C THR IA 129 -8.80 -61.73 82.88
N TYR IA 130 -8.24 -62.41 81.88
CA TYR IA 130 -9.00 -62.90 80.74
C TYR IA 130 -9.01 -64.42 80.59
N LEU IA 131 -8.10 -65.14 81.24
CA LEU IA 131 -8.00 -66.58 81.10
C LEU IA 131 -8.17 -67.29 82.44
N GLY IA 132 -9.19 -66.90 83.21
CA GLY IA 132 -9.42 -67.47 84.51
C GLY IA 132 -10.21 -68.76 84.51
N GLY IA 133 -11.40 -68.72 83.92
CA GLY IA 133 -12.30 -69.86 83.93
C GLY IA 133 -12.10 -70.89 82.85
N ILE IA 134 -10.93 -70.89 82.20
CA ILE IA 134 -10.63 -71.78 81.08
C ILE IA 134 -9.48 -72.73 81.40
N LYS IA 135 -8.84 -72.58 82.57
CA LYS IA 135 -7.63 -73.32 82.90
C LYS IA 135 -7.81 -74.83 82.86
N TYR IA 136 -9.03 -75.34 82.99
CA TYR IA 136 -9.32 -76.77 82.99
C TYR IA 136 -10.27 -77.16 81.86
N MET IA 137 -10.16 -76.48 80.71
CA MET IA 137 -11.02 -76.82 79.57
C MET IA 137 -10.44 -77.98 78.78
N THR IA 138 -9.27 -77.79 78.19
CA THR IA 138 -8.57 -78.82 77.41
C THR IA 138 -9.46 -79.33 76.28
N GLY IA 139 -9.78 -78.41 75.36
CA GLY IA 139 -10.56 -78.71 74.19
C GLY IA 139 -11.55 -77.61 73.91
N LEU IA 140 -12.47 -77.89 72.99
CA LEU IA 140 -13.52 -76.97 72.59
C LEU IA 140 -14.86 -77.38 73.21
N PRO IA 141 -15.67 -76.48 73.77
CA PRO IA 141 -16.98 -76.90 74.27
C PRO IA 141 -17.90 -77.34 73.15
N ASP IA 142 -19.05 -77.87 73.55
CA ASP IA 142 -20.09 -78.31 72.62
C ASP IA 142 -21.31 -77.42 72.63
N ILE IA 143 -21.59 -76.74 73.75
CA ILE IA 143 -22.65 -75.74 73.84
C ILE IA 143 -22.08 -74.56 74.60
N VAL IA 144 -22.44 -73.35 74.18
CA VAL IA 144 -21.93 -72.11 74.78
C VAL IA 144 -23.12 -71.22 75.09
N ILE IA 145 -23.13 -70.67 76.30
CA ILE IA 145 -24.22 -69.83 76.78
C ILE IA 145 -23.79 -68.38 76.70
N ILE IA 146 -24.71 -67.51 76.28
CA ILE IA 146 -24.47 -66.07 76.20
C ILE IA 146 -25.38 -65.38 77.22
N VAL IA 147 -24.77 -64.56 78.07
CA VAL IA 147 -25.54 -63.80 79.05
C VAL IA 147 -25.96 -62.45 78.48
N ASP IA 148 -25.11 -61.86 77.64
CA ASP IA 148 -25.37 -60.55 77.03
C ASP IA 148 -25.02 -60.63 75.55
N GLN IA 149 -25.94 -60.16 74.70
CA GLN IA 149 -25.74 -60.14 73.26
C GLN IA 149 -25.05 -58.85 72.82
N GLN IA 150 -25.44 -57.71 73.41
CA GLN IA 150 -24.90 -56.43 72.96
C GLN IA 150 -23.43 -56.29 73.30
N GLU IA 151 -23.09 -56.46 74.58
CA GLU IA 151 -21.71 -56.26 75.03
C GLU IA 151 -20.77 -57.34 74.52
N GLU IA 152 -21.27 -58.54 74.26
CA GLU IA 152 -20.46 -59.68 73.81
C GLU IA 152 -20.90 -60.11 72.42
N TYR IA 153 -21.07 -59.12 71.53
CA TYR IA 153 -21.49 -59.38 70.16
C TYR IA 153 -20.50 -60.28 69.42
N THR IA 154 -19.21 -60.24 69.79
CA THR IA 154 -18.21 -61.02 69.08
C THR IA 154 -18.32 -62.50 69.41
N ALA IA 155 -18.66 -62.83 70.66
CA ALA IA 155 -18.71 -64.22 71.07
C ALA IA 155 -19.82 -64.99 70.37
N LEU IA 156 -20.95 -64.32 70.09
CA LEU IA 156 -22.07 -64.99 69.44
C LEU IA 156 -21.74 -65.38 68.00
N ARG IA 157 -20.81 -64.65 67.37
CA ARG IA 157 -20.54 -64.89 65.95
C ARG IA 157 -19.56 -66.04 65.73
N GLU IA 158 -18.59 -66.21 66.61
CA GLU IA 158 -17.68 -67.34 66.46
C GLU IA 158 -18.39 -68.67 66.67
N CYS IA 159 -19.45 -68.68 67.48
CA CYS IA 159 -20.26 -69.89 67.61
C CYS IA 159 -20.99 -70.20 66.32
N ILE IA 160 -21.54 -69.17 65.66
CA ILE IA 160 -22.20 -69.35 64.38
C ILE IA 160 -21.19 -69.79 63.33
N THR IA 161 -19.97 -69.28 63.41
CA THR IA 161 -18.93 -69.67 62.45
C THR IA 161 -18.53 -71.13 62.65
N LEU IA 162 -18.21 -71.50 63.89
CA LEU IA 162 -17.83 -72.87 64.20
C LEU IA 162 -19.00 -73.83 64.24
N GLY IA 163 -20.24 -73.34 64.17
CA GLY IA 163 -21.40 -74.20 64.18
C GLY IA 163 -21.62 -74.85 65.54
N ILE IA 164 -21.95 -74.03 66.54
CA ILE IA 164 -22.17 -74.50 67.91
C ILE IA 164 -23.52 -73.94 68.37
N PRO IA 165 -24.47 -74.75 68.85
CA PRO IA 165 -25.71 -74.16 69.37
C PRO IA 165 -25.45 -73.29 70.59
N THR IA 166 -26.41 -72.42 70.88
CA THR IA 166 -26.20 -71.43 71.93
C THR IA 166 -27.53 -70.84 72.39
N ILE IA 167 -27.47 -70.16 73.52
CA ILE IA 167 -28.58 -69.43 74.11
C ILE IA 167 -28.22 -67.95 74.06
N CYS IA 168 -29.24 -67.08 74.00
CA CYS IA 168 -29.04 -65.69 73.61
C CYS IA 168 -29.91 -64.80 74.50
N LEU IA 169 -30.10 -63.55 74.06
CA LEU IA 169 -30.69 -62.47 74.84
C LEU IA 169 -31.91 -61.92 74.10
N ILE IA 170 -32.84 -62.82 73.80
CA ILE IA 170 -33.90 -62.62 72.81
C ILE IA 170 -34.86 -61.47 73.16
N ASP IA 171 -34.66 -60.82 74.31
CA ASP IA 171 -35.30 -59.55 74.62
C ASP IA 171 -35.12 -58.55 73.48
N THR IA 172 -35.93 -57.49 73.45
CA THR IA 172 -36.11 -56.66 72.25
C THR IA 172 -34.84 -56.01 71.71
N ASN IA 173 -33.71 -56.10 72.41
CA ASN IA 173 -32.50 -55.43 71.94
C ASN IA 173 -31.95 -56.05 70.66
N CYS IA 174 -31.99 -57.39 70.55
CA CYS IA 174 -31.18 -58.11 69.56
C CYS IA 174 -32.07 -58.82 68.54
N ASN IA 175 -31.41 -59.64 67.67
CA ASN IA 175 -31.98 -60.42 66.58
C ASN IA 175 -32.19 -61.87 67.04
N PRO IA 176 -33.39 -62.46 66.94
CA PRO IA 176 -33.58 -63.83 67.41
C PRO IA 176 -33.06 -64.92 66.47
N ASP IA 177 -32.72 -64.60 65.22
CA ASP IA 177 -32.28 -65.62 64.28
C ASP IA 177 -30.86 -66.12 64.54
N LEU IA 178 -30.14 -65.54 65.50
CA LEU IA 178 -28.73 -65.87 65.67
C LEU IA 178 -28.54 -67.14 66.51
N ALA IA 179 -29.48 -67.45 67.40
CA ALA IA 179 -29.41 -68.62 68.26
C ALA IA 179 -30.64 -69.49 68.04
N ASP IA 180 -30.42 -70.80 68.01
CA ASP IA 180 -31.53 -71.74 67.85
C ASP IA 180 -32.39 -71.81 69.11
N ILE IA 181 -31.76 -71.74 70.28
CA ILE IA 181 -32.47 -71.75 71.56
C ILE IA 181 -32.73 -70.32 71.96
N SER IA 182 -33.95 -70.04 72.41
CA SER IA 182 -34.44 -68.68 72.63
C SER IA 182 -35.00 -68.54 74.03
N ILE IA 183 -34.41 -67.63 74.81
CA ILE IA 183 -34.86 -67.33 76.17
C ILE IA 183 -34.89 -65.82 76.35
N PRO IA 184 -36.02 -65.13 76.12
CA PRO IA 184 -36.06 -63.68 76.34
C PRO IA 184 -36.02 -63.27 77.80
N ALA IA 185 -36.16 -61.97 78.05
CA ALA IA 185 -36.40 -61.42 79.38
C ALA IA 185 -35.26 -61.72 80.36
N ASN IA 186 -34.10 -61.11 80.06
CA ASN IA 186 -32.95 -61.18 80.94
C ASN IA 186 -32.27 -59.83 81.15
N ASP IA 187 -32.73 -58.75 80.52
CA ASP IA 187 -32.15 -57.42 80.70
C ASP IA 187 -32.81 -56.61 81.81
N ASP IA 188 -33.78 -57.18 82.54
CA ASP IA 188 -34.48 -56.42 83.57
C ASP IA 188 -33.56 -56.10 84.73
N ALA IA 189 -33.07 -57.13 85.41
CA ALA IA 189 -32.22 -56.96 86.59
C ALA IA 189 -31.63 -58.32 86.92
N ILE IA 190 -30.96 -58.42 88.07
CA ILE IA 190 -30.39 -59.69 88.50
C ILE IA 190 -31.50 -60.71 88.77
N ALA IA 191 -32.69 -60.23 89.11
CA ALA IA 191 -33.83 -61.13 89.31
C ALA IA 191 -34.12 -61.92 88.04
N SER IA 192 -34.14 -61.25 86.89
CA SER IA 192 -34.32 -61.95 85.63
C SER IA 192 -33.11 -62.80 85.28
N ILE IA 193 -31.93 -62.45 85.80
CA ILE IA 193 -30.72 -63.20 85.50
C ILE IA 193 -30.63 -64.43 86.39
N ARG IA 194 -30.67 -64.24 87.71
CA ARG IA 194 -30.51 -65.36 88.64
C ARG IA 194 -31.66 -66.35 88.51
N LEU IA 195 -32.87 -65.86 88.26
CA LEU IA 195 -34.02 -66.76 88.11
C LEU IA 195 -33.83 -67.70 86.94
N ILE IA 196 -33.19 -67.21 85.86
CA ILE IA 196 -32.95 -68.03 84.69
C ILE IA 196 -31.60 -68.74 84.81
N LEU IA 197 -30.58 -68.01 85.25
CA LEU IA 197 -29.23 -68.58 85.34
C LEU IA 197 -29.18 -69.73 86.32
N THR IA 198 -29.71 -69.53 87.54
CA THR IA 198 -29.71 -70.59 88.52
C THR IA 198 -30.56 -71.78 88.05
N LYS IA 199 -31.65 -71.50 87.32
CA LYS IA 199 -32.51 -72.56 86.82
C LYS IA 199 -31.78 -73.43 85.81
N LEU IA 200 -31.04 -72.82 84.88
CA LEU IA 200 -30.33 -73.59 83.87
C LEU IA 200 -29.10 -74.26 84.47
N VAL IA 201 -28.39 -73.57 85.36
CA VAL IA 201 -27.25 -74.18 86.06
C VAL IA 201 -27.74 -75.32 86.95
N PHE IA 202 -28.94 -75.20 87.49
CA PHE IA 202 -29.51 -76.28 88.30
C PHE IA 202 -29.69 -77.54 87.47
N ALA IA 203 -30.24 -77.40 86.26
CA ALA IA 203 -30.50 -78.56 85.42
C ALA IA 203 -29.22 -79.29 85.03
N ILE IA 204 -28.10 -78.58 84.98
CA ILE IA 204 -26.83 -79.21 84.65
C ILE IA 204 -26.41 -80.16 85.75
N CYS IA 205 -26.77 -79.85 87.01
CA CYS IA 205 -26.33 -80.66 88.14
C CYS IA 205 -26.91 -82.06 88.13
N GLU IA 206 -28.23 -82.21 87.97
CA GLU IA 206 -28.82 -83.55 87.91
C GLU IA 206 -28.44 -84.27 86.62
N GLY IA 207 -28.25 -83.53 85.52
CA GLY IA 207 -27.80 -84.15 84.30
C GLY IA 207 -26.42 -84.75 84.44
N ARG IA 208 -25.57 -84.14 85.26
CA ARG IA 208 -24.24 -84.69 85.54
C ARG IA 208 -24.31 -86.03 86.25
N SER IA 209 -25.37 -86.29 87.02
CA SER IA 209 -25.54 -87.54 87.76
C SER IA 209 -24.39 -87.74 88.75
N GLY JA 1 23.40 -50.62 54.67
CA GLY JA 1 22.89 -51.89 54.21
C GLY JA 1 23.94 -52.98 54.19
N GLN JA 2 24.82 -52.96 55.20
CA GLN JA 2 25.89 -53.94 55.33
C GLN JA 2 25.96 -54.38 56.79
N LYS JA 3 25.79 -55.68 57.02
CA LYS JA 3 25.85 -56.24 58.36
C LYS JA 3 27.25 -56.77 58.64
N ILE JA 4 27.73 -56.52 59.86
CA ILE JA 4 29.06 -56.95 60.24
C ILE JA 4 29.10 -58.47 60.36
N ASN JA 5 30.26 -59.04 60.07
CA ASN JA 5 30.47 -60.47 60.23
C ASN JA 5 30.35 -60.82 61.71
N PRO JA 6 29.41 -61.67 62.12
CA PRO JA 6 29.23 -61.90 63.57
C PRO JA 6 30.42 -62.53 64.25
N LEU JA 7 31.29 -63.21 63.52
CA LEU JA 7 32.48 -63.81 64.14
C LEU JA 7 33.40 -62.73 64.68
N GLY JA 8 33.75 -61.75 63.85
CA GLY JA 8 34.53 -60.61 64.31
C GLY JA 8 33.81 -59.78 65.36
N PHE JA 9 32.49 -59.86 65.42
CA PHE JA 9 31.69 -59.08 66.37
C PHE JA 9 31.70 -59.65 67.77
N ARG JA 10 32.18 -60.90 67.96
CA ARG JA 10 32.10 -61.58 69.24
C ARG JA 10 33.41 -62.28 69.62
N LEU JA 11 34.53 -61.81 69.10
CA LEU JA 11 35.82 -62.45 69.39
C LEU JA 11 36.19 -62.31 70.87
N GLY JA 12 35.78 -61.23 71.51
CA GLY JA 12 36.21 -60.97 72.87
C GLY JA 12 35.67 -61.96 73.88
N THR JA 13 34.35 -62.02 74.02
CA THR JA 13 33.70 -62.77 75.09
C THR JA 13 33.22 -64.14 74.63
N THR JA 14 32.38 -64.20 73.60
CA THR JA 14 31.71 -65.44 73.23
C THR JA 14 32.59 -66.31 72.32
N GLN JA 15 32.98 -65.79 71.16
CA GLN JA 15 33.73 -66.56 70.19
C GLN JA 15 35.21 -66.57 70.55
N SER JA 16 35.87 -67.66 70.18
CA SER JA 16 37.29 -67.86 70.40
C SER JA 16 38.01 -67.93 69.07
N HIS JA 17 39.33 -67.73 69.11
CA HIS JA 17 40.16 -67.79 67.92
C HIS JA 17 40.46 -69.25 67.57
N TYR JA 18 40.40 -69.54 66.28
CA TYR JA 18 40.71 -70.88 65.78
C TYR JA 18 42.18 -71.06 65.44
N SER JA 19 43.05 -70.19 65.97
CA SER JA 19 44.49 -70.31 65.76
C SER JA 19 45.17 -69.73 67.00
N LEU JA 20 45.52 -70.60 67.94
CA LEU JA 20 46.07 -70.20 69.23
C LEU JA 20 47.59 -70.34 69.18
N TRP JA 21 48.28 -69.20 69.10
CA TRP JA 21 49.74 -69.18 69.12
C TRP JA 21 50.20 -67.76 69.36
N PHE JA 22 51.50 -67.59 69.47
CA PHE JA 22 52.08 -66.29 69.75
C PHE JA 22 53.50 -66.22 69.19
N SER JA 23 53.86 -65.03 68.71
CA SER JA 23 55.23 -64.74 68.30
C SER JA 23 55.39 -63.24 68.29
N GLN JA 24 56.64 -62.80 68.16
CA GLN JA 24 56.92 -61.37 68.14
C GLN JA 24 56.33 -60.74 66.89
N PRO JA 25 56.18 -59.40 66.87
CA PRO JA 25 55.64 -58.76 65.66
C PRO JA 25 56.47 -58.98 64.42
N LYS JA 26 57.79 -59.06 64.57
CA LYS JA 26 58.65 -59.29 63.40
C LYS JA 26 58.39 -60.66 62.77
N ASN JA 27 58.12 -61.65 63.61
CA ASN JA 27 57.86 -63.02 63.17
C ASN JA 27 56.38 -63.36 63.12
N TYR JA 28 55.50 -62.41 63.43
CA TYR JA 28 54.06 -62.68 63.40
C TYR JA 28 53.59 -62.98 62.00
N ALA JA 29 54.19 -62.34 60.99
CA ALA JA 29 53.78 -62.55 59.61
C ALA JA 29 54.22 -63.93 59.12
N GLU JA 30 55.43 -64.36 59.50
CA GLU JA 30 55.92 -65.67 59.08
C GLU JA 30 55.08 -66.79 59.66
N GLY JA 31 54.56 -66.61 60.88
CA GLY JA 31 53.72 -67.63 61.46
C GLY JA 31 52.43 -67.81 60.69
N LEU JA 32 51.88 -66.72 60.17
CA LEU JA 32 50.65 -66.82 59.37
C LEU JA 32 50.92 -67.55 58.06
N GLN JA 33 52.10 -67.36 57.48
CA GLN JA 33 52.47 -68.10 56.29
C GLN JA 33 52.51 -69.60 56.57
N GLU JA 34 53.08 -69.99 57.70
CA GLU JA 34 53.11 -71.40 58.07
C GLU JA 34 51.69 -71.93 58.28
N ASP JA 35 50.80 -71.10 58.84
CA ASP JA 35 49.43 -71.52 59.06
C ASP JA 35 48.71 -71.77 57.75
N GLN JA 36 48.82 -70.83 56.80
CA GLN JA 36 48.12 -70.98 55.53
C GLN JA 36 48.68 -72.14 54.73
N LYS JA 37 50.01 -72.29 54.72
CA LYS JA 37 50.61 -73.43 54.03
C LYS JA 37 50.15 -74.75 54.60
N ILE JA 38 49.81 -74.79 55.89
CA ILE JA 38 49.19 -75.98 56.46
C ILE JA 38 47.73 -76.07 56.05
N ARG JA 39 46.95 -75.03 56.34
CA ARG JA 39 45.51 -75.05 56.08
C ARG JA 39 45.20 -75.26 54.61
N ASP JA 40 46.06 -74.75 53.71
CA ASP JA 40 45.79 -74.90 52.28
C ASP JA 40 46.08 -76.31 51.79
N CYS JA 41 47.15 -76.94 52.28
CA CYS JA 41 47.50 -78.27 51.81
C CYS JA 41 46.52 -79.33 52.28
N ILE JA 42 45.81 -79.10 53.39
CA ILE JA 42 44.78 -80.05 53.81
C ILE JA 42 43.65 -80.08 52.77
N LYS JA 43 43.27 -78.91 52.27
CA LYS JA 43 42.22 -78.85 51.25
C LYS JA 43 42.67 -79.53 49.97
N ASN JA 44 43.91 -79.26 49.55
CA ASN JA 44 44.47 -79.92 48.37
C ASN JA 44 44.59 -81.42 48.60
N TYR JA 45 44.75 -81.84 49.86
CA TYR JA 45 44.84 -83.26 50.18
C TYR JA 45 43.45 -83.91 50.15
N VAL JA 46 42.51 -83.38 50.94
CA VAL JA 46 41.19 -83.98 51.03
C VAL JA 46 40.44 -83.90 49.71
N GLN JA 47 40.73 -82.88 48.90
CA GLN JA 47 40.05 -82.73 47.61
C GLN JA 47 40.43 -83.86 46.66
N LYS JA 48 41.71 -84.23 46.63
CA LYS JA 48 42.18 -85.21 45.65
C LYS JA 48 41.93 -86.64 46.10
N ASN JA 49 42.05 -86.92 47.39
CA ASN JA 49 41.84 -88.28 47.88
C ASN JA 49 40.39 -88.70 47.68
N THR JA 50 39.45 -87.78 47.84
CA THR JA 50 38.03 -88.10 47.70
C THR JA 50 37.62 -88.01 46.24
N LYS JA 51 36.62 -88.82 45.87
CA LYS JA 51 36.07 -88.89 44.52
C LYS JA 51 35.19 -87.68 44.14
N THR JA 52 35.17 -86.56 44.88
CA THR JA 52 34.37 -85.38 44.53
C THR JA 52 32.87 -85.71 44.54
N SER JA 53 32.41 -86.13 45.72
CA SER JA 53 30.99 -86.40 45.97
C SER JA 53 30.36 -85.17 46.61
N SER JA 54 29.04 -85.24 46.79
CA SER JA 54 28.28 -84.18 47.45
C SER JA 54 28.21 -84.36 48.96
N GLY JA 55 29.10 -85.16 49.55
CA GLY JA 55 29.05 -85.51 50.95
C GLY JA 55 30.17 -84.90 51.77
N VAL JA 56 31.22 -85.69 52.01
CA VAL JA 56 32.27 -85.35 52.97
C VAL JA 56 33.47 -84.79 52.19
N GLU JA 57 33.20 -84.19 51.04
CA GLU JA 57 34.27 -83.62 50.22
C GLU JA 57 35.03 -82.54 50.98
N GLY JA 58 34.30 -81.73 51.76
CA GLY JA 58 34.90 -80.70 52.57
C GLY JA 58 34.95 -81.07 54.04
N ILE JA 59 35.50 -80.16 54.83
CA ILE JA 59 35.64 -80.33 56.27
C ILE JA 59 34.88 -79.21 56.98
N ALA JA 60 34.92 -79.24 58.31
CA ALA JA 60 34.22 -78.26 59.14
C ALA JA 60 35.15 -77.14 59.58
N ARG JA 61 36.26 -77.49 60.22
CA ARG JA 61 37.10 -76.49 60.86
C ARG JA 61 38.48 -77.07 61.11
N ILE JA 62 39.48 -76.18 61.12
CA ILE JA 62 40.86 -76.51 61.46
C ILE JA 62 41.26 -75.60 62.62
N GLU JA 63 41.97 -76.19 63.60
CA GLU JA 63 42.44 -75.46 64.78
C GLU JA 63 43.93 -75.72 64.95
N ILE JA 64 44.73 -74.68 64.78
CA ILE JA 64 46.18 -74.76 64.97
C ILE JA 64 46.50 -74.30 66.38
N GLN JA 65 47.37 -75.06 67.05
CA GLN JA 65 47.80 -74.74 68.41
C GLN JA 65 49.29 -75.01 68.50
N LYS JA 66 50.09 -73.96 68.56
CA LYS JA 66 51.54 -74.06 68.51
C LYS JA 66 52.15 -74.05 69.91
N ARG JA 67 53.30 -74.69 70.02
CA ARG JA 67 54.14 -74.60 71.21
C ARG JA 67 55.57 -74.80 70.75
N ILE JA 68 56.51 -74.49 71.64
CA ILE JA 68 57.92 -74.71 71.33
C ILE JA 68 58.13 -76.19 71.05
N ASP JA 69 58.52 -76.49 69.81
CA ASP JA 69 58.82 -77.86 69.37
C ASP JA 69 57.55 -78.71 69.31
N LEU JA 70 56.43 -78.10 68.92
CA LEU JA 70 55.20 -78.84 68.66
C LEU JA 70 54.19 -77.90 67.99
N ILE JA 71 53.42 -78.45 67.05
CA ILE JA 71 52.35 -77.73 66.39
C ILE JA 71 51.14 -78.65 66.43
N GLN JA 72 50.28 -78.46 67.44
CA GLN JA 72 49.11 -79.31 67.64
C GLN JA 72 48.01 -78.81 66.71
N VAL JA 73 47.67 -79.62 65.70
CA VAL JA 73 46.61 -79.33 64.76
C VAL JA 73 45.41 -80.22 65.07
N ILE JA 74 44.21 -79.69 64.91
CA ILE JA 74 42.98 -80.43 65.15
C ILE JA 74 42.03 -80.12 64.01
N ILE JA 75 41.80 -81.10 63.15
CA ILE JA 75 40.80 -80.99 62.08
C ILE JA 75 39.46 -81.44 62.65
N HIS JA 76 38.39 -80.78 62.23
CA HIS JA 76 37.03 -81.10 62.65
C HIS JA 76 36.22 -81.49 61.42
N MET JA 77 35.51 -82.61 61.52
CA MET JA 77 34.70 -83.13 60.42
C MET JA 77 33.45 -83.77 60.99
N GLY JA 78 32.53 -84.13 60.08
CA GLY JA 78 31.30 -84.80 60.44
C GLY JA 78 31.38 -86.29 60.25
N PHE JA 79 32.20 -86.72 59.29
CA PHE JA 79 32.36 -88.14 58.99
C PHE JA 79 33.80 -88.40 58.58
N PRO JA 80 34.73 -88.45 59.55
CA PRO JA 80 36.12 -88.75 59.22
C PRO JA 80 36.32 -90.11 58.58
N LYS JA 81 35.45 -91.08 58.88
CA LYS JA 81 35.66 -92.46 58.44
C LYS JA 81 35.57 -92.64 56.94
N LEU JA 82 35.07 -91.64 56.20
CA LEU JA 82 34.97 -91.78 54.75
C LEU JA 82 36.32 -91.66 54.06
N LEU JA 83 37.23 -90.86 54.62
CA LEU JA 83 38.53 -90.60 54.00
C LEU JA 83 39.69 -90.68 54.99
N ILE JA 84 39.49 -91.29 56.16
CA ILE JA 84 40.54 -91.52 57.14
C ILE JA 84 40.68 -93.01 57.46
N GLU JA 85 39.55 -93.67 57.72
CA GLU JA 85 39.59 -95.09 58.09
C GLU JA 85 39.74 -96.00 56.88
N ASN JA 86 39.30 -95.55 55.70
CA ASN JA 86 39.43 -96.38 54.50
C ASN JA 86 40.88 -96.63 54.15
N ARG JA 87 41.74 -95.62 54.35
CA ARG JA 87 43.16 -95.72 54.03
C ARG JA 87 43.97 -95.66 55.33
N PRO JA 88 44.65 -96.72 55.76
CA PRO JA 88 45.44 -96.59 56.99
C PRO JA 88 46.61 -95.64 56.84
N GLN JA 89 47.22 -95.59 55.66
CA GLN JA 89 48.29 -94.63 55.39
C GLN JA 89 47.77 -93.25 55.02
N GLY JA 90 46.46 -93.09 54.82
CA GLY JA 90 45.92 -91.78 54.49
C GLY JA 90 46.15 -90.77 55.60
N VAL JA 91 45.90 -91.17 56.85
CA VAL JA 91 46.17 -90.28 57.97
C VAL JA 91 47.68 -90.05 58.11
N GLU JA 92 48.49 -91.02 57.72
CA GLU JA 92 49.94 -90.88 57.82
C GLU JA 92 50.50 -90.02 56.70
N ASP JA 93 50.02 -90.23 55.47
CA ASP JA 93 50.48 -89.44 54.33
C ASP JA 93 50.19 -87.96 54.51
N LEU JA 94 49.18 -87.61 55.31
CA LEU JA 94 48.92 -86.20 55.60
C LEU JA 94 50.09 -85.57 56.33
N LYS JA 95 50.73 -86.33 57.24
CA LYS JA 95 51.86 -85.79 57.98
C LYS JA 95 53.06 -85.57 57.08
N ILE JA 96 53.31 -86.50 56.15
CA ILE JA 96 54.36 -86.29 55.17
C ILE JA 96 54.00 -85.16 54.22
N ASN JA 97 52.70 -84.96 53.98
CA ASN JA 97 52.27 -83.88 53.10
C ASN JA 97 52.61 -82.52 53.72
N VAL JA 98 52.53 -82.42 55.04
CA VAL JA 98 52.82 -81.16 55.72
C VAL JA 98 54.29 -81.03 56.05
N GLN JA 99 54.95 -82.14 56.40
CA GLN JA 99 56.31 -82.09 56.94
C GLN JA 99 57.33 -81.60 55.93
N LYS JA 100 57.05 -81.72 54.62
CA LYS JA 100 58.02 -81.27 53.63
C LYS JA 100 58.23 -79.76 53.70
N GLU JA 101 57.15 -79.00 53.73
CA GLU JA 101 57.23 -77.54 53.78
C GLU JA 101 57.36 -76.99 55.21
N LEU JA 102 57.19 -77.83 56.22
CA LEU JA 102 57.11 -77.32 57.59
C LEU JA 102 58.49 -76.98 58.13
N ASN JA 103 59.36 -77.98 58.28
CA ASN JA 103 60.70 -77.76 58.82
C ASN JA 103 61.46 -79.07 58.65
N CYS JA 104 62.72 -79.07 59.10
CA CYS JA 104 63.51 -80.28 59.23
C CYS JA 104 63.09 -81.00 60.50
N VAL JA 105 63.92 -81.93 60.99
CA VAL JA 105 63.56 -82.81 62.11
C VAL JA 105 62.98 -82.07 63.31
N ASN JA 106 63.45 -80.84 63.56
CA ASN JA 106 62.94 -80.07 64.68
C ASN JA 106 61.55 -79.49 64.35
N ARG JA 107 60.84 -79.11 65.41
CA ARG JA 107 59.49 -78.56 65.29
C ARG JA 107 58.56 -79.57 64.60
N LYS JA 108 58.43 -80.74 65.22
CA LYS JA 108 57.52 -81.75 64.72
C LYS JA 108 56.07 -81.33 64.98
N LEU JA 109 55.15 -82.15 64.50
CA LEU JA 109 53.72 -81.87 64.63
C LEU JA 109 52.94 -83.17 64.74
N ASN JA 110 51.95 -83.18 65.62
CA ASN JA 110 50.94 -84.23 65.69
C ASN JA 110 49.58 -83.62 65.36
N ILE JA 111 48.71 -84.43 64.75
CA ILE JA 111 47.43 -83.95 64.24
C ILE JA 111 46.36 -84.99 64.58
N ALA JA 112 45.17 -84.50 64.93
CA ALA JA 112 44.03 -85.35 65.28
C ALA JA 112 42.80 -84.88 64.52
N ILE JA 113 41.89 -85.82 64.31
CA ILE JA 113 40.62 -85.57 63.60
C ILE JA 113 39.50 -85.97 64.55
N THR JA 114 38.84 -84.98 65.14
CA THR JA 114 37.78 -85.21 66.12
C THR JA 114 36.42 -85.11 65.46
N ARG JA 115 35.52 -86.02 65.82
CA ARG JA 115 34.17 -86.00 65.32
C ARG JA 115 33.35 -84.92 66.02
N ILE JA 116 32.72 -84.05 65.24
CA ILE JA 116 31.77 -83.10 65.81
C ILE JA 116 30.51 -83.85 66.21
N ALA JA 117 29.81 -83.32 67.21
CA ALA JA 117 28.60 -83.97 67.71
C ALA JA 117 27.55 -84.08 66.61
N LYS JA 118 27.17 -82.95 66.02
CA LYS JA 118 26.19 -82.90 64.94
C LYS JA 118 26.92 -82.62 63.63
N PRO JA 119 26.98 -83.55 62.67
CA PRO JA 119 27.75 -83.26 61.45
C PRO JA 119 27.16 -82.16 60.60
N TYR JA 120 25.86 -81.85 60.77
CA TYR JA 120 25.18 -80.81 60.01
C TYR JA 120 24.78 -79.63 60.88
N GLY JA 121 25.03 -79.69 62.19
CA GLY JA 121 24.72 -78.55 63.05
C GLY JA 121 25.52 -77.31 62.70
N ASP JA 122 26.74 -77.49 62.24
CA ASP JA 122 27.57 -76.37 61.82
C ASP JA 122 27.16 -75.90 60.43
N PRO JA 123 27.48 -74.65 60.06
CA PRO JA 123 27.12 -74.18 58.72
C PRO JA 123 28.07 -74.64 57.63
N ASN JA 124 29.21 -75.22 58.00
CA ASN JA 124 30.21 -75.58 57.00
C ASN JA 124 29.70 -76.68 56.07
N ILE JA 125 29.37 -77.85 56.63
CA ILE JA 125 28.88 -78.94 55.81
C ILE JA 125 27.48 -78.63 55.30
N LEU JA 126 26.69 -77.87 56.07
CA LEU JA 126 25.35 -77.52 55.65
C LEU JA 126 25.39 -76.69 54.37
N ALA JA 127 26.43 -75.86 54.20
CA ALA JA 127 26.59 -75.13 52.95
C ALA JA 127 26.98 -76.06 51.82
N GLU JA 128 27.88 -77.02 52.09
CA GLU JA 128 28.36 -77.90 51.04
C GLU JA 128 27.29 -78.89 50.61
N PHE JA 129 26.46 -79.34 51.56
CA PHE JA 129 25.33 -80.18 51.21
C PHE JA 129 24.38 -79.46 50.26
N ILE JA 130 24.21 -78.15 50.45
CA ILE JA 130 23.42 -77.35 49.52
C ILE JA 130 24.16 -77.20 48.20
N ALA JA 131 25.44 -76.82 48.27
CA ALA JA 131 26.20 -76.52 47.06
C ALA JA 131 26.33 -77.74 46.15
N GLY JA 132 26.38 -78.94 46.73
CA GLY JA 132 26.43 -80.14 45.91
C GLY JA 132 25.21 -80.32 45.05
N GLN JA 133 24.07 -79.79 45.49
CA GLN JA 133 22.84 -79.86 44.72
C GLN JA 133 22.71 -78.74 43.69
N LEU JA 134 23.29 -77.57 43.97
CA LEU JA 134 23.27 -76.49 42.98
C LEU JA 134 24.18 -76.78 41.81
N LYS JA 135 25.28 -77.51 42.03
CA LYS JA 135 26.15 -77.89 40.92
C LYS JA 135 25.48 -78.94 40.05
N SER JA 136 24.74 -79.87 40.67
CA SER JA 136 23.91 -80.81 39.94
C SER JA 136 22.56 -80.21 39.54
N ARG JA 137 22.32 -78.93 39.85
CA ARG JA 137 21.09 -78.20 39.52
C ARG JA 137 19.84 -79.02 39.84
N VAL JA 138 19.74 -79.45 41.10
CA VAL JA 138 18.52 -80.09 41.58
C VAL JA 138 17.37 -79.10 41.52
N SER JA 139 17.47 -78.02 42.27
CA SER JA 139 16.53 -76.90 42.25
C SER JA 139 17.07 -75.87 43.23
N PHE JA 140 16.41 -74.71 43.28
CA PHE JA 140 16.82 -73.64 44.18
C PHE JA 140 16.16 -73.78 45.55
N ARG JA 141 14.84 -73.81 45.59
CA ARG JA 141 14.14 -73.79 46.86
C ARG JA 141 14.16 -75.15 47.55
N LYS JA 142 14.31 -76.24 46.80
CA LYS JA 142 14.37 -77.56 47.42
C LYS JA 142 15.64 -77.71 48.25
N ALA JA 143 16.78 -77.27 47.71
CA ALA JA 143 18.01 -77.31 48.49
C ALA JA 143 17.93 -76.39 49.70
N MET JA 144 17.23 -75.26 49.56
CA MET JA 144 17.04 -74.37 50.69
C MET JA 144 16.02 -74.93 51.67
N LYS JA 145 15.00 -75.61 51.17
CA LYS JA 145 13.99 -76.20 52.02
C LYS JA 145 14.50 -77.48 52.70
N LYS JA 146 15.21 -78.32 51.94
CA LYS JA 146 15.74 -79.56 52.50
C LYS JA 146 16.76 -79.28 53.60
N ALA JA 147 17.55 -78.22 53.45
CA ALA JA 147 18.54 -77.89 54.46
C ALA JA 147 17.87 -77.51 55.78
N ILE JA 148 16.81 -76.71 55.71
CA ILE JA 148 16.09 -76.32 56.92
C ILE JA 148 15.46 -77.54 57.59
N GLU JA 149 14.84 -78.42 56.79
CA GLU JA 149 14.26 -79.64 57.32
C GLU JA 149 15.32 -80.57 57.89
N LEU JA 150 16.57 -80.46 57.44
CA LEU JA 150 17.62 -81.34 57.91
C LEU JA 150 18.12 -80.94 59.29
N THR JA 151 18.35 -79.65 59.51
CA THR JA 151 18.93 -79.18 60.75
C THR JA 151 18.02 -79.36 61.96
N GLU JA 152 16.73 -79.63 61.75
CA GLU JA 152 15.84 -79.93 62.87
C GLU JA 152 16.30 -81.18 63.61
N GLN JA 153 16.89 -82.14 62.90
CA GLN JA 153 17.47 -83.31 63.54
C GLN JA 153 18.68 -82.93 64.38
N ALA JA 154 19.41 -81.89 63.97
CA ALA JA 154 20.57 -81.42 64.72
C ALA JA 154 20.21 -80.59 65.94
N ASP JA 155 18.93 -80.39 66.23
CA ASP JA 155 18.47 -79.66 67.41
C ASP JA 155 18.97 -78.22 67.41
N THR JA 156 18.64 -77.50 66.34
CA THR JA 156 18.97 -76.09 66.21
C THR JA 156 17.75 -75.25 66.58
N LYS JA 157 18.01 -74.11 67.22
CA LYS JA 157 16.93 -73.22 67.66
C LYS JA 157 16.52 -72.24 66.56
N GLY JA 158 17.47 -71.68 65.83
CA GLY JA 158 17.17 -70.76 64.75
C GLY JA 158 18.22 -70.87 63.67
N ILE JA 159 17.84 -70.43 62.47
CA ILE JA 159 18.72 -70.51 61.30
C ILE JA 159 18.28 -69.48 60.29
N GLN JA 160 19.24 -68.97 59.52
CA GLN JA 160 18.98 -68.06 58.42
C GLN JA 160 19.91 -68.41 57.28
N ILE JA 161 19.37 -68.41 56.05
CA ILE JA 161 20.12 -68.77 54.86
C ILE JA 161 19.91 -67.69 53.82
N GLN JA 162 20.97 -67.37 53.08
CA GLN JA 162 20.93 -66.37 52.03
C GLN JA 162 21.71 -66.88 50.83
N ILE JA 163 21.18 -66.62 49.63
CA ILE JA 163 21.83 -66.97 48.38
C ILE JA 163 21.77 -65.75 47.46
N ALA JA 164 22.86 -65.49 46.75
CA ALA JA 164 22.97 -64.33 45.88
C ALA JA 164 23.68 -64.72 44.59
N GLY JA 165 23.23 -64.12 43.50
CA GLY JA 165 23.80 -64.35 42.18
C GLY JA 165 22.75 -64.71 41.15
N ARG JA 166 23.13 -65.53 40.19
CA ARG JA 166 22.23 -65.97 39.12
C ARG JA 166 21.75 -67.38 39.42
N ILE JA 167 20.44 -67.59 39.25
CA ILE JA 167 19.80 -68.84 39.63
C ILE JA 167 19.13 -69.47 38.42
N ASP JA 168 18.20 -68.76 37.81
CA ASP JA 168 17.41 -69.28 36.71
C ASP JA 168 18.08 -69.08 35.34
N GLY JA 169 19.39 -68.80 35.32
CA GLY JA 169 20.09 -68.55 34.08
C GLY JA 169 19.78 -67.21 33.43
N LYS JA 170 18.97 -66.37 34.08
CA LYS JA 170 18.59 -65.10 33.48
C LYS JA 170 19.80 -64.17 33.40
N GLU JA 171 19.65 -63.12 32.58
CA GLU JA 171 20.69 -62.11 32.43
C GLU JA 171 20.81 -61.20 33.65
N ILE JA 172 19.92 -61.32 34.63
CA ILE JA 172 19.94 -60.51 35.84
C ILE JA 172 20.00 -61.44 37.05
N ALA JA 173 20.73 -60.99 38.07
CA ALA JA 173 20.90 -61.74 39.29
C ALA JA 173 19.78 -61.42 40.28
N ARG JA 174 19.69 -62.23 41.33
CA ARG JA 174 18.71 -62.06 42.38
C ARG JA 174 19.30 -62.48 43.72
N ILE JA 175 18.62 -62.05 44.79
CA ILE JA 175 19.04 -62.33 46.15
C ILE JA 175 17.81 -62.84 46.89
N GLU JA 176 17.85 -64.11 47.29
CA GLU JA 176 16.76 -64.75 48.03
C GLU JA 176 17.30 -65.30 49.34
N TRP JA 177 16.54 -65.11 50.41
CA TRP JA 177 16.94 -65.53 51.75
C TRP JA 177 15.72 -66.10 52.47
N ILE JA 178 15.98 -66.65 53.65
CA ILE JA 178 14.91 -67.20 54.49
C ILE JA 178 15.43 -67.26 55.93
N ARG JA 179 14.51 -67.10 56.87
CA ARG JA 179 14.81 -67.14 58.29
C ARG JA 179 13.81 -68.05 58.99
N GLU JA 180 14.28 -68.75 60.03
CA GLU JA 180 13.42 -69.61 60.83
C GLU JA 180 13.87 -69.54 62.28
N GLY JA 181 12.92 -69.43 63.18
CA GLY JA 181 13.23 -69.31 64.61
C GLY JA 181 13.56 -67.87 64.99
N ARG JA 182 14.75 -67.66 65.54
CA ARG JA 182 15.22 -66.33 65.89
C ARG JA 182 16.72 -66.29 65.75
N VAL JA 183 17.22 -65.25 65.10
CA VAL JA 183 18.64 -65.11 64.81
C VAL JA 183 19.05 -63.68 65.12
N PRO JA 184 19.23 -63.32 66.40
CA PRO JA 184 19.62 -61.94 66.74
C PRO JA 184 21.10 -61.71 66.47
N LEU JA 185 21.40 -60.79 65.56
CA LEU JA 185 22.78 -60.46 65.24
C LEU JA 185 23.38 -59.46 66.22
N GLN JA 186 22.55 -58.55 66.74
CA GLN JA 186 23.02 -57.49 67.63
C GLN JA 186 23.19 -57.94 69.07
N THR JA 187 23.00 -59.23 69.37
CA THR JA 187 23.12 -59.75 70.73
C THR JA 187 24.50 -60.39 70.88
N ILE JA 188 25.39 -59.72 71.61
CA ILE JA 188 26.74 -60.22 71.80
C ILE JA 188 26.73 -61.47 72.66
N ARG JA 189 25.77 -61.58 73.59
CA ARG JA 189 25.73 -62.72 74.50
C ARG JA 189 25.48 -64.03 73.77
N ALA JA 190 24.75 -63.99 72.67
CA ALA JA 190 24.33 -65.22 72.00
C ALA JA 190 25.50 -65.90 71.29
N LYS JA 191 25.32 -67.19 71.04
CA LYS JA 191 26.28 -68.00 70.30
C LYS JA 191 25.74 -68.22 68.89
N ILE JA 192 26.42 -67.68 67.90
CA ILE JA 192 26.04 -67.81 66.50
C ILE JA 192 27.28 -68.20 65.70
N ASP JA 193 27.13 -69.21 64.85
CA ASP JA 193 28.16 -69.62 63.92
C ASP JA 193 27.83 -69.09 62.53
N TYR JA 194 28.87 -68.81 61.75
CA TYR JA 194 28.73 -68.18 60.45
C TYR JA 194 29.73 -68.77 59.48
N CYS JA 195 29.34 -68.89 58.22
CA CYS JA 195 30.22 -69.37 57.17
C CYS JA 195 29.78 -68.80 55.83
N ALA JA 196 30.75 -68.50 54.99
CA ALA JA 196 30.52 -68.05 53.62
C ALA JA 196 31.17 -69.03 52.67
N TYR JA 197 30.48 -69.33 51.56
CA TYR JA 197 30.94 -70.34 50.62
C TYR JA 197 30.57 -69.92 49.21
N THR JA 198 31.43 -70.25 48.26
CA THR JA 198 31.25 -69.93 46.85
C THR JA 198 31.00 -71.20 46.06
N VAL JA 199 30.22 -71.08 44.98
CA VAL JA 199 29.84 -72.21 44.14
C VAL JA 199 30.05 -71.79 42.69
N ARG JA 200 31.01 -72.43 42.03
CA ARG JA 200 31.32 -72.11 40.64
C ARG JA 200 30.35 -72.85 39.73
N THR JA 201 29.33 -72.14 39.25
CA THR JA 201 28.36 -72.65 38.31
C THR JA 201 28.90 -72.47 36.90
N ILE JA 202 28.33 -73.20 35.94
CA ILE JA 202 28.73 -73.09 34.54
C ILE JA 202 28.58 -71.67 34.04
N TYR JA 203 27.65 -70.90 34.60
CA TYR JA 203 27.52 -69.47 34.37
C TYR JA 203 27.67 -68.75 35.70
N GLY JA 204 28.65 -67.85 35.78
CA GLY JA 204 28.83 -67.03 36.96
C GLY JA 204 29.22 -67.84 38.19
N VAL JA 205 28.90 -67.25 39.34
CA VAL JA 205 29.26 -67.80 40.64
C VAL JA 205 28.22 -67.37 41.66
N LEU JA 206 27.98 -68.23 42.64
CA LEU JA 206 27.00 -67.99 43.69
C LEU JA 206 27.70 -67.75 45.02
N GLY JA 207 26.95 -67.19 45.95
CA GLY JA 207 27.46 -66.96 47.30
C GLY JA 207 26.39 -67.32 48.32
N ILE JA 208 26.82 -68.01 49.37
CA ILE JA 208 25.91 -68.57 50.37
C ILE JA 208 26.35 -68.06 51.73
N LYS JA 209 25.51 -67.24 52.35
CA LYS JA 209 25.70 -66.77 53.73
C LYS JA 209 24.69 -67.47 54.63
N ILE JA 210 25.17 -68.04 55.72
CA ILE JA 210 24.36 -68.85 56.62
C ILE JA 210 24.61 -68.39 58.05
N TRP JA 211 23.53 -68.26 58.82
CA TRP JA 211 23.59 -68.01 60.25
C TRP JA 211 22.82 -69.10 60.97
N ILE JA 212 23.37 -69.56 62.10
CA ILE JA 212 22.79 -70.64 62.88
C ILE JA 212 22.80 -70.21 64.34
N PHE JA 213 21.61 -70.03 64.91
CA PHE JA 213 21.46 -69.72 66.32
C PHE JA 213 21.41 -71.03 67.09
N MET JA 214 22.38 -71.22 67.99
CA MET JA 214 22.54 -72.46 68.74
C MET JA 214 22.31 -72.31 70.24
N GLY JA 215 22.56 -71.13 70.80
CA GLY JA 215 22.39 -70.95 72.23
C GLY JA 215 22.39 -69.49 72.66
N GLU JA 216 21.46 -69.13 73.54
CA GLU JA 216 21.42 -67.77 74.07
C GLU JA 216 22.61 -67.50 74.98
N GLU JA 217 23.07 -68.51 75.71
CA GLU JA 217 24.20 -68.38 76.62
C GLU JA 217 23.93 -67.32 77.67
N SER KA 1 -3.05 -92.27 3.59
CA SER KA 1 -4.22 -92.67 4.36
C SER KA 1 -3.88 -93.80 5.33
N ARG KA 2 -2.66 -93.79 5.84
CA ARG KA 2 -2.22 -94.85 6.74
C ARG KA 2 -0.95 -94.39 7.44
N TYR KA 3 -0.70 -95.00 8.60
CA TYR KA 3 0.37 -94.51 9.49
C TYR KA 3 1.74 -94.74 8.87
N ARG KA 4 2.11 -95.99 8.61
CA ARG KA 4 3.37 -96.35 7.98
C ARG KA 4 4.59 -95.83 8.73
N GLY KA 5 4.57 -95.86 10.06
CA GLY KA 5 5.63 -95.31 10.87
C GLY KA 5 5.93 -96.16 12.08
N PRO KA 6 6.88 -95.72 12.91
CA PRO KA 6 7.18 -96.45 14.14
C PRO KA 6 6.07 -96.32 15.17
N ARG KA 7 5.86 -97.39 15.92
CA ARG KA 7 4.77 -97.47 16.88
C ARG KA 7 5.22 -97.33 18.33
N PHE KA 8 6.44 -97.75 18.66
CA PHE KA 8 6.93 -97.55 20.02
C PHE KA 8 7.18 -96.07 20.31
N LYS KA 9 7.42 -95.26 19.27
CA LYS KA 9 7.61 -93.83 19.48
C LYS KA 9 6.40 -93.18 20.11
N LYS KA 10 5.20 -93.70 19.83
CA LYS KA 10 3.96 -93.19 20.41
C LYS KA 10 3.56 -93.91 21.67
N ILE KA 11 3.92 -95.19 21.80
CA ILE KA 11 3.48 -95.97 22.96
C ILE KA 11 4.20 -95.51 24.23
N ARG KA 12 5.41 -94.97 24.10
CA ARG KA 12 6.08 -94.39 25.26
C ARG KA 12 5.31 -93.20 25.80
N ARG KA 13 4.72 -92.40 24.92
CA ARG KA 13 4.03 -91.17 25.29
C ARG KA 13 2.53 -91.33 25.44
N LEU KA 14 1.90 -92.19 24.63
CA LEU KA 14 0.45 -92.24 24.57
C LEU KA 14 -0.12 -93.12 25.68
N GLY KA 15 0.23 -94.41 25.70
CA GLY KA 15 -0.35 -95.33 26.64
C GLY KA 15 -0.07 -96.78 26.31
N ALA KA 16 -1.11 -97.59 26.26
CA ALA KA 16 -1.02 -99.00 25.89
C ALA KA 16 -2.02 -99.26 24.77
N LEU KA 17 -1.61 -100.09 23.80
CA LEU KA 17 -2.40 -100.37 22.60
C LEU KA 17 -2.22 -101.83 22.22
N PRO KA 18 -2.95 -102.74 22.88
CA PRO KA 18 -2.89 -104.15 22.45
C PRO KA 18 -3.37 -104.37 21.03
N GLY KA 19 -4.25 -103.49 20.53
CA GLY KA 19 -4.75 -103.66 19.17
C GLY KA 19 -3.67 -103.50 18.13
N LEU KA 20 -2.78 -102.52 18.31
CA LEU KA 20 -1.72 -102.28 17.34
C LEU KA 20 -0.72 -103.43 17.35
N THR KA 21 -0.17 -103.74 18.51
CA THR KA 21 0.82 -104.80 18.63
C THR KA 21 0.92 -105.23 20.08
N ASN KA 22 1.01 -106.54 20.29
CA ASN KA 22 1.14 -107.08 21.63
C ASN KA 22 2.53 -106.89 22.23
N LYS KA 23 3.50 -106.45 21.43
CA LYS KA 23 4.82 -106.15 21.96
C LYS KA 23 4.74 -104.99 22.95
N ARG KA 24 5.79 -104.85 23.74
CA ARG KA 24 5.88 -103.86 24.80
C ARG KA 24 7.13 -103.00 24.62
N PRO KA 25 7.18 -101.81 25.20
CA PRO KA 25 8.41 -101.02 25.14
C PRO KA 25 9.48 -101.60 26.04
N ARG KA 26 10.73 -101.21 25.75
CA ARG KA 26 11.88 -101.72 26.49
C ARG KA 26 12.29 -100.78 27.61
N ALA KA 27 12.62 -99.54 27.27
CA ALA KA 27 13.38 -98.65 28.14
C ALA KA 27 12.52 -97.50 28.67
N GLY KA 28 12.62 -97.26 29.97
CA GLY KA 28 12.22 -96.00 30.55
C GLY KA 28 13.36 -95.01 30.37
N SER KA 29 13.47 -94.47 29.15
CA SER KA 29 14.68 -93.90 28.60
C SER KA 29 15.46 -93.00 29.55
N ASP KA 30 14.87 -91.87 29.96
CA ASP KA 30 15.59 -90.87 30.72
C ASP KA 30 14.64 -90.19 31.70
N LEU KA 31 15.12 -90.00 32.93
CA LEU KA 31 14.42 -89.17 33.90
C LEU KA 31 14.43 -87.70 33.51
N ARG KA 32 15.41 -87.28 32.70
CA ARG KA 32 15.49 -85.89 32.27
C ARG KA 32 14.26 -85.49 31.47
N ASN KA 33 13.93 -86.26 30.44
CA ASN KA 33 12.81 -85.93 29.56
C ASN KA 33 11.48 -85.98 30.31
N GLN KA 34 11.37 -86.87 31.32
CA GLN KA 34 10.16 -86.88 32.14
C GLN KA 34 10.05 -85.61 32.96
N SER KA 35 11.18 -85.09 33.43
CA SER KA 35 11.18 -83.79 34.09
C SER KA 35 10.85 -82.67 33.11
N ARG KA 36 11.27 -82.81 31.85
CA ARG KA 36 10.93 -81.82 30.84
C ARG KA 36 9.42 -81.79 30.59
N SER KA 37 8.79 -82.95 30.43
CA SER KA 37 7.36 -83.00 30.19
C SER KA 37 6.58 -82.54 31.42
N GLY KA 38 6.73 -83.26 32.52
CA GLY KA 38 6.06 -82.86 33.75
C GLY KA 38 4.56 -83.02 33.65
N LYS KA 39 3.84 -81.97 34.02
CA LYS KA 39 2.39 -82.01 34.07
C LYS KA 39 1.82 -82.00 32.66
N ARG KA 40 0.48 -81.94 32.57
CA ARG KA 40 -0.23 -81.95 31.29
C ARG KA 40 -1.46 -81.07 31.42
N SER KA 41 -1.84 -80.43 30.33
CA SER KA 41 -3.03 -79.61 30.30
C SER KA 41 -4.27 -80.46 30.09
N GLN KA 42 -5.43 -79.90 30.45
CA GLN KA 42 -6.69 -80.62 30.31
C GLN KA 42 -6.99 -80.90 28.84
N TYR KA 43 -6.71 -79.93 27.97
CA TYR KA 43 -6.90 -80.15 26.54
C TYR KA 43 -5.99 -81.26 26.04
N ARG KA 44 -4.78 -81.35 26.58
CA ARG KA 44 -3.85 -82.40 26.19
C ARG KA 44 -4.34 -83.76 26.64
N ILE KA 45 -4.94 -83.83 27.83
CA ILE KA 45 -5.46 -85.11 28.33
C ILE KA 45 -6.61 -85.58 27.47
N ARG KA 46 -7.53 -84.68 27.13
CA ARG KA 46 -8.60 -85.02 26.19
C ARG KA 46 -8.03 -85.36 24.83
N LEU KA 47 -6.93 -84.73 24.44
CA LEU KA 47 -6.31 -85.01 23.15
C LEU KA 47 -5.72 -86.41 23.13
N GLU KA 48 -4.92 -86.75 24.14
CA GLU KA 48 -4.26 -88.06 24.17
C GLU KA 48 -5.27 -89.19 24.24
N GLU KA 49 -6.43 -88.96 24.87
CA GLU KA 49 -7.46 -89.99 24.91
C GLU KA 49 -8.02 -90.23 23.50
N LYS KA 50 -8.08 -89.18 22.68
CA LYS KA 50 -8.57 -89.33 21.32
C LYS KA 50 -7.56 -90.09 20.45
N GLN KA 51 -6.27 -89.84 20.67
CA GLN KA 51 -5.24 -90.44 19.82
C GLN KA 51 -5.20 -91.96 19.99
N LYS KA 52 -5.57 -92.47 21.16
CA LYS KA 52 -5.61 -93.91 21.36
C LYS KA 52 -6.56 -94.59 20.40
N LEU KA 53 -7.66 -93.91 20.04
CA LEU KA 53 -8.60 -94.47 19.07
C LEU KA 53 -8.02 -94.43 17.66
N ARG KA 54 -7.12 -93.48 17.39
CA ARG KA 54 -6.55 -93.36 16.04
C ARG KA 54 -5.59 -94.50 15.72
N PHE KA 55 -5.00 -95.11 16.76
CA PHE KA 55 -4.06 -96.22 16.57
C PHE KA 55 -4.70 -97.59 16.75
N HIS KA 56 -5.57 -97.74 17.74
CA HIS KA 56 -6.13 -99.05 18.05
C HIS KA 56 -7.02 -99.58 16.92
N TYR KA 57 -7.50 -98.69 16.06
CA TYR KA 57 -8.40 -99.06 14.97
C TYR KA 57 -7.87 -98.73 13.59
N GLY KA 58 -6.83 -97.89 13.49
CA GLY KA 58 -6.33 -97.50 12.19
C GLY KA 58 -7.34 -96.69 11.42
N ILE KA 59 -7.64 -95.48 11.92
CA ILE KA 59 -8.72 -94.65 11.42
C ILE KA 59 -8.22 -93.23 11.31
N THR KA 60 -8.85 -92.47 10.41
CA THR KA 60 -8.55 -91.06 10.20
C THR KA 60 -9.55 -90.20 10.94
N GLU KA 61 -9.19 -88.92 11.12
CA GLU KA 61 -10.10 -87.99 11.78
C GLU KA 61 -11.37 -87.79 10.97
N ARG KA 62 -11.23 -87.67 9.64
CA ARG KA 62 -12.40 -87.57 8.78
C ARG KA 62 -13.27 -88.83 8.89
N GLN KA 63 -12.63 -90.00 8.85
CA GLN KA 63 -13.39 -91.25 9.01
C GLN KA 63 -13.93 -91.38 10.43
N LEU KA 64 -13.21 -90.84 11.41
CA LEU KA 64 -13.69 -90.89 12.79
C LEU KA 64 -14.81 -89.90 13.03
N LEU KA 65 -14.64 -88.67 12.53
CA LEU KA 65 -15.61 -87.61 12.82
C LEU KA 65 -16.96 -87.92 12.20
N LYS KA 66 -16.99 -88.68 11.10
CA LYS KA 66 -18.25 -89.15 10.55
C LYS KA 66 -19.00 -90.01 11.55
N TYR KA 67 -18.28 -90.93 12.21
CA TYR KA 67 -18.90 -91.79 13.20
C TYR KA 67 -19.43 -90.99 14.39
N VAL KA 68 -18.80 -89.85 14.67
CA VAL KA 68 -19.29 -89.00 15.76
C VAL KA 68 -20.67 -88.47 15.42
N ARG KA 69 -20.91 -88.10 14.17
CA ARG KA 69 -22.22 -87.61 13.78
C ARG KA 69 -23.27 -88.71 13.90
N ILE KA 70 -22.90 -89.94 13.56
CA ILE KA 70 -23.85 -91.05 13.64
C ILE KA 70 -24.21 -91.31 15.11
N ALA KA 71 -23.24 -91.14 16.00
CA ALA KA 71 -23.51 -91.35 17.42
C ALA KA 71 -24.39 -90.25 17.98
N ARG KA 72 -24.16 -89.00 17.56
CA ARG KA 72 -24.99 -87.91 18.01
C ARG KA 72 -26.43 -88.07 17.53
N LYS KA 73 -26.61 -88.53 16.29
CA LYS KA 73 -27.95 -88.83 15.79
C LYS KA 73 -28.58 -89.98 16.58
N ALA KA 74 -27.79 -91.00 16.90
CA ALA KA 74 -28.28 -92.10 17.71
C ALA KA 74 -28.58 -91.61 19.12
N LYS KA 75 -29.69 -92.09 19.68
CA LYS KA 75 -30.15 -91.62 20.98
C LYS KA 75 -29.52 -92.45 22.10
N GLY KA 76 -28.96 -91.78 23.09
CA GLY KA 76 -28.51 -92.43 24.30
C GLY KA 76 -27.08 -92.91 24.24
N SER KA 77 -26.24 -92.40 25.13
CA SER KA 77 -24.85 -92.83 25.30
C SER KA 77 -24.09 -92.73 23.98
N THR KA 78 -23.96 -91.48 23.50
CA THR KA 78 -23.24 -91.23 22.25
C THR KA 78 -21.80 -91.71 22.32
N GLY KA 79 -21.20 -91.71 23.52
CA GLY KA 79 -19.87 -92.28 23.66
C GLY KA 79 -19.86 -93.78 23.49
N GLN KA 80 -20.89 -94.46 24.02
CA GLN KA 80 -20.97 -95.91 23.88
C GLN KA 80 -21.29 -96.31 22.45
N VAL KA 81 -22.22 -95.61 21.82
CA VAL KA 81 -22.60 -95.93 20.44
C VAL KA 81 -21.42 -95.74 19.49
N LEU KA 82 -20.48 -94.85 19.85
CA LEU KA 82 -19.28 -94.68 19.03
C LEU KA 82 -18.47 -95.98 18.98
N LEU KA 83 -18.23 -96.60 20.14
CA LEU KA 83 -17.47 -97.84 20.16
C LEU KA 83 -18.24 -98.98 19.51
N GLN KA 84 -19.57 -98.92 19.55
CA GLN KA 84 -20.38 -99.92 18.84
C GLN KA 84 -20.10 -99.88 17.33
N LEU KA 85 -19.75 -98.72 16.79
CA LEU KA 85 -19.43 -98.60 15.38
C LEU KA 85 -18.00 -99.01 15.08
N LEU KA 86 -17.07 -98.76 16.01
CA LEU KA 86 -15.67 -99.10 15.77
C LEU KA 86 -15.41 -100.58 16.00
N GLU KA 87 -15.97 -101.16 17.07
CA GLU KA 87 -15.73 -102.56 17.37
C GLU KA 87 -16.38 -103.47 16.33
N MET KA 88 -17.51 -103.05 15.75
CA MET KA 88 -18.15 -103.82 14.68
C MET KA 88 -17.43 -103.70 13.35
N ARG KA 89 -16.35 -102.93 13.26
CA ARG KA 89 -15.59 -102.87 12.03
C ARG KA 89 -14.99 -104.24 11.73
N LEU KA 90 -14.86 -104.55 10.45
CA LEU KA 90 -14.32 -105.84 10.04
C LEU KA 90 -12.87 -105.99 10.48
N ASP KA 91 -12.11 -104.88 10.48
CA ASP KA 91 -10.69 -104.98 10.80
C ASP KA 91 -10.47 -105.36 12.27
N ASN KA 92 -11.40 -104.99 13.15
CA ASN KA 92 -11.29 -105.36 14.56
C ASN KA 92 -11.76 -106.80 14.77
N ILE KA 93 -12.84 -107.20 14.12
CA ILE KA 93 -13.44 -108.51 14.35
C ILE KA 93 -12.48 -109.61 13.95
N LEU KA 94 -11.86 -109.48 12.77
CA LEU KA 94 -10.87 -110.44 12.34
C LEU KA 94 -9.66 -110.48 13.27
N PHE KA 95 -9.40 -109.40 14.00
CA PHE KA 95 -8.29 -109.37 14.93
C PHE KA 95 -8.64 -110.02 16.26
N ARG KA 96 -9.80 -109.65 16.82
CA ARG KA 96 -10.17 -110.14 18.15
C ARG KA 96 -10.44 -111.65 18.12
N LEU KA 97 -10.84 -112.19 16.97
CA LEU KA 97 -10.95 -113.64 16.84
C LEU KA 97 -9.58 -114.31 16.95
N GLY KA 98 -8.51 -113.60 16.60
CA GLY KA 98 -7.18 -114.12 16.62
C GLY KA 98 -6.65 -114.58 15.27
N MET KA 99 -7.26 -114.15 14.17
CA MET KA 99 -6.82 -114.54 12.84
C MET KA 99 -5.63 -113.74 12.34
N ALA KA 100 -5.08 -112.83 13.15
CA ALA KA 100 -3.90 -112.08 12.76
C ALA KA 100 -3.19 -111.59 14.02
N PRO KA 101 -1.87 -111.41 13.99
CA PRO KA 101 -1.19 -110.92 15.20
C PRO KA 101 -1.37 -109.43 15.45
N THR KA 102 -1.64 -108.65 14.40
CA THR KA 102 -1.78 -107.20 14.52
C THR KA 102 -2.93 -106.75 13.63
N ILE KA 103 -3.57 -105.65 14.03
CA ILE KA 103 -4.69 -105.08 13.31
C ILE KA 103 -4.22 -104.55 11.96
N PRO KA 104 -3.07 -103.85 11.87
CA PRO KA 104 -2.49 -103.58 10.54
C PRO KA 104 -2.23 -104.84 9.74
N GLY KA 105 -1.80 -105.93 10.38
CA GLY KA 105 -1.66 -107.18 9.67
C GLY KA 105 -2.99 -107.71 9.17
N ALA KA 106 -4.04 -107.51 9.97
CA ALA KA 106 -5.38 -107.91 9.54
C ALA KA 106 -5.90 -107.01 8.43
N ARG KA 107 -5.58 -105.73 8.47
CA ARG KA 107 -6.02 -104.80 7.43
C ARG KA 107 -5.43 -105.19 6.08
N GLN KA 108 -4.22 -105.76 6.07
CA GLN KA 108 -3.62 -106.17 4.81
C GLN KA 108 -4.35 -107.38 4.23
N LEU KA 109 -4.73 -108.33 5.10
CA LEU KA 109 -5.44 -109.51 4.64
C LEU KA 109 -6.77 -109.15 4.00
N VAL KA 110 -7.44 -108.12 4.52
CA VAL KA 110 -8.72 -107.71 3.96
C VAL KA 110 -8.52 -107.01 2.63
N ASN KA 111 -7.39 -106.32 2.44
CA ASN KA 111 -7.22 -105.49 1.26
C ASN KA 111 -6.85 -106.32 0.04
N HIS KA 112 -6.10 -107.40 0.22
CA HIS KA 112 -5.63 -108.23 -0.88
C HIS KA 112 -6.59 -109.38 -1.21
N ARG KA 113 -7.87 -109.28 -0.82
CA ARG KA 113 -8.90 -110.24 -1.19
C ARG KA 113 -8.55 -111.65 -0.70
N HIS KA 114 -8.52 -111.79 0.63
CA HIS KA 114 -8.31 -113.08 1.28
C HIS KA 114 -9.48 -113.53 2.14
N ILE KA 115 -10.45 -112.65 2.42
CA ILE KA 115 -11.58 -112.96 3.29
C ILE KA 115 -12.87 -112.67 2.53
N LEU KA 116 -13.88 -113.50 2.80
CA LEU KA 116 -15.23 -113.31 2.28
C LEU KA 116 -16.21 -113.32 3.44
N VAL KA 117 -17.34 -112.63 3.24
CA VAL KA 117 -18.37 -112.48 4.26
C VAL KA 117 -19.70 -112.93 3.65
N ASN KA 118 -20.30 -113.94 4.28
CA ASN KA 118 -21.60 -114.48 3.84
C ASN KA 118 -21.54 -114.94 2.39
N GLY KA 119 -20.41 -115.52 2.00
CA GLY KA 119 -20.24 -116.03 0.65
C GLY KA 119 -19.86 -115.00 -0.39
N ARG KA 120 -19.36 -113.84 0.02
CA ARG KA 120 -18.97 -112.78 -0.91
C ARG KA 120 -17.72 -112.10 -0.42
N ILE KA 121 -16.84 -111.75 -1.36
CA ILE KA 121 -15.57 -111.12 -1.03
C ILE KA 121 -15.84 -109.70 -0.52
N VAL KA 122 -15.04 -109.29 0.47
CA VAL KA 122 -15.13 -107.94 1.04
C VAL KA 122 -13.73 -107.35 1.02
N ASP KA 123 -13.56 -106.27 0.25
CA ASP KA 123 -12.28 -105.59 0.10
C ASP KA 123 -12.27 -104.24 0.81
N ILE KA 124 -12.93 -104.16 1.98
CA ILE KA 124 -13.07 -102.93 2.74
C ILE KA 124 -12.71 -103.21 4.20
N PRO KA 125 -11.57 -102.74 4.71
CA PRO KA 125 -11.30 -102.92 6.15
C PRO KA 125 -12.30 -102.22 7.04
N SER KA 126 -12.97 -101.16 6.56
CA SER KA 126 -13.94 -100.42 7.33
C SER KA 126 -15.35 -100.95 7.20
N TYR KA 127 -15.50 -102.22 6.80
CA TYR KA 127 -16.83 -102.78 6.60
C TYR KA 127 -17.48 -103.09 7.95
N ARG KA 128 -18.72 -102.65 8.11
CA ARG KA 128 -19.49 -102.89 9.33
C ARG KA 128 -20.19 -104.23 9.20
N CYS KA 129 -19.76 -105.19 10.02
CA CYS KA 129 -20.36 -106.52 10.05
C CYS KA 129 -21.55 -106.53 10.99
N LYS KA 130 -22.69 -106.97 10.49
CA LYS KA 130 -23.92 -107.00 11.26
C LYS KA 130 -23.98 -108.23 12.13
N PRO KA 131 -24.94 -108.32 13.05
CA PRO KA 131 -25.12 -109.57 13.80
C PRO KA 131 -25.52 -110.72 12.88
N GLN KA 132 -25.12 -111.93 13.29
CA GLN KA 132 -25.33 -113.14 12.50
C GLN KA 132 -24.73 -113.00 11.10
N ASP KA 133 -23.44 -112.71 11.05
CA ASP KA 133 -22.68 -112.65 9.82
C ASP KA 133 -21.51 -113.63 9.89
N THR KA 134 -21.35 -114.41 8.83
CA THR KA 134 -20.29 -115.40 8.76
C THR KA 134 -19.04 -114.79 8.13
N ILE KA 135 -17.88 -115.20 8.62
CA ILE KA 135 -16.59 -114.70 8.15
C ILE KA 135 -15.73 -115.92 7.84
N MET KA 136 -15.44 -116.12 6.56
CA MET KA 136 -14.64 -117.25 6.10
C MET KA 136 -13.55 -116.74 5.16
N ALA KA 137 -12.51 -117.55 5.03
CA ALA KA 137 -11.42 -117.27 4.10
C ALA KA 137 -11.76 -117.84 2.72
N ARG KA 138 -10.84 -117.66 1.78
CA ARG KA 138 -11.01 -118.18 0.43
C ARG KA 138 -10.49 -119.60 0.34
N ASP KA 139 -10.57 -120.19 -0.85
CA ASP KA 139 -10.19 -121.57 -1.06
C ASP KA 139 -8.71 -121.76 -1.37
N GLU KA 140 -7.99 -120.68 -1.71
CA GLU KA 140 -6.58 -120.81 -2.04
C GLU KA 140 -5.79 -121.22 -0.79
N GLN KA 141 -4.79 -122.08 -1.01
CA GLN KA 141 -3.94 -122.50 0.10
C GLN KA 141 -3.12 -121.36 0.67
N LYS KA 142 -2.86 -120.32 -0.12
CA LYS KA 142 -2.20 -119.13 0.41
C LYS KA 142 -3.07 -118.45 1.45
N SER KA 143 -4.35 -118.21 1.11
CA SER KA 143 -5.26 -117.57 2.04
C SER KA 143 -5.46 -118.43 3.28
N ILE KA 144 -5.65 -119.73 3.10
CA ILE KA 144 -5.89 -120.62 4.23
C ILE KA 144 -4.68 -120.68 5.15
N ALA KA 145 -3.48 -120.56 4.58
CA ALA KA 145 -2.27 -120.68 5.38
C ALA KA 145 -2.09 -119.49 6.31
N LEU KA 146 -2.41 -118.28 5.84
CA LEU KA 146 -2.17 -117.08 6.63
C LEU KA 146 -3.00 -117.07 7.89
N ILE KA 147 -4.27 -117.45 7.79
CA ILE KA 147 -5.12 -117.55 8.98
C ILE KA 147 -4.71 -118.76 9.82
N GLN KA 148 -4.41 -119.88 9.16
CA GLN KA 148 -3.99 -121.07 9.89
C GLN KA 148 -2.69 -120.83 10.65
N ASN KA 149 -1.78 -120.06 10.06
CA ASN KA 149 -0.53 -119.74 10.75
C ASN KA 149 -0.78 -118.86 11.97
N SER KA 150 -1.79 -118.00 11.91
CA SER KA 150 -2.09 -117.12 13.05
C SER KA 150 -2.71 -117.89 14.20
N LEU KA 151 -3.51 -118.92 13.91
CA LEU KA 151 -4.19 -119.69 14.95
C LEU KA 151 -3.36 -120.84 15.50
N ASP KA 152 -2.17 -121.07 14.98
CA ASP KA 152 -1.36 -122.24 15.33
C ASP KA 152 0.00 -121.89 15.93
N LEU KA 153 0.65 -120.83 15.46
CA LEU KA 153 2.03 -120.54 15.83
C LEU KA 153 2.16 -119.77 17.14
N SER KA 154 1.07 -119.52 17.87
CA SER KA 154 1.16 -118.82 19.14
C SER KA 154 -0.10 -119.13 19.94
N PRO KA 155 -0.07 -118.86 21.26
CA PRO KA 155 -1.28 -119.09 22.06
C PRO KA 155 -2.42 -118.19 21.64
N ARG KA 156 -3.62 -118.58 22.06
CA ARG KA 156 -4.86 -117.90 21.71
C ARG KA 156 -5.46 -117.25 22.95
N GLU KA 157 -5.91 -116.01 22.80
CA GLU KA 157 -6.57 -115.30 23.90
C GLU KA 157 -8.02 -115.75 24.00
N GLU KA 158 -8.56 -115.66 25.22
CA GLU KA 158 -9.95 -115.99 25.45
C GLU KA 158 -10.85 -115.05 24.64
N LEU KA 159 -11.79 -115.63 23.92
CA LEU KA 159 -12.66 -114.86 23.06
C LEU KA 159 -13.83 -114.28 23.86
N PRO KA 160 -14.54 -113.27 23.31
CA PRO KA 160 -15.74 -112.76 24.00
C PRO KA 160 -16.89 -113.75 23.96
N LYS KA 161 -18.03 -113.32 24.50
CA LYS KA 161 -19.27 -114.08 24.35
C LYS KA 161 -19.92 -113.86 23.00
N HIS KA 162 -19.71 -112.68 22.40
CA HIS KA 162 -20.35 -112.33 21.13
C HIS KA 162 -19.54 -112.78 19.92
N LEU KA 163 -18.62 -113.72 20.10
CA LEU KA 163 -17.83 -114.26 18.99
C LEU KA 163 -17.59 -115.74 19.24
N THR KA 164 -17.69 -116.53 18.18
CA THR KA 164 -17.46 -117.96 18.22
C THR KA 164 -16.37 -118.33 17.22
N LEU KA 165 -16.11 -119.63 17.10
CA LEU KA 165 -15.09 -120.11 16.16
C LEU KA 165 -15.35 -121.58 15.91
N ASN KA 166 -15.43 -121.96 14.63
CA ASN KA 166 -15.56 -123.35 14.21
C ASN KA 166 -14.22 -123.79 13.65
N PRO KA 167 -13.39 -124.55 14.40
CA PRO KA 167 -12.03 -124.85 13.91
C PRO KA 167 -11.99 -125.73 12.66
N PHE KA 168 -13.11 -126.27 12.20
CA PHE KA 168 -13.06 -127.13 11.02
C PHE KA 168 -13.03 -126.29 9.75
N PRO KA 169 -13.82 -125.20 9.63
CA PRO KA 169 -13.52 -124.21 8.57
C PRO KA 169 -12.49 -123.16 8.95
N TYR KA 170 -12.13 -123.01 10.23
CA TYR KA 170 -11.39 -121.85 10.72
C TYR KA 170 -12.15 -120.57 10.35
N LYS KA 171 -13.34 -120.43 10.90
CA LYS KA 171 -14.23 -119.31 10.62
C LYS KA 171 -14.73 -118.71 11.94
N GLY KA 172 -15.62 -117.72 11.81
CA GLY KA 172 -16.17 -117.05 12.97
C GLY KA 172 -17.62 -116.67 12.71
N LEU KA 173 -18.24 -116.10 13.75
CA LEU KA 173 -19.64 -115.73 13.68
C LEU KA 173 -19.93 -114.69 14.74
N VAL KA 174 -20.67 -113.65 14.37
CA VAL KA 174 -21.07 -112.59 15.28
C VAL KA 174 -22.45 -112.91 15.83
N ASN KA 175 -22.57 -112.90 17.16
CA ASN KA 175 -23.82 -113.32 17.81
C ASN KA 175 -24.79 -112.15 17.96
N GLN KA 176 -24.36 -111.09 18.63
CA GLN KA 176 -25.25 -109.99 18.99
C GLN KA 176 -24.44 -108.70 19.04
N ILE KA 177 -25.02 -107.67 19.64
CA ILE KA 177 -24.36 -106.37 19.75
C ILE KA 177 -23.45 -106.36 20.96
N ILE KA 178 -22.30 -105.71 20.84
CA ILE KA 178 -21.34 -105.65 21.92
C ILE KA 178 -21.89 -104.82 23.08
N ASP KA 179 -21.34 -105.06 24.27
CA ASP KA 179 -21.50 -104.18 25.40
C ASP KA 179 -20.29 -103.26 25.49
N SER KA 180 -20.51 -102.06 26.04
CA SER KA 180 -19.43 -101.09 26.13
C SER KA 180 -18.30 -101.54 27.05
N LYS KA 181 -18.54 -102.50 27.93
CA LYS KA 181 -17.53 -102.98 28.86
C LYS KA 181 -16.66 -104.09 28.28
N TRP KA 182 -16.96 -104.57 27.07
CA TRP KA 182 -16.17 -105.60 26.40
C TRP KA 182 -15.23 -105.02 25.36
N VAL KA 183 -14.97 -103.72 25.41
CA VAL KA 183 -14.00 -103.12 24.52
C VAL KA 183 -12.61 -103.66 24.85
N GLY KA 184 -11.77 -103.80 23.83
CA GLY KA 184 -10.43 -104.31 23.99
C GLY KA 184 -9.40 -103.22 24.20
N LEU KA 185 -9.76 -102.17 24.92
CA LEU KA 185 -8.86 -101.05 25.15
C LEU KA 185 -9.39 -100.22 26.30
N LYS KA 186 -8.57 -99.98 27.32
CA LYS KA 186 -8.99 -99.19 28.47
C LYS KA 186 -9.24 -97.74 28.05
N ILE KA 187 -10.50 -97.35 28.05
CA ILE KA 187 -10.93 -96.08 27.46
C ILE KA 187 -11.74 -95.29 28.47
N ASN KA 188 -11.67 -93.96 28.34
CA ASN KA 188 -12.56 -93.02 29.03
C ASN KA 188 -13.30 -92.29 27.92
N GLU KA 189 -14.44 -92.86 27.51
CA GLU KA 189 -15.14 -92.37 26.32
C GLU KA 189 -15.67 -90.95 26.51
N LEU KA 190 -15.94 -90.54 27.74
CA LEU KA 190 -16.52 -89.22 27.97
C LEU KA 190 -15.57 -88.12 27.56
N LEU KA 191 -14.27 -88.30 27.80
CA LEU KA 191 -13.30 -87.28 27.41
C LEU KA 191 -13.27 -87.09 25.90
N VAL KA 192 -13.50 -88.17 25.14
CA VAL KA 192 -13.51 -88.04 23.68
C VAL KA 192 -14.68 -87.16 23.24
N VAL KA 193 -15.84 -87.33 23.86
CA VAL KA 193 -16.99 -86.50 23.51
C VAL KA 193 -16.72 -85.04 23.90
N GLU KA 194 -16.01 -84.82 25.00
CA GLU KA 194 -15.66 -83.47 25.40
C GLU KA 194 -14.69 -82.82 24.42
N TYR KA 195 -13.90 -83.62 23.70
CA TYR KA 195 -12.96 -83.06 22.73
C TYR KA 195 -13.68 -82.56 21.49
N TYR KA 196 -14.69 -83.29 21.04
CA TYR KA 196 -15.46 -82.93 19.85
C TYR KA 196 -16.67 -82.06 20.17
N SER KA 197 -16.71 -81.44 21.34
CA SER KA 197 -17.81 -80.57 21.68
C SER KA 197 -17.85 -79.34 20.79
N ARG KA 198 -16.68 -78.83 20.39
CA ARG KA 198 -16.63 -77.67 19.51
C ARG KA 198 -17.19 -78.01 18.13
N GLN KA 199 -16.75 -79.12 17.56
CA GLN KA 199 -17.20 -79.53 16.23
C GLN KA 199 -18.61 -80.07 16.28
N GLY LA 1 -9.85 -86.27 53.56
CA GLY LA 1 -8.64 -86.66 52.84
C GLY LA 1 -8.92 -87.04 51.40
N PHE LA 2 -8.56 -86.15 50.47
CA PHE LA 2 -8.77 -86.39 49.05
C PHE LA 2 -7.98 -85.34 48.28
N GLU LA 3 -8.12 -85.35 46.96
CA GLU LA 3 -7.27 -84.59 46.06
C GLU LA 3 -7.79 -83.17 45.86
N GLU LA 4 -6.97 -82.36 45.18
CA GLU LA 4 -7.32 -80.99 44.85
C GLU LA 4 -6.68 -80.63 43.52
N ASN LA 5 -7.08 -79.49 42.98
CA ASN LA 5 -6.52 -78.98 41.73
C ASN LA 5 -6.54 -77.47 41.74
N VAL LA 6 -5.52 -76.88 41.14
CA VAL LA 6 -5.37 -75.42 41.07
C VAL LA 6 -6.20 -74.93 39.89
N VAL LA 7 -7.13 -74.01 40.17
CA VAL LA 7 -7.95 -73.44 39.11
C VAL LA 7 -7.26 -72.24 38.48
N GLN LA 8 -6.46 -71.51 39.24
CA GLN LA 8 -5.85 -70.29 38.73
C GLN LA 8 -4.72 -69.86 39.67
N VAL LA 9 -3.71 -69.23 39.10
CA VAL LA 9 -2.62 -68.61 39.85
C VAL LA 9 -2.37 -67.24 39.24
N ARG LA 10 -2.21 -66.23 40.10
CA ARG LA 10 -2.10 -64.85 39.64
C ARG LA 10 -1.26 -64.06 40.62
N ARG LA 11 -0.42 -63.18 40.07
CA ARG LA 11 0.47 -62.35 40.87
C ARG LA 11 -0.19 -61.00 41.14
N VAL LA 12 -0.12 -60.56 42.39
CA VAL LA 12 -0.63 -59.27 42.82
C VAL LA 12 0.54 -58.46 43.36
N THR LA 13 0.42 -57.14 43.26
CA THR LA 13 1.52 -56.22 43.48
C THR LA 13 1.24 -55.33 44.68
N LYS LA 14 2.25 -54.56 45.06
CA LYS LA 14 2.19 -53.59 46.14
C LYS LA 14 3.07 -52.42 45.72
N VAL LA 15 2.80 -51.24 46.27
CA VAL LA 15 3.43 -50.01 45.81
C VAL LA 15 4.22 -49.38 46.95
N VAL LA 16 4.88 -50.23 47.75
CA VAL LA 16 5.77 -49.73 48.81
C VAL LA 16 6.85 -48.82 48.20
N LYS LA 17 7.47 -48.02 49.08
CA LYS LA 17 8.46 -47.04 48.68
C LYS LA 17 9.59 -47.67 47.85
N GLY LA 18 10.27 -48.65 48.43
CA GLY LA 18 11.47 -49.17 47.79
C GLY LA 18 11.20 -49.85 46.46
N GLY LA 19 10.07 -50.55 46.36
CA GLY LA 19 9.77 -51.31 45.16
C GLY LA 19 8.37 -51.88 45.16
N LYS LA 20 8.24 -53.15 44.77
CA LYS LA 20 6.96 -53.81 44.64
C LYS LA 20 7.06 -55.21 45.21
N HIS LA 21 6.10 -55.60 46.03
CA HIS LA 21 6.01 -56.94 46.61
C HIS LA 21 5.11 -57.78 45.72
N MET LA 22 5.72 -58.56 44.82
CA MET LA 22 4.99 -59.46 43.96
C MET LA 22 4.72 -60.76 44.71
N ARG LA 23 3.46 -60.96 45.10
CA ARG LA 23 3.02 -62.16 45.80
C ARG LA 23 1.92 -62.82 45.00
N PHE LA 24 1.73 -64.11 45.23
CA PHE LA 24 0.85 -64.92 44.40
C PHE LA 24 -0.54 -65.01 44.99
N ARG LA 25 -1.52 -65.23 44.10
CA ARG LA 25 -2.92 -65.41 44.48
C ARG LA 25 -3.38 -66.72 43.86
N ALA LA 26 -3.60 -67.72 44.70
CA ALA LA 26 -3.93 -69.07 44.27
C ALA LA 26 -5.40 -69.37 44.57
N ILE LA 27 -6.13 -69.80 43.54
CA ILE LA 27 -7.50 -70.27 43.68
C ILE LA 27 -7.47 -71.79 43.50
N VAL LA 28 -8.02 -72.50 44.48
CA VAL LA 28 -7.99 -73.96 44.50
C VAL LA 28 -9.41 -74.47 44.70
N VAL LA 29 -9.75 -75.53 43.97
CA VAL LA 29 -11.03 -76.22 44.11
C VAL LA 29 -10.74 -77.64 44.58
N VAL LA 30 -11.57 -78.11 45.51
CA VAL LA 30 -11.39 -79.41 46.16
C VAL LA 30 -12.64 -80.23 45.94
N GLY LA 31 -12.45 -81.50 45.58
CA GLY LA 31 -13.56 -82.40 45.38
C GLY LA 31 -13.16 -83.86 45.46
N ASP LA 32 -13.97 -84.65 46.16
CA ASP LA 32 -13.72 -86.08 46.29
C ASP LA 32 -14.21 -86.89 45.10
N LYS LA 33 -14.87 -86.24 44.12
CA LYS LA 33 -15.55 -86.85 42.98
C LYS LA 33 -16.87 -87.52 43.38
N LYS LA 34 -17.19 -87.57 44.67
CA LYS LA 34 -18.46 -88.10 45.17
C LYS LA 34 -19.00 -87.04 46.12
N GLY LA 35 -19.69 -86.05 45.56
CA GLY LA 35 -20.10 -84.90 46.35
C GLY LA 35 -18.90 -84.20 46.97
N GLN LA 36 -19.16 -83.48 48.05
CA GLN LA 36 -18.13 -82.81 48.85
C GLN LA 36 -17.30 -81.86 47.99
N VAL LA 37 -17.98 -80.83 47.48
CA VAL LA 37 -17.35 -79.80 46.66
C VAL LA 37 -16.96 -78.64 47.55
N GLY LA 38 -15.78 -78.08 47.30
CA GLY LA 38 -15.29 -76.95 48.05
C GLY LA 38 -14.52 -75.97 47.20
N VAL LA 39 -14.71 -74.68 47.46
CA VAL LA 39 -14.02 -73.61 46.74
C VAL LA 39 -13.32 -72.74 47.76
N GLY LA 40 -12.05 -72.44 47.51
CA GLY LA 40 -11.27 -71.64 48.42
C GLY LA 40 -10.26 -70.80 47.67
N VAL LA 41 -9.88 -69.68 48.30
CA VAL LA 41 -8.89 -68.75 47.76
C VAL LA 41 -7.78 -68.58 48.77
N GLY LA 42 -6.55 -68.49 48.28
CA GLY LA 42 -5.39 -68.33 49.13
C GLY LA 42 -4.43 -67.33 48.53
N LYS LA 43 -3.55 -66.81 49.39
CA LYS LA 43 -2.62 -65.77 48.99
C LYS LA 43 -1.37 -65.88 49.85
N ALA LA 44 -0.22 -65.82 49.21
CA ALA LA 44 1.05 -65.91 49.92
C ALA LA 44 2.15 -65.39 49.01
N LYS LA 45 3.35 -65.24 49.59
CA LYS LA 45 4.49 -64.78 48.82
C LYS LA 45 5.00 -65.86 47.88
N GLU LA 46 4.95 -67.11 48.30
CA GLU LA 46 5.40 -68.25 47.51
C GLU LA 46 4.21 -68.89 46.82
N VAL LA 47 4.52 -69.75 45.84
CA VAL LA 47 3.46 -70.42 45.09
C VAL LA 47 2.90 -71.59 45.91
N VAL LA 48 3.78 -72.38 46.52
CA VAL LA 48 3.34 -73.59 47.22
C VAL LA 48 2.51 -73.21 48.44
N SER LA 49 2.98 -72.23 49.21
CA SER LA 49 2.26 -71.83 50.42
C SER LA 49 0.89 -71.24 50.08
N ALA LA 50 0.78 -70.57 48.94
CA ALA LA 50 -0.51 -70.03 48.53
C ALA LA 50 -1.51 -71.14 48.21
N VAL LA 51 -1.03 -72.21 47.59
CA VAL LA 51 -1.90 -73.34 47.28
C VAL LA 51 -2.36 -74.02 48.56
N GLN LA 52 -1.50 -74.07 49.58
CA GLN LA 52 -1.87 -74.71 50.83
C GLN LA 52 -2.94 -73.91 51.57
N LYS LA 53 -2.80 -72.58 51.59
CA LYS LA 53 -3.80 -71.74 52.24
C LYS LA 53 -5.15 -71.87 51.55
N ALA LA 54 -5.15 -71.87 50.22
CA ALA LA 54 -6.40 -72.05 49.48
C ALA LA 54 -7.01 -73.41 49.74
N ALA LA 55 -6.18 -74.43 49.94
CA ALA LA 55 -6.70 -75.75 50.25
C ALA LA 55 -7.43 -75.76 51.58
N VAL LA 56 -6.85 -75.12 52.60
CA VAL LA 56 -7.53 -75.02 53.89
C VAL LA 56 -8.80 -74.19 53.77
N ASP LA 57 -8.73 -73.09 53.01
CA ASP LA 57 -9.91 -72.25 52.84
C ASP LA 57 -10.98 -72.97 52.03
N ALA LA 58 -10.59 -73.85 51.11
CA ALA LA 58 -11.57 -74.63 50.37
C ALA LA 58 -12.15 -75.74 51.24
N ARG LA 59 -11.30 -76.44 52.00
CA ARG LA 59 -11.79 -77.43 52.94
C ARG LA 59 -12.58 -76.80 54.08
N ARG LA 60 -12.34 -75.52 54.37
CA ARG LA 60 -13.12 -74.81 55.37
C ARG LA 60 -14.58 -74.67 54.99
N ASN LA 61 -14.90 -74.75 53.70
CA ASN LA 61 -16.28 -74.67 53.22
C ASN LA 61 -16.51 -75.76 52.18
N ILE LA 62 -17.19 -76.83 52.58
CA ILE LA 62 -17.50 -77.96 51.70
C ILE LA 62 -19.00 -78.13 51.68
N ILE LA 63 -19.54 -78.48 50.51
CA ILE LA 63 -20.97 -78.69 50.33
C ILE LA 63 -21.18 -79.86 49.37
N THR LA 64 -22.17 -80.69 49.67
CA THR LA 64 -22.55 -81.77 48.79
C THR LA 64 -23.40 -81.24 47.64
N VAL LA 65 -23.33 -81.91 46.50
CA VAL LA 65 -24.07 -81.55 45.31
C VAL LA 65 -25.17 -82.60 45.11
N PRO LA 66 -26.43 -82.22 44.92
CA PRO LA 66 -27.45 -83.24 44.58
C PRO LA 66 -27.20 -83.81 43.19
N MET LA 67 -27.23 -85.14 43.09
CA MET LA 67 -27.09 -85.85 41.84
C MET LA 67 -28.18 -86.91 41.74
N THR LA 68 -28.37 -87.40 40.52
CA THR LA 68 -29.34 -88.44 40.22
C THR LA 68 -28.64 -89.78 40.09
N LYS LA 69 -29.40 -90.81 39.69
CA LYS LA 69 -28.82 -92.14 39.52
C LYS LA 69 -27.79 -92.17 38.40
N TYR LA 70 -27.97 -91.34 37.37
CA TYR LA 70 -27.07 -91.27 36.24
C TYR LA 70 -26.02 -90.15 36.37
N LEU LA 71 -25.80 -89.65 37.59
CA LEU LA 71 -24.83 -88.59 37.84
C LEU LA 71 -25.14 -87.36 37.00
N THR LA 72 -26.32 -86.79 37.21
CA THR LA 72 -26.76 -85.58 36.52
C THR LA 72 -27.50 -84.71 37.52
N PHE LA 73 -27.78 -83.48 37.11
CA PHE LA 73 -28.54 -82.58 37.95
C PHE LA 73 -30.02 -82.95 37.93
N PRO LA 74 -30.74 -82.79 39.04
CA PRO LA 74 -32.19 -83.05 38.99
C PRO LA 74 -32.92 -82.11 38.05
N HIS LA 75 -32.42 -80.89 37.87
CA HIS LA 75 -33.10 -79.90 37.06
C HIS LA 75 -32.15 -78.72 36.84
N ARG LA 76 -32.51 -77.88 35.88
CA ARG LA 76 -31.73 -76.69 35.57
C ARG LA 76 -31.90 -75.63 36.65
N ASN LA 77 -30.92 -74.74 36.72
CA ASN LA 77 -30.97 -73.62 37.66
C ASN LA 77 -29.88 -72.63 37.28
N GLU LA 78 -30.16 -71.36 37.54
CA GLU LA 78 -29.23 -70.27 37.31
C GLU LA 78 -28.87 -69.61 38.64
N ALA LA 79 -27.78 -68.84 38.62
CA ALA LA 79 -27.32 -68.15 39.82
C ALA LA 79 -26.46 -66.98 39.41
N ASP LA 80 -26.31 -66.03 40.33
CA ASP LA 80 -25.51 -64.84 40.11
C ASP LA 80 -24.67 -64.56 41.35
N TYR LA 81 -23.48 -64.00 41.13
CA TYR LA 81 -22.54 -63.68 42.21
C TYR LA 81 -21.77 -62.45 41.77
N GLY LA 82 -22.25 -61.28 42.18
CA GLY LA 82 -21.68 -60.05 41.67
C GLY LA 82 -22.07 -59.87 40.22
N ALA LA 83 -21.07 -59.61 39.38
CA ALA LA 83 -21.27 -59.52 37.94
C ALA LA 83 -21.04 -60.85 37.22
N ALA LA 84 -21.11 -61.96 37.96
CA ALA LA 84 -20.83 -63.28 37.43
C ALA LA 84 -22.10 -64.11 37.50
N ARG LA 85 -22.71 -64.39 36.35
CA ARG LA 85 -23.87 -65.24 36.23
C ARG LA 85 -23.46 -66.54 35.56
N VAL LA 86 -23.89 -67.65 36.13
CA VAL LA 86 -23.56 -68.98 35.63
C VAL LA 86 -24.85 -69.75 35.40
N MET LA 87 -24.86 -70.54 34.32
CA MET LA 87 -26.01 -71.34 33.92
C MET LA 87 -25.66 -72.81 34.01
N LEU LA 88 -26.66 -73.62 34.32
CA LEU LA 88 -26.50 -75.06 34.44
C LEU LA 88 -27.78 -75.75 34.01
N ARG LA 89 -27.63 -76.91 33.39
CA ARG LA 89 -28.75 -77.75 33.00
C ARG LA 89 -28.33 -79.20 33.14
N PRO LA 90 -29.29 -80.13 33.29
CA PRO LA 90 -28.93 -81.54 33.22
C PRO LA 90 -28.52 -81.95 31.82
N ALA LA 91 -28.18 -83.23 31.64
CA ALA LA 91 -27.78 -83.72 30.33
C ALA LA 91 -28.09 -85.21 30.25
N ALA LA 92 -28.01 -85.73 29.04
CA ALA LA 92 -28.24 -87.15 28.80
C ALA LA 92 -27.00 -87.95 29.17
N PRO LA 93 -27.15 -89.25 29.42
CA PRO LA 93 -25.96 -90.06 29.71
C PRO LA 93 -25.03 -90.16 28.52
N GLY LA 94 -23.74 -90.22 28.81
CA GLY LA 94 -22.71 -90.21 27.78
C GLY LA 94 -22.47 -88.85 27.15
N THR LA 95 -23.13 -87.80 27.64
CA THR LA 95 -22.95 -86.48 27.05
C THR LA 95 -21.61 -85.86 27.44
N GLY LA 96 -21.17 -86.09 28.68
CA GLY LA 96 -19.93 -85.56 29.16
C GLY LA 96 -20.08 -84.19 29.80
N VAL LA 97 -19.03 -83.78 30.50
CA VAL LA 97 -19.00 -82.50 31.21
C VAL LA 97 -18.42 -81.46 30.25
N ILE LA 98 -19.22 -80.45 29.91
CA ILE LA 98 -18.81 -79.38 29.02
C ILE LA 98 -19.21 -78.06 29.68
N ALA LA 99 -18.25 -77.15 29.82
CA ALA LA 99 -18.46 -75.86 30.46
C ALA LA 99 -17.17 -75.07 30.35
N GLY LA 100 -17.21 -73.83 30.84
CA GLY LA 100 -16.02 -73.01 30.89
C GLY LA 100 -14.94 -73.60 31.79
N GLY LA 101 -13.77 -72.97 31.76
CA GLY LA 101 -12.64 -73.49 32.52
C GLY LA 101 -12.89 -73.50 34.01
N ALA LA 102 -13.38 -72.38 34.55
CA ALA LA 102 -13.65 -72.31 35.98
C ALA LA 102 -14.84 -73.19 36.36
N VAL LA 103 -15.78 -73.38 35.45
CA VAL LA 103 -16.97 -74.17 35.75
C VAL LA 103 -16.74 -75.66 35.49
N ARG LA 104 -15.84 -76.01 34.57
CA ARG LA 104 -15.58 -77.42 34.29
C ARG LA 104 -14.96 -78.10 35.49
N THR LA 105 -13.94 -77.47 36.10
CA THR LA 105 -13.19 -78.12 37.17
C THR LA 105 -14.07 -78.37 38.39
N VAL LA 106 -14.84 -77.37 38.80
CA VAL LA 106 -15.63 -77.53 40.02
C VAL LA 106 -16.74 -78.56 39.83
N LEU LA 107 -17.26 -78.71 38.61
CA LEU LA 107 -18.17 -79.81 38.31
C LEU LA 107 -17.41 -81.12 38.10
N GLU LA 108 -16.28 -81.07 37.41
CA GLU LA 108 -15.51 -82.29 37.16
C GLU LA 108 -15.03 -82.91 38.47
N MET LA 109 -14.65 -82.07 39.43
CA MET LA 109 -14.24 -82.55 40.74
C MET LA 109 -15.41 -82.91 41.64
N ALA LA 110 -16.64 -82.57 41.24
CA ALA LA 110 -17.80 -82.87 42.08
C ALA LA 110 -18.25 -84.31 41.93
N GLY LA 111 -18.23 -84.83 40.71
CA GLY LA 111 -18.70 -86.18 40.41
C GLY LA 111 -19.70 -86.23 39.27
N VAL LA 112 -20.34 -85.11 38.93
CA VAL LA 112 -21.26 -85.09 37.80
C VAL LA 112 -20.45 -85.35 36.53
N GLU LA 113 -20.84 -86.40 35.80
CA GLU LA 113 -20.17 -86.81 34.58
C GLU LA 113 -20.91 -86.42 33.31
N ASN LA 114 -22.14 -85.89 33.44
CA ASN LA 114 -22.96 -85.57 32.27
C ASN LA 114 -23.79 -84.35 32.62
N ALA LA 115 -23.38 -83.19 32.09
CA ALA LA 115 -24.07 -81.94 32.34
C ALA LA 115 -23.53 -80.90 31.35
N LEU LA 116 -24.07 -79.70 31.44
CA LEU LA 116 -23.64 -78.60 30.59
C LEU LA 116 -23.90 -77.30 31.32
N GLY LA 117 -23.02 -76.32 31.10
CA GLY LA 117 -23.16 -75.03 31.73
C GLY LA 117 -22.50 -73.94 30.92
N LYS LA 118 -22.94 -72.70 31.16
CA LYS LA 118 -22.42 -71.54 30.47
C LYS LA 118 -22.45 -70.36 31.42
N GLN LA 119 -21.43 -69.51 31.34
CA GLN LA 119 -21.33 -68.32 32.18
C GLN LA 119 -21.66 -67.10 31.34
N LEU LA 120 -22.63 -66.30 31.80
CA LEU LA 120 -23.18 -65.19 31.05
C LEU LA 120 -22.66 -63.84 31.52
N GLY LA 121 -21.80 -63.81 32.54
CA GLY LA 121 -21.31 -62.55 33.10
C GLY LA 121 -19.81 -62.40 32.96
N SER LA 122 -19.16 -61.99 34.06
CA SER LA 122 -17.73 -61.76 34.04
C SER LA 122 -16.97 -63.06 33.83
N ASN LA 123 -15.74 -62.93 33.37
CA ASN LA 123 -14.85 -64.07 33.12
C ASN LA 123 -14.01 -64.44 34.33
N ASN LA 124 -14.26 -63.82 35.49
CA ASN LA 124 -13.47 -64.11 36.68
C ASN LA 124 -13.75 -65.53 37.16
N ALA LA 125 -12.70 -66.31 37.35
CA ALA LA 125 -12.86 -67.69 37.83
C ALA LA 125 -13.44 -67.71 39.23
N LEU LA 126 -13.02 -66.77 40.08
CA LEU LA 126 -13.50 -66.75 41.46
C LEU LA 126 -14.99 -66.42 41.52
N ASN LA 127 -15.38 -65.31 40.88
CA ASN LA 127 -16.78 -64.92 40.92
C ASN LA 127 -17.68 -65.92 40.21
N ASN LA 128 -17.15 -66.59 39.18
CA ASN LA 128 -17.93 -67.59 38.48
C ASN LA 128 -18.01 -68.89 39.26
N ALA LA 129 -16.91 -69.30 39.89
CA ALA LA 129 -16.91 -70.54 40.66
C ALA LA 129 -17.84 -70.46 41.85
N ARG LA 130 -17.81 -69.34 42.59
CA ARG LA 130 -18.71 -69.16 43.71
C ARG LA 130 -20.17 -69.17 43.27
N ALA LA 131 -20.44 -68.69 42.05
CA ALA LA 131 -21.80 -68.69 41.54
C ALA LA 131 -22.30 -70.12 41.35
N THR LA 132 -21.41 -71.03 40.96
CA THR LA 132 -21.79 -72.43 40.83
C THR LA 132 -22.26 -72.99 42.16
N ILE LA 133 -21.56 -72.66 43.24
CA ILE LA 133 -21.95 -73.13 44.56
C ILE LA 133 -23.32 -72.57 44.93
N VAL LA 134 -23.57 -71.30 44.62
CA VAL LA 134 -24.89 -70.73 44.88
C VAL LA 134 -25.95 -71.41 44.03
N ALA LA 135 -25.57 -71.91 42.85
CA ALA LA 135 -26.53 -72.57 41.99
C ALA LA 135 -26.88 -73.96 42.50
N VAL LA 136 -25.89 -74.69 43.02
CA VAL LA 136 -26.12 -76.08 43.41
C VAL LA 136 -26.79 -76.16 44.78
N GLN LA 137 -26.48 -75.23 45.69
CA GLN LA 137 -27.14 -75.22 46.99
C GLN LA 137 -28.64 -75.03 46.87
N THR LA 138 -29.10 -74.33 45.84
CA THR LA 138 -30.52 -74.03 45.66
C THR LA 138 -31.27 -75.13 44.92
N MET LA 139 -30.62 -76.25 44.59
CA MET LA 139 -31.26 -77.36 43.92
C MET LA 139 -31.42 -78.53 44.89
N ARG LA 140 -32.41 -79.37 44.60
CA ARG LA 140 -32.75 -80.48 45.48
C ARG LA 140 -33.26 -81.65 44.64
N GLN LA 141 -33.51 -82.76 45.31
CA GLN LA 141 -34.08 -83.95 44.68
C GLN LA 141 -35.60 -83.83 44.63
N PHE LA 142 -36.24 -84.79 43.97
CA PHE LA 142 -37.70 -84.84 43.98
C PHE LA 142 -38.25 -85.20 45.35
N SER LA 143 -37.51 -86.02 46.12
CA SER LA 143 -37.98 -86.43 47.42
C SER LA 143 -38.09 -85.26 48.38
N ASP LA 144 -37.12 -84.34 48.31
CA ASP LA 144 -37.18 -83.15 49.17
C ASP LA 144 -38.39 -82.29 48.83
N VAL LA 145 -38.83 -82.31 47.57
CA VAL LA 145 -40.02 -81.56 47.20
C VAL LA 145 -41.26 -82.22 47.79
N ALA LA 146 -41.30 -83.55 47.78
CA ALA LA 146 -42.48 -84.27 48.26
C ALA LA 146 -42.72 -84.03 49.75
N ARG LA 147 -41.66 -84.12 50.55
CA ARG LA 147 -41.81 -83.94 52.00
C ARG LA 147 -42.20 -82.51 52.33
N ASP LA 148 -41.68 -81.54 51.58
CA ASP LA 148 -42.01 -80.14 51.79
C ASP LA 148 -43.28 -79.71 51.08
N ARG LA 149 -43.99 -80.63 50.42
CA ARG LA 149 -45.19 -80.32 49.65
C ARG LA 149 -46.37 -81.24 49.95
N GLY LA 150 -46.14 -82.42 50.50
CA GLY LA 150 -47.23 -83.30 50.87
C GLY LA 150 -47.85 -84.07 49.72
N ILE LA 151 -47.08 -84.28 48.65
CA ILE LA 151 -47.54 -84.99 47.46
C ILE LA 151 -46.47 -86.03 47.14
N PRO LA 152 -46.80 -87.27 46.78
CA PRO LA 152 -45.75 -88.26 46.50
C PRO LA 152 -44.99 -87.92 45.23
N MET LA 153 -43.95 -88.72 44.97
CA MET LA 153 -43.08 -88.46 43.84
C MET LA 153 -43.72 -88.88 42.52
N GLU LA 154 -44.47 -89.99 42.53
CA GLU LA 154 -45.10 -90.46 41.30
C GLU LA 154 -46.16 -89.48 40.82
N GLU LA 155 -46.86 -88.83 41.75
CA GLU LA 155 -47.91 -87.89 41.37
C GLU LA 155 -47.34 -86.67 40.68
N LEU LA 156 -46.09 -86.30 40.97
CA LEU LA 156 -45.47 -85.15 40.35
C LEU LA 156 -44.95 -85.45 38.96
N TRP LA 157 -44.57 -86.71 38.70
CA TRP LA 157 -44.04 -87.08 37.39
C TRP LA 157 -45.07 -86.91 36.28
N LYS LA 158 -46.36 -86.92 36.61
CA LYS LA 158 -47.40 -86.73 35.61
C LYS LA 158 -47.36 -85.31 35.06
N PRO MA 1 -71.23 -9.66 64.77
CA PRO MA 1 -72.12 -9.39 63.63
C PRO MA 1 -71.60 -9.99 62.32
N GLN MA 2 -72.39 -10.89 61.72
CA GLN MA 2 -71.99 -11.51 60.47
C GLN MA 2 -72.05 -10.49 59.34
N CYS MA 3 -71.48 -10.89 58.19
CA CYS MA 3 -71.48 -10.08 56.98
C CYS MA 3 -72.44 -10.69 55.94
N PRO MA 4 -73.05 -9.88 55.07
CA PRO MA 4 -73.83 -10.45 53.97
C PRO MA 4 -72.94 -11.19 52.99
N PRO MA 5 -73.50 -12.00 52.09
CA PRO MA 5 -72.65 -12.68 51.10
C PRO MA 5 -71.97 -11.72 50.13
N GLY MA 6 -72.50 -10.52 49.94
CA GLY MA 6 -71.99 -9.62 48.92
C GLY MA 6 -70.77 -8.80 49.30
N LEU MA 7 -70.21 -9.00 50.49
CA LEU MA 7 -69.05 -8.23 50.91
C LEU MA 7 -68.44 -8.91 52.13
N ARG MA 8 -67.19 -8.56 52.41
CA ARG MA 8 -66.41 -9.12 53.51
C ARG MA 8 -65.92 -7.98 54.42
N GLN MA 9 -65.15 -8.35 55.43
CA GLN MA 9 -64.73 -7.43 56.49
C GLN MA 9 -63.37 -6.84 56.17
N TYR MA 10 -63.28 -5.51 56.27
CA TYR MA 10 -62.04 -4.77 56.18
C TYR MA 10 -61.88 -3.92 57.44
N GLU MA 11 -60.72 -3.30 57.58
CA GLU MA 11 -60.48 -2.33 58.64
C GLU MA 11 -59.46 -1.33 58.14
N THR MA 12 -59.32 -0.23 58.89
CA THR MA 12 -58.44 0.86 58.47
C THR MA 12 -57.96 1.61 59.71
N MET MA 13 -56.65 1.77 59.82
CA MET MA 13 -56.04 2.61 60.84
C MET MA 13 -55.27 3.73 60.15
N ALA MA 14 -55.48 4.96 60.63
CA ALA MA 14 -54.92 6.16 60.02
C ALA MA 14 -54.01 6.86 61.02
N VAL MA 15 -53.35 7.92 60.54
CA VAL MA 15 -52.46 8.72 61.36
C VAL MA 15 -52.68 10.18 60.98
N LEU MA 16 -53.26 10.95 61.89
CA LEU MA 16 -53.65 12.33 61.64
C LEU MA 16 -52.67 13.27 62.32
N ARG MA 17 -52.74 14.54 61.94
CA ARG MA 17 -51.85 15.54 62.49
C ARG MA 17 -52.18 15.79 63.96
N PRO MA 18 -51.20 16.25 64.77
CA PRO MA 18 -51.51 16.57 66.17
C PRO MA 18 -52.09 17.95 66.38
N ASP MA 19 -51.83 18.89 65.47
CA ASP MA 19 -52.21 20.28 65.70
C ASP MA 19 -53.69 20.53 65.40
N MET MA 20 -54.41 19.51 64.93
CA MET MA 20 -55.80 19.71 64.55
C MET MA 20 -56.67 19.97 65.77
N THR MA 21 -57.66 20.84 65.59
CA THR MA 21 -58.59 21.17 66.65
C THR MA 21 -59.75 20.17 66.69
N GLU MA 22 -60.65 20.38 67.65
CA GLU MA 22 -61.80 19.51 67.81
C GLU MA 22 -62.73 19.58 66.61
N ASP MA 23 -63.05 20.80 66.16
CA ASP MA 23 -64.02 20.96 65.07
C ASP MA 23 -63.52 20.34 63.77
N GLU MA 24 -62.20 20.21 63.60
CA GLU MA 24 -61.64 19.68 62.37
C GLU MA 24 -61.86 18.19 62.25
N ARG MA 25 -61.54 17.44 63.32
CA ARG MA 25 -61.67 15.99 63.23
C ARG MA 25 -63.12 15.55 63.14
N LEU MA 26 -64.05 16.34 63.68
CA LEU MA 26 -65.47 16.04 63.52
C LEU MA 26 -65.86 16.05 62.05
N THR MA 27 -65.45 17.09 61.33
CA THR MA 27 -65.70 17.15 59.89
C THR MA 27 -64.92 16.08 59.14
N LEU MA 28 -63.75 15.69 59.67
CA LEU MA 28 -62.92 14.70 59.00
C LEU MA 28 -63.52 13.30 59.14
N THR MA 29 -63.83 12.90 60.37
CA THR MA 29 -64.49 11.61 60.57
C THR MA 29 -65.83 11.56 59.86
N GLN MA 30 -66.53 12.69 59.81
CA GLN MA 30 -67.77 12.76 59.05
C GLN MA 30 -67.51 12.67 57.55
N LYS MA 31 -66.34 13.12 57.09
CA LYS MA 31 -66.04 13.08 55.66
C LYS MA 31 -65.86 11.66 55.18
N TYR MA 32 -65.16 10.82 55.96
CA TYR MA 32 -64.90 9.45 55.54
C TYR MA 32 -66.12 8.55 55.68
N GLU MA 33 -66.97 8.82 56.68
CA GLU MA 33 -68.18 8.01 56.84
C GLU MA 33 -69.12 8.22 55.67
N GLU MA 34 -69.44 9.47 55.34
CA GLU MA 34 -70.30 9.73 54.19
C GLU MA 34 -69.65 9.29 52.89
N LEU MA 35 -68.32 9.27 52.84
CA LEU MA 35 -67.62 8.76 51.66
C LEU MA 35 -67.57 7.24 51.65
N LEU MA 36 -67.40 6.62 52.82
CA LEU MA 36 -67.37 5.16 52.90
C LEU MA 36 -68.76 4.57 52.80
N VAL MA 37 -69.76 5.25 53.36
CA VAL MA 37 -71.13 4.75 53.34
C VAL MA 37 -71.83 5.07 52.01
N ALA MA 38 -71.34 6.07 51.27
CA ALA MA 38 -71.89 6.35 49.94
C ALA MA 38 -71.81 5.12 49.04
N GLY MA 39 -70.72 4.36 49.14
CA GLY MA 39 -70.63 3.08 48.49
C GLY MA 39 -71.29 1.99 49.33
N GLY MA 40 -71.20 0.76 48.82
CA GLY MA 40 -71.74 -0.37 49.53
C GLY MA 40 -71.02 -0.60 50.84
N ALA MA 41 -71.70 -0.36 51.96
CA ALA MA 41 -71.07 -0.50 53.27
C ALA MA 41 -72.13 -0.74 54.32
N MET MA 42 -71.72 -1.41 55.40
CA MET MA 42 -72.60 -1.71 56.51
C MET MA 42 -71.78 -1.82 57.79
N TYR MA 43 -72.38 -1.39 58.90
CA TYR MA 43 -71.78 -1.49 60.23
C TYR MA 43 -70.42 -0.80 60.28
N VAL MA 44 -70.45 0.53 60.12
CA VAL MA 44 -69.27 1.37 60.28
C VAL MA 44 -69.17 1.80 61.74
N GLU MA 45 -67.97 1.68 62.31
CA GLU MA 45 -67.68 2.11 63.66
C GLU MA 45 -66.39 2.94 63.66
N VAL MA 46 -66.21 3.74 64.68
CA VAL MA 46 -65.08 4.66 64.78
C VAL MA 46 -64.58 4.66 66.22
N PHE MA 47 -63.39 4.11 66.44
CA PHE MA 47 -62.71 4.22 67.72
C PHE MA 47 -61.80 5.45 67.70
N ASN MA 48 -61.14 5.72 68.83
CA ASN MA 48 -60.29 6.88 68.97
C ASN MA 48 -59.07 6.52 69.82
N ARG MA 49 -57.94 7.14 69.48
CA ARG MA 49 -56.70 6.99 70.24
C ARG MA 49 -56.07 8.36 70.44
N GLY MA 50 -55.07 8.40 71.31
CA GLY MA 50 -54.48 9.65 71.76
C GLY MA 50 -53.44 10.22 70.81
N VAL MA 51 -52.43 10.84 71.42
CA VAL MA 51 -51.39 11.58 70.70
C VAL MA 51 -50.07 10.88 70.97
N ILE MA 52 -50.12 9.54 71.02
CA ILE MA 52 -48.97 8.68 71.29
C ILE MA 52 -47.83 9.07 70.34
N PRO MA 53 -46.62 9.37 70.82
CA PRO MA 53 -45.59 9.88 69.91
C PRO MA 53 -45.15 8.83 68.92
N LEU MA 54 -44.73 9.30 67.74
CA LEU MA 54 -44.31 8.41 66.67
C LEU MA 54 -42.91 7.86 66.95
N ALA MA 55 -42.63 6.70 66.36
CA ALA MA 55 -41.33 6.07 66.53
C ALA MA 55 -40.24 6.74 65.69
N TYR MA 56 -40.61 7.46 64.64
CA TYR MA 56 -39.65 8.12 63.78
C TYR MA 56 -40.29 9.35 63.16
N SER MA 57 -39.46 10.36 62.89
CA SER MA 57 -39.95 11.62 62.34
C SER MA 57 -40.57 11.40 60.97
N ILE MA 58 -41.36 12.38 60.54
CA ILE MA 58 -42.15 12.28 59.32
C ILE MA 58 -41.97 13.56 58.51
N LYS MA 59 -42.07 13.42 57.18
CA LYS MA 59 -42.08 14.54 56.25
C LYS MA 59 -43.35 14.47 55.43
N ARG MA 60 -44.09 15.58 55.40
CA ARG MA 60 -45.34 15.65 54.66
C ARG MA 60 -45.45 17.04 54.04
N LYS MA 61 -45.83 17.08 52.76
CA LYS MA 61 -45.94 18.32 52.00
C LYS MA 61 -47.39 18.57 51.66
N ASN MA 62 -47.89 19.75 52.01
CA ASN MA 62 -49.25 20.13 51.71
C ASN MA 62 -49.34 20.68 50.28
N LYS MA 63 -50.56 21.06 49.88
CA LYS MA 63 -50.74 21.66 48.56
C LYS MA 63 -50.03 23.02 48.47
N ALA MA 64 -49.85 23.69 49.61
CA ALA MA 64 -49.16 24.97 49.60
C ALA MA 64 -47.70 24.83 49.17
N GLY MA 65 -47.11 23.66 49.38
CA GLY MA 65 -45.75 23.37 48.97
C GLY MA 65 -44.80 23.17 50.13
N GLU MA 66 -45.07 23.81 51.26
CA GLU MA 66 -44.20 23.69 52.42
C GLU MA 66 -44.26 22.27 52.99
N THR MA 67 -43.22 21.93 53.75
CA THR MA 67 -43.12 20.66 54.46
C THR MA 67 -43.12 20.90 55.95
N ASN MA 68 -43.38 19.83 56.70
CA ASN MA 68 -43.46 19.89 58.15
C ASN MA 68 -42.88 18.63 58.76
N ASN MA 69 -42.12 18.81 59.84
CA ASN MA 69 -41.53 17.70 60.59
C ASN MA 69 -42.36 17.46 61.84
N TYR MA 70 -42.79 16.21 62.03
CA TYR MA 70 -43.65 15.82 63.13
C TYR MA 70 -42.98 14.75 63.99
N LEU MA 71 -43.46 14.64 65.22
CA LEU MA 71 -43.04 13.61 66.16
C LEU MA 71 -44.18 12.91 66.86
N ASP MA 72 -45.36 13.54 66.94
CA ASP MA 72 -46.55 12.92 67.52
C ASP MA 72 -47.73 13.16 66.58
N GLY MA 73 -48.73 12.30 66.70
CA GLY MA 73 -49.89 12.40 65.84
C GLY MA 73 -51.09 11.71 66.44
N ILE MA 74 -52.27 12.05 65.90
CA ILE MA 74 -53.53 11.50 66.37
C ILE MA 74 -53.87 10.28 65.52
N TYR MA 75 -54.05 9.14 66.17
CA TYR MA 75 -54.39 7.90 65.47
C TYR MA 75 -55.89 7.67 65.50
N LEU MA 76 -56.41 7.14 64.40
CA LEU MA 76 -57.81 6.75 64.28
C LEU MA 76 -57.88 5.32 63.79
N LEU MA 77 -59.05 4.69 63.99
CA LEU MA 77 -59.22 3.27 63.70
C LEU MA 77 -60.65 3.02 63.28
N PHE MA 78 -60.82 2.37 62.13
CA PHE MA 78 -62.14 2.01 61.61
C PHE MA 78 -62.26 0.49 61.52
N THR MA 79 -63.48 0.00 61.71
CA THR MA 79 -63.82 -1.40 61.52
C THR MA 79 -65.17 -1.46 60.83
N TYR MA 80 -65.20 -2.01 59.62
CA TYR MA 80 -66.36 -1.85 58.77
C TYR MA 80 -66.41 -2.97 57.75
N PHE MA 81 -67.55 -3.06 57.06
CA PHE MA 81 -67.72 -3.95 55.91
C PHE MA 81 -67.90 -3.08 54.68
N THR MA 82 -67.11 -3.34 53.64
CA THR MA 82 -67.31 -2.72 52.33
C THR MA 82 -67.10 -3.76 51.24
N LYS MA 83 -67.62 -3.44 50.05
CA LYS MA 83 -67.45 -4.32 48.91
C LYS MA 83 -65.97 -4.37 48.52
N PRO MA 84 -65.55 -5.42 47.80
CA PRO MA 84 -64.14 -5.44 47.34
C PRO MA 84 -63.83 -4.34 46.34
N GLU MA 85 -64.78 -4.00 45.47
CA GLU MA 85 -64.55 -3.03 44.41
C GLU MA 85 -64.78 -1.59 44.86
N SER MA 86 -64.76 -1.31 46.16
CA SER MA 86 -64.98 0.03 46.70
C SER MA 86 -63.97 0.38 47.78
N ILE MA 87 -62.72 -0.07 47.63
CA ILE MA 87 -61.67 0.17 48.61
C ILE MA 87 -60.62 1.09 48.02
N SER MA 88 -60.36 0.96 46.72
CA SER MA 88 -59.36 1.79 46.07
C SER MA 88 -59.75 3.28 46.07
N PRO MA 89 -61.03 3.66 46.07
CA PRO MA 89 -61.33 5.07 46.33
C PRO MA 89 -60.94 5.51 47.73
N LEU MA 90 -61.12 4.64 48.72
CA LEU MA 90 -60.76 4.99 50.09
C LEU MA 90 -59.26 5.19 50.22
N GLU MA 91 -58.47 4.21 49.75
CA GLU MA 91 -57.02 4.34 49.81
C GLU MA 91 -56.54 5.51 48.96
N ALA MA 92 -57.24 5.82 47.88
CA ALA MA 92 -56.86 6.96 47.05
C ALA MA 92 -57.05 8.28 47.80
N ALA MA 93 -58.13 8.38 48.59
CA ALA MA 93 -58.40 9.61 49.31
C ALA MA 93 -57.48 9.77 50.51
N LEU MA 94 -57.02 8.67 51.09
CA LEU MA 94 -56.14 8.70 52.25
C LEU MA 94 -54.69 9.05 51.89
N VAL MA 95 -54.40 9.32 50.62
CA VAL MA 95 -53.08 9.75 50.18
C VAL MA 95 -53.12 11.18 49.66
N THR MA 96 -54.18 11.54 48.93
CA THR MA 96 -54.30 12.91 48.43
C THR MA 96 -54.58 13.90 49.54
N ASP MA 97 -55.32 13.50 50.57
CA ASP MA 97 -55.61 14.39 51.67
C ASP MA 97 -54.34 14.69 52.45
N ASP MA 98 -54.21 15.95 52.89
CA ASP MA 98 -53.04 16.40 53.62
C ASP MA 98 -53.17 16.25 55.13
N ASP MA 99 -54.40 16.21 55.66
CA ASP MA 99 -54.57 16.03 57.09
C ASP MA 99 -54.13 14.63 57.52
N VAL MA 100 -54.40 13.63 56.68
CA VAL MA 100 -53.93 12.27 56.94
C VAL MA 100 -52.46 12.18 56.57
N ILE MA 101 -51.71 11.43 57.38
CA ILE MA 101 -50.26 11.30 57.19
C ILE MA 101 -49.97 9.92 56.61
N ARG MA 102 -50.38 8.88 57.34
CA ARG MA 102 -50.23 7.49 56.90
C ARG MA 102 -51.60 6.85 56.77
N SER MA 103 -51.61 5.65 56.18
CA SER MA 103 -52.84 4.89 55.97
C SER MA 103 -52.47 3.44 55.78
N SER MA 104 -53.19 2.56 56.46
CA SER MA 104 -52.93 1.12 56.41
C SER MA 104 -54.28 0.39 56.48
N SER MA 105 -54.78 -0.01 55.32
CA SER MA 105 -56.05 -0.73 55.21
C SER MA 105 -55.75 -2.23 55.19
N PHE MA 106 -56.12 -2.91 56.27
CA PHE MA 106 -55.89 -4.33 56.45
C PHE MA 106 -57.21 -5.09 56.41
N LYS MA 107 -57.09 -6.39 56.13
CA LYS MA 107 -58.23 -7.31 56.07
C LYS MA 107 -57.99 -8.39 57.12
N ILE MA 108 -58.39 -8.10 58.36
CA ILE MA 108 -58.25 -9.08 59.44
C ILE MA 108 -59.27 -10.19 59.24
N ARG MA 109 -58.88 -11.41 59.62
CA ARG MA 109 -59.69 -12.59 59.41
C ARG MA 109 -59.60 -13.47 60.66
N LYS MA 110 -60.28 -14.62 60.61
CA LYS MA 110 -60.30 -15.56 61.71
C LYS MA 110 -59.10 -16.50 61.63
N ARG MA 111 -58.37 -16.62 62.73
CA ARG MA 111 -57.24 -17.53 62.82
C ARG MA 111 -57.23 -18.16 64.20
N LYS MA 112 -57.08 -19.48 64.24
CA LYS MA 112 -57.18 -20.22 65.50
C LYS MA 112 -55.92 -20.16 66.34
N TYR MA 113 -54.79 -19.74 65.78
CA TYR MA 113 -53.52 -19.67 66.51
C TYR MA 113 -53.15 -21.02 67.10
N SER NA 1 16.98 -24.69 71.00
CA SER NA 1 16.61 -25.94 70.34
C SER NA 1 15.12 -26.21 70.49
N ARG NA 2 14.70 -27.44 70.15
CA ARG NA 2 13.31 -27.84 70.25
C ARG NA 2 12.91 -28.26 71.66
N ARG NA 3 13.85 -28.37 72.58
CA ARG NA 3 13.53 -28.74 73.96
C ARG NA 3 12.98 -27.56 74.74
N GLY NA 4 13.64 -26.40 74.67
CA GLY NA 4 13.22 -25.23 75.39
C GLY NA 4 13.70 -25.14 76.82
N THR NA 5 14.36 -26.17 77.33
CA THR NA 5 14.85 -26.23 78.71
C THR NA 5 16.38 -26.31 78.67
N VAL NA 6 17.02 -25.14 78.60
CA VAL NA 6 18.47 -25.06 78.64
C VAL NA 6 18.92 -24.99 80.09
N GLU NA 7 19.95 -25.77 80.43
CA GLU NA 7 20.45 -25.78 81.79
C GLU NA 7 21.07 -24.43 82.16
N GLU NA 8 20.92 -24.05 83.42
CA GLU NA 8 21.49 -22.81 83.92
C GLU NA 8 22.96 -23.02 84.24
N LYS NA 9 23.83 -22.23 83.61
CA LYS NA 9 25.26 -22.37 83.81
C LYS NA 9 25.67 -21.79 85.16
N THR NA 10 26.79 -22.30 85.69
CA THR NA 10 27.32 -21.85 86.98
C THR NA 10 28.10 -20.57 86.75
N ALA NA 11 27.48 -19.44 87.09
CA ALA NA 11 28.12 -18.14 86.95
C ALA NA 11 29.12 -17.96 88.08
N LYS NA 12 30.41 -17.97 87.74
CA LYS NA 12 31.48 -17.84 88.71
C LYS NA 12 31.93 -16.40 88.84
N SER NA 13 32.79 -16.15 89.83
CA SER NA 13 33.32 -14.83 90.13
C SER NA 13 34.84 -14.88 90.17
N ASP NA 14 35.46 -13.72 90.00
CA ASP NA 14 36.91 -13.63 90.02
C ASP NA 14 37.43 -13.76 91.44
N PRO NA 15 38.72 -14.10 91.62
CA PRO NA 15 39.23 -14.23 92.99
C PRO NA 15 39.29 -12.91 93.75
N ILE NA 16 39.73 -11.84 93.11
CA ILE NA 16 40.07 -10.61 93.85
C ILE NA 16 38.80 -9.85 94.21
N TYR NA 17 38.04 -9.40 93.21
CA TYR NA 17 36.85 -8.61 93.45
C TYR NA 17 35.66 -9.44 93.92
N ARG NA 18 35.64 -10.74 93.59
CA ARG NA 18 34.58 -11.64 94.05
C ARG NA 18 33.21 -11.16 93.58
N ASN NA 19 33.09 -10.88 92.29
CA ASN NA 19 31.83 -10.55 91.66
C ASN NA 19 31.72 -11.30 90.34
N ARG NA 20 30.49 -11.64 89.96
CA ARG NA 20 30.27 -12.45 88.78
C ARG NA 20 30.22 -11.61 87.50
N LEU NA 21 30.00 -10.31 87.62
CA LEU NA 21 29.95 -9.45 86.44
C LEU NA 21 31.31 -9.41 85.74
N VAL NA 22 32.39 -9.38 86.51
CA VAL NA 22 33.72 -9.25 85.92
C VAL NA 22 34.07 -10.51 85.13
N ASN NA 23 33.73 -11.69 85.67
CA ASN NA 23 34.04 -12.93 84.97
C ASN NA 23 33.29 -13.04 83.65
N MET NA 24 32.06 -12.53 83.61
CA MET NA 24 31.33 -12.48 82.34
C MET NA 24 32.02 -11.53 81.36
N LEU NA 25 32.64 -10.48 81.87
CA LEU NA 25 33.33 -9.54 81.01
C LEU NA 25 34.60 -10.14 80.43
N VAL NA 26 35.27 -11.02 81.16
CA VAL NA 26 36.54 -11.57 80.70
C VAL NA 26 36.32 -12.62 79.61
N ASN NA 27 35.27 -13.43 79.75
CA ASN NA 27 35.07 -14.56 78.85
C ASN NA 27 34.85 -14.14 77.40
N ARG NA 28 34.52 -12.87 77.14
CA ARG NA 28 34.37 -12.38 75.78
C ARG NA 28 35.67 -11.81 75.21
N ILE NA 29 36.68 -11.59 76.04
CA ILE NA 29 37.94 -11.00 75.56
C ILE NA 29 38.74 -12.03 74.78
N LEU NA 30 39.04 -13.16 75.41
CA LEU NA 30 39.84 -14.20 74.78
C LEU NA 30 39.13 -14.76 73.56
N LYS NA 31 39.94 -15.21 72.60
CA LYS NA 31 39.43 -15.90 71.41
C LYS NA 31 40.22 -17.13 71.01
N HIS NA 32 41.36 -17.43 71.64
CA HIS NA 32 42.15 -18.62 71.37
C HIS NA 32 42.22 -19.58 72.56
N GLY NA 33 41.44 -19.33 73.62
CA GLY NA 33 41.40 -20.24 74.74
C GLY NA 33 42.53 -20.04 75.73
N LYS NA 34 42.69 -18.82 76.22
CA LYS NA 34 43.68 -18.52 77.26
C LYS NA 34 43.13 -17.40 78.14
N LYS NA 35 43.16 -17.63 79.45
CA LYS NA 35 42.60 -16.71 80.42
C LYS NA 35 43.65 -15.87 81.14
N SER NA 36 44.89 -16.37 81.23
CA SER NA 36 45.93 -15.63 81.94
C SER NA 36 46.24 -14.30 81.27
N LEU NA 37 46.01 -14.19 79.95
CA LEU NA 37 46.34 -12.97 79.23
C LEU NA 37 45.26 -11.92 79.39
N ALA NA 38 44.00 -12.33 79.56
CA ALA NA 38 42.91 -11.37 79.68
C ALA NA 38 43.05 -10.54 80.95
N TYR NA 39 43.52 -11.15 82.03
CA TYR NA 39 43.70 -10.41 83.28
C TYR NA 39 44.82 -9.40 83.14
N GLN NA 40 45.88 -9.74 82.41
CA GLN NA 40 46.90 -8.75 82.09
C GLN NA 40 46.32 -7.62 81.26
N ILE NA 41 45.26 -7.89 80.49
CA ILE NA 41 44.56 -6.85 79.77
C ILE NA 41 43.59 -6.13 80.70
N LEU NA 42 43.01 -6.84 81.66
CA LEU NA 42 41.99 -6.26 82.54
C LEU NA 42 42.62 -5.57 83.74
N TYR NA 43 43.43 -6.30 84.51
CA TYR NA 43 44.04 -5.74 85.71
C TYR NA 43 44.93 -4.53 85.41
N ARG NA 44 45.48 -4.45 84.19
CA ARG NA 44 46.15 -3.21 83.78
C ARG NA 44 45.16 -2.11 83.44
N ALA NA 45 43.93 -2.46 83.06
CA ALA NA 45 42.93 -1.47 82.66
C ALA NA 45 42.25 -0.84 83.88
N VAL NA 46 41.68 -1.68 84.75
CA VAL NA 46 41.01 -1.17 85.94
C VAL NA 46 41.99 -0.39 86.82
N LYS NA 47 43.25 -0.81 86.88
CA LYS NA 47 44.27 -0.02 87.54
C LYS NA 47 44.45 1.31 86.84
N LYS NA 48 44.41 1.29 85.50
CA LYS NA 48 44.57 2.52 84.74
C LYS NA 48 43.36 3.44 84.87
N ILE NA 49 42.17 2.85 85.02
CA ILE NA 49 40.97 3.67 85.26
C ILE NA 49 41.06 4.31 86.63
N GLN NA 50 41.53 3.56 87.63
CA GLN NA 50 41.75 4.14 88.96
C GLN NA 50 42.83 5.21 88.91
N GLN NA 51 43.83 5.04 88.05
CA GLN NA 51 44.90 6.03 87.93
C GLN NA 51 44.38 7.35 87.38
N LYS NA 52 43.33 7.32 86.56
CA LYS NA 52 42.81 8.50 85.88
C LYS NA 52 41.66 9.15 86.64
N THR NA 53 40.73 8.34 87.15
CA THR NA 53 39.48 8.85 87.70
C THR NA 53 39.53 9.13 89.20
N GLU NA 54 40.45 8.51 89.93
CA GLU NA 54 40.54 8.64 91.39
C GLU NA 54 39.23 8.20 92.05
N THR NA 55 38.91 6.93 91.83
CA THR NA 55 37.74 6.30 92.41
C THR NA 55 37.80 4.81 92.07
N ASN NA 56 36.93 4.04 92.69
CA ASN NA 56 36.91 2.61 92.44
C ASN NA 56 36.50 2.35 90.98
N PRO NA 57 37.16 1.41 90.27
CA PRO NA 57 36.68 1.08 88.92
C PRO NA 57 35.43 0.21 88.91
N LEU NA 58 35.05 -0.37 90.05
CA LEU NA 58 33.87 -1.24 90.08
C LEU NA 58 32.60 -0.45 89.77
N SER NA 59 32.44 0.72 90.38
CA SER NA 59 31.27 1.54 90.12
C SER NA 59 31.26 2.06 88.69
N VAL NA 60 32.45 2.41 88.17
CA VAL NA 60 32.54 2.86 86.79
C VAL NA 60 32.16 1.74 85.83
N LEU NA 61 32.50 0.50 86.18
CA LEU NA 61 32.11 -0.63 85.35
C LEU NA 61 30.63 -0.96 85.52
N ARG NA 62 30.12 -0.85 86.74
CA ARG NA 62 28.71 -1.09 86.97
C ARG NA 62 27.85 0.00 86.32
N GLN NA 63 28.39 1.21 86.19
CA GLN NA 63 27.64 2.29 85.55
C GLN NA 63 27.62 2.11 84.04
N ALA NA 64 28.72 1.64 83.46
CA ALA NA 64 28.77 1.47 82.01
C ALA NA 64 27.76 0.43 81.53
N ILE NA 65 27.67 -0.70 82.22
CA ILE NA 65 26.67 -1.71 81.87
C ILE NA 65 25.27 -1.16 82.09
N ARG NA 66 25.10 -0.30 83.10
CA ARG NA 66 23.80 0.27 83.39
C ARG NA 66 23.34 1.24 82.31
N GLY NA 67 24.29 1.90 81.65
CA GLY NA 67 23.96 2.89 80.64
C GLY NA 67 23.81 2.31 79.24
N VAL NA 68 24.68 1.36 78.90
CA VAL NA 68 24.66 0.77 77.58
C VAL NA 68 23.54 -0.26 77.42
N THR NA 69 23.08 -0.86 78.51
CA THR NA 69 22.06 -1.90 78.46
C THR NA 69 20.75 -1.32 77.90
N PRO NA 70 20.29 -1.74 76.71
CA PRO NA 70 19.08 -1.11 76.15
C PRO NA 70 17.79 -1.63 76.77
N ASP NA 71 17.80 -2.89 77.19
CA ASP NA 71 16.61 -3.60 77.70
C ASP NA 71 15.49 -3.66 76.66
N ILE NA 72 15.83 -3.54 75.37
CA ILE NA 72 14.86 -3.62 74.30
C ILE NA 72 15.59 -3.79 72.98
N ALA NA 73 14.97 -4.49 72.03
CA ALA NA 73 15.56 -4.70 70.72
C ALA NA 73 14.44 -4.95 69.71
N VAL NA 74 14.84 -5.07 68.44
CA VAL NA 74 13.92 -5.30 67.33
C VAL NA 74 14.37 -6.56 66.62
N LYS NA 75 13.41 -7.42 66.27
CA LYS NA 75 13.67 -8.66 65.55
C LYS NA 75 12.75 -8.73 64.35
N ALA NA 76 13.26 -9.32 63.27
CA ALA NA 76 12.50 -9.45 62.03
C ALA NA 76 11.53 -10.62 62.13
N ARG NA 77 10.35 -10.44 61.54
CA ARG NA 77 9.32 -11.47 61.51
C ARG NA 77 8.55 -11.35 60.21
N ARG NA 78 8.18 -12.51 59.64
CA ARG NA 78 7.28 -12.54 58.49
C ARG NA 78 6.27 -13.67 58.57
N VAL NA 79 5.99 -14.18 59.78
CA VAL NA 79 4.92 -15.18 59.93
C VAL NA 79 3.59 -14.58 59.53
N GLY NA 80 3.40 -13.29 59.77
CA GLY NA 80 2.25 -12.55 59.28
C GLY NA 80 2.70 -11.28 58.58
N GLY NA 81 2.44 -11.18 57.28
CA GLY NA 81 2.93 -10.07 56.50
C GLY NA 81 4.39 -10.24 56.12
N SER NA 82 4.82 -9.43 55.17
CA SER NA 82 6.17 -9.50 54.61
C SER NA 82 7.01 -8.35 55.12
N THR NA 83 8.22 -8.66 55.58
CA THR NA 83 9.23 -7.68 55.96
C THR NA 83 8.72 -6.76 57.07
N HIS NA 84 8.50 -7.36 58.23
CA HIS NA 84 8.12 -6.65 59.44
C HIS NA 84 9.20 -6.81 60.49
N GLN NA 85 9.43 -5.73 61.24
CA GLN NA 85 10.45 -5.68 62.30
C GLN NA 85 9.83 -4.96 63.49
N VAL NA 86 9.22 -5.72 64.39
CA VAL NA 86 8.53 -5.16 65.55
C VAL NA 86 9.46 -5.27 66.76
N PRO NA 87 9.33 -4.41 67.78
CA PRO NA 87 10.24 -4.49 68.92
C PRO NA 87 10.04 -5.77 69.72
N ILE NA 88 10.94 -5.98 70.67
CA ILE NA 88 10.87 -7.10 71.60
C ILE NA 88 11.76 -6.77 72.79
N GLU NA 89 11.26 -7.07 73.99
CA GLU NA 89 11.97 -6.74 75.21
C GLU NA 89 13.09 -7.75 75.47
N ILE NA 90 13.97 -7.40 76.41
CA ILE NA 90 15.13 -8.19 76.77
C ILE NA 90 15.10 -8.43 78.28
N GLY NA 91 15.54 -9.61 78.69
CA GLY NA 91 15.63 -9.93 80.09
C GLY NA 91 16.80 -9.26 80.77
N SER NA 92 17.08 -9.70 81.99
CA SER NA 92 18.20 -9.16 82.74
C SER NA 92 19.53 -9.79 82.33
N THR NA 93 19.57 -11.11 82.24
CA THR NA 93 20.81 -11.80 81.88
C THR NA 93 21.16 -11.55 80.42
N GLN NA 94 20.15 -11.53 79.54
CA GLN NA 94 20.41 -11.33 78.12
C GLN NA 94 20.99 -9.95 77.85
N GLY NA 95 20.39 -8.91 78.45
CA GLY NA 95 20.90 -7.57 78.27
C GLY NA 95 22.27 -7.36 78.87
N LYS NA 96 22.61 -8.14 79.89
CA LYS NA 96 23.92 -8.03 80.51
C LYS NA 96 25.02 -8.46 79.54
N ALA NA 97 24.93 -9.68 79.03
CA ALA NA 97 25.91 -10.14 78.05
C ALA NA 97 25.84 -9.33 76.76
N LEU NA 98 24.66 -8.82 76.42
CA LEU NA 98 24.51 -8.05 75.19
C LEU NA 98 25.32 -6.77 75.22
N ALA NA 99 25.48 -6.17 76.41
CA ALA NA 99 26.27 -4.95 76.52
C ALA NA 99 27.77 -5.24 76.47
N ILE NA 100 28.20 -6.41 76.94
CA ILE NA 100 29.61 -6.75 76.92
C ILE NA 100 30.12 -6.85 75.49
N ARG NA 101 29.29 -7.38 74.58
CA ARG NA 101 29.70 -7.51 73.19
C ARG NA 101 29.90 -6.15 72.54
N TRP NA 102 29.02 -5.19 72.85
CA TRP NA 102 29.13 -3.87 72.26
C TRP NA 102 30.34 -3.12 72.79
N LEU NA 103 30.67 -3.28 74.07
CA LEU NA 103 31.82 -2.59 74.65
C LEU NA 103 33.12 -3.14 74.08
N LEU NA 104 33.34 -4.44 74.23
CA LEU NA 104 34.55 -5.06 73.69
C LEU NA 104 34.60 -4.96 72.17
N GLY NA 105 33.44 -4.95 71.52
CA GLY NA 105 33.42 -4.79 70.07
C GLY NA 105 33.94 -3.42 69.63
N ALA NA 106 33.52 -2.37 70.33
CA ALA NA 106 34.00 -1.03 70.00
C ALA NA 106 35.43 -0.82 70.42
N ALA NA 107 35.87 -1.50 71.49
CA ALA NA 107 37.25 -1.34 71.96
C ALA NA 107 38.24 -1.86 70.94
N ARG NA 108 37.93 -3.00 70.31
CA ARG NA 108 38.83 -3.54 69.30
C ARG NA 108 38.90 -2.65 68.07
N LYS NA 109 37.80 -1.96 67.75
CA LYS NA 109 37.76 -1.16 66.53
C LYS NA 109 38.54 0.14 66.71
N ARG NA 110 38.39 0.81 67.85
CA ARG NA 110 38.99 2.11 68.04
C ARG NA 110 40.52 2.00 68.11
N PRO NA 111 41.24 3.06 67.80
CA PRO NA 111 42.71 2.99 67.85
C PRO NA 111 43.22 3.00 69.28
N GLY NA 112 44.49 2.67 69.42
CA GLY NA 112 45.12 2.65 70.72
C GLY NA 112 46.45 1.93 70.65
N ARG NA 113 47.08 1.82 71.81
CA ARG NA 113 48.37 1.15 71.95
C ARG NA 113 48.19 -0.34 72.24
N ASN NA 114 47.31 -0.67 73.17
CA ASN NA 114 47.03 -2.06 73.52
C ASN NA 114 45.58 -2.18 73.93
N MET NA 115 45.12 -3.42 74.07
CA MET NA 115 43.72 -3.67 74.43
C MET NA 115 43.42 -3.12 75.82
N ALA NA 116 44.41 -3.08 76.71
CA ALA NA 116 44.20 -2.49 78.03
C ALA NA 116 43.89 -1.01 77.93
N PHE NA 117 44.58 -0.30 77.04
CA PHE NA 117 44.30 1.12 76.84
C PHE NA 117 43.01 1.31 76.04
N LYS NA 118 42.78 0.46 75.03
CA LYS NA 118 41.56 0.55 74.26
C LYS NA 118 40.33 0.25 75.12
N LEU NA 119 40.48 -0.67 76.06
CA LEU NA 119 39.38 -1.02 76.96
C LEU NA 119 39.18 0.03 78.03
N SER NA 120 40.28 0.61 78.53
CA SER NA 120 40.18 1.62 79.58
C SER NA 120 39.46 2.86 79.06
N SER NA 121 39.88 3.38 77.92
CA SER NA 121 39.25 4.58 77.36
C SER NA 121 37.80 4.32 76.98
N GLU NA 122 37.44 3.08 76.66
CA GLU NA 122 36.08 2.78 76.27
C GLU NA 122 35.13 2.88 77.46
N LEU NA 123 35.45 2.22 78.56
CA LEU NA 123 34.58 2.23 79.73
C LEU NA 123 34.48 3.62 80.33
N VAL NA 124 35.60 4.35 80.41
CA VAL NA 124 35.58 5.68 80.97
C VAL NA 124 34.74 6.61 80.11
N ASP NA 125 34.88 6.51 78.78
CA ASP NA 125 34.07 7.32 77.89
C ASP NA 125 32.62 6.83 77.87
N ALA NA 126 32.43 5.51 77.87
CA ALA NA 126 31.07 4.96 77.83
C ALA NA 126 30.29 5.37 79.07
N ALA NA 127 30.95 5.38 80.23
CA ALA NA 127 30.26 5.80 81.45
C ALA NA 127 29.86 7.27 81.39
N LYS NA 128 30.65 8.10 80.73
CA LYS NA 128 30.37 9.53 80.61
C LYS NA 128 29.58 9.84 79.35
N GLY NA 129 28.49 9.10 79.13
CA GLY NA 129 27.56 9.40 78.05
C GLY NA 129 28.08 9.11 76.65
N SER NA 130 29.17 9.77 76.26
CA SER NA 130 29.68 9.70 74.89
C SER NA 130 30.52 8.44 74.74
N GLY NA 131 29.99 7.46 74.01
CA GLY NA 131 30.72 6.24 73.74
C GLY NA 131 30.20 5.58 72.48
N ASP NA 132 31.11 4.93 71.75
CA ASP NA 132 30.73 4.26 70.51
C ASP NA 132 29.70 3.17 70.76
N ALA NA 133 29.81 2.47 71.89
CA ALA NA 133 28.79 1.49 72.25
C ALA NA 133 27.47 2.16 72.61
N VAL NA 134 27.53 3.35 73.21
CA VAL NA 134 26.32 4.09 73.55
C VAL NA 134 25.61 4.53 72.26
N ARG NA 135 26.37 4.79 71.19
CA ARG NA 135 25.75 5.16 69.92
C ARG NA 135 24.92 4.00 69.37
N LYS NA 136 25.42 2.77 69.49
CA LYS NA 136 24.67 1.62 69.00
C LYS NA 136 23.40 1.41 69.81
N LYS NA 137 23.44 1.73 71.11
CA LYS NA 137 22.22 1.72 71.91
C LYS NA 137 21.19 2.68 71.33
N GLU NA 138 21.64 3.89 70.97
CA GLU NA 138 20.73 4.87 70.38
C GLU NA 138 20.18 4.39 69.04
N GLU NA 139 21.01 3.75 68.23
CA GLU NA 139 20.56 3.26 66.92
C GLU NA 139 19.55 2.13 67.10
N THR NA 140 19.86 1.16 67.97
CA THR NA 140 18.93 0.08 68.23
C THR NA 140 17.67 0.60 68.91
N HIS NA 141 17.83 1.51 69.89
CA HIS NA 141 16.67 2.09 70.56
C HIS NA 141 15.85 2.93 69.59
N ARG NA 142 16.48 3.53 68.58
CA ARG NA 142 15.74 4.32 67.60
C ARG NA 142 14.82 3.42 66.78
N MET NA 143 15.31 2.26 66.36
CA MET NA 143 14.50 1.37 65.53
C MET NA 143 13.28 0.86 66.29
N ALA NA 144 13.39 0.68 67.60
CA ALA NA 144 12.25 0.24 68.39
C ALA NA 144 11.18 1.32 68.44
N GLU NA 145 11.54 2.52 68.89
CA GLU NA 145 10.58 3.61 68.96
C GLU NA 145 10.14 4.06 67.57
N ALA NA 146 11.00 3.93 66.56
CA ALA NA 146 10.60 4.25 65.20
C ALA NA 146 9.49 3.32 64.74
N ASN NA 147 9.72 2.02 64.80
CA ASN NA 147 8.69 1.02 64.52
C ASN NA 147 7.96 0.63 65.80
N ARG NA 148 7.46 1.63 66.52
CA ARG NA 148 6.76 1.38 67.78
C ARG NA 148 5.49 0.59 67.53
N ALA NA 149 4.77 0.91 66.46
CA ALA NA 149 3.61 0.12 66.08
C ALA NA 149 4.05 -1.26 65.63
N PHE NA 150 3.22 -2.26 65.92
CA PHE NA 150 3.54 -3.65 65.57
C PHE NA 150 3.33 -3.86 64.07
N ALA NA 151 4.26 -3.32 63.30
CA ALA NA 151 4.22 -3.43 61.85
C ALA NA 151 5.57 -3.03 61.25
N LYS OA 3 -55.36 -51.69 35.93
CA LYS OA 3 -54.22 -52.46 35.45
C LYS OA 3 -54.38 -53.93 35.82
N ASP OA 4 -53.40 -54.74 35.43
CA ASP OA 4 -53.48 -56.18 35.63
C ASP OA 4 -53.51 -56.51 37.12
N THR OA 5 -54.63 -57.08 37.58
CA THR OA 5 -54.74 -57.47 38.97
C THR OA 5 -53.76 -58.59 39.29
N ILE OA 6 -53.74 -59.63 38.45
CA ILE OA 6 -52.94 -60.83 38.74
C ILE OA 6 -51.46 -60.50 38.78
N ALA OA 7 -51.03 -59.47 38.04
CA ALA OA 7 -49.65 -59.02 38.16
C ALA OA 7 -49.35 -58.55 39.57
N ASP OA 8 -50.34 -57.99 40.26
CA ASP OA 8 -50.18 -57.59 41.65
C ASP OA 8 -50.33 -58.77 42.59
N ILE OA 9 -51.13 -59.77 42.21
CA ILE OA 9 -51.36 -60.92 43.09
C ILE OA 9 -50.08 -61.72 43.26
N ILE OA 10 -49.34 -61.92 42.17
CA ILE OA 10 -48.14 -62.74 42.24
C ILE OA 10 -47.06 -62.05 43.07
N THR OA 11 -47.09 -60.71 43.14
CA THR OA 11 -46.05 -59.97 43.85
C THR OA 11 -46.34 -59.88 45.34
N CYS OA 12 -47.60 -59.69 45.72
CA CYS OA 12 -47.95 -59.63 47.14
C CYS OA 12 -47.59 -60.92 47.86
N ILE OA 13 -47.61 -62.04 47.14
CA ILE OA 13 -47.17 -63.31 47.72
C ILE OA 13 -45.66 -63.40 47.70
N ARG OA 14 -45.01 -62.83 46.69
CA ARG OA 14 -43.56 -62.85 46.61
C ARG OA 14 -42.94 -62.01 47.71
N ASN OA 15 -43.40 -60.77 47.86
CA ASN OA 15 -42.83 -59.87 48.85
C ASN OA 15 -43.03 -60.40 50.26
N ALA OA 16 -44.11 -61.15 50.50
CA ALA OA 16 -44.34 -61.71 51.82
C ALA OA 16 -43.27 -62.73 52.19
N ASP OA 17 -42.76 -63.47 51.21
CA ASP OA 17 -41.73 -64.47 51.50
C ASP OA 17 -40.36 -63.82 51.68
N MET OA 18 -40.10 -62.70 50.99
CA MET OA 18 -38.83 -62.00 51.19
C MET OA 18 -38.75 -61.43 52.60
N ASN OA 19 -39.84 -60.81 53.07
CA ASN OA 19 -39.92 -60.39 54.47
C ASN OA 19 -40.23 -61.56 55.41
N ARG OA 20 -40.60 -62.71 54.87
CA ARG OA 20 -40.84 -63.92 55.64
C ARG OA 20 -41.97 -63.71 56.65
N LYS OA 21 -43.16 -63.45 56.11
CA LYS OA 21 -44.38 -63.26 56.86
C LYS OA 21 -45.32 -64.43 56.61
N GLY OA 22 -46.36 -64.51 57.44
CA GLY OA 22 -47.35 -65.56 57.33
C GLY OA 22 -48.60 -65.15 56.59
N THR OA 23 -49.08 -63.93 56.88
CA THR OA 23 -50.31 -63.41 56.29
C THR OA 23 -50.00 -62.56 55.08
N VAL OA 24 -50.99 -62.45 54.19
CA VAL OA 24 -50.85 -61.72 52.94
C VAL OA 24 -51.94 -60.67 52.82
N ARG OA 25 -53.18 -61.03 53.15
CA ARG OA 25 -54.35 -60.18 52.96
C ARG OA 25 -54.50 -59.80 51.47
N ILE OA 26 -54.77 -60.83 50.69
CA ILE OA 26 -54.84 -60.73 49.24
C ILE OA 26 -56.27 -60.48 48.81
N VAL OA 27 -56.43 -59.76 47.69
CA VAL OA 27 -57.75 -59.38 47.19
C VAL OA 27 -58.47 -60.62 46.66
N SER OA 28 -59.81 -60.57 46.72
CA SER OA 28 -60.67 -61.67 46.28
C SER OA 28 -61.38 -61.29 44.99
N THR OA 29 -61.30 -62.18 44.00
CA THR OA 29 -62.02 -62.04 42.74
C THR OA 29 -62.40 -63.42 42.24
N ASN OA 30 -63.16 -63.46 41.15
CA ASN OA 30 -63.53 -64.74 40.55
C ASN OA 30 -62.30 -65.49 40.05
N ILE OA 31 -61.26 -64.77 39.64
CA ILE OA 31 -60.08 -65.41 39.08
C ILE OA 31 -59.13 -65.85 40.20
N THR OA 32 -58.92 -65.00 41.20
CA THR OA 32 -57.96 -65.31 42.25
C THR OA 32 -58.42 -66.48 43.12
N GLU OA 33 -59.74 -66.58 43.36
CA GLU OA 33 -60.25 -67.69 44.16
C GLU OA 33 -59.95 -69.02 43.49
N ASN OA 34 -59.91 -69.07 42.17
CA ASN OA 34 -59.52 -70.28 41.46
C ASN OA 34 -58.02 -70.51 41.53
N ILE OA 35 -57.25 -69.43 41.46
CA ILE OA 35 -55.79 -69.56 41.52
C ILE OA 35 -55.36 -70.06 42.89
N VAL OA 36 -55.86 -69.42 43.96
CA VAL OA 36 -55.51 -69.82 45.31
C VAL OA 36 -55.94 -71.25 45.58
N LYS OA 37 -57.10 -71.66 45.03
CA LYS OA 37 -57.60 -73.01 45.25
C LYS OA 37 -56.62 -74.06 44.76
N ILE OA 38 -55.83 -73.74 43.73
CA ILE OA 38 -54.85 -74.69 43.22
C ILE OA 38 -53.66 -74.80 44.16
N LEU OA 39 -53.28 -73.72 44.83
CA LEU OA 39 -52.12 -73.77 45.72
C LEU OA 39 -52.43 -74.55 46.99
N LEU OA 40 -53.70 -74.61 47.39
CA LEU OA 40 -54.07 -75.42 48.55
C LEU OA 40 -53.87 -76.90 48.27
N ARG OA 41 -54.47 -77.40 47.18
CA ARG OA 41 -54.36 -78.81 46.85
C ARG OA 41 -52.92 -79.18 46.49
N GLU OA 42 -52.18 -78.27 45.85
CA GLU OA 42 -50.82 -78.56 45.42
C GLU OA 42 -49.81 -78.44 46.55
N GLY OA 43 -50.19 -77.94 47.72
CA GLY OA 43 -49.31 -77.93 48.87
C GLY OA 43 -48.37 -76.76 48.96
N PHE OA 44 -48.65 -75.66 48.24
CA PHE OA 44 -47.81 -74.47 48.32
C PHE OA 44 -48.21 -73.54 49.46
N ILE OA 45 -49.47 -73.58 49.89
CA ILE OA 45 -49.98 -72.75 50.96
C ILE OA 45 -50.69 -73.65 51.97
N GLU OA 46 -50.57 -73.29 53.26
CA GLU OA 46 -51.14 -74.11 54.32
C GLU OA 46 -52.65 -73.94 54.42
N ASN OA 47 -53.15 -72.71 54.30
CA ASN OA 47 -54.57 -72.45 54.50
C ASN OA 47 -54.94 -71.11 53.89
N ALA OA 48 -56.23 -70.96 53.59
CA ALA OA 48 -56.79 -69.71 53.09
C ALA OA 48 -58.09 -69.44 53.84
N ARG OA 49 -58.51 -68.18 53.84
CA ARG OA 49 -59.66 -67.76 54.64
C ARG OA 49 -60.15 -66.42 54.12
N LYS OA 50 -61.47 -66.22 54.15
CA LYS OA 50 -62.13 -65.07 53.57
C LYS OA 50 -62.78 -64.20 54.64
N HIS OA 51 -62.92 -62.91 54.35
CA HIS OA 51 -63.60 -61.98 55.22
C HIS OA 51 -63.97 -60.74 54.42
N GLN OA 52 -64.41 -59.69 55.10
CA GLN OA 52 -64.71 -58.43 54.45
C GLN OA 52 -64.66 -57.29 55.48
N GLU OA 53 -64.38 -56.09 54.99
CA GLU OA 53 -64.46 -54.86 55.76
C GLU OA 53 -65.52 -53.90 55.21
N ARG OA 54 -65.67 -53.88 53.89
CA ARG OA 54 -66.73 -53.18 53.18
C ARG OA 54 -67.41 -54.25 52.32
N ASN OA 55 -68.30 -53.81 51.43
CA ASN OA 55 -68.85 -54.72 50.41
C ASN OA 55 -67.76 -55.48 49.65
N LYS OA 56 -66.57 -54.90 49.49
CA LYS OA 56 -65.47 -55.63 48.88
C LYS OA 56 -65.08 -56.82 49.76
N TYR OA 57 -64.22 -57.67 49.21
CA TYR OA 57 -63.79 -58.90 49.86
C TYR OA 57 -62.28 -59.05 49.76
N PHE OA 58 -61.74 -59.90 50.63
CA PHE OA 58 -60.32 -60.19 50.67
C PHE OA 58 -60.13 -61.65 51.06
N LEU OA 59 -58.87 -62.08 51.02
CA LEU OA 59 -58.48 -63.42 51.44
C LEU OA 59 -57.18 -63.35 52.22
N VAL OA 60 -57.04 -64.21 53.21
CA VAL OA 60 -55.87 -64.25 54.09
C VAL OA 60 -55.21 -65.61 53.93
N LEU OA 61 -53.95 -65.59 53.52
CA LEU OA 61 -53.17 -66.80 53.29
C LEU OA 61 -52.31 -67.11 54.50
N THR OA 62 -51.70 -68.29 54.48
CA THR OA 62 -50.86 -68.77 55.58
C THR OA 62 -49.64 -69.45 54.96
N LEU OA 63 -48.52 -68.74 54.92
CA LEU OA 63 -47.31 -69.25 54.31
C LEU OA 63 -46.63 -70.27 55.21
N ARG OA 64 -45.69 -71.01 54.64
CA ARG OA 64 -44.96 -72.02 55.37
C ARG OA 64 -43.77 -71.41 56.11
N HIS OA 65 -43.38 -72.04 57.21
CA HIS OA 65 -42.29 -71.56 58.06
C HIS OA 65 -41.08 -72.48 57.93
N LEU OA 74 -33.15 -73.18 53.12
CA LEU OA 74 -32.68 -72.03 52.35
C LEU OA 74 -33.49 -71.81 51.07
N ASN OA 75 -34.56 -72.59 50.87
CA ASN OA 75 -35.36 -72.48 49.67
C ASN OA 75 -36.08 -71.12 49.63
N THR OA 76 -36.66 -70.83 48.47
CA THR OA 76 -37.43 -69.62 48.25
C THR OA 76 -38.65 -69.95 47.40
N PHE OA 77 -39.75 -69.24 47.68
CA PHE OA 77 -41.02 -69.49 46.99
C PHE OA 77 -41.00 -68.70 45.68
N HIS OA 78 -40.36 -69.30 44.68
CA HIS OA 78 -40.23 -68.65 43.38
C HIS OA 78 -41.58 -68.46 42.72
N LEU OA 79 -41.67 -67.42 41.89
CA LEU OA 79 -42.88 -67.10 41.15
C LEU OA 79 -42.47 -66.43 39.84
N LYS OA 80 -43.40 -66.43 38.89
CA LYS OA 80 -43.17 -65.76 37.62
C LYS OA 80 -44.48 -65.64 36.86
N ARG OA 81 -44.71 -64.46 36.29
CA ARG OA 81 -45.82 -64.24 35.38
C ARG OA 81 -45.34 -64.40 33.94
N VAL OA 82 -46.22 -64.89 33.08
CA VAL OA 82 -45.90 -65.18 31.68
C VAL OA 82 -46.71 -64.31 30.73
N SER OA 83 -48.04 -64.44 30.75
CA SER OA 83 -48.91 -63.71 29.85
C SER OA 83 -49.25 -62.35 30.46
N ARG OA 84 -48.81 -61.29 29.82
CA ARG OA 84 -49.02 -59.92 30.26
C ARG OA 84 -50.07 -59.25 29.39
N PRO OA 85 -50.64 -58.11 29.84
CA PRO OA 85 -51.56 -57.37 28.95
C PRO OA 85 -50.89 -56.89 27.68
N GLY OA 86 -49.66 -56.43 27.76
CA GLY OA 86 -48.94 -55.99 26.58
C GLY OA 86 -48.52 -57.10 25.65
N LEU OA 87 -48.51 -58.35 26.14
CA LEU OA 87 -48.14 -59.49 25.30
C LEU OA 87 -48.80 -60.73 25.91
N ARG OA 88 -49.90 -61.16 25.29
CA ARG OA 88 -50.58 -62.38 25.71
C ARG OA 88 -49.90 -63.58 25.09
N ILE OA 89 -49.86 -64.68 25.83
CA ILE OA 89 -49.17 -65.90 25.43
C ILE OA 89 -50.15 -67.06 25.55
N TYR OA 90 -50.33 -67.79 24.46
CA TYR OA 90 -51.15 -69.00 24.42
C TYR OA 90 -50.27 -70.20 24.08
N SER OA 91 -50.84 -71.39 24.19
CA SER OA 91 -50.09 -72.60 23.91
C SER OA 91 -51.06 -73.72 23.55
N ASN OA 92 -50.59 -74.61 22.68
CA ASN OA 92 -51.37 -75.78 22.27
C ASN OA 92 -51.07 -76.94 23.23
N TYR OA 93 -51.65 -78.10 22.91
CA TYR OA 93 -51.46 -79.25 23.79
C TYR OA 93 -50.04 -79.79 23.73
N GLN OA 94 -49.45 -79.83 22.53
CA GLN OA 94 -48.14 -80.45 22.37
C GLN OA 94 -47.03 -79.62 22.99
N ARG OA 95 -47.25 -78.33 23.23
CA ARG OA 95 -46.25 -77.44 23.83
C ARG OA 95 -46.63 -77.01 25.24
N ILE OA 96 -47.33 -77.86 25.97
CA ILE OA 96 -47.59 -77.59 27.39
C ILE OA 96 -46.27 -77.71 28.14
N PRO OA 97 -45.85 -76.72 28.93
CA PRO OA 97 -44.53 -76.81 29.57
C PRO OA 97 -44.49 -77.88 30.64
N ARG OA 98 -43.27 -78.14 31.11
CA ARG OA 98 -43.02 -79.09 32.19
C ARG OA 98 -41.91 -78.48 33.05
N ILE OA 99 -42.31 -77.75 34.08
CA ILE OA 99 -41.35 -76.95 34.85
C ILE OA 99 -40.51 -77.87 35.71
N LEU OA 100 -39.20 -77.90 35.42
CA LEU OA 100 -38.22 -78.59 36.25
C LEU OA 100 -38.50 -80.09 36.34
N GLY OA 101 -39.02 -80.66 35.26
CA GLY OA 101 -39.30 -82.09 35.23
C GLY OA 101 -40.46 -82.52 36.09
N GLY OA 102 -41.25 -81.58 36.62
CA GLY OA 102 -42.41 -81.88 37.44
C GLY OA 102 -42.40 -81.21 38.80
N MET OA 103 -41.27 -80.66 39.25
CA MET OA 103 -41.23 -79.98 40.54
C MET OA 103 -42.09 -78.73 40.56
N GLY OA 104 -42.31 -78.10 39.41
CA GLY OA 104 -43.15 -76.93 39.29
C GLY OA 104 -44.44 -77.25 38.57
N ILE OA 105 -45.28 -76.23 38.44
CA ILE OA 105 -46.57 -76.34 37.77
C ILE OA 105 -46.88 -75.02 37.09
N ALA OA 106 -47.83 -75.08 36.16
CA ALA OA 106 -48.28 -73.91 35.39
C ALA OA 106 -49.78 -73.78 35.53
N ILE OA 107 -50.23 -72.60 35.93
CA ILE OA 107 -51.65 -72.31 36.08
C ILE OA 107 -52.11 -71.63 34.79
N LEU OA 108 -53.01 -72.31 34.06
CA LEU OA 108 -53.47 -71.85 32.77
C LEU OA 108 -54.99 -71.94 32.69
N SER OA 109 -55.58 -71.03 31.92
CA SER OA 109 -57.03 -70.93 31.79
C SER OA 109 -57.48 -71.68 30.55
N THR OA 110 -58.36 -72.66 30.75
CA THR OA 110 -59.02 -73.37 29.66
C THR OA 110 -60.46 -72.91 29.54
N SER OA 111 -61.13 -73.40 28.49
CA SER OA 111 -62.55 -73.11 28.34
C SER OA 111 -63.36 -73.64 29.52
N ARG OA 112 -62.93 -74.77 30.09
CA ARG OA 112 -63.52 -75.30 31.31
C ARG OA 112 -62.78 -74.78 32.55
N GLY OA 113 -62.70 -73.45 32.64
CA GLY OA 113 -62.08 -72.83 33.79
C GLY OA 113 -60.57 -73.01 33.81
N ILE OA 114 -60.01 -72.70 34.97
CA ILE OA 114 -58.56 -72.75 35.19
C ILE OA 114 -58.22 -74.08 35.83
N MET OA 115 -57.05 -74.62 35.46
CA MET OA 115 -56.58 -75.87 36.04
C MET OA 115 -55.06 -75.88 35.99
N THR OA 116 -54.48 -76.97 36.49
CA THR OA 116 -53.05 -77.18 36.46
C THR OA 116 -52.68 -77.84 35.13
N ASP OA 117 -51.43 -77.61 34.70
CA ASP OA 117 -50.97 -78.17 33.42
C ASP OA 117 -51.07 -79.68 33.40
N ARG OA 118 -50.75 -80.33 34.53
CA ARG OA 118 -50.93 -81.78 34.62
C ARG OA 118 -52.38 -82.16 34.39
N GLU OA 119 -53.31 -81.41 34.97
CA GLU OA 119 -54.72 -81.69 34.74
C GLU OA 119 -55.11 -81.40 33.29
N ALA OA 120 -54.35 -80.53 32.60
CA ALA OA 120 -54.58 -80.31 31.18
C ALA OA 120 -53.98 -81.41 30.34
N ARG OA 121 -52.87 -82.02 30.79
CA ARG OA 121 -52.30 -83.15 30.08
C ARG OA 121 -53.28 -84.31 30.00
N LEU OA 122 -54.05 -84.54 31.07
CA LEU OA 122 -55.06 -85.58 31.05
C LEU OA 122 -56.31 -85.11 30.32
N GLU OA 123 -56.71 -83.85 30.51
CA GLU OA 123 -57.91 -83.34 29.89
C GLU OA 123 -57.77 -83.24 28.37
N GLY OA 124 -56.55 -83.04 27.87
CA GLY OA 124 -56.33 -83.01 26.44
C GLY OA 124 -56.63 -81.68 25.79
N ILE OA 125 -56.59 -80.58 26.55
CA ILE OA 125 -56.96 -79.26 26.07
C ILE OA 125 -55.95 -78.25 26.62
N GLY OA 126 -55.32 -77.49 25.73
CA GLY OA 126 -54.43 -76.42 26.12
C GLY OA 126 -55.18 -75.14 26.41
N GLY OA 127 -54.43 -74.09 26.68
CA GLY OA 127 -55.02 -72.80 26.98
C GLY OA 127 -54.02 -71.68 27.18
N GLU OA 128 -54.41 -70.68 27.97
CA GLU OA 128 -53.62 -69.48 28.18
C GLU OA 128 -52.81 -69.63 29.46
N ILE OA 129 -51.50 -69.84 29.32
CA ILE OA 129 -50.63 -69.89 30.49
C ILE OA 129 -50.53 -68.48 31.08
N LEU OA 130 -50.66 -68.39 32.40
CA LEU OA 130 -50.68 -67.13 33.11
C LEU OA 130 -49.51 -66.94 34.07
N CYS OA 131 -49.04 -68.01 34.71
CA CYS OA 131 -47.95 -67.88 35.66
C CYS OA 131 -47.40 -69.26 35.97
N TYR OA 132 -46.08 -69.35 36.07
CA TYR OA 132 -45.39 -70.57 36.45
C TYR OA 132 -45.05 -70.52 37.93
N ILE OA 133 -44.83 -71.71 38.50
CA ILE OA 133 -44.59 -71.87 39.94
C ILE OA 133 -43.44 -72.85 40.12
N TRP OA 134 -42.50 -72.51 40.99
CA TRP OA 134 -41.49 -73.46 41.45
C TRP OA 134 -40.81 -72.94 42.71
N GLU PA 1 63.45 -29.30 98.83
CA GLU PA 1 64.32 -28.71 99.85
C GLU PA 1 64.37 -29.57 101.09
N LYS PA 2 65.38 -29.34 101.94
CA LYS PA 2 65.52 -30.10 103.17
C LYS PA 2 64.42 -29.80 104.16
N PHE PA 3 63.73 -28.66 104.02
CA PHE PA 3 62.70 -28.30 104.99
C PHE PA 3 61.54 -29.29 104.95
N VAL PA 4 61.02 -29.58 103.76
CA VAL PA 4 59.89 -30.50 103.66
C VAL PA 4 60.30 -31.91 104.06
N LYS PA 5 61.53 -32.31 103.72
CA LYS PA 5 62.02 -33.62 104.11
C LYS PA 5 62.21 -33.75 105.61
N SER PA 6 62.35 -32.64 106.33
CA SER PA 6 62.49 -32.68 107.77
C SER PA 6 61.15 -32.94 108.46
N ARG PA 7 60.08 -32.32 107.94
CA ARG PA 7 58.76 -32.51 108.54
C ARG PA 7 58.27 -33.94 108.32
N LEU PA 8 58.51 -34.50 107.14
CA LEU PA 8 58.05 -35.84 106.79
C LEU PA 8 59.17 -36.84 107.08
N PRO PA 9 59.02 -37.76 108.04
CA PRO PA 9 60.15 -38.68 108.29
C PRO PA 9 60.34 -39.71 107.19
N GLY PA 10 59.25 -40.29 106.69
CA GLY PA 10 59.31 -41.35 105.68
C GLY PA 10 58.61 -41.01 104.37
N GLY PA 11 58.07 -39.80 104.26
CA GLY PA 11 57.38 -39.37 103.06
C GLY PA 11 55.87 -39.39 103.25
N PHE PA 12 55.18 -39.17 102.14
CA PHE PA 12 53.72 -39.11 102.14
C PHE PA 12 53.07 -40.48 102.21
N ALA PA 13 53.84 -41.57 102.13
CA ALA PA 13 53.26 -42.91 102.23
C ALA PA 13 52.94 -43.26 103.67
N ALA PA 14 53.87 -43.01 104.60
CA ALA PA 14 53.70 -43.36 106.00
C ALA PA 14 53.19 -42.14 106.78
N GLN PA 15 51.93 -41.79 106.51
CA GLN PA 15 51.26 -40.68 107.17
C GLN PA 15 49.82 -41.06 107.46
N THR PA 16 49.19 -40.28 108.33
CA THR PA 16 47.82 -40.52 108.76
C THR PA 16 46.81 -39.77 107.91
N VAL PA 17 46.86 -38.45 107.89
CA VAL PA 17 45.97 -37.65 107.06
C VAL PA 17 46.54 -37.61 105.64
N ILE PA 18 45.70 -37.97 104.66
CA ILE PA 18 46.13 -38.06 103.28
C ILE PA 18 44.95 -37.70 102.38
N GLY PA 19 45.27 -37.26 101.16
CA GLY PA 19 44.27 -36.95 100.16
C GLY PA 19 44.79 -37.29 98.78
N THR PA 20 43.96 -37.96 97.97
CA THR PA 20 44.37 -38.47 96.67
C THR PA 20 43.29 -38.12 95.66
N GLY PA 21 43.48 -37.02 94.93
CA GLY PA 21 42.57 -36.58 93.90
C GLY PA 21 43.16 -36.72 92.52
N ARG PA 22 42.31 -36.68 91.50
CA ARG PA 22 42.77 -36.79 90.12
C ARG PA 22 41.73 -36.15 89.20
N ARG PA 23 42.21 -35.39 88.22
CA ARG PA 23 41.32 -34.70 87.29
C ARG PA 23 42.09 -34.37 86.03
N LYS PA 24 41.53 -34.75 84.88
CA LYS PA 24 42.09 -34.44 83.58
C LYS PA 24 43.52 -34.99 83.46
N CYS PA 25 43.64 -36.30 83.66
CA CYS PA 25 44.90 -37.01 83.47
C CYS PA 25 45.99 -36.48 84.40
N ALA PA 26 45.59 -36.01 85.57
CA ALA PA 26 46.52 -35.50 86.57
C ALA PA 26 46.28 -36.23 87.90
N ILE PA 27 47.32 -36.26 88.73
CA ILE PA 27 47.29 -36.93 90.02
C ILE PA 27 47.83 -35.98 91.07
N ALA PA 28 47.27 -36.04 92.28
CA ALA PA 28 47.66 -35.16 93.37
C ALA PA 28 47.68 -35.97 94.66
N ARG PA 29 48.88 -36.28 95.16
CA ARG PA 29 49.06 -37.00 96.42
C ARG PA 29 49.21 -35.95 97.52
N VAL PA 30 48.14 -35.72 98.26
CA VAL PA 30 48.05 -34.65 99.24
C VAL PA 30 48.27 -35.22 100.63
N VAL PA 31 48.92 -34.43 101.49
CA VAL PA 31 49.13 -34.77 102.89
C VAL PA 31 48.99 -33.50 103.70
N LEU PA 32 47.98 -33.46 104.58
CA LEU PA 32 47.81 -32.33 105.47
C LEU PA 32 48.74 -32.46 106.67
N GLN PA 33 48.94 -31.35 107.36
CA GLN PA 33 49.78 -31.31 108.54
C GLN PA 33 49.58 -29.97 109.21
N GLU PA 34 49.69 -29.95 110.54
CA GLU PA 34 49.54 -28.70 111.28
C GLU PA 34 50.74 -27.80 111.01
N GLY PA 35 50.47 -26.56 110.61
CA GLY PA 35 51.52 -25.62 110.26
C GLY PA 35 51.11 -24.20 110.50
N THR PA 36 51.41 -23.32 109.55
CA THR PA 36 51.18 -21.89 109.68
C THR PA 36 50.45 -21.27 108.49
N GLY PA 37 49.88 -22.09 107.60
CA GLY PA 37 49.06 -21.57 106.51
C GLY PA 37 49.83 -21.36 105.22
N LYS PA 38 50.82 -22.20 104.95
CA LYS PA 38 51.59 -22.14 103.73
C LYS PA 38 51.07 -23.17 102.73
N PHE PA 39 51.66 -23.18 101.54
CA PHE PA 39 51.19 -24.05 100.46
C PHE PA 39 52.32 -24.21 99.46
N ILE PA 40 52.87 -25.43 99.39
CA ILE PA 40 54.06 -25.73 98.59
C ILE PA 40 53.74 -26.93 97.70
N ILE PA 41 54.30 -26.91 96.48
CA ILE PA 41 54.09 -27.95 95.49
C ILE PA 41 55.45 -28.41 94.98
N ASN PA 42 55.78 -29.68 95.21
CA ASN PA 42 56.98 -30.31 94.66
C ASN PA 42 58.24 -29.54 95.02
N TYR PA 43 58.36 -29.21 96.31
CA TYR PA 43 59.51 -28.47 96.83
C TYR PA 43 59.66 -27.11 96.15
N ARG PA 44 58.55 -26.52 95.70
CA ARG PA 44 58.56 -25.25 95.00
C ARG PA 44 57.35 -24.44 95.40
N ASP PA 45 57.53 -23.13 95.47
CA ASP PA 45 56.47 -22.22 95.92
C ASP PA 45 55.28 -22.31 94.98
N ALA PA 46 54.10 -21.98 95.52
CA ALA PA 46 52.87 -22.06 94.75
C ALA PA 46 52.88 -21.08 93.59
N LYS PA 47 53.06 -19.79 93.90
CA LYS PA 47 53.07 -18.77 92.85
C LYS PA 47 54.21 -18.97 91.87
N GLU PA 48 55.30 -19.61 92.28
CA GLU PA 48 56.36 -19.95 91.35
C GLU PA 48 55.96 -21.12 90.45
N TYR PA 49 55.22 -22.08 91.01
CA TYR PA 49 54.80 -23.25 90.25
C TYR PA 49 53.54 -22.98 89.43
N LEU PA 50 52.67 -22.09 89.93
CA LEU PA 50 51.42 -21.77 89.24
C LEU PA 50 51.55 -20.56 88.31
N GLN PA 51 52.72 -19.91 88.26
CA GLN PA 51 52.95 -18.75 87.40
C GLN PA 51 52.00 -17.60 87.74
N GLY PA 52 51.55 -17.52 88.99
CA GLY PA 52 50.74 -16.41 89.42
C GLY PA 52 49.37 -16.32 88.80
N ASN PA 53 48.85 -17.40 88.23
CA ASN PA 53 47.51 -17.39 87.69
C ASN PA 53 46.51 -17.36 88.86
N PRO PA 54 45.72 -16.28 89.03
CA PRO PA 54 44.92 -16.19 90.27
C PRO PA 54 43.91 -17.31 90.48
N LEU PA 55 43.21 -17.74 89.42
CA LEU PA 55 42.20 -18.78 89.59
C LEU PA 55 42.82 -20.10 90.03
N TRP PA 56 43.94 -20.49 89.42
CA TRP PA 56 44.59 -21.73 89.80
C TRP PA 56 45.04 -21.71 91.25
N LEU PA 57 45.31 -20.51 91.79
CA LEU PA 57 45.53 -20.38 93.22
C LEU PA 57 44.22 -20.43 94.00
N GLN PA 58 43.10 -20.07 93.38
CA GLN PA 58 41.81 -20.13 94.06
C GLN PA 58 41.36 -21.56 94.26
N TYR PA 59 41.41 -22.37 93.20
CA TYR PA 59 40.86 -23.72 93.24
C TYR PA 59 41.54 -24.57 94.32
N VAL PA 60 42.86 -24.43 94.47
CA VAL PA 60 43.57 -25.14 95.52
C VAL PA 60 43.25 -24.62 96.91
N LYS PA 61 42.62 -23.45 97.03
CA LYS PA 61 42.33 -22.83 98.31
C LYS PA 61 40.87 -22.92 98.73
N THR PA 62 39.93 -22.96 97.79
CA THR PA 62 38.53 -23.04 98.16
C THR PA 62 38.16 -24.27 99.00
N PRO PA 63 38.84 -25.42 98.91
CA PRO PA 63 38.62 -26.43 99.95
C PRO PA 63 39.05 -25.95 101.32
N LEU PA 64 40.07 -25.10 101.38
CA LEU PA 64 40.60 -24.59 102.64
C LEU PA 64 40.02 -23.24 103.03
N ALA PA 65 39.51 -22.47 102.07
CA ALA PA 65 38.89 -21.18 102.40
C ALA PA 65 37.68 -21.39 103.30
N THR PA 66 36.90 -22.43 103.04
CA THR PA 66 35.84 -22.82 103.96
C THR PA 66 36.44 -23.34 105.26
N LEU PA 67 35.63 -23.29 106.32
CA LEU PA 67 35.94 -23.75 107.68
C LEU PA 67 36.98 -22.88 108.39
N GLY PA 68 37.54 -21.86 107.75
CA GLY PA 68 38.44 -20.94 108.43
C GLY PA 68 39.69 -21.57 108.99
N TYR PA 69 40.32 -22.47 108.24
CA TYR PA 69 41.56 -23.13 108.65
C TYR PA 69 42.68 -22.80 107.67
N GLU PA 70 42.68 -21.57 107.14
CA GLU PA 70 43.72 -21.14 106.21
C GLU PA 70 45.04 -20.81 106.90
N THR PA 71 45.12 -20.89 108.23
CA THR PA 71 46.32 -20.59 108.98
C THR PA 71 46.84 -21.77 109.79
N ASN PA 72 45.99 -22.76 110.09
CA ASN PA 72 46.39 -23.84 110.99
C ASN PA 72 47.31 -24.85 110.32
N TYR PA 73 47.07 -25.15 109.04
CA TYR PA 73 47.73 -26.26 108.36
C TYR PA 73 48.74 -25.76 107.34
N ASP PA 74 49.73 -26.61 107.05
CA ASP PA 74 50.64 -26.43 105.93
C ASP PA 74 50.49 -27.61 104.99
N VAL PA 75 50.21 -27.32 103.72
CA VAL PA 75 49.80 -28.34 102.76
C VAL PA 75 50.97 -28.63 101.82
N PHE PA 76 51.40 -29.88 101.79
CA PHE PA 76 52.46 -30.36 100.92
C PHE PA 76 51.90 -31.46 100.03
N VAL PA 77 52.16 -31.36 98.72
CA VAL PA 77 51.51 -32.19 97.71
C VAL PA 77 52.55 -32.62 96.68
N LYS PA 78 52.09 -33.40 95.70
CA LYS PA 78 52.91 -33.82 94.56
C LYS PA 78 52.06 -33.75 93.30
N ALA PA 79 52.70 -34.05 92.16
CA ALA PA 79 52.01 -34.09 90.89
C ALA PA 79 52.78 -35.01 89.95
N HIS PA 80 52.05 -35.75 89.11
CA HIS PA 80 52.62 -36.73 88.20
C HIS PA 80 52.49 -36.33 86.74
N GLY PA 81 51.30 -35.91 86.32
CA GLY PA 81 51.08 -35.57 84.93
C GLY PA 81 50.01 -34.51 84.73
N GLY PA 82 49.66 -34.26 83.48
CA GLY PA 82 48.69 -33.22 83.16
C GLY PA 82 49.29 -31.84 83.37
N GLY PA 83 48.55 -30.84 82.89
CA GLY PA 83 48.98 -29.46 82.97
C GLY PA 83 48.68 -28.84 84.31
N LEU PA 84 48.97 -27.54 84.41
CA LEU PA 84 48.86 -26.85 85.67
C LEU PA 84 47.41 -26.72 86.13
N SER PA 85 46.48 -26.57 85.18
CA SER PA 85 45.07 -26.46 85.54
C SER PA 85 44.55 -27.76 86.12
N GLY PA 86 44.87 -28.88 85.47
CA GLY PA 86 44.44 -30.18 85.99
C GLY PA 86 45.15 -30.54 87.28
N GLN PA 87 46.46 -30.26 87.35
CA GLN PA 87 47.20 -30.53 88.58
C GLN PA 87 46.70 -29.66 89.73
N ALA PA 88 46.37 -28.40 89.45
CA ALA PA 88 45.87 -27.52 90.50
C ALA PA 88 44.50 -27.97 90.97
N GLN PA 89 43.58 -28.20 90.04
CA GLN PA 89 42.21 -28.57 90.42
C GLN PA 89 42.12 -30.01 90.90
N ALA PA 90 43.09 -30.86 90.55
CA ALA PA 90 43.16 -32.18 91.17
C ALA PA 90 43.56 -32.07 92.63
N ILE PA 91 44.49 -31.15 92.93
CA ILE PA 91 44.86 -30.90 94.32
C ILE PA 91 43.68 -30.34 95.09
N SER PA 92 42.79 -29.59 94.43
CA SER PA 92 41.60 -29.07 95.09
C SER PA 92 40.73 -30.20 95.61
N LEU PA 93 40.65 -31.31 94.87
CA LEU PA 93 39.94 -32.48 95.37
C LEU PA 93 40.76 -33.21 96.42
N GLY PA 94 42.08 -33.30 96.22
CA GLY PA 94 42.92 -33.99 97.18
C GLY PA 94 42.93 -33.31 98.54
N VAL PA 95 43.06 -31.98 98.55
CA VAL PA 95 42.99 -31.23 99.80
C VAL PA 95 41.63 -31.40 100.44
N ALA PA 96 40.58 -31.57 99.64
CA ALA PA 96 39.26 -31.79 100.21
C ALA PA 96 39.16 -33.17 100.84
N ARG PA 97 39.69 -34.19 100.16
CA ARG PA 97 39.61 -35.56 100.69
C ARG PA 97 40.28 -35.69 102.05
N ALA PA 98 41.38 -34.98 102.28
CA ALA PA 98 42.11 -35.12 103.53
C ALA PA 98 41.38 -34.45 104.69
N LEU PA 99 40.59 -33.41 104.42
CA LEU PA 99 39.84 -32.76 105.49
C LEU PA 99 38.76 -33.68 106.04
N LEU PA 100 38.29 -34.64 105.25
CA LEU PA 100 37.32 -35.61 105.75
C LEU PA 100 37.91 -36.45 106.87
N LYS PA 101 39.14 -36.93 106.69
CA LYS PA 101 39.80 -37.74 107.70
C LYS PA 101 40.06 -36.94 108.98
N VAL PA 102 40.18 -35.61 108.88
CA VAL PA 102 40.29 -34.80 110.07
C VAL PA 102 39.01 -34.87 110.89
N SER PA 103 37.86 -34.76 110.21
CA SER PA 103 36.57 -34.87 110.87
C SER PA 103 35.51 -35.09 109.80
N ALA PA 104 34.71 -36.14 109.95
CA ALA PA 104 33.62 -36.44 109.03
C ALA PA 104 32.36 -35.66 109.34
N SER PA 105 32.41 -34.69 110.25
CA SER PA 105 31.21 -33.95 110.63
C SER PA 105 30.89 -32.84 109.62
N HIS PA 106 31.92 -32.22 109.04
CA HIS PA 106 31.75 -31.10 108.11
C HIS PA 106 31.82 -31.57 106.66
N ARG PA 107 31.34 -32.77 106.37
CA ARG PA 107 31.22 -33.21 104.98
C ARG PA 107 30.21 -32.38 104.21
N ALA PA 108 29.21 -31.80 104.89
CA ALA PA 108 28.11 -31.17 104.19
C ALA PA 108 28.50 -29.86 103.51
N PRO PA 109 29.20 -28.93 104.17
CA PRO PA 109 29.61 -27.71 103.45
C PRO PA 109 30.47 -27.97 102.22
N LEU PA 110 31.33 -28.99 102.27
CA LEU PA 110 32.09 -29.34 101.07
C LEU PA 110 31.19 -29.94 99.99
N LYS PA 111 30.13 -30.64 100.40
CA LYS PA 111 29.22 -31.25 99.43
C LYS PA 111 28.22 -30.23 98.89
N GLN PA 112 27.64 -29.42 99.77
CA GLN PA 112 26.65 -28.44 99.32
C GLN PA 112 27.27 -27.40 98.40
N GLU PA 113 28.55 -27.08 98.61
CA GLU PA 113 29.25 -26.16 97.72
C GLU PA 113 29.73 -26.81 96.44
N GLY PA 114 29.78 -28.15 96.38
CA GLY PA 114 30.14 -28.84 95.17
C GLY PA 114 31.64 -28.85 94.89
N LEU PA 115 32.41 -29.37 95.84
CA LEU PA 115 33.86 -29.50 95.70
C LEU PA 115 34.33 -30.93 95.56
N LEU PA 116 33.74 -31.87 96.30
CA LEU PA 116 34.13 -33.27 96.22
C LEU PA 116 33.68 -33.94 94.93
N THR PA 117 32.84 -33.29 94.13
CA THR PA 117 32.35 -33.88 92.89
C THR PA 117 33.49 -33.95 91.89
N ARG PA 118 34.05 -35.14 91.70
CA ARG PA 118 35.15 -35.33 90.76
C ARG PA 118 34.65 -35.09 89.34
N ASP PA 119 35.08 -33.97 88.74
CA ASP PA 119 34.66 -33.63 87.39
C ASP PA 119 35.24 -34.66 86.43
N SER PA 120 34.42 -35.58 85.96
CA SER PA 120 34.88 -36.74 85.22
C SER PA 120 34.98 -36.51 83.72
N ARG PA 121 34.91 -35.26 83.28
CA ARG PA 121 34.93 -34.97 81.85
C ARG PA 121 36.36 -34.99 81.32
N ILE PA 122 36.55 -35.66 80.19
CA ILE PA 122 37.86 -35.93 79.62
C ILE PA 122 37.85 -35.44 78.17
N VAL PA 123 39.05 -35.16 77.65
CA VAL PA 123 39.20 -34.82 76.24
C VAL PA 123 38.60 -35.92 75.38
N GLU PA 124 37.77 -35.52 74.42
CA GLU PA 124 37.06 -36.47 73.58
C GLU PA 124 37.97 -37.00 72.49
N ARG PA 125 37.70 -38.22 72.05
CA ARG PA 125 38.56 -38.89 71.07
C ARG PA 125 38.30 -38.35 69.67
N LYS PA 126 39.34 -38.38 68.84
CA LYS PA 126 39.19 -38.05 67.43
C LYS PA 126 38.57 -39.23 66.70
N LYS PA 127 37.53 -38.94 65.91
CA LYS PA 127 36.85 -39.95 65.13
C LYS PA 127 37.48 -40.05 63.74
N PRO PA 128 37.25 -41.15 63.03
CA PRO PA 128 37.76 -41.24 61.65
C PRO PA 128 36.93 -40.38 60.71
N GLY PA 129 37.61 -39.85 59.70
CA GLY PA 129 36.97 -38.98 58.72
C GLY PA 129 36.76 -37.55 59.16
N LEU PA 130 37.02 -37.23 60.43
CA LEU PA 130 36.84 -35.90 60.98
C LEU PA 130 38.20 -35.28 61.29
N LYS PA 131 38.22 -33.95 61.34
CA LYS PA 131 39.43 -33.22 61.69
C LYS PA 131 39.69 -33.26 63.19
N LYS PA 132 38.63 -33.29 63.99
CA LYS PA 132 38.73 -33.37 65.44
C LYS PA 132 37.64 -34.33 65.92
N ALA PA 133 37.38 -34.33 67.23
CA ALA PA 133 36.31 -35.16 67.78
C ALA PA 133 34.95 -34.80 67.20
N ARG PA 134 34.74 -33.53 66.85
CA ARG PA 134 33.49 -33.07 66.27
C ARG PA 134 33.65 -32.17 65.06
N LYS PA 135 34.84 -31.65 64.80
CA LYS PA 135 35.05 -30.77 63.65
C LYS PA 135 34.96 -31.59 62.37
N ALA PA 136 33.89 -31.39 61.61
CA ALA PA 136 33.72 -32.05 60.33
C ALA PA 136 34.40 -31.24 59.23
N PRO PA 137 34.91 -31.86 58.17
CA PRO PA 137 35.56 -31.09 57.12
C PRO PA 137 34.55 -30.36 56.24
N GLN PA 138 35.05 -29.36 55.51
CA GLN PA 138 34.22 -28.59 54.61
C GLN PA 138 34.07 -29.31 53.28
N PHE PA 139 32.90 -29.11 52.66
CA PHE PA 139 32.64 -29.70 51.35
C PHE PA 139 31.59 -28.86 50.64
N SER PA 140 31.81 -28.62 49.34
CA SER PA 140 30.89 -27.85 48.52
C SER PA 140 29.82 -28.77 47.95
N LYS PA 141 28.57 -28.37 48.12
CA LYS PA 141 27.44 -29.15 47.64
C LYS PA 141 27.11 -28.78 46.20
N LYS QA 1 66.96 -66.95 92.06
CA LYS QA 1 66.89 -65.61 91.49
C LYS QA 1 66.54 -65.65 90.01
N ILE QA 2 65.81 -66.68 89.60
CA ILE QA 2 65.47 -66.89 88.20
C ILE QA 2 64.23 -66.04 87.89
N ARG QA 3 64.45 -64.93 87.20
CA ARG QA 3 63.38 -64.01 86.84
C ARG QA 3 62.74 -64.51 85.54
N ILE QA 4 61.45 -64.84 85.60
CA ILE QA 4 60.72 -65.40 84.48
C ILE QA 4 59.66 -64.39 84.04
N LYS QA 5 59.69 -64.02 82.76
CA LYS QA 5 58.65 -63.21 82.13
C LYS QA 5 57.90 -64.09 81.15
N LEU QA 6 56.58 -63.92 81.10
CA LEU QA 6 55.72 -64.64 80.19
C LEU QA 6 54.64 -63.70 79.66
N ARG QA 7 54.41 -63.75 78.36
CA ARG QA 7 53.47 -62.85 77.70
C ARG QA 7 52.49 -63.66 76.85
N SER QA 8 51.29 -63.11 76.67
CA SER QA 8 50.25 -63.77 75.90
C SER QA 8 49.13 -62.77 75.65
N TYR QA 9 48.18 -63.17 74.81
CA TYR QA 9 47.06 -62.33 74.42
C TYR QA 9 45.83 -62.54 75.27
N TRP QA 10 45.65 -63.73 75.84
CA TRP QA 10 44.41 -64.13 76.50
C TRP QA 10 44.56 -64.03 78.02
N VAL QA 11 43.53 -63.49 78.66
CA VAL QA 11 43.51 -63.30 80.11
C VAL QA 11 43.21 -64.62 80.81
N PRO QA 12 42.13 -65.35 80.49
CA PRO QA 12 41.88 -66.62 81.20
C PRO QA 12 42.90 -67.70 80.87
N LEU QA 13 43.68 -67.54 79.80
CA LEU QA 13 44.72 -68.50 79.46
C LEU QA 13 45.99 -68.25 80.27
N ILE QA 14 46.38 -66.99 80.41
CA ILE QA 14 47.62 -66.67 81.13
C ILE QA 14 47.43 -66.82 82.63
N GLU QA 15 46.23 -66.54 83.15
CA GLU QA 15 45.96 -66.74 84.57
C GLU QA 15 46.06 -68.21 84.94
N ASP QA 16 45.61 -69.10 84.05
CA ASP QA 16 45.71 -70.53 84.31
C ASP QA 16 47.16 -70.97 84.39
N SER QA 17 47.99 -70.51 83.44
CA SER QA 17 49.39 -70.90 83.45
C SER QA 17 50.12 -70.32 84.66
N CYS QA 18 49.81 -69.07 85.02
CA CYS QA 18 50.42 -68.47 86.20
C CYS QA 18 50.09 -69.26 87.46
N LYS QA 19 48.87 -69.83 87.53
CA LYS QA 19 48.52 -70.69 88.63
C LYS QA 19 49.36 -71.96 88.63
N GLN QA 20 49.74 -72.44 87.44
CA GLN QA 20 50.54 -73.66 87.36
C GLN QA 20 51.98 -73.42 87.77
N ILE QA 21 52.52 -72.22 87.53
CA ILE QA 21 53.87 -71.90 88.00
C ILE QA 21 53.91 -71.94 89.52
N MET QA 22 52.86 -71.45 90.17
CA MET QA 22 52.80 -71.52 91.62
C MET QA 22 52.62 -72.96 92.09
N ASP QA 23 51.75 -73.72 91.42
CA ASP QA 23 51.47 -75.10 91.83
C ASP QA 23 52.72 -75.96 91.70
N ALA QA 24 53.47 -75.78 90.61
CA ALA QA 24 54.67 -76.59 90.41
C ALA QA 24 55.76 -76.21 91.41
N ALA QA 25 55.84 -74.94 91.80
CA ALA QA 25 56.91 -74.46 92.66
C ALA QA 25 56.52 -74.44 94.13
N ARG QA 26 55.23 -74.31 94.45
CA ARG QA 26 54.81 -74.28 95.84
C ARG QA 26 55.09 -75.62 96.53
N THR QA 27 55.01 -76.72 95.79
CA THR QA 27 55.33 -78.02 96.36
C THR QA 27 56.78 -78.09 96.81
N THR QA 28 57.67 -77.45 96.06
CA THR QA 28 59.08 -77.37 96.44
C THR QA 28 59.28 -76.19 97.39
N ASN QA 29 60.22 -76.36 98.32
CA ASN QA 29 60.48 -75.34 99.33
C ASN QA 29 61.23 -74.16 98.72
N ALA QA 30 60.48 -73.16 98.26
CA ALA QA 30 61.07 -71.97 97.66
C ALA QA 30 60.06 -70.84 97.70
N LYS QA 31 60.48 -69.68 98.19
CA LYS QA 31 59.60 -68.52 98.26
C LYS QA 31 59.50 -67.87 96.89
N ILE QA 32 58.34 -67.24 96.64
CA ILE QA 32 58.04 -66.58 95.38
C ILE QA 32 57.49 -65.21 95.69
N MET QA 33 58.09 -64.17 95.11
CA MET QA 33 57.44 -62.87 95.10
C MET QA 33 56.25 -62.92 94.13
N GLY QA 34 55.14 -62.31 94.53
CA GLY QA 34 53.90 -62.43 93.81
C GLY QA 34 54.00 -61.93 92.38
N PRO QA 35 53.02 -62.28 91.54
CA PRO QA 35 53.05 -61.85 90.14
C PRO QA 35 52.72 -60.36 90.04
N VAL QA 36 53.57 -59.62 89.33
CA VAL QA 36 53.40 -58.19 89.13
C VAL QA 36 53.02 -57.97 87.66
N PRO QA 37 51.75 -57.64 87.35
CA PRO QA 37 51.40 -57.35 85.96
C PRO QA 37 51.97 -56.02 85.51
N LEU QA 38 52.75 -56.05 84.44
CA LEU QA 38 53.30 -54.84 83.85
C LEU QA 38 52.22 -54.15 83.02
N PRO QA 39 52.44 -52.90 82.63
CA PRO QA 39 51.46 -52.23 81.76
C PRO QA 39 51.34 -52.95 80.42
N THR QA 40 50.10 -53.27 80.05
CA THR QA 40 49.85 -54.00 78.82
C THR QA 40 49.92 -53.07 77.61
N LYS QA 41 50.55 -53.55 76.55
CA LYS QA 41 50.65 -52.81 75.31
C LYS QA 41 49.43 -53.10 74.42
N LYS QA 42 49.26 -52.26 73.41
CA LYS QA 42 48.09 -52.35 72.54
C LYS QA 42 48.49 -51.86 71.16
N ARG QA 43 48.62 -52.77 70.20
CA ARG QA 43 49.04 -52.43 68.84
C ARG QA 43 47.81 -52.09 68.03
N ILE QA 44 47.50 -50.79 67.94
CA ILE QA 44 46.39 -50.32 67.14
C ILE QA 44 46.74 -50.49 65.67
N TYR QA 45 45.75 -50.85 64.86
CA TYR QA 45 45.89 -50.96 63.41
C TYR QA 45 44.64 -50.45 62.73
N CYS QA 46 44.84 -49.74 61.62
CA CYS QA 46 43.76 -49.15 60.84
C CYS QA 46 43.84 -49.66 59.41
N VAL QA 47 42.69 -50.00 58.84
CA VAL QA 47 42.60 -50.46 57.46
C VAL QA 47 41.28 -49.96 56.87
N LEU QA 48 41.27 -49.86 55.55
CA LEU QA 48 40.07 -49.46 54.84
C LEU QA 48 39.14 -50.66 54.67
N LYS QA 49 37.84 -50.37 54.65
CA LYS QA 49 36.85 -51.42 54.42
C LYS QA 49 36.76 -51.78 52.94
N SER QA 50 36.53 -50.78 52.09
CA SER QA 50 36.28 -50.99 50.67
C SER QA 50 37.58 -50.91 49.88
N PRO QA 51 37.62 -51.49 48.66
CA PRO QA 51 38.79 -51.32 47.79
C PRO QA 51 38.72 -50.07 46.92
N HIS QA 52 37.88 -49.12 47.28
CA HIS QA 52 37.55 -47.98 46.41
C HIS QA 52 37.56 -46.73 47.30
N VAL QA 53 37.04 -45.61 46.79
CA VAL QA 53 37.20 -44.27 47.35
C VAL QA 53 36.68 -44.12 48.77
N HIS QA 54 35.91 -45.09 49.26
CA HIS QA 54 35.22 -44.93 50.53
C HIS QA 54 36.24 -44.86 51.66
N LYS QA 55 36.62 -43.63 52.00
CA LYS QA 55 37.73 -43.34 52.90
C LYS QA 55 37.28 -43.19 54.34
N ASP QA 56 36.18 -42.48 54.58
CA ASP QA 56 35.70 -42.26 55.93
C ASP QA 56 35.31 -43.58 56.59
N ALA QA 57 34.90 -44.56 55.81
CA ALA QA 57 34.56 -45.89 56.34
C ALA QA 57 35.86 -46.63 56.63
N ARG QA 58 36.19 -46.77 57.92
CA ARG QA 58 37.42 -47.39 58.37
C ARG QA 58 37.11 -48.46 59.40
N PHE QA 59 38.07 -49.35 59.62
CA PHE QA 59 37.95 -50.45 60.55
C PHE QA 59 39.21 -50.52 61.40
N HIS QA 60 39.11 -50.12 62.66
CA HIS QA 60 40.21 -50.22 63.60
C HIS QA 60 40.16 -51.53 64.36
N PHE QA 61 41.34 -52.06 64.68
CA PHE QA 61 41.44 -53.25 65.51
C PHE QA 61 42.77 -53.21 66.26
N GLU QA 62 42.84 -53.95 67.36
CA GLU QA 62 44.00 -53.94 68.24
C GLU QA 62 44.45 -55.37 68.49
N ILE QA 63 45.63 -55.49 69.09
CA ILE QA 63 46.18 -56.77 69.54
C ILE QA 63 46.69 -56.56 70.96
N ARG QA 64 45.86 -56.87 71.93
CA ARG QA 64 46.22 -56.69 73.33
C ARG QA 64 47.14 -57.81 73.79
N THR QA 65 48.26 -57.42 74.40
CA THR QA 65 49.26 -58.36 74.90
C THR QA 65 49.32 -58.23 76.41
N HIS QA 66 48.87 -59.28 77.10
CA HIS QA 66 48.89 -59.31 78.56
C HIS QA 66 50.16 -60.04 79.01
N GLN QA 67 51.06 -59.31 79.64
CA GLN QA 67 52.32 -59.85 80.14
C GLN QA 67 52.33 -59.87 81.66
N ARG QA 68 53.01 -60.86 82.22
CA ARG QA 68 53.15 -61.02 83.66
C ARG QA 68 54.59 -61.35 83.98
N LEU QA 69 54.98 -61.09 85.24
CA LEU QA 69 56.34 -61.25 85.71
C LEU QA 69 56.32 -61.96 87.05
N ILE QA 70 57.01 -63.09 87.12
CA ILE QA 70 57.16 -63.85 88.36
C ILE QA 70 58.63 -64.20 88.51
N ASP QA 71 59.13 -64.15 89.75
CA ASP QA 71 60.54 -64.38 90.05
C ASP QA 71 60.63 -65.28 91.26
N ILE QA 72 61.58 -66.23 91.22
CA ILE QA 72 61.82 -67.15 92.31
C ILE QA 72 63.10 -66.74 93.03
N LEU QA 73 63.34 -67.36 94.18
CA LEU QA 73 64.56 -67.12 94.96
C LEU QA 73 64.98 -68.44 95.60
N TYR QA 74 66.30 -68.57 95.81
CA TYR QA 74 66.89 -69.78 96.36
C TYR QA 74 66.51 -70.99 95.51
N PRO QA 75 66.98 -71.07 94.27
CA PRO QA 75 66.65 -72.22 93.42
C PRO QA 75 67.32 -73.50 93.92
N THR QA 76 66.73 -74.62 93.52
CA THR QA 76 67.20 -75.94 93.90
C THR QA 76 67.11 -76.88 92.71
N ALA QA 77 67.73 -78.04 92.84
CA ALA QA 77 67.64 -79.05 91.79
C ALA QA 77 66.22 -79.59 91.67
N GLN QA 78 65.54 -79.77 92.81
CA GLN QA 78 64.14 -80.18 92.78
C GLN QA 78 63.28 -79.11 92.11
N THR QA 79 63.64 -77.83 92.28
CA THR QA 79 62.86 -76.76 91.69
C THR QA 79 62.98 -76.77 90.17
N ILE QA 80 64.22 -76.76 89.67
CA ILE QA 80 64.46 -76.68 88.23
C ILE QA 80 63.86 -77.88 87.51
N ASP QA 81 63.85 -79.04 88.17
CA ASP QA 81 63.19 -80.20 87.58
C ASP QA 81 61.68 -80.03 87.53
N SER QA 82 61.12 -79.29 88.49
CA SER QA 82 59.68 -79.07 88.52
C SER QA 82 59.22 -78.08 87.46
N LEU QA 83 60.03 -77.07 87.15
CA LEU QA 83 59.64 -76.08 86.16
C LEU QA 83 59.69 -76.66 84.75
N MET QA 84 60.78 -77.35 84.39
CA MET QA 84 60.88 -77.95 83.07
C MET QA 84 59.81 -79.01 82.86
N GLN QA 85 59.54 -79.81 83.89
CA GLN QA 85 58.54 -80.87 83.79
C GLN QA 85 57.14 -80.31 83.56
N LEU QA 86 56.88 -79.07 83.94
CA LEU QA 86 55.54 -78.51 83.83
C LEU QA 86 55.18 -78.25 82.37
N ASP QA 87 53.93 -78.52 82.03
CA ASP QA 87 53.40 -78.28 80.70
C ASP QA 87 52.61 -76.97 80.70
N LEU QA 88 52.78 -76.19 79.64
CA LEU QA 88 52.15 -74.90 79.49
C LEU QA 88 51.05 -74.95 78.44
N PRO QA 89 50.12 -73.98 78.43
CA PRO QA 89 49.18 -73.90 77.31
C PRO QA 89 49.85 -73.51 76.01
N ALA QA 90 49.06 -73.36 74.94
CA ALA QA 90 49.61 -73.04 73.63
C ALA QA 90 49.90 -71.54 73.49
N GLY QA 91 49.02 -70.70 74.03
CA GLY QA 91 49.12 -69.26 73.85
C GLY QA 91 50.11 -68.54 74.74
N VAL QA 92 50.97 -69.27 75.45
CA VAL QA 92 51.95 -68.67 76.36
C VAL QA 92 53.31 -68.71 75.70
N ASP QA 93 54.12 -67.69 75.96
CA ASP QA 93 55.50 -67.61 75.50
C ASP QA 93 56.37 -67.24 76.70
N VAL QA 94 56.94 -68.25 77.34
CA VAL QA 94 57.72 -68.05 78.55
C VAL QA 94 59.11 -67.55 78.18
N GLU QA 95 59.64 -66.65 79.01
CA GLU QA 95 61.01 -66.17 78.89
C GLU QA 95 61.69 -66.47 80.23
N VAL QA 96 62.57 -67.46 80.23
CA VAL QA 96 63.06 -68.04 81.48
C VAL QA 96 64.20 -67.24 82.11
N LYS QA 97 65.06 -66.63 81.29
CA LYS QA 97 66.20 -65.87 81.79
C LYS QA 97 66.37 -64.61 80.96
N LEU QA 98 66.70 -63.51 81.63
CA LEU QA 98 66.92 -62.23 80.99
C LEU QA 98 68.42 -61.89 80.97
N VAL RA 1 -18.79 16.62 71.30
CA VAL RA 1 -18.95 15.32 70.65
C VAL RA 1 -17.63 14.95 69.98
N ILE RA 2 -17.33 13.66 69.95
CA ILE RA 2 -16.06 13.14 69.43
C ILE RA 2 -16.40 12.05 68.43
N HIS RA 3 -16.52 12.41 67.15
CA HIS RA 3 -16.73 11.43 66.11
C HIS RA 3 -15.40 10.75 65.77
N VAL RA 4 -15.40 9.42 65.78
CA VAL RA 4 -14.24 8.63 65.40
C VAL RA 4 -14.66 7.61 64.35
N GLN RA 5 -13.85 7.47 63.31
CA GLN RA 5 -14.10 6.57 62.20
C GLN RA 5 -12.96 5.57 62.12
N ALA RA 6 -13.25 4.31 62.42
CA ALA RA 6 -12.27 3.24 62.39
C ALA RA 6 -12.26 2.55 61.03
N SER RA 7 -11.10 2.06 60.64
CA SER RA 7 -10.96 1.31 59.40
C SER RA 7 -9.66 0.53 59.45
N PHE RA 8 -9.41 -0.26 58.41
CA PHE RA 8 -8.20 -1.07 58.34
C PHE RA 8 -7.01 -0.27 57.81
N ASN RA 9 -7.27 0.79 57.04
CA ASN RA 9 -6.20 1.58 56.44
C ASN RA 9 -5.96 2.92 57.14
N ASN RA 10 -6.89 3.36 57.99
CA ASN RA 10 -6.75 4.66 58.64
C ASN RA 10 -7.80 4.77 59.74
N THR RA 11 -7.52 5.66 60.69
CA THR RA 11 -8.47 6.00 61.76
C THR RA 11 -8.53 7.50 61.90
N ILE RA 12 -9.73 8.05 61.79
CA ILE RA 12 -9.96 9.50 61.82
C ILE RA 12 -10.64 9.84 63.13
N VAL RA 13 -10.32 11.03 63.67
CA VAL RA 13 -10.88 11.50 64.92
C VAL RA 13 -11.22 12.98 64.73
N THR RA 14 -12.51 13.30 64.68
CA THR RA 14 -13.01 14.66 64.56
C THR RA 14 -13.83 15.02 65.78
N VAL RA 15 -13.52 16.16 66.38
CA VAL RA 15 -14.24 16.68 67.53
C VAL RA 15 -15.21 17.76 67.05
N THR RA 16 -16.39 17.81 67.67
CA THR RA 16 -17.41 18.77 67.27
C THR RA 16 -18.40 18.96 68.41
N ASP RA 17 -19.08 20.09 68.37
CA ASP RA 17 -20.13 20.37 69.35
C ASP RA 17 -21.38 19.54 69.01
N VAL RA 18 -22.38 19.63 69.89
CA VAL RA 18 -23.64 18.94 69.67
C VAL RA 18 -24.33 19.44 68.40
N ARG RA 19 -24.13 20.72 68.06
CA ARG RA 19 -24.75 21.28 66.88
C ARG RA 19 -24.09 20.82 65.58
N GLY RA 20 -22.91 20.22 65.64
CA GLY RA 20 -22.25 19.72 64.44
C GLY RA 20 -21.38 20.76 63.77
N ARG RA 21 -20.45 21.34 64.52
CA ARG RA 21 -19.50 22.31 64.00
C ARG RA 21 -18.13 21.96 64.56
N VAL RA 22 -17.25 21.44 63.71
CA VAL RA 22 -15.98 20.90 64.17
C VAL RA 22 -15.11 22.01 64.75
N VAL RA 23 -14.28 21.64 65.72
CA VAL RA 23 -13.37 22.56 66.38
C VAL RA 23 -11.93 22.13 66.14
N SER RA 24 -11.70 20.83 65.98
CA SER RA 24 -10.37 20.31 65.75
C SER RA 24 -10.49 18.84 65.34
N TRP RA 25 -9.41 18.32 64.79
CA TRP RA 25 -9.37 16.92 64.35
C TRP RA 25 -7.95 16.52 64.06
N ALA RA 26 -7.72 15.21 64.03
CA ALA RA 26 -6.42 14.64 63.70
C ALA RA 26 -6.58 13.15 63.50
N SER RA 27 -5.85 12.60 62.53
CA SER RA 27 -5.86 11.19 62.20
C SER RA 27 -4.45 10.62 62.31
N ALA RA 28 -4.33 9.33 62.01
CA ALA RA 28 -3.02 8.69 62.04
C ALA RA 28 -2.09 9.28 60.99
N GLY RA 29 -2.64 9.73 59.85
CA GLY RA 29 -1.80 10.33 58.83
C GLY RA 29 -1.23 11.67 59.27
N THR RA 30 -2.06 12.50 59.91
CA THR RA 30 -1.56 13.79 60.39
C THR RA 30 -0.53 13.60 61.50
N CYS RA 31 -0.66 12.54 62.29
CA CYS RA 31 0.29 12.29 63.36
C CYS RA 31 1.70 12.02 62.81
N GLY RA 32 1.78 11.35 61.66
CA GLY RA 32 3.05 11.04 61.05
C GLY RA 32 3.08 9.67 60.37
N PHE RA 33 2.14 8.81 60.74
CA PHE RA 33 2.09 7.47 60.17
C PHE RA 33 1.75 7.54 58.68
N ARG RA 34 1.92 6.39 58.01
CA ARG RA 34 1.66 6.31 56.58
C ARG RA 34 1.63 4.85 56.18
N GLY RA 35 0.80 4.54 55.19
CA GLY RA 35 0.73 3.17 54.69
C GLY RA 35 -0.06 2.29 55.62
N THR RA 36 0.50 1.12 55.92
CA THR RA 36 -0.18 0.15 56.77
C THR RA 36 -0.08 0.48 58.25
N LYS RA 37 0.86 1.34 58.64
CA LYS RA 37 1.00 1.68 60.05
C LYS RA 37 -0.17 2.49 60.57
N ARG RA 38 -0.95 3.12 59.69
CA ARG RA 38 -2.09 3.92 60.14
C ARG RA 38 -3.15 3.05 60.81
N GLY RA 39 -3.44 1.89 60.24
CA GLY RA 39 -4.48 1.03 60.76
C GLY RA 39 -4.12 0.32 62.06
N THR RA 40 -2.88 0.47 62.54
CA THR RA 40 -2.49 -0.19 63.76
C THR RA 40 -3.23 0.41 64.95
N PRO RA 41 -3.41 -0.34 66.04
CA PRO RA 41 -4.11 0.22 67.20
C PRO RA 41 -3.29 1.29 67.92
N PHE RA 42 -1.96 1.21 67.84
CA PHE RA 42 -1.13 2.22 68.51
C PHE RA 42 -1.32 3.59 67.89
N ALA RA 43 -1.48 3.65 66.57
CA ALA RA 43 -1.67 4.93 65.90
C ALA RA 43 -2.98 5.58 66.33
N ALA RA 44 -4.00 4.78 66.63
CA ALA RA 44 -5.26 5.35 67.10
C ALA RA 44 -5.08 6.01 68.47
N GLN RA 45 -4.20 5.44 69.31
CA GLN RA 45 -3.95 6.03 70.62
C GLN RA 45 -3.29 7.40 70.48
N THR RA 46 -2.20 7.48 69.72
CA THR RA 46 -1.48 8.74 69.55
C THR RA 46 -2.31 9.74 68.76
N ALA RA 47 -3.07 9.25 67.77
CA ALA RA 47 -3.91 10.14 66.99
C ALA RA 47 -5.05 10.71 67.83
N ALA RA 48 -5.63 9.88 68.71
CA ALA RA 48 -6.69 10.36 69.59
C ALA RA 48 -6.17 11.32 70.63
N GLY RA 49 -4.94 11.11 71.13
CA GLY RA 49 -4.40 11.98 72.15
C GLY RA 49 -4.18 13.40 71.65
N ASN RA 50 -3.58 13.53 70.47
CA ASN RA 50 -3.30 14.85 69.93
C ASN RA 50 -4.57 15.63 69.61
N ALA RA 51 -5.66 14.94 69.28
CA ALA RA 51 -6.90 15.62 68.95
C ALA RA 51 -7.67 16.05 70.20
N ILE RA 52 -7.61 15.26 71.26
CA ILE RA 52 -8.39 15.55 72.47
C ILE RA 52 -7.61 16.43 73.43
N ARG RA 53 -6.27 16.38 73.41
CA ARG RA 53 -5.47 17.13 74.36
C ARG RA 53 -5.73 18.63 74.24
N THR RA 54 -5.86 19.14 73.02
CA THR RA 54 -6.20 20.54 72.83
C THR RA 54 -7.62 20.86 73.29
N VAL RA 55 -8.51 19.87 73.32
CA VAL RA 55 -9.89 20.11 73.70
C VAL RA 55 -10.06 20.16 75.21
N VAL RA 56 -9.30 19.34 75.95
CA VAL RA 56 -9.39 19.36 77.40
C VAL RA 56 -8.95 20.71 77.95
N GLU RA 57 -8.00 21.36 77.29
CA GLU RA 57 -7.56 22.69 77.73
C GLU RA 57 -8.66 23.72 77.56
N GLN RA 58 -9.47 23.61 76.50
CA GLN RA 58 -10.53 24.57 76.22
C GLN RA 58 -11.85 24.15 76.85
N GLY RA 59 -11.81 23.83 78.14
CA GLY RA 59 -13.00 23.46 78.89
C GLY RA 59 -13.73 22.28 78.28
N MET RA 60 -15.06 22.30 78.45
CA MET RA 60 -15.95 21.27 77.89
C MET RA 60 -15.55 19.88 78.37
N GLN RA 61 -15.67 19.69 79.69
CA GLN RA 61 -15.38 18.39 80.27
C GLN RA 61 -16.32 17.32 79.75
N ARG RA 62 -17.56 17.68 79.45
CA ARG RA 62 -18.51 16.73 78.89
C ARG RA 62 -18.07 16.29 77.50
N ALA RA 63 -18.48 15.09 77.10
CA ALA RA 63 -18.09 14.57 75.80
C ALA RA 63 -18.96 13.36 75.46
N GLU RA 64 -19.12 13.13 74.16
CA GLU RA 64 -19.80 11.95 73.65
C GLU RA 64 -19.03 11.42 72.46
N VAL RA 65 -18.78 10.11 72.46
CA VAL RA 65 -17.99 9.44 71.44
C VAL RA 65 -18.94 8.69 70.52
N MET RA 66 -18.76 8.87 69.21
CA MET RA 66 -19.58 8.24 68.18
C MET RA 66 -18.66 7.40 67.29
N ILE RA 67 -18.63 6.09 67.55
CA ILE RA 67 -17.79 5.19 66.78
C ILE RA 67 -18.49 4.85 65.47
N LYS RA 68 -17.71 4.67 64.41
CA LYS RA 68 -18.27 4.44 63.07
C LYS RA 68 -17.32 3.50 62.33
N GLY RA 69 -17.64 2.21 62.36
CA GLY RA 69 -16.98 1.22 61.52
C GLY RA 69 -16.02 0.34 62.30
N PRO RA 70 -15.56 -0.75 61.67
CA PRO RA 70 -14.64 -1.67 62.35
C PRO RA 70 -13.19 -1.24 62.22
N GLY RA 71 -12.34 -1.89 63.01
CA GLY RA 71 -10.92 -1.60 62.99
C GLY RA 71 -10.29 -2.07 64.28
N LEU RA 72 -8.96 -2.10 64.27
CA LEU RA 72 -8.20 -2.47 65.46
C LEU RA 72 -8.02 -1.31 66.42
N GLY RA 73 -8.15 -0.07 65.94
CA GLY RA 73 -7.94 1.10 66.77
C GLY RA 73 -9.16 1.62 67.50
N ARG RA 74 -10.34 1.08 67.21
CA ARG RA 74 -11.55 1.57 67.88
C ARG RA 74 -11.52 1.25 69.37
N ASP RA 75 -10.99 0.09 69.73
CA ASP RA 75 -10.87 -0.27 71.14
C ASP RA 75 -9.67 0.40 71.79
N ALA RA 76 -8.58 0.59 71.03
CA ALA RA 76 -7.41 1.28 71.58
C ALA RA 76 -7.66 2.77 71.74
N ALA RA 77 -8.53 3.36 70.91
CA ALA RA 77 -8.84 4.77 71.03
C ALA RA 77 -9.61 5.07 72.30
N LEU RA 78 -10.40 4.11 72.78
CA LEU RA 78 -11.11 4.31 74.04
C LEU RA 78 -10.14 4.47 75.21
N ARG RA 79 -9.05 3.70 75.19
CA ARG RA 79 -8.04 3.85 76.23
C ARG RA 79 -7.41 5.24 76.18
N ALA RA 80 -7.27 5.82 75.00
CA ALA RA 80 -6.74 7.17 74.89
C ALA RA 80 -7.75 8.19 75.41
N ILE RA 81 -9.02 8.04 75.04
CA ILE RA 81 -10.05 8.96 75.51
C ILE RA 81 -10.30 8.74 77.00
N ARG RA 82 -10.29 7.48 77.45
CA ARG RA 82 -10.49 7.20 78.87
C ARG RA 82 -9.32 7.70 79.70
N ARG RA 83 -8.09 7.52 79.20
CA ARG RA 83 -6.90 8.03 79.87
C ARG RA 83 -6.79 9.53 79.60
N SER RA 84 -7.69 10.27 80.24
CA SER RA 84 -7.78 11.72 80.08
C SER RA 84 -8.57 12.29 81.25
N GLY RA 85 -8.81 13.59 81.21
CA GLY RA 85 -9.48 14.30 82.30
C GLY RA 85 -10.88 14.75 81.96
N ILE RA 86 -11.65 13.87 81.31
CA ILE RA 86 -13.02 14.19 80.88
C ILE RA 86 -13.93 13.01 81.17
N LEU RA 87 -15.18 13.33 81.49
CA LEU RA 87 -16.23 12.34 81.63
C LEU RA 87 -16.94 12.13 80.30
N LEU RA 88 -17.95 11.26 80.31
CA LEU RA 88 -18.65 10.94 79.08
C LEU RA 88 -19.96 10.24 79.42
N SER RA 89 -20.98 10.49 78.60
CA SER RA 89 -22.29 9.89 78.75
C SER RA 89 -22.51 8.72 77.79
N PHE RA 90 -22.40 8.98 76.49
CA PHE RA 90 -22.69 8.00 75.46
C PHE RA 90 -21.41 7.35 74.97
N VAL RA 91 -21.47 6.04 74.73
CA VAL RA 91 -20.39 5.30 74.09
C VAL RA 91 -21.00 4.61 72.87
N ARG RA 92 -21.97 5.25 72.24
CA ARG RA 92 -22.71 4.62 71.16
C ARG RA 92 -21.94 4.69 69.85
N ASP RA 93 -22.26 3.76 68.95
CA ASP RA 93 -21.59 3.61 67.67
C ASP RA 93 -22.58 3.90 66.55
N VAL RA 94 -22.38 5.03 65.87
CA VAL RA 94 -23.27 5.44 64.77
C VAL RA 94 -22.70 4.81 63.51
N THR RA 95 -23.08 3.54 63.26
CA THR RA 95 -22.66 2.78 62.10
C THR RA 95 -23.78 2.71 61.07
N PRO RA 96 -23.48 2.55 59.78
CA PRO RA 96 -24.56 2.39 58.80
C PRO RA 96 -25.14 0.99 58.85
N MET RA 97 -26.37 0.88 58.35
CA MET RA 97 -27.11 -0.39 58.37
C MET RA 97 -27.99 -0.46 57.12
N PRO RA 98 -27.41 -0.80 55.97
CA PRO RA 98 -28.21 -0.93 54.76
C PRO RA 98 -29.06 -2.20 54.78
N HIS RA 99 -30.34 -2.03 54.41
CA HIS RA 99 -31.27 -3.16 54.30
C HIS RA 99 -31.28 -3.66 52.87
N ASN RA 100 -30.15 -4.22 52.46
CA ASN RA 100 -29.96 -4.74 51.09
C ASN RA 100 -30.17 -3.63 50.07
N GLY RA 101 -29.45 -2.53 50.24
CA GLY RA 101 -29.66 -1.35 49.42
C GLY RA 101 -28.99 -1.41 48.06
N CYS RA 102 -27.67 -1.55 48.05
CA CYS RA 102 -26.87 -1.45 46.84
C CYS RA 102 -26.08 -2.75 46.64
N ARG RA 103 -25.37 -2.81 45.52
CA ARG RA 103 -24.57 -3.97 45.16
C ARG RA 103 -23.16 -3.79 45.68
N PRO RA 104 -22.65 -4.64 46.57
CA PRO RA 104 -21.25 -4.51 46.98
C PRO RA 104 -20.32 -4.91 45.86
N PRO RA 105 -19.01 -4.63 45.99
CA PRO RA 105 -18.07 -5.09 44.98
C PRO RA 105 -17.93 -6.61 44.97
N LYS RA 106 -17.22 -7.10 43.95
CA LYS RA 106 -16.94 -8.51 43.82
C LYS RA 106 -15.88 -8.94 44.84
N LYS RA 107 -15.90 -10.23 45.16
CA LYS RA 107 -14.91 -10.78 46.08
C LYS RA 107 -13.52 -10.75 45.45
N ARG RA 108 -12.51 -10.55 46.29
CA ARG RA 108 -11.13 -10.58 45.84
C ARG RA 108 -10.66 -12.01 45.67
N ARG RA 109 -9.79 -12.21 44.67
CA ARG RA 109 -9.27 -13.53 44.34
C ARG RA 109 -7.95 -13.84 45.03
N VAL RA 110 -7.12 -12.83 45.28
CA VAL RA 110 -5.85 -13.02 45.96
C VAL RA 110 -6.04 -12.78 47.46
N PRO SA 1 -37.02 -52.71 25.99
CA PRO SA 1 -37.99 -51.60 26.04
C PRO SA 1 -39.40 -52.06 25.67
N THR SA 2 -40.33 -51.10 25.63
CA THR SA 2 -41.72 -51.42 25.39
C THR SA 2 -41.91 -52.03 24.01
N ILE SA 3 -42.84 -52.99 23.90
CA ILE SA 3 -42.99 -53.75 22.66
C ILE SA 3 -43.47 -52.85 21.54
N LYS SA 4 -44.23 -51.79 21.86
CA LYS SA 4 -44.62 -50.82 20.86
C LYS SA 4 -43.41 -50.12 20.28
N GLN SA 5 -42.38 -49.88 21.10
CA GLN SA 5 -41.15 -49.29 20.59
C GLN SA 5 -40.39 -50.28 19.71
N LEU SA 6 -40.52 -51.58 20.00
CA LEU SA 6 -39.85 -52.59 19.18
C LEU SA 6 -40.46 -52.64 17.78
N ILE SA 7 -41.78 -52.47 17.69
CA ILE SA 7 -42.46 -52.49 16.40
C ILE SA 7 -42.05 -51.31 15.54
N ARG SA 8 -41.55 -50.23 16.15
CA ARG SA 8 -40.96 -49.12 15.42
C ARG SA 8 -39.60 -49.47 14.80
N ASN SA 9 -39.10 -50.69 15.02
CA ASN SA 9 -37.79 -51.12 14.53
C ASN SA 9 -36.68 -50.26 15.15
N THR SA 10 -36.73 -50.17 16.48
CA THR SA 10 -35.67 -49.51 17.23
C THR SA 10 -34.34 -50.23 17.07
N ARG SA 11 -34.36 -51.53 16.80
CA ARG SA 11 -33.16 -52.35 16.73
C ARG SA 11 -32.80 -52.60 15.27
N GLN SA 12 -31.51 -52.46 14.96
CA GLN SA 12 -30.95 -52.79 13.67
C GLN SA 12 -29.61 -53.46 13.87
N PRO SA 13 -29.12 -54.22 12.89
CA PRO SA 13 -27.79 -54.81 13.00
C PRO SA 13 -26.71 -53.80 12.64
N ILE SA 14 -25.46 -54.21 12.84
CA ILE SA 14 -24.29 -53.41 12.52
C ILE SA 14 -23.71 -53.94 11.21
N ARG SA 15 -23.26 -53.01 10.36
CA ARG SA 15 -22.78 -53.36 9.03
C ARG SA 15 -21.33 -53.83 9.09
N ASN SA 16 -20.90 -54.45 8.00
CA ASN SA 16 -19.57 -55.07 7.96
C ASN SA 16 -18.47 -54.01 7.94
N VAL SA 17 -17.31 -54.41 8.46
CA VAL SA 17 -16.14 -53.54 8.59
C VAL SA 17 -14.99 -54.19 7.84
N THR SA 18 -15.32 -54.81 6.69
CA THR SA 18 -14.35 -55.55 5.87
C THR SA 18 -13.06 -54.76 5.67
N LYS SA 19 -11.93 -55.46 5.79
CA LYS SA 19 -10.62 -54.84 5.87
C LYS SA 19 -9.87 -54.90 4.54
N SER SA 20 -10.58 -55.05 3.42
CA SER SA 20 -9.95 -55.03 2.09
C SER SA 20 -10.95 -54.53 1.07
N PRO SA 21 -11.24 -53.22 1.08
CA PRO SA 21 -12.16 -52.69 0.06
C PRO SA 21 -11.60 -52.75 -1.34
N ALA SA 22 -10.27 -52.70 -1.49
CA ALA SA 22 -9.67 -52.62 -2.81
C ALA SA 22 -9.86 -53.89 -3.61
N LEU SA 23 -9.89 -55.05 -2.94
CA LEU SA 23 -10.05 -56.31 -3.64
C LEU SA 23 -11.46 -56.51 -4.17
N ARG SA 24 -12.44 -55.75 -3.66
CA ARG SA 24 -13.84 -55.88 -4.07
C ARG SA 24 -14.35 -57.30 -3.81
N GLY SA 25 -13.95 -57.87 -2.68
CA GLY SA 25 -14.41 -59.18 -2.27
C GLY SA 25 -13.62 -60.34 -2.83
N CYS SA 26 -12.84 -60.13 -3.89
CA CYS SA 26 -12.07 -61.20 -4.47
C CYS SA 26 -10.89 -61.55 -3.56
N PRO SA 27 -10.37 -62.79 -3.64
CA PRO SA 27 -9.28 -63.14 -2.73
C PRO SA 27 -7.96 -62.48 -3.08
N GLN SA 28 -7.65 -62.36 -4.37
CA GLN SA 28 -6.44 -61.70 -4.83
C GLN SA 28 -6.80 -60.75 -5.97
N ARG SA 29 -5.80 -59.97 -6.39
CA ARG SA 29 -6.01 -58.95 -7.40
C ARG SA 29 -4.66 -58.50 -7.93
N ARG SA 30 -4.55 -58.37 -9.24
CA ARG SA 30 -3.31 -57.98 -9.89
C ARG SA 30 -3.16 -56.46 -9.91
N GLY SA 31 -1.91 -56.00 -9.91
CA GLY SA 31 -1.63 -54.59 -9.98
C GLY SA 31 -0.19 -54.29 -10.32
N THR SA 32 0.04 -53.18 -11.03
CA THR SA 32 1.37 -52.73 -11.37
C THR SA 32 1.92 -51.85 -10.26
N CYS SA 33 3.20 -52.04 -9.95
CA CYS SA 33 3.86 -51.25 -8.92
C CYS SA 33 4.35 -49.94 -9.51
N THR SA 34 4.22 -48.87 -8.73
CA THR SA 34 4.54 -47.52 -9.16
C THR SA 34 5.82 -46.97 -8.54
N ARG SA 35 6.08 -47.28 -7.27
CA ARG SA 35 7.20 -46.69 -6.56
C ARG SA 35 7.54 -47.60 -5.39
N VAL SA 36 8.72 -48.22 -5.42
CA VAL SA 36 9.20 -49.06 -4.33
C VAL SA 36 10.01 -48.20 -3.37
N TYR SA 37 9.90 -48.48 -2.08
CA TYR SA 37 10.56 -47.68 -1.06
C TYR SA 37 10.48 -48.42 0.27
N THR SA 38 10.99 -47.79 1.32
CA THR SA 38 10.93 -48.29 2.68
C THR SA 38 10.42 -47.19 3.60
N ILE SA 39 10.06 -47.58 4.81
CA ILE SA 39 9.43 -46.65 5.75
C ILE SA 39 9.71 -47.11 7.17
N THR SA 40 9.86 -46.14 8.07
CA THR SA 40 10.15 -46.42 9.47
C THR SA 40 8.87 -46.84 10.20
N PRO SA 41 8.83 -48.01 10.88
CA PRO SA 41 7.62 -48.36 11.63
C PRO SA 41 7.42 -47.59 12.91
N LYS SA 42 6.43 -48.04 13.70
CA LYS SA 42 6.05 -47.39 14.94
C LYS SA 42 7.23 -47.31 15.91
N LYS SA 43 7.09 -46.45 16.92
CA LYS SA 43 8.19 -46.08 17.80
C LYS SA 43 8.90 -47.25 18.47
N PRO SA 44 8.22 -48.21 19.11
CA PRO SA 44 8.96 -49.24 19.85
C PRO SA 44 9.83 -50.11 18.95
N ASN SA 45 9.29 -50.55 17.83
CA ASN SA 45 10.06 -51.30 16.86
C ASN SA 45 10.92 -50.35 16.03
N SER SA 46 11.91 -50.91 15.35
CA SER SA 46 12.84 -50.11 14.55
C SER SA 46 13.40 -50.98 13.45
N ALA SA 47 13.12 -50.62 12.21
CA ALA SA 47 13.62 -51.35 11.04
C ALA SA 47 13.30 -50.53 9.81
N LEU SA 48 13.84 -50.96 8.67
CA LEU SA 48 13.53 -50.40 7.36
C LEU SA 48 12.75 -51.46 6.59
N ARG SA 49 11.43 -51.45 6.77
CA ARG SA 49 10.56 -52.46 6.20
C ARG SA 49 10.22 -52.11 4.76
N LYS SA 50 10.16 -53.13 3.90
CA LYS SA 50 10.01 -52.93 2.47
C LYS SA 50 8.54 -52.94 2.08
N VAL SA 51 8.18 -52.07 1.13
CA VAL SA 51 6.81 -51.92 0.69
C VAL SA 51 6.81 -51.63 -0.81
N ALA SA 52 5.61 -51.48 -1.38
CA ALA SA 52 5.49 -51.22 -2.81
C ALA SA 52 4.14 -50.56 -3.07
N ARG SA 53 4.16 -49.43 -3.78
CA ARG SA 53 2.94 -48.71 -4.13
C ARG SA 53 2.39 -49.30 -5.42
N VAL SA 54 1.17 -49.82 -5.36
CA VAL SA 54 0.60 -50.65 -6.41
C VAL SA 54 -0.65 -49.99 -6.98
N ARG SA 55 -0.85 -50.16 -8.28
CA ARG SA 55 -2.06 -49.74 -8.98
C ARG SA 55 -2.81 -51.01 -9.39
N LEU SA 56 -3.86 -51.32 -8.65
CA LEU SA 56 -4.63 -52.52 -8.94
C LEU SA 56 -5.55 -52.29 -10.15
N THR SA 57 -5.98 -53.40 -10.75
CA THR SA 57 -6.90 -53.34 -11.88
C THR SA 57 -8.33 -53.07 -11.47
N SER SA 58 -8.64 -53.10 -10.17
CA SER SA 58 -9.99 -52.84 -9.69
C SER SA 58 -10.27 -51.36 -9.48
N GLY SA 59 -9.34 -50.48 -9.87
CA GLY SA 59 -9.56 -49.05 -9.73
C GLY SA 59 -9.24 -48.54 -8.34
N PHE SA 60 -8.08 -48.92 -7.82
CA PHE SA 60 -7.66 -48.51 -6.49
C PHE SA 60 -6.13 -48.40 -6.48
N GLU SA 61 -5.64 -47.31 -5.92
CA GLU SA 61 -4.20 -47.06 -5.77
C GLU SA 61 -3.87 -47.27 -4.29
N ILE SA 62 -3.05 -48.28 -4.00
CA ILE SA 62 -2.75 -48.68 -2.64
C ILE SA 62 -1.28 -49.10 -2.56
N THR SA 63 -0.85 -49.38 -1.33
CA THR SA 63 0.50 -49.84 -1.03
C THR SA 63 0.44 -51.17 -0.29
N ALA SA 64 1.43 -52.01 -0.53
CA ALA SA 64 1.48 -53.36 0.02
C ALA SA 64 2.80 -53.57 0.74
N TYR SA 65 2.98 -54.78 1.27
CA TYR SA 65 4.16 -55.16 2.03
C TYR SA 65 4.94 -56.24 1.29
N ILE SA 66 6.25 -56.22 1.47
CA ILE SA 66 7.16 -57.19 0.86
C ILE SA 66 7.57 -58.22 1.90
N PRO SA 67 6.86 -59.34 2.05
CA PRO SA 67 7.30 -60.35 3.01
C PRO SA 67 8.54 -61.08 2.51
N GLY SA 68 9.24 -61.69 3.47
CA GLY SA 68 10.43 -62.44 3.17
C GLY SA 68 11.69 -61.60 3.24
N ILE SA 69 12.79 -62.23 2.86
CA ILE SA 69 14.12 -61.63 2.90
C ILE SA 69 14.61 -61.52 1.47
N GLY SA 70 14.80 -60.29 1.00
CA GLY SA 70 15.30 -60.06 -0.34
C GLY SA 70 14.21 -60.06 -1.40
N HIS SA 71 14.36 -59.19 -2.40
CA HIS SA 71 13.41 -59.12 -3.48
C HIS SA 71 14.07 -58.45 -4.68
N ASN SA 72 13.55 -58.77 -5.87
CA ASN SA 72 14.06 -58.24 -7.13
C ASN SA 72 13.11 -57.25 -7.77
N LEU SA 73 12.07 -56.81 -7.08
CA LEU SA 73 11.07 -55.95 -7.68
C LEU SA 73 11.62 -54.55 -7.91
N GLN SA 74 11.15 -53.93 -8.98
CA GLN SA 74 11.49 -52.55 -9.30
C GLN SA 74 10.29 -51.93 -10.00
N GLU SA 75 10.43 -50.66 -10.38
CA GLU SA 75 9.33 -49.95 -11.01
C GLU SA 75 8.95 -50.63 -12.33
N HIS SA 76 7.67 -50.51 -12.68
CA HIS SA 76 7.09 -51.20 -13.84
C HIS SA 76 7.27 -52.72 -13.72
N SER SA 77 6.64 -53.28 -12.70
CA SER SA 77 6.61 -54.72 -12.50
C SER SA 77 5.20 -55.13 -12.08
N VAL SA 78 4.81 -56.34 -12.49
CA VAL SA 78 3.46 -56.85 -12.27
C VAL SA 78 3.49 -57.83 -11.11
N VAL SA 79 2.76 -57.50 -10.04
CA VAL SA 79 2.72 -58.32 -8.83
C VAL SA 79 1.31 -58.84 -8.64
N LEU SA 80 1.11 -59.65 -7.60
CA LEU SA 80 -0.18 -60.23 -7.26
C LEU SA 80 -0.42 -60.03 -5.78
N VAL SA 81 -1.48 -59.30 -5.45
CA VAL SA 81 -1.72 -58.82 -4.09
C VAL SA 81 -2.75 -59.71 -3.42
N ARG SA 82 -2.58 -59.89 -2.11
CA ARG SA 82 -3.54 -60.59 -1.26
C ARG SA 82 -3.89 -59.69 -0.08
N GLY SA 83 -4.67 -60.23 0.85
CA GLY SA 83 -5.08 -59.49 2.02
C GLY SA 83 -4.04 -59.53 3.11
N GLY SA 84 -4.48 -59.26 4.33
CA GLY SA 84 -3.61 -59.23 5.48
C GLY SA 84 -2.96 -57.87 5.70
N ARG SA 85 -3.01 -57.38 6.93
CA ARG SA 85 -2.47 -56.09 7.28
C ARG SA 85 -1.28 -56.23 8.22
N VAL SA 86 -0.39 -55.26 8.18
CA VAL SA 86 0.77 -55.19 9.05
C VAL SA 86 0.49 -54.10 10.07
N LYS SA 87 0.35 -54.48 11.34
CA LYS SA 87 0.02 -53.52 12.37
C LYS SA 87 1.13 -52.52 12.60
N ASP SA 88 2.38 -52.97 12.51
CA ASP SA 88 3.51 -52.11 12.81
C ASP SA 88 3.62 -50.94 11.85
N LEU SA 89 3.16 -51.13 10.61
CA LEU SA 89 3.15 -50.07 9.61
C LEU SA 89 1.74 -49.53 9.47
N PRO SA 90 1.43 -48.32 9.94
CA PRO SA 90 0.07 -47.78 9.75
C PRO SA 90 -0.19 -47.44 8.30
N GLY SA 91 -1.37 -47.82 7.81
CA GLY SA 91 -1.79 -47.58 6.45
C GLY SA 91 -1.60 -48.76 5.53
N VAL SA 92 -0.68 -49.66 5.84
CA VAL SA 92 -0.46 -50.85 5.03
C VAL SA 92 -1.48 -51.91 5.44
N ARG SA 93 -2.27 -52.37 4.47
CA ARG SA 93 -3.34 -53.34 4.72
C ARG SA 93 -3.37 -54.44 3.67
N TYR SA 94 -2.25 -54.70 2.99
CA TYR SA 94 -2.19 -55.69 1.94
C TYR SA 94 -0.80 -56.28 1.87
N HIS SA 95 -0.73 -57.53 1.42
CA HIS SA 95 0.52 -58.24 1.19
C HIS SA 95 0.58 -58.73 -0.26
N ILE SA 96 1.80 -58.85 -0.79
CA ILE SA 96 2.01 -59.39 -2.12
C ILE SA 96 2.37 -60.87 -1.97
N VAL SA 97 2.21 -61.61 -3.06
CA VAL SA 97 2.51 -63.04 -3.09
C VAL SA 97 3.87 -63.24 -3.73
N ARG SA 98 4.71 -64.06 -3.09
CA ARG SA 98 6.00 -64.43 -3.64
C ARG SA 98 5.86 -65.73 -4.42
N GLY SA 99 6.53 -65.79 -5.58
CA GLY SA 99 6.40 -66.93 -6.46
C GLY SA 99 5.21 -66.76 -7.39
N THR SA 100 5.23 -65.68 -8.17
CA THR SA 100 4.10 -65.26 -8.97
C THR SA 100 4.64 -64.59 -10.23
N LEU SA 101 3.79 -63.77 -10.87
CA LEU SA 101 4.07 -63.14 -12.16
C LEU SA 101 5.48 -62.59 -12.30
N ASP SA 102 5.92 -61.79 -11.33
CA ASP SA 102 7.27 -61.22 -11.34
C ASP SA 102 7.99 -61.35 -10.00
N ALA SA 103 7.29 -61.48 -8.89
CA ALA SA 103 7.95 -61.66 -7.60
C ALA SA 103 8.39 -63.10 -7.46
N VAL SA 104 9.68 -63.31 -7.23
CA VAL SA 104 10.27 -64.64 -7.19
C VAL SA 104 10.32 -65.11 -5.74
N GLY SA 105 10.49 -66.42 -5.58
CA GLY SA 105 10.54 -67.00 -4.26
C GLY SA 105 11.74 -66.53 -3.48
N VAL SA 106 11.67 -66.74 -2.16
CA VAL SA 106 12.74 -66.31 -1.27
C VAL SA 106 13.93 -67.25 -1.42
N LYS SA 107 15.12 -66.68 -1.60
CA LYS SA 107 16.31 -67.50 -1.77
C LYS SA 107 16.75 -68.07 -0.43
N ASP SA 108 17.17 -69.33 -0.45
CA ASP SA 108 17.69 -70.03 0.73
C ASP SA 108 16.65 -70.05 1.85
N ARG SA 109 15.53 -70.72 1.57
CA ARG SA 109 14.42 -70.83 2.52
C ARG SA 109 13.90 -72.25 2.48
N GLN SA 110 13.87 -72.90 3.65
CA GLN SA 110 13.44 -74.28 3.79
C GLN SA 110 12.17 -74.41 4.61
N GLN SA 111 12.13 -73.81 5.81
CA GLN SA 111 10.96 -73.90 6.67
C GLN SA 111 9.92 -72.87 6.25
N GLY SA 112 8.65 -73.28 6.31
CA GLY SA 112 7.56 -72.44 5.86
C GLY SA 112 7.73 -72.05 4.40
N ARG SA 113 7.87 -73.07 3.55
CA ARG SA 113 8.26 -72.85 2.17
C ARG SA 113 7.08 -72.55 1.25
N SER SA 114 5.86 -72.95 1.64
CA SER SA 114 4.69 -72.71 0.81
C SER SA 114 4.17 -71.29 0.93
N LYS SA 115 4.50 -70.59 2.03
CA LYS SA 115 4.04 -69.22 2.22
C LYS SA 115 4.86 -68.20 1.43
N TYR SA 116 5.84 -68.64 0.63
CA TYR SA 116 6.71 -67.74 -0.11
C TYR SA 116 6.95 -68.17 -1.55
N GLY SA 117 6.33 -69.26 -2.01
CA GLY SA 117 6.47 -69.68 -3.39
C GLY SA 117 7.89 -70.07 -3.74
N VAL SA 118 8.37 -71.15 -3.15
CA VAL SA 118 9.74 -71.62 -3.32
C VAL SA 118 9.71 -73.11 -3.59
N LYS SA 119 10.41 -73.54 -4.64
CA LYS SA 119 10.45 -74.96 -4.98
C LYS SA 119 11.13 -75.76 -3.89
N LYS SA 120 10.71 -77.01 -3.75
CA LYS SA 120 11.35 -77.91 -2.81
C LYS SA 120 12.71 -78.34 -3.35
N PRO SA 121 13.75 -78.42 -2.52
CA PRO SA 121 15.05 -78.89 -3.03
C PRO SA 121 15.01 -80.39 -3.32
N LYS SA 122 15.80 -80.81 -4.29
CA LYS SA 122 15.87 -82.22 -4.68
C LYS SA 122 17.27 -82.57 -5.16
N VAL TA 1 72.84 9.10 51.51
CA VAL TA 1 73.82 8.04 51.70
C VAL TA 1 74.38 8.08 53.11
N ARG TA 2 73.81 7.26 54.00
CA ARG TA 2 74.36 7.09 55.34
C ARG TA 2 75.58 6.20 55.29
N VAL TA 3 75.40 4.94 54.84
CA VAL TA 3 76.51 4.01 54.63
C VAL TA 3 76.14 3.10 53.47
N GLY TA 4 77.15 2.72 52.70
CA GLY TA 4 76.94 1.77 51.61
C GLY TA 4 76.05 2.29 50.50
N ASN TA 5 76.14 3.59 50.20
CA ASN TA 5 75.42 4.19 49.08
C ASN TA 5 73.90 4.03 49.22
N VAL TA 6 73.41 4.05 50.46
CA VAL TA 6 71.97 4.02 50.72
C VAL TA 6 71.69 4.86 51.95
N GLU TA 7 70.58 5.60 51.90
CA GLU TA 7 70.12 6.42 53.01
C GLU TA 7 69.29 5.53 53.94
N ILE TA 8 69.83 5.25 55.12
CA ILE TA 8 69.17 4.39 56.11
C ILE TA 8 68.44 5.32 57.08
N PRO TA 9 67.30 4.92 57.66
CA PRO TA 9 66.68 5.78 58.67
C PRO TA 9 67.56 5.91 59.90
N ASN TA 10 67.34 7.01 60.63
CA ASN TA 10 68.13 7.36 61.80
C ASN TA 10 67.43 7.08 63.11
N ASN TA 11 66.18 6.62 63.09
CA ASN TA 11 65.42 6.36 64.31
C ASN TA 11 65.51 4.92 64.78
N LYS TA 12 65.61 3.97 63.86
CA LYS TA 12 65.63 2.56 64.23
C LYS TA 12 66.93 2.21 64.94
N ARG TA 13 66.96 0.99 65.49
CA ARG TA 13 68.17 0.46 66.08
C ARG TA 13 69.21 0.20 64.99
N VAL TA 14 70.41 -0.21 65.41
CA VAL TA 14 71.46 -0.49 64.44
C VAL TA 14 71.25 -1.86 63.80
N GLU TA 15 70.87 -2.86 64.60
CA GLU TA 15 70.73 -4.22 64.09
C GLU TA 15 69.67 -4.28 63.00
N TYR TA 16 68.50 -3.68 63.24
CA TYR TA 16 67.38 -3.73 62.33
C TYR TA 16 67.28 -2.49 61.45
N SER TA 17 68.42 -1.91 61.09
CA SER TA 17 68.49 -0.82 60.12
C SER TA 17 69.54 -1.04 59.04
N LEU TA 18 70.60 -1.80 59.31
CA LEU TA 18 71.51 -2.22 58.25
C LEU TA 18 70.87 -3.23 57.30
N GLN TA 19 69.76 -3.85 57.69
CA GLN TA 19 69.13 -4.87 56.88
C GLN TA 19 68.53 -4.32 55.58
N TYR TA 20 68.23 -3.02 55.55
CA TYR TA 20 67.74 -2.41 54.31
C TYR TA 20 68.78 -2.43 53.21
N ILE TA 21 70.06 -2.59 53.57
CA ILE TA 21 71.10 -2.73 52.56
C ILE TA 21 70.87 -4.04 51.80
N HIS TA 22 71.14 -4.01 50.49
CA HIS TA 22 70.80 -5.13 49.63
C HIS TA 22 71.62 -6.38 49.95
N GLY TA 23 72.82 -6.22 50.51
CA GLY TA 23 73.68 -7.35 50.84
C GLY TA 23 73.68 -7.77 52.28
N ILE TA 24 72.89 -7.12 53.14
CA ILE TA 24 72.89 -7.38 54.58
C ILE TA 24 71.54 -7.99 54.95
N GLY TA 25 71.58 -9.23 55.43
CA GLY TA 25 70.40 -9.91 55.91
C GLY TA 25 70.28 -9.83 57.42
N ARG TA 26 69.62 -10.80 58.04
CA ARG TA 26 69.39 -10.78 59.47
C ARG TA 26 70.55 -11.36 60.27
N SER TA 27 71.31 -12.29 59.69
CA SER TA 27 72.46 -12.87 60.39
C SER TA 27 73.68 -11.99 60.26
N ARG TA 28 73.91 -11.43 59.07
CA ARG TA 28 75.07 -10.57 58.86
C ARG TA 28 74.97 -9.29 59.69
N ALA TA 29 73.75 -8.80 59.93
CA ALA TA 29 73.59 -7.61 60.77
C ALA TA 29 74.07 -7.86 62.19
N ARG TA 30 73.93 -9.09 62.68
CA ARG TA 30 74.37 -9.42 64.03
C ARG TA 30 75.86 -9.70 64.06
N GLN TA 31 76.39 -10.36 63.02
CA GLN TA 31 77.81 -10.70 63.00
C GLN TA 31 78.69 -9.46 63.01
N ILE TA 32 78.22 -8.38 62.39
CA ILE TA 32 79.00 -7.14 62.38
C ILE TA 32 79.11 -6.55 63.78
N LEU TA 33 77.98 -6.46 64.49
CA LEU TA 33 78.00 -5.94 65.85
C LEU TA 33 78.80 -6.85 66.78
N CYS TA 34 78.64 -8.16 66.62
CA CYS TA 34 79.35 -9.10 67.47
C CYS TA 34 80.85 -9.04 67.24
N ASP TA 35 81.29 -8.79 66.01
CA ASP TA 35 82.71 -8.61 65.76
C ASP TA 35 83.21 -7.32 66.37
N LEU TA 36 82.41 -6.26 66.32
CA LEU TA 36 82.79 -4.97 66.90
C LEU TA 36 82.48 -4.88 68.40
N THR TA 37 81.78 -5.87 68.96
CA THR TA 37 81.42 -5.98 70.38
C THR TA 37 80.94 -4.66 70.99
N LEU TA 38 80.15 -3.90 70.23
CA LEU TA 38 79.56 -2.66 70.70
C LEU TA 38 78.08 -2.87 71.00
N GLU TA 39 77.53 -1.97 71.80
CA GLU TA 39 76.14 -2.07 72.23
C GLU TA 39 75.21 -1.54 71.16
N ASN TA 40 74.06 -2.21 71.00
CA ASN TA 40 73.08 -1.85 69.97
C ASN TA 40 72.26 -0.67 70.47
N LYS TA 41 72.81 0.52 70.25
CA LYS TA 41 72.14 1.76 70.58
C LYS TA 41 71.35 2.24 69.35
N LEU TA 42 70.88 3.48 69.39
CA LEU TA 42 70.16 4.05 68.27
C LEU TA 42 71.11 4.33 67.10
N THR TA 43 70.53 4.70 65.96
CA THR TA 43 71.33 5.02 64.78
C THR TA 43 71.89 6.43 64.84
N LYS TA 44 71.08 7.40 65.27
CA LYS TA 44 71.53 8.79 65.28
C LYS TA 44 72.50 9.05 66.42
N GLU TA 45 72.28 8.44 67.58
CA GLU TA 45 73.08 8.72 68.76
C GLU TA 45 74.49 8.14 68.69
N LEU TA 46 74.78 7.30 67.69
CA LEU TA 46 76.06 6.61 67.65
C LEU TA 46 77.20 7.60 67.40
N SER TA 47 78.36 7.30 67.99
CA SER TA 47 79.52 8.16 67.85
C SER TA 47 80.03 8.13 66.41
N GLU TA 48 81.03 8.97 66.15
CA GLU TA 48 81.63 9.06 64.82
C GLU TA 48 82.70 7.99 64.61
N ASP TA 49 83.60 7.82 65.58
CA ASP TA 49 84.64 6.81 65.45
C ASP TA 49 84.04 5.41 65.40
N GLU TA 50 83.02 5.16 66.22
CA GLU TA 50 82.35 3.86 66.19
C GLU TA 50 81.62 3.67 64.87
N LEU TA 51 80.86 4.68 64.44
CA LEU TA 51 80.22 4.62 63.13
C LEU TA 51 81.24 4.54 62.01
N LEU TA 52 82.38 5.21 62.17
CA LEU TA 52 83.48 5.05 61.21
C LEU TA 52 83.96 3.62 61.17
N GLN TA 53 84.07 2.98 62.34
CA GLN TA 53 84.54 1.61 62.41
C GLN TA 53 83.58 0.64 61.73
N VAL TA 54 82.32 1.03 61.56
CA VAL TA 54 81.37 0.21 60.80
C VAL TA 54 81.60 0.39 59.30
N ARG TA 55 81.88 1.62 58.87
CA ARG TA 55 82.02 1.90 57.45
C ARG TA 55 83.20 1.17 56.83
N ASP TA 56 84.21 0.81 57.63
CA ASP TA 56 85.38 0.11 57.11
C ASP TA 56 85.12 -1.40 57.05
N GLU TA 57 84.37 -1.94 58.02
CA GLU TA 57 84.17 -3.38 58.10
C GLU TA 57 83.06 -3.87 57.19
N VAL TA 58 82.06 -3.05 56.90
CA VAL TA 58 80.95 -3.49 56.06
C VAL TA 58 81.41 -3.71 54.62
N THR TA 59 82.43 -2.98 54.17
CA THR TA 59 82.87 -3.08 52.78
C THR TA 59 83.57 -4.40 52.46
N LYS TA 60 83.77 -5.29 53.44
CA LYS TA 60 84.44 -6.55 53.17
C LYS TA 60 83.56 -7.55 52.45
N TYR TA 61 82.25 -7.48 52.62
CA TYR TA 61 81.32 -8.42 52.01
C TYR TA 61 80.85 -7.91 50.65
N MET TA 62 80.14 -8.74 49.91
CA MET TA 62 79.50 -8.35 48.66
C MET TA 62 78.24 -7.54 48.93
N ILE TA 63 78.43 -6.28 49.35
CA ILE TA 63 77.31 -5.49 49.86
C ILE TA 63 76.38 -5.08 48.72
N GLU TA 64 76.90 -4.29 47.78
CA GLU TA 64 76.11 -3.80 46.66
C GLU TA 64 77.01 -3.67 45.45
N GLY TA 65 76.38 -3.54 44.29
CA GLY TA 65 77.13 -3.45 43.06
C GLY TA 65 77.45 -4.82 42.51
N ASP TA 66 78.64 -5.31 42.85
CA ASP TA 66 79.07 -6.64 42.41
C ASP TA 66 78.10 -7.73 42.85
N LEU TA 67 77.38 -7.53 43.95
CA LEU TA 67 76.38 -8.50 44.37
C LEU TA 67 75.30 -8.64 43.32
N ARG TA 68 74.67 -7.53 42.93
CA ARG TA 68 73.63 -7.58 41.91
C ARG TA 68 74.21 -7.99 40.56
N ARG TA 69 75.50 -7.71 40.34
CA ARG TA 69 76.15 -8.13 39.11
C ARG TA 69 76.54 -9.60 39.15
N PHE TA 70 76.96 -10.08 40.31
CA PHE TA 70 77.31 -11.49 40.46
C PHE TA 70 76.10 -12.38 40.25
N ASN TA 71 74.91 -11.91 40.62
CA ASN TA 71 73.68 -12.67 40.39
C ASN TA 71 73.30 -12.63 38.92
N ALA TA 72 73.15 -11.42 38.37
CA ALA TA 72 72.65 -11.26 37.00
C ALA TA 72 73.50 -12.01 35.99
N ILE TA 73 74.81 -12.11 36.21
CA ILE TA 73 75.65 -12.90 35.32
C ILE TA 73 75.38 -14.39 35.53
N ALA TA 74 75.07 -14.79 36.76
CA ALA TA 74 74.78 -16.19 37.03
C ALA TA 74 73.48 -16.62 36.36
N ILE TA 75 72.44 -15.79 36.43
CA ILE TA 75 71.23 -16.07 35.68
C ILE TA 75 71.49 -15.96 34.19
N ARG TA 76 72.40 -15.07 33.79
CA ARG TA 76 72.76 -14.97 32.38
C ARG TA 76 73.55 -16.20 31.93
N ARG TA 77 74.29 -16.82 32.84
CA ARG TA 77 75.05 -18.02 32.49
C ARG TA 77 74.13 -19.14 32.03
N LEU TA 78 72.99 -19.30 32.69
CA LEU TA 78 72.08 -20.38 32.37
C LEU TA 78 71.30 -20.12 31.10
N LYS TA 79 71.05 -18.85 30.77
CA LYS TA 79 70.25 -18.54 29.59
C LYS TA 79 71.03 -18.80 28.30
N GLU TA 80 72.23 -18.24 28.19
CA GLU TA 80 73.01 -18.40 26.97
C GLU TA 80 73.43 -19.84 26.75
N ILE TA 81 73.72 -20.57 27.84
CA ILE TA 81 74.10 -21.97 27.72
C ILE TA 81 72.90 -22.88 27.50
N GLN TA 82 71.69 -22.40 27.83
CA GLN TA 82 70.44 -23.14 27.61
C GLN TA 82 70.40 -24.43 28.42
N CYS TA 83 70.57 -24.28 29.73
CA CYS TA 83 70.21 -25.34 30.66
C CYS TA 83 68.70 -25.44 30.75
N TYR TA 84 68.23 -26.48 31.46
CA TYR TA 84 66.80 -26.54 31.77
C TYR TA 84 66.39 -25.37 32.63
N ARG TA 85 67.16 -25.11 33.71
CA ARG TA 85 66.82 -24.02 34.62
C ARG TA 85 66.93 -22.66 33.94
N GLY TA 86 67.76 -22.55 32.90
CA GLY TA 86 67.89 -21.28 32.21
C GLY TA 86 66.69 -20.95 31.35
N VAL TA 87 66.11 -21.96 30.71
CA VAL TA 87 64.95 -21.72 29.85
C VAL TA 87 63.76 -21.28 30.67
N ARG TA 88 63.63 -21.80 31.90
CA ARG TA 88 62.47 -21.45 32.72
C ARG TA 88 62.50 -19.98 33.12
N HIS TA 89 63.69 -19.41 33.31
CA HIS TA 89 63.79 -17.97 33.54
C HIS TA 89 63.32 -17.20 32.31
N ILE TA 90 63.70 -17.67 31.12
CA ILE TA 90 63.24 -17.03 29.89
C ILE TA 90 61.73 -17.13 29.76
N GLN TA 91 61.16 -18.26 30.18
CA GLN TA 91 59.72 -18.43 30.15
C GLN TA 91 59.01 -17.69 31.28
N GLY TA 92 59.74 -17.14 32.23
CA GLY TA 92 59.11 -16.53 33.39
C GLY TA 92 58.44 -17.54 34.28
N LEU TA 93 59.11 -18.67 34.53
CA LEU TA 93 58.53 -19.80 35.24
C LEU TA 93 59.58 -20.39 36.17
N PRO TA 94 59.17 -21.07 37.25
CA PRO TA 94 60.16 -21.51 38.23
C PRO TA 94 61.01 -22.65 37.68
N CYS TA 95 62.02 -23.01 38.48
CA CYS TA 95 63.05 -23.95 38.04
C CYS TA 95 63.47 -24.95 39.11
N ARG TA 96 62.77 -25.01 40.24
CA ARG TA 96 63.13 -25.86 41.37
C ARG TA 96 62.07 -26.92 41.65
N GLY TA 97 61.51 -27.49 40.59
CA GLY TA 97 60.61 -28.61 40.73
C GLY TA 97 59.21 -28.27 41.18
N GLN TA 98 58.81 -27.00 41.12
CA GLN TA 98 57.45 -26.64 41.46
C GLN TA 98 56.46 -27.21 40.46
N ARG TA 99 55.22 -27.35 40.90
CA ARG TA 99 54.11 -27.71 40.02
C ARG TA 99 53.50 -26.43 39.45
N THR TA 100 53.16 -26.46 38.16
CA THR TA 100 52.71 -25.27 37.44
C THR TA 100 51.26 -25.35 37.01
N LYS TA 101 50.45 -26.18 37.67
CA LYS TA 101 49.07 -26.37 37.22
C LYS TA 101 48.13 -25.34 37.85
N ASN TA 102 48.32 -25.03 39.14
CA ASN TA 102 47.39 -24.18 39.87
C ASN TA 102 48.07 -23.17 40.79
N ASN TA 103 49.36 -22.91 40.61
CA ASN TA 103 50.12 -22.06 41.53
C ASN TA 103 51.09 -21.23 40.68
N CYS TA 104 52.10 -20.65 41.34
CA CYS TA 104 53.17 -19.89 40.69
C CYS TA 104 52.65 -18.53 40.20
N ARG TA 105 51.72 -17.94 40.96
CA ARG TA 105 51.20 -16.64 40.60
C ARG TA 105 52.26 -15.54 40.67
N THR TA 106 53.34 -15.76 41.41
CA THR TA 106 54.39 -14.75 41.53
C THR TA 106 55.04 -14.49 40.18
N LEU TA 107 55.53 -15.55 39.53
CA LEU TA 107 56.26 -15.38 38.28
C LEU TA 107 55.30 -15.13 37.11
N LYS TA 108 54.13 -15.77 37.12
CA LYS TA 108 53.14 -15.51 36.09
C LYS TA 108 52.68 -14.06 36.12
N ARG TA 109 52.55 -13.49 37.33
CA ARG TA 109 52.22 -12.08 37.45
C ARG TA 109 53.39 -11.20 37.03
N GLY TA 110 54.61 -11.64 37.29
CA GLY TA 110 55.80 -10.88 36.94
C GLY TA 110 56.28 -11.17 35.53
N LYS TA 111 55.37 -11.19 34.57
CA LYS TA 111 55.73 -11.42 33.18
C LYS TA 111 56.29 -10.16 32.55
N ALA UA 1 48.91 -56.81 39.93
CA ALA UA 1 49.17 -58.05 40.64
C ALA UA 1 49.29 -59.21 39.69
N ARG UA 2 49.91 -58.96 38.53
CA ARG UA 2 50.09 -60.00 37.54
C ARG UA 2 51.10 -61.03 38.03
N LYS UA 3 51.01 -62.25 37.48
CA LYS UA 3 51.88 -63.33 37.93
C LYS UA 3 53.33 -63.05 37.57
N SER UA 4 53.58 -62.38 36.45
CA SER UA 4 54.95 -62.11 36.05
C SER UA 4 55.65 -61.15 37.01
N LEU UA 5 54.89 -60.20 37.58
CA LEU UA 5 55.48 -59.26 38.52
C LEU UA 5 55.91 -59.95 39.81
N ILE UA 6 55.12 -60.92 40.26
CA ILE UA 6 55.45 -61.64 41.49
C ILE UA 6 56.73 -62.44 41.30
N GLN UA 7 56.86 -63.09 40.14
CA GLN UA 7 58.10 -63.78 39.82
C GLN UA 7 59.22 -62.79 39.52
N ARG UA 8 58.89 -61.64 38.96
CA ARG UA 8 59.88 -60.60 38.73
C ARG UA 8 60.50 -60.13 40.05
N GLU UA 9 59.72 -60.12 41.13
CA GLU UA 9 60.24 -59.72 42.43
C GLU UA 9 61.08 -60.82 43.06
N LYS UA 10 60.70 -62.09 42.85
CA LYS UA 10 61.52 -63.20 43.31
C LYS UA 10 62.90 -63.17 42.68
N LYS UA 11 62.99 -62.69 41.43
CA LYS UA 11 64.29 -62.52 40.79
C LYS UA 11 65.16 -61.56 41.56
N ARG UA 12 64.60 -60.45 42.03
CA ARG UA 12 65.39 -59.47 42.78
C ARG UA 12 65.72 -59.97 44.18
N ARG UA 13 64.86 -60.82 44.76
CA ARG UA 13 65.12 -61.34 46.09
C ARG UA 13 66.36 -62.24 46.09
N ASN UA 14 66.54 -63.02 45.03
CA ASN UA 14 67.65 -63.98 44.99
C ASN UA 14 68.96 -63.28 44.63
N LEU UA 15 68.90 -62.28 43.75
CA LEU UA 15 70.12 -61.58 43.35
C LEU UA 15 70.68 -60.74 44.49
N GLU UA 16 69.82 -60.26 45.39
CA GLU UA 16 70.30 -59.48 46.52
C GLU UA 16 71.16 -60.32 47.44
N GLN UA 17 70.59 -61.43 47.95
CA GLN UA 17 71.34 -62.33 48.82
C GLN UA 17 72.57 -62.91 48.13
N LYS UA 18 72.55 -63.00 46.80
CA LYS UA 18 73.71 -63.47 46.06
C LYS UA 18 74.85 -62.45 46.15
N TYR UA 19 74.54 -61.17 45.90
CA TYR UA 19 75.51 -60.08 45.95
C TYR UA 19 75.35 -59.22 47.19
N HIS UA 20 75.05 -59.83 48.33
CA HIS UA 20 74.80 -59.06 49.55
C HIS UA 20 76.11 -58.68 50.24
N LEU UA 21 76.94 -59.67 50.57
CA LEU UA 21 78.08 -59.43 51.45
C LEU UA 21 79.15 -58.58 50.78
N ILE UA 22 79.29 -58.67 49.45
CA ILE UA 22 80.33 -57.90 48.78
C ILE UA 22 80.01 -56.41 48.82
N ARG UA 23 78.72 -56.05 48.84
CA ARG UA 23 78.34 -54.65 48.88
C ARG UA 23 78.76 -54.01 50.19
N ARG UA 24 78.55 -54.70 51.30
CA ARG UA 24 79.02 -54.21 52.59
C ARG UA 24 80.53 -54.02 52.57
N SER UA 25 81.26 -54.93 51.92
CA SER UA 25 82.69 -54.75 51.76
C SER UA 25 83.00 -53.54 50.88
N SER UA 26 82.15 -53.27 49.88
CA SER UA 26 82.35 -52.12 49.02
C SER UA 26 81.90 -50.82 49.67
N LYS UA 27 80.82 -50.86 50.46
CA LYS UA 27 80.40 -49.67 51.18
C LYS UA 27 81.41 -49.27 52.24
N GLN UA 28 82.17 -50.24 52.77
CA GLN UA 28 83.27 -49.93 53.67
C GLN UA 28 84.53 -49.56 52.90
N GLU UA 29 84.71 -50.12 51.71
CA GLU UA 29 85.87 -49.78 50.89
C GLU UA 29 85.76 -48.37 50.32
N ILE UA 30 84.56 -47.96 49.95
CA ILE UA 30 84.36 -46.62 49.40
C ILE UA 30 84.43 -45.54 50.48
N ARG UA 31 84.26 -45.90 51.75
CA ARG UA 31 84.30 -44.94 52.84
C ARG UA 31 85.71 -44.65 53.33
N LYS UA 32 86.67 -45.55 53.07
CA LYS UA 32 88.02 -45.46 53.62
C LYS UA 32 89.00 -44.79 52.67
N VAL UA 33 88.85 -45.01 51.37
CA VAL UA 33 89.88 -44.63 50.40
C VAL UA 33 89.74 -43.16 50.03
N THR UA 34 90.88 -42.52 49.77
CA THR UA 34 90.91 -41.11 49.40
C THR UA 34 90.27 -40.89 48.04
N SER UA 35 89.67 -39.71 47.88
CA SER UA 35 89.05 -39.35 46.61
C SER UA 35 90.10 -39.21 45.51
N LEU UA 36 89.68 -39.50 44.27
CA LEU UA 36 90.53 -39.40 43.08
C LEU UA 36 91.76 -40.31 43.17
N SER UA 37 91.72 -41.34 44.03
CA SER UA 37 92.81 -42.30 44.16
C SER UA 37 92.14 -43.65 44.40
N ASP UA 38 91.87 -44.37 43.32
CA ASP UA 38 91.17 -45.66 43.30
C ASP UA 38 89.68 -45.51 43.60
N LYS UA 39 89.18 -44.30 43.85
CA LYS UA 39 87.79 -44.12 44.24
C LYS UA 39 86.86 -44.36 43.07
N TRP UA 40 87.22 -43.87 41.88
CA TRP UA 40 86.43 -44.16 40.69
C TRP UA 40 86.41 -45.65 40.38
N GLU UA 41 87.47 -46.37 40.77
CA GLU UA 41 87.47 -47.83 40.59
C GLU UA 41 86.54 -48.48 41.59
N ILE UA 42 86.58 -48.04 42.84
CA ILE UA 42 85.71 -48.60 43.88
C ILE UA 42 84.25 -48.35 43.51
N HIS UA 43 83.90 -47.09 43.26
CA HIS UA 43 82.56 -46.78 42.77
C HIS UA 43 82.34 -47.34 41.36
N GLY UA 44 83.42 -47.58 40.62
CA GLY UA 44 83.29 -48.17 39.30
C GLY UA 44 82.74 -49.59 39.35
N LYS UA 45 83.43 -50.47 40.07
CA LYS UA 45 82.94 -51.84 40.23
C LYS UA 45 81.84 -51.95 41.27
N LEU UA 46 81.36 -50.83 41.82
CA LEU UA 46 80.10 -50.82 42.55
C LEU UA 46 78.91 -50.80 41.60
N GLN UA 47 79.12 -50.36 40.36
CA GLN UA 47 78.06 -50.39 39.35
C GLN UA 47 78.00 -51.74 38.63
N SER UA 48 79.12 -52.44 38.53
CA SER UA 48 79.17 -53.68 37.76
C SER UA 48 78.24 -54.78 38.28
N PRO UA 49 77.89 -54.89 39.55
CA PRO UA 49 76.87 -55.88 39.94
C PRO UA 49 75.53 -55.54 39.32
N PRO UA 50 74.60 -56.49 39.27
CA PRO UA 50 73.30 -56.19 38.68
C PRO UA 50 72.51 -55.22 39.55
N ARG UA 51 71.91 -54.22 38.90
CA ARG UA 51 71.08 -53.26 39.60
C ARG UA 51 69.87 -53.91 40.25
N ASN UA 52 69.44 -55.08 39.75
CA ASN UA 52 68.32 -55.80 40.33
C ASN UA 52 68.62 -56.37 41.70
N SER UA 53 69.89 -56.39 42.12
CA SER UA 53 70.28 -56.93 43.42
C SER UA 53 70.27 -55.88 44.53
N ALA UA 54 69.70 -54.70 44.28
CA ALA UA 54 69.75 -53.64 45.28
C ALA UA 54 68.64 -53.81 46.32
N PRO UA 55 68.85 -53.40 47.58
CA PRO UA 55 67.77 -53.53 48.57
C PRO UA 55 66.69 -52.48 48.39
N ALA UA 56 67.09 -51.28 48.00
CA ALA UA 56 66.13 -50.19 47.82
C ALA UA 56 65.18 -50.45 46.66
N ARG UA 57 65.54 -51.32 45.72
CA ARG UA 57 64.69 -51.64 44.59
C ARG UA 57 63.55 -52.59 44.97
N LEU UA 58 63.61 -53.21 46.14
CA LEU UA 58 62.54 -54.10 46.58
C LEU UA 58 61.23 -53.34 46.71
N HIS UA 59 60.14 -54.11 46.83
CA HIS UA 59 58.83 -53.53 47.06
C HIS UA 59 57.94 -54.60 47.69
N ARG UA 60 57.53 -54.38 48.93
CA ARG UA 60 56.72 -55.35 49.64
C ARG UA 60 55.34 -55.45 49.00
N ARG UA 61 54.89 -56.68 48.78
CA ARG UA 61 53.57 -56.97 48.24
C ARG UA 61 52.81 -57.85 49.21
N CYS UA 62 51.50 -57.99 48.95
CA CYS UA 62 50.70 -58.91 49.75
C CYS UA 62 51.14 -60.35 49.50
N PHE UA 63 51.16 -61.14 50.57
CA PHE UA 63 51.60 -62.52 50.46
C PHE UA 63 50.63 -63.34 49.61
N LEU UA 64 49.35 -63.01 49.66
CA LEU UA 64 48.32 -63.75 48.92
C LEU UA 64 48.02 -63.09 47.57
N THR UA 65 47.58 -61.84 47.59
CA THR UA 65 47.14 -61.18 46.36
C THR UA 65 48.29 -60.59 45.56
N GLY UA 66 49.43 -60.35 46.18
CA GLY UA 66 50.54 -59.70 45.48
C GLY UA 66 50.22 -58.26 45.12
N ARG UA 67 49.60 -57.53 46.03
CA ARG UA 67 49.15 -56.16 45.80
C ARG UA 67 50.24 -55.17 46.20
N PRO UA 68 50.56 -54.15 45.40
CA PRO UA 68 51.72 -53.31 45.71
C PRO UA 68 51.46 -52.20 46.72
N ARG UA 69 50.32 -52.19 47.40
CA ARG UA 69 49.94 -51.11 48.29
C ARG UA 69 49.25 -51.64 49.54
N ALA UA 70 49.17 -50.77 50.54
CA ALA UA 70 48.42 -51.06 51.78
C ALA UA 70 49.00 -52.25 52.53
N ASN UA 71 50.33 -52.39 52.47
CA ASN UA 71 51.01 -53.49 53.12
C ASN UA 71 51.35 -53.13 54.56
N TYR UA 72 51.55 -54.17 55.36
CA TYR UA 72 51.92 -54.03 56.77
C TYR UA 72 53.01 -55.03 57.08
N ARG UA 73 54.16 -54.54 57.56
CA ARG UA 73 55.30 -55.41 57.79
C ARG UA 73 55.04 -56.38 58.94
N ASP UA 74 54.18 -56.01 59.89
CA ASP UA 74 53.85 -56.91 60.99
C ASP UA 74 52.96 -58.06 60.55
N PHE UA 75 52.19 -57.89 59.49
CA PHE UA 75 51.26 -58.89 59.00
C PHE UA 75 51.68 -59.50 57.66
N GLY UA 76 52.09 -58.67 56.71
CA GLY UA 76 52.48 -59.14 55.39
C GLY UA 76 51.37 -59.21 54.38
N LEU UA 77 50.18 -58.69 54.69
CA LEU UA 77 49.02 -58.74 53.82
C LEU UA 77 48.45 -57.35 53.60
N SER UA 78 47.61 -57.24 52.57
CA SER UA 78 46.94 -55.99 52.27
C SER UA 78 45.77 -55.76 53.22
N GLY UA 79 45.37 -54.50 53.35
CA GLY UA 79 44.40 -54.13 54.36
C GLY UA 79 43.04 -54.77 54.15
N HIS UA 80 42.62 -54.93 52.90
CA HIS UA 80 41.29 -55.49 52.63
C HIS UA 80 41.23 -56.97 53.01
N ILE UA 81 42.13 -57.78 52.46
CA ILE UA 81 42.14 -59.21 52.78
C ILE UA 81 42.48 -59.42 54.24
N LEU UA 82 43.34 -58.57 54.81
CA LEU UA 82 43.67 -58.69 56.22
C LEU UA 82 42.46 -58.43 57.10
N ARG UA 83 41.55 -57.56 56.65
CA ARG UA 83 40.34 -57.29 57.41
C ARG UA 83 39.48 -58.54 57.56
N GLU UA 84 39.30 -59.28 56.47
CA GLU UA 84 38.45 -60.46 56.52
C GLU UA 84 39.04 -61.53 57.42
N MET UA 85 40.38 -61.62 57.47
CA MET UA 85 41.02 -62.61 58.33
C MET UA 85 40.80 -62.28 59.80
N VAL UA 86 40.63 -61.01 60.13
CA VAL UA 86 40.31 -60.63 61.51
C VAL UA 86 38.93 -61.13 61.90
N HIS UA 87 37.97 -61.02 60.99
CA HIS UA 87 36.59 -61.34 61.34
C HIS UA 87 36.39 -62.84 61.51
N THR UA 88 36.90 -63.64 60.56
CA THR UA 88 36.56 -65.05 60.49
C THR UA 88 37.48 -65.94 61.34
N CYS UA 89 38.07 -65.38 62.40
CA CYS UA 89 38.73 -66.18 63.44
C CYS UA 89 39.91 -66.97 62.89
N LEU UA 90 40.92 -66.23 62.40
CA LEU UA 90 42.19 -66.82 62.00
C LEU UA 90 43.40 -66.15 62.62
N LEU UA 91 43.28 -64.90 63.11
CA LEU UA 91 44.41 -64.17 63.68
C LEU UA 91 44.29 -64.17 65.21
N PRO UA 92 45.33 -64.54 65.97
CA PRO UA 92 45.19 -64.50 67.43
C PRO UA 92 45.25 -63.08 67.96
N GLY UA 93 44.34 -62.74 68.86
CA GLY UA 93 44.34 -61.46 69.53
C GLY UA 93 43.81 -60.30 68.71
N ALA UA 94 43.48 -60.51 67.44
CA ALA UA 94 42.99 -59.44 66.57
C ALA UA 94 41.49 -59.29 66.77
N THR UA 95 41.11 -58.39 67.67
CA THR UA 95 39.72 -58.13 68.01
C THR UA 95 39.34 -56.72 67.58
N ARG UA 96 38.03 -56.51 67.41
CA ARG UA 96 37.54 -55.19 67.08
C ARG UA 96 37.78 -54.23 68.23
N SER UA 97 37.88 -52.94 67.90
CA SER UA 97 38.33 -51.93 68.84
C SER UA 97 37.25 -50.88 69.09
N SER UA 98 37.27 -50.34 70.31
CA SER UA 98 36.52 -49.13 70.62
C SER UA 98 37.13 -48.56 71.90
N TRP UA 99 37.82 -47.43 71.78
CA TRP UA 99 38.43 -46.76 72.92
C TRP UA 99 38.04 -45.28 72.93
N ASN VA 1 -75.01 -29.84 45.30
CA ASN VA 1 -75.66 -30.11 44.03
C ASN VA 1 -75.26 -31.49 43.51
N LYS VA 2 -75.89 -31.89 42.40
CA LYS VA 2 -75.61 -33.18 41.81
C LYS VA 2 -74.18 -33.22 41.26
N GLY VA 3 -73.76 -34.41 40.86
CA GLY VA 3 -72.47 -34.62 40.23
C GLY VA 3 -72.61 -35.34 38.91
N SER VA 4 -73.69 -35.05 38.18
CA SER VA 4 -73.92 -35.67 36.90
C SER VA 4 -72.86 -35.20 35.89
N VAL VA 5 -72.86 -35.85 34.72
CA VAL VA 5 -71.88 -35.52 33.70
C VAL VA 5 -72.15 -34.12 33.14
N GLU VA 6 -73.40 -33.85 32.74
CA GLU VA 6 -73.74 -32.55 32.19
C GLU VA 6 -73.59 -31.42 33.19
N PHE VA 7 -73.70 -31.72 34.49
CA PHE VA 7 -73.54 -30.67 35.49
C PHE VA 7 -72.08 -30.27 35.65
N GLN VA 8 -71.17 -31.25 35.57
CA GLN VA 8 -69.74 -30.93 35.64
C GLN VA 8 -69.32 -30.06 34.47
N VAL VA 9 -69.92 -30.29 33.30
CA VAL VA 9 -69.60 -29.46 32.14
C VAL VA 9 -70.14 -28.06 32.33
N PHE VA 10 -71.28 -27.91 33.00
CA PHE VA 10 -71.85 -26.59 33.22
C PHE VA 10 -70.97 -25.77 34.16
N CYS VA 11 -70.43 -26.39 35.21
CA CYS VA 11 -69.56 -25.67 36.13
C CYS VA 11 -68.23 -25.31 35.48
N PHE VA 12 -67.66 -26.24 34.70
CA PHE VA 12 -66.44 -25.93 33.97
C PHE VA 12 -66.70 -24.85 32.92
N THR VA 13 -67.87 -24.87 32.30
CA THR VA 13 -68.20 -23.86 31.30
C THR VA 13 -68.24 -22.47 31.92
N ASN VA 14 -68.63 -22.37 33.20
CA ASN VA 14 -68.60 -21.10 33.90
C ASN VA 14 -67.21 -20.82 34.47
N LYS VA 15 -66.53 -21.85 34.96
CA LYS VA 15 -65.17 -21.67 35.46
C LYS VA 15 -64.23 -21.26 34.33
N ILE VA 16 -64.40 -21.86 33.15
CA ILE VA 16 -63.59 -21.46 32.00
C ILE VA 16 -63.94 -20.04 31.58
N ARG VA 17 -65.23 -19.76 31.43
CA ARG VA 17 -65.66 -18.44 30.98
C ARG VA 17 -65.24 -17.35 31.98
N ARG VA 18 -65.23 -17.68 33.28
CA ARG VA 18 -64.83 -16.71 34.28
C ARG VA 18 -63.37 -16.33 34.13
N LEU VA 19 -62.52 -17.25 33.66
CA LEU VA 19 -61.10 -16.98 33.57
C LEU VA 19 -60.72 -16.32 32.25
N THR VA 20 -61.50 -16.52 31.19
CA THR VA 20 -61.23 -15.82 29.94
C THR VA 20 -61.30 -14.32 30.11
N LEU VA 21 -62.34 -13.83 30.79
CA LEU VA 21 -62.48 -12.40 31.02
C LEU VA 21 -61.37 -11.88 31.93
N HIS VA 22 -60.83 -12.75 32.80
CA HIS VA 22 -59.71 -12.34 33.65
C HIS VA 22 -58.42 -12.21 32.84
N LEU VA 23 -58.20 -13.13 31.90
CA LEU VA 23 -56.97 -13.10 31.11
C LEU VA 23 -56.98 -11.99 30.07
N GLU VA 24 -58.14 -11.43 29.75
CA GLU VA 24 -58.18 -10.26 28.88
C GLU VA 24 -57.42 -9.09 29.48
N LEU VA 25 -57.40 -8.99 30.81
CA LEU VA 25 -56.65 -7.96 31.52
C LEU VA 25 -55.30 -8.49 32.00
N HIS VA 26 -55.30 -9.58 32.76
CA HIS VA 26 -54.07 -10.17 33.30
C HIS VA 26 -53.61 -11.31 32.39
N LYS VA 27 -53.22 -10.92 31.17
CA LYS VA 27 -52.77 -11.90 30.19
C LYS VA 27 -51.45 -12.55 30.60
N LYS VA 28 -50.65 -11.91 31.45
CA LYS VA 28 -49.37 -12.43 31.89
C LYS VA 28 -49.49 -13.39 33.07
N ASP VA 29 -50.71 -13.78 33.45
CA ASP VA 29 -50.93 -14.72 34.54
C ASP VA 29 -50.84 -16.13 33.96
N TYR VA 30 -49.61 -16.59 33.76
CA TYR VA 30 -49.39 -17.88 33.14
C TYR VA 30 -49.64 -19.05 34.07
N SER VA 31 -49.57 -18.84 35.39
CA SER VA 31 -49.90 -19.91 36.32
C SER VA 31 -51.39 -20.26 36.23
N SER VA 32 -52.24 -19.25 36.09
CA SER VA 32 -53.67 -19.51 35.89
C SER VA 32 -53.92 -20.12 34.52
N GLN VA 33 -53.09 -19.79 33.53
CA GLN VA 33 -53.22 -20.40 32.21
C GLN VA 33 -53.00 -21.90 32.27
N ARG VA 34 -52.09 -22.34 33.15
CA ARG VA 34 -51.88 -23.77 33.33
C ARG VA 34 -53.09 -24.44 33.97
N GLY VA 35 -53.82 -23.70 34.83
CA GLY VA 35 -55.05 -24.23 35.38
C GLY VA 35 -56.21 -24.17 34.42
N LEU VA 36 -56.19 -23.20 33.49
CA LEU VA 36 -57.26 -23.09 32.51
C LEU VA 36 -57.31 -24.29 31.59
N ARG VA 37 -56.13 -24.79 31.19
CA ARG VA 37 -56.07 -25.93 30.28
C ARG VA 37 -56.51 -27.23 30.96
N LYS VA 38 -56.46 -27.29 32.29
CA LYS VA 38 -56.98 -28.47 32.99
C LYS VA 38 -58.48 -28.60 32.76
N THR VA 39 -59.24 -27.58 33.14
CA THR VA 39 -60.69 -27.61 32.98
C THR VA 39 -61.08 -27.77 31.51
N LEU VA 40 -60.30 -27.18 30.60
CA LEU VA 40 -60.52 -27.41 29.19
C LEU VA 40 -60.26 -28.87 28.82
N GLY VA 41 -59.33 -29.52 29.53
CA GLY VA 41 -59.04 -30.92 29.26
C GLY VA 41 -59.95 -31.88 29.99
N LYS VA 42 -60.38 -31.52 31.20
CA LYS VA 42 -61.29 -32.39 31.95
C LYS VA 42 -62.62 -32.54 31.21
N ARG VA 43 -63.19 -31.43 30.74
CA ARG VA 43 -64.42 -31.50 29.97
C ARG VA 43 -64.22 -32.25 28.66
N GLN VA 44 -63.00 -32.22 28.11
CA GLN VA 44 -62.74 -32.92 26.86
C GLN VA 44 -62.85 -34.42 27.05
N ARG VA 45 -62.39 -34.94 28.20
CA ARG VA 45 -62.45 -36.36 28.46
C ARG VA 45 -63.82 -36.80 28.95
N LEU VA 46 -64.58 -35.89 29.58
CA LEU VA 46 -65.95 -36.20 29.98
C LEU VA 46 -66.87 -36.23 28.77
N LEU VA 47 -66.82 -35.20 27.94
CA LEU VA 47 -67.60 -35.21 26.70
C LEU VA 47 -67.18 -36.35 25.78
N ALA VA 48 -65.88 -36.70 25.81
CA ALA VA 48 -65.44 -37.88 25.09
C ALA VA 48 -66.10 -39.14 25.64
N TYR VA 49 -66.38 -39.17 26.94
CA TYR VA 49 -67.09 -40.31 27.52
C TYR VA 49 -68.59 -40.24 27.22
N LEU VA 50 -69.17 -39.04 27.28
CA LEU VA 50 -70.59 -38.89 26.99
C LEU VA 50 -70.90 -39.26 25.55
N LEU VA 51 -69.94 -39.11 24.64
CA LEU VA 51 -70.21 -39.31 23.22
C LEU VA 51 -70.52 -40.77 22.92
N LYS VA 52 -69.61 -41.68 23.25
CA LYS VA 52 -69.79 -43.08 22.88
C LYS VA 52 -70.84 -43.79 23.71
N ILE VA 53 -71.26 -43.22 24.83
CA ILE VA 53 -72.33 -43.80 25.65
C ILE VA 53 -73.70 -43.39 25.13
N ASN VA 54 -73.87 -42.12 24.77
CA ASN VA 54 -75.13 -41.64 24.23
C ASN VA 54 -74.87 -40.38 23.43
N GLY VA 55 -75.19 -40.43 22.12
CA GLY VA 55 -75.02 -39.27 21.28
C GLY VA 55 -76.15 -38.26 21.37
N VAL VA 56 -77.32 -38.68 21.85
CA VAL VA 56 -78.45 -37.76 21.97
C VAL VA 56 -78.13 -36.68 22.99
N ARG VA 57 -77.63 -37.09 24.16
CA ARG VA 57 -77.26 -36.12 25.19
C ARG VA 57 -76.15 -35.19 24.72
N TYR VA 58 -75.27 -35.69 23.85
CA TYR VA 58 -74.17 -34.86 23.35
C TYR VA 58 -74.69 -33.71 22.50
N LYS VA 59 -75.55 -34.03 21.53
CA LYS VA 59 -76.06 -32.99 20.63
C LYS VA 59 -76.93 -31.99 21.39
N GLU VA 60 -77.58 -32.41 22.46
CA GLU VA 60 -78.43 -31.51 23.23
C GLU VA 60 -77.60 -30.63 24.17
N LEU VA 61 -76.54 -31.19 24.74
CA LEU VA 61 -75.71 -30.43 25.66
C LEU VA 61 -74.90 -29.37 24.91
N ILE VA 62 -74.31 -29.75 23.77
CA ILE VA 62 -73.52 -28.80 22.99
C ILE VA 62 -74.40 -27.71 22.41
N SER VA 63 -75.68 -27.99 22.18
CA SER VA 63 -76.57 -27.00 21.59
C SER VA 63 -76.89 -25.88 22.56
N LYS VA 64 -77.14 -26.21 23.83
CA LYS VA 64 -77.52 -25.20 24.81
C LYS VA 64 -76.33 -24.45 25.37
N LEU VA 65 -75.18 -25.10 25.52
CA LEU VA 65 -73.97 -24.47 26.04
C LEU VA 65 -73.11 -23.84 24.96
N ASN VA 66 -73.47 -24.00 23.68
CA ASN VA 66 -72.71 -23.44 22.56
C ASN VA 66 -71.27 -23.94 22.58
N ILE VA 67 -71.12 -25.26 22.42
CA ILE VA 67 -69.84 -25.95 22.49
C ILE VA 67 -69.46 -26.38 21.08
N ARG VA 68 -68.17 -26.24 20.76
CA ARG VA 68 -67.66 -26.65 19.45
C ARG VA 68 -67.44 -28.16 19.45
N GLU VA 69 -68.00 -28.82 18.44
CA GLU VA 69 -67.79 -30.26 18.27
C GLU VA 69 -66.41 -30.53 17.68
N LEU VA 70 -65.82 -31.64 18.09
CA LEU VA 70 -64.50 -32.03 17.64
C LEU VA 70 -64.60 -32.85 16.36
N LYS VA 71 -63.67 -32.61 15.44
CA LYS VA 71 -63.54 -33.47 14.27
C LYS VA 71 -62.98 -34.83 14.68
N THR VA 72 -63.23 -35.83 13.84
CA THR VA 72 -62.83 -37.21 14.10
C THR VA 72 -63.44 -37.71 15.40
N MET WA 1 -52.20 -82.07 -23.98
CA MET WA 1 -52.50 -83.52 -23.93
C MET WA 1 -51.79 -84.17 -22.74
N VAL WA 2 -52.46 -85.13 -22.12
CA VAL WA 2 -51.88 -85.92 -21.04
C VAL WA 2 -51.23 -87.15 -21.65
N LYS WA 3 -50.11 -87.58 -21.06
CA LYS WA 3 -49.34 -88.69 -21.59
C LYS WA 3 -48.72 -89.46 -20.44
N LEU WA 4 -48.59 -90.77 -20.64
CA LEU WA 4 -47.99 -91.68 -19.67
C LEU WA 4 -46.61 -92.07 -20.19
N ARG WA 5 -45.57 -91.44 -19.63
CA ARG WA 5 -44.19 -91.79 -19.94
C ARG WA 5 -43.40 -91.89 -18.64
N LEU WA 6 -42.08 -92.04 -18.78
CA LEU WA 6 -41.18 -92.30 -17.67
C LEU WA 6 -40.00 -91.35 -17.71
N LYS WA 7 -39.60 -90.88 -16.53
CA LYS WA 7 -38.48 -89.97 -16.37
C LYS WA 7 -37.30 -90.70 -15.74
N ARG WA 8 -36.11 -90.17 -15.98
CA ARG WA 8 -34.88 -90.73 -15.42
C ARG WA 8 -34.51 -90.01 -14.13
N CYS WA 9 -34.09 -90.79 -13.13
CA CYS WA 9 -33.53 -90.22 -11.91
C CYS WA 9 -32.71 -91.31 -11.24
N GLY WA 10 -31.39 -91.13 -11.21
CA GLY WA 10 -30.53 -92.15 -10.65
C GLY WA 10 -29.07 -91.80 -10.88
N ARG WA 11 -28.24 -92.82 -10.90
CA ARG WA 11 -26.80 -92.67 -11.04
C ARG WA 11 -26.38 -92.85 -12.50
N LYS WA 12 -25.26 -92.24 -12.85
CA LYS WA 12 -24.66 -92.41 -14.17
C LYS WA 12 -24.43 -93.89 -14.46
N GLN WA 13 -24.83 -94.31 -15.66
CA GLN WA 13 -24.70 -95.70 -16.11
C GLN WA 13 -25.45 -96.68 -15.21
N ARG WA 14 -26.45 -96.20 -14.45
CA ARG WA 14 -27.35 -97.07 -13.69
C ARG WA 14 -28.72 -96.40 -13.78
N ALA WA 15 -29.50 -96.80 -14.78
CA ALA WA 15 -30.79 -96.16 -15.05
C ALA WA 15 -31.84 -96.73 -14.11
N VAL WA 16 -32.58 -95.85 -13.45
CA VAL WA 16 -33.65 -96.24 -12.54
C VAL WA 16 -34.81 -95.27 -12.80
N TYR WA 17 -35.79 -95.72 -13.57
CA TYR WA 17 -36.88 -94.87 -14.02
C TYR WA 17 -38.07 -94.99 -13.08
N ARG WA 18 -39.01 -94.07 -13.26
CA ARG WA 18 -40.31 -94.14 -12.59
C ARG WA 18 -41.38 -93.65 -13.55
N ILE WA 19 -42.51 -94.34 -13.58
CA ILE WA 19 -43.61 -93.98 -14.46
C ILE WA 19 -44.38 -92.82 -13.82
N VAL WA 20 -44.88 -91.91 -14.66
CA VAL WA 20 -45.59 -90.74 -14.16
C VAL WA 20 -46.40 -90.17 -15.31
N ALA WA 21 -47.51 -89.50 -14.96
CA ALA WA 21 -48.39 -88.85 -15.92
C ALA WA 21 -48.20 -87.35 -15.82
N ILE WA 22 -47.76 -86.73 -16.92
CA ILE WA 22 -47.56 -85.29 -16.99
C ILE WA 22 -47.87 -84.82 -18.41
N ASP WA 23 -47.89 -83.50 -18.58
CA ASP WA 23 -48.13 -82.91 -19.88
C ASP WA 23 -46.98 -83.24 -20.83
N VAL WA 24 -47.26 -83.14 -22.13
CA VAL WA 24 -46.26 -83.49 -23.13
C VAL WA 24 -45.24 -82.38 -23.30
N ARG WA 25 -45.71 -81.14 -23.40
CA ARG WA 25 -44.81 -80.02 -23.63
C ARG WA 25 -43.87 -79.77 -22.46
N SER WA 26 -44.20 -80.25 -21.27
CA SER WA 26 -43.29 -80.16 -20.15
C SER WA 26 -42.06 -81.02 -20.41
N ARG WA 27 -40.94 -80.64 -19.78
CA ARG WA 27 -39.69 -81.33 -19.97
C ARG WA 27 -39.74 -82.72 -19.31
N ARG WA 28 -38.61 -83.43 -19.40
CA ARG WA 28 -38.54 -84.77 -18.83
C ARG WA 28 -38.74 -84.75 -17.33
N GLU WA 29 -38.02 -83.86 -16.64
CA GLU WA 29 -38.17 -83.70 -15.19
C GLU WA 29 -39.15 -82.56 -14.91
N GLY WA 30 -40.39 -82.77 -15.34
CA GLY WA 30 -41.44 -81.79 -15.17
C GLY WA 30 -42.20 -81.98 -13.86
N ARG WA 31 -43.03 -80.99 -13.56
CA ARG WA 31 -43.87 -81.05 -12.37
C ARG WA 31 -44.84 -82.22 -12.50
N ASP WA 32 -44.83 -83.10 -11.51
CA ASP WA 32 -45.70 -84.26 -11.49
C ASP WA 32 -46.98 -83.95 -10.73
N LEU WA 33 -48.04 -84.70 -11.07
CA LEU WA 33 -49.30 -84.65 -10.36
C LEU WA 33 -49.81 -86.01 -9.92
N GLN WA 34 -49.28 -87.10 -10.50
CA GLN WA 34 -49.59 -88.44 -10.01
C GLN WA 34 -48.54 -89.43 -10.49
N LYS WA 35 -47.81 -90.05 -9.57
CA LYS WA 35 -46.85 -91.09 -9.88
C LYS WA 35 -47.57 -92.43 -9.84
N VAL WA 36 -47.47 -93.18 -10.94
CA VAL WA 36 -48.31 -94.36 -11.15
C VAL WA 36 -47.48 -95.60 -11.50
N GLY WA 37 -46.24 -95.66 -11.05
CA GLY WA 37 -45.45 -96.86 -11.26
C GLY WA 37 -43.97 -96.63 -11.00
N PHE WA 38 -43.24 -97.73 -11.14
CA PHE WA 38 -41.80 -97.75 -10.97
C PHE WA 38 -41.25 -98.90 -11.79
N TYR WA 39 -40.06 -98.71 -12.36
CA TYR WA 39 -39.51 -99.69 -13.28
C TYR WA 39 -38.02 -99.46 -13.45
N ASP WA 40 -37.28 -100.56 -13.65
CA ASP WA 40 -35.88 -100.52 -14.02
C ASP WA 40 -35.58 -101.74 -14.88
N PRO WA 41 -34.63 -101.66 -15.83
CA PRO WA 41 -34.36 -102.82 -16.68
C PRO WA 41 -33.44 -103.84 -16.03
N ILE WA 42 -32.57 -103.37 -15.14
CA ILE WA 42 -31.55 -104.25 -14.56
C ILE WA 42 -32.19 -105.26 -13.62
N LYS WA 43 -32.84 -104.78 -12.56
CA LYS WA 43 -33.51 -105.66 -11.62
C LYS WA 43 -34.84 -106.20 -12.15
N SER WA 44 -35.49 -105.45 -13.04
CA SER WA 44 -36.75 -105.87 -13.65
C SER WA 44 -37.82 -106.12 -12.59
N GLN WA 45 -38.13 -105.07 -11.85
CA GLN WA 45 -39.20 -105.07 -10.86
C GLN WA 45 -40.21 -103.98 -11.22
N THR WA 46 -41.45 -104.19 -10.81
CA THR WA 46 -42.54 -103.32 -11.24
C THR WA 46 -43.68 -103.43 -10.24
N TYR WA 47 -44.13 -102.28 -9.74
CA TYR WA 47 -45.32 -102.22 -8.89
C TYR WA 47 -46.55 -101.91 -9.72
N LEU WA 48 -46.58 -100.74 -10.38
CA LEU WA 48 -47.54 -100.43 -11.43
C LEU WA 48 -48.98 -100.51 -10.90
N ASN WA 49 -49.28 -99.59 -9.99
CA ASN WA 49 -50.64 -99.49 -9.45
C ASN WA 49 -51.65 -99.24 -10.58
N VAL WA 50 -52.58 -100.17 -10.73
CA VAL WA 50 -53.57 -100.11 -11.80
C VAL WA 50 -54.70 -99.11 -11.55
N PRO WA 51 -55.22 -98.90 -10.32
CA PRO WA 51 -56.40 -98.04 -10.20
C PRO WA 51 -56.15 -96.60 -10.64
N ALA WA 52 -54.92 -96.11 -10.48
CA ALA WA 52 -54.61 -94.74 -10.88
C ALA WA 52 -54.41 -94.64 -12.38
N ILE WA 53 -53.83 -95.67 -13.00
CA ILE WA 53 -53.53 -95.62 -14.42
C ILE WA 53 -54.82 -95.63 -15.23
N LEU WA 54 -55.80 -96.44 -14.83
CA LEU WA 54 -57.06 -96.50 -15.56
C LEU WA 54 -57.82 -95.18 -15.46
N ASP WA 55 -57.59 -94.42 -14.38
CA ASP WA 55 -58.25 -93.14 -14.24
C ASP WA 55 -57.83 -92.17 -15.34
N PHE WA 56 -56.57 -92.24 -15.77
CA PHE WA 56 -56.09 -91.33 -16.81
C PHE WA 56 -56.41 -91.85 -18.20
N LEU WA 57 -56.31 -93.16 -18.42
CA LEU WA 57 -56.56 -93.72 -19.73
C LEU WA 57 -58.01 -93.51 -20.18
N GLU WA 58 -58.95 -93.54 -19.22
CA GLU WA 58 -60.33 -93.20 -19.55
C GLU WA 58 -60.46 -91.77 -20.04
N LYS WA 59 -59.60 -90.87 -19.56
CA LYS WA 59 -59.66 -89.46 -19.89
C LYS WA 59 -58.80 -89.09 -21.10
N GLY WA 60 -58.30 -90.07 -21.84
CA GLY WA 60 -57.58 -89.82 -23.06
C GLY WA 60 -56.07 -89.85 -22.97
N ALA WA 61 -55.52 -90.46 -21.93
CA ALA WA 61 -54.07 -90.56 -21.81
C ALA WA 61 -53.52 -91.60 -22.78
N GLN WA 62 -52.47 -91.20 -23.51
CA GLN WA 62 -51.86 -92.05 -24.54
C GLN WA 62 -50.53 -92.57 -24.03
N PRO WA 63 -50.36 -93.87 -23.76
CA PRO WA 63 -49.03 -94.37 -23.37
C PRO WA 63 -48.01 -94.23 -24.50
N THR WA 64 -46.75 -94.33 -24.13
CA THR WA 64 -45.65 -94.30 -25.08
C THR WA 64 -45.43 -95.73 -25.60
N GLU WA 65 -44.33 -95.92 -26.34
CA GLU WA 65 -44.06 -97.23 -26.93
C GLU WA 65 -43.76 -98.27 -25.85
N THR WA 66 -42.82 -97.98 -24.96
CA THR WA 66 -42.43 -98.96 -23.94
C THR WA 66 -43.45 -99.05 -22.82
N VAL WA 67 -44.07 -97.94 -22.44
CA VAL WA 67 -45.11 -98.00 -21.42
C VAL WA 67 -46.29 -98.81 -21.92
N TYR WA 68 -46.57 -98.76 -23.23
CA TYR WA 68 -47.56 -99.65 -23.82
C TYR WA 68 -47.13 -101.11 -23.66
N ASP WA 69 -45.84 -101.39 -23.83
CA ASP WA 69 -45.34 -102.75 -23.68
C ASP WA 69 -45.41 -103.19 -22.22
N ILE WA 70 -45.13 -102.29 -21.29
CA ILE WA 70 -45.22 -102.62 -19.87
C ILE WA 70 -46.65 -102.94 -19.50
N LEU WA 71 -47.59 -102.11 -19.93
CA LEU WA 71 -48.99 -102.37 -19.68
C LEU WA 71 -49.51 -103.56 -20.49
N LYS WA 72 -48.86 -103.87 -21.61
CA LYS WA 72 -49.26 -105.03 -22.41
C LYS WA 72 -48.99 -106.32 -21.65
N ARG WA 73 -47.83 -106.42 -21.01
CA ARG WA 73 -47.53 -107.61 -20.21
C ARG WA 73 -48.51 -107.75 -19.05
N ALA WA 74 -49.04 -106.64 -18.55
CA ALA WA 74 -50.14 -106.67 -17.61
C ALA WA 74 -51.46 -106.83 -18.36
N GLU WA 75 -52.49 -107.21 -17.63
CA GLU WA 75 -53.82 -107.47 -18.18
C GLU WA 75 -54.77 -106.30 -17.94
N VAL WA 76 -54.24 -105.07 -17.97
CA VAL WA 76 -55.03 -103.90 -17.66
C VAL WA 76 -55.95 -103.52 -18.82
N PHE WA 77 -55.53 -103.77 -20.06
CA PHE WA 77 -56.34 -103.39 -21.20
C PHE WA 77 -57.63 -104.19 -21.28
N LYS WA 78 -57.60 -105.46 -20.86
CA LYS WA 78 -58.80 -106.28 -20.93
C LYS WA 78 -59.88 -105.79 -19.99
N GLU WA 79 -59.47 -105.31 -18.80
CA GLU WA 79 -60.42 -104.70 -17.86
C GLU WA 79 -60.69 -103.24 -18.17
N PHE WA 80 -59.84 -102.59 -18.97
CA PHE WA 80 -60.08 -101.21 -19.35
C PHE WA 80 -61.25 -101.07 -20.31
N ARG WA 81 -61.49 -102.10 -21.14
CA ARG WA 81 -62.59 -102.09 -22.10
C ARG WA 81 -63.28 -103.43 -22.15
N MET XA 1 -65.82 -64.26 9.46
CA MET XA 1 -64.77 -65.26 9.35
C MET XA 1 -64.27 -65.36 7.91
N ARG XA 2 -65.17 -65.70 7.00
CA ARG XA 2 -64.82 -65.82 5.58
C ARG XA 2 -64.66 -64.44 4.95
N SER XA 3 -65.73 -63.65 4.93
CA SER XA 3 -65.73 -62.35 4.32
C SER XA 3 -65.21 -61.30 5.31
N MET XA 4 -65.09 -60.06 4.83
CA MET XA 4 -64.54 -58.95 5.60
C MET XA 4 -65.61 -57.92 5.86
N GLN XA 5 -65.76 -57.52 7.12
CA GLN XA 5 -66.59 -56.39 7.49
C GLN XA 5 -65.81 -55.10 7.29
N GLY XA 6 -66.47 -53.97 7.55
CA GLY XA 6 -65.80 -52.69 7.46
C GLY XA 6 -66.74 -51.54 7.71
N LYS XA 7 -66.14 -50.38 7.98
CA LYS XA 7 -66.86 -49.11 8.10
C LYS XA 7 -66.88 -48.42 6.75
N VAL XA 8 -67.95 -47.67 6.50
CA VAL XA 8 -68.34 -47.25 5.15
C VAL XA 8 -68.06 -45.77 4.92
N ILE XA 9 -67.03 -45.23 5.57
CA ILE XA 9 -66.65 -43.82 5.44
C ILE XA 9 -66.47 -43.42 3.99
N CYS XA 10 -66.69 -42.14 3.69
CA CYS XA 10 -66.49 -41.56 2.35
C CYS XA 10 -67.37 -42.28 1.32
N ALA XA 11 -68.68 -42.10 1.50
CA ALA XA 11 -69.70 -42.65 0.61
C ALA XA 11 -70.27 -41.59 -0.33
N THR XA 12 -69.43 -40.68 -0.82
CA THR XA 12 -69.90 -39.55 -1.60
C THR XA 12 -70.16 -39.93 -3.06
N ASN XA 13 -69.36 -40.82 -3.61
CA ASN XA 13 -69.41 -41.10 -5.03
C ASN XA 13 -70.72 -41.79 -5.42
N ASP XA 14 -71.00 -41.79 -6.72
CA ASP XA 14 -72.25 -42.31 -7.25
C ASP XA 14 -72.17 -43.83 -7.42
N LYS XA 15 -73.17 -44.53 -6.89
CA LYS XA 15 -73.28 -45.99 -6.95
C LYS XA 15 -72.09 -46.71 -6.31
N THR XA 16 -71.32 -46.02 -5.47
CA THR XA 16 -70.14 -46.59 -4.85
C THR XA 16 -69.99 -46.01 -3.45
N VAL XA 17 -69.30 -46.77 -2.60
CA VAL XA 17 -69.03 -46.36 -1.23
C VAL XA 17 -67.63 -46.86 -0.86
N ASN XA 18 -66.75 -45.95 -0.46
CA ASN XA 18 -65.48 -46.35 0.10
C ASN XA 18 -65.72 -47.03 1.44
N VAL XA 19 -64.90 -48.03 1.74
CA VAL XA 19 -65.08 -48.85 2.93
C VAL XA 19 -63.72 -49.10 3.57
N GLU XA 20 -63.67 -48.94 4.89
CA GLU XA 20 -62.47 -49.18 5.68
C GLU XA 20 -62.60 -50.52 6.39
N VAL XA 21 -61.63 -51.39 6.15
CA VAL XA 21 -61.60 -52.72 6.77
C VAL XA 21 -60.51 -52.72 7.82
N VAL XA 22 -60.75 -53.45 8.91
CA VAL XA 22 -59.82 -53.57 10.02
C VAL XA 22 -59.64 -55.04 10.34
N ARG XA 23 -58.41 -55.42 10.68
CA ARG XA 23 -58.10 -56.78 11.10
C ARG XA 23 -56.99 -56.73 12.13
N LEU XA 24 -56.86 -57.80 12.89
CA LEU XA 24 -55.77 -58.00 13.83
C LEU XA 24 -55.00 -59.25 13.45
N ALA XA 25 -53.68 -59.18 13.59
CA ALA XA 25 -52.82 -60.31 13.28
C ALA XA 25 -51.55 -60.19 14.11
N PRO XA 26 -50.95 -61.30 14.53
CA PRO XA 26 -49.77 -61.20 15.41
C PRO XA 26 -48.54 -60.74 14.64
N HIS XA 27 -47.68 -60.01 15.33
CA HIS XA 27 -46.43 -59.58 14.74
C HIS XA 27 -45.48 -60.78 14.66
N PRO XA 28 -44.82 -61.03 13.54
CA PRO XA 28 -44.08 -62.29 13.42
C PRO XA 28 -42.87 -62.38 14.33
N LYS XA 29 -42.20 -61.26 14.61
CA LYS XA 29 -41.01 -61.27 15.45
C LYS XA 29 -41.35 -61.25 16.93
N TYR XA 30 -42.40 -60.52 17.31
CA TYR XA 30 -42.72 -60.27 18.72
C TYR XA 30 -44.06 -60.84 19.15
N LYS XA 31 -44.88 -61.34 18.22
CA LYS XA 31 -46.12 -62.06 18.55
C LYS XA 31 -47.09 -61.19 19.34
N ARG XA 32 -47.29 -59.96 18.91
CA ARG XA 32 -48.32 -59.08 19.43
C ARG XA 32 -49.33 -58.76 18.33
N ARG XA 33 -50.60 -58.78 18.68
CA ARG XA 33 -51.66 -58.58 17.70
C ARG XA 33 -51.88 -57.09 17.48
N VAL XA 34 -51.58 -56.62 16.26
CA VAL XA 34 -51.61 -55.21 15.91
C VAL XA 34 -52.82 -54.95 15.04
N ARG XA 35 -53.46 -53.81 15.25
CA ARG XA 35 -54.65 -53.42 14.50
C ARG XA 35 -54.23 -52.73 13.22
N LYS XA 36 -54.34 -53.44 12.10
CA LYS XA 36 -54.01 -52.92 10.79
C LYS XA 36 -55.28 -52.45 10.09
N LYS XA 37 -55.10 -51.59 9.09
CA LYS XA 37 -56.20 -50.97 8.36
C LYS XA 37 -55.96 -51.07 6.87
N LYS XA 38 -57.03 -51.30 6.12
CA LYS XA 38 -56.97 -51.34 4.66
C LYS XA 38 -58.33 -50.95 4.10
N LYS XA 39 -58.32 -50.13 3.05
CA LYS XA 39 -59.53 -49.64 2.42
C LYS XA 39 -59.86 -50.45 1.17
N TYR XA 40 -61.12 -50.34 0.76
CA TYR XA 40 -61.59 -50.97 -0.47
C TYR XA 40 -62.67 -50.07 -1.08
N GLN XA 41 -63.13 -50.47 -2.26
CA GLN XA 41 -64.24 -49.81 -2.95
C GLN XA 41 -65.26 -50.85 -3.34
N ALA XA 42 -66.52 -50.59 -3.01
CA ALA XA 42 -67.63 -51.46 -3.32
C ALA XA 42 -68.72 -50.64 -4.00
N HIS XA 43 -69.80 -51.31 -4.37
CA HIS XA 43 -70.92 -50.69 -5.07
C HIS XA 43 -72.24 -51.14 -4.48
N ASP XA 44 -73.15 -50.18 -4.33
CA ASP XA 44 -74.53 -50.44 -3.88
C ASP XA 44 -75.48 -49.82 -4.91
N PRO XA 45 -75.94 -50.60 -5.92
CA PRO XA 45 -76.79 -49.99 -6.96
C PRO XA 45 -78.07 -49.37 -6.44
N ASP XA 46 -78.56 -49.80 -5.27
CA ASP XA 46 -79.68 -49.17 -4.62
C ASP XA 46 -79.30 -47.95 -3.80
N ASN XA 47 -78.00 -47.73 -3.55
CA ASN XA 47 -77.53 -46.62 -2.73
C ASN XA 47 -78.16 -46.66 -1.34
N GLN XA 48 -78.31 -47.87 -0.80
CA GLN XA 48 -78.94 -48.07 0.50
C GLN XA 48 -77.99 -47.84 1.67
N PHE XA 49 -76.77 -47.38 1.43
CA PHE XA 49 -75.77 -47.18 2.47
C PHE XA 49 -75.35 -45.72 2.51
N LYS XA 50 -74.95 -45.29 3.71
CA LYS XA 50 -74.41 -43.95 3.92
C LYS XA 50 -73.34 -44.03 5.00
N VAL XA 51 -72.62 -42.92 5.16
CA VAL XA 51 -71.57 -42.85 6.16
C VAL XA 51 -72.16 -43.08 7.54
N GLY XA 52 -71.40 -43.79 8.39
CA GLY XA 52 -71.84 -44.13 9.72
C GLY XA 52 -72.43 -45.52 9.87
N ASP XA 53 -72.61 -46.24 8.76
CA ASP XA 53 -73.26 -47.55 8.77
C ASP XA 53 -72.23 -48.67 8.80
N TRP XA 54 -72.70 -49.86 9.16
CA TRP XA 54 -71.90 -51.08 9.22
C TRP XA 54 -72.27 -51.95 8.04
N VAL XA 55 -71.25 -52.46 7.33
CA VAL XA 55 -71.46 -53.12 6.05
C VAL XA 55 -70.53 -54.32 5.92
N GLN XA 56 -70.98 -55.31 5.15
CA GLN XA 56 -70.22 -56.51 4.85
C GLN XA 56 -69.92 -56.55 3.34
N LEU XA 57 -68.82 -57.19 3.00
CA LEU XA 57 -68.33 -57.27 1.63
C LEU XA 57 -68.41 -58.69 1.11
N ASP XA 58 -68.46 -58.80 -0.22
CA ASP XA 58 -68.46 -60.08 -0.92
C ASP XA 58 -67.61 -59.97 -2.17
N LYS XA 59 -67.09 -61.12 -2.61
CA LYS XA 59 -66.32 -61.17 -3.85
C LYS XA 59 -67.25 -61.23 -5.05
N CYS XA 60 -66.82 -60.59 -6.14
CA CYS XA 60 -67.58 -60.58 -7.38
C CYS XA 60 -66.62 -60.22 -8.51
N ARG XA 61 -67.12 -60.34 -9.74
CA ARG XA 61 -66.30 -60.01 -10.90
C ARG XA 61 -66.10 -58.50 -10.96
N PRO XA 62 -64.98 -58.03 -11.53
CA PRO XA 62 -64.60 -56.62 -11.36
C PRO XA 62 -65.56 -55.68 -12.09
N ILE XA 63 -65.91 -54.59 -11.42
CA ILE XA 63 -66.78 -53.57 -11.98
C ILE XA 63 -65.98 -52.44 -12.61
N SER XA 64 -64.84 -52.11 -12.01
CA SER XA 64 -63.97 -51.06 -12.52
C SER XA 64 -62.59 -51.24 -11.90
N LYS XA 65 -61.74 -50.25 -12.09
CA LYS XA 65 -60.39 -50.30 -11.56
C LYS XA 65 -60.40 -50.04 -10.06
N THR XA 66 -59.95 -51.03 -9.29
CA THR XA 66 -59.83 -51.04 -7.84
C THR XA 66 -61.18 -51.32 -7.15
N LYS XA 67 -62.29 -51.39 -7.87
CA LYS XA 67 -63.60 -51.70 -7.30
C LYS XA 67 -63.96 -53.12 -7.72
N THR XA 68 -63.74 -54.08 -6.82
CA THR XA 68 -63.94 -55.50 -7.10
C THR XA 68 -64.65 -56.21 -5.96
N PHE XA 69 -65.64 -55.56 -5.35
CA PHE XA 69 -66.38 -56.15 -4.24
C PHE XA 69 -67.83 -55.68 -4.33
N LEU XA 70 -68.67 -56.28 -3.48
CA LEU XA 70 -70.10 -56.00 -3.44
C LEU XA 70 -70.51 -55.83 -1.99
N ALA XA 71 -71.26 -54.76 -1.72
CA ALA XA 71 -71.67 -54.42 -0.36
C ALA XA 71 -72.97 -55.13 -0.02
N VAL XA 72 -72.96 -55.86 1.09
CA VAL XA 72 -74.13 -56.57 1.59
C VAL XA 72 -74.29 -56.27 3.08
N ALA XA 73 -75.41 -56.70 3.62
CA ALA XA 73 -75.71 -56.47 5.03
C ALA XA 73 -74.91 -57.43 5.91
N PRO XA 74 -74.71 -57.10 7.18
CA PRO XA 74 -74.00 -58.03 8.07
C PRO XA 74 -74.86 -59.22 8.46
N GLU XA 75 -74.19 -60.34 8.74
CA GLU XA 75 -74.85 -61.58 9.09
C GLU XA 75 -74.97 -61.73 10.61
N GLY XA 76 -73.83 -61.77 11.30
CA GLY XA 76 -73.81 -61.96 12.74
C GLY XA 76 -73.53 -60.67 13.50
N ARG XA 77 -74.53 -60.21 14.26
CA ARG XA 77 -74.41 -59.00 15.05
C ARG XA 77 -74.97 -59.26 16.45
N GLN XA 78 -74.75 -58.30 17.33
CA GLN XA 78 -75.05 -58.44 18.76
C GLN XA 78 -75.78 -57.21 19.28
N SER XA 79 -76.84 -56.80 18.58
CA SER XA 79 -77.65 -55.67 19.03
C SER XA 79 -78.21 -55.95 20.41
N SER XA 80 -79.11 -56.94 20.50
CA SER XA 80 -79.63 -57.44 21.78
C SER XA 80 -80.12 -56.32 22.68
N ALA XA 81 -80.94 -55.44 22.12
CA ALA XA 81 -81.32 -54.21 22.81
C ALA XA 81 -82.13 -54.52 24.06
N THR XA 82 -81.54 -54.26 25.23
CA THR XA 82 -82.21 -54.35 26.52
C THR XA 82 -82.80 -55.74 26.76
N ARG XA 83 -81.89 -56.75 26.82
CA ARG XA 83 -82.31 -58.10 27.19
C ARG XA 83 -82.27 -58.27 28.71
N PRO XA 84 -83.12 -59.14 29.30
CA PRO XA 84 -82.98 -59.33 30.75
C PRO XA 84 -81.65 -59.96 31.16
N ARG YA 1 -54.49 -11.70 72.04
CA ARG YA 1 -54.34 -12.16 70.66
C ARG YA 1 -52.99 -11.72 70.09
N ILE YA 2 -52.84 -11.90 68.78
CA ILE YA 2 -51.64 -11.49 68.06
C ILE YA 2 -52.08 -10.63 66.89
N ASP YA 3 -51.69 -9.35 66.91
CA ASP YA 3 -52.07 -8.41 65.88
C ASP YA 3 -51.21 -7.16 66.05
N TYR YA 4 -51.44 -6.17 65.19
CA TYR YA 4 -50.62 -4.96 65.18
C TYR YA 4 -51.00 -4.00 66.29
N ARG YA 5 -52.27 -3.92 66.64
CA ARG YA 5 -52.74 -2.96 67.65
C ARG YA 5 -52.39 -3.36 69.08
N ASN YA 6 -51.82 -4.55 69.29
CA ASN YA 6 -51.45 -5.02 70.63
C ASN YA 6 -49.96 -4.72 70.84
N MET YA 7 -49.67 -3.81 71.77
CA MET YA 7 -48.28 -3.44 72.04
C MET YA 7 -47.62 -4.42 73.01
N SER YA 8 -48.35 -4.86 74.03
CA SER YA 8 -47.75 -5.67 75.08
C SER YA 8 -47.27 -7.01 74.55
N LEU YA 9 -48.07 -7.65 73.69
CA LEU YA 9 -47.68 -8.95 73.16
C LEU YA 9 -46.53 -8.84 72.16
N ILE YA 10 -46.51 -7.75 71.38
CA ILE YA 10 -45.47 -7.60 70.37
C ILE YA 10 -44.18 -7.05 70.96
N SER YA 11 -44.27 -6.29 72.05
CA SER YA 11 -43.09 -5.65 72.62
C SER YA 11 -42.17 -6.62 73.35
N ARG YA 12 -42.66 -7.80 73.73
CA ARG YA 12 -41.86 -8.78 74.45
C ARG YA 12 -41.11 -9.75 73.52
N PHE YA 13 -41.27 -9.61 72.20
CA PHE YA 13 -40.57 -10.45 71.22
C PHE YA 13 -39.63 -9.64 70.34
N ILE YA 14 -39.23 -8.45 70.76
CA ILE YA 14 -38.28 -7.62 70.02
C ILE YA 14 -37.01 -7.49 70.84
N SER YA 15 -35.91 -7.23 70.14
CA SER YA 15 -34.62 -7.03 70.80
C SER YA 15 -34.51 -5.60 71.32
N GLU YA 16 -33.41 -5.31 71.99
CA GLU YA 16 -33.15 -3.95 72.45
C GLU YA 16 -33.03 -2.96 71.29
N GLN YA 17 -32.61 -3.43 70.12
CA GLN YA 17 -32.51 -2.60 68.93
C GLN YA 17 -33.77 -2.61 68.07
N GLY YA 18 -34.80 -3.36 68.47
CA GLY YA 18 -36.04 -3.42 67.72
C GLY YA 18 -36.09 -4.47 66.64
N LYS YA 19 -35.17 -5.43 66.65
CA LYS YA 19 -35.14 -6.49 65.66
C LYS YA 19 -36.03 -7.64 66.10
N ILE YA 20 -36.33 -8.53 65.15
CA ILE YA 20 -37.18 -9.68 65.38
C ILE YA 20 -36.33 -10.83 65.88
N LEU YA 21 -36.78 -11.47 66.96
CA LEU YA 21 -36.06 -12.59 67.53
C LEU YA 21 -36.41 -13.89 66.81
N SER YA 22 -35.58 -14.90 66.99
CA SER YA 22 -35.76 -16.18 66.32
C SER YA 22 -36.83 -17.00 67.03
N ARG YA 23 -37.36 -17.99 66.30
CA ARG YA 23 -38.42 -18.84 66.85
C ARG YA 23 -37.94 -19.61 68.07
N ARG YA 24 -36.65 -19.97 68.12
CA ARG YA 24 -36.15 -20.80 69.20
C ARG YA 24 -36.27 -20.09 70.54
N VAL YA 25 -35.75 -18.87 70.64
CA VAL YA 25 -35.81 -18.14 71.89
C VAL YA 25 -37.26 -17.76 72.22
N ASN YA 26 -38.07 -17.46 71.21
CA ASN YA 26 -39.46 -17.12 71.46
C ASN YA 26 -40.32 -18.34 71.80
N ARG YA 27 -39.90 -19.53 71.38
CA ARG YA 27 -40.61 -20.77 71.69
C ARG YA 27 -42.06 -20.75 71.18
N LEU YA 28 -42.23 -20.25 69.96
CA LEU YA 28 -43.53 -20.16 69.32
C LEU YA 28 -43.70 -21.31 68.33
N THR YA 29 -44.87 -21.39 67.72
CA THR YA 29 -45.18 -22.33 66.66
C THR YA 29 -45.04 -21.64 65.30
N LEU YA 30 -45.35 -22.38 64.25
CA LEU YA 30 -45.24 -21.84 62.90
C LEU YA 30 -46.29 -20.75 62.65
N LYS YA 31 -47.56 -21.07 62.92
CA LYS YA 31 -48.62 -20.09 62.74
C LYS YA 31 -48.39 -18.87 63.61
N GLN YA 32 -47.84 -19.06 64.81
CA GLN YA 32 -47.56 -17.94 65.69
C GLN YA 32 -46.41 -17.09 65.18
N GLN YA 33 -45.31 -17.74 64.79
CA GLN YA 33 -44.10 -17.00 64.42
C GLN YA 33 -44.31 -16.16 63.17
N ARG YA 34 -45.04 -16.67 62.19
CA ARG YA 34 -45.27 -15.93 60.96
C ARG YA 34 -46.08 -14.66 61.21
N LEU YA 35 -46.91 -14.65 62.25
CA LEU YA 35 -47.73 -13.49 62.56
C LEU YA 35 -46.95 -12.42 63.31
N ILE YA 36 -46.00 -12.85 64.16
CA ILE YA 36 -45.16 -11.88 64.85
C ILE YA 36 -44.33 -11.08 63.85
N THR YA 37 -43.91 -11.73 62.76
CA THR YA 37 -43.24 -11.02 61.69
C THR YA 37 -44.17 -10.01 61.03
N SER YA 38 -45.38 -10.45 60.68
CA SER YA 38 -46.34 -9.54 60.03
C SER YA 38 -46.74 -8.41 60.97
N ALA YA 39 -47.09 -8.75 62.22
CA ALA YA 39 -47.55 -7.75 63.16
C ALA YA 39 -46.49 -6.69 63.42
N ILE YA 40 -45.21 -7.07 63.39
CA ILE YA 40 -44.14 -6.10 63.60
C ILE YA 40 -43.91 -5.29 62.34
N LYS YA 41 -43.79 -5.96 61.18
CA LYS YA 41 -43.56 -5.25 59.93
C LYS YA 41 -44.68 -4.29 59.60
N GLN YA 42 -45.92 -4.66 59.94
CA GLN YA 42 -47.03 -3.71 59.81
C GLN YA 42 -46.83 -2.51 60.71
N ALA YA 43 -46.56 -2.76 61.99
CA ALA YA 43 -46.49 -1.68 62.97
C ALA YA 43 -45.36 -0.70 62.67
N ARG YA 44 -44.26 -1.18 62.08
CA ARG YA 44 -43.14 -0.29 61.78
C ARG YA 44 -43.53 0.74 60.73
N ILE YA 45 -44.35 0.34 59.76
CA ILE YA 45 -44.81 1.30 58.76
C ILE YA 45 -45.72 2.34 59.40
N LEU YA 46 -46.47 1.94 60.42
CA LEU YA 46 -47.37 2.86 61.13
C LEU YA 46 -46.64 3.74 62.14
N SER YA 47 -45.33 3.57 62.32
CA SER YA 47 -44.53 4.32 63.29
C SER YA 47 -44.89 3.97 64.73
N LEU YA 48 -45.63 2.89 64.96
CA LEU YA 48 -45.86 2.39 66.30
C LEU YA 48 -44.62 1.80 66.93
N LEU YA 49 -43.59 1.51 66.13
CA LEU YA 49 -42.39 0.86 66.63
C LEU YA 49 -41.27 1.18 65.64
N PRO YA 50 -40.08 1.56 66.07
CA PRO YA 50 -39.09 2.03 65.12
C PRO YA 50 -38.49 0.90 64.30
N PHE YA 51 -38.04 1.25 63.09
CA PHE YA 51 -37.41 0.28 62.21
C PHE YA 51 -36.12 -0.25 62.84
N LEU YA 52 -35.28 0.64 63.33
CA LEU YA 52 -34.03 0.32 63.98
C LEU YA 52 -34.07 0.81 65.43
N ASN YA 53 -32.93 0.72 66.11
CA ASN YA 53 -32.75 0.95 67.57
C ASN YA 53 -33.98 0.75 68.45
N LEU ZA 1 81.13 -33.24 48.21
CA LEU ZA 1 82.57 -33.29 48.01
C LEU ZA 1 83.18 -34.54 48.66
N LYS ZA 2 82.49 -35.08 49.67
CA LYS ZA 2 82.96 -36.29 50.32
C LYS ZA 2 83.00 -37.46 49.35
N LYS ZA 3 82.12 -37.47 48.36
CA LYS ZA 3 82.09 -38.50 47.32
C LYS ZA 3 82.30 -37.85 45.96
N ASN ZA 4 82.79 -38.64 45.02
CA ASN ZA 4 83.00 -38.17 43.67
C ASN ZA 4 81.67 -38.09 42.91
N PRO ZA 5 81.60 -37.29 41.85
CA PRO ZA 5 80.35 -37.21 41.09
C PRO ZA 5 80.06 -38.51 40.37
N PHE ZA 6 78.80 -38.64 39.94
CA PHE ZA 6 78.36 -39.86 39.27
C PHE ZA 6 78.77 -39.82 37.80
N VAL ZA 7 79.54 -40.82 37.39
CA VAL ZA 7 79.91 -41.00 35.99
C VAL ZA 7 79.96 -42.50 35.72
N ALA ZA 8 79.06 -42.97 34.85
CA ALA ZA 8 78.92 -44.40 34.62
C ALA ZA 8 80.16 -44.97 33.94
N ASN ZA 9 80.29 -46.29 34.04
CA ASN ZA 9 81.46 -46.97 33.47
C ASN ZA 9 81.36 -47.06 31.96
N HIS ZA 10 80.17 -47.36 31.42
CA HIS ZA 10 80.02 -47.45 29.98
C HIS ZA 10 80.30 -46.12 29.29
N LEU ZA 11 80.02 -45.01 29.99
CA LEU ZA 11 80.35 -43.69 29.45
C LEU ZA 11 81.81 -43.36 29.68
N LEU ZA 12 82.32 -43.65 30.88
CA LEU ZA 12 83.70 -43.30 31.22
C LEU ZA 12 84.69 -43.99 30.28
N ARG ZA 13 84.41 -45.24 29.90
CA ARG ZA 13 85.31 -45.94 29.01
C ARG ZA 13 85.36 -45.28 27.63
N LYS ZA 14 84.19 -44.92 27.09
CA LYS ZA 14 84.15 -44.32 25.76
C LYS ZA 14 84.81 -42.96 25.76
N ILE ZA 15 84.59 -42.16 26.80
CA ILE ZA 15 85.26 -40.86 26.89
C ILE ZA 15 86.76 -41.04 27.00
N GLU ZA 16 87.20 -41.92 27.90
CA GLU ZA 16 88.63 -42.17 28.06
C GLU ZA 16 89.23 -42.81 26.82
N LYS ZA 17 88.44 -43.61 26.10
CA LYS ZA 17 88.94 -44.26 24.90
C LYS ZA 17 89.31 -43.25 23.82
N LEU ZA 18 88.54 -42.17 23.72
CA LEU ZA 18 88.75 -41.20 22.64
C LEU ZA 18 89.81 -40.16 22.97
N ASN ZA 19 90.16 -40.00 24.25
CA ASN ZA 19 91.21 -39.05 24.61
C ASN ZA 19 92.55 -39.47 24.04
N LYS ZA 20 92.79 -40.78 23.89
CA LYS ZA 20 94.02 -41.24 23.26
C LYS ZA 20 94.09 -40.81 21.81
N LYS ZA 21 92.96 -40.83 21.10
CA LYS ZA 21 92.93 -40.48 19.68
C LYS ZA 21 92.71 -38.99 19.45
N ALA ZA 22 91.92 -38.34 20.30
CA ALA ZA 22 91.63 -36.91 20.19
C ALA ZA 22 91.01 -36.56 18.84
N GLU ZA 23 89.82 -37.11 18.61
CA GLU ZA 23 89.11 -36.90 17.35
C GLU ZA 23 87.62 -37.12 17.58
N LYS ZA 24 86.82 -36.54 16.70
CA LYS ZA 24 85.37 -36.66 16.81
C LYS ZA 24 84.94 -38.09 16.47
N GLU ZA 25 84.24 -38.71 17.41
CA GLU ZA 25 83.73 -40.07 17.27
C GLU ZA 25 82.31 -40.13 17.84
N ILE ZA 26 81.44 -39.26 17.30
CA ILE ZA 26 80.10 -38.95 17.80
C ILE ZA 26 79.37 -40.19 18.31
N ILE ZA 27 78.83 -40.09 19.53
CA ILE ZA 27 78.43 -41.25 20.31
C ILE ZA 27 77.07 -40.98 20.95
N VAL ZA 28 76.32 -42.06 21.16
CA VAL ZA 28 75.02 -42.01 21.81
C VAL ZA 28 75.18 -42.46 23.26
N THR ZA 29 74.30 -41.95 24.12
CA THR ZA 29 74.31 -42.27 25.54
C THR ZA 29 72.88 -42.43 26.03
N TRP ZA 30 72.74 -42.88 27.27
CA TRP ZA 30 71.45 -42.99 27.92
C TRP ZA 30 71.42 -42.47 29.35
N SER ZA 31 72.55 -42.38 30.04
CA SER ZA 31 72.57 -41.95 31.44
C SER ZA 31 72.54 -40.42 31.49
N ARG ZA 32 71.40 -39.87 31.86
CA ARG ZA 32 71.24 -38.42 31.97
C ARG ZA 32 71.76 -37.85 33.28
N ALA ZA 33 71.99 -38.70 34.29
CA ALA ZA 33 72.46 -38.26 35.60
C ALA ZA 33 73.99 -38.25 35.70
N SER ZA 34 74.69 -38.24 34.57
CA SER ZA 34 76.14 -38.26 34.57
C SER ZA 34 76.69 -36.84 34.62
N THR ZA 35 77.76 -36.66 35.38
CA THR ZA 35 78.41 -35.37 35.53
C THR ZA 35 79.48 -35.19 34.46
N ILE ZA 36 79.67 -33.94 34.04
CA ILE ZA 36 80.56 -33.61 32.94
C ILE ZA 36 81.93 -33.30 33.52
N ILE ZA 37 82.87 -34.22 33.33
CA ILE ZA 37 84.27 -34.01 33.71
C ILE ZA 37 84.87 -33.17 32.59
N PRO ZA 38 85.85 -32.30 32.85
CA PRO ZA 38 86.43 -31.52 31.74
C PRO ZA 38 87.22 -32.34 30.72
N THR ZA 39 87.39 -33.64 30.91
CA THR ZA 39 88.06 -34.45 29.91
C THR ZA 39 87.22 -34.57 28.64
N MET ZA 40 85.90 -34.56 28.76
CA MET ZA 40 84.99 -34.57 27.62
C MET ZA 40 84.63 -33.15 27.20
N ILE ZA 41 85.67 -32.33 27.01
CA ILE ZA 41 85.54 -30.95 26.53
C ILE ZA 41 85.88 -30.92 25.05
N GLY ZA 42 85.10 -30.16 24.30
CA GLY ZA 42 85.26 -30.09 22.85
C GLY ZA 42 84.60 -31.23 22.10
N HIS ZA 43 84.13 -32.26 22.80
CA HIS ZA 43 83.46 -33.38 22.16
C HIS ZA 43 82.00 -33.01 21.86
N THR ZA 44 81.29 -33.95 21.23
CA THR ZA 44 79.86 -33.82 20.98
C THR ZA 44 79.21 -35.13 21.40
N ILE ZA 45 78.13 -35.03 22.17
CA ILE ZA 45 77.48 -36.18 22.79
C ILE ZA 45 75.99 -36.09 22.53
N ALA ZA 46 75.37 -37.25 22.30
CA ALA ZA 46 73.95 -37.35 22.00
C ALA ZA 46 73.25 -37.97 23.20
N ILE ZA 47 72.29 -37.25 23.77
CA ILE ZA 47 71.67 -37.60 25.04
C ILE ZA 47 70.25 -38.10 24.77
N HIS ZA 48 69.91 -39.24 25.37
CA HIS ZA 48 68.63 -39.91 25.12
C HIS ZA 48 67.54 -39.24 25.94
N ASN ZA 49 66.66 -38.49 25.26
CA ASN ZA 49 65.42 -38.04 25.89
C ASN ZA 49 64.42 -39.19 25.84
N GLY ZA 50 63.15 -38.90 26.08
CA GLY ZA 50 62.14 -39.95 25.97
C GLY ZA 50 62.08 -40.56 24.59
N ARG ZA 51 62.29 -39.75 23.54
CA ARG ZA 51 62.11 -40.19 22.16
C ARG ZA 51 63.41 -40.64 21.51
N GLU ZA 52 64.38 -39.73 21.36
CA GLU ZA 52 65.61 -40.04 20.62
C GLU ZA 52 66.83 -39.45 21.30
N HIS ZA 53 67.96 -39.40 20.58
CA HIS ZA 53 69.20 -38.83 21.07
C HIS ZA 53 69.39 -37.43 20.48
N LEU ZA 54 69.88 -36.50 21.32
CA LEU ZA 54 70.07 -35.11 20.95
C LEU ZA 54 71.55 -34.75 20.94
N PRO ZA 55 72.22 -34.73 19.78
CA PRO ZA 55 73.63 -34.31 19.75
C PRO ZA 55 73.79 -32.88 20.19
N ILE ZA 56 74.65 -32.67 21.20
CA ILE ZA 56 74.92 -31.35 21.76
C ILE ZA 56 76.42 -31.20 21.93
N TYR ZA 57 76.94 -30.03 21.59
CA TYR ZA 57 78.36 -29.73 21.76
C TYR ZA 57 78.62 -29.28 23.20
N ILE ZA 58 79.77 -29.67 23.73
CA ILE ZA 58 80.13 -29.41 25.11
C ILE ZA 58 80.91 -28.10 25.18
N THR ZA 59 80.48 -27.20 26.06
CA THR ZA 59 81.13 -25.93 26.30
C THR ZA 59 81.81 -25.94 27.68
N ASP ZA 60 82.84 -25.10 27.82
CA ASP ZA 60 83.62 -25.06 29.05
C ASP ZA 60 82.80 -24.63 30.27
N ARG ZA 61 81.64 -24.02 30.06
CA ARG ZA 61 80.76 -23.60 31.13
C ARG ZA 61 79.67 -24.63 31.43
N MET ZA 62 79.96 -25.91 31.21
CA MET ZA 62 79.03 -27.01 31.45
C MET ZA 62 79.57 -28.03 32.44
N VAL ZA 63 80.68 -27.73 33.12
CA VAL ZA 63 81.43 -28.76 33.84
C VAL ZA 63 80.63 -29.28 35.02
N GLY ZA 64 80.26 -28.39 35.95
CA GLY ZA 64 79.62 -28.84 37.18
C GLY ZA 64 78.27 -29.49 36.97
N HIS ZA 65 77.60 -29.15 35.87
CA HIS ZA 65 76.26 -29.66 35.63
C HIS ZA 65 76.28 -31.03 34.97
N LYS ZA 66 75.11 -31.66 34.92
CA LYS ZA 66 74.94 -32.98 34.36
C LYS ZA 66 74.40 -32.89 32.93
N LEU ZA 67 74.33 -34.05 32.27
CA LEU ZA 67 73.92 -34.10 30.87
C LEU ZA 67 72.42 -33.82 30.74
N GLY ZA 68 71.61 -34.33 31.66
CA GLY ZA 68 70.17 -34.28 31.52
C GLY ZA 68 69.58 -32.89 31.53
N GLU ZA 69 70.31 -31.90 32.06
CA GLU ZA 69 69.79 -30.55 32.11
C GLU ZA 69 69.64 -29.95 30.71
N PHE ZA 70 70.42 -30.43 29.74
CA PHE ZA 70 70.39 -29.93 28.37
C PHE ZA 70 69.51 -30.76 27.44
N ALA ZA 71 69.00 -31.90 27.90
CA ALA ZA 71 68.19 -32.80 27.08
C ALA ZA 71 66.73 -32.73 27.54
N PRO ZA 72 65.95 -31.75 27.07
CA PRO ZA 72 64.55 -31.69 27.45
C PRO ZA 72 63.75 -32.85 26.84
N THR ZA 73 62.70 -33.23 27.56
CA THR ZA 73 61.86 -34.37 27.16
C THR ZA 73 60.38 -34.10 27.37
N LEU ZA 74 59.96 -32.84 27.44
CA LEU ZA 74 58.57 -32.47 27.64
C LEU ZA 74 57.90 -31.97 26.37
N ASN ZA 75 58.62 -31.21 25.54
CA ASN ZA 75 58.19 -30.88 24.18
C ASN ZA 75 56.87 -30.11 24.19
N PHE ZA 76 56.92 -28.91 24.76
CA PHE ZA 76 55.77 -28.00 24.82
C PHE ZA 76 56.14 -26.69 24.16
N ARG ZA 77 55.38 -26.31 23.13
CA ARG ZA 77 55.61 -25.06 22.39
C ARG ZA 77 54.64 -23.98 22.83
N GLY ZA 78 53.34 -24.25 22.72
CA GLY ZA 78 52.32 -23.28 23.08
C GLY ZA 78 51.05 -23.98 23.52
N HIS ZA 79 50.10 -23.19 24.01
CA HIS ZA 79 48.87 -23.70 24.56
C HIS ZA 79 47.75 -23.63 23.53
N ALA ZA 80 46.87 -24.64 23.55
CA ALA ZA 80 45.68 -24.70 22.72
C ALA ZA 80 46.00 -24.82 21.23
N LYS ZA 81 47.23 -25.14 20.88
CA LYS ZA 81 47.65 -25.29 19.48
C LYS ZA 81 47.82 -26.76 19.14
N LEU AB 1 -28.58 -76.84 -56.54
CA LEU AB 1 -29.61 -75.81 -56.62
C LEU AB 1 -29.97 -75.32 -55.23
N LYS AB 2 -30.79 -74.27 -55.16
CA LYS AB 2 -31.19 -73.71 -53.88
C LYS AB 2 -31.92 -74.75 -53.03
N LYS AB 3 -31.72 -74.66 -51.72
CA LYS AB 3 -32.32 -75.58 -50.77
C LYS AB 3 -33.65 -75.01 -50.26
N ALA AB 4 -34.24 -75.72 -49.30
CA ALA AB 4 -35.51 -75.32 -48.73
C ALA AB 4 -35.30 -74.44 -47.51
N ASP AB 5 -36.37 -73.77 -47.10
CA ASP AB 5 -36.35 -72.92 -45.90
C ASP AB 5 -37.78 -72.86 -45.38
N SER AB 6 -38.07 -73.66 -44.34
CA SER AB 6 -39.42 -73.72 -43.81
C SER AB 6 -39.83 -72.40 -43.17
N ALA AB 7 -38.88 -71.66 -42.61
CA ALA AB 7 -39.20 -70.36 -42.02
C ALA AB 7 -39.67 -69.38 -43.09
N ALA AB 8 -38.98 -69.36 -44.23
CA ALA AB 8 -39.40 -68.50 -45.32
C ALA AB 8 -40.74 -68.92 -45.89
N LYS AB 9 -41.04 -70.22 -45.84
CA LYS AB 9 -42.33 -70.71 -46.33
C LYS AB 9 -43.47 -70.16 -45.51
N ARG AB 10 -43.29 -70.04 -44.19
CA ARG AB 10 -44.32 -69.46 -43.35
C ARG AB 10 -44.49 -67.98 -43.63
N THR AB 11 -43.42 -67.30 -44.05
CA THR AB 11 -43.55 -65.90 -44.45
C THR AB 11 -44.36 -65.77 -45.72
N ARG AB 12 -44.16 -66.67 -46.69
CA ARG AB 12 -44.92 -66.63 -47.92
C ARG AB 12 -46.40 -66.91 -47.67
N GLN AB 13 -46.69 -67.90 -46.83
CA GLN AB 13 -48.08 -68.25 -46.55
C GLN AB 13 -48.78 -67.14 -45.78
N ALA AB 14 -48.06 -66.48 -44.86
CA ALA AB 14 -48.68 -65.45 -44.04
C ALA AB 14 -49.14 -64.26 -44.87
N GLU AB 15 -48.36 -63.90 -45.89
CA GLU AB 15 -48.74 -62.77 -46.73
C GLU AB 15 -50.00 -63.10 -47.53
N THR AB 16 -50.11 -64.32 -48.03
CA THR AB 16 -51.32 -64.73 -48.74
C THR AB 16 -52.52 -64.74 -47.81
N ARG AB 17 -52.36 -65.34 -46.63
CA ARG AB 17 -53.45 -65.36 -45.66
C ARG AB 17 -53.76 -63.96 -45.14
N ARG AB 18 -52.76 -63.08 -45.11
CA ARG AB 18 -53.00 -61.70 -44.70
C ARG AB 18 -53.94 -61.00 -45.67
N LEU AB 19 -53.68 -61.14 -46.97
CA LEU AB 19 -54.52 -60.49 -47.97
C LEU AB 19 -55.93 -61.07 -47.96
N ARG AB 20 -56.04 -62.38 -47.76
CA ARG AB 20 -57.35 -63.00 -47.60
C ARG AB 20 -58.06 -62.44 -46.38
N ASN AB 21 -57.39 -62.46 -45.23
CA ASN AB 21 -58.02 -62.02 -43.99
C ASN AB 21 -58.26 -60.52 -43.99
N LYS AB 22 -57.33 -59.75 -44.57
CA LYS AB 22 -57.49 -58.30 -44.63
C LYS AB 22 -58.70 -57.93 -45.46
N ALA AB 23 -58.84 -58.54 -46.65
CA ALA AB 23 -60.01 -58.27 -47.48
C ALA AB 23 -61.28 -58.81 -46.83
N ARG AB 24 -61.19 -59.97 -46.19
CA ARG AB 24 -62.36 -60.58 -45.58
C ARG AB 24 -62.89 -59.75 -44.42
N LYS AB 25 -62.01 -59.02 -43.71
CA LYS AB 25 -62.44 -58.14 -42.64
C LYS AB 25 -63.03 -56.85 -43.18
N SER AB 26 -62.44 -56.30 -44.24
CA SER AB 26 -62.92 -55.04 -44.79
C SER AB 26 -64.31 -55.18 -45.39
N GLU AB 27 -64.65 -56.37 -45.90
CA GLU AB 27 -66.02 -56.60 -46.34
C GLU AB 27 -67.01 -56.41 -45.20
N VAL AB 28 -66.66 -56.91 -44.01
CA VAL AB 28 -67.51 -56.74 -42.85
C VAL AB 28 -67.60 -55.27 -42.45
N LYS AB 29 -66.56 -54.49 -42.77
CA LYS AB 29 -66.53 -53.09 -42.38
C LYS AB 29 -67.46 -52.26 -43.26
N THR AB 30 -67.38 -52.44 -44.58
CA THR AB 30 -68.13 -51.58 -45.49
C THR AB 30 -69.62 -51.88 -45.43
N ARG AB 31 -69.99 -53.15 -45.31
CA ARG AB 31 -71.41 -53.51 -45.31
C ARG AB 31 -72.12 -52.98 -44.08
N MET AB 32 -71.41 -52.82 -42.96
CA MET AB 32 -72.00 -52.16 -41.81
C MET AB 32 -72.22 -50.68 -42.07
N ARG AB 33 -71.30 -50.05 -42.80
CA ARG AB 33 -71.39 -48.61 -43.05
C ARG AB 33 -72.64 -48.27 -43.85
N LYS AB 34 -73.06 -49.16 -44.75
CA LYS AB 34 -74.30 -48.94 -45.48
C LYS AB 34 -75.49 -48.90 -44.54
N VAL AB 35 -75.43 -49.66 -43.45
CA VAL AB 35 -76.56 -49.71 -42.52
C VAL AB 35 -76.62 -48.44 -41.68
N PHE AB 36 -75.51 -48.08 -41.04
CA PHE AB 36 -75.52 -46.95 -40.11
C PHE AB 36 -75.72 -45.63 -40.85
N GLU AB 37 -75.17 -45.50 -42.06
CA GLU AB 37 -75.44 -44.32 -42.86
C GLU AB 37 -76.91 -44.22 -43.25
N ALA AB 38 -77.62 -45.35 -43.29
CA ALA AB 38 -79.05 -45.32 -43.55
C ALA AB 38 -79.83 -45.00 -42.28
N LEU AB 39 -79.52 -45.70 -41.19
CA LEU AB 39 -80.22 -45.47 -39.93
C LEU AB 39 -80.05 -44.04 -39.45
N ASP AB 40 -78.88 -43.44 -39.68
CA ASP AB 40 -78.72 -42.03 -39.40
C ASP AB 40 -79.61 -41.18 -40.29
N ALA AB 41 -79.84 -41.62 -41.54
CA ALA AB 41 -80.74 -40.91 -42.43
C ALA AB 41 -82.20 -41.18 -42.10
N LEU AB 42 -82.52 -42.41 -41.69
CA LEU AB 42 -83.90 -42.76 -41.37
C LEU AB 42 -84.37 -42.16 -40.04
N LYS AB 43 -83.43 -41.84 -39.14
CA LYS AB 43 -83.82 -41.26 -37.85
C LYS AB 43 -84.13 -39.78 -37.99
N LYS AB 44 -83.29 -39.03 -38.70
CA LYS AB 44 -83.53 -37.60 -38.88
C LYS AB 44 -84.79 -37.34 -39.67
N LYS AB 45 -85.17 -38.27 -40.54
CA LYS AB 45 -86.43 -38.14 -41.28
C LYS AB 45 -87.60 -38.37 -40.34
N SER AB 46 -88.54 -37.43 -40.32
CA SER AB 46 -89.66 -37.48 -39.39
C SER AB 46 -90.82 -38.35 -39.88
N GLY AB 47 -90.78 -38.82 -41.13
CA GLY AB 47 -91.84 -39.65 -41.66
C GLY AB 47 -91.68 -41.12 -41.33
N ALA AB 48 -92.49 -41.62 -40.41
CA ALA AB 48 -92.45 -43.02 -40.03
C ALA AB 48 -93.05 -43.88 -41.14
N SER AB 49 -92.41 -45.01 -41.44
CA SER AB 49 -92.87 -45.89 -42.49
C SER AB 49 -92.30 -47.29 -42.26
N THR AB 50 -93.16 -48.30 -42.44
CA THR AB 50 -92.72 -49.68 -42.32
C THR AB 50 -92.03 -50.18 -43.59
N GLU AB 51 -92.43 -49.65 -44.75
CA GLU AB 51 -91.85 -50.10 -46.01
C GLU AB 51 -90.35 -49.79 -46.08
N GLU AB 52 -89.92 -48.73 -45.42
CA GLU AB 52 -88.52 -48.31 -45.48
C GLU AB 52 -87.58 -49.21 -44.68
N LEU AB 53 -88.12 -50.15 -43.90
CA LEU AB 53 -87.30 -51.09 -43.14
C LEU AB 53 -86.91 -52.33 -43.95
N VAL AB 54 -87.45 -52.49 -45.15
CA VAL AB 54 -87.17 -53.68 -45.96
C VAL AB 54 -85.79 -53.58 -46.61
N PRO AB 55 -85.35 -52.43 -47.13
CA PRO AB 55 -83.94 -52.35 -47.58
C PRO AB 55 -82.95 -52.61 -46.46
N ILE AB 56 -83.26 -52.17 -45.25
CA ILE AB 56 -82.41 -52.46 -44.10
C ILE AB 56 -82.42 -53.96 -43.82
N ASP AB 57 -83.57 -54.61 -44.00
CA ASP AB 57 -83.65 -56.05 -43.86
C ASP AB 57 -82.87 -56.77 -44.95
N ASN AB 58 -82.57 -56.10 -46.06
CA ASN AB 58 -81.72 -56.68 -47.08
C ASN AB 58 -80.24 -56.53 -46.71
N LEU AB 59 -79.88 -55.39 -46.11
CA LEU AB 59 -78.49 -55.15 -45.75
C LEU AB 59 -78.07 -55.98 -44.54
N ILE AB 60 -78.98 -56.16 -43.58
CA ILE AB 60 -78.66 -56.95 -42.39
C ILE AB 60 -78.36 -58.39 -42.78
N ALA AB 61 -79.00 -58.90 -43.83
CA ALA AB 61 -78.68 -60.23 -44.32
C ALA AB 61 -77.32 -60.23 -45.01
N GLU AB 62 -76.98 -59.16 -45.71
CA GLU AB 62 -75.66 -59.05 -46.31
C GLU AB 62 -74.59 -58.92 -45.23
N ALA AB 63 -74.92 -58.32 -44.09
CA ALA AB 63 -73.96 -58.19 -42.99
C ALA AB 63 -73.78 -59.52 -42.28
N TYR AB 64 -74.88 -60.18 -41.89
CA TYR AB 64 -74.77 -61.48 -41.25
C TYR AB 64 -74.12 -62.51 -42.18
N SER AB 65 -74.34 -62.38 -43.48
CA SER AB 65 -73.69 -63.28 -44.43
C SER AB 65 -72.18 -63.07 -44.42
N ALA AB 66 -71.73 -61.82 -44.49
CA ALA AB 66 -70.31 -61.53 -44.49
C ALA AB 66 -69.68 -61.93 -43.15
N ILE AB 67 -70.39 -61.72 -42.05
CA ILE AB 67 -69.85 -62.05 -40.74
C ILE AB 67 -69.80 -63.57 -40.55
N ASP AB 68 -70.94 -64.23 -40.77
CA ASP AB 68 -71.00 -65.68 -40.53
C ASP AB 68 -70.05 -66.44 -41.44
N LYS AB 69 -69.94 -66.02 -42.70
CA LYS AB 69 -68.98 -66.64 -43.61
C LYS AB 69 -67.55 -66.42 -43.12
N ALA AB 70 -67.30 -65.32 -42.41
CA ALA AB 70 -65.97 -65.07 -41.88
C ALA AB 70 -65.67 -65.94 -40.67
N VAL AB 71 -66.69 -66.28 -39.87
CA VAL AB 71 -66.48 -67.17 -38.74
C VAL AB 71 -66.08 -68.56 -39.22
N VAL AB 72 -66.54 -68.96 -40.40
CA VAL AB 72 -66.13 -70.24 -40.97
C VAL AB 72 -64.63 -70.24 -41.22
N LYS AB 73 -64.09 -69.11 -41.69
CA LYS AB 73 -62.67 -68.96 -41.91
C LYS AB 73 -61.99 -68.54 -40.61
N GLY AB 74 -60.66 -68.46 -40.65
CA GLY AB 74 -59.88 -68.28 -39.43
C GLY AB 74 -59.66 -66.85 -39.02
N THR AB 75 -60.55 -65.93 -39.42
CA THR AB 75 -60.40 -64.54 -39.03
C THR AB 75 -60.98 -64.28 -37.65
N LEU AB 76 -62.28 -64.50 -37.48
CA LEU AB 76 -63.01 -64.07 -36.31
C LEU AB 76 -63.40 -65.25 -35.44
N HIS AB 77 -63.44 -65.00 -34.13
CA HIS AB 77 -63.93 -65.97 -33.17
C HIS AB 77 -65.45 -65.85 -33.07
N ARG AB 78 -66.09 -66.93 -32.63
CA ARG AB 78 -67.55 -66.99 -32.64
C ARG AB 78 -68.15 -65.94 -31.71
N ASN AB 79 -67.54 -65.72 -30.54
CA ASN AB 79 -68.02 -64.68 -29.64
C ASN AB 79 -67.83 -63.29 -30.22
N THR AB 80 -66.84 -63.10 -31.09
CA THR AB 80 -66.63 -61.80 -31.70
C THR AB 80 -67.78 -61.47 -32.64
N ALA AB 81 -68.18 -62.43 -33.48
CA ALA AB 81 -69.27 -62.19 -34.42
C ALA AB 81 -70.57 -61.88 -33.69
N ALA AB 82 -70.79 -62.49 -32.53
CA ALA AB 82 -71.99 -62.21 -31.76
C ALA AB 82 -72.02 -60.76 -31.29
N ARG AB 83 -70.86 -60.15 -31.07
CA ARG AB 83 -70.81 -58.76 -30.64
C ARG AB 83 -71.08 -57.81 -31.81
N ARG AB 84 -70.57 -58.14 -33.00
CA ARG AB 84 -70.86 -57.32 -34.17
C ARG AB 84 -72.32 -57.41 -34.56
N LYS AB 85 -72.87 -58.63 -34.62
CA LYS AB 85 -74.27 -58.80 -34.98
C LYS AB 85 -75.18 -58.17 -33.94
N SER AB 86 -74.81 -58.27 -32.66
CA SER AB 86 -75.60 -57.63 -31.61
C SER AB 86 -75.57 -56.12 -31.73
N ARG AB 87 -74.43 -55.56 -32.15
CA ARG AB 87 -74.36 -54.11 -32.34
C ARG AB 87 -75.29 -53.65 -33.45
N LEU AB 88 -75.50 -54.49 -34.47
CA LEU AB 88 -76.44 -54.15 -35.53
C LEU AB 88 -77.88 -54.24 -35.02
N ALA AB 89 -78.21 -55.34 -34.35
CA ALA AB 89 -79.56 -55.51 -33.79
C ALA AB 89 -79.83 -54.49 -32.70
N ARG AB 90 -78.82 -54.18 -31.89
CA ARG AB 90 -79.01 -53.20 -30.82
C ARG AB 90 -79.25 -51.81 -31.38
N ASN AB 91 -78.40 -51.38 -32.30
CA ASN AB 91 -78.55 -50.05 -32.89
C ASN AB 91 -79.79 -49.97 -33.77
N LYS AB 92 -80.25 -51.09 -34.31
CA LYS AB 92 -81.49 -51.10 -35.07
C LYS AB 92 -82.68 -50.76 -34.17
N LYS AB 93 -82.72 -51.34 -32.97
CA LYS AB 93 -83.83 -51.09 -32.06
C LYS AB 93 -83.87 -49.66 -31.55
N VAL AB 94 -82.75 -48.93 -31.66
CA VAL AB 94 -82.75 -47.53 -31.23
C VAL AB 94 -83.70 -46.72 -32.10
N VAL AB 95 -83.66 -46.93 -33.41
CA VAL AB 95 -84.59 -46.27 -34.31
C VAL AB 95 -86.02 -46.76 -34.04
N GLU AB 96 -86.16 -48.04 -33.68
CA GLU AB 96 -87.47 -48.59 -33.39
C GLU AB 96 -88.04 -48.00 -32.11
N ILE AB 97 -87.19 -47.85 -31.09
CA ILE AB 97 -87.67 -47.40 -29.78
C ILE AB 97 -87.70 -45.88 -29.70
N HIS AB 98 -86.78 -45.19 -30.37
CA HIS AB 98 -86.82 -43.73 -30.42
C HIS AB 98 -88.12 -43.24 -31.06
N HIS AB 99 -88.57 -43.94 -32.10
CA HIS AB 99 -89.83 -43.63 -32.77
C HIS AB 99 -90.94 -44.49 -32.16
N GLY AB 100 -92.12 -44.45 -32.75
CA GLY AB 100 -93.30 -45.06 -32.17
C GLY AB 100 -93.44 -46.56 -32.35
N TRP AB 101 -92.52 -47.22 -33.05
CA TRP AB 101 -92.65 -48.66 -33.25
C TRP AB 101 -92.45 -49.43 -31.94
N TYR AB 102 -91.28 -49.27 -31.34
CA TYR AB 102 -90.90 -50.02 -30.13
C TYR AB 102 -91.00 -51.52 -30.36
N ALA BB 1 -29.88 7.82 65.14
CA ALA BB 1 -29.65 6.53 64.52
C ALA BB 1 -28.42 5.86 65.13
N TYR BB 2 -28.65 4.98 66.09
CA TYR BB 2 -27.59 4.25 66.80
C TYR BB 2 -27.90 2.76 66.78
N ASN BB 3 -26.97 1.99 67.34
CA ASN BB 3 -27.07 0.54 67.46
C ASN BB 3 -26.90 0.04 68.88
N VAL BB 4 -26.00 0.65 69.64
CA VAL BB 4 -25.70 0.24 71.01
C VAL BB 4 -25.47 1.50 71.83
N GLN BB 5 -25.81 1.42 73.13
CA GLN BB 5 -25.58 2.51 74.06
C GLN BB 5 -25.05 1.96 75.38
N VAL BB 6 -24.12 2.69 75.98
CA VAL BB 6 -23.61 2.42 77.31
C VAL BB 6 -23.56 3.76 78.03
N LEU BB 7 -24.39 3.91 79.07
CA LEU BB 7 -24.57 5.18 79.76
C LEU BB 7 -23.67 5.31 80.99
N VAL BB 8 -22.47 4.72 80.93
CA VAL BB 8 -21.53 4.84 82.04
C VAL BB 8 -21.16 6.31 82.26
N ASP BB 9 -20.87 6.65 83.51
CA ASP BB 9 -20.40 7.97 83.91
C ASP BB 9 -19.05 7.91 84.59
N ASP BB 10 -18.80 6.89 85.42
CA ASP BB 10 -17.51 6.72 86.07
C ASP BB 10 -17.32 5.22 86.32
N ASN BB 11 -16.58 4.57 85.44
CA ASN BB 11 -16.33 3.14 85.58
C ASN BB 11 -15.37 2.87 86.73
N GLU BB 12 -15.48 1.67 87.30
CA GLU BB 12 -14.60 1.29 88.39
C GLU BB 12 -13.16 1.10 87.92
N ASN BB 13 -12.96 0.80 86.63
CA ASN BB 13 -11.64 0.55 86.08
C ASN BB 13 -11.55 1.16 84.69
N GLU BB 14 -10.33 1.16 84.16
CA GLU BB 14 -10.09 1.70 82.82
C GLU BB 14 -10.37 0.67 81.73
N GLU BB 15 -10.09 -0.60 81.99
CA GLU BB 15 -10.21 -1.64 80.98
C GLU BB 15 -11.56 -2.35 81.00
N ARG BB 16 -12.28 -2.30 82.13
CA ARG BB 16 -13.55 -3.00 82.24
C ARG BB 16 -14.66 -2.38 81.39
N LEU BB 17 -14.43 -1.19 80.83
CA LEU BB 17 -15.41 -0.63 79.92
C LEU BB 17 -15.54 -1.47 78.66
N LEU BB 18 -14.43 -2.05 78.19
CA LEU BB 18 -14.47 -2.90 77.01
C LEU BB 18 -15.32 -4.14 77.26
N ASN BB 19 -15.35 -4.63 78.50
CA ASN BB 19 -16.21 -5.78 78.83
C ASN BB 19 -17.68 -5.45 78.58
N ARG BB 20 -18.07 -4.21 78.88
CA ARG BB 20 -19.45 -3.80 78.65
C ARG BB 20 -19.69 -3.41 77.19
N PHE BB 21 -18.65 -2.98 76.48
CA PHE BB 21 -18.79 -2.54 75.10
C PHE BB 21 -18.58 -3.66 74.10
N ARG BB 22 -17.53 -4.46 74.28
CA ARG BB 22 -17.24 -5.53 73.33
C ARG BB 22 -18.35 -6.57 73.30
N ARG BB 23 -18.70 -7.11 74.48
CA ARG BB 23 -19.70 -8.16 74.53
C ARG BB 23 -21.08 -7.66 74.13
N GLU BB 24 -21.39 -6.40 74.42
CA GLU BB 24 -22.67 -5.84 74.00
C GLU BB 24 -22.75 -5.74 72.48
N VAL BB 25 -21.69 -5.22 71.86
CA VAL BB 25 -21.65 -5.15 70.39
C VAL BB 25 -21.50 -6.55 69.80
N MET BB 26 -20.91 -7.48 70.53
CA MET BB 26 -20.76 -8.85 70.04
C MET BB 26 -22.13 -9.51 69.86
N ARG BB 27 -23.02 -9.37 70.86
CA ARG BB 27 -24.34 -9.94 70.75
C ARG BB 27 -25.13 -9.29 69.62
N ALA BB 28 -24.89 -8.00 69.35
CA ALA BB 28 -25.52 -7.35 68.22
C ALA BB 28 -24.92 -7.81 66.90
N GLY BB 29 -23.65 -8.21 66.90
CA GLY BB 29 -22.98 -8.69 65.71
C GLY BB 29 -22.78 -7.60 64.68
N VAL BB 30 -22.04 -6.57 65.03
CA VAL BB 30 -21.78 -5.46 64.12
C VAL BB 30 -20.55 -5.73 63.27
N ILE BB 31 -19.55 -6.42 63.81
CA ILE BB 31 -18.32 -6.68 63.07
C ILE BB 31 -18.56 -7.75 62.01
N GLN BB 32 -19.28 -8.81 62.36
CA GLN BB 32 -19.50 -9.90 61.42
C GLN BB 32 -20.36 -9.46 60.24
N GLU BB 33 -21.37 -8.62 60.50
CA GLU BB 33 -22.27 -8.19 59.44
C GLU BB 33 -21.62 -7.19 58.49
N CYS BB 34 -20.66 -6.40 58.97
CA CYS BB 34 -19.99 -5.45 58.09
C CYS BB 34 -18.97 -6.16 57.20
N LYS BB 35 -18.27 -7.16 57.74
CA LYS BB 35 -17.42 -7.99 56.90
C LYS BB 35 -18.24 -8.73 55.86
N ARG BB 36 -19.47 -9.11 56.20
CA ARG BB 36 -20.36 -9.74 55.24
C ARG BB 36 -20.71 -8.79 54.11
N ARG BB 37 -21.19 -7.60 54.45
CA ARG BB 37 -21.69 -6.64 53.46
C ARG BB 37 -20.57 -5.90 52.74
N ARG BB 38 -19.30 -6.19 53.02
CA ARG BB 38 -18.22 -5.55 52.28
C ARG BB 38 -18.20 -6.06 50.85
N TYR BB 39 -18.04 -7.37 50.67
CA TYR BB 39 -17.97 -8.00 49.36
C TYR BB 39 -19.25 -8.77 49.09
N PHE BB 40 -19.65 -8.79 47.81
CA PHE BB 40 -20.87 -9.46 47.42
C PHE BB 40 -20.76 -10.97 47.66
N GLU BB 41 -21.88 -11.58 48.04
CA GLU BB 41 -21.97 -13.01 48.25
C GLU BB 41 -23.15 -13.57 47.48
N ASN BB 42 -22.94 -14.71 46.83
CA ASN BB 42 -23.98 -15.36 46.06
C ASN BB 42 -24.91 -16.16 46.98
N LYS BB 43 -25.97 -16.71 46.39
CA LYS BB 43 -26.89 -17.54 47.16
C LYS BB 43 -26.21 -18.78 47.70
N GLN BB 44 -25.20 -19.29 46.98
CA GLN BB 44 -24.46 -20.45 47.46
C GLN BB 44 -23.70 -20.11 48.74
N GLU BB 45 -23.06 -18.94 48.77
CA GLU BB 45 -22.29 -18.55 49.95
C GLU BB 45 -23.21 -18.28 51.14
N GLU BB 46 -24.39 -17.73 50.88
CA GLU BB 46 -25.35 -17.47 51.95
C GLU BB 46 -25.80 -18.78 52.60
N LYS BB 47 -26.12 -19.78 51.78
CA LYS BB 47 -26.53 -21.07 52.32
C LYS BB 47 -25.41 -21.72 53.11
N LYS BB 48 -24.18 -21.64 52.61
CA LYS BB 48 -23.04 -22.18 53.34
C LYS BB 48 -22.79 -21.39 54.62
N ARG BB 49 -22.90 -20.06 54.55
CA ARG BB 49 -22.65 -19.23 55.72
C ARG BB 49 -23.67 -19.50 56.82
N LYS BB 50 -24.96 -19.36 56.50
CA LYS BB 50 -26.00 -19.55 57.50
C LYS BB 50 -26.01 -20.99 58.02
N HIS BB 51 -25.58 -21.95 57.20
CA HIS BB 51 -25.49 -23.33 57.67
C HIS BB 51 -24.37 -23.48 58.70
N ARG BB 52 -23.22 -22.86 58.45
CA ARG BB 52 -22.14 -22.90 59.43
C ARG BB 52 -22.50 -22.16 60.70
N GLU BB 53 -23.29 -21.08 60.59
CA GLU BB 53 -23.72 -20.36 61.78
C GLU BB 53 -24.63 -21.22 62.64
N ALA BB 54 -25.52 -21.98 62.02
CA ALA BB 54 -26.43 -22.84 62.78
C ALA BB 54 -25.66 -23.96 63.47
N ALA BB 55 -24.79 -24.65 62.73
CA ALA BB 55 -24.02 -25.75 63.31
C ALA BB 55 -23.11 -25.24 64.43
N LYS BB 56 -22.68 -23.99 64.37
CA LYS BB 56 -21.88 -23.42 65.44
C LYS BB 56 -22.74 -23.15 66.68
N ARG BB 57 -23.98 -22.71 66.47
CA ARG BB 57 -24.86 -22.41 67.60
C ARG BB 57 -25.52 -23.66 68.16
N ASN BB 58 -25.93 -24.59 67.29
CA ASN BB 58 -26.58 -25.81 67.76
C ASN BB 58 -25.62 -26.66 68.57
N SER BB 59 -24.41 -26.88 68.05
CA SER BB 59 -23.41 -27.67 68.74
C SER BB 59 -22.02 -27.42 68.17
N SER CB 1 22.29 -13.67 30.27
CA SER CB 1 23.65 -13.41 29.82
C SER CB 1 24.59 -13.27 31.03
N SER CB 2 25.89 -13.22 30.75
CA SER CB 2 26.91 -13.10 31.79
C SER CB 2 26.83 -14.27 32.77
N VAL CB 3 26.74 -15.47 32.22
CA VAL CB 3 26.67 -16.70 33.00
C VAL CB 3 27.64 -17.71 32.40
N LYS CB 4 28.41 -18.38 33.25
CA LYS CB 4 29.37 -19.35 32.79
C LYS CB 4 28.69 -20.68 32.48
N LEU CB 5 29.47 -21.63 31.97
CA LEU CB 5 28.95 -22.90 31.51
C LEU CB 5 30.03 -23.97 31.66
N ILE CB 6 29.59 -25.18 31.97
CA ILE CB 6 30.48 -26.30 32.23
C ILE CB 6 29.94 -27.53 31.52
N LEU CB 7 30.68 -28.05 30.55
CA LEU CB 7 30.39 -29.32 29.90
C LEU CB 7 31.36 -30.38 30.42
N GLN CB 8 31.08 -31.63 30.08
CA GLN CB 8 31.89 -32.74 30.56
C GLN CB 8 31.71 -33.93 29.63
N GLY CB 9 32.79 -34.38 29.02
CA GLY CB 9 32.80 -35.58 28.21
C GLY CB 9 32.96 -36.82 29.05
N ARG CB 10 31.87 -37.26 29.69
CA ARG CB 10 31.91 -38.41 30.59
C ARG CB 10 32.47 -39.64 29.89
N ASN CB 11 31.77 -40.11 28.85
CA ASN CB 11 32.14 -41.31 28.12
C ASN CB 11 32.43 -41.06 26.65
N LEU CB 12 32.59 -39.80 26.23
CA LEU CB 12 32.80 -39.48 24.83
C LEU CB 12 33.50 -38.13 24.74
N GLU CB 13 33.62 -37.62 23.51
CA GLU CB 13 34.26 -36.35 23.23
C GLU CB 13 33.18 -35.32 22.91
N VAL CB 14 33.38 -34.09 23.38
CA VAL CB 14 32.41 -33.03 23.18
C VAL CB 14 32.75 -32.29 21.88
N SER CB 15 31.86 -32.38 20.90
CA SER CB 15 32.07 -31.72 19.63
C SER CB 15 31.70 -30.25 19.72
N ASP CB 16 31.90 -29.53 18.61
CA ASP CB 16 31.58 -28.10 18.54
C ASP CB 16 30.13 -27.87 18.16
N ASN CB 17 29.61 -28.62 17.18
CA ASN CB 17 28.21 -28.50 16.84
C ASN CB 17 27.31 -28.89 18.01
N VAL CB 18 27.75 -29.84 18.83
CA VAL CB 18 27.00 -30.19 20.02
C VAL CB 18 27.03 -29.05 21.02
N ARG CB 19 28.20 -28.45 21.23
CA ARG CB 19 28.33 -27.35 22.18
C ARG CB 19 27.46 -26.17 21.77
N SER CB 20 27.34 -25.91 20.47
CA SER CB 20 26.43 -24.88 20.00
C SER CB 20 24.98 -25.23 20.31
N HIS CB 21 24.63 -26.51 20.21
CA HIS CB 21 23.27 -26.93 20.50
C HIS CB 21 22.96 -26.83 21.99
N VAL CB 22 23.95 -27.04 22.85
CA VAL CB 22 23.73 -26.91 24.28
C VAL CB 22 23.41 -25.46 24.64
N GLU CB 23 24.26 -24.54 24.21
CA GLU CB 23 24.08 -23.12 24.55
C GLU CB 23 22.75 -22.59 24.00
N ASP CB 24 22.27 -23.15 22.89
CA ASP CB 24 21.04 -22.67 22.30
C ASP CB 24 19.84 -22.99 23.19
N LYS CB 25 19.82 -24.18 23.80
CA LYS CB 25 18.64 -24.62 24.55
C LYS CB 25 18.59 -23.97 25.92
N VAL CB 26 19.61 -24.22 26.76
CA VAL CB 26 19.62 -23.63 28.09
C VAL CB 26 19.72 -22.12 28.03
N GLY CB 27 20.27 -21.58 26.95
CA GLY CB 27 20.25 -20.14 26.77
C GLY CB 27 18.84 -19.57 26.74
N LYS CB 28 17.89 -20.34 26.22
CA LYS CB 28 16.50 -19.89 26.23
C LYS CB 28 15.88 -20.03 27.62
N SER CB 29 16.04 -21.19 28.24
CA SER CB 29 15.40 -21.44 29.53
C SER CB 29 15.98 -20.60 30.65
N VAL CB 30 17.23 -20.15 30.53
CA VAL CB 30 17.93 -19.47 31.60
C VAL CB 30 17.91 -17.97 31.37
N ALA CB 31 17.77 -17.54 30.12
CA ALA CB 31 17.73 -16.11 29.81
C ALA CB 31 16.58 -15.41 30.52
N LYS CB 32 15.49 -16.13 30.79
CA LYS CB 32 14.37 -15.54 31.53
C LYS CB 32 14.82 -15.14 32.92
N HIS CB 33 15.23 -16.10 33.74
CA HIS CB 33 15.73 -15.84 35.08
C HIS CB 33 17.25 -15.72 35.06
N SER CB 34 17.76 -14.87 34.17
CA SER CB 34 19.21 -14.71 34.03
C SER CB 34 19.83 -13.98 35.20
N HIS CB 35 19.08 -13.08 35.83
CA HIS CB 35 19.57 -12.30 36.96
C HIS CB 35 19.38 -13.01 38.30
N LEU CB 36 19.19 -14.34 38.28
CA LEU CB 36 19.13 -15.16 39.49
C LEU CB 36 20.23 -16.20 39.57
N VAL CB 37 20.91 -16.49 38.46
CA VAL CB 37 21.85 -17.61 38.38
C VAL CB 37 23.16 -17.11 37.79
N ARG CB 38 24.25 -17.81 38.12
CA ARG CB 38 25.60 -17.44 37.73
C ARG CB 38 26.29 -18.46 36.84
N GLU CB 39 25.92 -19.74 36.94
CA GLU CB 39 26.62 -20.82 36.26
C GLU CB 39 25.62 -21.85 35.78
N VAL CB 40 26.11 -22.75 34.92
CA VAL CB 40 25.31 -23.83 34.36
C VAL CB 40 26.18 -25.06 34.24
N ASP CB 41 25.83 -26.11 34.99
CA ASP CB 41 26.56 -27.37 34.95
C ASP CB 41 25.89 -28.34 33.98
N VAL CB 42 26.70 -29.05 33.22
CA VAL CB 42 26.21 -30.02 32.24
C VAL CB 42 27.15 -31.22 32.23
N ARG CB 43 26.58 -32.41 32.08
CA ARG CB 43 27.35 -33.65 31.97
C ARG CB 43 26.65 -34.56 30.97
N LEU CB 44 27.25 -34.75 29.81
CA LEU CB 44 26.71 -35.62 28.77
C LEU CB 44 27.35 -37.00 28.87
N SER CB 45 26.56 -38.02 28.54
CA SER CB 45 27.01 -39.40 28.60
C SER CB 45 26.39 -40.18 27.45
N ALA CB 46 26.93 -41.36 27.20
CA ALA CB 46 26.47 -42.22 26.13
C ALA CB 46 26.64 -43.67 26.55
N ARG CB 47 25.73 -44.53 26.09
CA ARG CB 47 25.77 -45.93 26.46
C ARG CB 47 24.97 -46.73 25.43
N GLY CB 48 25.38 -47.97 25.23
CA GLY CB 48 24.66 -48.89 24.38
C GLY CB 48 25.09 -48.83 22.93
N GLY CB 49 24.35 -49.55 22.10
CA GLY CB 49 24.65 -49.63 20.69
C GLY CB 49 25.93 -50.39 20.42
N ASP CB 50 26.93 -49.70 19.88
CA ASP CB 50 28.23 -50.30 19.63
C ASP CB 50 29.16 -50.25 20.83
N LEU CB 51 28.91 -49.33 21.77
CA LEU CB 51 29.80 -49.18 22.91
C LEU CB 51 29.57 -50.27 23.95
N SER CB 52 28.33 -50.43 24.39
CA SER CB 52 27.96 -51.40 25.42
C SER CB 52 26.75 -52.20 24.95
N LYS CB 53 26.40 -53.21 25.74
CA LYS CB 53 25.24 -54.05 25.45
C LYS CB 53 23.98 -53.34 25.91
N GLY CB 54 22.90 -53.50 25.12
CA GLY CB 54 21.63 -52.88 25.42
C GLY CB 54 21.30 -51.80 24.41
N PRO CB 55 20.14 -51.15 24.59
CA PRO CB 55 19.75 -50.10 23.64
C PRO CB 55 20.65 -48.89 23.76
N LYS CB 56 20.92 -48.25 22.63
CA LYS CB 56 21.70 -47.03 22.63
C LYS CB 56 20.93 -45.94 23.36
N LEU CB 57 21.56 -45.32 24.35
CA LEU CB 57 20.92 -44.32 25.16
C LEU CB 57 21.96 -43.30 25.60
N ARG CB 58 21.58 -42.03 25.61
CA ARG CB 58 22.47 -40.92 25.91
C ARG CB 58 21.84 -40.08 27.00
N ARG CB 59 22.54 -39.95 28.12
CA ARG CB 59 22.06 -39.22 29.28
C ARG CB 59 22.61 -37.80 29.28
N CYS CB 60 21.83 -36.88 29.83
CA CYS CB 60 22.22 -35.49 29.99
C CYS CB 60 21.87 -35.05 31.40
N GLU CB 61 22.88 -34.92 32.25
CA GLU CB 61 22.71 -34.50 33.64
C GLU CB 61 23.02 -33.01 33.72
N VAL CB 62 22.10 -32.25 34.32
CA VAL CB 62 22.18 -30.79 34.36
C VAL CB 62 21.88 -30.35 35.79
N THR CB 63 22.84 -29.65 36.39
CA THR CB 63 22.69 -29.08 37.73
C THR CB 63 22.81 -27.57 37.62
N LEU CB 64 22.10 -26.86 38.49
CA LEU CB 64 22.05 -25.41 38.47
C LEU CB 64 22.05 -24.89 39.90
N PHE CB 65 22.94 -23.94 40.17
CA PHE CB 65 23.02 -23.27 41.46
C PHE CB 65 22.76 -21.78 41.25
N THR CB 66 21.67 -21.28 41.84
CA THR CB 66 21.28 -19.89 41.66
C THR CB 66 22.14 -19.02 42.56
N LYS CB 67 21.78 -17.74 42.67
CA LYS CB 67 22.46 -16.80 43.54
C LYS CB 67 21.89 -16.77 44.95
N ARG CB 68 20.73 -17.40 45.19
CA ARG CB 68 20.06 -17.37 46.49
C ARG CB 68 19.60 -18.78 46.85
N HIS CB 69 20.53 -19.56 47.40
CA HIS CB 69 20.31 -20.92 47.96
C HIS CB 69 19.32 -21.75 47.14
N GLY CB 70 19.52 -21.75 45.82
CA GLY CB 70 18.71 -22.54 44.91
C GLY CB 70 19.51 -23.70 44.35
N VAL CB 71 18.90 -24.88 44.41
CA VAL CB 71 19.48 -26.12 43.89
C VAL CB 71 18.49 -26.78 42.95
N ILE CB 72 18.98 -27.26 41.81
CA ILE CB 72 18.17 -27.96 40.83
C ILE CB 72 18.92 -29.21 40.40
N ARG CB 73 18.20 -30.33 40.31
CA ARG CB 73 18.74 -31.60 39.85
C ARG CB 73 17.83 -32.11 38.75
N ALA CB 74 18.41 -32.32 37.56
CA ALA CB 74 17.65 -32.74 36.39
C ALA CB 74 18.42 -33.85 35.68
N GLU CB 75 17.74 -34.96 35.40
CA GLU CB 75 18.35 -36.10 34.73
C GLU CB 75 17.29 -36.75 33.85
N GLU CB 76 17.60 -36.89 32.56
CA GLU CB 76 16.73 -37.56 31.62
C GLU CB 76 17.57 -38.46 30.72
N ASP CB 77 16.89 -39.32 29.97
CA ASP CB 77 17.53 -40.28 29.10
C ASP CB 77 16.72 -40.42 27.83
N ALA CB 78 17.39 -40.44 26.68
CA ALA CB 78 16.74 -40.55 25.39
C ALA CB 78 17.59 -41.43 24.48
N GLU CB 79 17.05 -41.71 23.29
CA GLU CB 79 17.76 -42.52 22.31
C GLU CB 79 18.83 -41.75 21.56
N SER CB 80 18.72 -40.42 21.51
CA SER CB 80 19.67 -39.57 20.82
C SER CB 80 20.22 -38.53 21.79
N LEU CB 81 21.22 -37.80 21.33
CA LEU CB 81 21.89 -36.82 22.19
C LEU CB 81 21.12 -35.51 22.25
N TYR CB 82 20.70 -34.98 21.09
CA TYR CB 82 19.97 -33.72 21.08
C TYR CB 82 18.62 -33.86 21.77
N SER CB 83 17.94 -34.99 21.58
CA SER CB 83 16.64 -35.20 22.21
C SER CB 83 16.76 -35.22 23.73
N SER CB 84 17.87 -35.75 24.24
CA SER CB 84 18.09 -35.74 25.69
C SER CB 84 18.29 -34.32 26.20
N ILE CB 85 19.03 -33.50 25.46
CA ILE CB 85 19.25 -32.12 25.86
C ILE CB 85 17.94 -31.34 25.84
N ASP CB 86 17.05 -31.67 24.91
CA ASP CB 86 15.80 -30.93 24.78
C ASP CB 86 14.89 -31.17 25.97
N LEU CB 87 14.77 -32.44 26.37
CA LEU CB 87 13.84 -32.79 27.46
C LEU CB 87 14.29 -32.18 28.78
N VAL CB 88 15.60 -32.18 29.04
CA VAL CB 88 16.11 -31.64 30.30
C VAL CB 88 15.85 -30.14 30.37
N SER CB 89 16.07 -29.44 29.25
CA SER CB 89 15.85 -27.99 29.24
C SER CB 89 14.40 -27.64 29.54
N SER CB 90 13.47 -28.50 29.13
CA SER CB 90 12.06 -28.28 29.47
C SER CB 90 11.83 -28.44 30.97
N ILE CB 91 12.59 -29.32 31.62
CA ILE CB 91 12.40 -29.55 33.05
C ILE CB 91 12.98 -28.39 33.85
N ILE CB 92 14.11 -27.84 33.39
CA ILE CB 92 14.71 -26.70 34.09
C ILE CB 92 13.77 -25.50 34.01
N GLN CB 93 13.22 -25.23 32.82
CA GLN CB 93 12.31 -24.11 32.66
C GLN CB 93 11.05 -24.28 33.51
N ARG CB 94 10.66 -25.52 33.79
CA ARG CB 94 9.50 -25.77 34.63
C ARG CB 94 9.80 -25.45 36.08
N LYS CB 95 10.91 -25.99 36.61
CA LYS CB 95 11.26 -25.76 38.00
C LYS CB 95 11.81 -24.36 38.22
N LEU CB 96 12.52 -23.82 37.24
CA LEU CB 96 13.02 -22.45 37.35
C LEU CB 96 11.87 -21.45 37.40
N ARG CB 97 10.77 -21.73 36.71
CA ARG CB 97 9.58 -20.89 36.82
C ARG CB 97 8.86 -21.13 38.14
N LYS CB 98 8.97 -22.35 38.69
CA LYS CB 98 8.33 -22.64 39.96
C LYS CB 98 8.92 -21.82 41.10
N ILE CB 99 10.19 -21.44 40.98
CA ILE CB 99 10.85 -20.70 42.06
C ILE CB 99 10.32 -19.28 42.13
N LYS CB 100 10.24 -18.60 40.98
CA LYS CB 100 9.76 -17.23 40.95
C LYS CB 100 8.33 -17.15 41.46
N ASP CB 101 7.50 -18.15 41.12
CA ASP CB 101 6.12 -18.15 41.57
C ASP CB 101 6.04 -18.24 43.09
N LYS CB 102 7.03 -18.87 43.73
CA LYS CB 102 7.08 -18.93 45.19
C LYS CB 102 7.69 -17.66 45.78
N VAL CB 103 8.67 -17.07 45.11
CA VAL CB 103 9.28 -15.84 45.61
C VAL CB 103 8.34 -14.66 45.41
N SER CB 104 7.61 -14.64 44.29
CA SER CB 104 6.65 -13.59 43.99
C SER CB 104 5.26 -13.91 44.50
N ASP CB 105 5.14 -14.76 45.52
CA ASP CB 105 3.83 -15.11 46.06
C ASP CB 105 3.21 -13.92 46.78
N HIS CB 106 4.01 -13.15 47.51
CA HIS CB 106 3.54 -12.00 48.26
C HIS CB 106 2.43 -12.37 49.24
N GLY DB 1 56.19 -16.55 60.77
CA GLY DB 1 55.77 -17.45 61.82
C GLY DB 1 56.14 -18.89 61.54
N ARG DB 2 55.13 -19.77 61.47
CA ARG DB 2 55.38 -21.17 61.16
C ARG DB 2 55.94 -21.32 59.75
N GLY DB 3 55.61 -20.39 58.85
CA GLY DB 3 56.18 -20.43 57.51
C GLY DB 3 57.61 -19.95 57.44
N ASP DB 4 58.01 -19.08 58.37
CA ASP DB 4 59.38 -18.60 58.41
C ASP DB 4 60.30 -19.72 58.90
N ARG DB 5 60.90 -20.45 57.96
CA ARG DB 5 61.71 -21.61 58.31
C ARG DB 5 62.91 -21.21 59.17
N LYS DB 6 63.48 -20.03 58.93
CA LYS DB 6 64.69 -19.60 59.63
C LYS DB 6 64.46 -19.29 61.11
N THR DB 7 63.22 -19.31 61.59
CA THR DB 7 62.89 -19.13 62.99
C THR DB 7 62.61 -20.47 63.64
N ALA DB 8 62.66 -20.48 64.98
CA ALA DB 8 62.39 -21.70 65.73
C ALA DB 8 60.97 -22.19 65.49
N LYS DB 9 60.03 -21.27 65.26
CA LYS DB 9 58.65 -21.66 65.01
C LYS DB 9 58.51 -22.41 63.69
N GLY DB 10 59.41 -22.14 62.73
CA GLY DB 10 59.36 -22.80 61.45
C GLY DB 10 60.10 -24.11 61.42
N LYS DB 11 61.25 -24.17 62.09
CA LYS DB 11 61.99 -25.42 62.18
C LYS DB 11 61.17 -26.50 62.87
N ARG DB 12 60.42 -26.12 63.91
CA ARG DB 12 59.57 -27.08 64.60
C ARG DB 12 58.48 -27.60 63.69
N PHE DB 13 57.90 -26.70 62.87
CA PHE DB 13 56.84 -27.13 61.97
C PHE DB 13 57.37 -28.02 60.85
N ASN DB 14 58.55 -27.70 60.34
CA ASN DB 14 59.17 -28.49 59.28
C ASN DB 14 59.98 -29.66 59.81
N HIS DB 15 60.27 -29.70 61.11
CA HIS DB 15 61.07 -30.75 61.72
C HIS DB 15 62.47 -30.81 61.11
N SER DB 16 63.17 -29.68 61.22
CA SER DB 16 64.58 -29.59 60.84
C SER DB 16 65.37 -28.99 62.00
N PHE DB 17 66.67 -28.78 61.79
CA PHE DB 17 67.56 -28.37 62.87
C PHE DB 17 68.57 -27.37 62.35
N GLY DB 18 68.96 -26.45 63.23
CA GLY DB 18 69.95 -25.45 62.88
C GLY DB 18 70.20 -24.45 63.99
N ASN DB 19 70.52 -23.22 63.63
CA ASN DB 19 70.80 -22.19 64.63
C ASN DB 19 69.54 -21.75 65.36
N ALA DB 20 68.39 -21.83 64.68
CA ALA DB 20 67.14 -21.39 65.29
C ALA DB 20 66.66 -22.39 66.35
N ARG DB 21 66.42 -23.64 65.92
CA ARG DB 21 65.95 -24.70 66.81
C ARG DB 21 67.10 -25.69 67.02
N PRO DB 22 68.02 -25.43 67.95
CA PRO DB 22 69.13 -26.36 68.16
C PRO DB 22 68.66 -27.65 68.84
N LYS DB 23 69.57 -28.63 68.85
CA LYS DB 23 69.28 -29.91 69.47
C LYS DB 23 69.51 -29.86 70.98
N ASN DB 24 70.60 -29.22 71.41
CA ASN DB 24 70.85 -29.00 72.82
C ASN DB 24 71.58 -27.66 72.96
N LYS DB 25 72.06 -27.39 74.18
CA LYS DB 25 72.63 -26.07 74.47
C LYS DB 25 73.94 -25.83 73.74
N ASN DB 26 74.74 -26.88 73.53
CA ASN DB 26 76.08 -26.72 72.99
C ASN DB 26 76.11 -26.45 71.50
N LYS DB 27 74.98 -26.55 70.80
CA LYS DB 27 74.97 -26.32 69.36
C LYS DB 27 75.21 -24.84 69.07
N GLY DB 28 75.32 -24.54 67.78
CA GLY DB 28 75.73 -23.21 67.36
C GLY DB 28 74.57 -22.22 67.38
N ARG DB 29 74.82 -21.07 68.01
CA ARG DB 29 73.95 -19.90 67.96
C ARG DB 29 74.81 -18.74 67.49
N GLY DB 30 75.51 -18.97 66.36
CA GLY DB 30 76.65 -18.18 65.92
C GLY DB 30 76.58 -16.68 66.13
N PRO DB 31 75.55 -16.03 65.58
CA PRO DB 31 75.31 -14.63 65.90
C PRO DB 31 74.44 -14.50 67.14
N PRO DB 32 74.98 -14.01 68.26
CA PRO DB 32 74.13 -13.58 69.37
C PRO DB 32 73.65 -12.14 69.18
N LYS DB 33 72.74 -11.75 70.07
CA LYS DB 33 72.22 -10.39 70.09
C LYS DB 33 72.98 -9.55 71.11
N ALA DB 34 73.15 -8.28 70.80
CA ALA DB 34 73.86 -7.36 71.68
C ALA DB 34 72.95 -6.91 72.81
N PRO DB 35 73.52 -6.45 73.93
CA PRO DB 35 72.68 -5.98 75.05
C PRO DB 35 72.02 -4.65 74.71
N ILE DB 36 71.05 -4.28 75.55
CA ILE DB 36 70.30 -3.03 75.40
C ILE DB 36 70.20 -2.39 76.78
N PHE DB 37 70.96 -1.32 77.00
CA PHE DB 37 70.87 -0.56 78.25
C PHE DB 37 69.77 0.49 78.12
N UNK EB 1 -41.01 -40.94 93.42
CA UNK EB 1 -40.87 -41.64 94.69
C UNK EB 1 -41.37 -43.08 94.57
N UNK EB 2 -40.52 -44.04 94.93
CA UNK EB 2 -40.88 -45.45 94.86
C UNK EB 2 -39.95 -46.28 95.74
N UNK EB 3 -40.51 -47.31 96.37
CA UNK EB 3 -39.73 -48.19 97.24
C UNK EB 3 -38.67 -48.94 96.44
N UNK EB 4 -37.51 -49.15 97.05
CA UNK EB 4 -36.41 -49.84 96.38
C UNK EB 4 -35.47 -50.46 97.40
N UNK EB 5 -35.11 -51.73 97.18
CA UNK EB 5 -34.20 -52.45 98.05
C UNK EB 5 -32.79 -52.45 97.48
N UNK EB 6 -31.80 -52.23 98.33
CA UNK EB 6 -30.40 -52.21 97.92
C UNK EB 6 -29.96 -53.60 97.49
N UNK EB 7 -29.64 -53.73 96.20
CA UNK EB 7 -29.22 -55.03 95.66
C UNK EB 7 -27.77 -55.31 96.01
N UNK EB 8 -26.92 -54.28 95.90
CA UNK EB 8 -25.50 -54.43 96.21
C UNK EB 8 -24.87 -53.07 96.48
N UNK EB 9 -23.96 -53.03 97.47
CA UNK EB 9 -23.28 -51.80 97.83
C UNK EB 9 -22.04 -51.60 96.97
N UNK EB 10 -21.65 -50.34 96.78
CA UNK EB 10 -20.47 -50.01 95.98
C UNK EB 10 -19.99 -48.60 96.31
N UNK EB 11 -18.69 -48.38 96.15
CA UNK EB 11 -18.09 -47.08 96.43
C UNK EB 11 -18.57 -46.03 95.42
N UNK EB 12 -18.83 -46.48 94.19
CA UNK EB 12 -19.29 -45.59 93.14
C UNK EB 12 -20.72 -45.15 93.39
N UNK EB 13 -21.62 -46.13 93.55
CA UNK EB 13 -23.03 -45.85 93.78
C UNK EB 13 -23.77 -47.12 94.19
N UNK EB 14 -24.79 -46.97 95.04
CA UNK EB 14 -25.57 -48.11 95.50
C UNK EB 14 -26.66 -48.46 94.50
N UNK EB 15 -26.68 -49.73 94.09
CA UNK EB 15 -27.68 -50.20 93.13
C UNK EB 15 -28.96 -50.59 93.85
N UNK EB 16 -30.08 -50.52 93.13
CA UNK EB 16 -31.38 -50.86 93.70
C UNK EB 16 -32.37 -51.23 92.59
N UNK EB 17 -33.65 -51.28 92.94
CA UNK EB 17 -34.69 -51.63 91.97
C UNK EB 17 -36.03 -51.03 92.39
N UNK EB 18 -36.41 -49.94 91.74
CA UNK EB 18 -37.65 -49.24 92.04
C UNK EB 18 -38.74 -49.58 91.03
N UNK EB 19 -39.99 -49.64 91.50
CA UNK EB 19 -41.13 -49.91 90.65
C UNK EB 19 -41.02 -51.29 90.00
N UNK EB 20 -41.11 -51.33 88.68
CA UNK EB 20 -41.02 -52.56 87.92
C UNK EB 20 -40.22 -52.34 86.64
N UNK EB 21 -39.30 -53.25 86.35
CA UNK EB 21 -38.43 -53.15 85.17
C UNK EB 21 -37.60 -51.88 85.23
N UNK EB 22 -36.88 -51.69 86.33
CA UNK EB 22 -36.04 -50.52 86.52
C UNK EB 22 -34.89 -50.83 87.47
N UNK EB 23 -33.78 -50.12 87.32
CA UNK EB 23 -32.61 -50.31 88.15
C UNK EB 23 -31.80 -49.02 88.26
N UNK EB 24 -32.24 -48.14 89.17
CA UNK EB 24 -31.59 -46.85 89.36
C UNK EB 24 -30.50 -46.94 90.42
N UNK EB 25 -29.29 -46.50 90.07
CA UNK EB 25 -28.16 -46.49 90.99
C UNK EB 25 -28.08 -45.15 91.71
N UNK EB 26 -28.48 -45.14 92.98
CA UNK EB 26 -28.45 -43.93 93.79
C UNK EB 26 -27.05 -43.67 94.33
N UNK EB 27 -26.59 -42.43 94.23
CA UNK EB 27 -25.28 -42.04 94.73
C UNK EB 27 -25.30 -41.89 96.25
N UNK EB 28 -24.14 -42.01 96.86
CA UNK EB 28 -24.02 -41.89 98.32
C UNK EB 28 -24.20 -40.45 98.76
N UNK EB 29 -23.67 -39.52 97.97
CA UNK EB 29 -23.77 -38.10 98.27
C UNK EB 29 -25.20 -37.60 98.07
N UNK EB 30 -25.85 -38.11 97.04
CA UNK EB 30 -27.22 -37.72 96.71
C UNK EB 30 -28.20 -38.30 97.73
N UNK EB 31 -27.83 -39.43 98.31
CA UNK EB 31 -28.68 -40.10 99.28
C UNK EB 31 -28.80 -39.26 100.56
N UNK EB 32 -27.77 -39.31 101.39
CA UNK EB 32 -27.76 -38.56 102.63
C UNK EB 32 -27.35 -37.11 102.39
N UNK EB 33 -27.86 -36.20 103.22
CA UNK EB 33 -27.53 -34.79 103.10
C UNK EB 33 -26.13 -34.52 103.63
N UNK EB 34 -25.72 -35.28 104.63
CA UNK EB 34 -24.39 -35.14 105.21
C UNK EB 34 -23.35 -35.84 104.34
N UNK EB 35 -22.08 -35.58 104.62
CA UNK EB 35 -20.99 -36.19 103.86
C UNK EB 35 -20.96 -37.70 104.08
N UNK EB 36 -20.40 -38.43 103.12
CA UNK EB 36 -20.31 -39.88 103.22
C UNK EB 36 -19.21 -40.42 102.32
N UNK EB 37 -18.10 -40.82 102.93
CA UNK EB 37 -16.96 -41.35 102.20
C UNK EB 37 -17.07 -42.87 102.06
N UNK EB 38 -17.60 -43.52 103.09
CA UNK EB 38 -17.76 -44.96 103.10
C UNK EB 38 -19.00 -45.38 102.32
N UNK EB 39 -18.90 -46.51 101.62
CA UNK EB 39 -20.02 -47.03 100.84
C UNK EB 39 -20.97 -47.84 101.72
N UNK EB 40 -20.40 -48.54 102.71
CA UNK EB 40 -21.19 -49.36 103.62
C UNK EB 40 -22.07 -48.48 104.50
N UNK EB 41 -21.56 -47.31 104.87
CA UNK EB 41 -22.29 -46.38 105.71
C UNK EB 41 -23.35 -45.64 104.89
N UNK EB 42 -23.16 -45.61 103.58
CA UNK EB 42 -24.10 -44.92 102.69
C UNK EB 42 -25.37 -45.75 102.51
N UNK EB 43 -25.20 -47.05 102.32
CA UNK EB 43 -26.34 -47.95 102.13
C UNK EB 43 -25.94 -49.40 102.41
N UNK EB 44 -26.75 -50.08 103.21
CA UNK EB 44 -26.50 -51.48 103.56
C UNK EB 44 -27.16 -52.41 102.55
N UNK EB 45 -26.70 -53.66 102.52
CA UNK EB 45 -27.26 -54.65 101.60
C UNK EB 45 -28.63 -55.10 102.08
N UNK EB 46 -29.55 -55.32 101.13
CA UNK EB 46 -30.90 -55.76 101.43
C UNK EB 46 -31.63 -54.72 102.29
N UNK EB 47 -31.32 -53.46 102.06
CA UNK EB 47 -31.93 -52.35 102.81
C UNK EB 47 -32.97 -51.64 101.95
N UNK EB 48 -34.20 -51.57 102.47
CA UNK EB 48 -35.29 -50.90 101.75
C UNK EB 48 -35.14 -49.39 101.84
N UNK EB 49 -35.45 -48.70 100.75
CA UNK EB 49 -35.33 -47.24 100.71
C UNK EB 49 -36.17 -46.66 99.57
N UNK EB 50 -36.93 -45.62 99.89
CA UNK EB 50 -37.78 -44.96 98.90
C UNK EB 50 -36.99 -43.93 98.10
N UNK EB 51 -36.36 -44.38 97.02
CA UNK EB 51 -35.57 -43.50 96.17
C UNK EB 51 -36.44 -42.76 95.17
N UNK EB 52 -36.19 -41.46 95.02
CA UNK EB 52 -36.94 -40.63 94.08
C UNK EB 52 -36.37 -40.75 92.68
N UNK EB 53 -37.25 -40.86 91.69
CA UNK EB 53 -36.83 -40.99 90.30
C UNK EB 53 -36.29 -39.66 89.78
N UNK EB 54 -34.98 -39.57 89.64
CA UNK EB 54 -34.33 -38.36 89.16
C UNK EB 54 -34.30 -38.33 87.63
N UNK EB 55 -33.93 -39.46 87.04
CA UNK EB 55 -33.85 -39.57 85.58
C UNK EB 55 -33.99 -41.03 85.14
N UNK EB 56 -34.07 -41.24 83.83
CA UNK EB 56 -34.20 -42.58 83.28
C UNK EB 56 -33.74 -42.62 81.82
N UNK EB 57 -32.49 -43.02 81.61
CA UNK EB 57 -31.92 -43.10 80.27
C UNK EB 57 -32.34 -44.41 79.59
N UNK EB 58 -33.30 -44.32 78.70
CA UNK EB 58 -33.79 -45.49 77.98
C UNK EB 58 -32.80 -45.92 76.91
N UNK EB 59 -31.96 -44.98 76.48
CA UNK EB 59 -30.95 -45.26 75.46
C UNK EB 59 -29.90 -46.23 76.00
N UNK EB 60 -29.29 -45.87 77.12
CA UNK EB 60 -28.27 -46.70 77.74
C UNK EB 60 -28.92 -47.77 78.62
N UNK EB 61 -30.23 -47.65 78.83
CA UNK EB 61 -30.98 -48.59 79.66
C UNK EB 61 -30.45 -48.62 81.08
N UNK EB 62 -30.42 -47.45 81.72
CA UNK EB 62 -29.93 -47.33 83.09
C UNK EB 62 -30.58 -46.15 83.78
N UNK EB 63 -31.30 -46.43 84.87
CA UNK EB 63 -32.00 -45.39 85.62
C UNK EB 63 -31.03 -44.62 86.51
N UNK EB 64 -31.55 -43.62 87.22
CA UNK EB 64 -30.74 -42.81 88.12
C UNK EB 64 -31.61 -42.09 89.13
N UNK EB 65 -31.73 -42.68 90.33
CA UNK EB 65 -32.55 -42.12 91.40
C UNK EB 65 -31.68 -41.41 92.43
N UNK EB 66 -32.31 -40.99 93.52
CA UNK EB 66 -31.60 -40.30 94.60
C UNK EB 66 -32.36 -40.43 95.91
N UNK EB 67 -31.84 -41.27 96.81
CA UNK EB 67 -32.48 -41.48 98.11
C UNK EB 67 -32.44 -40.22 98.95
N UNK EB 68 -10.68 -88.62 60.69
CA UNK EB 68 -11.00 -88.67 62.12
C UNK EB 68 -11.53 -87.31 62.59
N UNK EB 69 -10.72 -86.27 62.41
CA UNK EB 69 -11.10 -84.92 62.80
C UNK EB 69 -12.29 -84.45 61.97
N UNK EB 70 -12.30 -84.83 60.69
CA UNK EB 70 -13.40 -84.49 59.80
C UNK EB 70 -14.67 -85.18 60.27
N UNK EB 71 -14.54 -86.41 60.74
CA UNK EB 71 -15.67 -87.17 61.25
C UNK EB 71 -16.01 -86.72 62.67
N UNK EB 72 -14.98 -86.33 63.42
CA UNK EB 72 -15.17 -85.86 64.78
C UNK EB 72 -15.87 -84.51 64.79
N UNK EB 73 -15.39 -83.59 63.96
CA UNK EB 73 -15.96 -82.26 63.86
C UNK EB 73 -17.38 -82.35 63.29
N UNK EB 74 -17.56 -83.21 62.30
CA UNK EB 74 -18.87 -83.39 61.67
C UNK EB 74 -19.85 -83.99 62.66
N UNK EB 75 -19.38 -84.98 63.43
CA UNK EB 75 -20.21 -85.64 64.43
C UNK EB 75 -20.60 -84.66 65.53
N UNK EB 76 -19.64 -83.86 65.97
CA UNK EB 76 -19.88 -82.87 67.01
C UNK EB 76 -20.82 -81.78 66.49
N UNK EB 77 -20.73 -81.50 65.20
CA UNK EB 77 -21.57 -80.49 64.57
C UNK EB 77 -22.95 -81.05 64.25
N UNK EB 78 -22.98 -82.27 63.74
CA UNK EB 78 -24.24 -82.91 63.37
C UNK EB 78 -25.12 -83.15 64.59
N UNK EB 79 -24.50 -83.67 65.66
CA UNK EB 79 -25.24 -83.96 66.88
C UNK EB 79 -25.73 -82.67 67.53
N UNK EB 80 -24.90 -81.63 67.48
CA UNK EB 80 -25.24 -80.34 68.08
C UNK EB 80 -26.28 -79.62 67.24
N UNK EB 81 -26.07 -79.61 65.93
CA UNK EB 81 -26.99 -78.93 65.01
C UNK EB 81 -28.36 -79.61 65.04
N UNK EB 82 -28.36 -80.93 65.07
CA UNK EB 82 -29.59 -81.70 65.10
C UNK EB 82 -30.33 -81.46 66.41
N UNK EB 83 -29.57 -81.21 67.48
CA UNK EB 83 -30.14 -80.93 68.79
C UNK EB 83 -30.95 -79.64 68.77
N UNK EB 84 -30.31 -78.56 68.35
CA UNK EB 84 -30.97 -77.27 68.27
C UNK EB 84 -32.06 -77.28 67.20
N UNK EB 85 -31.83 -78.04 66.15
CA UNK EB 85 -32.80 -78.15 65.05
C UNK EB 85 -34.06 -78.85 65.53
N UNK EB 86 -33.89 -80.01 66.15
CA UNK EB 86 -35.01 -80.78 66.67
C UNK EB 86 -35.68 -80.04 67.83
N UNK EB 87 -34.89 -79.26 68.55
CA UNK EB 87 -35.41 -78.48 69.67
C UNK EB 87 -36.40 -77.43 69.18
N UNK EB 88 -36.12 -76.85 68.02
CA UNK EB 88 -37.00 -75.85 67.43
C UNK EB 88 -38.33 -76.49 67.05
N UNK EB 89 -38.27 -77.75 66.63
CA UNK EB 89 -39.47 -78.49 66.24
C UNK EB 89 -40.12 -79.11 67.47
N UNK EB 90 -39.48 -78.98 68.62
CA UNK EB 90 -39.99 -79.52 69.86
C UNK EB 90 -41.18 -78.70 70.36
N UNK EB 91 -41.26 -77.46 69.88
CA UNK EB 91 -42.36 -76.57 70.25
C UNK EB 91 -43.68 -77.11 69.69
N UNK EB 92 -43.59 -77.80 68.54
CA UNK EB 92 -44.77 -78.38 67.92
C UNK EB 92 -45.28 -79.56 68.73
N UNK EB 93 -44.39 -80.19 69.49
CA UNK EB 93 -44.76 -81.33 70.31
C UNK EB 93 -45.50 -80.87 71.56
N UNK EB 94 -45.28 -79.62 71.96
CA UNK EB 94 -45.93 -79.04 73.12
C UNK EB 94 -45.56 -79.80 74.39
N UNK EB 95 -46.21 -80.93 74.62
CA UNK EB 95 -45.97 -81.76 75.80
C UNK EB 95 -46.30 -80.98 77.07
N UNK EB 96 -45.34 -80.92 77.99
CA UNK EB 96 -45.53 -80.21 79.25
C UNK EB 96 -45.66 -78.72 79.01
N UNK EB 97 -46.84 -78.18 79.28
CA UNK EB 97 -47.12 -76.77 79.10
C UNK EB 97 -46.76 -75.97 80.35
N UNK EB 98 -46.66 -76.67 81.48
CA UNK EB 98 -46.33 -76.05 82.76
C UNK EB 98 -47.39 -75.04 83.16
N UNK EB 99 -46.96 -73.97 83.83
CA UNK EB 99 -47.87 -72.93 84.30
C UNK EB 99 -48.24 -71.99 83.16
N UNK EB 100 -49.37 -72.24 82.52
CA UNK EB 100 -49.86 -71.44 81.41
C UNK EB 100 -51.06 -70.60 81.83
N UNK EB 101 -50.85 -69.30 81.96
CA UNK EB 101 -51.93 -68.38 82.34
C UNK EB 101 -51.53 -66.94 82.05
N UNK EB 102 -51.69 -66.53 80.80
CA UNK EB 102 -51.32 -65.18 80.38
C UNK EB 102 -52.21 -64.15 81.04
N UNK EB 103 -53.52 -64.36 80.95
CA UNK EB 103 -54.50 -63.43 81.53
C UNK EB 103 -54.35 -63.37 83.05
N UNK EB 104 -54.02 -64.51 83.65
CA UNK EB 104 -53.83 -64.60 85.09
C UNK EB 104 -52.62 -63.76 85.52
N UNK EB 105 -51.51 -63.96 84.82
CA UNK EB 105 -50.29 -63.21 85.10
C UNK EB 105 -50.48 -61.74 84.73
N UNK EB 106 -51.18 -61.50 83.63
CA UNK EB 106 -51.44 -60.15 83.16
C UNK EB 106 -52.36 -59.41 84.13
N UNK EB 107 -53.27 -60.17 84.74
CA UNK EB 107 -54.21 -59.59 85.70
C UNK EB 107 -53.48 -59.08 86.93
N UNK EB 108 -52.52 -59.86 87.42
CA UNK EB 108 -51.74 -59.49 88.60
C UNK EB 108 -50.50 -58.69 88.20
N UNK EB 109 -50.69 -57.68 87.37
CA UNK EB 109 -49.60 -56.84 86.91
C UNK EB 109 -49.24 -55.79 87.96
N UNK EB 110 -48.04 -55.88 88.49
CA UNK EB 110 -47.56 -54.95 89.50
C UNK EB 110 -48.43 -55.02 90.76
N UNK EB 111 -45.01 -43.15 88.42
CA UNK EB 111 -45.72 -43.39 87.17
C UNK EB 111 -47.15 -43.85 87.44
N UNK EB 112 -48.09 -43.39 86.61
CA UNK EB 112 -49.48 -43.74 86.76
C UNK EB 112 -49.77 -45.11 86.15
N UNK EB 113 -51.04 -45.42 85.94
CA UNK EB 113 -51.45 -46.72 85.39
C UNK EB 113 -51.49 -46.68 83.87
N UNK EB 114 -50.80 -47.62 83.25
CA UNK EB 114 -50.73 -47.68 81.79
C UNK EB 114 -50.53 -49.12 81.31
N UNK EB 115 -51.20 -49.46 80.21
CA UNK EB 115 -51.12 -50.78 79.59
C UNK EB 115 -51.25 -50.59 78.09
N UNK EB 116 -50.65 -51.42 77.23
CA UNK EB 116 -51.13 -51.43 75.84
C UNK EB 116 -51.21 -52.83 75.24
N UNK EB 117 -52.43 -53.34 75.12
CA UNK EB 117 -52.66 -54.70 74.64
C UNK EB 117 -52.19 -54.90 73.20
N UNK EB 118 -52.22 -56.14 72.75
CA UNK EB 118 -51.81 -56.49 71.39
C UNK EB 118 -52.54 -57.73 70.91
N UNK EB 119 -53.29 -57.58 69.82
CA UNK EB 119 -54.07 -58.69 69.28
C UNK EB 119 -53.20 -59.59 68.41
N UNK EB 120 -53.48 -60.89 68.42
CA UNK EB 120 -52.73 -61.85 67.62
C UNK EB 120 -53.45 -63.19 67.59
N UNK EB 121 -53.04 -64.06 66.67
CA UNK EB 121 -53.63 -65.38 66.54
C UNK EB 121 -53.29 -66.25 67.74
N UNK EB 122 -54.29 -66.57 68.55
CA UNK EB 122 -54.09 -67.37 69.74
C UNK EB 122 -54.19 -68.86 69.42
N UNK EB 123 -53.12 -69.60 69.71
CA UNK EB 123 -53.08 -71.04 69.49
C UNK EB 123 -53.51 -71.78 70.75
N UNK EB 124 -54.28 -72.85 70.57
CA UNK EB 124 -54.76 -73.65 71.69
C UNK EB 124 -53.65 -74.58 72.19
N UNK EB 125 -53.78 -75.05 73.41
CA UNK EB 125 -52.79 -75.95 74.01
C UNK EB 125 -53.38 -76.67 75.22
N UNK EB 126 -52.83 -77.84 75.54
CA UNK EB 126 -53.32 -78.64 76.65
C UNK EB 126 -52.73 -78.14 77.97
N UNK EB 127 -53.60 -77.70 78.87
CA UNK EB 127 -53.21 -77.23 80.19
C UNK EB 127 -53.25 -78.37 81.19
N UNK EB 128 -52.16 -79.12 81.29
CA UNK EB 128 -52.05 -80.26 82.20
C UNK EB 128 -50.63 -80.40 82.72
N UNK EB 129 -50.23 -79.48 83.58
CA UNK EB 129 -48.90 -79.50 84.16
C UNK EB 129 -48.81 -78.54 85.34
N UNK EB 130 -48.97 -79.07 86.55
CA UNK EB 130 -48.93 -78.26 87.75
C UNK EB 130 -47.49 -77.92 88.11
N UNK EB 131 -47.31 -76.75 88.73
CA UNK EB 131 -45.98 -76.28 89.12
C UNK EB 131 -45.59 -76.82 90.50
N UNK EB 132 -46.17 -76.22 91.54
CA UNK EB 132 -45.86 -76.60 92.91
C UNK EB 132 -46.57 -77.90 93.30
N UNK EB 133 -47.58 -78.27 92.52
CA UNK EB 133 -48.34 -79.48 92.78
C UNK EB 133 -47.63 -80.70 92.21
N UNK EB 134 -46.78 -80.46 91.21
CA UNK EB 134 -46.03 -81.53 90.58
C UNK EB 134 -45.02 -82.11 91.55
N UNK EB 135 -44.09 -81.27 92.02
CA UNK EB 135 -43.06 -81.67 92.97
C UNK EB 135 -43.29 -81.01 94.32
N UNK EB 136 -42.80 -81.65 95.38
CA UNK EB 136 -42.93 -81.12 96.73
C UNK EB 136 -41.69 -81.46 97.55
N UNK EB 137 -41.36 -82.75 97.60
CA UNK EB 137 -40.18 -83.21 98.32
C UNK EB 137 -38.92 -82.79 97.57
N UNK EB 138 -39.04 -82.68 96.24
CA UNK EB 138 -37.92 -82.27 95.41
C UNK EB 138 -37.79 -80.76 95.38
N UNK EB 139 -38.84 -80.07 95.86
CA UNK EB 139 -38.86 -78.62 95.90
C UNK EB 139 -38.21 -78.09 97.18
N UNK EB 140 -37.66 -79.00 97.97
CA UNK EB 140 -37.01 -78.63 99.23
C UNK EB 140 -35.57 -78.19 98.98
N UNK EB 141 -35.14 -78.29 97.72
CA UNK EB 141 -33.79 -77.89 97.34
C UNK EB 141 -33.80 -77.35 95.91
N UNK EB 142 -34.87 -77.63 95.17
CA UNK EB 142 -35.02 -77.16 93.81
C UNK EB 142 -35.46 -75.70 93.79
N UNK EB 143 -35.98 -75.23 94.93
CA UNK EB 143 -36.44 -73.86 95.06
C UNK EB 143 -35.25 -72.90 95.07
N UNK EB 144 -34.13 -73.36 95.61
CA UNK EB 144 -32.92 -72.53 95.68
C UNK EB 144 -31.69 -73.38 95.94
N UNK EB 145 -31.51 -73.79 97.20
CA UNK EB 145 -30.35 -74.57 97.61
C UNK EB 145 -29.06 -73.78 97.35
N UNK EB 146 -29.01 -72.57 97.88
CA UNK EB 146 -27.86 -71.69 97.70
C UNK EB 146 -27.53 -71.00 99.02
N UNK EB 147 -26.23 -70.83 99.28
CA UNK EB 147 -25.77 -70.18 100.50
C UNK EB 147 -24.42 -69.51 100.27
N UNK EB 148 -24.21 -68.36 100.91
CA UNK EB 148 -22.98 -67.62 100.79
C UNK EB 148 -21.81 -68.44 101.35
N UNK EB 149 -22.03 -69.06 102.50
CA UNK EB 149 -21.03 -69.90 103.13
C UNK EB 149 -20.83 -71.17 102.30
N UNK EB 150 -21.91 -71.65 101.69
CA UNK EB 150 -21.85 -72.82 100.82
C UNK EB 150 -21.00 -72.51 99.59
N UNK EB 151 -21.19 -71.32 99.04
CA UNK EB 151 -20.41 -70.88 97.90
C UNK EB 151 -18.94 -70.70 98.31
N UNK EB 152 -18.74 -70.25 99.55
CA UNK EB 152 -17.41 -70.06 100.09
C UNK EB 152 -16.74 -71.41 100.30
N UNK EB 153 -17.54 -72.42 100.61
CA UNK EB 153 -17.04 -73.77 100.82
C UNK EB 153 -16.47 -74.33 99.52
N UNK EB 154 -17.19 -74.10 98.43
CA UNK EB 154 -16.74 -74.53 97.11
C UNK EB 154 -15.70 -73.55 96.56
N UNK EB 155 -15.60 -72.40 97.22
CA UNK EB 155 -14.64 -71.38 96.83
C UNK EB 155 -13.26 -71.67 97.41
N UNK EB 156 -13.18 -72.73 98.21
CA UNK EB 156 -11.92 -73.13 98.82
C UNK EB 156 -10.92 -73.53 97.75
N UNK EB 157 -9.68 -73.07 97.89
CA UNK EB 157 -8.64 -73.35 96.91
C UNK EB 157 -8.34 -74.84 96.85
N UNK EB 158 -8.43 -75.50 97.99
CA UNK EB 158 -8.18 -76.94 98.06
C UNK EB 158 -9.42 -77.73 97.66
N UNK EB 159 -10.59 -77.19 97.99
CA UNK EB 159 -11.85 -77.85 97.68
C UNK EB 159 -12.17 -77.76 96.19
N UNK EB 160 -12.09 -76.55 95.65
CA UNK EB 160 -12.40 -76.33 94.25
C UNK EB 160 -11.41 -77.05 93.34
N UNK EB 161 -10.14 -77.03 93.72
CA UNK EB 161 -9.09 -77.67 92.93
C UNK EB 161 -9.23 -79.18 92.96
N UNK EB 162 -9.46 -79.73 94.14
CA UNK EB 162 -9.60 -81.17 94.31
C UNK EB 162 -10.83 -81.68 93.55
N UNK EB 163 -11.88 -80.87 93.54
CA UNK EB 163 -13.11 -81.23 92.84
C UNK EB 163 -12.93 -81.06 91.33
N UNK EB 164 -12.28 -79.96 90.94
CA UNK EB 164 -12.05 -79.68 89.53
C UNK EB 164 -11.07 -80.67 88.93
N UNK EB 165 -10.09 -81.10 89.74
CA UNK EB 165 -9.07 -82.04 89.28
C UNK EB 165 -9.60 -83.47 89.31
N UNK EB 166 -10.72 -83.67 89.99
CA UNK EB 166 -11.31 -84.99 90.12
C UNK EB 166 -12.02 -85.40 88.84
N UNK EB 167 -12.87 -84.51 88.32
CA UNK EB 167 -13.64 -84.79 87.12
C UNK EB 167 -12.75 -84.91 85.89
N UNK EB 168 -11.59 -84.26 85.92
CA UNK EB 168 -10.66 -84.30 84.79
C UNK EB 168 -9.29 -83.80 85.21
N UNK EB 169 -8.28 -84.09 84.38
CA UNK EB 169 -6.91 -83.67 84.67
C UNK EB 169 -6.79 -82.15 84.58
N UNK EB 170 -5.81 -81.61 85.28
CA UNK EB 170 -5.57 -80.17 85.30
C UNK EB 170 -4.80 -79.74 84.06
MG MG FB . -21.57 69.99 -52.39
MG MG GB . -13.24 81.35 -54.23
MG MG HB . -25.08 89.76 -20.19
MG MG IB . -31.58 93.40 -13.01
MG MG JB . -25.81 92.15 -9.64
MG MG KB . -37.16 81.30 -10.62
MG MG LB . -51.51 74.20 -22.68
MG MG MB . -54.34 68.92 -34.40
MG MG NB . -69.10 77.91 -22.19
MG MG OB . -55.21 61.33 -7.29
MG MG PB . -59.73 63.26 -9.73
MG MG QB . -53.37 80.78 -4.09
MG MG RB . -41.95 73.10 -5.26
MG MG SB . -8.64 55.44 -4.32
MG MG TB . -9.85 56.52 0.18
MG MG UB . -7.52 51.40 -6.19
MG MG VB . 1.02 53.66 -12.52
MG MG WB . -1.04 54.57 -8.89
MG MG XB . -29.32 87.82 0.95
MG MG YB . -28.32 86.78 5.74
MG MG ZB . -9.65 92.22 18.67
MG MG AC . 3.79 66.71 -12.06
MG MG BC . -41.05 94.55 26.21
MG MG CC . -36.56 107.75 -51.11
MG MG DC . -29.80 101.85 -66.97
MG MG EC . -34.50 106.28 -37.06
MG MG FC . -23.42 91.33 23.95
MG MG GC . -5.65 72.19 15.00
MG MG HC . -10.19 79.86 23.20
MG MG IC . 1.53 85.50 21.11
MG MG JC . -20.50 68.47 -35.89
MG MG KC . -25.83 67.68 -40.43
MG MG LC . -26.75 67.34 -62.11
MG MG MC . -25.39 70.54 -68.44
MG MG NC . 2.40 33.87 -83.12
MG MG OC . 7.57 24.87 -79.60
MG MG PC . 9.66 39.32 -63.15
MG MG QC . 4.81 53.27 -35.30
MG MG RC . 13.11 49.05 -29.45
MG MG SC . 16.93 49.73 -37.36
MG MG TC . 2.31 40.49 -47.67
MG MG UC . 8.88 35.91 -42.26
MG MG VC . -0.02 35.65 -40.00
MG MG WC . -2.76 36.31 -41.80
MG MG XC . -6.14 41.81 -45.61
MG MG YC . -9.80 56.06 -49.08
MG MG ZC . -8.29 67.65 -43.08
MG MG AD . -8.28 53.23 -46.05
MG MG BD . -17.39 50.26 -47.47
MG MG CD . 4.07 66.99 -27.20
MG MG DD . 0.94 68.67 -25.07
MG MG ED . 7.05 81.98 -22.67
MG MG FD . 17.05 94.42 -26.32
MG MG GD . -5.46 98.89 -20.25
MG MG HD . -12.33 97.46 -21.96
MG MG ID . 23.22 89.00 -6.49
MG MG JD . 20.58 82.96 2.23
MG MG KD . 38.73 84.24 2.84
MG MG LD . -4.55 63.91 -16.63
MG MG MD . -9.66 57.39 -26.10
MG MG ND . -24.28 49.59 -9.61
MG MG OD . -39.02 47.13 -10.73
MG MG PD . -35.79 47.77 -9.65
MG MG QD . -44.74 41.25 -13.80
MG MG RD . -44.04 36.13 -14.40
MG MG SD . -46.18 5.79 -12.87
MG MG TD . -40.45 3.77 -15.71
MG MG UD . -39.60 2.03 -21.95
MG MG VD . -45.31 5.32 -20.04
MG MG WD . -43.34 8.93 -26.21
MG MG XD . -47.89 24.10 -25.20
MG MG YD . -34.56 21.13 -18.75
MG MG ZD . -27.11 16.18 -23.47
MG MG AE . -30.25 28.79 -48.61
MG MG BE . -34.73 34.57 -36.80
MG MG CE . -38.67 13.63 -32.05
MG MG DE . -42.03 1.18 -30.65
MG MG EE . -26.59 18.42 -10.17
MG MG FE . -20.33 21.80 -7.87
MG MG GE . -16.72 24.71 -10.75
MG MG HE . -13.30 20.63 -13.08
MG MG IE . -29.29 34.69 -20.91
MG MG JE . -19.38 56.01 -19.83
MG MG KE . -19.56 61.74 -23.40
MG MG LE . -11.84 61.74 -14.20
MG MG ME . 0.87 57.60 -20.26
MG MG NE . 7.64 47.19 -20.30
MG MG OE . 4.42 57.35 -44.37
MG MG PE . 23.63 64.13 -48.45
MG MG QE . 28.22 62.82 -45.11
MG MG RE . 29.30 47.74 -33.24
MG MG SE . 20.74 44.17 -24.62
MG MG TE . 21.70 45.49 -25.77
MG MG UE . 19.99 46.79 -5.83
MG MG VE . 14.26 49.63 -5.64
MG MG WE . 14.34 47.06 -4.41
MG MG XE . 7.87 45.71 -13.87
MG MG YE . 18.15 48.07 -18.53
MG MG ZE . 16.32 48.46 -21.65
MG MG AF . 12.85 56.48 -27.34
MG MG BF . 19.65 59.48 -22.92
MG MG CF . 52.61 28.85 -22.96
MG MG DF . 12.97 65.04 -31.80
MG MG EF . 25.04 34.31 -33.68
MG MG FF . 20.62 35.07 -30.50
MG MG GF . 45.61 31.19 -25.05
MG MG HF . 28.70 51.60 -43.83
MG MG IF . 30.20 60.87 -52.34
MG MG JF . 24.55 58.59 -61.29
MG MG KF . 41.00 49.21 -72.14
MG MG LF . 43.68 42.32 -62.24
MG MG MF . 39.53 29.98 -65.67
MG MG NF . 31.63 36.99 -77.52
MG MG OF . 31.99 16.21 -61.47
MG MG PF . 32.23 16.50 -64.34
MG MG QF . 29.07 23.32 -65.24
MG MG RF . 46.73 28.56 -67.60
MG MG SF . 31.46 53.19 -67.21
MG MG TF . 33.15 60.41 -59.14
MG MG UF . 15.36 62.05 -41.76
MG MG VF . -26.14 85.22 -64.17
MG MG WF . -4.86 90.04 -51.80
MG MG XF . -5.33 67.95 -40.17
MG MG YF . -17.91 29.16 -59.93
MG MG ZF . -12.93 28.07 -62.16
MG MG AG . -30.69 30.16 -65.26
MG MG BG . -22.87 24.82 -61.18
MG MG CG . -29.22 25.53 -58.98
MG MG DG . -42.35 27.54 -52.26
MG MG EG . -45.04 31.03 -49.55
MG MG FG . -58.09 9.31 -52.53
MG MG GG . -56.23 10.82 -47.01
MG MG HG . -50.84 11.04 -46.04
MG MG IG . -53.78 10.96 -36.59
MG MG JG . -63.07 8.71 -35.38
MG MG KG . -67.21 38.20 -35.92
MG MG LG . -67.76 37.92 -41.29
MG MG MG . -56.14 47.64 -50.10
MG MG NG . -59.43 41.96 -49.38
MG MG OG . -44.94 46.44 -60.58
MG MG PG . -42.36 40.62 -60.10
MG MG QG . -70.28 41.05 -34.55
MG MG RG . -73.20 48.92 -28.08
MG MG SG . -74.26 38.73 -18.53
MG MG TG . -73.30 43.32 -15.14
MG MG UG . -63.62 36.80 -14.85
MG MG VG . -64.04 47.00 -2.78
MG MG WG . -49.51 59.83 6.70
MG MG XG . -54.51 47.27 5.38
MG MG YG . -70.70 28.26 6.46
MG MG ZG . -75.27 -1.69 -65.38
MG MG AH . -85.03 32.53 21.36
MG MG BH . -47.38 27.50 -37.20
MG MG CH . -54.48 26.73 -29.98
MG MG DH . -48.69 25.97 -57.71
MG MG EH . -15.60 -10.13 -29.52
MG MG FH . -10.10 -5.06 -37.99
MG MG GH . -13.27 -5.29 -26.25
MG MG HH . -28.93 1.22 -31.75
MG MG IH . -35.67 -0.93 -37.44
MG MG JH . -33.74 -11.40 -15.55
MG MG KH . -43.94 -14.08 -23.19
MG MG LH . -21.38 6.58 0.26
MG MG MH . -23.12 11.95 -0.48
MG MG NH . -30.05 7.60 -9.21
MG MG OH . -34.56 8.60 -13.67
MG MG PH . -31.55 10.63 -17.63
MG MG QH . -29.54 6.45 -16.28
MG MG RH . -26.25 21.56 -22.21
MG MG SH . -36.52 36.61 17.75
MG MG TH . -14.80 7.55 13.77
MG MG UH . -6.95 18.90 27.54
MG MG VH . -8.45 19.43 22.79
MG MG WH . -6.15 16.89 4.40
MG MG XH . -7.62 -7.08 9.62
MG MG YH . -10.49 -8.21 -9.99
MG MG ZH . -12.27 -2.43 -13.69
MG MG AI . -4.52 -6.90 -14.88
MG MG BI . -4.45 3.75 -3.69
MG MG CI . -10.05 -22.90 -24.32
MG MG DI . -15.06 9.84 9.49
MG MG EI . -26.92 -10.50 -48.13
MG MG FI . -13.05 -1.65 -47.20
MG MG GI . -30.33 7.29 -58.45
MG MG HI . -33.87 12.38 -59.77
MG MG II . -37.41 19.93 -61.41
MG MG JI . -0.31 32.55 -68.53
MG MG KI . 19.91 27.80 -48.13
MG MG LI . 12.77 26.16 -52.85
MG MG MI . 4.10 25.93 -55.39
MG MG NI . 11.17 30.26 -61.11
MG MG OI . -15.54 18.65 -52.94
MG MG PI . -5.20 19.71 -45.79
MG MG QI . -4.98 30.55 -42.80
MG MG RI . -2.49 38.84 -30.35
MG MG SI . -5.55 37.42 -26.02
MG MG TI . -16.48 32.58 1.84
MG MG UI . -10.72 39.44 0.33
MG MG VI . -7.17 40.06 9.84
MG MG WI . -58.00 47.56 21.77
MG MG XI . -56.86 49.93 26.52
MG MG YI . 10.80 36.68 -14.63
MG MG ZI . 40.37 41.62 -9.30
MG MG AJ . 46.14 44.38 -23.11
MG MG BJ . 45.47 44.40 -17.61
MG MG CJ . 31.05 37.98 -13.95
MG MG DJ . 56.56 31.61 2.88
MG MG EJ . 58.65 44.65 15.22
MG MG FJ . 34.41 70.52 14.94
MG MG GJ . 6.87 86.07 21.91
MG MG HJ . 12.69 38.02 -35.92
MG MG IJ . 12.42 34.20 -33.25
MG MG JJ . 9.13 16.63 -29.50
MG MG KJ . 11.20 22.29 -33.10
MG MG LJ . 14.78 17.84 -34.26
MG MG MJ . 9.80 13.94 -36.12
MG MG NJ . 14.40 16.67 -41.66
MG MG OJ . 25.79 17.40 -41.59
MG MG PJ . 22.15 -2.02 -52.78
MG MG QJ . -13.01 -7.05 -34.06
MG MG RJ . 1.02 14.06 -39.98
MG MG SJ . -15.22 18.76 -42.43
MG MG TJ . -12.83 11.99 -27.71
MG MG UJ . -12.07 7.09 1.14
MG MG VJ . -10.02 14.41 -3.08
MG MG WJ . -14.08 23.67 1.54
MG MG XJ . -19.31 6.23 -24.12
MG MG YJ . -8.03 24.15 -65.14
MG MG ZJ . 7.82 4.71 -80.23
MG MG AK . 6.91 2.42 -72.90
MG MG BK . -30.30 -11.56 -72.02
MG MG CK . -36.35 -10.47 -57.44
MG MG DK . -40.24 -7.36 -55.96
MG MG EK . -58.50 -1.69 -53.45
MG MG FK . -55.34 -1.85 -56.09
MG MG GK . -70.62 4.28 -53.72
MG MG HK . -48.29 4.94 -53.65
MG MG IK . -47.48 10.51 -53.76
MG MG JK . -41.69 3.20 -47.69
MG MG KK . -27.17 -12.91 -67.58
MG MG LK . -31.46 -9.60 -65.09
MG MG MK . 44.12 -17.04 -70.07
MG MG NK . 51.55 -14.68 -72.89
MG MG OK . 39.15 -2.80 -73.71
MG MG PK . 15.09 -10.02 -69.02
MG MG QK . -23.69 9.30 -45.03
MG MG RK . -31.45 -17.94 -66.60
MG MG SK . -23.32 23.71 -100.42
MG MG TK . -23.61 18.86 -84.21
MG MG UK . -41.52 0.78 -86.69
MG MG VK . -43.35 -5.84 -81.31
MG MG WK . -44.85 -18.71 -72.89
MG MG XK . -48.21 -16.89 -72.20
MG MG YK . -62.33 -18.37 -66.03
MG MG ZK . -42.57 -1.38 -97.66
MG MG AL . -23.48 4.84 -72.56
ZN ZN BL . 38.12 69.47 29.34
ZN ZN CL . 45.83 -16.59 -51.35
MG MG DL . 27.20 30.47 -54.65
MG MG EL . -63.84 14.40 -35.84
MG MG FL . 70.04 33.50 -22.04
MG MG GL . 69.93 37.55 -32.80
MG MG HL . 0.64 -53.99 31.03
MG MG IL . -24.70 -53.22 28.23
MG MG JL . -5.07 -76.22 -6.02
MG MG KL . -22.53 -64.86 -15.59
MG MG LL . -24.22 -59.53 -27.07
MG MG ML . -28.85 -82.98 -38.61
MG MG NL . -52.22 -87.84 -45.45
MG MG OL . -40.82 -82.00 -51.52
MG MG PL . -51.07 -75.35 -35.10
MG MG QL . -38.78 -69.16 -32.95
MG MG RL . -30.43 -57.10 -11.71
MG MG SL . -73.33 -70.60 -48.06
MG MG TL . -69.84 -48.98 -15.04
MG MG UL . -55.35 -45.34 -16.97
MG MG VL . -28.27 -67.55 -32.19
MG MG WL . -21.60 -70.93 -25.94
MG MG XL . -33.43 -90.86 -29.92
MG MG YL . -37.56 -92.12 -29.44
MG MG ZL . 8.30 -102.85 10.09
MG MG AM . 7.22 -68.21 11.05
MG MG BM . 1.56 -76.17 25.06
MG MG CM . 21.66 -66.84 20.14
MG MG DM . 12.13 -70.46 14.71
MG MG EM . -9.30 -89.04 1.86
MG MG FM . -26.27 -68.00 19.49
MG MG GM . -26.86 -61.85 19.00
MG MG HM . -19.33 -66.26 26.67
MG MG IM . -35.26 -57.94 26.22
MG MG JM . -18.39 -38.18 33.50
MG MG KM . -22.38 -40.43 31.92
MG MG LM . -29.70 -34.67 31.79
MG MG MM . -36.13 -34.68 34.65
MG MG NM . -50.35 -36.33 29.19
MG MG OM . -59.92 -57.05 32.88
MG MG PM . -42.13 -82.23 -0.05
MG MG QM . -68.48 -65.41 29.50
MG MG RM . -42.75 -34.96 22.16
MG MG SM . -31.43 -10.74 31.24
MG MG TM . -9.56 -8.84 30.39
MG MG UM . -29.11 -29.27 27.05
MG MG VM . -31.94 -24.60 39.28
MG MG WM . -30.15 -45.04 54.09
MG MG XM . -11.22 -42.54 40.82
MG MG YM . 22.91 -19.60 61.96
MG MG ZM . 39.63 -15.93 53.39
MG MG AN . 39.36 -50.74 33.68
MG MG BN . 31.96 -46.66 36.78
MG MG CN . 33.32 -36.00 49.60
MG MG DN . 39.07 -36.36 53.94
MG MG EN . 60.08 -42.76 36.48
MG MG FN . 59.31 -45.13 36.91
MG MG GN . 49.60 -52.49 26.89
MG MG HN . 61.53 -73.77 24.23
MG MG IN . 43.42 -67.66 30.36
MG MG JN . 39.80 -60.65 33.35
MG MG KN . 40.21 -59.69 37.88
MG MG LN . 25.63 -48.24 37.45
MG MG MN . 17.84 -43.69 67.31
MG MG NN . 7.05 -42.57 65.59
MG MG ON . 4.17 -49.26 59.61
MG MG PN . -1.11 -51.95 57.60
MG MG QN . -2.73 -52.12 69.41
MG MG RN . 9.60 -53.22 70.17
MG MG SN . 21.56 -51.41 70.06
MG MG TN . 19.60 -56.46 54.33
MG MG UN . 25.71 -52.22 40.34
MG MG VN . 57.37 -33.00 34.84
MG MG WN . 49.20 -38.09 40.75
MG MG XN . 48.08 -2.81 59.68
MG MG YN . 79.91 -27.00 68.41
MG MG ZN . 59.76 -12.59 61.10
MG MG AO . 58.94 -30.15 55.07
MG MG BO . 50.79 -4.23 48.41
MG MG CO . 24.31 -32.93 68.64
MG MG DO . 42.16 -40.75 75.67
MG MG EO . -14.28 -29.78 -3.30
MG MG FO . -2.01 -24.12 36.03
MG MG GO . -9.89 -28.26 40.82
MG MG HO . -6.58 -22.51 38.64
MG MG IO . -7.66 -21.11 35.43
MG MG JO . -17.56 -18.17 32.09
MG MG KO . 68.86 -7.12 53.60
MG MG LO . 60.88 -48.77 47.55
#